data_9CL2
#
_entry.id   9CL2
#
_cell.length_a   1.00
_cell.length_b   1.00
_cell.length_c   1.00
_cell.angle_alpha   90.00
_cell.angle_beta   90.00
_cell.angle_gamma   90.00
#
_symmetry.space_group_name_H-M   'P 1'
#
loop_
_entity.id
_entity.type
_entity.pdbx_description
1 polymer 'Particulate methane monooxygenase gamma subunit'
2 polymer 'Particulate methane monooxygenase beta subunit'
3 polymer 'Particulate methane monooxygenase alpha subunit'
4 non-polymer '(2R)-3-{[(R)-(2-aminoethoxy)(hydroxy)phosphoryl]oxy}-2-(hexadecanoyloxy)propyl (9Z)-heptadec-9-enoate'
5 non-polymer 'COPPER (II) ION'
6 water water
#
loop_
_entity_poly.entity_id
_entity_poly.type
_entity_poly.pdbx_seq_one_letter_code
_entity_poly.pdbx_strand_id
1 'polypeptide(L)'
;EAPLLDKKWLTFALAIYTVFYLWVRWYEGVYGWSAGLDSFAPEFETYWMNFLYTEIVLEIVTASILWGYLWKTRDRNLAA
LTPREELRRNFTHLVWLVAYAWAIYWGASYFTEQDGTWHQTIVRDTDFTPSHIIEFYLSYPIYIITGFAAFIYAKTRLPF
FAKGISLPYLVLVVGPFMILPNVGLNEWGHTFWFMEELFVAPLHYGFVIFGWLALAVMGTLTQTFYSFAQGGLGQSLCE
;
Ba,Bb,Bc
2 'polypeptide(L)'
;SAVRSHAEAVQVSRTIDWMALFVVFFVIVGSYHIHAMLTMGDWDFWSDWKDRRLWVTVTPIVLVTFPAAVQSYLWERYRL
PWGATVCVLGLLLGEWINRYFNFWGWTYFPINFVFPASLVPGAIILDTVLMLSGSYLFTAIVGAMGWGLIFYPGNWPIIA
PLHVPVEYNGMLMSIADIQGYNYVRTGTPEYIRMVEKGTLRTFGKDVAPVSAFFSAFMSILIYFMWHFIGRWFSNERFLQ
S
;
Ca,Cb,Cc
3 'polypeptide(L)'
;HGEKSQAAFMRMRTIHWYDLSWSKEKVKINETVEIKGKFHVFEGWPETVDEPDVAFLNVGMPGPVFIRKESYIGGQLVPR
SVRLEIGKTYDFRVVLKARRPGDWHVHTMMNVQGGGPIIGPGKWITVEGSMSEFRNPVTTLTGQTVDLENYNEGNTYFWH
AFWFAIGVAWIGYWSRRPIFIPRLLMVDAGRADELVSATDRKVAMGFLAATILIVVMAMSSANSKYPITIPLQAGTMRGM
KPLELPAPTVSVKVEDATYRVPGRAMRMKLTITNHGNSPIRLGEFYTASVRFLDSDVYKDTTGYPEDLLAEDGLSVSDNS
PLAPGETRTVDVTASDAAWEVYRLSDIIYDPDSRFAGLLFFFDATGNRQVVQIDAPLIPSFM
;
Aa,Ab,Ac
#
loop_
_chem_comp.id
_chem_comp.type
_chem_comp.name
_chem_comp.formula
A1A0P non-polymer '(2R)-3-{[(R)-(2-aminoethoxy)(hydroxy)phosphoryl]oxy}-2-(hexadecanoyloxy)propyl (9Z)-heptadec-9-enoate' 'C38 H74 N O8 P'
CU non-polymer 'COPPER (II) ION' 'Cu 2'
#
# COMPACT_ATOMS: atom_id res chain seq x y z
N GLU A 1 19.46 1.11 -63.50
CA GLU A 1 18.23 1.80 -63.14
C GLU A 1 17.26 0.86 -62.44
N ALA A 2 17.68 0.34 -61.30
CA ALA A 2 16.84 -0.57 -60.53
C ALA A 2 15.65 0.21 -59.94
N PRO A 3 14.52 -0.47 -59.73
CA PRO A 3 13.36 0.20 -59.13
C PRO A 3 13.69 0.69 -57.73
N LEU A 4 13.05 1.80 -57.35
CA LEU A 4 13.32 2.42 -56.06
C LEU A 4 12.98 1.48 -54.90
N LEU A 5 11.84 0.80 -54.99
CA LEU A 5 11.43 -0.17 -53.99
C LEU A 5 11.62 -1.57 -54.52
N ASP A 6 12.38 -2.38 -53.80
CA ASP A 6 12.60 -3.78 -54.17
C ASP A 6 11.45 -4.60 -53.61
N LYS A 7 10.52 -4.98 -54.49
CA LYS A 7 9.34 -5.73 -54.05
C LYS A 7 9.73 -7.12 -53.56
N LYS A 8 10.78 -7.71 -54.12
CA LYS A 8 11.21 -9.04 -53.68
C LYS A 8 11.64 -9.02 -52.21
N TRP A 9 12.39 -7.99 -51.81
CA TRP A 9 12.86 -7.92 -50.43
C TRP A 9 11.69 -7.73 -49.46
N LEU A 10 10.73 -6.88 -49.80
CA LEU A 10 9.56 -6.69 -48.94
C LEU A 10 8.74 -7.97 -48.84
N THR A 11 8.54 -8.66 -49.97
CA THR A 11 7.81 -9.92 -49.96
C THR A 11 8.52 -10.95 -49.10
N PHE A 12 9.84 -11.03 -49.21
CA PHE A 12 10.61 -11.94 -48.37
C PHE A 12 10.48 -11.57 -46.90
N ALA A 13 10.56 -10.27 -46.59
CA ALA A 13 10.50 -9.83 -45.21
C ALA A 13 9.17 -10.22 -44.57
N LEU A 14 8.07 -10.10 -45.31
CA LEU A 14 6.78 -10.53 -44.77
C LEU A 14 6.69 -12.06 -44.70
N ALA A 15 7.11 -12.73 -45.78
CA ALA A 15 6.81 -14.15 -45.94
C ALA A 15 7.66 -15.01 -45.00
N ILE A 16 8.91 -14.63 -44.76
CA ILE A 16 9.75 -15.45 -43.89
C ILE A 16 9.19 -15.48 -42.47
N TYR A 17 8.79 -14.31 -41.95
CA TYR A 17 8.17 -14.28 -40.63
C TYR A 17 6.85 -15.04 -40.63
N THR A 18 6.02 -14.83 -41.66
CA THR A 18 4.73 -15.51 -41.69
C THR A 18 4.90 -17.03 -41.67
N VAL A 19 5.75 -17.56 -42.55
CA VAL A 19 5.93 -19.00 -42.66
C VAL A 19 6.57 -19.57 -41.41
N PHE A 20 7.62 -18.91 -40.90
CA PHE A 20 8.29 -19.42 -39.71
C PHE A 20 7.35 -19.47 -38.51
N TYR A 21 6.55 -18.42 -38.32
CA TYR A 21 5.66 -18.41 -37.16
C TYR A 21 4.46 -19.33 -37.36
N LEU A 22 4.01 -19.55 -38.59
CA LEU A 22 2.99 -20.55 -38.83
C LEU A 22 3.51 -21.95 -38.50
N TRP A 23 4.75 -22.25 -38.89
CA TRP A 23 5.34 -23.53 -38.54
C TRP A 23 5.51 -23.66 -37.03
N VAL A 24 5.88 -22.57 -36.37
CA VAL A 24 6.02 -22.57 -34.91
C VAL A 24 4.67 -22.86 -34.25
N ARG A 25 3.61 -22.24 -34.76
CA ARG A 25 2.27 -22.50 -34.22
C ARG A 25 1.86 -23.95 -34.45
N TRP A 26 2.19 -24.51 -35.62
CA TRP A 26 1.89 -25.91 -35.89
C TRP A 26 2.63 -26.82 -34.91
N TYR A 27 3.91 -26.51 -34.66
CA TYR A 27 4.70 -27.29 -33.70
C TYR A 27 4.11 -27.19 -32.30
N GLU A 28 3.68 -26.00 -31.90
CA GLU A 28 3.07 -25.81 -30.59
C GLU A 28 1.79 -26.62 -30.47
N GLY A 29 0.97 -26.63 -31.53
CA GLY A 29 -0.24 -27.43 -31.51
C GLY A 29 0.03 -28.91 -31.45
N VAL A 30 1.00 -29.39 -32.21
CA VAL A 30 1.27 -30.83 -32.28
C VAL A 30 1.90 -31.34 -30.98
N TYR A 31 2.93 -30.65 -30.49
CA TYR A 31 3.71 -31.15 -29.36
C TYR A 31 3.44 -30.42 -28.06
N GLY A 32 2.55 -29.43 -28.05
CA GLY A 32 2.23 -28.77 -26.79
C GLY A 32 1.35 -29.58 -25.87
N TRP A 33 0.70 -30.62 -26.40
CA TRP A 33 -0.19 -31.45 -25.61
C TRP A 33 0.46 -32.75 -25.16
N SER A 34 1.12 -33.46 -26.09
CA SER A 34 1.70 -34.76 -25.78
C SER A 34 2.92 -34.62 -24.86
N ALA A 35 3.73 -33.59 -25.06
CA ALA A 35 4.99 -33.47 -24.34
C ALA A 35 5.11 -32.23 -23.46
N GLY A 36 4.34 -31.18 -23.72
CA GLY A 36 4.55 -29.93 -22.99
C GLY A 36 3.88 -29.85 -21.64
N LEU A 37 2.98 -30.78 -21.33
CA LEU A 37 2.22 -30.67 -20.07
C LEU A 37 3.08 -30.97 -18.86
N ASP A 38 3.88 -32.03 -18.91
CA ASP A 38 4.72 -32.45 -17.80
C ASP A 38 6.17 -32.05 -18.09
N SER A 39 6.79 -31.36 -17.15
CA SER A 39 8.13 -30.81 -17.37
C SER A 39 9.24 -31.74 -16.91
N PHE A 40 8.94 -32.72 -16.05
CA PHE A 40 9.93 -33.66 -15.56
C PHE A 40 9.90 -34.99 -16.31
N ALA A 41 9.64 -34.98 -17.61
CA ALA A 41 9.49 -36.16 -18.41
C ALA A 41 10.44 -36.12 -19.61
N PRO A 42 10.85 -37.28 -20.13
CA PRO A 42 11.84 -37.28 -21.23
C PRO A 42 11.33 -36.66 -22.52
N GLU A 43 10.07 -36.91 -22.91
CA GLU A 43 9.57 -36.33 -24.14
C GLU A 43 9.56 -34.82 -24.07
N PHE A 44 9.22 -34.26 -22.89
CA PHE A 44 9.31 -32.83 -22.70
C PHE A 44 10.73 -32.34 -22.95
N GLU A 45 11.72 -33.05 -22.41
CA GLU A 45 13.11 -32.71 -22.66
C GLU A 45 13.38 -32.65 -24.15
N THR A 46 13.27 -33.79 -24.83
CA THR A 46 13.69 -33.89 -26.22
C THR A 46 12.85 -33.03 -27.17
N TYR A 47 11.67 -32.58 -26.74
CA TYR A 47 10.84 -31.78 -27.64
C TYR A 47 10.77 -30.31 -27.29
N TRP A 48 11.21 -29.90 -26.11
CA TRP A 48 11.18 -28.47 -25.81
C TRP A 48 12.50 -27.92 -25.32
N MET A 49 13.25 -28.67 -24.52
CA MET A 49 14.54 -28.15 -24.06
C MET A 49 15.54 -28.11 -25.21
N ASN A 50 15.50 -29.11 -26.09
CA ASN A 50 16.31 -29.06 -27.30
C ASN A 50 15.91 -27.88 -28.18
N PHE A 51 14.60 -27.62 -28.28
CA PHE A 51 14.12 -26.46 -29.02
C PHE A 51 14.68 -25.17 -28.42
N LEU A 52 14.66 -25.06 -27.09
CA LEU A 52 15.16 -23.87 -26.42
C LEU A 52 16.67 -23.68 -26.68
N TYR A 53 17.44 -24.75 -26.52
CA TYR A 53 18.89 -24.65 -26.74
C TYR A 53 19.19 -24.26 -28.19
N THR A 54 18.53 -24.93 -29.14
CA THR A 54 18.77 -24.65 -30.55
C THR A 54 18.39 -23.23 -30.90
N GLU A 55 17.24 -22.76 -30.40
CA GLU A 55 16.80 -21.41 -30.72
C GLU A 55 17.73 -20.37 -30.11
N ILE A 56 18.24 -20.62 -28.89
CA ILE A 56 19.16 -19.67 -28.27
C ILE A 56 20.45 -19.60 -29.08
N VAL A 57 21.01 -20.76 -29.45
CA VAL A 57 22.26 -20.78 -30.20
C VAL A 57 22.09 -20.10 -31.55
N LEU A 58 20.99 -20.43 -32.25
CA LEU A 58 20.74 -19.85 -33.56
C LEU A 58 20.50 -18.35 -33.47
N GLU A 59 19.78 -17.89 -32.44
CA GLU A 59 19.57 -16.46 -32.26
C GLU A 59 20.88 -15.74 -32.03
N ILE A 60 21.76 -16.29 -31.18
CA ILE A 60 23.04 -15.66 -30.93
C ILE A 60 23.86 -15.58 -32.22
N VAL A 61 23.92 -16.69 -32.96
CA VAL A 61 24.72 -16.72 -34.18
C VAL A 61 24.16 -15.74 -35.21
N THR A 62 22.83 -15.75 -35.40
CA THR A 62 22.22 -14.88 -36.39
C THR A 62 22.40 -13.41 -36.02
N ALA A 63 22.17 -13.05 -34.76
CA ALA A 63 22.36 -11.67 -34.34
C ALA A 63 23.79 -11.22 -34.56
N SER A 64 24.76 -12.04 -34.13
CA SER A 64 26.16 -11.68 -34.30
C SER A 64 26.50 -11.48 -35.78
N ILE A 65 26.13 -12.45 -36.61
CA ILE A 65 26.49 -12.38 -38.03
C ILE A 65 25.84 -11.19 -38.70
N LEU A 66 24.55 -10.98 -38.46
CA LEU A 66 23.82 -9.90 -39.14
C LEU A 66 24.34 -8.54 -38.70
N TRP A 67 24.49 -8.32 -37.39
CA TRP A 67 24.97 -7.03 -36.91
C TRP A 67 26.40 -6.77 -37.35
N GLY A 68 27.27 -7.79 -37.30
CA GLY A 68 28.64 -7.59 -37.76
C GLY A 68 28.74 -7.31 -39.24
N TYR A 69 27.90 -7.98 -40.05
CA TYR A 69 27.91 -7.73 -41.48
C TYR A 69 27.39 -6.32 -41.79
N LEU A 70 26.35 -5.89 -41.10
CA LEU A 70 25.83 -4.54 -41.33
C LEU A 70 26.84 -3.48 -40.90
N TRP A 71 27.54 -3.70 -39.78
CA TRP A 71 28.51 -2.72 -39.32
C TRP A 71 29.79 -2.76 -40.13
N LYS A 72 30.14 -3.90 -40.73
CA LYS A 72 31.37 -4.00 -41.49
C LYS A 72 31.24 -3.32 -42.86
N THR A 73 30.08 -3.45 -43.49
CA THR A 73 29.84 -2.91 -44.83
C THR A 73 29.24 -1.51 -44.81
N ARG A 74 29.51 -0.74 -43.77
CA ARG A 74 28.98 0.61 -43.69
C ARG A 74 29.60 1.50 -44.76
N ASP A 75 28.84 2.50 -45.20
CA ASP A 75 29.31 3.45 -46.21
C ASP A 75 30.30 4.40 -45.56
N ARG A 76 31.58 4.22 -45.86
CA ARG A 76 32.62 5.06 -45.27
C ARG A 76 32.48 6.51 -45.72
N ASN A 77 32.16 6.73 -46.99
CA ASN A 77 32.04 8.07 -47.57
C ASN A 77 30.59 8.24 -48.03
N LEU A 78 29.80 8.92 -47.19
CA LEU A 78 28.39 9.19 -47.51
C LEU A 78 28.18 10.51 -48.21
N ALA A 79 29.24 11.30 -48.41
CA ALA A 79 29.07 12.60 -49.07
C ALA A 79 28.82 12.45 -50.56
N ALA A 80 29.23 11.34 -51.15
CA ALA A 80 29.05 11.10 -52.58
C ALA A 80 27.75 10.36 -52.89
N LEU A 81 26.90 10.15 -51.90
CA LEU A 81 25.64 9.44 -52.11
C LEU A 81 24.70 10.28 -52.97
N THR A 82 24.34 9.77 -54.14
CA THR A 82 23.43 10.48 -55.02
C THR A 82 22.02 10.50 -54.44
N PRO A 83 21.22 11.51 -54.78
CA PRO A 83 19.84 11.55 -54.25
C PRO A 83 19.01 10.34 -54.61
N ARG A 84 19.18 9.79 -55.82
CA ARG A 84 18.43 8.59 -56.19
C ARG A 84 18.85 7.38 -55.36
N GLU A 85 20.15 7.20 -55.17
CA GLU A 85 20.62 6.11 -54.32
C GLU A 85 20.22 6.32 -52.86
N GLU A 86 20.19 7.58 -52.41
CA GLU A 86 19.71 7.86 -51.07
C GLU A 86 18.23 7.51 -50.92
N LEU A 87 17.43 7.78 -51.94
CA LEU A 87 16.02 7.40 -51.92
C LEU A 87 15.86 5.89 -51.90
N ARG A 88 16.69 5.18 -52.69
CA ARG A 88 16.65 3.72 -52.68
C ARG A 88 17.02 3.17 -51.30
N ARG A 89 18.04 3.76 -50.67
CA ARG A 89 18.41 3.33 -49.32
C ARG A 89 17.30 3.64 -48.32
N ASN A 90 16.60 4.77 -48.51
CA ASN A 90 15.47 5.08 -47.65
C ASN A 90 14.36 4.05 -47.80
N PHE A 91 14.10 3.61 -49.04
CA PHE A 91 13.11 2.56 -49.24
C PHE A 91 13.54 1.24 -48.60
N THR A 92 14.83 0.91 -48.69
CA THR A 92 15.33 -0.30 -48.03
C THR A 92 15.17 -0.21 -46.52
N HIS A 93 15.46 0.96 -45.94
CA HIS A 93 15.27 1.15 -44.50
C HIS A 93 13.80 1.07 -44.13
N LEU A 94 12.90 1.54 -45.00
CA LEU A 94 11.47 1.40 -44.76
C LEU A 94 11.06 -0.07 -44.81
N VAL A 95 11.66 -0.87 -45.69
CA VAL A 95 11.42 -2.31 -45.69
C VAL A 95 11.89 -2.92 -44.37
N TRP A 96 13.05 -2.48 -43.89
CA TRP A 96 13.54 -2.94 -42.58
C TRP A 96 12.55 -2.59 -41.47
N LEU A 97 11.98 -1.39 -41.51
CA LEU A 97 11.00 -0.98 -40.52
C LEU A 97 9.73 -1.82 -40.64
N VAL A 98 9.33 -2.16 -41.86
CA VAL A 98 8.17 -3.04 -42.05
C VAL A 98 8.42 -4.39 -41.40
N ALA A 99 9.61 -4.95 -41.63
CA ALA A 99 9.96 -6.23 -41.02
C ALA A 99 9.97 -6.14 -39.50
N TYR A 100 10.50 -5.03 -38.96
CA TYR A 100 10.51 -4.84 -37.52
C TYR A 100 9.10 -4.75 -36.96
N ALA A 101 8.20 -4.04 -37.65
CA ALA A 101 6.82 -3.94 -37.19
C ALA A 101 6.13 -5.30 -37.23
N TRP A 102 6.37 -6.09 -38.28
CA TRP A 102 5.78 -7.42 -38.36
C TRP A 102 6.28 -8.31 -37.23
N ALA A 103 7.58 -8.27 -36.96
CA ALA A 103 8.14 -9.05 -35.86
C ALA A 103 7.59 -8.59 -34.51
N ILE A 104 7.40 -7.28 -34.35
CA ILE A 104 6.85 -6.74 -33.11
C ILE A 104 5.43 -7.23 -32.91
N TYR A 105 4.62 -7.23 -33.98
CA TYR A 105 3.27 -7.77 -33.88
C TYR A 105 3.30 -9.25 -33.50
N TRP A 106 4.18 -10.02 -34.14
CA TRP A 106 4.22 -11.45 -33.85
C TRP A 106 4.64 -11.72 -32.42
N GLY A 107 5.59 -10.96 -31.90
CA GLY A 107 6.09 -11.19 -30.56
C GLY A 107 5.22 -10.62 -29.44
N ALA A 108 5.01 -9.31 -29.45
CA ALA A 108 4.38 -8.65 -28.32
C ALA A 108 2.87 -8.90 -28.27
N SER A 109 2.24 -9.16 -29.41
CA SER A 109 0.78 -9.27 -29.48
C SER A 109 0.31 -10.73 -29.51
N TYR A 110 0.78 -11.50 -30.49
CA TYR A 110 0.27 -12.84 -30.71
C TYR A 110 0.70 -13.80 -29.59
N PHE A 111 2.01 -13.99 -29.45
CA PHE A 111 2.50 -15.01 -28.53
C PHE A 111 2.35 -14.61 -27.07
N THR A 112 2.28 -13.31 -26.77
CA THR A 112 2.04 -12.89 -25.38
C THR A 112 0.65 -13.30 -24.92
N GLU A 113 -0.36 -13.06 -25.74
CA GLU A 113 -1.72 -13.49 -25.37
C GLU A 113 -1.88 -15.00 -25.49
N GLN A 114 -1.12 -15.64 -26.39
CA GLN A 114 -1.09 -17.10 -26.39
C GLN A 114 -0.53 -17.64 -25.07
N ASP A 115 0.50 -16.97 -24.55
CA ASP A 115 1.06 -17.33 -23.25
C ASP A 115 0.03 -17.12 -22.15
N GLY A 116 -0.72 -16.03 -22.21
CA GLY A 116 -1.79 -15.82 -21.26
C GLY A 116 -2.81 -16.95 -21.30
N THR A 117 -3.22 -17.35 -22.51
CA THR A 117 -4.12 -18.48 -22.65
C THR A 117 -3.54 -19.73 -22.00
N TRP A 118 -2.30 -20.07 -22.35
CA TRP A 118 -1.67 -21.26 -21.82
C TRP A 118 -1.66 -21.25 -20.30
N HIS A 119 -1.34 -20.10 -19.70
CA HIS A 119 -1.29 -20.04 -18.25
C HIS A 119 -2.68 -20.11 -17.62
N GLN A 120 -3.72 -19.65 -18.34
CA GLN A 120 -5.06 -19.79 -17.78
C GLN A 120 -5.68 -21.17 -17.97
N THR A 121 -5.11 -22.02 -18.83
CA THR A 121 -5.70 -23.36 -18.98
C THR A 121 -4.96 -24.47 -18.24
N ILE A 122 -3.72 -24.28 -17.80
CA ILE A 122 -2.98 -25.33 -17.12
C ILE A 122 -2.37 -24.76 -15.83
N VAL A 123 -1.80 -25.65 -15.03
CA VAL A 123 -1.08 -25.29 -13.82
C VAL A 123 0.38 -25.08 -14.18
N ARG A 124 0.92 -23.92 -13.83
CA ARG A 124 2.31 -23.61 -14.12
C ARG A 124 3.24 -24.51 -13.32
N ASP A 125 4.25 -25.06 -13.98
CA ASP A 125 5.19 -25.98 -13.36
C ASP A 125 6.63 -25.50 -13.41
N THR A 126 7.05 -24.86 -14.49
CA THR A 126 8.42 -24.41 -14.64
C THR A 126 8.44 -23.05 -15.32
N ASP A 127 9.61 -22.42 -15.31
CA ASP A 127 9.80 -21.18 -16.06
C ASP A 127 9.96 -21.46 -17.55
N PHE A 128 10.39 -22.66 -17.91
CA PHE A 128 10.57 -23.04 -19.31
C PHE A 128 9.37 -23.87 -19.80
N THR A 129 8.20 -23.24 -19.79
CA THR A 129 7.05 -23.83 -20.44
C THR A 129 7.19 -23.69 -21.95
N PRO A 130 6.54 -24.56 -22.73
CA PRO A 130 6.59 -24.38 -24.20
C PRO A 130 6.12 -23.01 -24.63
N SER A 131 5.10 -22.48 -23.98
CA SER A 131 4.66 -21.11 -24.25
C SER A 131 5.76 -20.11 -23.92
N HIS A 132 6.42 -20.28 -22.77
CA HIS A 132 7.52 -19.40 -22.41
C HIS A 132 8.70 -19.55 -23.38
N ILE A 133 8.96 -20.78 -23.82
CA ILE A 133 10.06 -21.02 -24.76
C ILE A 133 9.79 -20.29 -26.07
N ILE A 134 8.56 -20.38 -26.56
CA ILE A 134 8.24 -19.74 -27.84
C ILE A 134 8.19 -18.23 -27.70
N GLU A 135 7.59 -17.72 -26.61
CA GLU A 135 7.35 -16.28 -26.50
C GLU A 135 8.61 -15.53 -26.06
N PHE A 136 9.11 -15.84 -24.86
CA PHE A 136 10.20 -15.06 -24.30
C PHE A 136 11.51 -15.28 -25.04
N TYR A 137 11.79 -16.50 -25.45
CA TYR A 137 13.12 -16.86 -25.93
C TYR A 137 13.20 -17.03 -27.44
N LEU A 138 12.09 -16.93 -28.16
CA LEU A 138 12.13 -17.02 -29.62
C LEU A 138 11.66 -15.73 -30.28
N SER A 139 10.43 -15.27 -30.00
CA SER A 139 9.89 -14.12 -30.70
C SER A 139 10.54 -12.82 -30.25
N TYR A 140 10.73 -12.66 -28.94
CA TYR A 140 11.36 -11.44 -28.43
C TYR A 140 12.78 -11.26 -28.95
N PRO A 141 13.67 -12.27 -28.89
CA PRO A 141 14.99 -12.09 -29.51
C PRO A 141 14.90 -11.81 -31.00
N ILE A 142 13.92 -12.40 -31.70
CA ILE A 142 13.81 -12.18 -33.14
C ILE A 142 13.48 -10.72 -33.43
N TYR A 143 12.52 -10.15 -32.72
CA TYR A 143 12.21 -8.75 -33.00
C TYR A 143 13.31 -7.82 -32.49
N ILE A 144 14.04 -8.23 -31.44
CA ILE A 144 15.20 -7.45 -31.00
C ILE A 144 16.26 -7.42 -32.08
N ILE A 145 16.53 -8.57 -32.70
CA ILE A 145 17.51 -8.64 -33.78
C ILE A 145 17.06 -7.77 -34.95
N THR A 146 15.77 -7.85 -35.30
CA THR A 146 15.27 -7.05 -36.43
C THR A 146 15.39 -5.56 -36.14
N GLY A 147 15.05 -5.14 -34.91
CA GLY A 147 15.17 -3.73 -34.56
C GLY A 147 16.61 -3.25 -34.55
N PHE A 148 17.52 -4.05 -34.00
CA PHE A 148 18.93 -3.67 -34.01
C PHE A 148 19.45 -3.56 -35.43
N ALA A 149 19.06 -4.50 -36.30
CA ALA A 149 19.49 -4.45 -37.68
C ALA A 149 18.95 -3.22 -38.40
N ALA A 150 17.69 -2.88 -38.16
CA ALA A 150 17.12 -1.69 -38.78
C ALA A 150 17.83 -0.43 -38.31
N PHE A 151 18.10 -0.34 -37.01
CA PHE A 151 18.82 0.83 -36.48
C PHE A 151 20.22 0.94 -37.07
N ILE A 152 20.93 -0.19 -37.16
CA ILE A 152 22.28 -0.18 -37.71
C ILE A 152 22.26 0.21 -39.19
N TYR A 153 21.30 -0.32 -39.95
CA TYR A 153 21.20 0.05 -41.36
C TYR A 153 20.92 1.53 -41.53
N ALA A 154 20.00 2.07 -40.72
CA ALA A 154 19.69 3.50 -40.81
C ALA A 154 20.91 4.34 -40.46
N LYS A 155 21.67 3.94 -39.44
CA LYS A 155 22.84 4.71 -39.04
C LYS A 155 23.97 4.61 -40.06
N THR A 156 24.13 3.46 -40.70
CA THR A 156 25.27 3.22 -41.56
C THR A 156 25.03 3.48 -43.03
N ARG A 157 23.78 3.72 -43.45
CA ARG A 157 23.48 3.94 -44.85
C ARG A 157 22.77 5.25 -45.14
N LEU A 158 22.01 5.79 -44.19
CA LEU A 158 21.26 7.01 -44.42
C LEU A 158 22.00 8.19 -43.83
N PRO A 159 22.36 9.20 -44.63
CA PRO A 159 23.05 10.37 -44.07
C PRO A 159 22.23 11.10 -43.01
N PHE A 160 20.90 11.01 -43.07
CA PHE A 160 20.07 11.66 -42.06
C PHE A 160 20.32 11.06 -40.68
N PHE A 161 20.45 9.74 -40.60
CA PHE A 161 20.67 9.07 -39.32
C PHE A 161 22.14 8.84 -39.01
N ALA A 162 23.04 9.18 -39.94
CA ALA A 162 24.47 8.96 -39.73
C ALA A 162 25.16 10.08 -38.97
N LYS A 163 24.50 11.22 -38.78
CA LYS A 163 25.11 12.34 -38.08
C LYS A 163 25.08 12.19 -36.56
N GLY A 164 24.41 11.17 -36.05
CA GLY A 164 24.37 10.94 -34.62
C GLY A 164 23.45 9.78 -34.29
N ILE A 165 23.27 9.56 -33.00
CA ILE A 165 22.38 8.51 -32.50
C ILE A 165 21.01 9.13 -32.32
N SER A 166 20.03 8.63 -33.07
CA SER A 166 18.67 9.15 -32.98
C SER A 166 18.03 8.70 -31.68
N LEU A 167 17.66 9.68 -30.84
CA LEU A 167 17.01 9.36 -29.57
C LEU A 167 15.68 8.61 -29.74
N PRO A 168 14.74 9.05 -30.60
CA PRO A 168 13.52 8.26 -30.76
C PRO A 168 13.79 6.86 -31.30
N TYR A 169 14.72 6.73 -32.25
CA TYR A 169 15.08 5.41 -32.75
C TYR A 169 15.68 4.55 -31.65
N LEU A 170 16.55 5.13 -30.83
CA LEU A 170 17.17 4.39 -29.73
C LEU A 170 16.13 3.93 -28.73
N VAL A 171 15.15 4.78 -28.41
CA VAL A 171 14.11 4.39 -27.47
C VAL A 171 13.21 3.31 -28.06
N LEU A 172 12.83 3.46 -29.33
CA LEU A 172 11.98 2.47 -29.98
C LEU A 172 12.69 1.12 -30.13
N VAL A 173 14.01 1.13 -30.25
CA VAL A 173 14.74 -0.11 -30.51
C VAL A 173 15.21 -0.79 -29.22
N VAL A 174 15.69 -0.02 -28.25
CA VAL A 174 16.21 -0.61 -27.02
C VAL A 174 15.10 -0.82 -25.97
N GLY A 175 14.05 -0.01 -26.02
CA GLY A 175 12.97 -0.11 -25.06
C GLY A 175 12.30 -1.47 -25.02
N PRO A 176 11.79 -1.93 -26.17
CA PRO A 176 11.26 -3.30 -26.23
C PRO A 176 12.28 -4.37 -25.88
N PHE A 177 13.56 -4.13 -26.17
CA PHE A 177 14.60 -5.07 -25.79
C PHE A 177 14.60 -5.29 -24.28
N MET A 178 14.35 -4.25 -23.50
CA MET A 178 14.30 -4.37 -22.05
C MET A 178 13.16 -5.28 -21.58
N ILE A 179 12.22 -5.60 -22.46
CA ILE A 179 11.20 -6.59 -22.13
C ILE A 179 11.83 -7.95 -21.84
N LEU A 180 12.96 -8.25 -22.48
CA LEU A 180 13.57 -9.56 -22.32
C LEU A 180 14.21 -9.75 -20.94
N PRO A 181 15.04 -8.83 -20.43
CA PRO A 181 15.49 -8.97 -19.04
C PRO A 181 14.36 -8.93 -18.03
N ASN A 182 13.33 -8.13 -18.28
CA ASN A 182 12.21 -8.00 -17.36
C ASN A 182 11.49 -9.32 -17.12
N VAL A 183 11.65 -10.28 -18.02
CA VAL A 183 11.11 -11.63 -17.82
C VAL A 183 11.53 -12.17 -16.46
N GLY A 184 12.76 -11.88 -16.03
CA GLY A 184 13.18 -12.31 -14.70
C GLY A 184 12.24 -11.84 -13.62
N LEU A 185 11.91 -10.54 -13.62
CA LEU A 185 10.90 -10.03 -12.71
C LEU A 185 9.61 -10.84 -12.81
N ASN A 186 9.16 -11.10 -14.03
CA ASN A 186 7.97 -11.93 -14.23
C ASN A 186 8.11 -13.24 -13.46
N GLU A 187 9.24 -13.92 -13.63
CA GLU A 187 9.45 -15.16 -12.89
C GLU A 187 9.43 -14.90 -11.40
N TRP A 188 10.16 -13.87 -10.95
CA TRP A 188 10.14 -13.52 -9.54
C TRP A 188 8.75 -13.09 -9.10
N GLY A 189 7.97 -12.55 -10.04
CA GLY A 189 6.59 -12.22 -9.74
C GLY A 189 5.73 -13.45 -9.52
N HIS A 190 5.96 -14.51 -10.28
CA HIS A 190 5.03 -15.66 -10.18
C HIS A 190 5.46 -16.65 -9.09
N THR A 191 6.76 -16.73 -8.84
CA THR A 191 7.23 -17.74 -7.90
C THR A 191 7.16 -17.28 -6.45
N PHE A 192 7.28 -15.98 -6.19
CA PHE A 192 7.34 -15.46 -4.83
C PHE A 192 6.22 -14.47 -4.51
N TRP A 193 5.98 -13.49 -5.38
CA TRP A 193 5.09 -12.39 -5.03
C TRP A 193 3.62 -12.79 -5.13
N PHE A 194 3.17 -13.14 -6.32
CA PHE A 194 1.75 -13.43 -6.57
C PHE A 194 1.55 -14.93 -6.71
N MET A 195 0.65 -15.46 -5.91
CA MET A 195 0.33 -16.89 -5.91
C MET A 195 -0.75 -17.26 -6.91
N GLU A 196 -1.35 -16.29 -7.59
CA GLU A 196 -2.46 -16.52 -8.50
C GLU A 196 -2.08 -16.15 -9.92
N GLU A 197 -2.69 -16.85 -10.88
CA GLU A 197 -2.46 -16.60 -12.29
C GLU A 197 -3.36 -15.45 -12.75
N LEU A 198 -2.99 -14.25 -12.32
CA LEU A 198 -3.72 -13.03 -12.65
C LEU A 198 -2.88 -12.24 -13.66
N PHE A 199 -3.46 -11.98 -14.82
CA PHE A 199 -2.74 -11.31 -15.90
C PHE A 199 -2.63 -9.81 -15.69
N VAL A 200 -3.41 -9.23 -14.78
CA VAL A 200 -3.37 -7.80 -14.52
C VAL A 200 -2.54 -7.48 -13.27
N ALA A 201 -1.77 -8.45 -12.78
CA ALA A 201 -0.97 -8.23 -11.58
C ALA A 201 0.14 -7.22 -11.85
N PRO A 202 0.56 -6.48 -10.83
CA PRO A 202 1.63 -5.49 -11.03
C PRO A 202 2.95 -6.09 -11.48
N LEU A 203 3.17 -7.39 -11.25
CA LEU A 203 4.43 -8.02 -11.65
C LEU A 203 4.65 -7.97 -13.16
N HIS A 204 3.59 -7.63 -13.90
CA HIS A 204 3.66 -7.53 -15.38
C HIS A 204 3.74 -6.08 -15.82
N TYR A 205 3.84 -5.14 -14.88
CA TYR A 205 3.79 -3.71 -15.26
C TYR A 205 5.11 -3.35 -15.93
N GLY A 206 6.16 -4.10 -15.63
CA GLY A 206 7.42 -3.88 -16.32
C GLY A 206 7.27 -3.99 -17.82
N PHE A 207 6.76 -5.14 -18.28
CA PHE A 207 6.39 -5.31 -19.69
C PHE A 207 5.67 -4.07 -20.20
N VAL A 208 4.56 -3.73 -19.53
CA VAL A 208 3.73 -2.61 -19.95
C VAL A 208 4.59 -1.37 -20.16
N ILE A 209 5.41 -1.04 -19.17
CA ILE A 209 6.18 0.20 -19.24
C ILE A 209 7.06 0.20 -20.47
N PHE A 210 7.76 -0.91 -20.70
CA PHE A 210 8.66 -0.94 -21.85
C PHE A 210 7.88 -1.00 -23.15
N GLY A 211 6.67 -1.56 -23.12
CA GLY A 211 5.81 -1.47 -24.29
C GLY A 211 5.51 -0.03 -24.66
N TRP A 212 5.36 0.84 -23.64
CA TRP A 212 5.17 2.26 -23.91
C TRP A 212 6.29 2.83 -24.75
N LEU A 213 7.51 2.33 -24.57
CA LEU A 213 8.64 2.86 -25.32
C LEU A 213 8.52 2.60 -26.82
N ALA A 214 7.73 1.59 -27.21
CA ALA A 214 7.48 1.38 -28.63
C ALA A 214 6.81 2.57 -29.27
N LEU A 215 6.10 3.39 -28.49
CA LEU A 215 5.50 4.61 -29.02
C LEU A 215 6.54 5.54 -29.63
N ALA A 216 7.81 5.44 -29.21
CA ALA A 216 8.87 6.22 -29.84
C ALA A 216 8.87 6.09 -31.35
N VAL A 217 8.26 5.03 -31.88
CA VAL A 217 8.20 4.83 -33.33
C VAL A 217 7.69 6.09 -34.02
N MET A 218 6.69 6.76 -33.43
CA MET A 218 6.14 7.96 -34.06
C MET A 218 7.24 8.96 -34.35
N GLY A 219 8.04 9.29 -33.33
CA GLY A 219 9.16 10.20 -33.56
C GLY A 219 10.08 9.68 -34.64
N THR A 220 10.43 8.40 -34.56
CA THR A 220 11.28 7.79 -35.59
C THR A 220 10.65 7.99 -36.95
N LEU A 221 9.35 7.73 -37.06
CA LEU A 221 8.66 7.88 -38.34
C LEU A 221 8.88 9.27 -38.90
N THR A 222 8.73 10.30 -38.05
CA THR A 222 8.91 11.67 -38.52
C THR A 222 10.30 11.82 -39.13
N GLN A 223 11.33 11.37 -38.42
CA GLN A 223 12.68 11.45 -38.95
C GLN A 223 12.77 10.74 -40.28
N THR A 224 12.20 9.52 -40.35
CA THR A 224 12.22 8.77 -41.60
C THR A 224 11.64 9.61 -42.73
N PHE A 225 10.50 10.26 -42.48
CA PHE A 225 9.86 11.04 -43.52
C PHE A 225 10.79 12.17 -43.98
N TYR A 226 11.46 12.83 -43.03
CA TYR A 226 12.40 13.86 -43.41
C TYR A 226 13.55 13.26 -44.21
N SER A 227 14.02 12.08 -43.81
CA SER A 227 15.05 11.40 -44.60
C SER A 227 14.55 11.10 -46.00
N PHE A 228 13.23 10.92 -46.16
CA PHE A 228 12.67 10.71 -47.49
C PHE A 228 12.54 12.02 -48.26
N ALA A 229 12.41 13.15 -47.57
CA ALA A 229 12.04 14.40 -48.23
C ALA A 229 13.21 15.35 -48.45
N GLN A 230 14.27 15.24 -47.65
CA GLN A 230 15.38 16.17 -47.77
C GLN A 230 16.18 16.00 -49.06
N GLY A 231 16.00 14.90 -49.78
CA GLY A 231 16.75 14.62 -50.98
C GLY A 231 16.19 15.22 -52.25
N GLY A 232 15.14 16.04 -52.15
CA GLY A 232 14.51 16.64 -53.30
C GLY A 232 13.14 16.09 -53.63
N LEU A 233 12.73 14.99 -53.01
CA LEU A 233 11.39 14.47 -53.23
C LEU A 233 10.33 15.43 -52.71
N GLY A 234 10.58 16.06 -51.56
CA GLY A 234 9.61 16.98 -51.01
C GLY A 234 9.37 18.20 -51.88
N GLN A 235 10.44 18.74 -52.48
CA GLN A 235 10.29 19.91 -53.33
C GLN A 235 9.45 19.58 -54.57
N SER A 236 9.71 18.42 -55.19
CA SER A 236 8.93 18.03 -56.35
C SER A 236 7.48 17.72 -55.97
N LEU A 237 7.27 17.11 -54.80
CA LEU A 237 5.92 16.76 -54.38
C LEU A 237 5.10 17.99 -54.02
N CYS A 238 5.73 19.02 -53.45
CA CYS A 238 5.01 20.22 -53.06
C CYS A 238 4.51 21.01 -54.27
N GLU A 239 5.11 20.80 -55.44
CA GLU A 239 4.69 21.51 -56.64
C GLU A 239 3.30 21.04 -57.10
N SER B 1 52.48 35.20 -9.62
CA SER B 1 51.76 33.96 -9.86
C SER B 1 51.62 33.15 -8.58
N ALA B 2 50.64 32.25 -8.54
CA ALA B 2 50.42 31.42 -7.36
C ALA B 2 51.60 30.49 -7.11
N VAL B 3 52.14 29.89 -8.16
CA VAL B 3 53.27 28.97 -8.05
C VAL B 3 54.48 29.60 -8.74
N ARG B 4 55.67 29.21 -8.28
CA ARG B 4 56.91 29.78 -8.79
C ARG B 4 57.58 28.92 -9.86
N SER B 5 57.16 27.67 -10.02
CA SER B 5 57.78 26.79 -11.01
C SER B 5 56.81 25.66 -11.32
N HIS B 6 57.13 24.93 -12.40
CA HIS B 6 56.29 23.80 -12.82
C HIS B 6 56.35 22.67 -11.82
N ALA B 7 57.54 22.39 -11.26
CA ALA B 7 57.67 21.34 -10.26
C ALA B 7 56.86 21.64 -9.01
N GLU B 8 56.87 22.91 -8.57
CA GLU B 8 56.04 23.29 -7.43
C GLU B 8 54.57 23.10 -7.73
N ALA B 9 54.15 23.42 -8.96
CA ALA B 9 52.76 23.19 -9.34
C ALA B 9 52.42 21.70 -9.32
N VAL B 10 53.33 20.85 -9.78
CA VAL B 10 53.09 19.41 -9.77
C VAL B 10 52.96 18.91 -8.34
N GLN B 11 53.86 19.36 -7.45
CA GLN B 11 53.79 18.93 -6.06
C GLN B 11 52.50 19.39 -5.39
N VAL B 12 52.09 20.64 -5.65
CA VAL B 12 50.84 21.16 -5.11
C VAL B 12 49.65 20.36 -5.62
N SER B 13 49.68 20.02 -6.92
CA SER B 13 48.60 19.23 -7.49
C SER B 13 48.54 17.84 -6.86
N ARG B 14 49.69 17.23 -6.58
CA ARG B 14 49.70 15.93 -5.93
C ARG B 14 49.13 16.01 -4.52
N THR B 15 49.49 17.07 -3.78
CA THR B 15 48.93 17.24 -2.44
C THR B 15 47.42 17.42 -2.50
N ILE B 16 46.94 18.23 -3.45
CA ILE B 16 45.49 18.40 -3.63
C ILE B 16 44.85 17.08 -4.00
N ASP B 17 45.52 16.28 -4.82
CA ASP B 17 44.98 14.98 -5.20
C ASP B 17 44.79 14.09 -3.97
N TRP B 18 45.79 14.02 -3.10
CA TRP B 18 45.67 13.19 -1.90
C TRP B 18 44.57 13.69 -0.99
N MET B 19 44.52 15.01 -0.76
CA MET B 19 43.51 15.55 0.15
C MET B 19 42.10 15.37 -0.40
N ALA B 20 41.91 15.61 -1.70
CA ALA B 20 40.60 15.42 -2.31
C ALA B 20 40.20 13.95 -2.35
N LEU B 21 41.18 13.05 -2.52
CA LEU B 21 40.88 11.63 -2.42
C LEU B 21 40.38 11.27 -1.03
N PHE B 22 41.03 11.82 0.01
CA PHE B 22 40.56 11.62 1.38
C PHE B 22 39.13 12.11 1.54
N VAL B 23 38.86 13.33 1.06
CA VAL B 23 37.53 13.94 1.24
C VAL B 23 36.47 13.11 0.53
N VAL B 24 36.70 12.79 -0.74
CA VAL B 24 35.73 12.02 -1.51
C VAL B 24 35.51 10.66 -0.87
N PHE B 25 36.60 9.98 -0.51
CA PHE B 25 36.49 8.64 0.05
C PHE B 25 35.64 8.64 1.31
N PHE B 26 35.91 9.57 2.23
CA PHE B 26 35.21 9.47 3.51
C PHE B 26 33.81 10.06 3.48
N VAL B 27 33.55 11.06 2.63
CA VAL B 27 32.17 11.51 2.45
C VAL B 27 31.35 10.38 1.82
N ILE B 28 31.93 9.68 0.84
CA ILE B 28 31.26 8.53 0.25
C ILE B 28 31.06 7.45 1.30
N VAL B 29 32.05 7.22 2.16
CA VAL B 29 31.89 6.23 3.22
C VAL B 29 30.68 6.57 4.08
N GLY B 30 30.59 7.80 4.55
CA GLY B 30 29.47 8.19 5.40
C GLY B 30 28.13 8.02 4.71
N SER B 31 27.97 8.66 3.55
CA SER B 31 26.67 8.66 2.88
C SER B 31 26.28 7.26 2.40
N TYR B 32 27.21 6.57 1.72
CA TYR B 32 26.92 5.24 1.21
C TYR B 32 26.66 4.27 2.34
N HIS B 33 27.39 4.38 3.47
CA HIS B 33 27.15 3.48 4.58
C HIS B 33 25.79 3.70 5.20
N ILE B 34 25.40 4.97 5.42
CA ILE B 34 24.08 5.20 6.02
C ILE B 34 22.98 4.71 5.09
N HIS B 35 23.09 5.00 3.79
CA HIS B 35 22.09 4.52 2.84
C HIS B 35 22.05 3.00 2.80
N ALA B 36 23.22 2.36 2.71
CA ALA B 36 23.29 0.92 2.57
C ALA B 36 22.74 0.21 3.81
N MET B 37 23.11 0.69 5.00
CA MET B 37 22.60 0.02 6.19
C MET B 37 21.10 0.24 6.33
N LEU B 38 20.61 1.47 6.18
CA LEU B 38 19.18 1.68 6.35
C LEU B 38 18.35 1.16 5.19
N THR B 39 18.98 0.66 4.12
CA THR B 39 18.23 0.00 3.06
C THR B 39 18.30 -1.52 3.13
N MET B 40 19.46 -2.10 3.47
CA MET B 40 19.60 -3.55 3.43
C MET B 40 20.46 -4.13 4.56
N GLY B 41 20.52 -3.49 5.73
CA GLY B 41 21.49 -3.90 6.71
C GLY B 41 21.08 -5.08 7.57
N ASP B 42 19.80 -5.38 7.64
CA ASP B 42 19.36 -6.54 8.42
C ASP B 42 19.88 -7.84 7.81
N TRP B 43 19.86 -7.94 6.48
CA TRP B 43 20.45 -9.11 5.83
C TRP B 43 21.96 -9.13 5.95
N ASP B 44 22.59 -7.95 6.01
CA ASP B 44 24.04 -7.87 6.06
C ASP B 44 24.60 -8.11 7.47
N PHE B 45 23.80 -7.89 8.51
CA PHE B 45 24.30 -8.04 9.87
C PHE B 45 24.50 -9.50 10.24
N TRP B 46 23.54 -10.35 9.92
CA TRP B 46 23.48 -11.70 10.45
C TRP B 46 23.63 -12.73 9.35
N SER B 47 24.29 -13.84 9.68
CA SER B 47 24.50 -14.91 8.71
C SER B 47 23.25 -15.73 8.45
N ASP B 48 22.30 -15.75 9.38
CA ASP B 48 21.06 -16.48 9.19
C ASP B 48 20.01 -15.68 8.44
N TRP B 49 20.32 -14.42 8.07
CA TRP B 49 19.48 -13.65 7.17
C TRP B 49 19.93 -13.78 5.72
N LYS B 50 21.08 -14.39 5.46
CA LYS B 50 21.64 -14.49 4.11
C LYS B 50 20.97 -15.67 3.40
N ASP B 51 19.77 -15.43 2.91
CA ASP B 51 18.97 -16.44 2.25
C ASP B 51 19.16 -16.36 0.73
N ARG B 52 18.41 -17.19 0.02
CA ARG B 52 18.51 -17.26 -1.43
C ARG B 52 17.55 -16.32 -2.15
N ARG B 53 16.45 -15.93 -1.51
CA ARG B 53 15.42 -15.11 -2.15
C ARG B 53 15.59 -13.62 -1.87
N LEU B 54 15.53 -13.22 -0.60
CA LEU B 54 15.43 -11.79 -0.28
C LEU B 54 16.79 -11.12 -0.28
N TRP B 55 17.80 -11.76 0.31
CA TRP B 55 19.14 -11.17 0.34
C TRP B 55 19.68 -10.97 -1.07
N VAL B 56 19.65 -12.02 -1.88
CA VAL B 56 20.20 -11.98 -3.23
C VAL B 56 19.47 -10.95 -4.07
N THR B 57 18.14 -10.91 -3.96
CA THR B 57 17.36 -9.92 -4.71
C THR B 57 17.69 -8.50 -4.25
N VAL B 58 17.61 -8.25 -2.95
CA VAL B 58 17.56 -6.88 -2.46
C VAL B 58 18.93 -6.22 -2.51
N THR B 59 19.99 -6.92 -2.09
CA THR B 59 21.26 -6.23 -1.86
C THR B 59 21.82 -5.51 -3.10
N PRO B 60 21.98 -6.16 -4.26
CA PRO B 60 22.56 -5.42 -5.41
C PRO B 60 21.70 -4.26 -5.88
N ILE B 61 20.37 -4.39 -5.82
CA ILE B 61 19.51 -3.33 -6.33
C ILE B 61 19.70 -2.05 -5.53
N VAL B 62 19.74 -2.16 -4.21
CA VAL B 62 19.90 -0.98 -3.38
C VAL B 62 21.35 -0.52 -3.33
N LEU B 63 22.30 -1.42 -3.58
CA LEU B 63 23.71 -1.04 -3.52
C LEU B 63 24.26 -0.50 -4.84
N VAL B 64 23.51 -0.60 -5.93
CA VAL B 64 23.98 -0.10 -7.22
C VAL B 64 23.74 1.41 -7.33
N THR B 65 23.12 1.99 -6.29
CA THR B 65 22.73 3.40 -6.35
C THR B 65 23.94 4.32 -6.43
N PHE B 66 24.76 4.32 -5.38
CA PHE B 66 25.91 5.22 -5.32
C PHE B 66 26.94 4.98 -6.43
N PRO B 67 27.31 3.74 -6.77
CA PRO B 67 28.29 3.57 -7.86
C PRO B 67 27.86 4.20 -9.17
N ALA B 68 26.57 4.17 -9.50
CA ALA B 68 26.11 4.78 -10.74
C ALA B 68 26.40 6.28 -10.76
N ALA B 69 26.03 6.99 -9.70
CA ALA B 69 26.25 8.43 -9.64
C ALA B 69 27.73 8.76 -9.61
N VAL B 70 28.51 8.02 -8.82
CA VAL B 70 29.93 8.33 -8.71
C VAL B 70 30.66 8.05 -10.03
N GLN B 71 30.24 6.99 -10.74
CA GLN B 71 30.78 6.74 -12.08
C GLN B 71 30.40 7.87 -13.03
N SER B 72 29.13 8.26 -13.04
CA SER B 72 28.67 9.32 -13.92
C SER B 72 29.44 10.61 -13.69
N TYR B 73 29.87 10.87 -12.46
CA TYR B 73 30.69 12.05 -12.21
C TYR B 73 32.15 11.82 -12.62
N LEU B 74 32.77 10.75 -12.11
CA LEU B 74 34.21 10.59 -12.24
C LEU B 74 34.61 10.29 -13.67
N TRP B 75 33.94 9.35 -14.34
CA TRP B 75 34.32 9.04 -15.70
C TRP B 75 34.09 10.22 -16.64
N GLU B 76 33.01 10.96 -16.42
CA GLU B 76 32.71 12.08 -17.31
C GLU B 76 33.68 13.24 -17.11
N ARG B 77 34.05 13.54 -15.86
CA ARG B 77 34.84 14.74 -15.60
C ARG B 77 36.34 14.51 -15.54
N TYR B 78 36.78 13.33 -15.10
CA TYR B 78 38.20 13.06 -14.91
C TYR B 78 38.69 11.83 -15.66
N ARG B 79 37.81 11.07 -16.31
CA ARG B 79 38.15 9.78 -16.90
C ARG B 79 38.75 8.84 -15.85
N LEU B 80 38.18 8.85 -14.65
CA LEU B 80 38.62 7.97 -13.58
C LEU B 80 37.64 6.82 -13.44
N PRO B 81 38.03 5.60 -13.76
CA PRO B 81 37.05 4.50 -13.84
C PRO B 81 36.84 3.75 -12.52
N TRP B 82 37.23 4.31 -11.38
CA TRP B 82 37.21 3.59 -10.12
C TRP B 82 36.05 3.96 -9.20
N GLY B 83 35.02 4.62 -9.72
CA GLY B 83 33.95 5.11 -8.85
C GLY B 83 33.22 3.99 -8.12
N ALA B 84 32.80 2.96 -8.85
CA ALA B 84 32.11 1.84 -8.21
C ALA B 84 33.03 1.11 -7.23
N THR B 85 34.29 0.92 -7.63
CA THR B 85 35.24 0.26 -6.75
C THR B 85 35.46 1.06 -5.48
N VAL B 86 35.59 2.38 -5.58
CA VAL B 86 35.83 3.20 -4.39
C VAL B 86 34.61 3.19 -3.48
N CYS B 87 33.41 3.21 -4.07
CA CYS B 87 32.19 3.14 -3.26
C CYS B 87 32.11 1.82 -2.51
N VAL B 88 32.36 0.71 -3.20
CA VAL B 88 32.30 -0.60 -2.57
C VAL B 88 33.36 -0.73 -1.49
N LEU B 89 34.58 -0.25 -1.76
CA LEU B 89 35.65 -0.33 -0.78
C LEU B 89 35.34 0.49 0.46
N GLY B 90 34.81 1.70 0.28
CA GLY B 90 34.43 2.51 1.43
C GLY B 90 33.34 1.87 2.26
N LEU B 91 32.30 1.34 1.61
CA LEU B 91 31.24 0.67 2.33
C LEU B 91 31.77 -0.53 3.10
N LEU B 92 32.62 -1.33 2.47
CA LEU B 92 33.19 -2.50 3.14
C LEU B 92 34.06 -2.09 4.31
N LEU B 93 34.85 -1.03 4.15
CA LEU B 93 35.71 -0.56 5.25
C LEU B 93 34.86 -0.14 6.45
N GLY B 94 33.85 0.68 6.21
CA GLY B 94 32.98 1.10 7.31
C GLY B 94 32.28 -0.06 7.96
N GLU B 95 31.73 -0.98 7.16
CA GLU B 95 31.02 -2.13 7.72
C GLU B 95 31.95 -2.99 8.56
N TRP B 96 33.17 -3.27 8.06
CA TRP B 96 34.09 -4.11 8.82
C TRP B 96 34.56 -3.43 10.10
N ILE B 97 34.79 -2.12 10.04
CA ILE B 97 35.16 -1.39 11.26
C ILE B 97 34.06 -1.53 12.30
N ASN B 98 32.81 -1.35 11.89
CA ASN B 98 31.71 -1.48 12.85
C ASN B 98 31.58 -2.90 13.38
N ARG B 99 31.72 -3.91 12.50
CA ARG B 99 31.59 -5.29 12.96
C ARG B 99 32.67 -5.65 13.97
N TYR B 100 33.92 -5.25 13.69
CA TYR B 100 35.01 -5.66 14.57
C TYR B 100 35.00 -4.88 15.88
N PHE B 101 34.76 -3.57 15.82
CA PHE B 101 34.89 -2.75 17.01
C PHE B 101 33.60 -2.56 17.80
N ASN B 102 32.45 -2.78 17.18
CA ASN B 102 31.17 -2.59 17.87
C ASN B 102 30.36 -3.87 17.99
N PHE B 103 30.14 -4.59 16.88
CA PHE B 103 29.38 -5.83 16.95
C PHE B 103 30.10 -6.88 17.79
N TRP B 104 31.42 -6.96 17.66
CA TRP B 104 32.22 -7.91 18.42
C TRP B 104 32.95 -7.26 19.59
N GLY B 105 33.46 -6.04 19.42
CA GLY B 105 34.22 -5.40 20.48
C GLY B 105 33.36 -4.93 21.65
N TRP B 106 32.09 -4.64 21.39
CA TRP B 106 31.19 -4.14 22.43
C TRP B 106 30.21 -5.19 22.92
N THR B 107 29.43 -5.77 22.02
CA THR B 107 28.40 -6.73 22.39
C THR B 107 28.87 -8.18 22.26
N TYR B 108 30.09 -8.41 21.77
CA TYR B 108 30.71 -9.74 21.73
C TYR B 108 29.89 -10.73 20.91
N PHE B 109 29.38 -10.29 19.78
CA PHE B 109 28.85 -11.21 18.78
C PHE B 109 30.01 -11.79 17.96
N PRO B 110 30.07 -13.12 17.79
CA PRO B 110 31.20 -13.70 17.07
C PRO B 110 31.27 -13.20 15.64
N ILE B 111 32.50 -13.00 15.15
CA ILE B 111 32.71 -12.41 13.83
C ILE B 111 32.13 -13.30 12.73
N ASN B 112 32.24 -14.63 12.89
CA ASN B 112 31.68 -15.54 11.91
C ASN B 112 30.16 -15.47 11.85
N PHE B 113 29.51 -14.85 12.84
CA PHE B 113 28.08 -14.63 12.81
C PHE B 113 27.70 -13.26 12.28
N VAL B 114 28.56 -12.27 12.43
CA VAL B 114 28.30 -10.90 11.97
C VAL B 114 29.45 -10.53 11.03
N PHE B 115 29.25 -10.76 9.73
CA PHE B 115 30.21 -10.36 8.71
C PHE B 115 29.46 -9.78 7.53
N PRO B 116 30.05 -8.82 6.83
CA PRO B 116 29.39 -8.25 5.66
C PRO B 116 29.52 -9.15 4.44
N ALA B 117 28.78 -8.79 3.39
CA ALA B 117 28.81 -9.51 2.13
C ALA B 117 29.87 -8.94 1.20
N SER B 118 30.47 -9.81 0.40
CA SER B 118 31.46 -9.38 -0.57
C SER B 118 30.79 -8.64 -1.73
N LEU B 119 31.39 -7.53 -2.14
CA LEU B 119 30.83 -6.69 -3.19
C LEU B 119 31.84 -6.24 -4.24
N VAL B 120 33.12 -6.56 -4.06
CA VAL B 120 34.15 -6.08 -5.00
C VAL B 120 33.94 -6.57 -6.43
N PRO B 121 33.64 -7.86 -6.67
CA PRO B 121 33.51 -8.31 -8.08
C PRO B 121 32.51 -7.52 -8.90
N GLY B 122 31.35 -7.18 -8.32
CA GLY B 122 30.37 -6.41 -9.07
C GLY B 122 30.85 -5.03 -9.43
N ALA B 123 31.51 -4.36 -8.48
CA ALA B 123 32.08 -3.04 -8.76
C ALA B 123 33.15 -3.12 -9.83
N ILE B 124 33.99 -4.16 -9.77
CA ILE B 124 35.03 -4.34 -10.78
C ILE B 124 34.40 -4.55 -12.16
N ILE B 125 33.35 -5.37 -12.23
CA ILE B 125 32.68 -5.61 -13.49
C ILE B 125 32.10 -4.31 -14.05
N LEU B 126 31.42 -3.55 -13.20
CA LEU B 126 30.82 -2.29 -13.63
C LEU B 126 31.89 -1.32 -14.13
N ASP B 127 32.98 -1.18 -13.37
CA ASP B 127 34.03 -0.25 -13.72
C ASP B 127 34.71 -0.64 -15.03
N THR B 128 35.02 -1.92 -15.19
CA THR B 128 35.68 -2.38 -16.40
C THR B 128 34.76 -2.22 -17.62
N VAL B 129 33.47 -2.52 -17.45
CA VAL B 129 32.53 -2.35 -18.56
C VAL B 129 32.45 -0.89 -18.97
N LEU B 130 32.36 0.02 -17.99
CA LEU B 130 32.30 1.45 -18.31
C LEU B 130 33.57 1.90 -19.00
N MET B 131 34.73 1.44 -18.52
CA MET B 131 36.00 1.88 -19.12
C MET B 131 36.15 1.35 -20.55
N LEU B 132 35.80 0.09 -20.78
CA LEU B 132 36.02 -0.51 -22.08
C LEU B 132 34.99 -0.04 -23.11
N SER B 133 33.73 0.11 -22.70
CA SER B 133 32.71 0.52 -23.66
C SER B 133 32.68 2.02 -23.85
N GLY B 134 32.78 2.78 -22.76
CA GLY B 134 32.77 4.23 -22.84
C GLY B 134 31.40 4.86 -23.00
N SER B 135 30.33 4.07 -22.99
CA SER B 135 28.97 4.57 -23.14
C SER B 135 28.16 4.16 -21.92
N TYR B 136 27.35 5.09 -21.42
CA TYR B 136 26.60 4.85 -20.19
C TYR B 136 25.39 3.95 -20.38
N LEU B 137 24.81 3.89 -21.58
CA LEU B 137 23.68 2.99 -21.80
C LEU B 137 24.12 1.52 -21.79
N PHE B 138 25.16 1.21 -22.57
CA PHE B 138 25.71 -0.14 -22.57
C PHE B 138 26.26 -0.50 -21.20
N THR B 139 26.94 0.45 -20.55
CA THR B 139 27.41 0.22 -19.19
C THR B 139 26.25 -0.12 -18.28
N ALA B 140 25.20 0.72 -18.28
CA ALA B 140 24.01 0.44 -17.49
C ALA B 140 23.55 -0.99 -17.70
N ILE B 141 23.19 -1.34 -18.94
CA ILE B 141 22.57 -2.63 -19.20
C ILE B 141 23.50 -3.77 -18.80
N VAL B 142 24.66 -3.87 -19.45
CA VAL B 142 25.50 -5.05 -19.29
C VAL B 142 26.15 -5.07 -17.91
N GLY B 143 26.72 -3.95 -17.48
CA GLY B 143 27.37 -3.91 -16.17
C GLY B 143 26.41 -4.16 -15.03
N ALA B 144 25.17 -3.65 -15.13
CA ALA B 144 24.20 -3.90 -14.08
C ALA B 144 23.74 -5.35 -14.10
N MET B 145 23.62 -5.95 -15.29
CA MET B 145 23.34 -7.39 -15.36
C MET B 145 24.43 -8.17 -14.63
N GLY B 146 25.69 -7.86 -14.92
CA GLY B 146 26.79 -8.54 -14.25
C GLY B 146 26.82 -8.29 -12.76
N TRP B 147 26.56 -7.05 -12.36
CA TRP B 147 26.56 -6.69 -10.94
C TRP B 147 25.48 -7.46 -10.19
N GLY B 148 24.30 -7.58 -10.77
CA GLY B 148 23.25 -8.37 -10.14
C GLY B 148 23.55 -9.85 -10.12
N LEU B 149 24.13 -10.38 -11.21
CA LEU B 149 24.32 -11.82 -11.32
C LEU B 149 25.50 -12.33 -10.49
N ILE B 150 26.55 -11.52 -10.33
CA ILE B 150 27.77 -12.00 -9.68
C ILE B 150 27.72 -11.90 -8.16
N PHE B 151 26.64 -11.35 -7.61
CA PHE B 151 26.59 -11.11 -6.16
C PHE B 151 26.61 -12.41 -5.37
N TYR B 152 25.77 -13.36 -5.74
CA TYR B 152 25.65 -14.60 -4.98
C TYR B 152 26.81 -15.57 -5.23
N PRO B 153 27.23 -15.79 -6.48
CA PRO B 153 28.43 -16.61 -6.68
C PRO B 153 29.67 -16.05 -5.98
N GLY B 154 29.81 -14.73 -5.90
CA GLY B 154 30.95 -14.16 -5.21
C GLY B 154 30.93 -14.43 -3.72
N ASN B 155 29.74 -14.48 -3.11
CA ASN B 155 29.61 -14.69 -1.68
C ASN B 155 29.47 -16.15 -1.30
N TRP B 156 29.23 -17.04 -2.27
CA TRP B 156 29.07 -18.46 -1.95
C TRP B 156 30.27 -19.09 -1.26
N PRO B 157 31.53 -18.83 -1.63
CA PRO B 157 32.64 -19.43 -0.87
C PRO B 157 32.65 -19.06 0.60
N ILE B 158 32.06 -17.93 0.98
CA ILE B 158 32.06 -17.52 2.39
C ILE B 158 30.95 -18.22 3.15
N ILE B 159 29.74 -18.27 2.59
CA ILE B 159 28.59 -18.79 3.32
C ILE B 159 28.38 -20.29 3.13
N ALA B 160 29.09 -20.92 2.19
CA ALA B 160 28.94 -22.35 1.96
C ALA B 160 29.22 -23.22 3.18
N PRO B 161 30.29 -22.99 3.96
CA PRO B 161 30.48 -23.81 5.16
C PRO B 161 29.41 -23.62 6.22
N LEU B 162 28.65 -22.52 6.16
CA LEU B 162 27.61 -22.25 7.13
C LEU B 162 26.28 -22.91 6.79
N HIS B 163 26.20 -23.65 5.69
CA HIS B 163 24.97 -24.31 5.28
C HIS B 163 25.05 -25.83 5.42
N VAL B 164 25.98 -26.33 6.21
CA VAL B 164 26.08 -27.77 6.45
C VAL B 164 24.92 -28.19 7.37
N PRO B 165 24.12 -29.18 6.98
CA PRO B 165 22.97 -29.56 7.81
C PRO B 165 23.39 -30.17 9.13
N VAL B 166 22.60 -29.90 10.16
CA VAL B 166 22.84 -30.40 11.51
C VAL B 166 21.52 -30.90 12.07
N GLU B 167 21.56 -32.00 12.81
CA GLU B 167 20.39 -32.49 13.53
C GLU B 167 20.45 -31.93 14.94
N TYR B 168 19.85 -30.76 15.13
CA TYR B 168 19.88 -30.05 16.40
C TYR B 168 18.62 -30.37 17.17
N ASN B 169 18.77 -31.15 18.25
CA ASN B 169 17.67 -31.47 19.17
C ASN B 169 16.48 -32.07 18.43
N GLY B 170 16.73 -32.87 17.41
CA GLY B 170 15.70 -33.55 16.66
C GLY B 170 15.18 -32.81 15.45
N MET B 171 15.60 -31.56 15.25
CA MET B 171 15.15 -30.77 14.11
C MET B 171 16.31 -30.47 13.18
N LEU B 172 16.03 -30.45 11.88
CA LEU B 172 17.05 -30.13 10.90
C LEU B 172 17.31 -28.62 10.93
N MET B 173 18.58 -28.25 11.06
CA MET B 173 18.98 -26.85 11.20
C MET B 173 20.20 -26.60 10.33
N SER B 174 20.39 -25.34 9.95
CA SER B 174 21.63 -24.94 9.31
C SER B 174 22.61 -24.42 10.35
N ILE B 175 23.89 -24.39 9.98
CA ILE B 175 24.90 -23.85 10.89
C ILE B 175 24.64 -22.37 11.15
N ALA B 176 24.26 -21.63 10.11
CA ALA B 176 23.85 -20.24 10.31
C ALA B 176 22.57 -20.16 11.15
N ASP B 177 21.64 -21.10 10.94
CA ASP B 177 20.44 -21.13 11.75
C ASP B 177 20.76 -21.39 13.22
N ILE B 178 21.68 -22.31 13.49
CA ILE B 178 22.09 -22.57 14.87
C ILE B 178 22.82 -21.35 15.44
N GLN B 179 23.60 -20.66 14.61
CA GLN B 179 24.26 -19.44 15.07
C GLN B 179 23.24 -18.39 15.49
N GLY B 180 22.19 -18.21 14.68
CA GLY B 180 21.13 -17.28 15.05
C GLY B 180 20.36 -17.73 16.28
N TYR B 181 20.17 -19.03 16.44
CA TYR B 181 19.42 -19.56 17.59
C TYR B 181 20.21 -19.37 18.89
N ASN B 182 21.49 -19.75 18.89
CA ASN B 182 22.26 -19.77 20.13
C ASN B 182 22.55 -18.36 20.62
N TYR B 183 23.02 -17.48 19.74
CA TYR B 183 23.42 -16.13 20.12
C TYR B 183 22.18 -15.24 20.09
N VAL B 184 21.67 -14.90 21.27
CA VAL B 184 20.36 -14.30 21.40
C VAL B 184 20.43 -12.82 21.00
N ARG B 185 19.60 -12.44 20.03
CA ARG B 185 19.38 -11.04 19.68
C ARG B 185 18.06 -10.63 20.33
N THR B 186 18.15 -9.90 21.45
CA THR B 186 16.96 -9.56 22.20
C THR B 186 16.04 -8.64 21.40
N GLY B 187 16.61 -7.71 20.64
CA GLY B 187 15.81 -6.81 19.82
C GLY B 187 15.48 -7.33 18.44
N THR B 188 15.93 -8.53 18.09
CA THR B 188 15.69 -9.11 16.77
C THR B 188 15.13 -10.51 16.91
N PRO B 189 13.82 -10.64 17.11
CA PRO B 189 13.19 -11.97 17.15
C PRO B 189 13.33 -12.69 15.81
N GLU B 190 12.90 -13.95 15.83
CA GLU B 190 13.06 -14.81 14.66
C GLU B 190 12.10 -14.47 13.53
N TYR B 191 10.90 -13.97 13.85
CA TYR B 191 9.93 -13.72 12.80
C TYR B 191 10.28 -12.54 11.91
N ILE B 192 11.25 -11.70 12.31
CA ILE B 192 11.56 -10.52 11.52
C ILE B 192 12.37 -10.88 10.27
N ARG B 193 13.16 -11.95 10.33
CA ARG B 193 14.06 -12.25 9.22
C ARG B 193 13.29 -12.50 7.94
N MET B 194 13.55 -11.68 6.94
CA MET B 194 12.92 -11.81 5.62
C MET B 194 13.74 -12.80 4.81
N VAL B 195 13.42 -14.08 4.98
CA VAL B 195 14.08 -15.16 4.27
C VAL B 195 13.01 -16.01 3.59
N GLU B 196 13.44 -16.75 2.57
CA GLU B 196 12.50 -17.59 1.83
C GLU B 196 11.99 -18.73 2.72
N LYS B 197 10.68 -18.96 2.67
CA LYS B 197 10.06 -20.03 3.44
C LYS B 197 9.35 -21.05 2.57
N GLY B 198 9.39 -20.89 1.24
CA GLY B 198 8.75 -21.81 0.34
C GLY B 198 7.34 -21.41 -0.02
N THR B 199 7.01 -21.48 -1.32
CA THR B 199 5.69 -21.15 -1.81
C THR B 199 5.16 -22.31 -2.66
N LEU B 200 3.83 -22.38 -2.76
CA LEU B 200 3.23 -23.41 -3.60
C LEU B 200 3.51 -23.18 -5.08
N ARG B 201 3.99 -22.00 -5.46
CA ARG B 201 4.41 -21.72 -6.82
C ARG B 201 5.93 -21.74 -6.97
N THR B 202 6.65 -22.23 -5.97
CA THR B 202 8.10 -22.37 -6.07
C THR B 202 8.43 -23.65 -6.84
N PHE B 203 9.29 -23.51 -7.85
CA PHE B 203 9.56 -24.59 -8.79
C PHE B 203 10.86 -25.30 -8.45
N GLY B 204 11.33 -26.14 -9.37
CA GLY B 204 12.37 -27.12 -9.11
C GLY B 204 13.78 -26.59 -9.11
N LYS B 205 14.19 -26.00 -7.98
CA LYS B 205 15.57 -25.54 -7.74
C LYS B 205 15.92 -24.35 -8.61
N ASP B 206 15.06 -23.33 -8.61
CA ASP B 206 15.25 -22.12 -9.40
C ASP B 206 15.22 -20.84 -8.56
N VAL B 207 15.32 -20.95 -7.22
CA VAL B 207 15.13 -19.77 -6.37
C VAL B 207 16.26 -18.78 -6.58
N ALA B 208 17.50 -19.22 -6.36
CA ALA B 208 18.63 -18.31 -6.46
C ALA B 208 18.83 -17.72 -7.85
N PRO B 209 18.78 -18.50 -8.96
CA PRO B 209 18.92 -17.87 -10.28
C PRO B 209 17.82 -16.86 -10.59
N VAL B 210 16.57 -17.16 -10.21
CA VAL B 210 15.49 -16.22 -10.46
C VAL B 210 15.69 -14.94 -9.67
N SER B 211 16.09 -15.07 -8.40
CA SER B 211 16.38 -13.88 -7.60
C SER B 211 17.52 -13.07 -8.21
N ALA B 212 18.56 -13.75 -8.68
CA ALA B 212 19.68 -13.05 -9.29
C ALA B 212 19.27 -12.29 -10.55
N PHE B 213 18.46 -12.91 -11.40
CA PHE B 213 18.05 -12.25 -12.63
C PHE B 213 17.13 -11.07 -12.36
N PHE B 214 16.20 -11.24 -11.42
CA PHE B 214 15.35 -10.11 -11.02
C PHE B 214 16.19 -8.97 -10.46
N SER B 215 17.18 -9.30 -9.63
CA SER B 215 18.07 -8.28 -9.08
C SER B 215 18.84 -7.58 -10.18
N ALA B 216 19.29 -8.33 -11.19
CA ALA B 216 20.02 -7.72 -12.30
C ALA B 216 19.15 -6.75 -13.09
N PHE B 217 17.89 -7.14 -13.36
CA PHE B 217 17.00 -6.24 -14.10
C PHE B 217 16.72 -4.96 -13.31
N MET B 218 16.37 -5.10 -12.03
CA MET B 218 16.15 -3.92 -11.23
C MET B 218 17.42 -3.10 -11.06
N SER B 219 18.59 -3.75 -11.07
CA SER B 219 19.85 -3.02 -11.04
C SER B 219 20.03 -2.19 -12.29
N ILE B 220 19.65 -2.74 -13.45
CA ILE B 220 19.66 -1.95 -14.68
C ILE B 220 18.82 -0.69 -14.50
N LEU B 221 17.60 -0.86 -14.00
CA LEU B 221 16.70 0.30 -13.85
C LEU B 221 17.28 1.33 -12.88
N ILE B 222 17.77 0.87 -11.72
CA ILE B 222 18.25 1.78 -10.69
C ILE B 222 19.53 2.47 -11.16
N TYR B 223 20.41 1.75 -11.87
CA TYR B 223 21.59 2.40 -12.43
C TYR B 223 21.21 3.48 -13.42
N PHE B 224 20.23 3.20 -14.28
CA PHE B 224 19.80 4.20 -15.26
C PHE B 224 19.28 5.45 -14.56
N MET B 225 18.51 5.28 -13.49
CA MET B 225 17.96 6.45 -12.81
C MET B 225 19.03 7.20 -12.01
N TRP B 226 19.90 6.47 -11.32
CA TRP B 226 20.89 7.12 -10.48
C TRP B 226 22.02 7.75 -11.27
N HIS B 227 22.24 7.34 -12.52
CA HIS B 227 23.16 8.06 -13.38
C HIS B 227 22.74 9.52 -13.54
N PHE B 228 21.45 9.74 -13.85
CA PHE B 228 20.96 11.10 -13.96
C PHE B 228 20.86 11.78 -12.61
N ILE B 229 20.58 11.03 -11.54
CA ILE B 229 20.60 11.63 -10.21
C ILE B 229 21.98 12.21 -9.90
N GLY B 230 23.03 11.44 -10.17
CA GLY B 230 24.38 11.95 -9.97
C GLY B 230 24.74 13.08 -10.91
N ARG B 231 24.25 13.02 -12.16
CA ARG B 231 24.47 14.12 -13.08
C ARG B 231 23.90 15.42 -12.54
N TRP B 232 22.71 15.36 -11.94
CA TRP B 232 22.17 16.54 -11.27
C TRP B 232 23.03 16.93 -10.08
N PHE B 233 23.47 15.94 -9.28
CA PHE B 233 24.29 16.24 -8.12
C PHE B 233 25.65 16.84 -8.46
N SER B 234 26.09 16.75 -9.72
CA SER B 234 27.38 17.28 -10.13
C SER B 234 27.31 18.70 -10.68
N ASN B 235 26.15 19.36 -10.57
CA ASN B 235 25.99 20.69 -11.15
C ASN B 235 26.82 21.72 -10.39
N GLU B 236 27.46 22.61 -11.14
CA GLU B 236 28.22 23.73 -10.58
C GLU B 236 27.41 25.02 -10.68
N ARG B 237 26.38 25.13 -9.85
CA ARG B 237 25.50 26.29 -9.88
C ARG B 237 25.70 27.17 -8.65
N PHE B 238 25.49 28.48 -8.85
CA PHE B 238 25.59 29.46 -7.78
C PHE B 238 24.25 30.18 -7.63
N LEU B 239 23.81 30.37 -6.39
CA LEU B 239 22.56 31.07 -6.10
C LEU B 239 22.87 32.46 -5.55
N GLN B 240 21.92 33.38 -5.74
CA GLN B 240 22.03 34.74 -5.24
C GLN B 240 21.11 34.99 -4.04
N SER B 241 20.35 34.00 -3.60
CA SER B 241 19.45 34.16 -2.46
C SER B 241 19.14 32.82 -1.82
N HIS C 1 -0.82 -32.81 -13.84
CA HIS C 1 0.52 -32.23 -14.16
C HIS C 1 0.76 -30.91 -13.40
N GLY C 2 1.95 -30.74 -12.80
CA GLY C 2 2.31 -29.48 -12.10
C GLY C 2 2.65 -29.66 -10.64
N GLU C 3 2.49 -30.87 -10.10
CA GLU C 3 2.70 -31.19 -8.66
C GLU C 3 4.17 -31.57 -8.45
N LYS C 4 4.75 -32.31 -9.38
CA LYS C 4 6.16 -32.77 -9.19
C LYS C 4 7.07 -31.56 -8.93
N SER C 5 6.74 -30.40 -9.48
CA SER C 5 7.61 -29.21 -9.36
C SER C 5 7.28 -28.41 -8.09
N GLN C 6 6.19 -28.77 -7.40
CA GLN C 6 5.83 -28.06 -6.14
C GLN C 6 6.71 -28.60 -5.01
N ALA C 7 7.06 -27.75 -4.04
CA ALA C 7 7.89 -28.16 -2.89
C ALA C 7 7.32 -29.39 -2.21
N ALA C 8 8.18 -30.33 -1.84
CA ALA C 8 7.70 -31.58 -1.24
C ALA C 8 6.98 -31.34 0.08
N PHE C 9 7.52 -30.48 0.93
CA PHE C 9 6.89 -30.24 2.22
C PHE C 9 5.55 -29.51 2.07
N MET C 10 5.44 -28.63 1.09
CA MET C 10 4.17 -27.96 0.86
C MET C 10 3.10 -28.96 0.44
N ARG C 11 3.48 -29.92 -0.41
CA ARG C 11 2.56 -30.99 -0.80
C ARG C 11 2.23 -31.90 0.38
N MET C 12 3.18 -32.11 1.28
CA MET C 12 2.95 -32.99 2.42
C MET C 12 2.09 -32.34 3.49
N ARG C 13 2.13 -31.02 3.62
CA ARG C 13 1.58 -30.32 4.78
C ARG C 13 0.34 -29.50 4.47
N THR C 14 -0.32 -29.69 3.32
CA THR C 14 -1.49 -28.83 3.05
C THR C 14 -2.77 -29.64 3.18
N ILE C 15 -3.21 -30.30 2.09
CA ILE C 15 -4.49 -31.06 2.10
C ILE C 15 -4.22 -32.55 1.82
N HIS C 16 -4.88 -33.44 2.55
CA HIS C 16 -4.75 -34.90 2.30
C HIS C 16 -6.05 -35.44 1.71
N TRP C 17 -5.95 -36.10 0.55
CA TRP C 17 -7.13 -36.66 -0.13
C TRP C 17 -7.19 -38.16 0.15
N TYR C 18 -8.21 -38.64 0.86
CA TYR C 18 -8.16 -40.10 1.21
C TYR C 18 -9.03 -40.91 0.25
N ASP C 19 -10.00 -41.70 0.72
CA ASP C 19 -10.59 -42.67 -0.20
C ASP C 19 -11.39 -42.04 -1.33
N LEU C 20 -10.96 -42.33 -2.56
CA LEU C 20 -11.48 -41.73 -3.77
C LEU C 20 -12.02 -42.80 -4.69
N SER C 21 -13.02 -42.44 -5.47
CA SER C 21 -13.60 -43.36 -6.45
C SER C 21 -13.85 -42.62 -7.75
N TRP C 22 -13.65 -43.32 -8.86
CA TRP C 22 -14.02 -42.84 -10.19
C TRP C 22 -15.06 -43.79 -10.76
N SER C 23 -16.20 -43.23 -11.19
CA SER C 23 -17.30 -44.05 -11.66
C SER C 23 -16.91 -44.84 -12.90
N LYS C 24 -16.19 -44.22 -13.82
CA LYS C 24 -15.79 -44.86 -15.07
C LYS C 24 -14.35 -44.51 -15.38
N GLU C 25 -13.68 -45.43 -16.10
CA GLU C 25 -12.35 -45.17 -16.61
C GLU C 25 -12.35 -44.78 -18.09
N LYS C 26 -13.30 -45.29 -18.86
CA LYS C 26 -13.47 -44.93 -20.27
C LYS C 26 -14.91 -44.46 -20.46
N VAL C 27 -15.05 -43.27 -21.04
CA VAL C 27 -16.37 -42.66 -21.24
C VAL C 27 -16.51 -42.25 -22.70
N LYS C 28 -17.76 -42.15 -23.14
CA LYS C 28 -18.05 -41.62 -24.46
C LYS C 28 -18.36 -40.12 -24.35
N ILE C 29 -18.46 -39.47 -25.51
CA ILE C 29 -18.81 -38.05 -25.54
C ILE C 29 -20.22 -37.89 -25.01
N ASN C 30 -20.41 -36.85 -24.19
CA ASN C 30 -21.65 -36.47 -23.49
C ASN C 30 -21.94 -37.37 -22.30
N GLU C 31 -21.10 -38.36 -22.01
CA GLU C 31 -21.27 -39.20 -20.82
C GLU C 31 -20.60 -38.53 -19.63
N THR C 32 -21.08 -38.88 -18.44
CA THR C 32 -20.67 -38.24 -17.20
C THR C 32 -19.79 -39.18 -16.37
N VAL C 33 -18.80 -38.59 -15.71
CA VAL C 33 -17.90 -39.30 -14.79
C VAL C 33 -17.96 -38.61 -13.44
N GLU C 34 -18.08 -39.41 -12.38
CA GLU C 34 -18.19 -38.92 -11.02
C GLU C 34 -16.92 -39.26 -10.25
N ILE C 35 -16.33 -38.24 -9.62
CA ILE C 35 -15.16 -38.41 -8.77
C ILE C 35 -15.55 -37.96 -7.36
N LYS C 36 -15.57 -38.92 -6.44
CA LYS C 36 -15.90 -38.64 -5.04
C LYS C 36 -14.72 -38.97 -4.16
N GLY C 37 -14.69 -38.37 -2.97
CA GLY C 37 -13.63 -38.66 -2.03
C GLY C 37 -13.72 -37.79 -0.80
N LYS C 38 -12.69 -37.87 0.03
CA LYS C 38 -12.59 -37.04 1.22
C LYS C 38 -11.28 -36.28 1.20
N PHE C 39 -11.32 -35.07 1.74
CA PHE C 39 -10.06 -34.28 1.85
C PHE C 39 -9.95 -33.77 3.28
N HIS C 40 -8.76 -33.88 3.87
CA HIS C 40 -8.54 -33.38 5.26
C HIS C 40 -7.58 -32.19 5.22
N VAL C 41 -7.91 -31.14 5.96
CA VAL C 41 -7.03 -29.93 6.02
C VAL C 41 -6.03 -30.14 7.17
N PHE C 42 -4.73 -30.06 6.87
CA PHE C 42 -3.68 -30.33 7.90
C PHE C 42 -3.70 -29.23 8.95
N GLU C 43 -3.57 -29.62 10.21
CA GLU C 43 -3.60 -28.66 11.30
C GLU C 43 -2.41 -27.72 11.25
N GLY C 44 -1.23 -28.24 10.93
CA GLY C 44 -0.03 -27.41 10.81
C GLY C 44 0.08 -26.73 9.46
N TRP C 45 -0.89 -25.87 9.15
CA TRP C 45 -0.93 -25.23 7.85
C TRP C 45 0.31 -24.36 7.66
N PRO C 46 0.98 -24.44 6.49
CA PRO C 46 2.18 -23.63 6.28
C PRO C 46 1.86 -22.15 6.37
N GLU C 47 2.82 -21.38 6.88
CA GLU C 47 2.59 -19.96 7.12
C GLU C 47 2.59 -19.16 5.82
N THR C 48 3.32 -19.61 4.80
CA THR C 48 3.36 -18.91 3.54
C THR C 48 2.10 -19.11 2.70
N VAL C 49 1.26 -20.07 3.05
CA VAL C 49 -0.04 -20.26 2.42
C VAL C 49 -1.09 -19.65 3.33
N ASP C 50 -1.91 -18.77 2.79
CA ASP C 50 -2.98 -18.17 3.57
C ASP C 50 -3.99 -19.25 3.97
N GLU C 51 -4.66 -19.02 5.10
CA GLU C 51 -5.65 -19.97 5.57
C GLU C 51 -6.77 -20.10 4.54
N PRO C 52 -7.33 -21.29 4.37
CA PRO C 52 -8.33 -21.48 3.30
C PRO C 52 -9.66 -20.82 3.61
N ASP C 53 -9.62 -19.53 3.94
CA ASP C 53 -10.85 -18.77 4.13
C ASP C 53 -11.59 -18.59 2.81
N VAL C 54 -10.86 -18.51 1.70
CA VAL C 54 -11.44 -18.42 0.36
C VAL C 54 -10.80 -19.53 -0.45
N ALA C 55 -11.54 -20.63 -0.67
CA ALA C 55 -11.04 -21.77 -1.40
C ALA C 55 -12.04 -22.19 -2.46
N PHE C 56 -11.52 -22.71 -3.57
CA PHE C 56 -12.33 -23.14 -4.70
C PHE C 56 -11.97 -24.58 -5.08
N LEU C 57 -12.98 -25.43 -5.20
CA LEU C 57 -12.76 -26.80 -5.65
C LEU C 57 -12.69 -26.83 -7.17
N ASN C 58 -11.56 -27.28 -7.70
CA ASN C 58 -11.29 -27.18 -9.13
C ASN C 58 -10.90 -28.55 -9.68
N VAL C 59 -10.98 -28.67 -11.00
CA VAL C 59 -10.59 -29.87 -11.73
C VAL C 59 -9.37 -29.54 -12.56
N GLY C 60 -8.30 -30.29 -12.36
CA GLY C 60 -7.06 -30.10 -13.08
C GLY C 60 -6.99 -30.94 -14.34
N MET C 61 -7.00 -30.29 -15.48
CA MET C 61 -6.96 -30.96 -16.78
C MET C 61 -6.47 -29.95 -17.81
N PRO C 62 -5.98 -30.42 -18.97
CA PRO C 62 -5.30 -29.49 -19.90
C PRO C 62 -6.25 -28.52 -20.60
N GLY C 63 -7.49 -28.47 -20.16
CA GLY C 63 -8.47 -27.55 -20.72
C GLY C 63 -9.87 -28.08 -20.56
N PRO C 64 -10.81 -27.51 -21.30
CA PRO C 64 -12.20 -28.00 -21.27
C PRO C 64 -12.41 -29.28 -22.07
N VAL C 65 -11.54 -30.26 -21.86
CA VAL C 65 -11.75 -31.59 -22.41
C VAL C 65 -12.95 -32.24 -21.75
N PHE C 66 -13.20 -31.90 -20.50
CA PHE C 66 -14.47 -32.15 -19.82
C PHE C 66 -15.12 -30.81 -19.50
N ILE C 67 -16.41 -30.86 -19.19
CA ILE C 67 -17.10 -29.72 -18.59
C ILE C 67 -17.59 -30.14 -17.22
N ARG C 68 -17.34 -29.30 -16.22
CA ARG C 68 -17.69 -29.62 -14.85
C ARG C 68 -19.20 -29.40 -14.71
N LYS C 69 -19.97 -30.50 -14.78
CA LYS C 69 -21.41 -30.39 -14.65
C LYS C 69 -21.80 -29.91 -13.27
N GLU C 70 -21.19 -30.45 -12.22
CA GLU C 70 -21.50 -29.98 -10.88
C GLU C 70 -20.39 -30.38 -9.92
N SER C 71 -20.36 -29.69 -8.78
CA SER C 71 -19.39 -29.95 -7.72
C SER C 71 -20.07 -29.73 -6.38
N TYR C 72 -19.87 -30.65 -5.45
CA TYR C 72 -20.49 -30.62 -4.13
C TYR C 72 -19.41 -30.78 -3.07
N ILE C 73 -19.46 -29.92 -2.05
CA ILE C 73 -18.63 -30.05 -0.86
C ILE C 73 -19.58 -30.30 0.31
N GLY C 74 -19.51 -31.50 0.89
CA GLY C 74 -20.41 -31.86 1.96
C GLY C 74 -21.86 -31.94 1.54
N GLY C 75 -22.13 -32.35 0.30
CA GLY C 75 -23.48 -32.46 -0.21
C GLY C 75 -24.09 -31.16 -0.68
N GLN C 76 -23.34 -30.06 -0.67
CA GLN C 76 -23.84 -28.75 -1.06
C GLN C 76 -23.11 -28.30 -2.33
N LEU C 77 -23.88 -27.89 -3.33
CA LEU C 77 -23.30 -27.41 -4.58
C LEU C 77 -22.43 -26.18 -4.31
N VAL C 78 -21.26 -26.14 -4.94
CA VAL C 78 -20.28 -25.09 -4.67
C VAL C 78 -19.81 -24.45 -5.97
N PRO C 79 -20.66 -23.70 -6.69
CA PRO C 79 -20.20 -23.02 -7.90
C PRO C 79 -19.32 -21.82 -7.62
N ARG C 80 -19.26 -21.36 -6.36
CA ARG C 80 -18.46 -20.21 -5.97
C ARG C 80 -17.36 -20.65 -5.02
N SER C 81 -16.51 -19.70 -4.62
CA SER C 81 -15.50 -19.96 -3.62
C SER C 81 -16.15 -20.23 -2.27
N VAL C 82 -15.47 -21.03 -1.45
CA VAL C 82 -16.00 -21.47 -0.17
C VAL C 82 -14.97 -21.20 0.91
N ARG C 83 -15.40 -21.40 2.17
CA ARG C 83 -14.55 -21.22 3.34
C ARG C 83 -14.35 -22.56 4.02
N LEU C 84 -13.09 -22.94 4.23
CA LEU C 84 -12.74 -24.18 4.87
C LEU C 84 -12.00 -23.91 6.18
N GLU C 85 -12.19 -24.80 7.15
CA GLU C 85 -11.58 -24.68 8.46
C GLU C 85 -10.40 -25.62 8.60
N ILE C 86 -9.36 -25.15 9.28
CA ILE C 86 -8.16 -25.95 9.49
C ILE C 86 -8.49 -27.13 10.39
N GLY C 87 -8.06 -28.32 10.00
CA GLY C 87 -8.21 -29.50 10.82
C GLY C 87 -9.51 -30.26 10.64
N LYS C 88 -10.30 -29.93 9.62
CA LYS C 88 -11.57 -30.59 9.39
C LYS C 88 -11.53 -31.41 8.11
N THR C 89 -12.36 -32.44 8.06
CA THR C 89 -12.46 -33.32 6.89
C THR C 89 -13.78 -33.08 6.19
N TYR C 90 -13.73 -33.09 4.85
CA TYR C 90 -14.91 -32.83 4.04
C TYR C 90 -15.04 -33.86 2.94
N ASP C 91 -16.27 -34.33 2.71
CA ASP C 91 -16.57 -35.08 1.50
C ASP C 91 -16.64 -34.13 0.32
N PHE C 92 -16.23 -34.63 -0.85
CA PHE C 92 -16.35 -33.88 -2.09
C PHE C 92 -16.81 -34.81 -3.20
N ARG C 93 -17.58 -34.26 -4.12
CA ARG C 93 -18.06 -34.97 -5.30
C ARG C 93 -17.99 -34.02 -6.49
N VAL C 94 -17.56 -34.54 -7.63
CA VAL C 94 -17.47 -33.75 -8.86
C VAL C 94 -18.03 -34.59 -10.00
N VAL C 95 -19.03 -34.06 -10.70
CA VAL C 95 -19.60 -34.71 -11.87
C VAL C 95 -19.18 -33.91 -13.09
N LEU C 96 -18.46 -34.57 -14.00
CA LEU C 96 -17.93 -33.97 -15.22
C LEU C 96 -18.58 -34.64 -16.43
N LYS C 97 -18.66 -33.89 -17.53
CA LYS C 97 -19.23 -34.38 -18.77
C LYS C 97 -18.17 -34.34 -19.86
N ALA C 98 -18.02 -35.45 -20.57
CA ALA C 98 -16.96 -35.58 -21.58
C ALA C 98 -17.24 -34.68 -22.77
N ARG C 99 -16.21 -33.97 -23.22
CA ARG C 99 -16.33 -33.04 -24.35
C ARG C 99 -15.38 -33.36 -25.49
N ARG C 100 -14.13 -33.72 -25.21
CA ARG C 100 -13.15 -33.94 -26.26
C ARG C 100 -12.53 -35.33 -26.15
N PRO C 101 -12.32 -36.01 -27.27
CA PRO C 101 -11.76 -37.37 -27.20
C PRO C 101 -10.26 -37.36 -26.92
N GLY C 102 -9.79 -38.45 -26.33
CA GLY C 102 -8.39 -38.61 -26.03
C GLY C 102 -8.14 -39.16 -24.64
N ASP C 103 -6.88 -39.31 -24.26
CA ASP C 103 -6.54 -39.79 -22.90
C ASP C 103 -6.21 -38.57 -22.04
N TRP C 104 -6.93 -38.38 -20.94
CA TRP C 104 -6.73 -37.15 -20.14
C TRP C 104 -6.38 -37.50 -18.70
N HIS C 105 -5.36 -36.86 -18.16
CA HIS C 105 -4.98 -37.05 -16.73
C HIS C 105 -5.82 -36.06 -15.93
N VAL C 106 -6.78 -36.57 -15.16
CA VAL C 106 -7.71 -35.65 -14.44
C VAL C 106 -7.39 -35.66 -12.95
N HIS C 107 -7.25 -34.49 -12.35
CA HIS C 107 -6.93 -34.38 -10.90
C HIS C 107 -7.99 -33.56 -10.19
N THR C 108 -8.18 -33.80 -8.90
CA THR C 108 -9.08 -32.94 -8.13
C THR C 108 -8.20 -31.98 -7.39
N MET C 109 -8.54 -30.69 -7.41
CA MET C 109 -7.62 -29.73 -6.77
C MET C 109 -8.36 -28.71 -5.91
N MET C 110 -7.67 -28.13 -4.93
CA MET C 110 -8.26 -27.04 -4.14
C MET C 110 -7.42 -25.79 -4.39
N ASN C 111 -7.96 -24.83 -5.13
CA ASN C 111 -7.25 -23.55 -5.34
C ASN C 111 -7.50 -22.72 -4.07
N VAL C 112 -6.43 -22.24 -3.43
CA VAL C 112 -6.58 -21.47 -2.16
C VAL C 112 -6.05 -20.04 -2.40
N GLN C 113 -6.87 -19.04 -2.09
CA GLN C 113 -6.47 -17.62 -2.33
C GLN C 113 -5.32 -17.25 -1.39
N GLY C 114 -4.26 -16.66 -1.93
CA GLY C 114 -3.08 -16.31 -1.13
C GLY C 114 -2.24 -17.53 -0.84
N GLY C 115 -2.48 -18.62 -1.55
CA GLY C 115 -1.71 -19.85 -1.35
C GLY C 115 -1.27 -20.43 -2.68
N GLY C 116 -2.22 -20.67 -3.58
CA GLY C 116 -1.92 -21.27 -4.89
C GLY C 116 -2.61 -22.59 -5.07
N PRO C 117 -2.14 -23.45 -6.00
CA PRO C 117 -2.81 -24.71 -6.27
C PRO C 117 -2.46 -25.86 -5.34
N ILE C 118 -3.44 -26.67 -4.98
CA ILE C 118 -3.18 -27.89 -4.16
C ILE C 118 -3.73 -29.05 -4.99
N ILE C 119 -2.88 -29.71 -5.76
CA ILE C 119 -3.33 -30.77 -6.70
C ILE C 119 -3.46 -32.11 -5.98
N GLY C 120 -4.52 -32.88 -6.27
CA GLY C 120 -4.69 -34.21 -5.68
C GLY C 120 -4.31 -35.29 -6.67
N PRO C 121 -4.52 -36.59 -6.34
CA PRO C 121 -4.11 -37.66 -7.23
C PRO C 121 -4.74 -37.57 -8.60
N GLY C 122 -3.96 -37.82 -9.67
CA GLY C 122 -4.50 -37.74 -11.01
C GLY C 122 -4.74 -39.13 -11.60
N LYS C 123 -5.82 -39.25 -12.35
CA LYS C 123 -6.22 -40.51 -12.97
C LYS C 123 -6.35 -40.33 -14.47
N TRP C 124 -5.95 -41.34 -15.23
CA TRP C 124 -6.05 -41.32 -16.69
C TRP C 124 -7.43 -41.79 -17.11
N ILE C 125 -8.14 -40.96 -17.88
CA ILE C 125 -9.48 -41.26 -18.35
C ILE C 125 -9.50 -41.12 -19.86
N THR C 126 -10.09 -42.09 -20.55
CA THR C 126 -10.15 -42.11 -21.99
C THR C 126 -11.55 -41.71 -22.46
N VAL C 127 -11.61 -40.78 -23.40
CA VAL C 127 -12.86 -40.30 -23.98
C VAL C 127 -12.88 -40.71 -25.45
N GLU C 128 -13.92 -41.44 -25.84
CA GLU C 128 -14.07 -41.93 -27.20
C GLU C 128 -15.29 -41.29 -27.85
N GLY C 129 -15.12 -40.85 -29.09
CA GLY C 129 -16.18 -40.21 -29.84
C GLY C 129 -15.65 -39.02 -30.59
N SER C 130 -16.56 -38.16 -31.03
CA SER C 130 -16.23 -36.95 -31.78
C SER C 130 -16.67 -35.72 -31.00
N MET C 131 -15.84 -34.68 -31.04
CA MET C 131 -16.17 -33.44 -30.33
C MET C 131 -17.40 -32.77 -30.89
N SER C 132 -17.72 -33.03 -32.17
CA SER C 132 -18.89 -32.41 -32.79
C SER C 132 -20.20 -32.92 -32.19
N GLU C 133 -20.17 -34.05 -31.49
CA GLU C 133 -21.38 -34.60 -30.87
C GLU C 133 -21.67 -33.99 -29.50
N PHE C 134 -20.76 -33.18 -28.95
CA PHE C 134 -20.96 -32.64 -27.62
C PHE C 134 -22.03 -31.57 -27.62
N ARG C 135 -22.95 -31.66 -26.66
CA ARG C 135 -24.02 -30.69 -26.49
C ARG C 135 -24.07 -30.26 -25.03
N ASN C 136 -24.42 -28.98 -24.81
CA ASN C 136 -24.50 -28.41 -23.47
C ASN C 136 -25.83 -27.70 -23.32
N PRO C 137 -26.94 -28.45 -23.18
CA PRO C 137 -28.24 -27.81 -23.06
C PRO C 137 -28.47 -27.22 -21.67
N VAL C 138 -29.04 -26.01 -21.66
CA VAL C 138 -29.37 -25.30 -20.44
C VAL C 138 -30.74 -24.66 -20.62
N THR C 139 -31.62 -24.85 -19.63
CA THR C 139 -32.95 -24.27 -19.65
C THR C 139 -33.00 -23.07 -18.73
N THR C 140 -33.41 -21.92 -19.27
CA THR C 140 -33.45 -20.68 -18.52
C THR C 140 -34.78 -20.53 -17.80
N LEU C 141 -34.82 -19.59 -16.85
CA LEU C 141 -36.04 -19.28 -16.12
C LEU C 141 -37.10 -18.62 -16.98
N THR C 142 -36.74 -18.14 -18.17
CA THR C 142 -37.68 -17.54 -19.10
C THR C 142 -38.37 -18.56 -19.99
N GLY C 143 -38.05 -19.85 -19.84
CA GLY C 143 -38.67 -20.88 -20.64
C GLY C 143 -37.96 -21.23 -21.92
N GLN C 144 -36.70 -20.81 -22.08
CA GLN C 144 -35.93 -21.06 -23.28
C GLN C 144 -34.83 -22.07 -23.00
N THR C 145 -34.69 -23.05 -23.90
CA THR C 145 -33.61 -24.02 -23.85
C THR C 145 -32.58 -23.69 -24.91
N VAL C 146 -31.32 -23.53 -24.49
CA VAL C 146 -30.24 -23.12 -25.38
C VAL C 146 -29.08 -24.09 -25.26
N ASP C 147 -28.19 -24.04 -26.23
CA ASP C 147 -26.97 -24.83 -26.24
C ASP C 147 -25.79 -23.88 -26.02
N LEU C 148 -25.08 -24.08 -24.90
CA LEU C 148 -24.03 -23.15 -24.50
C LEU C 148 -22.81 -23.18 -25.43
N GLU C 149 -22.70 -24.19 -26.30
CA GLU C 149 -21.55 -24.25 -27.20
C GLU C 149 -21.62 -23.14 -28.24
N ASN C 150 -22.81 -22.83 -28.75
CA ASN C 150 -22.97 -21.85 -29.81
C ASN C 150 -23.92 -20.72 -29.48
N TYR C 151 -24.42 -20.65 -28.24
CA TYR C 151 -25.36 -19.60 -27.88
C TYR C 151 -24.71 -18.23 -27.92
N ASN C 152 -25.39 -17.26 -28.53
CA ASN C 152 -24.99 -15.87 -28.63
C ASN C 152 -23.72 -15.65 -29.45
N GLU C 153 -23.26 -16.67 -30.19
CA GLU C 153 -22.06 -16.53 -31.00
C GLU C 153 -22.30 -15.59 -32.18
N GLY C 154 -23.41 -15.79 -32.89
CA GLY C 154 -23.68 -14.99 -34.08
C GLY C 154 -23.90 -13.52 -33.75
N ASN C 155 -24.56 -13.24 -32.63
CA ASN C 155 -24.78 -11.85 -32.22
C ASN C 155 -23.46 -11.15 -31.95
N THR C 156 -22.55 -11.82 -31.22
CA THR C 156 -21.24 -11.24 -30.95
C THR C 156 -20.47 -10.99 -32.22
N TYR C 157 -20.45 -11.99 -33.13
CA TYR C 157 -19.77 -11.80 -34.41
C TYR C 157 -20.36 -10.62 -35.17
N PHE C 158 -21.69 -10.52 -35.22
CA PHE C 158 -22.33 -9.46 -35.98
C PHE C 158 -21.97 -8.09 -35.42
N TRP C 159 -22.06 -7.92 -34.10
CA TRP C 159 -21.81 -6.61 -33.52
C TRP C 159 -20.34 -6.21 -33.65
N HIS C 160 -19.42 -7.16 -33.40
CA HIS C 160 -18.01 -6.84 -33.54
C HIS C 160 -17.65 -6.50 -34.98
N ALA C 161 -18.18 -7.26 -35.94
CA ALA C 161 -17.92 -6.97 -37.35
C ALA C 161 -18.51 -5.63 -37.75
N PHE C 162 -19.70 -5.30 -37.24
CA PHE C 162 -20.33 -4.02 -37.55
C PHE C 162 -19.47 -2.86 -37.06
N TRP C 163 -19.02 -2.91 -35.81
CA TRP C 163 -18.23 -1.80 -35.29
C TRP C 163 -16.86 -1.73 -35.93
N PHE C 164 -16.25 -2.89 -36.23
CA PHE C 164 -14.97 -2.89 -36.93
C PHE C 164 -15.13 -2.29 -38.33
N ALA C 165 -16.22 -2.61 -39.02
CA ALA C 165 -16.47 -2.04 -40.33
C ALA C 165 -16.68 -0.53 -40.25
N ILE C 166 -17.37 -0.06 -39.21
CA ILE C 166 -17.54 1.38 -39.04
C ILE C 166 -16.18 2.07 -38.86
N GLY C 167 -15.33 1.49 -38.00
CA GLY C 167 -14.00 2.07 -37.82
C GLY C 167 -13.16 2.04 -39.09
N VAL C 168 -13.23 0.94 -39.83
CA VAL C 168 -12.49 0.83 -41.08
C VAL C 168 -12.98 1.86 -42.09
N ALA C 169 -14.29 2.07 -42.16
CA ALA C 169 -14.83 3.09 -43.06
C ALA C 169 -14.38 4.48 -42.64
N TRP C 170 -14.36 4.75 -41.34
CA TRP C 170 -13.88 6.06 -40.87
C TRP C 170 -12.43 6.28 -41.26
N ILE C 171 -11.58 5.27 -41.12
CA ILE C 171 -10.18 5.42 -41.51
C ILE C 171 -10.05 5.57 -43.02
N GLY C 172 -10.78 4.74 -43.78
CA GLY C 172 -10.66 4.75 -45.23
C GLY C 172 -11.21 5.99 -45.89
N TYR C 173 -12.14 6.69 -45.23
CA TYR C 173 -12.60 7.97 -45.77
C TYR C 173 -11.46 8.95 -45.88
N TRP C 174 -10.60 9.02 -44.87
CA TRP C 174 -9.41 9.86 -44.92
C TRP C 174 -8.26 9.21 -45.67
N SER C 175 -8.28 7.89 -45.85
CA SER C 175 -7.18 7.20 -46.50
C SER C 175 -7.19 7.32 -48.01
N ARG C 176 -8.23 7.90 -48.61
CA ARG C 176 -8.27 8.06 -50.05
C ARG C 176 -7.35 9.16 -50.56
N ARG C 177 -6.85 10.01 -49.67
CA ARG C 177 -5.99 11.13 -50.01
C ARG C 177 -4.56 10.84 -49.60
N PRO C 178 -3.60 11.67 -50.04
CA PRO C 178 -2.24 11.56 -49.51
C PRO C 178 -2.25 11.66 -47.99
N ILE C 179 -1.44 10.82 -47.35
CA ILE C 179 -1.55 10.55 -45.92
C ILE C 179 -0.46 11.25 -45.12
N PHE C 180 0.80 10.92 -45.37
CA PHE C 180 1.88 11.23 -44.43
C PHE C 180 2.76 12.38 -44.87
N ILE C 181 3.42 12.28 -46.02
CA ILE C 181 4.46 13.25 -46.38
C ILE C 181 3.86 14.58 -46.83
N PRO C 182 2.94 14.61 -47.82
CA PRO C 182 2.41 15.93 -48.21
C PRO C 182 1.68 16.64 -47.10
N ARG C 183 0.93 15.90 -46.27
CA ARG C 183 0.23 16.53 -45.15
C ARG C 183 1.22 17.08 -44.12
N LEU C 184 2.29 16.33 -43.85
CA LEU C 184 3.32 16.82 -42.94
C LEU C 184 3.97 18.10 -43.47
N LEU C 185 4.29 18.13 -44.76
CA LEU C 185 4.88 19.33 -45.34
C LEU C 185 3.92 20.50 -45.29
N MET C 186 2.63 20.27 -45.55
CA MET C 186 1.64 21.34 -45.51
C MET C 186 1.48 21.88 -44.09
N VAL C 187 1.47 21.00 -43.09
CA VAL C 187 1.37 21.44 -41.71
C VAL C 187 2.62 22.24 -41.32
N ASP C 188 3.80 21.77 -41.74
CA ASP C 188 5.02 22.50 -41.44
C ASP C 188 5.03 23.86 -42.15
N ALA C 189 4.49 23.92 -43.36
CA ALA C 189 4.44 25.16 -44.12
C ALA C 189 3.38 26.14 -43.60
N GLY C 190 2.54 25.72 -42.65
CA GLY C 190 1.50 26.56 -42.13
C GLY C 190 0.17 26.47 -42.84
N ARG C 191 -0.02 25.49 -43.73
CA ARG C 191 -1.26 25.31 -44.46
C ARG C 191 -2.12 24.20 -43.87
N ALA C 192 -2.10 24.05 -42.55
CA ALA C 192 -2.88 22.99 -41.90
C ALA C 192 -4.38 23.20 -42.10
N ASP C 193 -4.85 24.44 -42.06
CA ASP C 193 -6.28 24.72 -42.20
C ASP C 193 -6.83 24.28 -43.54
N GLU C 194 -5.97 24.13 -44.56
CA GLU C 194 -6.41 23.66 -45.86
C GLU C 194 -6.61 22.15 -45.91
N LEU C 195 -6.17 21.42 -44.89
CA LEU C 195 -6.26 19.97 -44.92
C LEU C 195 -7.61 19.44 -44.47
N VAL C 196 -8.46 20.27 -43.87
CA VAL C 196 -9.79 19.87 -43.44
C VAL C 196 -10.79 20.86 -44.04
N SER C 197 -11.80 20.34 -44.72
CA SER C 197 -12.82 21.15 -45.38
C SER C 197 -14.13 21.06 -44.62
N ALA C 198 -15.11 21.85 -45.08
CA ALA C 198 -16.44 21.83 -44.47
C ALA C 198 -17.11 20.47 -44.62
N THR C 199 -16.92 19.83 -45.77
CA THR C 199 -17.47 18.50 -45.98
C THR C 199 -16.91 17.49 -44.98
N ASP C 200 -15.61 17.61 -44.66
CA ASP C 200 -15.02 16.75 -43.66
C ASP C 200 -15.65 16.97 -42.29
N ARG C 201 -15.91 18.24 -41.94
CA ARG C 201 -16.55 18.54 -40.66
C ARG C 201 -17.96 17.95 -40.61
N LYS C 202 -18.71 18.07 -41.71
CA LYS C 202 -20.06 17.49 -41.77
C LYS C 202 -20.00 15.97 -41.65
N VAL C 203 -19.00 15.34 -42.29
CA VAL C 203 -18.86 13.89 -42.20
C VAL C 203 -18.54 13.48 -40.77
N ALA C 204 -17.67 14.22 -40.09
CA ALA C 204 -17.35 13.91 -38.70
C ALA C 204 -18.57 14.08 -37.79
N MET C 205 -19.35 15.14 -38.01
CA MET C 205 -20.56 15.34 -37.23
C MET C 205 -21.54 14.19 -37.46
N GLY C 206 -21.71 13.78 -38.72
CA GLY C 206 -22.59 12.67 -39.01
C GLY C 206 -22.11 11.37 -38.38
N PHE C 207 -20.80 11.14 -38.40
CA PHE C 207 -20.26 9.93 -37.78
C PHE C 207 -20.52 9.92 -36.28
N LEU C 208 -20.28 11.05 -35.61
CA LEU C 208 -20.51 11.12 -34.17
C LEU C 208 -21.98 10.91 -33.83
N ALA C 209 -22.87 11.62 -34.54
CA ALA C 209 -24.30 11.49 -34.28
C ALA C 209 -24.79 10.08 -34.55
N ALA C 210 -24.35 9.47 -35.66
CA ALA C 210 -24.75 8.13 -35.99
C ALA C 210 -24.25 7.12 -34.97
N THR C 211 -23.01 7.29 -34.50
CA THR C 211 -22.48 6.39 -33.48
C THR C 211 -23.32 6.45 -32.20
N ILE C 212 -23.59 7.67 -31.72
CA ILE C 212 -24.36 7.80 -30.48
C ILE C 212 -25.76 7.24 -30.66
N LEU C 213 -26.42 7.57 -31.77
CA LEU C 213 -27.79 7.13 -32.01
C LEU C 213 -27.85 5.61 -32.16
N ILE C 214 -26.88 5.02 -32.85
CA ILE C 214 -26.86 3.57 -33.03
C ILE C 214 -26.63 2.87 -31.69
N VAL C 215 -25.74 3.42 -30.86
CA VAL C 215 -25.51 2.81 -29.54
C VAL C 215 -26.79 2.85 -28.72
N VAL C 216 -27.49 3.99 -28.73
CA VAL C 216 -28.70 4.13 -27.94
C VAL C 216 -29.78 3.16 -28.44
N MET C 217 -29.96 3.10 -29.76
CA MET C 217 -30.99 2.22 -30.34
C MET C 217 -30.65 0.76 -30.08
N ALA C 218 -29.38 0.39 -30.17
CA ALA C 218 -28.98 -0.99 -29.91
C ALA C 218 -29.23 -1.36 -28.45
N MET C 219 -28.92 -0.45 -27.52
CA MET C 219 -29.21 -0.71 -26.11
C MET C 219 -30.71 -0.87 -25.88
N SER C 220 -31.52 -0.01 -26.50
CA SER C 220 -32.97 -0.13 -26.34
C SER C 220 -33.49 -1.44 -26.91
N SER C 221 -33.00 -1.84 -28.07
CA SER C 221 -33.44 -3.09 -28.69
C SER C 221 -33.01 -4.29 -27.86
N ALA C 222 -31.80 -4.27 -27.31
CA ALA C 222 -31.35 -5.36 -26.46
C ALA C 222 -32.18 -5.45 -25.19
N ASN C 223 -32.53 -4.29 -24.61
CA ASN C 223 -33.39 -4.30 -23.44
C ASN C 223 -34.77 -4.86 -23.77
N SER C 224 -35.32 -4.50 -24.92
CA SER C 224 -36.63 -5.01 -25.32
C SER C 224 -36.58 -6.51 -25.58
N LYS C 225 -35.50 -7.00 -26.19
CA LYS C 225 -35.40 -8.42 -26.51
C LYS C 225 -35.23 -9.26 -25.24
N TYR C 226 -34.50 -8.73 -24.26
CA TYR C 226 -34.21 -9.46 -23.02
C TYR C 226 -34.62 -8.57 -21.85
N PRO C 227 -35.92 -8.49 -21.55
CA PRO C 227 -36.37 -7.62 -20.46
C PRO C 227 -36.03 -8.15 -19.08
N ILE C 228 -35.63 -9.41 -18.96
CA ILE C 228 -35.32 -10.02 -17.67
C ILE C 228 -33.84 -10.37 -17.67
N THR C 229 -33.05 -9.65 -16.88
CA THR C 229 -31.63 -9.92 -16.74
C THR C 229 -31.24 -9.81 -15.26
N ILE C 230 -30.20 -10.54 -14.90
CA ILE C 230 -29.67 -10.50 -13.53
C ILE C 230 -28.16 -10.26 -13.60
N PRO C 231 -27.55 -9.67 -12.59
CA PRO C 231 -26.10 -9.49 -12.60
C PRO C 231 -25.38 -10.81 -12.36
N LEU C 232 -24.07 -10.78 -12.56
CA LEU C 232 -23.25 -11.95 -12.32
C LEU C 232 -23.30 -12.34 -10.85
N GLN C 233 -23.51 -13.63 -10.59
CA GLN C 233 -23.65 -14.13 -9.23
C GLN C 233 -22.28 -14.51 -8.69
N ALA C 234 -21.87 -13.87 -7.60
CA ALA C 234 -20.56 -14.08 -7.02
C ALA C 234 -20.64 -13.96 -5.51
N GLY C 235 -19.61 -14.46 -4.85
CA GLY C 235 -19.56 -14.42 -3.39
C GLY C 235 -18.89 -15.66 -2.86
N THR C 236 -18.53 -15.59 -1.58
CA THR C 236 -17.91 -16.70 -0.88
C THR C 236 -18.95 -17.37 0.02
N MET C 237 -19.12 -18.68 -0.16
CA MET C 237 -20.16 -19.43 0.56
C MET C 237 -19.55 -20.03 1.82
N ARG C 238 -20.02 -19.56 2.97
CA ARG C 238 -19.59 -20.07 4.26
C ARG C 238 -20.50 -21.22 4.70
N GLY C 239 -20.26 -21.72 5.92
CA GLY C 239 -21.10 -22.74 6.50
C GLY C 239 -21.07 -24.07 5.78
N MET C 240 -19.89 -24.52 5.38
CA MET C 240 -19.74 -25.85 4.82
C MET C 240 -19.72 -26.89 5.93
N LYS C 241 -20.52 -27.93 5.75
CA LYS C 241 -20.67 -28.95 6.79
C LYS C 241 -19.51 -29.93 6.73
N PRO C 242 -18.68 -30.03 7.76
CA PRO C 242 -17.59 -31.00 7.76
C PRO C 242 -18.05 -32.37 8.23
N LEU C 243 -17.16 -33.35 8.09
CA LEU C 243 -17.43 -34.70 8.53
C LEU C 243 -17.26 -34.82 10.04
N GLU C 244 -18.16 -35.55 10.68
CA GLU C 244 -18.05 -35.88 12.10
C GLU C 244 -17.52 -37.31 12.17
N LEU C 245 -16.19 -37.42 12.26
CA LEU C 245 -15.57 -38.76 12.15
C LEU C 245 -15.19 -39.35 13.52
N PRO C 246 -15.21 -40.69 13.65
CA PRO C 246 -14.76 -41.33 14.87
C PRO C 246 -13.32 -40.95 15.19
N ALA C 247 -13.09 -40.41 16.40
CA ALA C 247 -11.70 -40.09 16.81
C ALA C 247 -10.89 -41.39 16.85
N PRO C 248 -9.61 -41.37 16.46
CA PRO C 248 -8.87 -42.61 16.39
C PRO C 248 -8.58 -43.26 17.73
N THR C 249 -9.23 -44.39 18.01
CA THR C 249 -8.86 -45.16 19.18
C THR C 249 -7.39 -45.57 19.17
N VAL C 250 -6.63 -45.13 18.18
CA VAL C 250 -5.22 -45.49 18.03
C VAL C 250 -4.39 -44.22 18.18
N SER C 251 -3.36 -44.28 19.02
CA SER C 251 -2.46 -43.17 19.22
C SER C 251 -1.09 -43.50 18.64
N VAL C 252 -0.55 -42.61 17.82
CA VAL C 252 0.79 -42.87 17.21
C VAL C 252 1.74 -41.68 17.48
N LYS C 253 2.90 -41.94 18.08
CA LYS C 253 3.91 -40.88 18.29
C LYS C 253 5.10 -41.17 17.36
N VAL C 254 5.60 -40.15 16.67
CA VAL C 254 6.76 -40.32 15.76
C VAL C 254 8.03 -40.04 16.56
N GLU C 255 8.78 -41.08 16.93
CA GLU C 255 10.06 -40.87 17.62
C GLU C 255 11.04 -40.19 16.66
N ASP C 256 11.35 -40.84 15.54
CA ASP C 256 12.33 -40.31 14.56
C ASP C 256 11.84 -40.56 13.14
N ALA C 257 12.22 -39.71 12.19
CA ALA C 257 11.85 -39.88 10.78
C ALA C 257 13.05 -39.46 9.93
N THR C 258 13.57 -40.36 9.11
CA THR C 258 14.80 -40.06 8.35
C THR C 258 14.68 -40.54 6.91
N TYR C 259 15.44 -39.94 6.00
CA TYR C 259 15.47 -40.39 4.59
C TYR C 259 16.91 -40.35 4.10
N ARG C 260 17.36 -41.41 3.42
CA ARG C 260 18.71 -41.39 2.81
C ARG C 260 18.67 -40.41 1.63
N VAL C 261 19.66 -39.53 1.52
CA VAL C 261 19.56 -38.47 0.46
C VAL C 261 19.74 -39.08 -0.94
N PRO C 262 20.71 -39.97 -1.23
CA PRO C 262 20.74 -40.60 -2.55
C PRO C 262 19.34 -41.12 -2.90
N GLY C 263 18.96 -42.27 -2.34
CA GLY C 263 17.72 -42.52 -1.57
C GLY C 263 16.42 -42.62 -2.36
N ARG C 264 15.61 -43.66 -2.10
CA ARG C 264 14.28 -43.83 -2.75
C ARG C 264 13.27 -44.23 -1.68
N ALA C 265 13.63 -44.07 -0.40
CA ALA C 265 12.74 -44.55 0.69
C ALA C 265 12.72 -43.57 1.85
N MET C 266 11.86 -43.83 2.84
CA MET C 266 11.81 -42.99 4.07
C MET C 266 11.61 -43.97 5.23
N ARG C 267 12.22 -43.67 6.39
CA ARG C 267 12.14 -44.60 7.53
C ARG C 267 11.66 -43.80 8.75
N MET C 268 10.93 -44.45 9.65
CA MET C 268 10.37 -43.73 10.82
C MET C 268 10.22 -44.68 12.00
N LYS C 269 10.52 -44.21 13.21
CA LYS C 269 10.28 -45.03 14.42
C LYS C 269 8.96 -44.53 14.99
N LEU C 270 8.03 -45.44 15.29
CA LEU C 270 6.69 -45.02 15.74
C LEU C 270 6.30 -45.75 17.00
N THR C 271 5.68 -45.05 17.95
CA THR C 271 5.16 -45.74 19.15
C THR C 271 3.65 -45.75 18.98
N ILE C 272 3.04 -46.93 19.00
CA ILE C 272 1.59 -47.01 18.70
C ILE C 272 0.86 -47.56 19.93
N THR C 273 -0.18 -46.86 20.39
CA THR C 273 -0.99 -47.39 21.51
C THR C 273 -2.38 -47.70 21.02
N ASN C 274 -2.84 -48.92 21.22
CA ASN C 274 -4.23 -49.30 20.85
C ASN C 274 -5.16 -48.95 22.02
N HIS C 275 -6.15 -48.08 21.78
CA HIS C 275 -7.11 -47.75 22.85
C HIS C 275 -8.44 -48.47 22.52
N GLY C 276 -8.38 -49.79 22.29
CA GLY C 276 -9.60 -50.58 22.03
C GLY C 276 -9.72 -51.00 20.58
N ASN C 277 -10.94 -51.06 20.04
CA ASN C 277 -11.18 -51.38 18.59
C ASN C 277 -10.50 -52.71 18.18
N SER C 278 -10.24 -53.61 19.13
CA SER C 278 -9.68 -54.97 18.84
C SER C 278 -8.23 -54.90 18.35
N PRO C 279 -7.48 -56.02 18.29
CA PRO C 279 -6.15 -56.01 17.73
C PRO C 279 -6.13 -55.33 16.38
N ILE C 280 -5.24 -54.36 16.19
CA ILE C 280 -5.18 -53.59 14.92
C ILE C 280 -3.84 -53.84 14.23
N ARG C 281 -3.71 -53.42 12.97
CA ARG C 281 -2.45 -53.58 12.20
C ARG C 281 -2.35 -52.42 11.21
N LEU C 282 -1.16 -51.83 11.04
CA LEU C 282 -0.97 -50.76 10.04
C LEU C 282 -1.07 -51.36 8.64
N GLY C 283 -1.84 -50.73 7.76
CA GLY C 283 -2.03 -51.27 6.41
C GLY C 283 -1.59 -50.29 5.33
N GLU C 284 -1.44 -49.01 5.69
CA GLU C 284 -1.14 -48.02 4.63
C GLU C 284 -0.56 -46.71 5.19
N PHE C 285 0.41 -46.13 4.50
CA PHE C 285 0.93 -44.79 4.89
C PHE C 285 0.72 -43.89 3.67
N TYR C 286 -0.04 -42.81 3.85
CA TYR C 286 -0.28 -41.85 2.75
C TYR C 286 0.56 -40.62 3.02
N THR C 287 1.39 -40.21 2.07
CA THR C 287 2.20 -38.99 2.25
C THR C 287 1.70 -37.91 1.34
N ALA C 288 2.18 -37.86 0.10
CA ALA C 288 1.80 -36.76 -0.81
C ALA C 288 1.18 -37.35 -2.06
N SER C 289 -0.07 -37.84 -1.97
CA SER C 289 -0.76 -38.53 -3.09
C SER C 289 -0.16 -39.94 -3.27
N VAL C 290 0.94 -40.24 -2.60
CA VAL C 290 1.58 -41.59 -2.71
C VAL C 290 1.07 -42.46 -1.56
N ARG C 291 0.60 -43.66 -1.86
CA ARG C 291 0.05 -44.58 -0.85
C ARG C 291 0.96 -45.81 -0.73
N PHE C 292 1.65 -45.97 0.39
CA PHE C 292 2.50 -47.16 0.62
C PHE C 292 1.68 -48.16 1.37
N LEU C 293 1.47 -49.35 0.81
CA LEU C 293 0.53 -50.31 1.46
C LEU C 293 1.26 -51.55 1.97
N ASP C 294 0.70 -52.21 2.98
CA ASP C 294 1.26 -53.50 3.45
C ASP C 294 0.35 -54.59 2.88
N SER C 295 0.77 -55.24 1.81
CA SER C 295 -0.10 -56.23 1.11
C SER C 295 -0.78 -57.21 2.08
N ASP C 296 -0.11 -57.60 3.15
CA ASP C 296 -0.68 -58.64 4.06
C ASP C 296 -1.85 -58.07 4.87
N VAL C 297 -1.92 -56.76 5.02
CA VAL C 297 -2.98 -56.16 5.88
C VAL C 297 -4.08 -55.56 4.99
N TYR C 298 -3.72 -54.91 3.89
CA TYR C 298 -4.74 -54.21 3.07
C TYR C 298 -4.40 -54.28 1.59
N LYS C 299 -5.42 -54.31 0.73
CA LYS C 299 -5.20 -54.27 -0.73
C LYS C 299 -6.17 -53.26 -1.36
N ASP C 300 -5.66 -52.35 -2.19
CA ASP C 300 -6.52 -51.32 -2.85
C ASP C 300 -7.37 -51.99 -3.93
N THR C 301 -8.65 -51.62 -4.01
CA THR C 301 -9.54 -52.14 -5.06
C THR C 301 -10.35 -50.99 -5.58
N THR C 302 -9.73 -49.82 -5.72
CA THR C 302 -10.48 -48.60 -6.13
C THR C 302 -9.89 -48.05 -7.41
N GLY C 303 -8.91 -48.74 -7.98
CA GLY C 303 -8.25 -48.23 -9.20
C GLY C 303 -7.46 -46.98 -8.89
N TYR C 304 -6.72 -46.99 -7.77
CA TYR C 304 -5.88 -45.82 -7.42
C TYR C 304 -4.77 -45.72 -8.44
N PRO C 305 -4.53 -44.53 -9.03
CA PRO C 305 -3.45 -44.37 -9.99
C PRO C 305 -2.24 -45.21 -9.61
N GLU C 306 -1.83 -46.14 -10.48
CA GLU C 306 -0.73 -47.10 -10.16
C GLU C 306 0.62 -46.40 -9.94
N ASP C 307 0.87 -45.29 -10.64
CA ASP C 307 2.12 -44.53 -10.45
C ASP C 307 2.22 -44.00 -9.01
N LEU C 308 1.10 -43.96 -8.29
CA LEU C 308 1.08 -43.40 -6.92
C LEU C 308 0.75 -44.52 -5.91
N LEU C 309 0.57 -45.74 -6.38
CA LEU C 309 0.18 -46.86 -5.49
C LEU C 309 1.35 -47.84 -5.31
N ALA C 310 1.89 -47.94 -4.10
CA ALA C 310 2.96 -48.92 -3.80
C ALA C 310 2.31 -50.07 -3.03
N GLU C 311 1.91 -51.14 -3.72
CA GLU C 311 1.15 -52.24 -3.09
C GLU C 311 1.94 -52.89 -1.93
N ASP C 312 3.27 -52.95 -2.05
CA ASP C 312 4.07 -53.49 -0.92
C ASP C 312 5.21 -52.52 -0.62
N GLY C 313 4.87 -51.25 -0.39
CA GLY C 313 5.89 -50.23 -0.08
C GLY C 313 5.92 -49.92 1.41
N LEU C 314 5.09 -50.60 2.20
CA LEU C 314 5.10 -50.40 3.67
C LEU C 314 5.77 -51.62 4.32
N SER C 315 6.90 -51.40 4.97
CA SER C 315 7.60 -52.49 5.70
C SER C 315 7.62 -52.15 7.19
N VAL C 316 6.80 -52.84 7.98
CA VAL C 316 6.73 -52.58 9.45
C VAL C 316 7.54 -53.67 10.16
N SER C 317 8.52 -53.28 10.97
CA SER C 317 9.33 -54.26 11.74
C SER C 317 8.42 -55.35 12.31
N ASP C 318 7.48 -54.97 13.17
CA ASP C 318 6.50 -55.96 13.71
C ASP C 318 5.09 -55.50 13.38
N ASN C 319 4.46 -56.10 12.36
CA ASN C 319 3.04 -55.76 12.05
C ASN C 319 2.16 -56.93 12.50
N SER C 320 2.20 -57.26 13.79
CA SER C 320 1.32 -58.32 14.34
C SER C 320 0.14 -57.64 15.02
N PRO C 321 -1.03 -58.30 15.17
CA PRO C 321 -2.14 -57.69 15.87
C PRO C 321 -1.67 -56.95 17.12
N LEU C 322 -1.88 -55.63 17.15
CA LEU C 322 -1.51 -54.83 18.35
C LEU C 322 -2.66 -54.92 19.36
N ALA C 323 -2.64 -55.93 20.23
CA ALA C 323 -3.69 -56.11 21.24
C ALA C 323 -4.10 -54.76 21.82
N PRO C 324 -5.41 -54.47 21.96
CA PRO C 324 -5.84 -53.22 22.58
C PRO C 324 -5.06 -52.94 23.85
N GLY C 325 -4.31 -51.84 23.86
CA GLY C 325 -3.51 -51.47 25.05
C GLY C 325 -2.03 -51.63 24.78
N GLU C 326 -1.67 -52.49 23.82
CA GLU C 326 -0.23 -52.76 23.58
C GLU C 326 0.41 -51.47 23.07
N THR C 327 1.59 -51.13 23.60
CA THR C 327 2.31 -49.95 23.11
C THR C 327 3.58 -50.45 22.47
N ARG C 328 3.57 -50.67 21.16
CA ARG C 328 4.75 -51.24 20.49
C ARG C 328 5.52 -50.15 19.74
N THR C 329 6.85 -50.16 19.84
CA THR C 329 7.64 -49.20 19.06
C THR C 329 8.10 -49.95 17.83
N VAL C 330 7.71 -49.49 16.64
CA VAL C 330 8.01 -50.24 15.40
C VAL C 330 8.83 -49.37 14.46
N ASP C 331 9.62 -50.00 13.58
CA ASP C 331 10.37 -49.23 12.57
C ASP C 331 9.70 -49.44 11.21
N VAL C 332 9.04 -48.40 10.70
CA VAL C 332 8.31 -48.52 9.41
C VAL C 332 9.19 -47.98 8.28
N THR C 333 9.17 -48.63 7.11
CA THR C 333 10.00 -48.19 5.97
C THR C 333 9.12 -48.05 4.75
N ALA C 334 8.90 -46.82 4.31
CA ALA C 334 8.08 -46.54 3.11
C ALA C 334 8.99 -46.43 1.89
N SER C 335 8.96 -47.43 1.01
CA SER C 335 9.89 -47.44 -0.14
C SER C 335 9.11 -47.54 -1.47
N ASP C 336 9.50 -46.76 -2.48
CA ASP C 336 8.86 -46.81 -3.82
C ASP C 336 9.53 -45.80 -4.74
N ALA C 337 9.59 -46.10 -6.04
CA ALA C 337 10.18 -45.17 -7.02
C ALA C 337 9.40 -43.86 -7.06
N ALA C 338 8.11 -43.90 -6.68
CA ALA C 338 7.28 -42.67 -6.65
C ALA C 338 7.95 -41.62 -5.76
N TRP C 339 8.65 -42.06 -4.72
CA TRP C 339 9.36 -41.10 -3.84
C TRP C 339 10.28 -40.23 -4.70
N GLU C 340 10.98 -40.85 -5.65
CA GLU C 340 11.91 -40.09 -6.53
C GLU C 340 11.16 -39.55 -7.76
N VAL C 341 10.23 -40.33 -8.31
CA VAL C 341 9.47 -39.90 -9.52
C VAL C 341 8.65 -38.64 -9.19
N TYR C 342 7.97 -38.64 -8.04
CA TYR C 342 7.12 -37.47 -7.65
C TYR C 342 7.99 -36.47 -6.91
N ARG C 343 9.31 -36.61 -7.00
CA ARG C 343 10.25 -35.62 -6.41
C ARG C 343 9.95 -35.34 -4.94
N LEU C 344 9.62 -36.37 -4.16
CA LEU C 344 9.41 -36.19 -2.70
C LEU C 344 10.80 -36.15 -2.06
N SER C 345 11.81 -36.67 -2.78
CA SER C 345 13.20 -36.66 -2.29
C SER C 345 13.79 -35.25 -2.38
N ASP C 346 13.06 -34.31 -2.98
CA ASP C 346 13.53 -32.91 -3.15
C ASP C 346 13.22 -32.12 -1.87
N ILE C 347 12.87 -32.82 -0.78
CA ILE C 347 12.67 -32.14 0.54
C ILE C 347 14.03 -31.61 0.99
N ILE C 348 15.11 -32.05 0.34
CA ILE C 348 16.50 -31.63 0.68
C ILE C 348 16.70 -30.16 0.26
N TYR C 349 15.86 -29.64 -0.64
CA TYR C 349 15.98 -28.25 -1.11
C TYR C 349 14.97 -27.39 -0.38
N ASP C 350 14.15 -28.02 0.47
CA ASP C 350 13.05 -27.27 1.14
C ASP C 350 13.56 -26.46 2.33
N PRO C 351 13.04 -25.23 2.53
CA PRO C 351 13.41 -24.42 3.69
C PRO C 351 12.71 -24.91 4.95
N ASP C 352 11.99 -26.03 4.85
CA ASP C 352 11.31 -26.63 6.04
C ASP C 352 11.29 -28.14 5.86
N SER C 353 12.18 -28.84 6.54
CA SER C 353 12.27 -30.32 6.40
C SER C 353 11.36 -30.99 7.44
N ARG C 354 10.05 -30.80 7.30
CA ARG C 354 9.08 -31.48 8.20
C ARG C 354 8.04 -32.15 7.29
N PHE C 355 7.61 -33.36 7.63
CA PHE C 355 6.61 -34.08 6.80
C PHE C 355 5.31 -34.26 7.56
N ALA C 356 4.24 -34.64 6.85
CA ALA C 356 2.94 -34.97 7.48
C ALA C 356 2.31 -36.04 6.61
N GLY C 357 1.50 -36.93 7.17
CA GLY C 357 0.81 -37.92 6.34
C GLY C 357 -0.28 -38.63 7.11
N LEU C 358 -0.82 -39.71 6.53
CA LEU C 358 -1.94 -40.42 7.19
C LEU C 358 -1.57 -41.90 7.33
N LEU C 359 -1.94 -42.49 8.47
CA LEU C 359 -1.69 -43.93 8.71
C LEU C 359 -3.06 -44.61 8.82
N PHE C 360 -3.22 -45.79 8.23
CA PHE C 360 -4.55 -46.46 8.23
C PHE C 360 -4.42 -47.77 8.98
N PHE C 361 -5.24 -47.95 10.02
CA PHE C 361 -5.15 -49.19 10.86
C PHE C 361 -6.41 -50.01 10.67
N PHE C 362 -6.26 -51.33 10.48
CA PHE C 362 -7.37 -52.23 10.23
C PHE C 362 -7.39 -53.32 11.29
N ASP C 363 -8.59 -53.66 11.76
CA ASP C 363 -8.75 -54.73 12.73
C ASP C 363 -9.06 -56.04 12.00
N ALA C 364 -9.42 -57.08 12.76
CA ALA C 364 -9.76 -58.36 12.15
C ALA C 364 -11.04 -58.26 11.33
N THR C 365 -11.99 -57.45 11.76
CA THR C 365 -13.26 -57.28 11.07
C THR C 365 -13.17 -56.33 9.88
N GLY C 366 -12.05 -55.66 9.70
CA GLY C 366 -11.86 -54.76 8.57
C GLY C 366 -12.19 -53.31 8.83
N ASN C 367 -12.58 -52.94 10.06
CA ASN C 367 -12.84 -51.56 10.39
C ASN C 367 -11.54 -50.75 10.34
N ARG C 368 -11.62 -49.54 9.80
CA ARG C 368 -10.45 -48.73 9.52
C ARG C 368 -10.44 -47.49 10.40
N GLN C 369 -9.29 -47.23 11.01
CA GLN C 369 -9.04 -46.00 11.75
C GLN C 369 -7.95 -45.20 11.06
N VAL C 370 -8.13 -43.88 11.03
CA VAL C 370 -7.19 -42.98 10.38
C VAL C 370 -6.48 -42.18 11.46
N VAL C 371 -5.14 -42.26 11.48
CA VAL C 371 -4.31 -41.52 12.43
C VAL C 371 -3.48 -40.53 11.64
N GLN C 372 -3.32 -39.33 12.18
CA GLN C 372 -2.65 -38.24 11.48
C GLN C 372 -1.32 -37.97 12.17
N ILE C 373 -0.23 -38.02 11.41
CA ILE C 373 1.12 -37.91 11.95
C ILE C 373 1.83 -36.74 11.28
N ASP C 374 2.69 -36.06 12.04
CA ASP C 374 3.53 -34.99 11.53
C ASP C 374 4.81 -34.94 12.35
N ALA C 375 5.93 -34.70 11.68
CA ALA C 375 7.23 -34.75 12.34
C ALA C 375 8.24 -34.01 11.47
N PRO C 376 9.43 -33.73 12.01
CA PRO C 376 10.52 -33.26 11.14
C PRO C 376 11.23 -34.43 10.48
N LEU C 377 11.68 -34.20 9.25
CA LEU C 377 12.32 -35.24 8.44
C LEU C 377 13.80 -34.92 8.32
N ILE C 378 14.65 -35.84 8.76
CA ILE C 378 16.09 -35.64 8.86
C ILE C 378 16.76 -36.42 7.73
N PRO C 379 17.51 -35.75 6.85
CA PRO C 379 18.22 -36.48 5.79
C PRO C 379 19.44 -37.22 6.32
N SER C 380 19.69 -38.40 5.75
CA SER C 380 20.85 -39.21 6.10
C SER C 380 21.81 -39.23 4.91
N PHE C 381 23.08 -38.92 5.17
CA PHE C 381 24.08 -38.85 4.13
C PHE C 381 25.20 -39.87 4.27
N MET C 382 25.44 -40.39 5.46
CA MET C 382 26.51 -41.36 5.67
C MET C 382 26.15 -42.72 5.07
N SER D 1 -5.08 60.14 -21.03
CA SER D 1 -4.61 59.23 -19.99
C SER D 1 -5.77 58.59 -19.24
N ALA D 2 -5.52 57.45 -18.62
CA ALA D 2 -6.57 56.75 -17.87
C ALA D 2 -7.04 57.58 -16.68
N VAL D 3 -6.12 58.20 -15.96
CA VAL D 3 -6.45 59.01 -14.80
C VAL D 3 -6.10 60.45 -15.10
N ARG D 4 -6.80 61.37 -14.43
CA ARG D 4 -6.63 62.80 -14.67
C ARG D 4 -5.70 63.48 -13.67
N SER D 5 -5.38 62.82 -12.56
CA SER D 5 -4.52 63.42 -11.55
C SER D 5 -3.91 62.32 -10.69
N HIS D 6 -2.91 62.70 -9.89
CA HIS D 6 -2.24 61.75 -9.02
C HIS D 6 -3.16 61.29 -7.90
N ALA D 7 -3.98 62.20 -7.35
CA ALA D 7 -4.91 61.83 -6.30
C ALA D 7 -5.96 60.83 -6.80
N GLU D 8 -6.45 61.03 -8.02
CA GLU D 8 -7.38 60.08 -8.60
C GLU D 8 -6.72 58.72 -8.78
N ALA D 9 -5.45 58.70 -9.19
CA ALA D 9 -4.73 57.44 -9.31
C ALA D 9 -4.60 56.74 -7.96
N VAL D 10 -4.32 57.52 -6.91
CA VAL D 10 -4.20 56.94 -5.57
C VAL D 10 -5.53 56.35 -5.12
N GLN D 11 -6.62 57.08 -5.34
CA GLN D 11 -7.94 56.57 -4.95
C GLN D 11 -8.30 55.31 -5.73
N VAL D 12 -8.02 55.29 -7.03
CA VAL D 12 -8.29 54.11 -7.85
C VAL D 12 -7.46 52.94 -7.36
N SER D 13 -6.19 53.18 -7.03
CA SER D 13 -5.33 52.12 -6.51
C SER D 13 -5.85 51.57 -5.20
N ARG D 14 -6.36 52.45 -4.32
CA ARG D 14 -6.92 51.98 -3.06
C ARG D 14 -8.16 51.11 -3.28
N THR D 15 -9.02 51.53 -4.22
CA THR D 15 -10.19 50.72 -4.55
C THR D 15 -9.79 49.36 -5.09
N ILE D 16 -8.80 49.33 -5.98
CA ILE D 16 -8.29 48.07 -6.51
C ILE D 16 -7.72 47.23 -5.38
N ASP D 17 -7.03 47.86 -4.44
CA ASP D 17 -6.46 47.14 -3.31
C ASP D 17 -7.55 46.44 -2.51
N TRP D 18 -8.62 47.16 -2.19
CA TRP D 18 -9.72 46.55 -1.42
C TRP D 18 -10.37 45.41 -2.19
N MET D 19 -10.66 45.63 -3.48
CA MET D 19 -11.33 44.59 -4.25
C MET D 19 -10.45 43.35 -4.43
N ALA D 20 -9.15 43.55 -4.70
CA ALA D 20 -8.25 42.43 -4.84
C ALA D 20 -8.04 41.70 -3.52
N LEU D 21 -8.05 42.44 -2.40
CA LEU D 21 -7.99 41.79 -1.10
C LEU D 21 -9.21 40.90 -0.89
N PHE D 22 -10.40 41.39 -1.25
CA PHE D 22 -11.60 40.57 -1.19
C PHE D 22 -11.45 39.30 -2.02
N VAL D 23 -10.98 39.46 -3.27
CA VAL D 23 -10.88 38.32 -4.18
C VAL D 23 -9.90 37.29 -3.65
N VAL D 24 -8.69 37.74 -3.27
CA VAL D 24 -7.67 36.83 -2.76
C VAL D 24 -8.16 36.14 -1.50
N PHE D 25 -8.74 36.91 -0.57
CA PHE D 25 -9.19 36.35 0.69
C PHE D 25 -10.21 35.24 0.48
N PHE D 26 -11.21 35.49 -0.37
CA PHE D 26 -12.29 34.51 -0.44
C PHE D 26 -11.96 33.34 -1.37
N VAL D 27 -11.13 33.54 -2.40
CA VAL D 27 -10.64 32.40 -3.17
C VAL D 27 -9.78 31.51 -2.29
N ILE D 28 -8.92 32.12 -1.46
CA ILE D 28 -8.13 31.36 -0.50
C ILE D 28 -9.05 30.65 0.49
N VAL D 29 -10.10 31.31 0.95
CA VAL D 29 -11.04 30.68 1.87
C VAL D 29 -11.59 29.41 1.23
N GLY D 30 -12.11 29.51 0.01
CA GLY D 30 -12.69 28.34 -0.64
C GLY D 30 -11.68 27.21 -0.81
N SER D 31 -10.55 27.51 -1.45
CA SER D 31 -9.59 26.44 -1.78
C SER D 31 -8.96 25.86 -0.52
N TYR D 32 -8.49 26.71 0.38
CA TYR D 32 -7.85 26.25 1.60
C TYR D 32 -8.84 25.49 2.47
N HIS D 33 -10.09 25.94 2.53
CA HIS D 33 -11.07 25.23 3.35
C HIS D 33 -11.37 23.85 2.79
N ILE D 34 -11.55 23.73 1.47
CA ILE D 34 -11.84 22.41 0.91
C ILE D 34 -10.65 21.47 1.12
N HIS D 35 -9.43 21.97 0.87
CA HIS D 35 -8.24 21.15 1.10
C HIS D 35 -8.11 20.75 2.56
N ALA D 36 -8.26 21.71 3.47
CA ALA D 36 -8.07 21.47 4.89
C ALA D 36 -9.10 20.49 5.43
N MET D 37 -10.37 20.65 5.05
CA MET D 37 -11.37 19.72 5.56
C MET D 37 -11.15 18.33 4.98
N LEU D 38 -10.96 18.21 3.67
CA LEU D 38 -10.81 16.87 3.10
C LEU D 38 -9.45 16.25 3.41
N THR D 39 -8.53 16.98 4.05
CA THR D 39 -7.29 16.37 4.51
C THR D 39 -7.29 16.05 6.00
N MET D 40 -7.87 16.92 6.85
CA MET D 40 -7.77 16.71 8.29
C MET D 40 -9.04 17.10 9.06
N GLY D 41 -10.23 17.03 8.44
CA GLY D 41 -11.39 17.60 9.09
C GLY D 41 -12.06 16.74 10.12
N ASP D 42 -11.79 15.42 10.10
CA ASP D 42 -12.38 14.55 11.10
C ASP D 42 -11.85 14.87 12.49
N TRP D 43 -10.54 15.15 12.59
CA TRP D 43 -9.99 15.57 13.87
C TRP D 43 -10.46 16.97 14.26
N ASP D 44 -10.74 17.83 13.28
CA ASP D 44 -11.15 19.19 13.56
C ASP D 44 -12.62 19.31 13.93
N PHE D 45 -13.45 18.36 13.51
CA PHE D 45 -14.89 18.47 13.77
C PHE D 45 -15.21 18.22 15.23
N TRP D 46 -14.63 17.18 15.82
CA TRP D 46 -15.06 16.67 17.11
C TRP D 46 -13.96 16.83 18.15
N SER D 47 -14.37 17.10 19.39
CA SER D 47 -13.42 17.28 20.48
C SER D 47 -12.83 15.97 20.97
N ASP D 48 -13.50 14.84 20.75
CA ASP D 48 -12.98 13.54 21.16
C ASP D 48 -12.04 12.95 20.11
N TRP D 49 -11.84 13.62 18.98
CA TRP D 49 -10.80 13.25 18.02
C TRP D 49 -9.50 13.98 18.26
N LYS D 50 -9.49 14.97 19.15
CA LYS D 50 -8.31 15.80 19.38
C LYS D 50 -7.39 15.08 20.36
N ASP D 51 -6.65 14.12 19.84
CA ASP D 51 -5.76 13.28 20.62
C ASP D 51 -4.35 13.86 20.60
N ARG D 52 -3.42 13.12 21.22
CA ARG D 52 -2.04 13.56 21.31
C ARG D 52 -1.16 13.04 20.17
N ARG D 53 -1.55 11.96 19.51
CA ARG D 53 -0.72 11.35 18.48
C ARG D 53 -1.12 11.79 17.06
N LEU D 54 -2.36 11.52 16.66
CA LEU D 54 -2.73 11.70 15.26
C LEU D 54 -3.09 13.14 14.93
N TRP D 55 -3.86 13.80 15.81
CA TRP D 55 -4.24 15.19 15.56
C TRP D 55 -3.01 16.10 15.51
N VAL D 56 -2.17 16.00 16.53
CA VAL D 56 -0.99 16.86 16.64
C VAL D 56 -0.05 16.62 15.46
N THR D 57 0.16 15.36 15.09
CA THR D 57 1.01 15.05 13.94
C THR D 57 0.41 15.59 12.65
N VAL D 58 -0.85 15.25 12.38
CA VAL D 58 -1.40 15.43 11.03
C VAL D 58 -1.70 16.89 10.73
N THR D 59 -2.32 17.61 11.68
CA THR D 59 -2.88 18.91 11.32
C THR D 59 -1.86 19.90 10.77
N PRO D 60 -0.73 20.19 11.45
CA PRO D 60 0.20 21.18 10.88
C PRO D 60 0.79 20.78 9.54
N ILE D 61 1.06 19.49 9.33
CA ILE D 61 1.70 19.04 8.10
C ILE D 61 0.81 19.35 6.91
N VAL D 62 -0.48 19.04 7.02
CA VAL D 62 -1.38 19.27 5.89
C VAL D 62 -1.80 20.74 5.83
N LEU D 63 -1.73 21.48 6.92
CA LEU D 63 -2.15 22.87 6.91
C LEU D 63 -1.03 23.84 6.54
N VAL D 64 0.21 23.38 6.45
CA VAL D 64 1.32 24.25 6.08
C VAL D 64 1.39 24.41 4.56
N THR D 65 0.51 23.72 3.84
CA THR D 65 0.59 23.71 2.38
C THR D 65 0.31 25.09 1.79
N PHE D 66 -0.91 25.61 1.98
CA PHE D 66 -1.27 26.89 1.40
C PHE D 66 -0.43 28.06 1.89
N PRO D 67 -0.12 28.20 3.19
CA PRO D 67 0.72 29.34 3.61
C PRO D 67 2.05 29.41 2.89
N ALA D 68 2.68 28.27 2.60
CA ALA D 68 3.96 28.29 1.90
C ALA D 68 3.83 28.93 0.52
N ALA D 69 2.85 28.49 -0.26
CA ALA D 69 2.65 29.04 -1.60
C ALA D 69 2.26 30.51 -1.56
N VAL D 70 1.35 30.87 -0.65
CA VAL D 70 0.89 32.25 -0.59
C VAL D 70 2.01 33.17 -0.13
N GLN D 71 2.86 32.71 0.78
CA GLN D 71 4.04 33.49 1.17
C GLN D 71 4.99 33.63 -0.01
N SER D 72 5.28 32.53 -0.71
CA SER D 72 6.18 32.56 -1.85
C SER D 72 5.71 33.56 -2.91
N TYR D 73 4.39 33.72 -3.06
CA TYR D 73 3.90 34.71 -3.99
C TYR D 73 3.96 36.12 -3.40
N LEU D 74 3.36 36.32 -2.23
CA LEU D 74 3.17 37.66 -1.70
C LEU D 74 4.48 38.33 -1.32
N TRP D 75 5.34 37.63 -0.57
CA TRP D 75 6.60 38.25 -0.15
C TRP D 75 7.48 38.55 -1.35
N GLU D 76 7.49 37.66 -2.35
CA GLU D 76 8.35 37.85 -3.50
C GLU D 76 7.87 39.00 -4.38
N ARG D 77 6.55 39.12 -4.59
CA ARG D 77 6.05 40.08 -5.56
C ARG D 77 5.64 41.42 -4.96
N TYR D 78 5.18 41.45 -3.71
CA TYR D 78 4.68 42.66 -3.09
C TYR D 78 5.35 43.01 -1.78
N ARG D 79 6.23 42.16 -1.26
CA ARG D 79 6.80 42.30 0.08
C ARG D 79 5.70 42.39 1.13
N LEU D 80 4.65 41.56 0.98
CA LEU D 80 3.57 41.50 1.94
C LEU D 80 3.74 40.27 2.80
N PRO D 81 4.02 40.42 4.09
CA PRO D 81 4.38 39.25 4.91
C PRO D 81 3.21 38.55 5.58
N TRP D 82 1.97 38.78 5.12
CA TRP D 82 0.80 38.27 5.82
C TRP D 82 0.16 37.05 5.17
N GLY D 83 0.86 36.37 4.26
CA GLY D 83 0.26 35.27 3.53
C GLY D 83 -0.23 34.14 4.42
N ALA D 84 0.65 33.67 5.32
CA ALA D 84 0.24 32.60 6.24
C ALA D 84 -0.88 33.05 7.16
N THR D 85 -0.78 34.28 7.66
CA THR D 85 -1.82 34.81 8.53
C THR D 85 -3.16 34.89 7.81
N VAL D 86 -3.15 35.36 6.56
CA VAL D 86 -4.42 35.49 5.82
C VAL D 86 -5.00 34.13 5.52
N CYS D 87 -4.15 33.14 5.21
CA CYS D 87 -4.64 31.78 4.96
C CYS D 87 -5.29 31.21 6.23
N VAL D 88 -4.61 31.35 7.37
CA VAL D 88 -5.13 30.81 8.61
C VAL D 88 -6.42 31.51 8.99
N LEU D 89 -6.47 32.84 8.83
CA LEU D 89 -7.68 33.59 9.18
C LEU D 89 -8.85 33.20 8.30
N GLY D 90 -8.62 33.02 7.00
CA GLY D 90 -9.70 32.60 6.12
C GLY D 90 -10.21 31.21 6.46
N LEU D 91 -9.29 30.27 6.71
CA LEU D 91 -9.70 28.93 7.09
C LEU D 91 -10.51 28.94 8.39
N LEU D 92 -10.05 29.72 9.38
CA LEU D 92 -10.76 29.80 10.65
C LEU D 92 -12.15 30.43 10.46
N LEU D 93 -12.23 31.47 9.64
CA LEU D 93 -13.52 32.11 9.39
C LEU D 93 -14.51 31.14 8.76
N GLY D 94 -14.08 30.44 7.71
CA GLY D 94 -14.96 29.47 7.09
C GLY D 94 -15.38 28.35 8.03
N GLU D 95 -14.42 27.82 8.79
CA GLU D 95 -14.72 26.74 9.72
C GLU D 95 -15.71 27.20 10.78
N TRP D 96 -15.50 28.38 11.36
CA TRP D 96 -16.40 28.88 12.40
C TRP D 96 -17.79 29.16 11.86
N ILE D 97 -17.87 29.71 10.64
CA ILE D 97 -19.17 29.94 10.03
C ILE D 97 -19.92 28.62 9.88
N ASN D 98 -19.23 27.58 9.39
CA ASN D 98 -19.90 26.29 9.24
C ASN D 98 -20.30 25.69 10.59
N ARG D 99 -19.43 25.80 11.60
CA ARG D 99 -19.75 25.23 12.91
C ARG D 99 -20.97 25.91 13.52
N TYR D 100 -21.03 27.25 13.44
CA TYR D 100 -22.12 27.96 14.11
C TYR D 100 -23.42 27.82 13.34
N PHE D 101 -23.38 27.92 12.01
CA PHE D 101 -24.62 27.97 11.24
C PHE D 101 -25.08 26.60 10.74
N ASN D 102 -24.19 25.62 10.67
CA ASN D 102 -24.57 24.29 10.17
C ASN D 102 -24.42 23.20 11.20
N PHE D 103 -23.26 23.09 11.85
CA PHE D 103 -23.07 22.05 12.86
C PHE D 103 -24.00 22.27 14.05
N TRP D 104 -24.18 23.51 14.46
CA TRP D 104 -25.07 23.86 15.58
C TRP D 104 -26.40 24.41 15.12
N GLY D 105 -26.43 25.23 14.06
CA GLY D 105 -27.67 25.84 13.63
C GLY D 105 -28.62 24.87 12.97
N TRP D 106 -28.10 23.80 12.36
CA TRP D 106 -28.92 22.83 11.64
C TRP D 106 -29.10 21.53 12.42
N THR D 107 -28.00 20.88 12.80
CA THR D 107 -28.07 19.59 13.47
C THR D 107 -27.98 19.71 14.99
N TYR D 108 -27.78 20.92 15.52
CA TYR D 108 -27.81 21.19 16.95
C TYR D 108 -26.76 20.38 17.72
N PHE D 109 -25.56 20.28 17.16
CA PHE D 109 -24.42 19.81 17.94
C PHE D 109 -23.87 20.95 18.78
N PRO D 110 -23.65 20.74 20.08
CA PRO D 110 -23.18 21.84 20.94
C PRO D 110 -21.83 22.37 20.47
N ILE D 111 -21.67 23.69 20.59
CA ILE D 111 -20.47 24.35 20.08
C ILE D 111 -19.23 23.86 20.80
N ASN D 112 -19.33 23.60 22.10
CA ASN D 112 -18.19 23.09 22.86
C ASN D 112 -17.77 21.69 22.43
N PHE D 113 -18.61 21.00 21.66
CA PHE D 113 -18.26 19.70 21.09
C PHE D 113 -17.72 19.81 19.66
N VAL D 114 -18.15 20.82 18.92
CA VAL D 114 -17.71 21.03 17.54
C VAL D 114 -17.08 22.42 17.46
N PHE D 115 -15.77 22.49 17.65
CA PHE D 115 -15.04 23.74 17.49
C PHE D 115 -13.75 23.46 16.75
N PRO D 116 -13.25 24.42 15.98
CA PRO D 116 -12.00 24.23 15.25
C PRO D 116 -10.80 24.43 16.17
N ALA D 117 -9.62 24.08 15.64
CA ALA D 117 -8.37 24.23 16.36
C ALA D 117 -7.74 25.59 16.07
N SER D 118 -7.06 26.15 17.07
CA SER D 118 -6.38 27.42 16.90
C SER D 118 -5.14 27.24 16.02
N LEU D 119 -4.94 28.18 15.09
CA LEU D 119 -3.84 28.11 14.15
C LEU D 119 -3.09 29.42 13.97
N VAL D 120 -3.55 30.51 14.60
CA VAL D 120 -2.90 31.82 14.38
C VAL D 120 -1.45 31.84 14.83
N PRO D 121 -1.06 31.31 16.00
CA PRO D 121 0.35 31.43 16.40
C PRO D 121 1.35 30.87 15.40
N GLY D 122 1.04 29.73 14.77
CA GLY D 122 1.96 29.17 13.80
C GLY D 122 2.11 30.06 12.58
N ALA D 123 0.99 30.60 12.08
CA ALA D 123 1.06 31.51 10.95
C ALA D 123 1.84 32.77 11.30
N ILE D 124 1.65 33.30 12.52
CA ILE D 124 2.39 34.47 12.95
C ILE D 124 3.89 34.16 13.00
N ILE D 125 4.25 33.00 13.54
CA ILE D 125 5.66 32.62 13.61
C ILE D 125 6.26 32.53 12.21
N LEU D 126 5.55 31.85 11.30
CA LEU D 126 6.05 31.71 9.93
C LEU D 126 6.22 33.07 9.26
N ASP D 127 5.21 33.94 9.39
CA ASP D 127 5.25 35.24 8.75
C ASP D 127 6.39 36.10 9.30
N THR D 128 6.54 36.12 10.62
CA THR D 128 7.59 36.92 11.24
C THR D 128 8.97 36.39 10.87
N VAL D 129 9.14 35.07 10.83
CA VAL D 129 10.42 34.50 10.44
C VAL D 129 10.76 34.87 9.00
N LEU D 130 9.78 34.76 8.10
CA LEU D 130 10.01 35.13 6.71
C LEU D 130 10.36 36.61 6.58
N MET D 131 9.65 37.47 7.31
CA MET D 131 9.91 38.91 7.21
C MET D 131 11.28 39.28 7.76
N LEU D 132 11.66 38.70 8.90
CA LEU D 132 12.92 39.08 9.55
C LEU D 132 14.12 38.48 8.83
N SER D 133 14.02 37.23 8.38
CA SER D 133 15.16 36.59 7.73
C SER D 133 15.28 36.98 6.26
N GLY D 134 14.15 37.00 5.55
CA GLY D 134 14.16 37.36 4.15
C GLY D 134 14.59 36.27 3.20
N SER D 135 14.88 35.07 3.70
CA SER D 135 15.32 33.95 2.87
C SER D 135 14.35 32.79 3.06
N TYR D 136 14.00 32.13 1.96
CA TYR D 136 13.00 31.07 2.00
C TYR D 136 13.52 29.76 2.58
N LEU D 137 14.83 29.49 2.50
CA LEU D 137 15.35 28.26 3.09
C LEU D 137 15.33 28.32 4.61
N PHE D 138 15.85 29.42 5.18
CA PHE D 138 15.80 29.61 6.63
C PHE D 138 14.37 29.70 7.11
N THR D 139 13.52 30.41 6.35
CA THR D 139 12.10 30.46 6.68
C THR D 139 11.51 29.06 6.71
N ALA D 140 11.71 28.30 5.65
CA ALA D 140 11.25 26.91 5.62
C ALA D 140 11.64 26.19 6.89
N ILE D 141 12.95 26.06 7.14
CA ILE D 141 13.42 25.23 8.24
C ILE D 141 12.87 25.74 9.58
N VAL D 142 13.23 26.96 9.96
CA VAL D 142 12.94 27.43 11.31
C VAL D 142 11.45 27.69 11.49
N GLY D 143 10.83 28.40 10.55
CA GLY D 143 9.42 28.70 10.66
C GLY D 143 8.55 27.45 10.65
N ALA D 144 8.92 26.44 9.85
CA ALA D 144 8.14 25.21 9.85
C ALA D 144 8.34 24.43 11.15
N MET D 145 9.57 24.47 11.70
CA MET D 145 9.77 23.88 13.02
C MET D 145 8.86 24.53 14.05
N GLY D 146 8.82 25.86 14.06
CA GLY D 146 7.95 26.55 15.00
C GLY D 146 6.48 26.29 14.75
N TRP D 147 6.08 26.25 13.48
CA TRP D 147 4.69 25.98 13.12
C TRP D 147 4.25 24.60 13.60
N GLY D 148 5.11 23.60 13.42
CA GLY D 148 4.79 22.27 13.93
C GLY D 148 4.78 22.20 15.45
N LEU D 149 5.73 22.87 16.09
CA LEU D 149 5.87 22.73 17.54
C LEU D 149 4.82 23.51 18.32
N ILE D 150 4.38 24.66 17.80
CA ILE D 150 3.48 25.53 18.57
C ILE D 150 2.02 25.13 18.44
N PHE D 151 1.70 24.11 17.65
CA PHE D 151 0.30 23.78 17.39
C PHE D 151 -0.41 23.29 18.65
N TYR D 152 0.21 22.36 19.37
CA TYR D 152 -0.44 21.76 20.54
C TYR D 152 -0.41 22.67 21.75
N PRO D 153 0.71 23.33 22.09
CA PRO D 153 0.67 24.30 23.18
C PRO D 153 -0.32 25.43 22.95
N GLY D 154 -0.51 25.86 21.70
CA GLY D 154 -1.49 26.90 21.42
C GLY D 154 -2.92 26.46 21.67
N ASN D 155 -3.22 25.18 21.42
CA ASN D 155 -4.57 24.66 21.58
C ASN D 155 -4.82 24.08 22.98
N TRP D 156 -3.78 23.88 23.78
CA TRP D 156 -3.96 23.30 25.10
C TRP D 156 -4.89 24.11 26.01
N PRO D 157 -4.84 25.44 26.07
CA PRO D 157 -5.80 26.17 26.93
C PRO D 157 -7.25 25.90 26.57
N ILE D 158 -7.55 25.53 25.33
CA ILE D 158 -8.93 25.29 24.93
C ILE D 158 -9.37 23.88 25.32
N ILE D 159 -8.54 22.88 25.07
CA ILE D 159 -8.94 21.49 25.29
C ILE D 159 -8.62 20.97 26.68
N ALA D 160 -7.85 21.72 27.47
CA ALA D 160 -7.51 21.29 28.83
C ALA D 160 -8.71 21.04 29.72
N PRO D 161 -9.73 21.92 29.79
CA PRO D 161 -10.90 21.60 30.62
C PRO D 161 -11.68 20.39 30.15
N LEU D 162 -11.50 19.96 28.90
CA LEU D 162 -12.22 18.81 28.37
C LEU D 162 -11.54 17.49 28.68
N HIS D 163 -10.41 17.50 29.38
CA HIS D 163 -9.68 16.28 29.72
C HIS D 163 -9.75 15.95 31.21
N VAL D 164 -10.71 16.51 31.92
CA VAL D 164 -10.88 16.19 33.35
C VAL D 164 -11.48 14.79 33.47
N PRO D 165 -10.85 13.89 34.22
CA PRO D 165 -11.36 12.51 34.30
C PRO D 165 -12.71 12.44 35.00
N VAL D 166 -13.54 11.51 34.53
CA VAL D 166 -14.87 11.28 35.06
C VAL D 166 -15.08 9.78 35.21
N GLU D 167 -15.74 9.38 36.30
CA GLU D 167 -16.14 7.97 36.47
C GLU D 167 -17.56 7.84 35.94
N TYR D 168 -17.66 7.51 34.65
CA TYR D 168 -18.93 7.40 33.96
C TYR D 168 -19.37 5.94 33.97
N ASN D 169 -20.41 5.64 34.75
CA ASN D 169 -21.02 4.31 34.78
C ASN D 169 -19.99 3.22 35.07
N GLY D 170 -19.01 3.53 35.92
CA GLY D 170 -18.01 2.56 36.32
C GLY D 170 -16.74 2.55 35.47
N MET D 171 -16.73 3.29 34.37
CA MET D 171 -15.56 3.34 33.49
C MET D 171 -14.94 4.74 33.50
N LEU D 172 -13.62 4.79 33.41
CA LEU D 172 -12.93 6.07 33.36
C LEU D 172 -13.10 6.67 31.97
N MET D 173 -13.55 7.92 31.92
CA MET D 173 -13.85 8.60 30.67
C MET D 173 -13.32 10.02 30.74
N SER D 174 -13.07 10.59 29.57
CA SER D 174 -12.76 12.01 29.48
C SER D 174 -14.03 12.80 29.21
N ILE D 175 -13.98 14.10 29.50
CA ILE D 175 -15.12 14.96 29.23
C ILE D 175 -15.40 15.01 27.74
N ALA D 176 -14.35 15.08 26.92
CA ALA D 176 -14.52 14.98 25.48
C ALA D 176 -15.03 13.60 25.08
N ASP D 177 -14.56 12.56 25.76
CA ASP D 177 -15.06 11.21 25.48
C ASP D 177 -16.55 11.10 25.80
N ILE D 178 -16.98 11.68 26.93
CA ILE D 178 -18.39 11.66 27.27
C ILE D 178 -19.19 12.50 26.28
N GLN D 179 -18.62 13.60 25.80
CA GLN D 179 -19.27 14.41 24.78
C GLN D 179 -19.50 13.59 23.51
N GLY D 180 -18.48 12.85 23.08
CA GLY D 180 -18.64 11.99 21.92
C GLY D 180 -19.63 10.86 22.15
N TYR D 181 -19.67 10.33 23.36
CA TYR D 181 -20.57 9.23 23.68
C TYR D 181 -22.03 9.69 23.69
N ASN D 182 -22.30 10.80 24.37
CA ASN D 182 -23.69 11.22 24.58
C ASN D 182 -24.33 11.72 23.28
N TYR D 183 -23.62 12.58 22.55
CA TYR D 183 -24.17 13.19 21.34
C TYR D 183 -23.89 12.25 20.18
N VAL D 184 -24.94 11.57 19.72
CA VAL D 184 -24.78 10.45 18.79
C VAL D 184 -24.48 10.97 17.40
N ARG D 185 -23.38 10.51 16.83
CA ARG D 185 -23.06 10.73 15.41
C ARG D 185 -23.40 9.43 14.68
N THR D 186 -24.55 9.43 14.00
CA THR D 186 -25.02 8.20 13.35
C THR D 186 -24.07 7.76 12.25
N GLY D 187 -23.54 8.71 11.49
CA GLY D 187 -22.59 8.38 10.43
C GLY D 187 -21.15 8.28 10.85
N THR D 188 -20.85 8.49 12.14
CA THR D 188 -19.47 8.45 12.64
C THR D 188 -19.40 7.54 13.86
N PRO D 189 -19.27 6.23 13.65
CA PRO D 189 -19.10 5.32 14.78
C PRO D 189 -17.79 5.60 15.52
N GLU D 190 -17.63 4.88 16.64
CA GLU D 190 -16.48 5.11 17.52
C GLU D 190 -15.18 4.57 16.94
N TYR D 191 -15.23 3.48 16.17
CA TYR D 191 -14.00 2.88 15.69
C TYR D 191 -13.29 3.72 14.63
N ILE D 192 -13.95 4.73 14.07
CA ILE D 192 -13.32 5.50 13.00
C ILE D 192 -12.29 6.47 13.55
N ARG D 193 -12.47 6.95 14.79
CA ARG D 193 -11.59 8.00 15.32
C ARG D 193 -10.16 7.52 15.37
N MET D 194 -9.28 8.21 14.64
CA MET D 194 -7.85 7.91 14.63
C MET D 194 -7.20 8.64 15.79
N VAL D 195 -7.22 7.98 16.95
CA VAL D 195 -6.64 8.51 18.17
C VAL D 195 -5.67 7.47 18.72
N GLU D 196 -4.75 7.93 19.55
CA GLU D 196 -3.76 7.02 20.13
C GLU D 196 -4.43 6.07 21.10
N LYS D 197 -4.05 4.78 21.00
CA LYS D 197 -4.59 3.76 21.88
C LYS D 197 -3.52 3.06 22.69
N GLY D 198 -2.26 3.47 22.56
CA GLY D 198 -1.19 2.85 23.30
C GLY D 198 -0.52 1.72 22.56
N THR D 199 0.82 1.70 22.55
CA THR D 199 1.59 0.66 21.91
C THR D 199 2.60 0.09 22.89
N LEU D 200 3.02 -1.15 22.64
CA LEU D 200 4.04 -1.76 23.49
C LEU D 200 5.40 -1.09 23.35
N ARG D 201 5.58 -0.25 22.33
CA ARG D 201 6.78 0.54 22.16
C ARG D 201 6.58 2.00 22.56
N THR D 202 5.46 2.32 23.22
CA THR D 202 5.23 3.67 23.70
C THR D 202 5.95 3.86 25.03
N PHE D 203 6.72 4.94 25.12
CA PHE D 203 7.63 5.16 26.23
C PHE D 203 7.03 6.14 27.24
N GLY D 204 7.87 6.58 28.17
CA GLY D 204 7.43 7.26 29.38
C GLY D 204 7.05 8.72 29.22
N LYS D 205 5.83 8.97 28.74
CA LYS D 205 5.26 10.32 28.64
C LYS D 205 5.94 11.15 27.57
N ASP D 206 6.09 10.58 26.37
CA ASP D 206 6.73 11.26 25.26
C ASP D 206 5.86 11.32 24.01
N VAL D 207 4.56 11.07 24.13
CA VAL D 207 3.70 10.97 22.94
C VAL D 207 3.58 12.32 22.25
N ALA D 208 3.10 13.33 22.99
CA ALA D 208 2.87 14.65 22.39
C ALA D 208 4.15 15.30 21.88
N PRO D 209 5.27 15.35 22.63
CA PRO D 209 6.48 15.94 22.05
C PRO D 209 6.99 15.23 20.80
N VAL D 210 6.93 13.90 20.78
CA VAL D 210 7.39 13.15 19.61
C VAL D 210 6.50 13.47 18.41
N SER D 211 5.18 13.51 18.63
CA SER D 211 4.27 13.86 17.54
C SER D 211 4.54 15.27 17.05
N ALA D 212 4.80 16.21 17.97
CA ALA D 212 5.07 17.59 17.57
C ALA D 212 6.35 17.69 16.75
N PHE D 213 7.40 16.98 17.15
CA PHE D 213 8.66 17.06 16.41
C PHE D 213 8.55 16.41 15.04
N PHE D 214 7.86 15.27 14.96
CA PHE D 214 7.61 14.65 13.65
C PHE D 214 6.81 15.57 12.75
N SER D 215 5.78 16.22 13.31
CA SER D 215 4.99 17.17 12.54
C SER D 215 5.83 18.34 12.07
N ALA D 216 6.75 18.82 12.90
CA ALA D 216 7.61 19.93 12.50
C ALA D 216 8.54 19.53 11.35
N PHE D 217 9.11 18.33 11.41
CA PHE D 217 9.99 17.88 10.33
C PHE D 217 9.23 17.73 9.02
N MET D 218 8.07 17.07 9.07
CA MET D 218 7.27 16.95 7.86
C MET D 218 6.77 18.30 7.37
N SER D 219 6.54 19.24 8.29
CA SER D 219 6.16 20.59 7.91
C SER D 219 7.29 21.28 7.15
N ILE D 220 8.54 21.06 7.59
CA ILE D 220 9.68 21.56 6.84
C ILE D 220 9.64 21.04 5.41
N LEU D 221 9.45 19.72 5.27
CA LEU D 221 9.45 19.12 3.93
C LEU D 221 8.32 19.68 3.07
N ILE D 222 7.11 19.74 3.63
CA ILE D 222 5.95 20.18 2.86
C ILE D 222 6.05 21.66 2.51
N TYR D 223 6.58 22.48 3.42
CA TYR D 223 6.79 23.88 3.10
C TYR D 223 7.78 24.03 1.96
N PHE D 224 8.88 23.25 1.99
CA PHE D 224 9.86 23.34 0.92
C PHE D 224 9.25 22.97 -0.43
N MET D 225 8.40 21.94 -0.46
CA MET D 225 7.81 21.55 -1.74
C MET D 225 6.74 22.54 -2.19
N TRP D 226 5.89 23.01 -1.28
CA TRP D 226 4.80 23.89 -1.67
C TRP D 226 5.28 25.31 -1.99
N HIS D 227 6.46 25.70 -1.53
CA HIS D 227 7.04 26.96 -1.99
C HIS D 227 7.21 26.95 -3.51
N PHE D 228 7.80 25.88 -4.04
CA PHE D 228 7.96 25.76 -5.48
C PHE D 228 6.63 25.51 -6.19
N ILE D 229 5.70 24.81 -5.52
CA ILE D 229 4.37 24.64 -6.10
C ILE D 229 3.71 26.00 -6.32
N GLY D 230 3.76 26.88 -5.32
CA GLY D 230 3.22 28.21 -5.47
C GLY D 230 3.99 29.06 -6.46
N ARG D 231 5.31 28.89 -6.53
CA ARG D 231 6.10 29.58 -7.54
C ARG D 231 5.63 29.23 -8.94
N TRP D 232 5.34 27.94 -9.18
CA TRP D 232 4.74 27.56 -10.46
C TRP D 232 3.36 28.18 -10.63
N PHE D 233 2.54 28.16 -9.57
CA PHE D 233 1.20 28.72 -9.66
C PHE D 233 1.19 30.22 -9.91
N SER D 234 2.30 30.92 -9.70
CA SER D 234 2.37 32.36 -9.88
C SER D 234 2.83 32.76 -11.28
N ASN D 235 2.97 31.81 -12.21
CA ASN D 235 3.49 32.12 -13.54
C ASN D 235 2.50 32.97 -14.34
N GLU D 236 3.03 33.98 -15.03
CA GLU D 236 2.24 34.82 -15.92
C GLU D 236 2.46 34.40 -17.38
N ARG D 237 1.89 33.26 -17.75
CA ARG D 237 2.06 32.72 -19.09
C ARG D 237 0.78 32.81 -19.90
N PHE D 238 0.94 32.98 -21.21
CA PHE D 238 -0.18 33.05 -22.16
C PHE D 238 -0.03 31.94 -23.18
N LEU D 239 -1.14 31.26 -23.48
CA LEU D 239 -1.18 30.20 -24.46
C LEU D 239 -1.86 30.68 -25.74
N GLN D 240 -1.50 30.06 -26.86
CA GLN D 240 -2.09 30.36 -28.15
C GLN D 240 -3.04 29.27 -28.63
N SER D 241 -3.23 28.22 -27.86
CA SER D 241 -4.13 27.14 -28.25
C SER D 241 -4.61 26.35 -27.03
N SER E 1 18.24 14.92 -59.41
CA SER E 1 17.17 14.89 -58.41
C SER E 1 16.77 13.46 -58.09
N ALA E 2 16.16 13.28 -56.91
CA ALA E 2 15.73 11.95 -56.51
C ALA E 2 14.64 11.40 -57.43
N VAL E 3 13.68 12.25 -57.81
CA VAL E 3 12.59 11.86 -58.68
C VAL E 3 12.72 12.61 -60.00
N ARG E 4 12.18 12.00 -61.06
CA ARG E 4 12.29 12.57 -62.40
C ARG E 4 11.07 13.36 -62.83
N SER E 5 9.95 13.24 -62.11
CA SER E 5 8.73 13.93 -62.50
C SER E 5 7.82 14.03 -61.29
N HIS E 6 6.79 14.87 -61.41
CA HIS E 6 5.84 15.06 -60.33
C HIS E 6 5.00 13.80 -60.11
N ALA E 7 4.60 13.13 -61.20
CA ALA E 7 3.82 11.91 -61.07
C ALA E 7 4.61 10.81 -60.36
N GLU E 8 5.91 10.69 -60.68
CA GLU E 8 6.75 9.73 -59.99
C GLU E 8 6.83 10.05 -58.51
N ALA E 9 6.94 11.35 -58.17
CA ALA E 9 6.95 11.74 -56.77
C ALA E 9 5.65 11.37 -56.07
N VAL E 10 4.52 11.57 -56.75
CA VAL E 10 3.22 11.21 -56.16
C VAL E 10 3.13 9.72 -55.92
N GLN E 11 3.57 8.91 -56.90
CA GLN E 11 3.53 7.46 -56.74
C GLN E 11 4.44 7.01 -55.60
N VAL E 12 5.64 7.58 -55.51
CA VAL E 12 6.56 7.24 -54.44
C VAL E 12 5.95 7.62 -53.09
N SER E 13 5.31 8.79 -53.01
CA SER E 13 4.68 9.21 -51.78
C SER E 13 3.55 8.27 -51.38
N ARG E 14 2.77 7.79 -52.36
CA ARG E 14 1.71 6.84 -52.05
C ARG E 14 2.27 5.52 -51.52
N THR E 15 3.36 5.04 -52.14
CA THR E 15 4.00 3.82 -51.64
C THR E 15 4.51 4.00 -50.22
N ILE E 16 5.14 5.14 -49.94
CA ILE E 16 5.61 5.44 -48.59
C ILE E 16 4.42 5.51 -47.63
N ASP E 17 3.30 6.07 -48.09
CA ASP E 17 2.12 6.16 -47.25
C ASP E 17 1.64 4.77 -46.84
N TRP E 18 1.55 3.86 -47.82
CA TRP E 18 1.09 2.50 -47.50
C TRP E 18 2.06 1.79 -46.56
N MET E 19 3.37 1.89 -46.83
CA MET E 19 4.33 1.20 -45.98
C MET E 19 4.35 1.77 -44.57
N ALA E 20 4.31 3.09 -44.44
CA ALA E 20 4.29 3.71 -43.12
C ALA E 20 2.99 3.41 -42.38
N LEU E 21 1.87 3.31 -43.10
CA LEU E 21 0.64 2.88 -42.46
C LEU E 21 0.77 1.47 -41.90
N PHE E 22 1.38 0.57 -42.67
CA PHE E 22 1.64 -0.77 -42.17
C PHE E 22 2.48 -0.74 -40.91
N VAL E 23 3.58 0.04 -40.94
CA VAL E 23 4.50 0.08 -39.81
C VAL E 23 3.80 0.63 -38.57
N VAL E 24 3.13 1.77 -38.70
CA VAL E 24 2.45 2.39 -37.57
C VAL E 24 1.38 1.45 -37.03
N PHE E 25 0.57 0.87 -37.93
CA PHE E 25 -0.52 0.01 -37.49
C PHE E 25 -0.01 -1.17 -36.69
N PHE E 26 1.04 -1.84 -37.17
CA PHE E 26 1.42 -3.07 -36.48
C PHE E 26 2.31 -2.82 -35.26
N VAL E 27 3.10 -1.75 -35.25
CA VAL E 27 3.79 -1.39 -34.01
C VAL E 27 2.78 -1.00 -32.94
N ILE E 28 1.74 -0.25 -33.33
CA ILE E 28 0.67 0.08 -32.40
C ILE E 28 -0.04 -1.19 -31.94
N VAL E 29 -0.27 -2.14 -32.86
CA VAL E 29 -0.90 -3.40 -32.47
C VAL E 29 -0.09 -4.07 -31.37
N GLY E 30 1.21 -4.22 -31.60
CA GLY E 30 2.05 -4.90 -30.60
C GLY E 30 2.03 -4.19 -29.26
N SER E 31 2.37 -2.90 -29.26
CA SER E 31 2.53 -2.19 -27.99
C SER E 31 1.19 -2.03 -27.28
N TYR E 32 0.16 -1.60 -28.00
CA TYR E 32 -1.16 -1.41 -27.39
C TYR E 32 -1.73 -2.73 -26.90
N HIS E 33 -1.51 -3.82 -27.64
CA HIS E 33 -2.03 -5.11 -27.21
C HIS E 33 -1.33 -5.59 -25.95
N ILE E 34 -0.01 -5.46 -25.87
CA ILE E 34 0.68 -5.92 -24.66
C ILE E 34 0.24 -5.08 -23.46
N HIS E 35 0.17 -3.76 -23.64
CA HIS E 35 -0.29 -2.89 -22.55
C HIS E 35 -1.72 -3.22 -22.13
N ALA E 36 -2.60 -3.35 -23.11
CA ALA E 36 -4.02 -3.57 -22.83
C ALA E 36 -4.24 -4.91 -22.14
N MET E 37 -3.59 -5.97 -22.61
CA MET E 37 -3.79 -7.26 -21.95
C MET E 37 -3.21 -7.26 -20.55
N LEU E 38 -1.97 -6.79 -20.38
CA LEU E 38 -1.39 -6.83 -19.05
C LEU E 38 -1.97 -5.78 -18.11
N THR E 39 -2.84 -4.90 -18.59
CA THR E 39 -3.56 -3.99 -17.70
C THR E 39 -4.99 -4.43 -17.40
N MET E 40 -5.72 -4.96 -18.39
CA MET E 40 -7.13 -5.28 -18.17
C MET E 40 -7.59 -6.57 -18.86
N GLY E 41 -6.71 -7.56 -19.08
CA GLY E 41 -7.09 -8.65 -19.94
C GLY E 41 -7.88 -9.75 -19.26
N ASP E 42 -7.85 -9.82 -17.93
CA ASP E 42 -8.63 -10.83 -17.24
C ASP E 42 -10.13 -10.58 -17.42
N TRP E 43 -10.56 -9.31 -17.37
CA TRP E 43 -11.95 -9.00 -17.64
C TRP E 43 -12.30 -9.21 -19.11
N ASP E 44 -11.33 -9.02 -20.00
CA ASP E 44 -11.57 -9.13 -21.44
C ASP E 44 -11.59 -10.57 -21.92
N PHE E 45 -10.93 -11.49 -21.21
CA PHE E 45 -10.85 -12.87 -21.68
C PHE E 45 -12.19 -13.59 -21.52
N TRP E 46 -12.84 -13.43 -20.37
CA TRP E 46 -13.95 -14.28 -19.98
C TRP E 46 -15.24 -13.47 -19.88
N SER E 47 -16.35 -14.09 -20.24
CA SER E 47 -17.64 -13.42 -20.18
C SER E 47 -18.18 -13.30 -18.78
N ASP E 48 -17.75 -14.15 -17.85
CA ASP E 48 -18.19 -14.07 -16.47
C ASP E 48 -17.36 -13.09 -15.64
N TRP E 49 -16.36 -12.46 -16.24
CA TRP E 49 -15.65 -11.35 -15.62
C TRP E 49 -16.23 -9.99 -16.00
N LYS E 50 -17.16 -9.96 -16.97
CA LYS E 50 -17.70 -8.70 -17.48
C LYS E 50 -18.84 -8.27 -16.55
N ASP E 51 -18.45 -7.67 -15.43
CA ASP E 51 -19.38 -7.23 -14.40
C ASP E 51 -19.72 -5.75 -14.61
N ARG E 52 -20.49 -5.22 -13.68
CA ARG E 52 -20.94 -3.84 -13.76
C ARG E 52 -20.02 -2.86 -13.04
N ARG E 53 -19.22 -3.33 -12.07
CA ARG E 53 -18.38 -2.44 -11.27
C ARG E 53 -16.94 -2.37 -11.79
N LEU E 54 -16.24 -3.50 -11.84
CA LEU E 54 -14.80 -3.47 -12.10
C LEU E 54 -14.49 -3.37 -13.58
N TRP E 55 -15.18 -4.15 -14.41
CA TRP E 55 -14.93 -4.11 -15.85
C TRP E 55 -15.22 -2.72 -16.42
N VAL E 56 -16.41 -2.19 -16.12
CA VAL E 56 -16.83 -0.91 -16.67
C VAL E 56 -15.90 0.20 -16.19
N THR E 57 -15.52 0.17 -14.92
CA THR E 57 -14.60 1.18 -14.41
C THR E 57 -13.23 1.06 -15.07
N VAL E 58 -12.65 -0.14 -15.05
CA VAL E 58 -11.22 -0.27 -15.35
C VAL E 58 -10.95 -0.13 -16.84
N THR E 59 -11.76 -0.77 -17.70
CA THR E 59 -11.35 -0.90 -19.10
C THR E 59 -11.12 0.44 -19.80
N PRO E 60 -12.05 1.40 -19.80
CA PRO E 60 -11.77 2.66 -20.54
C PRO E 60 -10.60 3.44 -19.99
N ILE E 61 -10.40 3.43 -18.65
CA ILE E 61 -9.32 4.23 -18.06
C ILE E 61 -7.97 3.75 -18.58
N VAL E 62 -7.75 2.44 -18.60
CA VAL E 62 -6.46 1.92 -19.04
C VAL E 62 -6.38 1.90 -20.57
N LEU E 63 -7.51 1.88 -21.27
CA LEU E 63 -7.47 1.83 -22.73
C LEU E 63 -7.42 3.20 -23.38
N VAL E 64 -7.61 4.28 -22.62
CA VAL E 64 -7.56 5.62 -23.20
C VAL E 64 -6.12 6.10 -23.32
N THR E 65 -5.16 5.28 -22.88
CA THR E 65 -3.77 5.70 -22.83
C THR E 65 -3.21 5.92 -24.24
N PHE E 66 -3.14 4.86 -25.04
CA PHE E 66 -2.56 4.97 -26.37
C PHE E 66 -3.29 5.92 -27.30
N PRO E 67 -4.64 5.93 -27.36
CA PRO E 67 -5.31 6.89 -28.26
C PRO E 67 -4.93 8.33 -27.99
N ALA E 68 -4.73 8.72 -26.73
CA ALA E 68 -4.36 10.11 -26.43
C ALA E 68 -3.03 10.47 -27.08
N ALA E 69 -2.01 9.63 -26.89
CA ALA E 69 -0.69 9.91 -27.46
C ALA E 69 -0.73 9.89 -28.98
N VAL E 70 -1.41 8.90 -29.56
CA VAL E 70 -1.43 8.79 -31.01
C VAL E 70 -2.20 9.95 -31.63
N GLN E 71 -3.26 10.41 -30.97
CA GLN E 71 -3.95 11.61 -31.43
C GLN E 71 -3.05 12.83 -31.33
N SER E 72 -2.37 12.99 -30.19
CA SER E 72 -1.49 14.14 -30.00
C SER E 72 -0.41 14.19 -31.07
N TYR E 73 0.04 13.03 -31.55
CA TYR E 73 1.01 13.03 -32.63
C TYR E 73 0.35 13.29 -33.98
N LEU E 74 -0.67 12.51 -34.33
CA LEU E 74 -1.21 12.51 -35.69
C LEU E 74 -1.93 13.81 -36.00
N TRP E 75 -2.81 14.26 -35.12
CA TRP E 75 -3.55 15.49 -35.41
C TRP E 75 -2.61 16.69 -35.46
N GLU E 76 -1.60 16.72 -34.60
CA GLU E 76 -0.70 17.86 -34.58
C GLU E 76 0.21 17.89 -35.80
N ARG E 77 0.71 16.75 -36.24
CA ARG E 77 1.72 16.74 -37.29
C ARG E 77 1.16 16.54 -38.69
N TYR E 78 0.06 15.81 -38.84
CA TYR E 78 -0.49 15.48 -40.14
C TYR E 78 -1.95 15.88 -40.32
N ARG E 79 -2.61 16.37 -39.28
CA ARG E 79 -4.05 16.61 -39.29
C ARG E 79 -4.82 15.34 -39.64
N LEU E 80 -4.37 14.21 -39.11
CA LEU E 80 -5.03 12.93 -39.33
C LEU E 80 -5.85 12.58 -38.09
N PRO E 81 -7.17 12.57 -38.17
CA PRO E 81 -8.00 12.42 -36.96
C PRO E 81 -8.32 10.99 -36.58
N TRP E 82 -7.60 10.00 -37.09
CA TRP E 82 -7.97 8.60 -36.91
C TRP E 82 -7.12 7.86 -35.88
N GLY E 83 -6.37 8.59 -35.03
CA GLY E 83 -5.45 7.91 -34.12
C GLY E 83 -6.14 6.97 -33.15
N ALA E 84 -7.19 7.46 -32.49
CA ALA E 84 -7.92 6.61 -31.55
C ALA E 84 -8.58 5.44 -32.27
N THR E 85 -9.16 5.70 -33.44
CA THR E 85 -9.79 4.63 -34.22
C THR E 85 -8.77 3.58 -34.63
N VAL E 86 -7.58 4.00 -35.06
CA VAL E 86 -6.58 3.04 -35.51
C VAL E 86 -6.07 2.22 -34.33
N CYS E 87 -5.92 2.87 -33.16
CA CYS E 87 -5.49 2.12 -31.97
C CYS E 87 -6.52 1.07 -31.58
N VAL E 88 -7.79 1.46 -31.55
CA VAL E 88 -8.85 0.53 -31.16
C VAL E 88 -8.96 -0.60 -32.17
N LEU E 89 -8.86 -0.28 -33.46
CA LEU E 89 -8.95 -1.31 -34.49
C LEU E 89 -7.80 -2.30 -34.40
N GLY E 90 -6.58 -1.80 -34.17
CA GLY E 90 -5.45 -2.70 -34.02
C GLY E 90 -5.57 -3.60 -32.80
N LEU E 91 -6.00 -3.03 -31.67
CA LEU E 91 -6.19 -3.84 -30.48
C LEU E 91 -7.26 -4.91 -30.70
N LEU E 92 -8.37 -4.53 -31.34
CA LEU E 92 -9.43 -5.50 -31.60
C LEU E 92 -8.96 -6.58 -32.56
N LEU E 93 -8.19 -6.22 -33.59
CA LEU E 93 -7.69 -7.22 -34.52
C LEU E 93 -6.79 -8.23 -33.82
N GLY E 94 -5.84 -7.73 -33.03
CA GLY E 94 -4.96 -8.64 -32.30
C GLY E 94 -5.72 -9.53 -31.33
N GLU E 95 -6.65 -8.94 -30.58
CA GLU E 95 -7.43 -9.72 -29.62
C GLU E 95 -8.25 -10.81 -30.32
N TRP E 96 -8.92 -10.45 -31.41
CA TRP E 96 -9.75 -11.43 -32.12
C TRP E 96 -8.91 -12.53 -32.74
N ILE E 97 -7.74 -12.18 -33.28
CA ILE E 97 -6.84 -13.20 -33.83
C ILE E 97 -6.46 -14.19 -32.74
N ASN E 98 -6.08 -13.68 -31.56
CA ASN E 98 -5.71 -14.58 -30.47
C ASN E 98 -6.88 -15.43 -30.00
N ARG E 99 -8.07 -14.83 -29.89
CA ARG E 99 -9.23 -15.59 -29.42
C ARG E 99 -9.58 -16.71 -30.39
N TYR E 100 -9.56 -16.43 -31.70
CA TYR E 100 -9.99 -17.44 -32.66
C TYR E 100 -8.93 -18.51 -32.85
N PHE E 101 -7.65 -18.13 -32.93
CA PHE E 101 -6.62 -19.09 -33.28
C PHE E 101 -5.95 -19.73 -32.07
N ASN E 102 -6.04 -19.12 -30.89
CA ASN E 102 -5.38 -19.68 -29.71
C ASN E 102 -6.36 -20.05 -28.61
N PHE E 103 -7.26 -19.15 -28.22
CA PHE E 103 -8.22 -19.47 -27.17
C PHE E 103 -9.17 -20.58 -27.62
N TRP E 104 -9.60 -20.55 -28.88
CA TRP E 104 -10.49 -21.56 -29.43
C TRP E 104 -9.76 -22.58 -30.30
N GLY E 105 -8.77 -22.14 -31.08
CA GLY E 105 -8.10 -23.05 -31.99
C GLY E 105 -7.17 -24.03 -31.28
N TRP E 106 -6.64 -23.64 -30.12
CA TRP E 106 -5.70 -24.46 -29.37
C TRP E 106 -6.34 -25.14 -28.16
N THR E 107 -6.93 -24.37 -27.26
CA THR E 107 -7.50 -24.90 -26.03
C THR E 107 -9.00 -25.16 -26.13
N TYR E 108 -9.62 -24.81 -27.26
CA TYR E 108 -11.02 -25.12 -27.53
C TYR E 108 -11.97 -24.52 -26.49
N PHE E 109 -11.70 -23.28 -26.10
CA PHE E 109 -12.71 -22.52 -25.36
C PHE E 109 -13.72 -21.93 -26.33
N PRO E 110 -15.02 -22.09 -26.08
CA PRO E 110 -16.02 -21.60 -27.03
C PRO E 110 -15.92 -20.08 -27.21
N ILE E 111 -16.15 -19.64 -28.45
CA ILE E 111 -15.97 -18.23 -28.79
C ILE E 111 -16.94 -17.36 -28.01
N ASN E 112 -18.17 -17.83 -27.79
CA ASN E 112 -19.14 -17.07 -27.01
C ASN E 112 -18.74 -16.91 -25.55
N PHE E 113 -17.75 -17.68 -25.08
CA PHE E 113 -17.21 -17.52 -23.74
C PHE E 113 -15.97 -16.65 -23.71
N VAL E 114 -15.20 -16.62 -24.78
CA VAL E 114 -13.98 -15.82 -24.87
C VAL E 114 -14.13 -14.88 -26.06
N PHE E 115 -14.62 -13.67 -25.81
CA PHE E 115 -14.72 -12.64 -26.83
C PHE E 115 -14.30 -11.31 -26.23
N PRO E 116 -13.71 -10.43 -27.04
CA PRO E 116 -13.30 -9.12 -26.54
C PRO E 116 -14.48 -8.16 -26.43
N ALA E 117 -14.23 -7.03 -25.80
CA ALA E 117 -15.23 -5.98 -25.64
C ALA E 117 -15.17 -5.00 -26.80
N SER E 118 -16.34 -4.47 -27.17
CA SER E 118 -16.40 -3.48 -28.23
C SER E 118 -15.83 -2.14 -27.75
N LEU E 119 -15.03 -1.50 -28.60
CA LEU E 119 -14.37 -0.25 -28.26
C LEU E 119 -14.46 0.82 -29.34
N VAL E 120 -15.02 0.50 -30.51
CA VAL E 120 -15.03 1.47 -31.61
C VAL E 120 -15.81 2.73 -31.29
N PRO E 121 -17.01 2.68 -30.68
CA PRO E 121 -17.75 3.94 -30.44
C PRO E 121 -16.98 4.98 -29.65
N GLY E 122 -16.24 4.57 -28.62
CA GLY E 122 -15.48 5.53 -27.84
C GLY E 122 -14.37 6.19 -28.65
N ALA E 123 -13.67 5.40 -29.46
CA ALA E 123 -12.63 5.96 -30.33
C ALA E 123 -13.23 6.91 -31.35
N ILE E 124 -14.39 6.56 -31.90
CA ILE E 124 -15.05 7.43 -32.86
C ILE E 124 -15.44 8.75 -32.20
N ILE E 125 -15.98 8.68 -30.97
CA ILE E 125 -16.37 9.89 -30.26
C ILE E 125 -15.15 10.77 -30.01
N LEU E 126 -14.05 10.17 -29.53
CA LEU E 126 -12.83 10.93 -29.27
C LEU E 126 -12.31 11.59 -30.53
N ASP E 127 -12.24 10.83 -31.62
CA ASP E 127 -11.70 11.33 -32.88
C ASP E 127 -12.55 12.47 -33.42
N THR E 128 -13.88 12.30 -33.42
CA THR E 128 -14.76 13.33 -33.93
C THR E 128 -14.70 14.59 -33.08
N VAL E 129 -14.63 14.44 -31.75
CA VAL E 129 -14.52 15.59 -30.88
C VAL E 129 -13.23 16.35 -31.15
N LEU E 130 -12.11 15.62 -31.29
CA LEU E 130 -10.85 16.28 -31.58
C LEU E 130 -10.88 16.99 -32.92
N MET E 131 -11.47 16.35 -33.94
CA MET E 131 -11.52 16.96 -35.26
C MET E 131 -12.39 18.21 -35.28
N LEU E 132 -13.56 18.15 -34.63
CA LEU E 132 -14.50 19.27 -34.68
C LEU E 132 -14.07 20.43 -33.80
N SER E 133 -13.53 20.14 -32.62
CA SER E 133 -13.14 21.21 -31.71
C SER E 133 -11.76 21.77 -32.04
N GLY E 134 -10.80 20.90 -32.34
CA GLY E 134 -9.46 21.32 -32.68
C GLY E 134 -8.59 21.70 -31.51
N SER E 135 -9.08 21.57 -30.28
CA SER E 135 -8.32 21.90 -29.09
C SER E 135 -8.21 20.67 -28.20
N TYR E 136 -7.01 20.44 -27.65
CA TYR E 136 -6.76 19.24 -26.87
C TYR E 136 -7.37 19.27 -25.47
N LEU E 137 -7.59 20.45 -24.89
CA LEU E 137 -8.22 20.51 -23.57
C LEU E 137 -9.69 20.13 -23.64
N PHE E 138 -10.43 20.74 -24.58
CA PHE E 138 -11.83 20.39 -24.78
C PHE E 138 -11.96 18.95 -25.23
N THR E 139 -11.06 18.51 -26.13
CA THR E 139 -11.06 17.11 -26.53
C THR E 139 -10.87 16.20 -25.33
N ALA E 140 -9.84 16.46 -24.52
CA ALA E 140 -9.62 15.70 -23.30
C ALA E 140 -10.91 15.59 -22.51
N ILE E 141 -11.44 16.72 -22.06
CA ILE E 141 -12.58 16.70 -21.15
C ILE E 141 -13.77 15.97 -21.78
N VAL E 142 -14.30 16.53 -22.87
CA VAL E 142 -15.57 16.03 -23.41
C VAL E 142 -15.41 14.65 -24.04
N GLY E 143 -14.38 14.48 -24.86
CA GLY E 143 -14.17 13.19 -25.51
C GLY E 143 -13.89 12.08 -24.52
N ALA E 144 -13.14 12.37 -23.45
CA ALA E 144 -12.90 11.34 -22.44
C ALA E 144 -14.15 11.03 -21.64
N MET E 145 -14.98 12.04 -21.37
CA MET E 145 -16.28 11.78 -20.76
C MET E 145 -17.10 10.83 -21.63
N GLY E 146 -17.17 11.11 -22.92
CA GLY E 146 -17.92 10.24 -23.82
C GLY E 146 -17.32 8.85 -23.93
N TRP E 147 -15.98 8.77 -23.98
CA TRP E 147 -15.29 7.49 -24.07
C TRP E 147 -15.57 6.63 -22.85
N GLY E 148 -15.55 7.24 -21.66
CA GLY E 148 -15.88 6.49 -20.45
C GLY E 148 -17.35 6.10 -20.38
N LEU E 149 -18.24 6.99 -20.81
CA LEU E 149 -19.68 6.73 -20.65
C LEU E 149 -20.22 5.75 -21.67
N ILE E 150 -19.68 5.73 -22.89
CA ILE E 150 -20.25 4.91 -23.97
C ILE E 150 -19.77 3.48 -23.94
N PHE E 151 -18.86 3.12 -23.02
CA PHE E 151 -18.26 1.79 -23.05
C PHE E 151 -19.29 0.70 -22.76
N TYR E 152 -20.08 0.88 -21.70
CA TYR E 152 -21.02 -0.16 -21.29
C TYR E 152 -22.27 -0.20 -22.18
N PRO E 153 -22.88 0.93 -22.54
CA PRO E 153 -23.99 0.85 -23.50
C PRO E 153 -23.59 0.26 -24.83
N GLY E 154 -22.37 0.49 -25.29
CA GLY E 154 -21.92 -0.11 -26.54
C GLY E 154 -21.80 -1.62 -26.46
N ASN E 155 -21.42 -2.15 -25.31
CA ASN E 155 -21.23 -3.58 -25.13
C ASN E 155 -22.48 -4.29 -24.65
N TRP E 156 -23.50 -3.56 -24.20
CA TRP E 156 -24.71 -4.21 -23.69
C TRP E 156 -25.41 -5.10 -24.70
N PRO E 157 -25.56 -4.74 -25.99
CA PRO E 157 -26.20 -5.68 -26.93
C PRO E 157 -25.49 -7.02 -27.03
N ILE E 158 -24.20 -7.08 -26.74
CA ILE E 158 -23.47 -8.34 -26.84
C ILE E 158 -23.66 -9.20 -25.60
N ILE E 159 -23.56 -8.59 -24.41
CA ILE E 159 -23.60 -9.36 -23.18
C ILE E 159 -25.00 -9.53 -22.61
N ALA E 160 -26.00 -8.82 -23.14
CA ALA E 160 -27.37 -8.93 -22.64
C ALA E 160 -27.93 -10.34 -22.71
N PRO E 161 -27.79 -11.09 -23.81
CA PRO E 161 -28.31 -12.48 -23.80
C PRO E 161 -27.61 -13.39 -22.81
N LEU E 162 -26.41 -13.01 -22.35
CA LEU E 162 -25.67 -13.84 -21.41
C LEU E 162 -26.06 -13.60 -19.95
N HIS E 163 -27.01 -12.71 -19.69
CA HIS E 163 -27.44 -12.40 -18.33
C HIS E 163 -28.85 -12.91 -18.04
N VAL E 164 -29.34 -13.86 -18.83
CA VAL E 164 -30.65 -14.44 -18.57
C VAL E 164 -30.55 -15.35 -17.35
N PRO E 165 -31.38 -15.18 -16.33
CA PRO E 165 -31.27 -16.01 -15.12
C PRO E 165 -31.61 -17.47 -15.40
N VAL E 166 -30.91 -18.35 -14.71
CA VAL E 166 -31.10 -19.79 -14.81
C VAL E 166 -31.12 -20.39 -13.41
N GLU E 167 -31.99 -21.37 -13.19
CA GLU E 167 -31.99 -22.12 -11.94
C GLU E 167 -31.13 -23.36 -12.15
N TYR E 168 -29.84 -23.22 -11.85
CA TYR E 168 -28.86 -24.29 -12.07
C TYR E 168 -28.67 -25.03 -10.76
N ASN E 169 -29.16 -26.28 -10.73
CA ASN E 169 -28.99 -27.19 -9.58
C ASN E 169 -29.44 -26.55 -8.28
N GLY E 170 -30.51 -25.76 -8.33
CA GLY E 170 -31.09 -25.15 -7.16
C GLY E 170 -30.56 -23.77 -6.83
N MET E 171 -29.54 -23.30 -7.54
CA MET E 171 -28.97 -21.98 -7.29
C MET E 171 -29.20 -21.07 -8.48
N LEU E 172 -29.44 -19.79 -8.21
CA LEU E 172 -29.63 -18.81 -9.27
C LEU E 172 -28.27 -18.49 -9.89
N MET E 173 -28.18 -18.60 -11.21
CA MET E 173 -26.93 -18.41 -11.93
C MET E 173 -27.20 -17.58 -13.18
N SER E 174 -26.17 -16.93 -13.67
CA SER E 174 -26.24 -16.27 -14.96
C SER E 174 -25.72 -17.21 -16.05
N ILE E 175 -26.08 -16.91 -17.29
CA ILE E 175 -25.59 -17.72 -18.41
C ILE E 175 -24.08 -17.60 -18.52
N ALA E 176 -23.55 -16.39 -18.32
CA ALA E 176 -22.10 -16.23 -18.26
C ALA E 176 -21.51 -16.95 -17.05
N ASP E 177 -22.22 -16.92 -15.92
CA ASP E 177 -21.76 -17.64 -14.74
C ASP E 177 -21.72 -19.15 -15.00
N ILE E 178 -22.74 -19.69 -15.68
CA ILE E 178 -22.74 -21.11 -16.02
C ILE E 178 -21.63 -21.41 -17.03
N GLN E 179 -21.36 -20.49 -17.95
CA GLN E 179 -20.26 -20.67 -18.88
C GLN E 179 -18.93 -20.76 -18.15
N GLY E 180 -18.71 -19.88 -17.17
CA GLY E 180 -17.50 -19.95 -16.38
C GLY E 180 -17.43 -21.21 -15.53
N TYR E 181 -18.57 -21.67 -15.02
CA TYR E 181 -18.60 -22.86 -14.18
C TYR E 181 -18.29 -24.12 -14.99
N ASN E 182 -18.95 -24.29 -16.15
CA ASN E 182 -18.84 -25.53 -16.89
C ASN E 182 -17.46 -25.69 -17.52
N TYR E 183 -16.96 -24.65 -18.18
CA TYR E 183 -15.70 -24.71 -18.91
C TYR E 183 -14.59 -24.40 -17.92
N VAL E 184 -13.85 -25.43 -17.52
CA VAL E 184 -12.93 -25.34 -16.39
C VAL E 184 -11.67 -24.59 -16.82
N ARG E 185 -11.35 -23.52 -16.09
CA ARG E 185 -10.07 -22.83 -16.21
C ARG E 185 -9.21 -23.29 -15.05
N THR E 186 -8.28 -24.20 -15.32
CA THR E 186 -7.47 -24.78 -14.25
C THR E 186 -6.60 -23.73 -13.58
N GLY E 187 -6.04 -22.80 -14.35
CA GLY E 187 -5.23 -21.75 -13.79
C GLY E 187 -5.97 -20.51 -13.34
N THR E 188 -7.30 -20.49 -13.48
CA THR E 188 -8.11 -19.33 -13.10
C THR E 188 -9.26 -19.78 -12.21
N PRO E 189 -9.01 -19.94 -10.91
CA PRO E 189 -10.10 -20.26 -9.98
C PRO E 189 -11.15 -19.15 -9.93
N GLU E 190 -12.22 -19.44 -9.21
CA GLU E 190 -13.36 -18.53 -9.15
C GLU E 190 -13.09 -17.30 -8.29
N TYR E 191 -12.26 -17.42 -7.26
CA TYR E 191 -12.06 -16.29 -6.36
C TYR E 191 -11.24 -15.16 -6.99
N ILE E 192 -10.60 -15.40 -8.12
CA ILE E 192 -9.75 -14.37 -8.72
C ILE E 192 -10.59 -13.29 -9.41
N ARG E 193 -11.77 -13.65 -9.91
CA ARG E 193 -12.55 -12.70 -10.71
C ARG E 193 -12.92 -11.48 -9.89
N MET E 194 -12.45 -10.31 -10.34
CA MET E 194 -12.76 -9.04 -9.69
C MET E 194 -14.08 -8.54 -10.25
N VAL E 195 -15.17 -9.00 -9.62
CA VAL E 195 -16.51 -8.61 -9.99
C VAL E 195 -17.23 -8.09 -8.74
N GLU E 196 -18.28 -7.31 -8.97
CA GLU E 196 -19.02 -6.76 -7.85
C GLU E 196 -19.75 -7.85 -7.09
N LYS E 197 -19.67 -7.79 -5.76
CA LYS E 197 -20.33 -8.75 -4.90
C LYS E 197 -21.34 -8.11 -3.96
N GLY E 198 -21.54 -6.81 -4.04
CA GLY E 198 -22.47 -6.12 -3.18
C GLY E 198 -21.85 -5.58 -1.92
N THR E 199 -22.16 -4.34 -1.57
CA THR E 199 -21.65 -3.70 -0.36
C THR E 199 -22.83 -3.14 0.44
N LEU E 200 -22.62 -2.98 1.74
CA LEU E 200 -23.64 -2.38 2.59
C LEU E 200 -23.86 -0.90 2.26
N ARG E 201 -22.96 -0.28 1.51
CA ARG E 201 -23.13 1.09 1.04
C ARG E 201 -23.54 1.14 -0.43
N THR E 202 -23.93 0.01 -1.01
CA THR E 202 -24.43 0.00 -2.38
C THR E 202 -25.90 0.41 -2.38
N PHE E 203 -26.23 1.37 -3.24
CA PHE E 203 -27.53 2.02 -3.24
C PHE E 203 -28.42 1.44 -4.34
N GLY E 204 -29.55 2.10 -4.57
CA GLY E 204 -30.65 1.56 -5.34
C GLY E 204 -30.49 1.60 -6.85
N LYS E 205 -29.75 0.62 -7.39
CA LYS E 205 -29.60 0.43 -8.83
C LYS E 205 -28.77 1.55 -9.47
N ASP E 206 -27.61 1.83 -8.87
CA ASP E 206 -26.73 2.88 -9.37
C ASP E 206 -25.30 2.38 -9.64
N VAL E 207 -25.09 1.06 -9.72
CA VAL E 207 -23.74 0.53 -9.82
C VAL E 207 -23.12 0.91 -11.16
N ALA E 208 -23.77 0.52 -12.26
CA ALA E 208 -23.21 0.78 -13.59
C ALA E 208 -23.05 2.26 -13.91
N PRO E 209 -24.05 3.13 -13.67
CA PRO E 209 -23.82 4.56 -13.94
C PRO E 209 -22.69 5.17 -13.12
N VAL E 210 -22.58 4.79 -11.85
CA VAL E 210 -21.50 5.33 -11.01
C VAL E 210 -20.14 4.87 -11.53
N SER E 211 -20.04 3.58 -11.89
CA SER E 211 -18.80 3.07 -12.46
C SER E 211 -18.46 3.80 -13.76
N ALA E 212 -19.46 4.04 -14.61
CA ALA E 212 -19.22 4.73 -15.87
C ALA E 212 -18.73 6.15 -15.65
N PHE E 213 -19.34 6.88 -14.70
CA PHE E 213 -18.92 8.26 -14.46
C PHE E 213 -17.52 8.32 -13.85
N PHE E 214 -17.22 7.42 -12.92
CA PHE E 214 -15.87 7.36 -12.37
C PHE E 214 -14.85 7.04 -13.46
N SER E 215 -15.19 6.10 -14.35
CA SER E 215 -14.30 5.78 -15.46
C SER E 215 -14.11 6.98 -16.37
N ALA E 216 -15.17 7.75 -16.62
CA ALA E 216 -15.05 8.92 -17.48
C ALA E 216 -14.13 9.97 -16.86
N PHE E 217 -14.26 10.21 -15.55
CA PHE E 217 -13.39 11.19 -14.89
C PHE E 217 -11.93 10.75 -14.93
N MET E 218 -11.66 9.49 -14.58
CA MET E 218 -10.28 9.01 -14.65
C MET E 218 -9.78 8.98 -16.08
N SER E 219 -10.67 8.77 -17.05
CA SER E 219 -10.28 8.84 -18.45
C SER E 219 -9.86 10.25 -18.84
N ILE E 220 -10.57 11.26 -18.31
CA ILE E 220 -10.13 12.64 -18.52
C ILE E 220 -8.70 12.82 -18.01
N LEU E 221 -8.45 12.36 -16.78
CA LEU E 221 -7.12 12.54 -16.20
C LEU E 221 -6.04 11.82 -17.01
N ILE E 222 -6.31 10.57 -17.38
CA ILE E 222 -5.30 9.76 -18.08
C ILE E 222 -5.08 10.30 -19.49
N TYR E 223 -6.13 10.78 -20.16
CA TYR E 223 -5.96 11.41 -21.46
C TYR E 223 -5.09 12.65 -21.34
N PHE E 224 -5.34 13.47 -20.32
CA PHE E 224 -4.54 14.68 -20.16
C PHE E 224 -3.06 14.35 -19.94
N MET E 225 -2.77 13.31 -19.16
CA MET E 225 -1.37 12.97 -18.92
C MET E 225 -0.73 12.31 -20.14
N TRP E 226 -1.44 11.41 -20.81
CA TRP E 226 -0.85 10.70 -21.94
C TRP E 226 -0.73 11.56 -23.18
N HIS E 227 -1.48 12.66 -23.27
CA HIS E 227 -1.24 13.62 -24.35
C HIS E 227 0.19 14.15 -24.30
N PHE E 228 0.63 14.57 -23.11
CA PHE E 228 2.00 15.05 -22.95
C PHE E 228 3.00 13.90 -23.04
N ILE E 229 2.62 12.70 -22.58
CA ILE E 229 3.50 11.55 -22.75
C ILE E 229 3.80 11.32 -24.23
N GLY E 230 2.76 11.33 -25.07
CA GLY E 230 2.97 11.19 -26.50
C GLY E 230 3.71 12.35 -27.12
N ARG E 231 3.46 13.57 -26.62
CA ARG E 231 4.21 14.72 -27.10
C ARG E 231 5.71 14.54 -26.86
N TRP E 232 6.08 14.01 -25.69
CA TRP E 232 7.48 13.67 -25.46
C TRP E 232 7.94 12.56 -26.40
N PHE E 233 7.11 11.54 -26.60
CA PHE E 233 7.48 10.43 -27.47
C PHE E 233 7.64 10.84 -28.93
N SER E 234 7.14 12.00 -29.32
CA SER E 234 7.22 12.46 -30.71
C SER E 234 8.44 13.35 -30.98
N ASN E 235 9.36 13.46 -30.02
CA ASN E 235 10.50 14.35 -30.17
C ASN E 235 11.47 13.83 -31.24
N GLU E 236 11.96 14.73 -32.08
CA GLU E 236 12.98 14.41 -33.09
C GLU E 236 14.36 14.88 -32.63
N ARG E 237 14.91 14.15 -31.66
CA ARG E 237 16.20 14.51 -31.07
C ARG E 237 17.29 13.52 -31.49
N PHE E 238 18.51 14.03 -31.61
CA PHE E 238 19.68 13.24 -31.95
C PHE E 238 20.70 13.35 -30.82
N LEU E 239 21.29 12.21 -30.45
CA LEU E 239 22.32 12.17 -29.42
C LEU E 239 23.69 11.95 -30.05
N GLN E 240 24.72 12.42 -29.35
CA GLN E 240 26.11 12.25 -29.79
C GLN E 240 26.86 11.21 -28.96
N SER E 241 26.21 10.58 -27.99
CA SER E 241 26.86 9.57 -27.17
C SER E 241 25.84 8.63 -26.54
N HIS F 1 15.44 -5.36 31.67
CA HIS F 1 15.40 -3.89 31.44
C HIS F 1 14.54 -3.51 30.23
N GLY F 2 13.67 -2.50 30.34
CA GLY F 2 12.85 -2.02 29.21
C GLY F 2 11.35 -2.10 29.46
N GLU F 3 10.93 -2.68 30.59
CA GLU F 3 9.51 -2.90 30.95
C GLU F 3 8.98 -1.66 31.67
N LYS F 4 9.78 -1.06 32.54
CA LYS F 4 9.29 0.09 33.34
C LYS F 4 8.77 1.18 32.40
N SER F 5 9.32 1.29 31.20
CA SER F 5 8.93 2.37 30.26
C SER F 5 7.72 1.94 29.40
N GLN F 6 7.33 0.67 29.47
CA GLN F 6 6.15 0.20 28.69
C GLN F 6 4.87 0.62 29.42
N ALA F 7 3.81 0.92 28.67
CA ALA F 7 2.52 1.34 29.28
C ALA F 7 2.05 0.33 30.32
N ALA F 8 1.54 0.82 31.44
CA ALA F 8 1.16 -0.08 32.53
C ALA F 8 0.02 -1.01 32.11
N PHE F 9 -0.98 -0.50 31.40
CA PHE F 9 -2.09 -1.35 31.01
C PHE F 9 -1.68 -2.38 29.97
N MET F 10 -0.74 -2.04 29.09
CA MET F 10 -0.25 -3.03 28.12
C MET F 10 0.47 -4.17 28.83
N ARG F 11 1.24 -3.84 29.86
CA ARG F 11 1.89 -4.87 30.67
C ARG F 11 0.88 -5.69 31.46
N MET F 12 -0.21 -5.05 31.90
CA MET F 12 -1.22 -5.77 32.69
C MET F 12 -2.09 -6.68 31.83
N ARG F 13 -2.30 -6.34 30.56
CA ARG F 13 -3.33 -6.97 29.75
C ARG F 13 -2.78 -7.86 28.64
N THR F 14 -1.51 -8.24 28.67
CA THR F 14 -1.01 -9.08 27.54
C THR F 14 -0.79 -10.50 28.01
N ILE F 15 0.39 -10.81 28.54
CA ILE F 15 0.73 -12.21 28.96
C ILE F 15 1.02 -12.25 30.46
N HIS F 16 0.52 -13.27 31.17
CA HIS F 16 0.80 -13.44 32.61
C HIS F 16 1.73 -14.65 32.81
N TRP F 17 2.85 -14.44 33.49
CA TRP F 17 3.82 -15.52 33.74
C TRP F 17 3.64 -16.01 35.17
N TYR F 18 3.23 -17.25 35.38
CA TYR F 18 2.95 -17.64 36.79
C TYR F 18 4.13 -18.43 37.38
N ASP F 19 3.94 -19.66 37.88
CA ASP F 19 5.03 -20.22 38.69
C ASP F 19 6.28 -20.54 37.88
N LEU F 20 7.39 -19.92 38.28
CA LEU F 20 8.65 -19.97 37.58
C LEU F 20 9.73 -20.52 38.49
N SER F 21 10.71 -21.19 37.90
CA SER F 21 11.84 -21.72 38.64
C SER F 21 13.13 -21.46 37.88
N TRP F 22 14.19 -21.17 38.61
CA TRP F 22 15.53 -21.08 38.06
C TRP F 22 16.39 -22.16 38.72
N SER F 23 17.04 -22.98 37.89
CA SER F 23 17.79 -24.10 38.42
C SER F 23 18.96 -23.64 39.29
N LYS F 24 19.65 -22.59 38.87
CA LYS F 24 20.80 -22.08 39.60
C LYS F 24 20.75 -20.56 39.63
N GLU F 25 21.34 -19.98 40.68
CA GLU F 25 21.51 -18.54 40.77
C GLU F 25 22.92 -18.09 40.40
N LYS F 26 23.93 -18.91 40.67
CA LYS F 26 25.30 -18.65 40.28
C LYS F 26 25.81 -19.85 39.47
N VAL F 27 26.34 -19.55 38.28
CA VAL F 27 26.80 -20.59 37.36
C VAL F 27 28.22 -20.27 36.93
N LYS F 28 28.95 -21.31 36.54
CA LYS F 28 30.27 -21.14 35.95
C LYS F 28 30.15 -21.09 34.42
N ILE F 29 31.27 -20.75 33.78
CA ILE F 29 31.29 -20.73 32.32
C ILE F 29 31.10 -22.14 31.80
N ASN F 30 30.29 -22.26 30.74
CA ASN F 30 29.88 -23.50 30.06
C ASN F 30 28.84 -24.28 30.86
N GLU F 31 28.42 -23.80 32.02
CA GLU F 31 27.36 -24.45 32.77
C GLU F 31 26.00 -23.95 32.30
N THR F 32 24.98 -24.76 32.51
CA THR F 32 23.65 -24.52 31.98
C THR F 32 22.68 -24.13 33.10
N VAL F 33 21.78 -23.21 32.78
CA VAL F 33 20.73 -22.77 33.69
C VAL F 33 19.39 -22.97 33.00
N GLU F 34 18.43 -23.53 33.73
CA GLU F 34 17.10 -23.85 33.22
C GLU F 34 16.08 -22.92 33.85
N ILE F 35 15.27 -22.27 33.03
CA ILE F 35 14.18 -21.41 33.47
C ILE F 35 12.89 -22.01 32.94
N LYS F 36 12.04 -22.48 33.85
CA LYS F 36 10.76 -23.07 33.49
C LYS F 36 9.64 -22.24 34.10
N GLY F 37 8.45 -22.36 33.52
CA GLY F 37 7.31 -21.66 34.06
C GLY F 37 6.08 -21.83 33.18
N LYS F 38 5.03 -21.07 33.51
CA LYS F 38 3.81 -21.07 32.73
C LYS F 38 3.48 -19.65 32.32
N PHE F 39 2.90 -19.51 31.14
CA PHE F 39 2.45 -18.17 30.68
C PHE F 39 1.01 -18.29 30.21
N HIS F 40 0.17 -17.33 30.61
CA HIS F 40 -1.26 -17.34 30.18
C HIS F 40 -1.51 -16.13 29.26
N VAL F 41 -2.20 -16.36 28.16
CA VAL F 41 -2.54 -15.26 27.20
C VAL F 41 -3.87 -14.64 27.65
N PHE F 42 -3.89 -13.34 27.90
CA PHE F 42 -5.12 -12.67 28.42
C PHE F 42 -6.19 -12.66 27.35
N GLU F 43 -7.42 -12.94 27.74
CA GLU F 43 -8.54 -13.00 26.80
C GLU F 43 -8.82 -11.63 26.19
N GLY F 44 -8.75 -10.57 26.99
CA GLY F 44 -8.97 -9.23 26.48
C GLY F 44 -7.72 -8.63 25.87
N TRP F 45 -7.23 -9.26 24.80
CA TRP F 45 -5.99 -8.82 24.16
C TRP F 45 -6.15 -7.40 23.64
N PRO F 46 -5.18 -6.51 23.90
CA PRO F 46 -5.29 -5.13 23.40
C PRO F 46 -5.37 -5.09 21.89
N GLU F 47 -6.15 -4.13 21.38
CA GLU F 47 -6.39 -4.06 19.95
C GLU F 47 -5.19 -3.55 19.18
N THR F 48 -4.34 -2.73 19.81
CA THR F 48 -3.16 -2.21 19.15
C THR F 48 -2.03 -3.24 19.03
N VAL F 49 -2.14 -4.36 19.75
CA VAL F 49 -1.21 -5.47 19.62
C VAL F 49 -1.89 -6.53 18.76
N ASP F 50 -1.20 -6.95 17.70
CA ASP F 50 -1.74 -8.01 16.85
C ASP F 50 -1.85 -9.31 17.64
N GLU F 51 -2.80 -10.15 17.24
CA GLU F 51 -2.97 -11.42 17.91
C GLU F 51 -1.70 -12.25 17.77
N PRO F 52 -1.33 -13.04 18.78
CA PRO F 52 -0.05 -13.76 18.72
C PRO F 52 -0.07 -14.93 17.74
N ASP F 53 -0.48 -14.65 16.50
CA ASP F 53 -0.41 -15.67 15.46
C ASP F 53 1.03 -16.01 15.10
N VAL F 54 1.93 -15.04 15.22
CA VAL F 54 3.36 -15.23 15.00
C VAL F 54 4.07 -14.71 16.24
N ALA F 55 4.51 -15.62 17.11
CA ALA F 55 5.16 -15.25 18.36
C ALA F 55 6.45 -16.04 18.51
N PHE F 56 7.43 -15.41 19.16
CA PHE F 56 8.74 -16.01 19.38
C PHE F 56 9.09 -15.93 20.85
N LEU F 57 9.51 -17.06 21.43
CA LEU F 57 9.96 -17.09 22.81
C LEU F 57 11.42 -16.65 22.86
N ASN F 58 11.70 -15.58 23.59
CA ASN F 58 13.02 -14.95 23.57
C ASN F 58 13.54 -14.79 25.00
N VAL F 59 14.85 -14.58 25.10
CA VAL F 59 15.52 -14.33 26.36
C VAL F 59 16.03 -12.89 26.36
N GLY F 60 15.61 -12.12 27.36
CA GLY F 60 16.02 -10.74 27.47
C GLY F 60 17.27 -10.58 28.32
N MET F 61 18.35 -10.15 27.70
CA MET F 61 19.64 -9.97 28.35
C MET F 61 20.46 -9.01 27.51
N PRO F 62 21.50 -8.39 28.09
CA PRO F 62 22.19 -7.30 27.37
C PRO F 62 23.04 -7.78 26.20
N GLY F 63 22.90 -9.05 25.83
CA GLY F 63 23.62 -9.60 24.71
C GLY F 63 23.83 -11.09 24.86
N PRO F 64 24.74 -11.67 24.09
CA PRO F 64 25.06 -13.09 24.20
C PRO F 64 25.96 -13.41 25.40
N VAL F 65 25.59 -12.87 26.57
CA VAL F 65 26.27 -13.26 27.81
C VAL F 65 25.94 -14.71 28.13
N PHE F 66 24.76 -15.17 27.73
CA PHE F 66 24.41 -16.59 27.65
C PHE F 66 24.18 -16.94 26.19
N ILE F 67 24.18 -18.25 25.91
CA ILE F 67 23.70 -18.75 24.63
C ILE F 67 22.50 -19.65 24.91
N ARG F 68 21.44 -19.45 24.15
CA ARG F 68 20.20 -20.20 24.37
C ARG F 68 20.40 -21.59 23.78
N LYS F 69 20.72 -22.55 24.64
CA LYS F 69 20.92 -23.91 24.17
C LYS F 69 19.64 -24.50 23.61
N GLU F 70 18.52 -24.31 24.29
CA GLU F 70 17.26 -24.81 23.75
C GLU F 70 16.08 -24.09 24.40
N SER F 71 14.94 -24.16 23.73
CA SER F 71 13.70 -23.58 24.23
C SER F 71 12.54 -24.48 23.82
N TYR F 72 11.64 -24.75 24.77
CA TYR F 72 10.51 -25.64 24.58
C TYR F 72 9.23 -24.92 24.98
N ILE F 73 8.21 -25.00 24.14
CA ILE F 73 6.86 -24.53 24.46
C ILE F 73 5.97 -25.77 24.47
N GLY F 74 5.45 -26.13 25.64
CA GLY F 74 4.64 -27.33 25.76
C GLY F 74 5.40 -28.61 25.47
N GLY F 75 6.69 -28.67 25.82
CA GLY F 75 7.49 -29.83 25.59
C GLY F 75 8.03 -29.98 24.17
N GLN F 76 7.78 -29.01 23.30
CA GLN F 76 8.22 -29.07 21.91
C GLN F 76 9.24 -27.97 21.66
N LEU F 77 10.37 -28.35 21.08
CA LEU F 77 11.42 -27.38 20.76
C LEU F 77 10.90 -26.33 19.79
N VAL F 78 11.23 -25.08 20.05
CA VAL F 78 10.69 -23.97 19.27
C VAL F 78 11.80 -23.05 18.78
N PRO F 79 12.65 -23.50 17.85
CA PRO F 79 13.69 -22.61 17.31
C PRO F 79 13.14 -21.56 16.36
N ARG F 80 11.89 -21.68 15.93
CA ARG F 80 11.25 -20.75 15.02
C ARG F 80 10.09 -20.05 15.71
N SER F 81 9.46 -19.12 14.99
CA SER F 81 8.26 -18.47 15.50
C SER F 81 7.12 -19.47 15.58
N VAL F 82 6.21 -19.22 16.53
CA VAL F 82 5.11 -20.14 16.80
C VAL F 82 3.80 -19.37 16.81
N ARG F 83 2.70 -20.11 16.88
CA ARG F 83 1.36 -19.56 16.90
C ARG F 83 0.72 -19.86 18.26
N LEU F 84 0.24 -18.82 18.92
CA LEU F 84 -0.41 -18.95 20.22
C LEU F 84 -1.85 -18.50 20.13
N GLU F 85 -2.70 -19.13 20.94
CA GLU F 85 -4.13 -18.85 20.96
C GLU F 85 -4.48 -18.00 22.16
N ILE F 86 -5.42 -17.07 21.97
CA ILE F 86 -5.86 -16.19 23.04
C ILE F 86 -6.59 -17.00 24.10
N GLY F 87 -6.25 -16.79 25.37
CA GLY F 87 -6.94 -17.42 26.48
C GLY F 87 -6.42 -18.78 26.88
N LYS F 88 -5.27 -19.20 26.37
CA LYS F 88 -4.71 -20.51 26.69
C LYS F 88 -3.42 -20.36 27.49
N THR F 89 -3.13 -21.37 28.29
CA THR F 89 -1.94 -21.40 29.13
C THR F 89 -0.94 -22.41 28.56
N TYR F 90 0.34 -22.05 28.60
CA TYR F 90 1.39 -22.90 28.05
C TYR F 90 2.55 -23.01 29.04
N ASP F 91 3.08 -24.22 29.18
CA ASP F 91 4.36 -24.39 29.83
C ASP F 91 5.48 -23.93 28.91
N PHE F 92 6.54 -23.41 29.49
CA PHE F 92 7.74 -23.04 28.74
C PHE F 92 8.97 -23.42 29.54
N ARG F 93 10.01 -23.80 28.81
CA ARG F 93 11.30 -24.13 29.39
C ARG F 93 12.39 -23.54 28.51
N VAL F 94 13.44 -22.99 29.13
CA VAL F 94 14.55 -22.42 28.39
C VAL F 94 15.84 -22.88 29.06
N VAL F 95 16.73 -23.53 28.31
CA VAL F 95 18.03 -23.95 28.80
C VAL F 95 19.07 -23.06 28.14
N LEU F 96 19.82 -22.33 28.97
CA LEU F 96 20.85 -21.39 28.53
C LEU F 96 22.21 -21.86 29.01
N LYS F 97 23.26 -21.50 28.27
CA LYS F 97 24.63 -21.86 28.62
C LYS F 97 25.43 -20.59 28.85
N ALA F 98 26.15 -20.55 29.97
CA ALA F 98 26.88 -19.34 30.36
C ALA F 98 28.06 -19.09 29.43
N ARG F 99 28.21 -17.84 29.00
CA ARG F 99 29.28 -17.46 28.08
C ARG F 99 30.20 -16.37 28.63
N ARG F 100 29.65 -15.35 29.29
CA ARG F 100 30.45 -14.23 29.76
C ARG F 100 30.27 -14.03 31.25
N PRO F 101 31.35 -13.71 31.98
CA PRO F 101 31.23 -13.53 33.43
C PRO F 101 30.59 -12.20 33.78
N GLY F 102 29.98 -12.16 34.96
CA GLY F 102 29.36 -10.96 35.47
C GLY F 102 27.99 -11.19 36.06
N ASP F 103 27.34 -10.12 36.51
CA ASP F 103 25.96 -10.26 37.04
C ASP F 103 24.97 -9.85 35.95
N TRP F 104 24.07 -10.75 35.57
CA TRP F 104 23.17 -10.46 34.44
C TRP F 104 21.72 -10.56 34.85
N HIS F 105 20.92 -9.57 34.47
CA HIS F 105 19.46 -9.60 34.75
C HIS F 105 18.82 -10.35 33.58
N VAL F 106 18.33 -11.55 33.81
CA VAL F 106 17.80 -12.38 32.69
C VAL F 106 16.27 -12.45 32.78
N HIS F 107 15.59 -12.17 31.68
CA HIS F 107 14.11 -12.19 31.64
C HIS F 107 13.63 -13.15 30.57
N THR F 108 12.43 -13.70 30.75
CA THR F 108 11.85 -14.53 29.69
C THR F 108 10.87 -13.64 28.97
N MET F 109 10.88 -13.64 27.65
CA MET F 109 10.00 -12.69 26.94
C MET F 109 9.29 -13.34 25.77
N MET F 110 8.15 -12.78 25.38
CA MET F 110 7.46 -13.27 24.17
C MET F 110 7.45 -12.11 23.16
N ASN F 111 8.24 -12.22 22.11
CA ASN F 111 8.19 -11.19 21.04
C ASN F 111 6.98 -11.52 20.17
N VAL F 112 6.08 -10.55 19.96
CA VAL F 112 4.83 -10.80 19.17
C VAL F 112 4.86 -9.90 17.94
N GLN F 113 4.71 -10.50 16.75
CA GLN F 113 4.77 -9.73 15.47
C GLN F 113 3.56 -8.78 15.40
N GLY F 114 3.82 -7.51 15.10
CA GLY F 114 2.74 -6.51 15.04
C GLY F 114 2.32 -6.08 16.44
N GLY F 115 3.13 -6.41 17.44
CA GLY F 115 2.82 -6.03 18.83
C GLY F 115 4.05 -5.44 19.50
N GLY F 116 5.15 -6.19 19.50
CA GLY F 116 6.38 -5.72 20.17
C GLY F 116 6.79 -6.65 21.27
N PRO F 117 7.62 -6.20 22.23
CA PRO F 117 8.12 -7.07 23.29
C PRO F 117 7.20 -7.24 24.48
N ILE F 118 7.12 -8.46 25.02
CA ILE F 118 6.33 -8.71 26.25
C ILE F 118 7.33 -9.30 27.25
N ILE F 119 7.92 -8.47 28.10
CA ILE F 119 8.99 -8.94 29.02
C ILE F 119 8.40 -9.56 30.29
N GLY F 120 8.97 -10.67 30.76
CA GLY F 120 8.51 -11.30 32.00
C GLY F 120 9.43 -10.96 33.15
N PRO F 121 9.24 -11.56 34.34
CA PRO F 121 10.06 -11.21 35.50
C PRO F 121 11.55 -11.46 35.27
N GLY F 122 12.40 -10.54 35.70
CA GLY F 122 13.83 -10.69 35.51
C GLY F 122 14.52 -11.12 36.79
N LYS F 123 15.52 -11.99 36.65
CA LYS F 123 16.28 -12.52 37.77
C LYS F 123 17.76 -12.24 37.56
N TRP F 124 18.46 -11.93 38.66
CA TRP F 124 19.89 -11.66 38.61
C TRP F 124 20.65 -12.97 38.73
N ILE F 125 21.51 -13.26 37.76
CA ILE F 125 22.31 -14.48 37.71
C ILE F 125 23.77 -14.09 37.58
N THR F 126 24.62 -14.72 38.38
CA THR F 126 26.05 -14.44 38.39
C THR F 126 26.80 -15.54 37.65
N VAL F 127 27.69 -15.14 36.73
CA VAL F 127 28.52 -16.06 35.97
C VAL F 127 29.97 -15.83 36.37
N GLU F 128 30.63 -16.89 36.82
CA GLU F 128 32.01 -16.82 37.26
C GLU F 128 32.90 -17.66 36.35
N GLY F 129 34.04 -17.09 35.97
CA GLY F 129 34.97 -17.75 35.09
C GLY F 129 35.51 -16.76 34.07
N SER F 130 36.10 -17.32 33.02
CA SER F 130 36.69 -16.53 31.94
C SER F 130 35.96 -16.84 30.64
N MET F 131 35.76 -15.79 29.83
CA MET F 131 35.07 -15.97 28.55
C MET F 131 35.88 -16.83 27.58
N SER F 132 37.20 -16.88 27.76
CA SER F 132 38.04 -17.68 26.89
C SER F 132 37.80 -19.18 27.04
N GLU F 133 37.17 -19.60 28.14
CA GLU F 133 36.89 -21.01 28.36
C GLU F 133 35.59 -21.47 27.69
N PHE F 134 34.80 -20.55 27.14
CA PHE F 134 33.52 -20.92 26.55
C PHE F 134 33.73 -21.68 25.24
N ARG F 135 33.01 -22.79 25.10
CA ARG F 135 33.04 -23.59 23.89
C ARG F 135 31.62 -23.89 23.44
N ASN F 136 31.41 -23.95 22.14
CA ASN F 136 30.09 -24.22 21.55
C ASN F 136 30.23 -25.34 20.52
N PRO F 137 30.39 -26.58 20.97
CA PRO F 137 30.54 -27.69 20.03
C PRO F 137 29.22 -28.08 19.38
N VAL F 138 29.27 -28.32 18.08
CA VAL F 138 28.12 -28.76 17.30
C VAL F 138 28.59 -29.86 16.35
N THR F 139 27.85 -30.96 16.30
CA THR F 139 28.14 -32.07 15.40
C THR F 139 27.19 -32.04 14.22
N THR F 140 27.75 -32.01 13.01
CA THR F 140 26.97 -31.93 11.80
C THR F 140 26.57 -33.32 11.30
N LEU F 141 25.61 -33.35 10.37
CA LEU F 141 25.16 -34.60 9.79
C LEU F 141 26.22 -35.23 8.88
N THR F 142 27.27 -34.48 8.52
CA THR F 142 28.35 -35.01 7.70
C THR F 142 29.43 -35.68 8.53
N GLY F 143 29.28 -35.74 9.84
CA GLY F 143 30.26 -36.38 10.70
C GLY F 143 31.35 -35.48 11.22
N GLN F 144 31.19 -34.16 11.12
CA GLN F 144 32.19 -33.20 11.57
C GLN F 144 31.72 -32.48 12.82
N THR F 145 32.61 -32.38 13.80
CA THR F 145 32.35 -31.62 15.02
C THR F 145 33.13 -30.31 14.96
N VAL F 146 32.42 -29.19 15.13
CA VAL F 146 33.01 -27.86 15.00
C VAL F 146 32.67 -27.04 16.23
N ASP F 147 33.41 -25.96 16.40
CA ASP F 147 33.17 -24.99 17.48
C ASP F 147 32.63 -23.71 16.86
N LEU F 148 31.40 -23.36 17.23
CA LEU F 148 30.70 -22.24 16.58
C LEU F 148 31.32 -20.89 16.92
N GLU F 149 32.19 -20.81 17.93
CA GLU F 149 32.80 -19.54 18.27
C GLU F 149 33.77 -19.07 17.19
N ASN F 150 34.52 -20.00 16.59
CA ASN F 150 35.54 -19.65 15.62
C ASN F 150 35.37 -20.36 14.28
N TYR F 151 34.29 -21.10 14.08
CA TYR F 151 34.09 -21.82 12.83
C TYR F 151 33.91 -20.86 11.66
N ASN F 152 34.61 -21.12 10.57
CA ASN F 152 34.54 -20.37 9.31
C ASN F 152 35.02 -18.93 9.43
N GLU F 153 35.69 -18.58 10.53
CA GLU F 153 36.19 -17.22 10.69
C GLU F 153 37.34 -16.92 9.74
N GLY F 154 38.30 -17.85 9.65
CA GLY F 154 39.47 -17.63 8.82
C GLY F 154 39.12 -17.55 7.34
N ASN F 155 38.17 -18.37 6.89
CA ASN F 155 37.76 -18.34 5.50
C ASN F 155 37.14 -16.99 5.14
N THR F 156 36.26 -16.48 6.01
CA THR F 156 35.66 -15.17 5.78
C THR F 156 36.70 -14.07 5.75
N TYR F 157 37.63 -14.09 6.72
CA TYR F 157 38.71 -13.10 6.71
C TYR F 157 39.52 -13.17 5.42
N PHE F 158 39.88 -14.39 4.99
CA PHE F 158 40.70 -14.55 3.81
C PHE F 158 40.01 -14.01 2.57
N TRP F 159 38.73 -14.38 2.38
CA TRP F 159 38.04 -13.95 1.16
C TRP F 159 37.80 -12.44 1.16
N HIS F 160 37.39 -11.87 2.30
CA HIS F 160 37.18 -10.43 2.34
C HIS F 160 38.48 -9.67 2.11
N ALA F 161 39.58 -10.12 2.72
CA ALA F 161 40.86 -9.46 2.51
C ALA F 161 41.31 -9.59 1.06
N PHE F 162 41.08 -10.76 0.45
CA PHE F 162 41.46 -10.96 -0.94
C PHE F 162 40.72 -10.00 -1.86
N TRP F 163 39.40 -9.88 -1.69
CA TRP F 163 38.65 -9.00 -2.59
C TRP F 163 38.95 -7.53 -2.30
N PHE F 164 39.15 -7.18 -1.03
CA PHE F 164 39.55 -5.81 -0.71
C PHE F 164 40.90 -5.46 -1.32
N ALA F 165 41.84 -6.41 -1.27
CA ALA F 165 43.16 -6.19 -1.88
C ALA F 165 43.04 -6.03 -3.39
N ILE F 166 42.16 -6.81 -4.03
CA ILE F 166 41.96 -6.66 -5.46
C ILE F 166 41.42 -5.28 -5.79
N GLY F 167 40.43 -4.81 -5.02
CA GLY F 167 39.91 -3.47 -5.25
C GLY F 167 40.94 -2.38 -5.02
N VAL F 168 41.75 -2.54 -3.96
CA VAL F 168 42.79 -1.57 -3.65
C VAL F 168 43.82 -1.54 -4.77
N ALA F 169 44.19 -2.70 -5.31
CA ALA F 169 45.13 -2.75 -6.42
C ALA F 169 44.55 -2.08 -7.66
N TRP F 170 43.26 -2.30 -7.93
CA TRP F 170 42.63 -1.65 -9.07
C TRP F 170 42.65 -0.13 -8.92
N ILE F 171 42.38 0.38 -7.73
CA ILE F 171 42.42 1.82 -7.53
C ILE F 171 43.85 2.34 -7.62
N GLY F 172 44.80 1.65 -7.00
CA GLY F 172 46.17 2.11 -6.97
C GLY F 172 46.88 2.04 -8.31
N TYR F 173 46.42 1.19 -9.22
CA TYR F 173 46.98 1.19 -10.57
C TYR F 173 46.77 2.55 -11.23
N TRP F 174 45.57 3.11 -11.09
CA TRP F 174 45.30 4.45 -11.60
C TRP F 174 45.80 5.55 -10.70
N SER F 175 46.05 5.26 -9.42
CA SER F 175 46.45 6.28 -8.47
C SER F 175 47.93 6.66 -8.57
N ARG F 176 48.71 5.97 -9.39
CA ARG F 176 50.12 6.32 -9.55
C ARG F 176 50.33 7.57 -10.39
N ARG F 177 49.30 8.04 -11.09
CA ARG F 177 49.36 9.20 -11.96
C ARG F 177 48.65 10.38 -11.32
N PRO F 178 48.82 11.58 -11.87
CA PRO F 178 47.98 12.71 -11.43
C PRO F 178 46.51 12.36 -11.54
N ILE F 179 45.74 12.76 -10.53
CA ILE F 179 44.39 12.25 -10.32
C ILE F 179 43.32 13.25 -10.72
N PHE F 180 43.29 14.41 -10.09
CA PHE F 180 42.12 15.27 -10.12
C PHE F 180 42.26 16.49 -11.01
N ILE F 181 43.24 17.36 -10.74
CA ILE F 181 43.28 18.66 -11.41
C ILE F 181 43.79 18.53 -12.85
N PRO F 182 44.96 17.92 -13.11
CA PRO F 182 45.40 17.83 -14.51
C PRO F 182 44.44 17.05 -15.40
N ARG F 183 43.87 15.97 -14.87
CA ARG F 183 42.90 15.20 -15.65
C ARG F 183 41.65 16.01 -15.95
N LEU F 184 41.17 16.77 -14.96
CA LEU F 184 40.01 17.64 -15.18
C LEU F 184 40.30 18.68 -16.25
N LEU F 185 41.49 19.30 -16.19
CA LEU F 185 41.84 20.29 -17.20
C LEU F 185 41.96 19.65 -18.59
N MET F 186 42.54 18.46 -18.67
CA MET F 186 42.66 17.79 -19.96
C MET F 186 41.29 17.42 -20.53
N VAL F 187 40.37 16.95 -19.69
CA VAL F 187 39.02 16.64 -20.15
C VAL F 187 38.31 17.91 -20.61
N ASP F 188 38.46 19.00 -19.86
CA ASP F 188 37.87 20.26 -20.26
C ASP F 188 38.47 20.77 -21.57
N ALA F 189 39.76 20.57 -21.76
CA ALA F 189 40.45 21.01 -22.97
C ALA F 189 40.13 20.12 -24.18
N GLY F 190 39.43 19.00 -23.99
CA GLY F 190 39.12 18.10 -25.08
C GLY F 190 40.14 17.00 -25.32
N ARG F 191 41.09 16.81 -24.40
CA ARG F 191 42.10 15.78 -24.53
C ARG F 191 41.79 14.56 -23.68
N ALA F 192 40.51 14.21 -23.54
CA ALA F 192 40.13 13.06 -22.72
C ALA F 192 40.67 11.75 -23.28
N ASP F 193 40.66 11.60 -24.61
CA ASP F 193 41.11 10.37 -25.23
C ASP F 193 42.58 10.06 -24.93
N GLU F 194 43.37 11.07 -24.57
CA GLU F 194 44.76 10.86 -24.21
C GLU F 194 44.94 10.33 -22.80
N LEU F 195 43.89 10.31 -21.99
CA LEU F 195 44.01 9.87 -20.60
C LEU F 195 43.93 8.37 -20.44
N VAL F 196 43.48 7.64 -21.46
CA VAL F 196 43.41 6.19 -21.41
C VAL F 196 44.16 5.63 -22.61
N SER F 197 45.09 4.71 -22.36
CA SER F 197 45.93 4.11 -23.39
C SER F 197 45.50 2.67 -23.63
N ALA F 198 46.14 2.06 -24.64
CA ALA F 198 45.85 0.66 -24.96
C ALA F 198 46.23 -0.26 -23.81
N THR F 199 47.35 0.04 -23.13
CA THR F 199 47.75 -0.76 -21.98
C THR F 199 46.70 -0.72 -20.88
N ASP F 200 46.09 0.46 -20.67
CA ASP F 200 45.01 0.56 -19.69
C ASP F 200 43.82 -0.30 -20.08
N ARG F 201 43.47 -0.32 -21.36
CA ARG F 201 42.38 -1.17 -21.82
C ARG F 201 42.69 -2.64 -21.61
N LYS F 202 43.92 -3.05 -21.91
CA LYS F 202 44.32 -4.43 -21.67
C LYS F 202 44.27 -4.78 -20.19
N VAL F 203 44.70 -3.86 -19.33
CA VAL F 203 44.65 -4.10 -17.89
C VAL F 203 43.21 -4.24 -17.41
N ALA F 204 42.31 -3.40 -17.93
CA ALA F 204 40.90 -3.51 -17.55
C ALA F 204 40.30 -4.83 -18.02
N MET F 205 40.64 -5.25 -19.25
CA MET F 205 40.15 -6.54 -19.74
C MET F 205 40.66 -7.68 -18.88
N GLY F 206 41.94 -7.64 -18.52
CA GLY F 206 42.50 -8.67 -17.65
C GLY F 206 41.85 -8.69 -16.29
N PHE F 207 41.57 -7.51 -15.73
CA PHE F 207 40.91 -7.44 -14.43
C PHE F 207 39.51 -8.05 -14.50
N LEU F 208 38.75 -7.71 -15.54
CA LEU F 208 37.40 -8.25 -15.67
C LEU F 208 37.43 -9.77 -15.84
N ALA F 209 38.28 -10.26 -16.74
CA ALA F 209 38.36 -11.70 -16.97
C ALA F 209 38.83 -12.44 -15.72
N ALA F 210 39.83 -11.90 -15.02
CA ALA F 210 40.32 -12.53 -13.81
C ALA F 210 39.27 -12.55 -12.73
N THR F 211 38.51 -11.46 -12.58
CA THR F 211 37.44 -11.42 -11.59
C THR F 211 36.41 -12.49 -11.86
N ILE F 212 35.93 -12.58 -13.11
CA ILE F 212 34.90 -13.57 -13.44
C ILE F 212 35.43 -14.97 -13.24
N LEU F 213 36.65 -15.25 -13.73
CA LEU F 213 37.22 -16.58 -13.63
C LEU F 213 37.46 -16.97 -12.18
N ILE F 214 37.95 -16.04 -11.36
CA ILE F 214 38.19 -16.33 -9.95
C ILE F 214 36.87 -16.61 -9.23
N VAL F 215 35.83 -15.83 -9.53
CA VAL F 215 34.53 -16.09 -8.91
C VAL F 215 34.03 -17.49 -9.27
N VAL F 216 34.14 -17.85 -10.55
CA VAL F 216 33.66 -19.16 -10.99
C VAL F 216 34.45 -20.28 -10.32
N MET F 217 35.77 -20.15 -10.30
CA MET F 217 36.61 -21.19 -9.70
C MET F 217 36.36 -21.30 -8.20
N ALA F 218 36.17 -20.16 -7.51
CA ALA F 218 35.90 -20.20 -6.08
C ALA F 218 34.56 -20.86 -5.80
N MET F 219 33.54 -20.58 -6.61
CA MET F 219 32.26 -21.26 -6.43
C MET F 219 32.40 -22.75 -6.65
N SER F 220 33.14 -23.16 -7.69
CA SER F 220 33.32 -24.59 -7.94
C SER F 220 34.07 -25.26 -6.79
N SER F 221 35.12 -24.61 -6.28
CA SER F 221 35.88 -25.19 -5.17
C SER F 221 35.05 -25.28 -3.91
N ALA F 222 34.23 -24.26 -3.64
CA ALA F 222 33.35 -24.30 -2.47
C ALA F 222 32.32 -25.41 -2.60
N ASN F 223 31.77 -25.60 -3.80
CA ASN F 223 30.83 -26.70 -4.02
C ASN F 223 31.51 -28.05 -3.82
N SER F 224 32.74 -28.19 -4.30
CA SER F 224 33.47 -29.45 -4.13
C SER F 224 33.78 -29.71 -2.66
N LYS F 225 34.15 -28.67 -1.91
CA LYS F 225 34.51 -28.85 -0.51
C LYS F 225 33.29 -29.20 0.33
N TYR F 226 32.13 -28.62 0.00
CA TYR F 226 30.90 -28.83 0.76
C TYR F 226 29.81 -29.28 -0.20
N PRO F 227 29.82 -30.55 -0.61
CA PRO F 227 28.83 -31.03 -1.57
C PRO F 227 27.43 -31.16 -0.98
N ILE F 228 27.28 -31.12 0.34
CA ILE F 228 26.00 -31.29 1.00
C ILE F 228 25.67 -29.99 1.72
N THR F 229 24.68 -29.26 1.20
CA THR F 229 24.22 -28.02 1.82
C THR F 229 22.70 -27.99 1.80
N ILE F 230 22.13 -27.27 2.76
CA ILE F 230 20.69 -27.09 2.86
C ILE F 230 20.39 -25.61 2.99
N PRO F 231 19.22 -25.13 2.57
CA PRO F 231 18.89 -23.72 2.76
C PRO F 231 18.57 -23.42 4.22
N LEU F 232 18.45 -22.13 4.51
CA LEU F 232 18.09 -21.70 5.86
C LEU F 232 16.70 -22.21 6.22
N GLN F 233 16.55 -22.78 7.41
CA GLN F 233 15.30 -23.36 7.85
C GLN F 233 14.47 -22.29 8.56
N ALA F 234 13.29 -22.01 8.03
CA ALA F 234 12.43 -20.96 8.55
C ALA F 234 10.98 -21.38 8.41
N GLY F 235 10.11 -20.69 9.14
CA GLY F 235 8.69 -20.99 9.12
C GLY F 235 8.08 -20.79 10.48
N THR F 236 6.75 -20.74 10.50
CA THR F 236 5.99 -20.60 11.72
C THR F 236 5.40 -21.95 12.11
N MET F 237 5.68 -22.40 13.33
CA MET F 237 5.27 -23.71 13.79
C MET F 237 3.93 -23.60 14.52
N ARG F 238 2.89 -24.20 13.93
CA ARG F 238 1.57 -24.23 14.53
C ARG F 238 1.42 -25.47 15.41
N GLY F 239 0.22 -25.66 15.95
CA GLY F 239 -0.10 -26.84 16.72
C GLY F 239 0.66 -26.96 18.03
N MET F 240 0.80 -25.87 18.76
CA MET F 240 1.39 -25.91 20.09
C MET F 240 0.37 -26.42 21.10
N LYS F 241 0.77 -27.39 21.90
CA LYS F 241 -0.15 -28.02 22.84
C LYS F 241 -0.30 -27.15 24.08
N PRO F 242 -1.50 -26.66 24.38
CA PRO F 242 -1.69 -25.85 25.59
C PRO F 242 -1.97 -26.75 26.81
N LEU F 243 -1.99 -26.10 27.97
CA LEU F 243 -2.27 -26.80 29.21
C LEU F 243 -3.77 -27.03 29.36
N GLU F 244 -4.14 -28.21 29.84
CA GLU F 244 -5.53 -28.53 30.18
C GLU F 244 -5.65 -28.39 31.70
N LEU F 245 -6.05 -27.20 32.13
CA LEU F 245 -6.01 -26.91 33.59
C LEU F 245 -7.38 -27.03 34.25
N PRO F 246 -7.44 -27.41 35.54
CA PRO F 246 -8.70 -27.43 36.26
C PRO F 246 -9.36 -26.06 36.25
N ALA F 247 -10.62 -26.00 35.78
CA ALA F 247 -11.37 -24.71 35.82
C ALA F 247 -11.52 -24.30 37.28
N PRO F 248 -11.45 -22.99 37.58
CA PRO F 248 -11.49 -22.58 38.97
C PRO F 248 -12.81 -22.79 39.65
N THR F 249 -12.87 -23.74 40.58
CA THR F 249 -14.06 -23.86 41.42
C THR F 249 -14.36 -22.58 42.18
N VAL F 250 -13.61 -21.52 41.95
CA VAL F 250 -13.77 -20.25 42.65
C VAL F 250 -14.17 -19.19 41.64
N SER F 251 -15.23 -18.44 41.94
CA SER F 251 -15.71 -17.37 41.08
C SER F 251 -15.43 -16.03 41.76
N VAL F 252 -14.82 -15.10 41.03
CA VAL F 252 -14.52 -13.76 41.62
C VAL F 252 -15.07 -12.65 40.70
N LYS F 253 -15.92 -11.76 41.24
CA LYS F 253 -16.41 -10.60 40.48
C LYS F 253 -15.77 -9.33 41.05
N VAL F 254 -15.27 -8.45 40.20
CA VAL F 254 -14.65 -7.18 40.66
C VAL F 254 -15.74 -6.11 40.70
N GLU F 255 -16.22 -5.75 41.89
CA GLU F 255 -17.22 -4.66 42.00
C GLU F 255 -16.54 -3.34 41.59
N ASP F 256 -15.49 -2.94 42.32
CA ASP F 256 -14.80 -1.65 42.04
C ASP F 256 -13.28 -1.84 42.17
N ALA F 257 -12.51 -1.05 41.45
CA ALA F 257 -11.03 -1.09 41.54
C ALA F 257 -10.52 0.34 41.42
N THR F 258 -9.79 0.81 42.44
CA THR F 258 -9.35 2.23 42.46
C THR F 258 -7.91 2.33 42.89
N TYR F 259 -7.23 3.42 42.51
CA TYR F 259 -5.85 3.67 42.97
C TYR F 259 -5.70 5.15 43.29
N ARG F 260 -5.10 5.48 44.42
CA ARG F 260 -4.83 6.90 44.75
C ARG F 260 -3.73 7.38 43.80
N VAL F 261 -3.89 8.55 43.19
CA VAL F 261 -2.90 8.97 42.14
C VAL F 261 -1.55 9.33 42.79
N PRO F 262 -1.45 10.08 43.92
CA PRO F 262 -0.14 10.28 44.53
C PRO F 262 0.56 8.92 44.68
N GLY F 263 0.17 8.14 45.70
CA GLY F 263 -0.28 6.73 45.63
C GLY F 263 0.80 5.68 45.41
N ARG F 264 0.80 4.61 46.21
CA ARG F 264 1.74 3.48 46.04
C ARG F 264 0.95 2.17 46.18
N ALA F 265 -0.37 2.24 46.10
CA ALA F 265 -1.20 1.03 46.33
C ALA F 265 -2.37 0.97 45.36
N MET F 266 -3.12 -0.13 45.40
CA MET F 266 -4.34 -0.28 44.57
C MET F 266 -5.37 -0.98 45.47
N ARG F 267 -6.64 -0.62 45.32
CA ARG F 267 -7.70 -1.19 46.19
C ARG F 267 -8.81 -1.74 45.29
N MET F 268 -9.47 -2.81 45.73
CA MET F 268 -10.52 -3.43 44.89
C MET F 268 -11.58 -4.09 45.78
N LYS F 269 -12.85 -3.98 45.38
CA LYS F 269 -13.92 -4.70 46.11
C LYS F 269 -14.19 -5.96 45.29
N LEU F 270 -14.22 -7.12 45.94
CA LEU F 270 -14.36 -8.39 45.18
C LEU F 270 -15.46 -9.24 45.80
N THR F 271 -16.28 -9.88 44.96
CA THR F 271 -17.28 -10.82 45.48
C THR F 271 -16.76 -12.19 45.12
N ILE F 272 -16.57 -13.06 46.10
CA ILE F 272 -15.94 -14.38 45.83
C ILE F 272 -16.93 -15.50 46.17
N THR F 273 -17.18 -16.41 45.23
CA THR F 273 -18.04 -17.57 45.52
C THR F 273 -17.21 -18.84 45.48
N ASN F 274 -17.24 -19.62 46.55
CA ASN F 274 -16.53 -20.92 46.57
C ASN F 274 -17.46 -21.98 45.99
N HIS F 275 -17.05 -22.64 44.91
CA HIS F 275 -17.88 -23.74 44.35
C HIS F 275 -17.22 -25.07 44.71
N GLY F 276 -16.93 -25.28 46.01
CA GLY F 276 -16.35 -26.56 46.46
C GLY F 276 -14.89 -26.43 46.85
N ASN F 277 -14.07 -27.46 46.61
CA ASN F 277 -12.61 -27.42 46.87
C ASN F 277 -12.29 -27.01 48.32
N SER F 278 -13.23 -27.20 49.26
CA SER F 278 -13.00 -26.94 50.70
C SER F 278 -12.86 -25.44 51.01
N PRO F 279 -12.91 -25.00 52.29
CA PRO F 279 -12.69 -23.61 52.61
C PRO F 279 -11.41 -23.11 51.96
N ILE F 280 -11.50 -21.98 51.25
CA ILE F 280 -10.32 -21.44 50.52
C ILE F 280 -9.96 -20.07 51.10
N ARG F 281 -8.78 -19.55 50.73
CA ARG F 281 -8.32 -18.21 51.21
C ARG F 281 -7.44 -17.59 50.12
N LEU F 282 -7.59 -16.30 49.86
CA LEU F 282 -6.73 -15.61 48.85
C LEU F 282 -5.31 -15.53 49.44
N GLY F 283 -4.30 -15.88 48.64
CA GLY F 283 -2.91 -15.86 49.12
C GLY F 283 -2.04 -14.96 48.28
N GLU F 284 -2.48 -14.58 47.08
CA GLU F 284 -1.59 -13.80 46.20
C GLU F 284 -2.34 -13.08 45.08
N PHE F 285 -1.92 -11.86 44.76
CA PHE F 285 -2.49 -11.14 43.59
C PHE F 285 -1.31 -10.83 42.67
N TYR F 286 -1.37 -11.31 41.45
CA TYR F 286 -0.29 -11.04 40.46
C TYR F 286 -0.82 -10.02 39.48
N THR F 287 -0.11 -8.91 39.30
CA THR F 287 -0.55 -7.91 38.31
C THR F 287 0.40 -7.88 37.14
N ALA F 288 1.49 -7.13 37.22
CA ALA F 288 2.40 -6.98 36.07
C ALA F 288 3.79 -7.42 36.50
N SER F 289 4.01 -8.73 36.66
CA SER F 289 5.30 -9.27 37.16
C SER F 289 5.42 -9.02 38.67
N VAL F 290 4.52 -8.22 39.24
CA VAL F 290 4.56 -7.92 40.70
C VAL F 290 3.61 -8.89 41.41
N ARG F 291 4.08 -9.55 42.46
CA ARG F 291 3.26 -10.53 43.21
C ARG F 291 3.01 -10.01 44.62
N PHE F 292 1.77 -9.67 44.94
CA PHE F 292 1.40 -9.21 46.31
C PHE F 292 0.93 -10.41 47.06
N LEU F 293 1.58 -10.77 48.16
CA LEU F 293 1.23 -12.03 48.85
C LEU F 293 0.63 -11.77 50.23
N ASP F 294 -0.18 -12.71 50.72
CA ASP F 294 -0.70 -12.61 52.11
C ASP F 294 0.12 -13.59 52.94
N SER F 295 1.11 -13.10 53.69
CA SER F 295 2.03 -13.99 54.44
C SER F 295 1.31 -15.09 55.21
N ASP F 296 0.12 -14.82 55.75
CA ASP F 296 -0.56 -15.83 56.60
C ASP F 296 -1.10 -16.98 55.76
N VAL F 297 -1.30 -16.76 54.46
CA VAL F 297 -1.92 -17.83 53.61
C VAL F 297 -0.84 -18.49 52.76
N TYR F 298 0.12 -17.73 52.23
CA TYR F 298 1.11 -18.33 51.31
C TYR F 298 2.47 -17.66 51.46
N LYS F 299 3.55 -18.43 51.24
CA LYS F 299 4.92 -17.86 51.27
C LYS F 299 5.69 -18.37 50.05
N ASP F 300 6.33 -17.46 49.31
CA ASP F 300 7.11 -17.87 48.10
C ASP F 300 8.40 -18.57 48.54
N THR F 301 8.76 -19.65 47.86
CA THR F 301 10.02 -20.38 48.15
C THR F 301 10.65 -20.73 46.84
N THR F 302 10.57 -19.84 45.85
CA THR F 302 11.08 -20.14 44.50
C THR F 302 12.16 -19.14 44.12
N GLY F 303 12.53 -18.26 45.04
CA GLY F 303 13.52 -17.21 44.72
C GLY F 303 12.96 -16.24 43.70
N TYR F 304 11.71 -15.82 43.89
CA TYR F 304 11.10 -14.84 42.96
C TYR F 304 11.83 -13.51 43.15
N PRO F 305 12.29 -12.86 42.06
CA PRO F 305 12.95 -11.57 42.18
C PRO F 305 12.34 -10.73 43.29
N GLU F 306 13.14 -10.37 44.30
CA GLU F 306 12.63 -9.65 45.50
C GLU F 306 12.05 -8.26 45.15
N ASP F 307 12.62 -7.59 44.16
CA ASP F 307 12.10 -6.27 43.72
C ASP F 307 10.66 -6.39 43.23
N LEU F 308 10.21 -7.61 42.91
CA LEU F 308 8.85 -7.82 42.36
C LEU F 308 8.02 -8.64 43.35
N LEU F 309 8.60 -9.00 44.49
CA LEU F 309 7.87 -9.85 45.46
C LEU F 309 7.48 -9.03 46.70
N ALA F 310 6.17 -8.84 46.93
CA ALA F 310 5.69 -8.16 48.16
C ALA F 310 5.17 -9.22 49.10
N GLU F 311 5.98 -9.70 50.03
CA GLU F 311 5.60 -10.83 50.91
C GLU F 311 4.34 -10.53 51.72
N ASP F 312 4.13 -9.27 52.12
CA ASP F 312 2.89 -8.91 52.84
C ASP F 312 2.28 -7.68 52.18
N GLY F 313 2.06 -7.73 50.86
CA GLY F 313 1.46 -6.61 50.12
C GLY F 313 0.00 -6.86 49.83
N LEU F 314 -0.54 -8.00 50.27
CA LEU F 314 -1.98 -8.30 50.07
C LEU F 314 -2.71 -8.12 51.41
N SER F 315 -3.61 -7.16 51.48
CA SER F 315 -4.42 -6.94 52.71
C SER F 315 -5.90 -7.20 52.37
N VAL F 316 -6.44 -8.32 52.83
CA VAL F 316 -7.86 -8.68 52.55
C VAL F 316 -8.67 -8.36 53.80
N SER F 317 -9.72 -7.54 53.68
CA SER F 317 -10.59 -7.20 54.82
C SER F 317 -10.88 -8.46 55.65
N ASP F 318 -11.52 -9.46 55.04
CA ASP F 318 -11.75 -10.74 55.74
C ASP F 318 -11.12 -11.89 54.95
N ASN F 319 -9.96 -12.38 55.38
CA ASN F 319 -9.34 -13.55 54.71
C ASN F 319 -9.52 -14.78 55.61
N SER F 320 -10.76 -15.12 55.93
CA SER F 320 -11.02 -16.34 56.74
C SER F 320 -11.44 -17.46 55.78
N PRO F 321 -11.28 -18.75 56.13
CA PRO F 321 -11.73 -19.82 55.25
C PRO F 321 -13.09 -19.49 54.64
N LEU F 322 -13.15 -19.37 53.32
CA LEU F 322 -14.45 -19.12 52.63
C LEU F 322 -15.14 -20.47 52.41
N ALA F 323 -15.94 -20.89 53.39
CA ALA F 323 -16.67 -22.17 53.30
C ALA F 323 -17.21 -22.36 51.88
N PRO F 324 -17.05 -23.56 51.27
CA PRO F 324 -17.62 -23.82 49.96
C PRO F 324 -19.05 -23.31 49.87
N GLY F 325 -19.30 -22.35 48.99
CA GLY F 325 -20.65 -21.79 48.82
C GLY F 325 -20.74 -20.37 49.36
N GLU F 326 -19.85 -20.01 50.28
CA GLU F 326 -19.93 -18.67 50.91
C GLU F 326 -19.66 -17.63 49.82
N THR F 327 -20.47 -16.57 49.78
CA THR F 327 -20.23 -15.48 48.82
C THR F 327 -19.88 -14.26 49.63
N ARG F 328 -18.59 -14.00 49.84
CA ARG F 328 -18.18 -12.87 50.70
C ARG F 328 -17.70 -11.70 49.83
N THR F 329 -18.10 -10.48 50.17
CA THR F 329 -17.58 -9.31 49.46
C THR F 329 -16.46 -8.76 50.30
N VAL F 330 -15.23 -8.74 49.76
CA VAL F 330 -14.06 -8.35 50.58
C VAL F 330 -13.38 -7.12 49.94
N ASP F 331 -12.68 -6.33 50.76
CA ASP F 331 -11.91 -5.19 50.20
C ASP F 331 -10.43 -5.55 50.24
N VAL F 332 -9.83 -5.78 49.09
CA VAL F 332 -8.40 -6.20 49.02
C VAL F 332 -7.54 -4.97 48.72
N THR F 333 -6.37 -4.87 49.35
CA THR F 333 -5.49 -3.71 49.15
C THR F 333 -4.11 -4.20 48.80
N ALA F 334 -3.69 -4.00 47.55
CA ALA F 334 -2.35 -4.42 47.08
C ALA F 334 -1.38 -3.25 47.21
N SER F 335 -0.47 -3.30 48.19
CA SER F 335 0.44 -2.16 48.43
C SER F 335 1.90 -2.59 48.34
N ASP F 336 2.76 -1.79 47.69
CA ASP F 336 4.21 -2.09 47.58
C ASP F 336 4.90 -1.00 46.78
N ALA F 337 6.16 -0.70 47.09
CA ALA F 337 6.93 0.32 46.34
C ALA F 337 7.07 -0.09 44.88
N ALA F 338 7.01 -1.39 44.59
CA ALA F 338 7.11 -1.88 43.20
C ALA F 338 6.02 -1.22 42.34
N TRP F 339 4.87 -0.91 42.92
CA TRP F 339 3.80 -0.21 42.18
C TRP F 339 4.38 1.06 41.57
N GLU F 340 5.17 1.79 42.34
CA GLU F 340 5.77 3.07 41.85
C GLU F 340 7.10 2.79 41.16
N VAL F 341 7.89 1.85 41.67
CA VAL F 341 9.23 1.54 41.08
C VAL F 341 9.03 0.99 39.65
N TYR F 342 8.08 0.09 39.47
CA TYR F 342 7.83 -0.52 38.13
C TYR F 342 6.85 0.36 37.37
N ARG F 343 6.64 1.59 37.84
CA ARG F 343 5.80 2.58 37.11
C ARG F 343 4.42 2.00 36.75
N LEU F 344 3.80 1.26 37.66
CA LEU F 344 2.42 0.76 37.43
C LEU F 344 1.47 1.92 37.74
N SER F 345 1.95 2.91 38.49
CA SER F 345 1.16 4.11 38.83
C SER F 345 1.03 5.02 37.60
N ASP F 346 1.74 4.71 36.52
CA ASP F 346 1.70 5.53 35.28
C ASP F 346 0.49 5.13 34.43
N ILE F 347 -0.44 4.38 35.01
CA ILE F 347 -1.70 4.02 34.30
C ILE F 347 -2.49 5.32 34.14
N ILE F 348 -2.09 6.39 34.83
CA ILE F 348 -2.77 7.71 34.75
C ILE F 348 -2.49 8.37 33.39
N TYR F 349 -1.45 7.92 32.70
CA TYR F 349 -1.09 8.48 31.37
C TYR F 349 -1.61 7.56 30.29
N ASP F 350 -2.22 6.44 30.68
CA ASP F 350 -2.64 5.43 29.69
C ASP F 350 -3.97 5.82 29.02
N PRO F 351 -4.11 5.58 27.70
CA PRO F 351 -5.35 5.84 26.99
C PRO F 351 -6.39 4.77 27.29
N ASP F 352 -6.08 3.84 28.19
CA ASP F 352 -7.03 2.77 28.59
C ASP F 352 -6.76 2.43 30.05
N SER F 353 -7.60 2.93 30.95
CA SER F 353 -7.41 2.68 32.40
C SER F 353 -8.16 1.42 32.81
N ARG F 354 -7.73 0.26 32.30
CA ARG F 354 -8.34 -1.03 32.72
C ARG F 354 -7.18 -1.95 33.12
N PHE F 355 -7.34 -2.73 34.18
CA PHE F 355 -6.27 -3.65 34.64
C PHE F 355 -6.69 -5.10 34.47
N ALA F 356 -5.73 -6.02 34.58
CA ALA F 356 -6.01 -7.47 34.57
C ALA F 356 -4.96 -8.12 35.46
N GLY F 357 -5.27 -9.23 36.10
CA GLY F 357 -4.25 -9.93 36.90
C GLY F 357 -4.69 -11.30 37.31
N LEU F 358 -3.96 -11.94 38.22
CA LEU F 358 -4.29 -13.32 38.63
C LEU F 358 -4.44 -13.37 40.15
N LEU F 359 -5.42 -14.13 40.63
CA LEU F 359 -5.64 -14.31 42.08
C LEU F 359 -5.38 -15.79 42.39
N PHE F 360 -4.71 -16.08 43.50
CA PHE F 360 -4.38 -17.50 43.82
C PHE F 360 -5.05 -17.88 45.12
N PHE F 361 -5.86 -18.94 45.08
CA PHE F 361 -6.62 -19.35 46.29
C PHE F 361 -6.11 -20.70 46.78
N PHE F 362 -5.88 -20.84 48.08
CA PHE F 362 -5.33 -22.04 48.68
C PHE F 362 -6.30 -22.57 49.73
N ASP F 363 -6.45 -23.89 49.76
CA ASP F 363 -7.29 -24.54 50.75
C ASP F 363 -6.45 -24.98 51.94
N ALA F 364 -7.05 -25.75 52.86
CA ALA F 364 -6.30 -26.23 54.01
C ALA F 364 -5.21 -27.22 53.61
N THR F 365 -5.45 -28.02 52.57
CA THR F 365 -4.49 -29.00 52.10
C THR F 365 -3.40 -28.40 51.21
N GLY F 366 -3.53 -27.13 50.84
CA GLY F 366 -2.53 -26.48 50.02
C GLY F 366 -2.78 -26.49 48.53
N ASN F 367 -3.90 -27.06 48.08
CA ASN F 367 -4.24 -27.04 46.67
C ASN F 367 -4.54 -25.63 46.22
N ARG F 368 -4.06 -25.28 45.03
CA ARG F 368 -4.11 -23.91 44.54
C ARG F 368 -5.03 -23.80 43.33
N GLN F 369 -5.91 -22.81 43.36
CA GLN F 369 -6.76 -22.45 42.23
C GLN F 369 -6.38 -21.06 41.73
N VAL F 370 -6.38 -20.90 40.41
CA VAL F 370 -6.02 -19.64 39.77
C VAL F 370 -7.29 -19.04 39.18
N VAL F 371 -7.61 -17.82 39.58
CA VAL F 371 -8.76 -17.09 39.07
C VAL F 371 -8.25 -15.86 38.33
N GLN F 372 -8.88 -15.55 37.20
CA GLN F 372 -8.42 -14.49 36.32
C GLN F 372 -9.41 -13.34 36.38
N ILE F 373 -8.92 -12.14 36.70
CA ILE F 373 -9.77 -10.98 36.94
C ILE F 373 -9.34 -9.86 35.99
N ASP F 374 -10.32 -9.08 35.54
CA ASP F 374 -10.09 -7.90 34.70
C ASP F 374 -11.18 -6.89 34.98
N ALA F 375 -10.80 -5.61 35.03
CA ALA F 375 -11.75 -4.56 35.40
C ALA F 375 -11.18 -3.22 34.94
N PRO F 376 -11.99 -2.17 34.97
CA PRO F 376 -11.43 -0.82 34.79
C PRO F 376 -10.90 -0.28 36.10
N LEU F 377 -9.83 0.50 36.01
CA LEU F 377 -9.13 1.04 37.16
C LEU F 377 -9.38 2.54 37.23
N ILE F 378 -9.95 2.99 38.33
CA ILE F 378 -10.39 4.39 38.50
C ILE F 378 -9.42 5.10 39.42
N PRO F 379 -8.77 6.17 38.98
CA PRO F 379 -7.87 6.92 39.86
C PRO F 379 -8.64 7.76 40.87
N SER F 380 -8.08 7.84 42.08
CA SER F 380 -8.63 8.65 43.16
C SER F 380 -7.71 9.83 43.43
N PHE F 381 -8.28 11.05 43.44
CA PHE F 381 -7.50 12.26 43.63
C PHE F 381 -7.84 13.01 44.90
N MET F 382 -9.03 12.83 45.45
CA MET F 382 -9.43 13.54 46.67
C MET F 382 -8.69 13.01 47.88
N HIS G 1 -34.07 5.49 8.87
CA HIS G 1 -33.92 5.86 7.45
C HIS G 1 -32.56 5.43 6.88
N GLY G 2 -32.53 4.83 5.67
CA GLY G 2 -31.26 4.45 5.02
C GLY G 2 -31.15 2.97 4.73
N GLU G 3 -32.10 2.16 5.18
CA GLU G 3 -32.10 0.68 5.04
C GLU G 3 -32.74 0.30 3.71
N LYS G 4 -33.82 0.99 3.31
CA LYS G 4 -34.54 0.61 2.08
C LYS G 4 -33.56 0.60 0.89
N SER G 5 -32.53 1.44 0.94
CA SER G 5 -31.57 1.56 -0.20
C SER G 5 -30.44 0.54 -0.08
N GLN G 6 -30.34 -0.16 1.05
CA GLN G 6 -29.28 -1.18 1.23
C GLN G 6 -29.71 -2.46 0.50
N ALA G 7 -28.75 -3.21 -0.05
CA ALA G 7 -29.06 -4.46 -0.78
C ALA G 7 -29.90 -5.40 0.09
N ALA G 8 -30.89 -6.04 -0.53
CA ALA G 8 -31.81 -6.88 0.24
C ALA G 8 -31.09 -8.07 0.87
N PHE G 9 -30.18 -8.71 0.13
CA PHE G 9 -29.50 -9.87 0.68
C PHE G 9 -28.54 -9.47 1.80
N MET G 10 -27.91 -8.30 1.69
CA MET G 10 -27.05 -7.85 2.77
C MET G 10 -27.83 -7.62 4.05
N ARG G 11 -29.04 -7.05 3.92
CA ARG G 11 -29.92 -6.89 5.07
C ARG G 11 -30.41 -8.22 5.61
N MET G 12 -30.61 -9.21 4.74
CA MET G 12 -31.10 -10.52 5.17
C MET G 12 -30.01 -11.35 5.84
N ARG G 13 -28.75 -11.14 5.47
CA ARG G 13 -27.68 -12.08 5.84
C ARG G 13 -26.68 -11.50 6.84
N THR G 14 -26.99 -10.41 7.53
CA THR G 14 -25.98 -9.87 8.46
C THR G 14 -26.40 -10.12 9.89
N ILE G 15 -27.18 -9.20 10.48
CA ILE G 15 -27.59 -9.32 11.91
C ILE G 15 -29.11 -9.42 12.01
N HIS G 16 -29.61 -10.31 12.87
CA HIS G 16 -31.08 -10.44 13.11
C HIS G 16 -31.43 -9.92 14.49
N TRP G 17 -32.36 -8.96 14.56
CA TRP G 17 -32.78 -8.37 15.85
C TRP G 17 -34.09 -9.01 16.27
N TYR G 18 -34.13 -9.75 17.38
CA TYR G 18 -35.42 -10.44 17.68
C TYR G 18 -36.22 -9.67 18.73
N ASP G 19 -36.61 -10.26 19.87
CA ASP G 19 -37.61 -9.57 20.68
C ASP G 19 -37.10 -8.28 21.31
N LEU G 20 -37.78 -7.18 20.97
CA LEU G 20 -37.40 -5.84 21.33
C LEU G 20 -38.51 -5.17 22.12
N SER G 21 -38.13 -4.27 23.02
CA SER G 21 -39.09 -3.52 23.81
C SER G 21 -38.66 -2.06 23.88
N TRP G 22 -39.64 -1.17 23.86
CA TRP G 22 -39.44 0.24 24.11
C TRP G 22 -40.22 0.63 25.36
N SER G 23 -39.53 1.25 26.31
CA SER G 23 -40.16 1.56 27.60
C SER G 23 -41.30 2.55 27.42
N LYS G 24 -41.11 3.56 26.57
CA LYS G 24 -42.12 4.59 26.36
C LYS G 24 -42.22 4.90 24.87
N GLU G 25 -43.41 5.33 24.45
CA GLU G 25 -43.62 5.82 23.09
C GLU G 25 -43.62 7.34 23.01
N LYS G 26 -44.07 8.02 24.06
CA LYS G 26 -44.03 9.47 24.14
C LYS G 26 -43.30 9.86 25.42
N VAL G 27 -42.29 10.71 25.28
CA VAL G 27 -41.46 11.13 26.41
C VAL G 27 -41.39 12.64 26.45
N LYS G 28 -41.12 13.18 27.63
CA LYS G 28 -40.87 14.59 27.80
C LYS G 28 -39.37 14.87 27.74
N ILE G 29 -39.02 16.16 27.67
CA ILE G 29 -37.62 16.54 27.67
C ILE G 29 -36.98 16.15 29.00
N ASN G 30 -35.77 15.61 28.92
CA ASN G 30 -34.94 15.10 30.02
C ASN G 30 -35.42 13.74 30.52
N GLU G 31 -36.48 13.17 29.94
CA GLU G 31 -36.93 11.84 30.30
C GLU G 31 -36.17 10.80 29.49
N THR G 32 -36.09 9.58 30.03
CA THR G 32 -35.27 8.52 29.46
C THR G 32 -36.15 7.45 28.85
N VAL G 33 -35.68 6.89 27.73
CA VAL G 33 -36.33 5.79 27.04
C VAL G 33 -35.33 4.64 26.91
N GLU G 34 -35.79 3.43 27.22
CA GLU G 34 -34.96 2.24 27.20
C GLU G 34 -35.38 1.33 26.04
N ILE G 35 -34.42 0.94 25.22
CA ILE G 35 -34.65 0.01 24.11
C ILE G 35 -33.79 -1.22 24.38
N LYS G 36 -34.44 -2.35 24.63
CA LYS G 36 -33.77 -3.61 24.88
C LYS G 36 -34.13 -4.61 23.80
N GLY G 37 -33.28 -5.62 23.63
CA GLY G 37 -33.57 -6.65 22.65
C GLY G 37 -32.43 -7.63 22.54
N LYS G 38 -32.54 -8.52 21.54
CA LYS G 38 -31.48 -9.47 21.24
C LYS G 38 -31.09 -9.34 19.78
N PHE G 39 -29.81 -9.56 19.51
CA PHE G 39 -29.34 -9.55 18.10
C PHE G 39 -28.53 -10.83 17.87
N HIS G 40 -28.78 -11.49 16.74
CA HIS G 40 -28.02 -12.72 16.38
C HIS G 40 -27.14 -12.44 15.17
N VAL G 41 -25.88 -12.89 15.22
CA VAL G 41 -24.95 -12.70 14.08
C VAL G 41 -25.10 -13.92 13.15
N PHE G 42 -25.41 -13.69 11.87
CA PHE G 42 -25.65 -14.80 10.92
C PHE G 42 -24.36 -15.54 10.65
N GLU G 43 -24.44 -16.87 10.62
CA GLU G 43 -23.25 -17.70 10.41
C GLU G 43 -22.67 -17.49 9.02
N GLY G 44 -23.52 -17.36 8.00
CA GLY G 44 -23.05 -17.12 6.66
C GLY G 44 -22.78 -15.66 6.38
N TRP G 45 -21.83 -15.09 7.11
CA TRP G 45 -21.53 -13.67 7.00
C TRP G 45 -21.06 -13.34 5.58
N PRO G 46 -21.59 -12.28 4.96
CA PRO G 46 -21.16 -11.94 3.60
C PRO G 46 -19.67 -11.63 3.55
N GLU G 47 -19.05 -12.01 2.43
CA GLU G 47 -17.61 -11.88 2.30
C GLU G 47 -17.17 -10.44 2.11
N THR G 48 -18.03 -9.59 1.53
CA THR G 48 -17.68 -8.19 1.33
C THR G 48 -17.79 -7.37 2.60
N VAL G 49 -18.41 -7.89 3.65
CA VAL G 49 -18.43 -7.27 4.96
C VAL G 49 -17.38 -7.94 5.82
N ASP G 50 -16.48 -7.15 6.40
CA ASP G 50 -15.49 -7.70 7.30
C ASP G 50 -16.16 -8.30 8.53
N GLU G 51 -15.50 -9.30 9.11
CA GLU G 51 -16.03 -9.93 10.30
C GLU G 51 -16.15 -8.90 11.43
N PRO G 52 -17.18 -8.99 12.27
CA PRO G 52 -17.39 -7.94 13.28
C PRO G 52 -16.37 -8.01 14.41
N ASP G 53 -15.08 -8.03 14.06
CA ASP G 53 -14.03 -7.96 15.07
C ASP G 53 -14.01 -6.59 15.75
N VAL G 54 -14.39 -5.54 15.03
CA VAL G 54 -14.50 -4.19 15.58
C VAL G 54 -15.90 -3.70 15.23
N ALA G 55 -16.80 -3.71 16.21
CA ALA G 55 -18.18 -3.32 16.01
C ALA G 55 -18.60 -2.34 17.09
N PHE G 56 -19.49 -1.41 16.72
CA PHE G 56 -19.97 -0.38 17.63
C PHE G 56 -21.50 -0.39 17.62
N LEU G 57 -22.09 -0.41 18.82
CA LEU G 57 -23.54 -0.32 18.94
C LEU G 57 -23.97 1.14 18.89
N ASN G 58 -24.79 1.48 17.90
CA ASN G 58 -25.12 2.87 17.62
C ASN G 58 -26.63 3.05 17.59
N VAL G 59 -27.05 4.31 17.70
CA VAL G 59 -28.45 4.70 17.62
C VAL G 59 -28.65 5.52 16.36
N GLY G 60 -29.55 5.08 15.50
CA GLY G 60 -29.84 5.77 14.26
C GLY G 60 -30.97 6.77 14.41
N MET G 61 -30.65 8.04 14.26
CA MET G 61 -31.60 9.13 14.40
C MET G 61 -31.02 10.34 13.69
N PRO G 62 -31.87 11.33 13.32
CA PRO G 62 -31.39 12.41 12.46
C PRO G 62 -30.43 13.37 13.13
N GLY G 63 -29.97 13.03 14.32
CA GLY G 63 -29.02 13.86 15.05
C GLY G 63 -29.14 13.65 16.53
N PRO G 64 -28.57 14.56 17.32
CA PRO G 64 -28.68 14.49 18.79
C PRO G 64 -30.04 14.96 19.30
N VAL G 65 -31.12 14.47 18.69
CA VAL G 65 -32.45 14.70 19.22
C VAL G 65 -32.61 13.97 20.54
N PHE G 66 -31.92 12.85 20.70
CA PHE G 66 -31.68 12.20 21.98
C PHE G 66 -30.20 12.25 22.29
N ILE G 67 -29.85 12.01 23.55
CA ILE G 67 -28.48 11.74 23.93
C ILE G 67 -28.40 10.34 24.51
N ARG G 68 -27.43 9.57 24.05
CA ARG G 68 -27.30 8.17 24.47
C ARG G 68 -26.71 8.17 25.87
N LYS G 69 -27.57 8.02 26.88
CA LYS G 69 -27.09 8.00 28.25
C LYS G 69 -26.20 6.80 28.52
N GLU G 70 -26.60 5.62 28.05
CA GLU G 70 -25.75 4.44 28.22
C GLU G 70 -26.15 3.37 27.22
N SER G 71 -25.22 2.43 27.03
CA SER G 71 -25.45 1.28 26.15
C SER G 71 -24.74 0.07 26.75
N TYR G 72 -25.42 -1.06 26.77
CA TYR G 72 -24.92 -2.29 27.36
C TYR G 72 -25.05 -3.42 26.35
N ILE G 73 -23.99 -4.19 26.17
CA ILE G 73 -24.00 -5.43 25.40
C ILE G 73 -23.73 -6.56 26.37
N GLY G 74 -24.72 -7.43 26.59
CA GLY G 74 -24.59 -8.50 27.55
C GLY G 74 -24.42 -8.03 28.98
N GLY G 75 -25.05 -6.91 29.35
CA GLY G 75 -24.95 -6.38 30.68
C GLY G 75 -23.70 -5.57 30.96
N GLN G 76 -22.84 -5.36 29.97
CA GLN G 76 -21.60 -4.63 30.14
C GLN G 76 -21.66 -3.33 29.33
N LEU G 77 -21.35 -2.22 29.98
CA LEU G 77 -21.35 -0.93 29.29
C LEU G 77 -20.33 -0.93 28.15
N VAL G 78 -20.73 -0.39 27.02
CA VAL G 78 -19.90 -0.44 25.81
C VAL G 78 -19.75 0.95 25.21
N PRO G 79 -19.02 1.87 25.85
CA PRO G 79 -18.78 3.18 25.24
C PRO G 79 -17.80 3.15 24.09
N ARG G 80 -17.07 2.05 23.91
CA ARG G 80 -16.08 1.90 22.86
C ARG G 80 -16.52 0.80 21.89
N SER G 81 -15.74 0.61 20.84
CA SER G 81 -15.97 -0.47 19.91
C SER G 81 -15.72 -1.81 20.60
N VAL G 82 -16.44 -2.84 20.14
CA VAL G 82 -16.40 -4.16 20.75
C VAL G 82 -16.14 -5.21 19.67
N ARG G 83 -15.91 -6.43 20.13
CA ARG G 83 -15.64 -7.57 19.26
C ARG G 83 -16.78 -8.57 19.39
N LEU G 84 -17.38 -8.94 18.25
CA LEU G 84 -18.48 -9.89 18.22
C LEU G 84 -18.07 -11.12 17.42
N GLU G 85 -18.62 -12.26 17.82
CA GLU G 85 -18.32 -13.55 17.19
C GLU G 85 -19.45 -13.96 16.28
N ILE G 86 -19.09 -14.58 15.15
CA ILE G 86 -20.08 -15.04 14.18
C ILE G 86 -20.88 -16.18 14.78
N GLY G 87 -22.20 -16.12 14.65
CA GLY G 87 -23.07 -17.18 15.09
C GLY G 87 -23.52 -17.12 16.53
N LYS G 88 -23.27 -16.01 17.23
CA LYS G 88 -23.64 -15.88 18.63
C LYS G 88 -24.74 -14.83 18.79
N THR G 89 -25.53 -14.99 19.84
CA THR G 89 -26.62 -14.08 20.16
C THR G 89 -26.25 -13.25 21.39
N TYR G 90 -26.61 -11.97 21.36
CA TYR G 90 -26.27 -11.05 22.45
C TYR G 90 -27.50 -10.23 22.82
N ASP G 91 -27.70 -10.05 24.13
CA ASP G 91 -28.63 -9.05 24.62
C ASP G 91 -28.02 -7.66 24.45
N PHE G 92 -28.87 -6.68 24.19
CA PHE G 92 -28.45 -5.30 24.13
C PHE G 92 -29.49 -4.41 24.80
N ARG G 93 -29.01 -3.35 25.43
CA ARG G 93 -29.86 -2.35 26.07
C ARG G 93 -29.29 -0.97 25.77
N VAL G 94 -30.17 -0.01 25.48
CA VAL G 94 -29.75 1.35 25.22
C VAL G 94 -30.69 2.29 25.98
N VAL G 95 -30.12 3.15 26.82
CA VAL G 95 -30.88 4.16 27.54
C VAL G 95 -30.54 5.51 26.94
N LEU G 96 -31.56 6.20 26.42
CA LEU G 96 -31.43 7.49 25.76
C LEU G 96 -32.19 8.54 26.56
N LYS G 97 -31.74 9.78 26.46
CA LYS G 97 -32.38 10.91 27.15
C LYS G 97 -32.87 11.91 26.12
N ALA G 98 -34.12 12.33 26.24
CA ALA G 98 -34.74 13.20 25.25
C ALA G 98 -34.13 14.60 25.30
N ARG G 99 -33.82 15.15 24.14
CA ARG G 99 -33.21 16.47 24.03
C ARG G 99 -34.01 17.45 23.20
N ARG G 100 -34.57 17.02 22.06
CA ARG G 100 -35.28 17.93 21.19
C ARG G 100 -36.71 17.45 20.93
N PRO G 101 -37.68 18.36 20.89
CA PRO G 101 -39.07 17.94 20.68
C PRO G 101 -39.34 17.58 19.23
N GLY G 102 -40.33 16.72 19.04
CA GLY G 102 -40.74 16.30 17.70
C GLY G 102 -40.97 14.82 17.59
N ASP G 103 -41.32 14.35 16.40
CA ASP G 103 -41.51 12.89 16.18
C ASP G 103 -40.24 12.33 15.55
N TRP G 104 -39.61 11.35 16.21
CA TRP G 104 -38.30 10.86 15.71
C TRP G 104 -38.36 9.37 15.46
N HIS G 105 -37.86 8.95 14.29
CA HIS G 105 -37.78 7.50 13.97
C HIS G 105 -36.45 7.00 14.53
N VAL G 106 -36.50 6.19 15.58
CA VAL G 106 -35.24 5.77 16.26
C VAL G 106 -34.96 4.29 15.95
N HIS G 107 -33.74 3.99 15.51
CA HIS G 107 -33.36 2.61 15.17
C HIS G 107 -32.15 2.18 15.99
N THR G 108 -32.02 0.88 16.22
CA THR G 108 -30.80 0.38 16.89
C THR G 108 -29.93 -0.15 15.79
N MET G 109 -28.65 0.19 15.81
CA MET G 109 -27.80 -0.23 14.67
C MET G 109 -26.45 -0.78 15.14
N MET G 110 -25.84 -1.62 14.32
CA MET G 110 -24.47 -2.09 14.63
C MET G 110 -23.56 -1.59 13.51
N ASN G 111 -22.71 -0.61 13.81
CA ASN G 111 -21.72 -0.14 12.80
C ASN G 111 -20.58 -1.16 12.83
N VAL G 112 -20.22 -1.72 11.67
CA VAL G 112 -19.15 -2.76 11.61
C VAL G 112 -17.99 -2.22 10.75
N GLN G 113 -16.78 -2.22 11.30
CA GLN G 113 -15.61 -1.66 10.57
C GLN G 113 -15.29 -2.54 9.36
N GLY G 114 -15.13 -1.93 8.19
CA GLY G 114 -14.88 -2.70 6.96
C GLY G 114 -16.15 -3.32 6.43
N GLY G 115 -17.30 -2.88 6.94
CA GLY G 115 -18.59 -3.41 6.50
C GLY G 115 -19.56 -2.29 6.23
N GLY G 116 -19.78 -1.42 7.21
CA GLY G 116 -20.74 -0.32 7.06
C GLY G 116 -21.87 -0.43 8.06
N PRO G 117 -23.02 0.23 7.82
CA PRO G 117 -24.11 0.23 8.78
C PRO G 117 -25.04 -0.97 8.71
N ILE G 118 -25.48 -1.45 9.87
CA ILE G 118 -26.48 -2.57 9.91
C ILE G 118 -27.64 -2.01 10.73
N ILE G 119 -28.66 -1.47 10.07
CA ILE G 119 -29.78 -0.79 10.78
C ILE G 119 -30.83 -1.81 11.22
N GLY G 120 -31.37 -1.65 12.44
CA GLY G 120 -32.43 -2.54 12.92
C GLY G 120 -33.78 -1.87 12.82
N PRO G 121 -34.86 -2.48 13.34
CA PRO G 121 -36.19 -1.90 13.21
C PRO G 121 -36.31 -0.52 13.81
N GLY G 122 -36.98 0.41 13.12
CA GLY G 122 -37.12 1.77 13.63
C GLY G 122 -38.50 2.00 14.21
N LYS G 123 -38.56 2.76 15.30
CA LYS G 123 -39.80 3.08 15.99
C LYS G 123 -39.96 4.59 16.08
N TRP G 124 -41.21 5.06 15.95
CA TRP G 124 -41.52 6.47 16.04
C TRP G 124 -41.74 6.84 17.50
N ILE G 125 -40.98 7.82 17.99
CA ILE G 125 -41.06 8.28 19.37
C ILE G 125 -41.30 9.79 19.36
N THR G 126 -42.25 10.24 20.17
CA THR G 126 -42.61 11.65 20.25
C THR G 126 -42.00 12.27 21.51
N VAL G 127 -41.35 13.42 21.34
CA VAL G 127 -40.75 14.16 22.44
C VAL G 127 -41.50 15.48 22.57
N GLU G 128 -42.03 15.75 23.76
CA GLU G 128 -42.80 16.96 24.04
C GLU G 128 -42.07 17.80 25.06
N GLY G 129 -42.01 19.10 24.80
CA GLY G 129 -41.34 20.04 25.68
C GLY G 129 -40.53 21.03 24.87
N SER G 130 -39.62 21.71 25.55
CA SER G 130 -38.75 22.71 24.93
C SER G 130 -37.30 22.27 25.05
N MET G 131 -36.52 22.53 24.00
CA MET G 131 -35.11 22.15 24.01
C MET G 131 -34.32 22.94 25.05
N SER G 132 -34.81 24.13 25.43
CA SER G 132 -34.11 24.94 26.41
C SER G 132 -34.12 24.30 27.80
N GLU G 133 -35.01 23.34 28.05
CA GLU G 133 -35.07 22.69 29.34
C GLU G 133 -34.10 21.52 29.47
N PHE G 134 -33.43 21.13 28.39
CA PHE G 134 -32.54 19.99 28.43
C PHE G 134 -31.28 20.31 29.23
N ARG G 135 -30.90 19.41 30.13
CA ARG G 135 -29.69 19.54 30.92
C ARG G 135 -28.92 18.23 30.86
N ASN G 136 -27.58 18.34 30.89
CA ASN G 136 -26.69 17.19 30.82
C ASN G 136 -25.66 17.29 31.94
N PRO G 137 -26.08 17.04 33.19
CA PRO G 137 -25.14 17.15 34.30
C PRO G 137 -24.18 15.97 34.36
N VAL G 138 -22.91 16.28 34.62
CA VAL G 138 -21.86 15.27 34.77
C VAL G 138 -20.97 15.68 35.95
N THR G 139 -20.70 14.73 36.83
CA THR G 139 -19.84 14.97 37.98
C THR G 139 -18.47 14.37 37.73
N THR G 140 -17.44 15.19 37.85
CA THR G 140 -16.07 14.77 37.58
C THR G 140 -15.43 14.18 38.83
N LEU G 141 -14.30 13.50 38.62
CA LEU G 141 -13.55 12.93 39.74
C LEU G 141 -12.89 13.99 40.61
N THR G 142 -12.82 15.23 40.15
CA THR G 142 -12.26 16.32 40.93
C THR G 142 -13.28 16.98 41.85
N GLY G 143 -14.52 16.51 41.85
CA GLY G 143 -15.54 17.06 42.71
C GLY G 143 -16.35 18.18 42.10
N GLN G 144 -16.30 18.36 40.79
CA GLN G 144 -17.02 19.43 40.11
C GLN G 144 -18.17 18.85 39.28
N THR G 145 -19.33 19.48 39.39
CA THR G 145 -20.49 19.12 38.58
C THR G 145 -20.69 20.18 37.50
N VAL G 146 -20.74 19.74 36.25
CA VAL G 146 -20.82 20.64 35.11
C VAL G 146 -21.99 20.22 34.22
N ASP G 147 -22.39 21.14 33.35
CA ASP G 147 -23.43 20.88 32.35
C ASP G 147 -22.77 20.83 30.98
N LEU G 148 -22.85 19.67 30.34
CA LEU G 148 -22.13 19.45 29.09
C LEU G 148 -22.67 20.26 27.92
N GLU G 149 -23.86 20.85 28.06
CA GLU G 149 -24.42 21.66 26.97
C GLU G 149 -23.62 22.94 26.77
N ASN G 150 -23.17 23.57 27.85
CA ASN G 150 -22.48 24.85 27.77
C ASN G 150 -21.10 24.85 28.42
N TYR G 151 -20.61 23.69 28.86
CA TYR G 151 -19.31 23.64 29.53
C TYR G 151 -18.19 23.98 28.56
N ASN G 152 -17.28 24.85 28.99
CA ASN G 152 -16.08 25.26 28.25
C ASN G 152 -16.39 26.03 26.98
N GLU G 153 -17.64 26.48 26.79
CA GLU G 153 -17.99 27.23 25.60
C GLU G 153 -17.35 28.62 25.60
N GLY G 154 -17.45 29.33 26.74
CA GLY G 154 -16.92 30.67 26.81
C GLY G 154 -15.41 30.73 26.66
N ASN G 155 -14.72 29.75 27.23
CA ASN G 155 -13.26 29.71 27.10
C ASN G 155 -12.84 29.52 25.64
N THR G 156 -13.51 28.63 24.92
CA THR G 156 -13.21 28.41 23.51
C THR G 156 -13.48 29.68 22.70
N TYR G 157 -14.64 30.31 22.94
CA TYR G 157 -14.95 31.55 22.24
C TYR G 157 -13.88 32.61 22.52
N PHE G 158 -13.49 32.76 23.79
CA PHE G 158 -12.52 33.79 24.16
C PHE G 158 -11.18 33.56 23.47
N TRP G 159 -10.68 32.32 23.51
CA TRP G 159 -9.37 32.07 22.93
C TRP G 159 -9.38 32.21 21.42
N HIS G 160 -10.42 31.69 20.76
CA HIS G 160 -10.49 31.82 19.31
C HIS G 160 -10.62 33.28 18.90
N ALA G 161 -11.45 34.06 19.60
CA ALA G 161 -11.58 35.47 19.28
C ALA G 161 -10.27 36.22 19.52
N PHE G 162 -9.55 35.87 20.59
CA PHE G 162 -8.29 36.51 20.90
C PHE G 162 -7.27 36.28 19.78
N TRP G 163 -7.13 35.03 19.35
CA TRP G 163 -6.13 34.74 18.31
C TRP G 163 -6.56 35.31 16.96
N PHE G 164 -7.87 35.28 16.66
CA PHE G 164 -8.35 35.89 15.43
C PHE G 164 -8.10 37.40 15.43
N ALA G 165 -8.31 38.05 16.58
CA ALA G 165 -8.04 39.48 16.69
C ALA G 165 -6.56 39.77 16.52
N ILE G 166 -5.69 38.92 17.06
CA ILE G 166 -4.26 39.12 16.88
C ILE G 166 -3.89 39.03 15.40
N GLY G 167 -4.42 38.01 14.70
CA GLY G 167 -4.15 37.90 13.28
C GLY G 167 -4.68 39.08 12.48
N VAL G 168 -5.89 39.54 12.82
CA VAL G 168 -6.49 40.68 12.13
C VAL G 168 -5.65 41.93 12.36
N ALA G 169 -5.16 42.13 13.59
CA ALA G 169 -4.29 43.27 13.87
C ALA G 169 -2.99 43.18 13.08
N TRP G 170 -2.41 41.98 12.99
CA TRP G 170 -1.19 41.82 12.20
C TRP G 170 -1.42 42.17 10.74
N ILE G 171 -2.54 41.75 10.17
CA ILE G 171 -2.83 42.08 8.78
C ILE G 171 -3.10 43.58 8.62
N GLY G 172 -3.89 44.15 9.53
CA GLY G 172 -4.28 45.55 9.43
C GLY G 172 -3.14 46.52 9.67
N TYR G 173 -2.10 46.10 10.39
CA TYR G 173 -0.92 46.96 10.53
C TYR G 173 -0.29 47.24 9.17
N TRP G 174 -0.18 46.23 8.32
CA TRP G 174 0.31 46.41 6.97
C TRP G 174 -0.76 46.93 6.01
N SER G 175 -2.04 46.78 6.36
CA SER G 175 -3.11 47.18 5.46
C SER G 175 -3.38 48.68 5.45
N ARG G 176 -2.73 49.45 6.32
CA ARG G 176 -2.93 50.90 6.32
C ARG G 176 -2.23 51.60 5.17
N ARG G 177 -1.34 50.92 4.47
CA ARG G 177 -0.57 51.46 3.37
C ARG G 177 -1.09 50.92 2.04
N PRO G 178 -0.65 51.50 0.92
CA PRO G 178 -0.95 50.88 -0.38
C PRO G 178 -0.47 49.43 -0.41
N ILE G 179 -1.29 48.57 -1.00
CA ILE G 179 -1.15 47.12 -0.82
C ILE G 179 -0.56 46.45 -2.05
N PHE G 180 -1.24 46.55 -3.19
CA PHE G 180 -0.97 45.65 -4.31
C PHE G 180 -0.21 46.31 -5.46
N ILE G 181 -0.75 47.36 -6.06
CA ILE G 181 -0.18 47.88 -7.31
C ILE G 181 1.10 48.67 -7.04
N PRO G 182 1.11 49.69 -6.17
CA PRO G 182 2.37 50.43 -5.97
C PRO G 182 3.49 49.56 -5.43
N ARG G 183 3.19 48.62 -4.54
CA ARG G 183 4.21 47.72 -4.02
C ARG G 183 4.75 46.81 -5.11
N LEU G 184 3.86 46.31 -5.98
CA LEU G 184 4.32 45.48 -7.09
C LEU G 184 5.22 46.27 -8.03
N LEU G 185 4.85 47.51 -8.34
CA LEU G 185 5.70 48.32 -9.20
C LEU G 185 7.04 48.62 -8.56
N MET G 186 7.05 48.90 -7.25
CA MET G 186 8.31 49.15 -6.56
C MET G 186 9.20 47.93 -6.54
N VAL G 187 8.62 46.74 -6.32
CA VAL G 187 9.42 45.51 -6.35
C VAL G 187 9.96 45.27 -7.75
N ASP G 188 9.13 45.49 -8.78
CA ASP G 188 9.60 45.33 -10.15
C ASP G 188 10.70 46.32 -10.48
N ALA G 189 10.59 47.55 -9.96
CA ALA G 189 11.58 48.59 -10.21
C ALA G 189 12.87 48.37 -9.43
N GLY G 190 12.91 47.41 -8.51
CA GLY G 190 14.08 47.16 -7.72
C GLY G 190 14.14 47.90 -6.40
N ARG G 191 13.05 48.54 -5.98
CA ARG G 191 12.99 49.27 -4.73
C ARG G 191 12.29 48.47 -3.62
N ALA G 192 12.48 47.15 -3.60
CA ALA G 192 11.84 46.33 -2.59
C ALA G 192 12.33 46.64 -1.19
N ASP G 193 13.62 46.93 -1.04
CA ASP G 193 14.19 47.20 0.28
C ASP G 193 13.57 48.44 0.93
N GLU G 194 12.98 49.33 0.14
CA GLU G 194 12.32 50.51 0.69
C GLU G 194 10.94 50.21 1.25
N LEU G 195 10.40 49.02 0.99
CA LEU G 195 9.04 48.69 1.43
C LEU G 195 8.98 48.20 2.88
N VAL G 196 10.12 47.87 3.48
CA VAL G 196 10.17 47.44 4.88
C VAL G 196 11.18 48.31 5.61
N SER G 197 10.77 48.90 6.72
CA SER G 197 11.61 49.79 7.50
C SER G 197 12.03 49.11 8.81
N ALA G 198 12.88 49.80 9.57
CA ALA G 198 13.33 49.27 10.84
C ALA G 198 12.18 49.13 11.83
N THR G 199 11.24 50.08 11.80
CA THR G 199 10.07 49.99 12.68
C THR G 199 9.25 48.74 12.37
N ASP G 200 9.13 48.40 11.08
CA ASP G 200 8.42 47.18 10.71
C ASP G 200 9.13 45.94 11.25
N ARG G 201 10.46 45.92 11.19
CA ARG G 201 11.22 44.80 11.74
C ARG G 201 11.01 44.69 13.25
N LYS G 202 11.03 45.82 13.95
CA LYS G 202 10.79 45.80 15.39
C LYS G 202 9.39 45.32 15.71
N VAL G 203 8.40 45.73 14.90
CA VAL G 203 7.02 45.28 15.12
C VAL G 203 6.91 43.77 14.91
N ALA G 204 7.57 43.26 13.87
CA ALA G 204 7.56 41.82 13.63
C ALA G 204 8.22 41.04 14.76
N MET G 205 9.35 41.56 15.26
CA MET G 205 10.02 40.91 16.39
C MET G 205 9.12 40.91 17.62
N GLY G 206 8.47 42.04 17.89
CA GLY G 206 7.55 42.10 19.02
C GLY G 206 6.39 41.15 18.87
N PHE G 207 5.84 41.04 17.66
CA PHE G 207 4.73 40.12 17.41
C PHE G 207 5.16 38.68 17.67
N LEU G 208 6.33 38.29 17.16
CA LEU G 208 6.81 36.93 17.35
C LEU G 208 7.05 36.63 18.83
N ALA G 209 7.75 37.53 19.52
CA ALA G 209 8.03 37.33 20.93
C ALA G 209 6.75 37.28 21.75
N ALA G 210 5.81 38.18 21.48
CA ALA G 210 4.55 38.20 22.22
C ALA G 210 3.75 36.93 21.96
N THR G 211 3.73 36.45 20.72
CA THR G 211 3.01 35.21 20.42
C THR G 211 3.58 34.05 21.20
N ILE G 212 4.91 33.88 21.17
CA ILE G 212 5.52 32.76 21.87
C ILE G 212 5.29 32.88 23.38
N LEU G 213 5.49 34.07 23.94
CA LEU G 213 5.33 34.27 25.37
C LEU G 213 3.88 34.05 25.81
N ILE G 214 2.92 34.53 25.01
CA ILE G 214 1.52 34.34 25.35
C ILE G 214 1.14 32.87 25.28
N VAL G 215 1.64 32.13 24.28
CA VAL G 215 1.35 30.70 24.20
C VAL G 215 1.90 29.99 25.43
N VAL G 216 3.14 30.31 25.82
CA VAL G 216 3.75 29.65 26.97
C VAL G 216 2.98 29.96 28.25
N MET G 217 2.63 31.24 28.45
CA MET G 217 1.91 31.63 29.66
C MET G 217 0.52 31.01 29.70
N ALA G 218 -0.16 30.93 28.55
CA ALA G 218 -1.48 30.33 28.50
C ALA G 218 -1.41 28.84 28.83
N MET G 219 -0.39 28.15 28.29
CA MET G 219 -0.23 26.74 28.64
C MET G 219 0.04 26.56 30.13
N SER G 220 0.89 27.40 30.70
CA SER G 220 1.16 27.30 32.13
C SER G 220 -0.08 27.55 32.96
N SER G 221 -0.87 28.57 32.59
CA SER G 221 -2.09 28.89 33.33
C SER G 221 -3.12 27.77 33.21
N ALA G 222 -3.24 27.18 32.01
CA ALA G 222 -4.16 26.06 31.84
C ALA G 222 -3.74 24.86 32.66
N ASN G 223 -2.42 24.59 32.72
CA ASN G 223 -1.93 23.50 33.55
C ASN G 223 -2.21 23.76 35.03
N SER G 224 -2.02 25.00 35.47
CA SER G 224 -2.30 25.34 36.87
C SER G 224 -3.78 25.22 37.19
N LYS G 225 -4.64 25.63 36.27
CA LYS G 225 -6.08 25.58 36.52
C LYS G 225 -6.60 24.15 36.54
N TYR G 226 -6.04 23.28 35.72
CA TYR G 226 -6.47 21.89 35.60
C TYR G 226 -5.25 20.99 35.78
N PRO G 227 -4.80 20.80 37.02
CA PRO G 227 -3.60 19.97 37.24
C PRO G 227 -3.83 18.49 37.03
N ILE G 228 -5.08 18.05 36.94
CA ILE G 228 -5.40 16.63 36.77
C ILE G 228 -6.10 16.46 35.44
N THR G 229 -5.41 15.83 34.49
CA THR G 229 -5.95 15.55 33.17
C THR G 229 -5.58 14.13 32.76
N ILE G 230 -6.43 13.54 31.93
CA ILE G 230 -6.18 12.20 31.39
C ILE G 230 -6.32 12.25 29.88
N PRO G 231 -5.66 11.36 29.14
CA PRO G 231 -5.84 11.34 27.68
C PRO G 231 -7.20 10.75 27.31
N LEU G 232 -7.53 10.88 26.03
CA LEU G 232 -8.77 10.32 25.52
C LEU G 232 -8.75 8.81 25.66
N GLN G 233 -9.85 8.25 26.17
CA GLN G 233 -9.95 6.82 26.43
C GLN G 233 -10.50 6.13 25.18
N ALA G 234 -9.72 5.21 24.62
CA ALA G 234 -10.09 4.53 23.39
C ALA G 234 -9.58 3.09 23.44
N GLY G 235 -10.12 2.27 22.56
CA GLY G 235 -9.75 0.87 22.49
C GLY G 235 -10.93 0.02 22.14
N THR G 236 -10.63 -1.23 21.76
CA THR G 236 -11.66 -2.21 21.43
C THR G 236 -11.81 -3.19 22.60
N MET G 237 -13.04 -3.32 23.08
CA MET G 237 -13.32 -4.14 24.27
C MET G 237 -13.71 -5.54 23.81
N ARG G 238 -12.87 -6.52 24.15
CA ARG G 238 -13.14 -7.91 23.85
C ARG G 238 -13.89 -8.57 25.01
N GLY G 239 -14.11 -9.87 24.90
CA GLY G 239 -14.73 -10.64 25.96
C GLY G 239 -16.17 -10.28 26.27
N MET G 240 -16.97 -10.06 25.22
CA MET G 240 -18.39 -9.84 25.40
C MET G 240 -19.10 -11.17 25.63
N LYS G 241 -19.93 -11.22 26.68
CA LYS G 241 -20.59 -12.46 27.06
C LYS G 241 -21.80 -12.70 26.17
N PRO G 242 -21.83 -13.78 25.39
CA PRO G 242 -23.00 -14.06 24.57
C PRO G 242 -24.07 -14.82 25.35
N LEU G 243 -25.22 -14.97 24.71
CA LEU G 243 -26.32 -15.72 25.32
C LEU G 243 -26.10 -17.21 25.16
N GLU G 244 -26.41 -17.96 26.22
CA GLU G 244 -26.41 -19.42 26.18
C GLU G 244 -27.84 -19.88 26.02
N LEU G 245 -28.23 -20.07 24.76
CA LEU G 245 -29.68 -20.32 24.48
C LEU G 245 -29.99 -21.79 24.26
N PRO G 246 -31.20 -22.24 24.59
CA PRO G 246 -31.60 -23.62 24.31
C PRO G 246 -31.51 -23.91 22.82
N ALA G 247 -30.77 -24.96 22.45
CA ALA G 247 -30.69 -25.36 21.03
C ALA G 247 -32.09 -25.76 20.56
N PRO G 248 -32.48 -25.45 19.32
CA PRO G 248 -33.84 -25.72 18.90
C PRO G 248 -34.18 -27.19 18.77
N THR G 249 -35.01 -27.70 19.68
CA THR G 249 -35.54 -29.05 19.49
C THR G 249 -36.28 -29.22 18.18
N VAL G 250 -36.28 -28.19 17.33
CA VAL G 250 -36.99 -28.21 16.06
C VAL G 250 -35.98 -28.08 14.94
N SER G 251 -36.06 -28.98 13.96
CA SER G 251 -35.17 -28.96 12.80
C SER G 251 -35.97 -28.54 11.57
N VAL G 252 -35.46 -27.57 10.83
CA VAL G 252 -36.17 -27.11 9.59
C VAL G 252 -35.21 -27.13 8.39
N LYS G 253 -35.59 -27.85 7.32
CA LYS G 253 -34.78 -27.84 6.07
C LYS G 253 -35.58 -27.08 5.00
N VAL G 254 -34.90 -26.19 4.27
CA VAL G 254 -35.57 -25.41 3.18
C VAL G 254 -35.40 -26.20 1.87
N GLU G 255 -36.47 -26.84 1.40
CA GLU G 255 -36.40 -27.54 0.10
C GLU G 255 -36.24 -26.49 -1.00
N ASP G 256 -37.21 -25.59 -1.14
CA ASP G 256 -37.18 -24.57 -2.21
C ASP G 256 -37.65 -23.22 -1.66
N ALA G 257 -37.17 -22.11 -2.23
CA ALA G 257 -37.61 -20.76 -1.82
C ALA G 257 -37.70 -19.91 -3.09
N THR G 258 -38.88 -19.36 -3.37
CA THR G 258 -39.08 -18.61 -4.63
C THR G 258 -39.85 -17.34 -4.39
N TYR G 259 -39.69 -16.35 -5.27
CA TYR G 259 -40.48 -15.10 -5.18
C TYR G 259 -40.90 -14.68 -6.58
N ARG G 260 -42.18 -14.31 -6.76
CA ARG G 260 -42.63 -13.79 -8.06
C ARG G 260 -42.00 -12.41 -8.25
N VAL G 261 -41.43 -12.14 -9.43
CA VAL G 261 -40.68 -10.85 -9.59
C VAL G 261 -41.64 -9.66 -9.60
N PRO G 262 -42.78 -9.65 -10.32
CA PRO G 262 -43.70 -8.53 -10.18
C PRO G 262 -43.95 -8.24 -8.70
N GLY G 263 -44.80 -9.03 -8.05
CA GLY G 263 -44.55 -9.77 -6.79
C GLY G 263 -44.53 -8.96 -5.50
N ARG G 264 -45.25 -9.41 -4.47
CA ARG G 264 -45.25 -8.76 -3.13
C ARG G 264 -45.12 -9.84 -2.07
N ALA G 265 -44.74 -11.06 -2.46
CA ALA G 265 -44.71 -12.18 -1.50
C ALA G 265 -43.48 -13.07 -1.72
N MET G 266 -43.28 -14.03 -0.83
CA MET G 266 -42.18 -15.01 -0.98
C MET G 266 -42.77 -16.37 -0.56
N ARG G 267 -42.34 -17.45 -1.23
CA ARG G 267 -42.91 -18.78 -0.94
C ARG G 267 -41.74 -19.74 -0.67
N MET G 268 -41.95 -20.73 0.19
CA MET G 268 -40.85 -21.66 0.55
C MET G 268 -41.43 -23.03 0.92
N LYS G 269 -40.75 -24.10 0.51
CA LYS G 269 -41.16 -25.45 0.93
C LYS G 269 -40.23 -25.81 2.10
N LEU G 270 -40.80 -26.28 3.20
CA LEU G 270 -39.96 -26.53 4.41
C LEU G 270 -40.25 -27.92 4.95
N THR G 271 -39.20 -28.63 5.38
CA THR G 271 -39.42 -29.93 6.04
C THR G 271 -39.12 -29.69 7.51
N ILE G 272 -40.08 -29.95 8.39
CA ILE G 272 -39.89 -29.61 9.82
C ILE G 272 -39.92 -30.89 10.66
N THR G 273 -38.90 -31.11 11.50
CA THR G 273 -38.92 -32.27 12.39
C THR G 273 -39.00 -31.80 13.82
N ASN G 274 -40.00 -32.27 14.57
CA ASN G 274 -40.11 -31.91 16.01
C ASN G 274 -39.26 -32.91 16.81
N HIS G 275 -38.28 -32.42 17.56
CA HIS G 275 -37.47 -33.32 18.42
C HIS G 275 -37.92 -33.10 19.88
N GLY G 276 -39.23 -33.20 20.14
CA GLY G 276 -39.74 -33.08 21.52
C GLY G 276 -40.48 -31.77 21.75
N ASN G 277 -40.36 -31.19 22.94
CA ASN G 277 -40.98 -29.85 23.28
C ASN G 277 -42.48 -29.82 22.94
N SER G 278 -43.16 -30.97 22.89
CA SER G 278 -44.63 -31.04 22.69
C SER G 278 -45.04 -30.63 21.28
N PRO G 279 -46.29 -30.88 20.82
CA PRO G 279 -46.73 -30.41 19.53
C PRO G 279 -46.43 -28.94 19.35
N ILE G 280 -45.78 -28.59 18.25
CA ILE G 280 -45.39 -27.16 18.02
C ILE G 280 -46.11 -26.63 16.78
N ARG G 281 -46.06 -25.31 16.56
CA ARG G 281 -46.70 -24.68 15.38
C ARG G 281 -45.89 -23.44 15.00
N LEU G 282 -45.66 -23.20 13.71
CA LEU G 282 -44.94 -21.98 13.27
C LEU G 282 -45.84 -20.78 13.53
N GLY G 283 -45.28 -19.72 14.12
CA GLY G 283 -46.08 -18.52 14.44
C GLY G 283 -45.52 -17.28 13.79
N GLU G 284 -44.27 -17.31 13.32
CA GLU G 284 -43.68 -16.07 12.79
C GLU G 284 -42.45 -16.33 11.92
N PHE G 285 -42.31 -15.57 10.83
CA PHE G 285 -41.08 -15.64 10.00
C PHE G 285 -40.48 -14.24 9.99
N TYR G 286 -39.25 -14.11 10.46
CA TYR G 286 -38.56 -12.80 10.46
C TYR G 286 -37.54 -12.82 9.34
N THR G 287 -37.59 -11.84 8.45
CA THR G 287 -36.59 -11.76 7.37
C THR G 287 -35.68 -10.58 7.59
N ALA G 288 -36.06 -9.40 7.12
CA ALA G 288 -35.16 -8.23 7.22
C ALA G 288 -35.89 -7.13 7.99
N SER G 289 -36.02 -7.27 9.30
CA SER G 289 -36.78 -6.31 10.15
C SER G 289 -38.29 -6.50 9.92
N VAL G 290 -38.67 -7.30 8.92
CA VAL G 290 -40.12 -7.55 8.63
C VAL G 290 -40.53 -8.85 9.33
N ARG G 291 -41.62 -8.81 10.09
CA ARG G 291 -42.09 -10.00 10.83
C ARG G 291 -43.44 -10.45 10.25
N PHE G 292 -43.47 -11.63 9.62
CA PHE G 292 -44.73 -12.18 9.07
C PHE G 292 -45.29 -13.11 10.12
N LEU G 293 -46.50 -12.84 10.62
CA LEU G 293 -47.01 -13.64 11.75
C LEU G 293 -48.22 -14.48 11.34
N ASP G 294 -48.46 -15.58 12.05
CA ASP G 294 -49.68 -16.39 11.81
C ASP G 294 -50.63 -16.05 12.96
N SER G 295 -51.62 -15.19 12.73
CA SER G 295 -52.51 -14.71 13.81
C SER G 295 -53.03 -15.85 14.70
N ASP G 296 -53.29 -17.03 14.14
CA ASP G 296 -53.90 -18.12 14.94
C ASP G 296 -52.89 -18.69 15.93
N VAL G 297 -51.60 -18.51 15.69
CA VAL G 297 -50.57 -19.15 16.57
C VAL G 297 -49.97 -18.09 17.49
N TYR G 298 -49.72 -16.88 16.99
CA TYR G 298 -49.02 -15.86 17.81
C TYR G 298 -49.52 -14.46 17.50
N LYS G 299 -49.53 -13.59 18.51
CA LYS G 299 -49.92 -12.16 18.30
C LYS G 299 -48.88 -11.27 18.98
N ASP G 300 -48.36 -10.27 18.27
CA ASP G 300 -47.36 -9.34 18.86
C ASP G 300 -48.05 -8.40 19.85
N THR G 301 -47.42 -8.15 21.00
CA THR G 301 -47.96 -7.22 22.00
C THR G 301 -46.81 -6.40 22.51
N THR G 302 -45.89 -6.00 21.63
CA THR G 302 -44.68 -5.27 22.06
C THR G 302 -44.62 -3.93 21.36
N GLY G 303 -45.64 -3.59 20.58
CA GLY G 303 -45.63 -2.33 19.82
C GLY G 303 -44.56 -2.37 18.75
N TYR G 304 -44.47 -3.50 18.03
CA TYR G 304 -43.48 -3.61 16.93
C TYR G 304 -43.91 -2.65 15.82
N PRO G 305 -43.00 -1.81 15.31
CA PRO G 305 -43.34 -0.89 14.24
C PRO G 305 -44.32 -1.53 13.25
N GLU G 306 -45.51 -0.94 13.10
CA GLU G 306 -46.59 -1.54 12.26
C GLU G 306 -46.19 -1.67 10.78
N ASP G 307 -45.39 -0.73 10.27
CA ASP G 307 -44.92 -0.80 8.87
C ASP G 307 -44.09 -2.06 8.64
N LEU G 308 -43.61 -2.70 9.71
CA LEU G 308 -42.75 -3.89 9.58
C LEU G 308 -43.45 -5.11 10.17
N LEU G 309 -44.68 -4.93 10.66
CA LEU G 309 -45.41 -6.06 11.30
C LEU G 309 -46.57 -6.54 10.40
N ALA G 310 -46.50 -7.76 9.89
CA ALA G 310 -47.60 -8.35 9.09
C ALA G 310 -48.33 -9.33 10.00
N GLU G 311 -49.42 -8.90 10.64
CA GLU G 311 -50.11 -9.75 11.65
C GLU G 311 -50.61 -11.07 11.04
N ASP G 312 -51.02 -11.04 9.77
CA ASP G 312 -51.44 -12.31 9.11
C ASP G 312 -50.72 -12.42 7.77
N GLY G 313 -49.39 -12.32 7.79
CA GLY G 313 -48.60 -12.43 6.54
C GLY G 313 -47.94 -13.79 6.43
N LEU G 314 -48.19 -14.67 7.40
CA LEU G 314 -47.64 -16.06 7.34
C LEU G 314 -48.78 -17.02 6.98
N SER G 315 -48.68 -17.67 5.81
CA SER G 315 -49.69 -18.67 5.41
C SER G 315 -49.00 -20.03 5.29
N VAL G 316 -49.25 -20.93 6.25
CA VAL G 316 -48.63 -22.28 6.24
C VAL G 316 -49.67 -23.28 5.73
N SER G 317 -49.34 -24.03 4.68
CA SER G 317 -50.27 -25.05 4.13
C SER G 317 -50.93 -25.81 5.27
N ASP G 318 -50.14 -26.51 6.09
CA ASP G 318 -50.69 -27.22 7.28
C ASP G 318 -50.01 -26.70 8.54
N ASN G 319 -50.68 -25.82 9.29
CA ASN G 319 -50.11 -25.36 10.60
C ASN G 319 -50.87 -26.04 11.72
N SER G 320 -50.87 -27.37 11.76
CA SER G 320 -51.53 -28.11 12.86
C SER G 320 -50.43 -28.54 13.86
N PRO G 321 -50.74 -28.78 15.15
CA PRO G 321 -49.73 -29.25 16.07
C PRO G 321 -48.83 -30.30 15.42
N LEU G 322 -47.53 -30.01 15.30
CA LEU G 322 -46.57 -30.99 14.74
C LEU G 322 -46.13 -31.92 15.88
N ALA G 323 -46.86 -33.01 16.08
CA ALA G 323 -46.53 -33.98 17.15
C ALA G 323 -45.02 -34.19 17.21
N PRO G 324 -44.40 -34.18 18.41
CA PRO G 324 -42.98 -34.46 18.53
C PRO G 324 -42.58 -35.66 17.69
N GLY G 325 -41.73 -35.44 16.68
CA GLY G 325 -41.28 -36.55 15.82
C GLY G 325 -41.84 -36.41 14.43
N GLU G 326 -42.98 -35.72 14.29
CA GLU G 326 -43.63 -35.62 12.97
C GLU G 326 -42.69 -34.86 12.03
N THR G 327 -42.53 -35.35 10.80
CA THR G 327 -41.71 -34.63 9.81
C THR G 327 -42.65 -34.20 8.71
N ARG G 328 -43.17 -32.98 8.78
CA ARG G 328 -44.17 -32.53 7.78
C ARG G 328 -43.50 -31.59 6.77
N THR G 329 -43.80 -31.75 5.48
CA THR G 329 -43.30 -30.81 4.48
C THR G 329 -44.41 -29.83 4.23
N VAL G 330 -44.18 -28.55 4.50
CA VAL G 330 -45.27 -27.54 4.41
C VAL G 330 -44.88 -26.46 3.40
N ASP G 331 -45.87 -25.81 2.80
CA ASP G 331 -45.58 -24.68 1.88
C ASP G 331 -45.95 -23.38 2.59
N VAL G 332 -44.96 -22.60 2.97
CA VAL G 332 -45.21 -21.33 3.72
C VAL G 332 -45.19 -20.16 2.74
N THR G 333 -46.10 -19.19 2.94
CA THR G 333 -46.16 -18.03 2.03
C THR G 333 -46.11 -16.76 2.85
N ALA G 334 -45.01 -16.02 2.77
CA ALA G 334 -44.86 -14.76 3.50
C ALA G 334 -45.28 -13.59 2.61
N SER G 335 -46.43 -12.98 2.88
CA SER G 335 -46.94 -11.91 1.99
C SER G 335 -47.19 -10.62 2.77
N ASP G 336 -46.81 -9.47 2.21
CA ASP G 336 -47.03 -8.15 2.85
C ASP G 336 -46.46 -7.04 1.97
N ALA G 337 -47.08 -5.86 1.98
CA ALA G 337 -46.60 -4.72 1.19
C ALA G 337 -45.19 -4.32 1.63
N ALA G 338 -44.83 -4.62 2.88
CA ALA G 338 -43.47 -4.32 3.39
C ALA G 338 -42.42 -4.96 2.49
N TRP G 339 -42.73 -6.11 1.91
CA TRP G 339 -41.80 -6.77 0.97
C TRP G 339 -41.41 -5.78 -0.13
N GLU G 340 -42.38 -5.04 -0.65
CA GLU G 340 -42.13 -4.06 -1.73
C GLU G 340 -41.75 -2.70 -1.13
N VAL G 341 -42.38 -2.30 -0.03
CA VAL G 341 -42.10 -0.98 0.61
C VAL G 341 -40.65 -0.95 1.10
N TYR G 342 -40.19 -2.02 1.74
CA TYR G 342 -38.81 -2.07 2.28
C TYR G 342 -37.89 -2.60 1.19
N ARG G 343 -38.35 -2.62 -0.06
CA ARG G 343 -37.51 -2.99 -1.22
C ARG G 343 -36.80 -4.34 -1.00
N LEU G 344 -37.49 -5.32 -0.43
CA LEU G 344 -36.91 -6.68 -0.29
C LEU G 344 -37.04 -7.37 -1.64
N SER G 345 -37.95 -6.86 -2.49
CA SER G 345 -38.15 -7.40 -3.85
C SER G 345 -36.98 -7.00 -4.76
N ASP G 346 -36.08 -6.16 -4.28
CA ASP G 346 -34.92 -5.68 -5.08
C ASP G 346 -33.79 -6.71 -4.98
N ILE G 347 -34.09 -7.92 -4.48
CA ILE G 347 -33.08 -9.01 -4.45
C ILE G 347 -32.79 -9.40 -5.90
N ILE G 348 -33.63 -8.94 -6.84
CA ILE G 348 -33.47 -9.24 -8.30
C ILE G 348 -32.25 -8.50 -8.85
N TYR G 349 -31.79 -7.46 -8.15
CA TYR G 349 -30.62 -6.66 -8.60
C TYR G 349 -29.40 -7.11 -7.84
N ASP G 350 -29.57 -8.03 -6.90
CA ASP G 350 -28.45 -8.44 -6.01
C ASP G 350 -27.51 -9.43 -6.71
N PRO G 351 -26.18 -9.30 -6.50
CA PRO G 351 -25.23 -10.24 -7.07
C PRO G 351 -25.21 -11.54 -6.29
N ASP G 352 -26.10 -11.69 -5.32
CA ASP G 352 -26.20 -12.94 -4.52
C ASP G 352 -27.67 -13.12 -4.13
N SER G 353 -28.37 -14.00 -4.83
CA SER G 353 -29.82 -14.23 -4.54
C SER G 353 -29.97 -15.35 -3.51
N ARG G 354 -29.51 -15.10 -2.28
CA ARG G 354 -29.70 -16.08 -1.18
C ARG G 354 -30.31 -15.30 0.00
N PHE G 355 -31.25 -15.91 0.70
CA PHE G 355 -31.90 -15.22 1.87
C PHE G 355 -31.57 -15.93 3.17
N ALA G 356 -31.85 -15.27 4.30
CA ALA G 356 -31.68 -15.89 5.63
C ALA G 356 -32.77 -15.26 6.52
N GLY G 357 -33.26 -15.99 7.51
CA GLY G 357 -34.23 -15.39 8.43
C GLY G 357 -34.45 -16.24 9.65
N LEU G 358 -35.48 -15.92 10.44
CA LEU G 358 -35.72 -16.66 11.70
C LEU G 358 -37.16 -17.18 11.71
N LEU G 359 -37.35 -18.41 12.19
CA LEU G 359 -38.70 -19.00 12.31
C LEU G 359 -38.97 -19.20 13.80
N PHE G 360 -40.19 -18.90 14.25
CA PHE G 360 -40.50 -18.99 15.70
C PHE G 360 -41.58 -20.04 15.90
N PHE G 361 -41.30 -21.05 16.72
CA PHE G 361 -42.27 -22.16 16.94
C PHE G 361 -42.79 -22.11 18.36
N PHE G 362 -44.11 -22.25 18.54
CA PHE G 362 -44.75 -22.17 19.83
C PHE G 362 -45.51 -23.46 20.11
N ASP G 363 -45.43 -23.93 21.35
CA ASP G 363 -46.16 -25.12 21.77
C ASP G 363 -47.49 -24.72 22.40
N ALA G 364 -48.19 -25.69 22.98
CA ALA G 364 -49.46 -25.38 23.64
C ALA G 364 -49.27 -24.50 24.86
N THR G 365 -48.17 -24.66 25.58
CA THR G 365 -47.89 -23.88 26.77
C THR G 365 -47.32 -22.50 26.47
N GLY G 366 -47.00 -22.23 25.20
CA GLY G 366 -46.47 -20.93 24.82
C GLY G 366 -44.97 -20.81 24.78
N ASN G 367 -44.23 -21.88 25.06
CA ASN G 367 -42.78 -21.86 24.97
C ASN G 367 -42.35 -21.69 23.52
N ARG G 368 -41.33 -20.87 23.30
CA ARG G 368 -40.91 -20.46 21.97
C ARG G 368 -39.53 -21.01 21.65
N GLN G 369 -39.41 -21.61 20.47
CA GLN G 369 -38.13 -22.05 19.92
C GLN G 369 -37.81 -21.24 18.68
N VAL G 370 -36.54 -20.88 18.53
CA VAL G 370 -36.07 -20.08 17.39
C VAL G 370 -35.23 -20.98 16.50
N VAL G 371 -35.61 -21.09 15.23
CA VAL G 371 -34.89 -21.88 14.24
C VAL G 371 -34.35 -20.92 13.19
N GLN G 372 -33.12 -21.15 12.74
CA GLN G 372 -32.44 -20.26 11.83
C GLN G 372 -32.33 -20.93 10.47
N ILE G 373 -32.82 -20.26 9.42
CA ILE G 373 -32.90 -20.83 8.09
C ILE G 373 -32.15 -19.94 7.12
N ASP G 374 -31.52 -20.56 6.12
CA ASP G 374 -30.84 -19.85 5.04
C ASP G 374 -30.89 -20.71 3.79
N ALA G 375 -31.11 -20.05 2.64
CA ALA G 375 -31.29 -20.78 1.39
C ALA G 375 -31.07 -19.82 0.24
N PRO G 376 -30.95 -20.32 -0.99
CA PRO G 376 -30.98 -19.44 -2.16
C PRO G 376 -32.41 -19.13 -2.56
N LEU G 377 -32.62 -17.90 -3.03
CA LEU G 377 -33.94 -17.40 -3.40
C LEU G 377 -34.02 -17.29 -4.91
N ILE G 378 -34.98 -17.99 -5.51
CA ILE G 378 -35.11 -18.12 -6.96
C ILE G 378 -36.28 -17.25 -7.42
N PRO G 379 -36.05 -16.28 -8.30
CA PRO G 379 -37.17 -15.46 -8.80
C PRO G 379 -38.02 -16.23 -9.80
N SER G 380 -39.33 -15.98 -9.76
CA SER G 380 -40.28 -16.56 -10.69
C SER G 380 -40.82 -15.48 -11.60
N PHE G 381 -40.77 -15.73 -12.93
CA PHE G 381 -41.20 -14.75 -13.91
C PHE G 381 -42.40 -15.19 -14.73
N MET G 382 -42.64 -16.49 -14.85
CA MET G 382 -43.76 -16.99 -15.65
C MET G 382 -45.09 -16.72 -14.96
N GLU H 1 -19.36 60.69 -18.81
CA GLU H 1 -18.32 60.58 -17.80
C GLU H 1 -18.81 59.72 -16.63
N ALA H 2 -19.12 58.46 -16.91
CA ALA H 2 -19.57 57.55 -15.87
C ALA H 2 -18.43 57.24 -14.91
N PRO H 3 -18.74 56.93 -13.65
CA PRO H 3 -17.69 56.57 -12.70
C PRO H 3 -16.95 55.31 -13.14
N LEU H 4 -15.66 55.25 -12.80
CA LEU H 4 -14.83 54.14 -13.23
C LEU H 4 -15.33 52.82 -12.67
N LEU H 5 -15.73 52.80 -11.40
CA LEU H 5 -16.28 51.61 -10.77
C LEU H 5 -17.78 51.78 -10.61
N ASP H 6 -18.55 50.83 -11.15
CA ASP H 6 -20.01 50.85 -11.02
C ASP H 6 -20.36 50.18 -9.70
N LYS H 7 -20.71 50.99 -8.70
CA LYS H 7 -21.04 50.44 -7.38
C LYS H 7 -22.30 49.60 -7.42
N LYS H 8 -23.25 49.95 -8.29
CA LYS H 8 -24.49 49.17 -8.39
C LYS H 8 -24.21 47.74 -8.82
N TRP H 9 -23.33 47.55 -9.80
CA TRP H 9 -23.02 46.20 -10.27
C TRP H 9 -22.32 45.38 -9.21
N LEU H 10 -21.38 45.97 -8.46
CA LEU H 10 -20.72 45.24 -7.39
C LEU H 10 -21.69 44.88 -6.28
N THR H 11 -22.57 45.83 -5.91
CA THR H 11 -23.58 45.55 -4.89
C THR H 11 -24.51 44.42 -5.33
N PHE H 12 -24.94 44.44 -6.60
CA PHE H 12 -25.75 43.36 -7.13
C PHE H 12 -25.00 42.03 -7.11
N ALA H 13 -23.73 42.05 -7.49
CA ALA H 13 -22.95 40.81 -7.54
C ALA H 13 -22.85 40.17 -6.16
N LEU H 14 -22.65 40.99 -5.12
CA LEU H 14 -22.62 40.43 -3.77
C LEU H 14 -24.01 40.00 -3.32
N ALA H 15 -25.02 40.86 -3.55
CA ALA H 15 -26.31 40.68 -2.92
C ALA H 15 -27.10 39.52 -3.53
N ILE H 16 -26.97 39.30 -4.84
CA ILE H 16 -27.73 38.22 -5.46
C ILE H 16 -27.27 36.87 -4.91
N TYR H 17 -25.95 36.67 -4.81
CA TYR H 17 -25.44 35.43 -4.23
C TYR H 17 -25.84 35.32 -2.77
N THR H 18 -25.71 36.41 -2.01
CA THR H 18 -26.05 36.36 -0.59
C THR H 18 -27.50 35.95 -0.39
N VAL H 19 -28.42 36.64 -1.08
CA VAL H 19 -29.85 36.39 -0.90
C VAL H 19 -30.22 34.99 -1.38
N PHE H 20 -29.73 34.59 -2.56
CA PHE H 20 -30.07 33.28 -3.10
C PHE H 20 -29.59 32.17 -2.17
N TYR H 21 -28.37 32.28 -1.66
CA TYR H 21 -27.85 31.22 -0.81
C TYR H 21 -28.48 31.25 0.58
N LEU H 22 -28.89 32.42 1.08
CA LEU H 22 -29.65 32.45 2.32
C LEU H 22 -31.00 31.77 2.15
N TRP H 23 -31.68 32.01 1.02
CA TRP H 23 -32.94 31.32 0.76
C TRP H 23 -32.72 29.82 0.61
N VAL H 24 -31.62 29.43 -0.02
CA VAL H 24 -31.29 28.01 -0.15
C VAL H 24 -31.07 27.37 1.22
N ARG H 25 -30.37 28.08 2.11
CA ARG H 25 -30.17 27.56 3.46
C ARG H 25 -31.49 27.45 4.22
N TRP H 26 -32.38 28.43 4.04
CA TRP H 26 -33.69 28.36 4.67
C TRP H 26 -34.48 27.16 4.17
N TYR H 27 -34.42 26.92 2.85
CA TYR H 27 -35.10 25.76 2.28
C TYR H 27 -34.52 24.46 2.82
N GLU H 28 -33.20 24.39 2.93
CA GLU H 28 -32.55 23.20 3.48
C GLU H 28 -32.98 22.96 4.93
N GLY H 29 -33.07 24.02 5.71
CA GLY H 29 -33.52 23.88 7.09
C GLY H 29 -34.97 23.44 7.19
N VAL H 30 -35.84 24.01 6.36
CA VAL H 30 -37.26 23.71 6.45
C VAL H 30 -37.57 22.31 5.96
N TYR H 31 -37.05 21.93 4.79
CA TYR H 31 -37.42 20.68 4.15
C TYR H 31 -36.35 19.60 4.23
N GLY H 32 -35.20 19.88 4.84
CA GLY H 32 -34.18 18.86 5.00
C GLY H 32 -34.51 17.82 6.04
N TRP H 33 -35.47 18.10 6.93
CA TRP H 33 -35.84 17.18 7.99
C TRP H 33 -37.11 16.41 7.66
N SER H 34 -38.15 17.09 7.21
CA SER H 34 -39.43 16.44 6.97
C SER H 34 -39.38 15.52 5.75
N ALA H 35 -38.64 15.91 4.70
CA ALA H 35 -38.66 15.18 3.45
C ALA H 35 -37.30 14.61 3.03
N GLY H 36 -36.19 15.16 3.52
CA GLY H 36 -34.89 14.76 3.02
C GLY H 36 -34.31 13.51 3.63
N LEU H 37 -34.89 13.02 4.73
CA LEU H 37 -34.29 11.88 5.43
C LEU H 37 -34.47 10.58 4.66
N ASP H 38 -35.68 10.33 4.14
CA ASP H 38 -35.99 9.11 3.42
C ASP H 38 -36.04 9.41 1.93
N SER H 39 -35.30 8.63 1.15
CA SER H 39 -35.16 8.89 -0.28
C SER H 39 -36.19 8.16 -1.14
N PHE H 40 -36.82 7.11 -0.61
CA PHE H 40 -37.82 6.35 -1.34
C PHE H 40 -39.24 6.75 -0.99
N ALA H 41 -39.48 8.03 -0.73
CA ALA H 41 -40.77 8.54 -0.29
C ALA H 41 -41.26 9.65 -1.22
N PRO H 42 -42.57 9.85 -1.32
CA PRO H 42 -43.07 10.86 -2.28
C PRO H 42 -42.70 12.29 -1.93
N GLU H 43 -42.73 12.67 -0.65
CA GLU H 43 -42.38 14.04 -0.30
C GLU H 43 -40.93 14.33 -0.66
N PHE H 44 -40.04 13.35 -0.46
CA PHE H 44 -38.66 13.50 -0.91
C PHE H 44 -38.60 13.79 -2.40
N GLU H 45 -39.38 13.04 -3.18
CA GLU H 45 -39.44 13.28 -4.62
C GLU H 45 -39.83 14.72 -4.89
N THR H 46 -41.04 15.11 -4.49
CA THR H 46 -41.57 16.42 -4.88
C THR H 46 -40.81 17.58 -4.27
N TYR H 47 -39.99 17.35 -3.23
CA TYR H 47 -39.28 18.46 -2.61
C TYR H 47 -37.79 18.49 -2.92
N TRP H 48 -37.22 17.41 -3.45
CA TRP H 48 -35.80 17.47 -3.76
C TRP H 48 -35.47 17.06 -5.18
N MET H 49 -36.15 16.06 -5.73
CA MET H 49 -35.86 15.67 -7.11
C MET H 49 -36.34 16.74 -8.08
N ASN H 50 -37.49 17.34 -7.80
CA ASN H 50 -37.94 18.49 -8.59
C ASN H 50 -36.95 19.64 -8.49
N PHE H 51 -36.43 19.88 -7.28
CA PHE H 51 -35.40 20.90 -7.09
C PHE H 51 -34.17 20.60 -7.96
N LEU H 52 -33.74 19.34 -7.96
CA LEU H 52 -32.57 18.96 -8.75
C LEU H 52 -32.81 19.17 -10.24
N TYR H 53 -33.97 18.71 -10.75
CA TYR H 53 -34.26 18.87 -12.16
C TYR H 53 -34.34 20.34 -12.56
N THR H 54 -35.04 21.14 -11.74
CA THR H 54 -35.19 22.56 -12.04
C THR H 54 -33.85 23.27 -12.01
N GLU H 55 -33.01 22.96 -11.01
CA GLU H 55 -31.72 23.62 -10.92
C GLU H 55 -30.81 23.23 -12.07
N ILE H 56 -30.86 21.96 -12.51
CA ILE H 56 -30.04 21.55 -13.64
C ILE H 56 -30.48 22.26 -14.91
N VAL H 57 -31.78 22.31 -15.16
CA VAL H 57 -32.29 22.96 -16.37
C VAL H 57 -31.95 24.45 -16.35
N LEU H 58 -32.17 25.10 -15.21
CA LEU H 58 -31.90 26.53 -15.10
C LEU H 58 -30.40 26.82 -15.23
N GLU H 59 -29.56 25.96 -14.65
CA GLU H 59 -28.11 26.15 -14.79
C GLU H 59 -27.68 26.04 -16.24
N ILE H 60 -28.21 25.04 -16.96
CA ILE H 60 -27.84 24.88 -18.37
C ILE H 60 -28.28 26.09 -19.17
N VAL H 61 -29.53 26.54 -18.96
CA VAL H 61 -30.06 27.67 -19.72
C VAL H 61 -29.26 28.94 -19.41
N THR H 62 -28.99 29.19 -18.12
CA THR H 62 -28.28 30.40 -17.73
C THR H 62 -26.85 30.39 -18.26
N ALA H 63 -26.15 29.26 -18.14
CA ALA H 63 -24.79 29.18 -18.66
C ALA H 63 -24.77 29.42 -20.16
N SER H 64 -25.66 28.75 -20.90
CA SER H 64 -25.70 28.93 -22.34
C SER H 64 -25.95 30.39 -22.71
N ILE H 65 -26.98 30.99 -22.11
CA ILE H 65 -27.37 32.36 -22.48
C ILE H 65 -26.24 33.33 -22.13
N LEU H 66 -25.69 33.22 -20.92
CA LEU H 66 -24.67 34.17 -20.49
C LEU H 66 -23.41 34.05 -21.33
N TRP H 67 -22.92 32.83 -21.53
CA TRP H 67 -21.70 32.65 -22.31
C TRP H 67 -21.90 33.06 -23.76
N GLY H 68 -23.05 32.72 -24.35
CA GLY H 68 -23.31 33.14 -25.72
C GLY H 68 -23.44 34.63 -25.88
N TYR H 69 -24.07 35.29 -24.91
CA TYR H 69 -24.19 36.75 -24.97
C TYR H 69 -22.83 37.42 -24.81
N LEU H 70 -21.99 36.91 -23.90
CA LEU H 70 -20.66 37.48 -23.73
C LEU H 70 -19.80 37.27 -24.96
N TRP H 71 -19.89 36.09 -25.60
CA TRP H 71 -19.09 35.83 -26.78
C TRP H 71 -19.63 36.54 -28.01
N LYS H 72 -20.94 36.82 -28.06
CA LYS H 72 -21.51 37.47 -29.24
C LYS H 72 -21.20 38.97 -29.26
N THR H 73 -21.18 39.61 -28.10
CA THR H 73 -20.96 41.05 -28.00
C THR H 73 -19.50 41.40 -27.76
N ARG H 74 -18.57 40.57 -28.21
CA ARG H 74 -17.15 40.85 -28.03
C ARG H 74 -16.74 42.06 -28.84
N ASP H 75 -15.72 42.77 -28.34
CA ASP H 75 -15.20 43.95 -29.02
C ASP H 75 -14.38 43.49 -30.22
N ARG H 76 -14.94 43.68 -31.43
CA ARG H 76 -14.24 43.25 -32.63
C ARG H 76 -12.96 44.05 -32.85
N ASN H 77 -13.00 45.35 -32.58
CA ASN H 77 -11.86 46.24 -32.79
C ASN H 77 -11.45 46.80 -31.42
N LEU H 78 -10.43 46.21 -30.82
CA LEU H 78 -9.93 46.65 -29.53
C LEU H 78 -8.80 47.67 -29.64
N ALA H 79 -8.36 48.01 -30.86
CA ALA H 79 -7.27 48.95 -31.01
C ALA H 79 -7.71 50.38 -30.73
N ALA H 80 -9.01 50.66 -30.85
CA ALA H 80 -9.55 51.99 -30.60
C ALA H 80 -10.01 52.20 -29.17
N LEU H 81 -9.76 51.23 -28.30
CA LEU H 81 -10.18 51.34 -26.90
C LEU H 81 -9.37 52.42 -26.19
N THR H 82 -10.06 53.45 -25.70
CA THR H 82 -9.39 54.52 -25.00
C THR H 82 -8.90 54.04 -23.64
N PRO H 83 -7.84 54.67 -23.10
CA PRO H 83 -7.35 54.24 -21.77
C PRO H 83 -8.39 54.34 -20.67
N ARG H 84 -9.24 55.36 -20.69
CA ARG H 84 -10.28 55.49 -19.68
C ARG H 84 -11.30 54.37 -19.79
N GLU H 85 -11.74 54.06 -21.02
CA GLU H 85 -12.66 52.94 -21.21
C GLU H 85 -12.00 51.61 -20.88
N GLU H 86 -10.70 51.48 -21.15
CA GLU H 86 -9.98 50.26 -20.76
C GLU H 86 -9.94 50.13 -19.25
N LEU H 87 -9.74 51.23 -18.53
CA LEU H 87 -9.76 51.18 -17.07
C LEU H 87 -11.13 50.82 -16.55
N ARG H 88 -12.19 51.36 -17.18
CA ARG H 88 -13.55 51.00 -16.79
C ARG H 88 -13.81 49.51 -17.01
N ARG H 89 -13.35 48.98 -18.14
CA ARG H 89 -13.50 47.56 -18.41
C ARG H 89 -12.70 46.72 -17.42
N ASN H 90 -11.53 47.21 -17.01
CA ASN H 90 -10.74 46.52 -16.00
C ASN H 90 -11.49 46.47 -14.67
N PHE H 91 -12.14 47.58 -14.30
CA PHE H 91 -12.95 47.58 -13.08
C PHE H 91 -14.12 46.62 -13.18
N THR H 92 -14.76 46.56 -14.36
CA THR H 92 -15.86 45.59 -14.54
C THR H 92 -15.36 44.16 -14.42
N HIS H 93 -14.18 43.87 -14.99
CA HIS H 93 -13.60 42.53 -14.86
C HIS H 93 -13.24 42.24 -13.41
N LEU H 94 -12.80 43.25 -12.66
CA LEU H 94 -12.53 43.06 -11.24
C LEU H 94 -13.83 42.76 -10.47
N VAL H 95 -14.93 43.39 -10.86
CA VAL H 95 -16.23 43.06 -10.27
C VAL H 95 -16.59 41.61 -10.59
N TRP H 96 -16.32 41.18 -11.82
CA TRP H 96 -16.55 39.78 -12.19
C TRP H 96 -15.72 38.84 -11.32
N LEU H 97 -14.46 39.20 -11.07
CA LEU H 97 -13.60 38.39 -10.22
C LEU H 97 -14.11 38.37 -8.78
N VAL H 98 -14.65 39.49 -8.30
CA VAL H 98 -15.24 39.53 -6.97
C VAL H 98 -16.42 38.57 -6.88
N ALA H 99 -17.28 38.58 -7.90
CA ALA H 99 -18.41 37.67 -7.93
C ALA H 99 -17.94 36.22 -7.97
N TYR H 100 -16.89 35.94 -8.75
CA TYR H 100 -16.35 34.58 -8.82
C TYR H 100 -15.79 34.14 -7.47
N ALA H 101 -15.09 35.03 -6.77
CA ALA H 101 -14.56 34.68 -5.45
C ALA H 101 -15.68 34.43 -4.45
N TRP H 102 -16.74 35.24 -4.50
CA TRP H 102 -17.87 35.04 -3.60
C TRP H 102 -18.54 33.70 -3.87
N ALA H 103 -18.74 33.36 -5.15
CA ALA H 103 -19.34 32.07 -5.50
C ALA H 103 -18.43 30.92 -5.09
N ILE H 104 -17.12 31.09 -5.22
CA ILE H 104 -16.18 30.05 -4.83
C ILE H 104 -16.25 29.82 -3.33
N TYR H 105 -16.32 30.90 -2.55
CA TYR H 105 -16.49 30.75 -1.10
C TYR H 105 -17.78 30.02 -0.77
N TRP H 106 -18.88 30.40 -1.43
CA TRP H 106 -20.17 29.78 -1.13
C TRP H 106 -20.16 28.30 -1.47
N GLY H 107 -19.53 27.93 -2.59
CA GLY H 107 -19.54 26.54 -3.02
C GLY H 107 -18.52 25.65 -2.33
N ALA H 108 -17.24 25.99 -2.44
CA ALA H 108 -16.19 25.09 -1.99
C ALA H 108 -16.05 25.06 -0.47
N SER H 109 -16.42 26.14 0.22
CA SER H 109 -16.20 26.25 1.65
C SER H 109 -17.47 25.97 2.47
N TYR H 110 -18.55 26.69 2.19
CA TYR H 110 -19.75 26.61 3.03
C TYR H 110 -20.46 25.28 2.84
N PHE H 111 -20.92 25.02 1.61
CA PHE H 111 -21.77 23.85 1.39
C PHE H 111 -20.99 22.55 1.42
N THR H 112 -19.68 22.57 1.18
CA THR H 112 -18.89 21.34 1.29
C THR H 112 -18.83 20.88 2.74
N GLU H 113 -18.56 21.78 3.67
CA GLU H 113 -18.56 21.40 5.08
C GLU H 113 -19.96 21.15 5.60
N GLN H 114 -20.97 21.83 5.04
CA GLN H 114 -22.35 21.48 5.36
C GLN H 114 -22.65 20.04 4.94
N ASP H 115 -22.15 19.64 3.78
CA ASP H 115 -22.29 18.26 3.32
C ASP H 115 -21.58 17.29 4.26
N GLY H 116 -20.38 17.67 4.71
CA GLY H 116 -19.70 16.86 5.71
C GLY H 116 -20.53 16.68 6.96
N THR H 117 -21.10 17.77 7.47
CA THR H 117 -21.99 17.69 8.63
C THR H 117 -23.14 16.73 8.36
N TRP H 118 -23.84 16.92 7.25
CA TRP H 118 -24.98 16.07 6.92
C TRP H 118 -24.59 14.60 6.90
N HIS H 119 -23.43 14.28 6.31
CA HIS H 119 -23.02 12.89 6.24
C HIS H 119 -22.60 12.34 7.60
N GLN H 120 -22.11 13.20 8.49
CA GLN H 120 -21.77 12.71 9.82
C GLN H 120 -22.98 12.59 10.76
N THR H 121 -24.13 13.19 10.43
CA THR H 121 -25.28 13.03 11.32
C THR H 121 -26.32 12.01 10.88
N ILE H 122 -26.32 11.56 9.63
CA ILE H 122 -27.31 10.60 9.16
C ILE H 122 -26.61 9.46 8.41
N VAL H 123 -27.38 8.44 8.08
CA VAL H 123 -26.92 7.31 7.28
C VAL H 123 -27.15 7.63 5.81
N ARG H 124 -26.09 7.54 5.01
CA ARG H 124 -26.22 7.83 3.58
C ARG H 124 -27.08 6.78 2.91
N ASP H 125 -28.00 7.23 2.05
CA ASP H 125 -28.94 6.34 1.37
C ASP H 125 -28.83 6.43 -0.14
N THR H 126 -28.61 7.62 -0.70
CA THR H 126 -28.55 7.79 -2.14
C THR H 126 -27.44 8.77 -2.48
N ASP H 127 -27.12 8.85 -3.78
CA ASP H 127 -26.19 9.86 -4.25
C ASP H 127 -26.86 11.23 -4.33
N PHE H 128 -28.18 11.26 -4.46
CA PHE H 128 -28.93 12.52 -4.53
C PHE H 128 -29.53 12.87 -3.16
N THR H 129 -28.67 13.08 -2.18
CA THR H 129 -29.13 13.62 -0.91
C THR H 129 -29.39 15.12 -1.08
N PRO H 130 -30.24 15.70 -0.23
CA PRO H 130 -30.47 17.16 -0.31
C PRO H 130 -29.17 17.94 -0.20
N SER H 131 -28.27 17.49 0.67
CA SER H 131 -26.94 18.11 0.75
C SER H 131 -26.19 17.97 -0.56
N HIS H 132 -26.21 16.77 -1.17
CA HIS H 132 -25.56 16.58 -2.45
C HIS H 132 -26.22 17.41 -3.54
N ILE H 133 -27.55 17.52 -3.51
CA ILE H 133 -28.26 18.31 -4.50
C ILE H 133 -27.84 19.78 -4.41
N ILE H 134 -27.76 20.32 -3.19
CA ILE H 134 -27.40 21.72 -3.02
C ILE H 134 -25.92 21.95 -3.35
N GLU H 135 -25.05 21.06 -2.90
CA GLU H 135 -23.61 21.30 -3.03
C GLU H 135 -23.09 20.99 -4.43
N PHE H 136 -23.21 19.73 -4.85
CA PHE H 136 -22.58 19.31 -6.10
C PHE H 136 -23.28 19.91 -7.31
N TYR H 137 -24.61 19.98 -7.28
CA TYR H 137 -25.38 20.29 -8.47
C TYR H 137 -25.94 21.71 -8.50
N LEU H 138 -25.76 22.50 -7.44
CA LEU H 138 -26.21 23.89 -7.45
C LEU H 138 -25.06 24.87 -7.31
N SER H 139 -24.26 24.77 -6.25
CA SER H 139 -23.23 25.77 -5.99
C SER H 139 -22.04 25.59 -6.94
N TYR H 140 -21.61 24.36 -7.17
CA TYR H 140 -20.50 24.12 -8.08
C TYR H 140 -20.80 24.59 -9.49
N PRO H 141 -21.93 24.24 -10.12
CA PRO H 141 -22.23 24.82 -11.43
C PRO H 141 -22.34 26.33 -11.41
N ILE H 142 -22.81 26.92 -10.31
CA ILE H 142 -22.95 28.37 -10.25
C ILE H 142 -21.57 29.03 -10.29
N TYR H 143 -20.62 28.53 -9.50
CA TYR H 143 -19.30 29.16 -9.54
C TYR H 143 -18.58 28.82 -10.84
N ILE H 144 -18.87 27.68 -11.45
CA ILE H 144 -18.30 27.38 -12.75
C ILE H 144 -18.79 28.37 -13.80
N ILE H 145 -20.09 28.67 -13.77
CA ILE H 145 -20.66 29.64 -14.69
C ILE H 145 -20.03 31.02 -14.47
N THR H 146 -19.88 31.41 -13.20
CA THR H 146 -19.30 32.71 -12.90
C THR H 146 -17.84 32.79 -13.39
N GLY H 147 -17.07 31.73 -13.17
CA GLY H 147 -15.69 31.72 -13.62
C GLY H 147 -15.56 31.75 -15.13
N PHE H 148 -16.40 30.97 -15.82
CA PHE H 148 -16.38 30.99 -17.29
C PHE H 148 -16.76 32.37 -17.81
N ALA H 149 -17.76 33.00 -17.19
CA ALA H 149 -18.17 34.34 -17.63
C ALA H 149 -17.07 35.35 -17.40
N ALA H 150 -16.38 35.28 -16.25
CA ALA H 150 -15.29 36.20 -15.99
C ALA H 150 -14.15 36.00 -16.99
N PHE H 151 -13.80 34.75 -17.29
CA PHE H 151 -12.76 34.48 -18.26
C PHE H 151 -13.14 35.02 -19.64
N ILE H 152 -14.39 34.78 -20.06
CA ILE H 152 -14.83 35.24 -21.37
C ILE H 152 -14.83 36.76 -21.44
N TYR H 153 -15.28 37.43 -20.37
CA TYR H 153 -15.27 38.89 -20.36
C TYR H 153 -13.84 39.42 -20.44
N ALA H 154 -12.92 38.83 -19.69
CA ALA H 154 -11.53 39.27 -19.74
C ALA H 154 -10.94 39.08 -21.13
N LYS H 155 -11.24 37.94 -21.76
CA LYS H 155 -10.69 37.68 -23.09
C LYS H 155 -11.30 38.58 -24.16
N THR H 156 -12.59 38.92 -24.04
CA THR H 156 -13.31 39.62 -25.08
C THR H 156 -13.37 41.13 -24.89
N ARG H 157 -12.95 41.65 -23.74
CA ARG H 157 -13.02 43.09 -23.51
C ARG H 157 -11.69 43.73 -23.14
N LEU H 158 -10.77 42.98 -22.53
CA LEU H 158 -9.50 43.55 -22.09
C LEU H 158 -8.42 43.21 -23.10
N PRO H 159 -7.76 44.21 -23.70
CA PRO H 159 -6.68 43.91 -24.66
C PRO H 159 -5.54 43.11 -24.05
N PHE H 160 -5.32 43.22 -22.74
CA PHE H 160 -4.26 42.45 -22.09
C PHE H 160 -4.54 40.95 -22.19
N PHE H 161 -5.79 40.54 -22.00
CA PHE H 161 -6.16 39.13 -22.06
C PHE H 161 -6.65 38.70 -23.43
N ALA H 162 -6.77 39.63 -24.38
CA ALA H 162 -7.27 39.28 -25.71
C ALA H 162 -6.19 38.79 -26.65
N LYS H 163 -4.92 38.92 -26.28
CA LYS H 163 -3.83 38.48 -27.16
C LYS H 163 -3.60 36.98 -27.11
N GLY H 164 -4.26 36.26 -26.20
CA GLY H 164 -4.11 34.83 -26.12
C GLY H 164 -4.90 34.28 -24.96
N ILE H 165 -4.74 32.98 -24.72
CA ILE H 165 -5.40 32.30 -23.61
C ILE H 165 -4.44 32.35 -22.42
N SER H 166 -4.86 33.01 -21.35
CA SER H 166 -4.03 33.12 -20.16
C SER H 166 -3.97 31.79 -19.44
N LEU H 167 -2.76 31.23 -19.33
CA LEU H 167 -2.59 29.96 -18.62
C LEU H 167 -3.02 30.03 -17.16
N PRO H 168 -2.60 31.01 -16.35
CA PRO H 168 -3.10 31.05 -14.96
C PRO H 168 -4.60 31.21 -14.88
N TYR H 169 -5.19 32.04 -15.75
CA TYR H 169 -6.63 32.19 -15.77
C TYR H 169 -7.31 30.88 -16.16
N LEU H 170 -6.77 30.18 -17.15
CA LEU H 170 -7.33 28.91 -17.57
C LEU H 170 -7.27 27.88 -16.45
N VAL H 171 -6.16 27.83 -15.71
CA VAL H 171 -6.04 26.89 -14.61
C VAL H 171 -7.00 27.24 -13.47
N LEU H 172 -7.09 28.53 -13.14
CA LEU H 172 -7.97 28.98 -12.08
C LEU H 172 -9.44 28.75 -12.42
N VAL H 173 -9.78 28.80 -13.71
CA VAL H 173 -11.17 28.70 -14.11
C VAL H 173 -11.61 27.26 -14.41
N VAL H 174 -10.76 26.48 -15.07
CA VAL H 174 -11.12 25.12 -15.43
C VAL H 174 -10.80 24.12 -14.31
N GLY H 175 -9.80 24.42 -13.48
CA GLY H 175 -9.41 23.53 -12.42
C GLY H 175 -10.51 23.19 -11.44
N PRO H 176 -11.11 24.22 -10.82
CA PRO H 176 -12.27 23.98 -9.97
C PRO H 176 -13.43 23.33 -10.71
N PHE H 177 -13.59 23.59 -12.01
CA PHE H 177 -14.62 22.93 -12.79
C PHE H 177 -14.47 21.41 -12.74
N MET H 178 -13.22 20.93 -12.76
CA MET H 178 -12.97 19.50 -12.68
C MET H 178 -13.43 18.89 -11.37
N ILE H 179 -13.74 19.72 -10.37
CA ILE H 179 -14.33 19.21 -9.14
C ILE H 179 -15.68 18.57 -9.41
N LEU H 180 -16.39 19.05 -10.44
CA LEU H 180 -17.73 18.54 -10.72
C LEU H 180 -17.71 17.12 -11.29
N PRO H 181 -16.92 16.81 -12.33
CA PRO H 181 -16.82 15.40 -12.74
C PRO H 181 -16.27 14.50 -11.66
N ASN H 182 -15.32 14.99 -10.85
CA ASN H 182 -14.71 14.19 -9.80
C ASN H 182 -15.72 13.68 -8.79
N VAL H 183 -16.89 14.32 -8.70
CA VAL H 183 -17.97 13.82 -7.84
C VAL H 183 -18.24 12.35 -8.12
N GLY H 184 -18.15 11.94 -9.40
CA GLY H 184 -18.33 10.52 -9.71
C GLY H 184 -17.39 9.63 -8.91
N LEU H 185 -16.09 9.97 -8.91
CA LEU H 185 -15.14 9.28 -8.06
C LEU H 185 -15.63 9.24 -6.62
N ASN H 186 -16.07 10.39 -6.10
CA ASN H 186 -16.61 10.43 -4.75
C ASN H 186 -17.69 9.38 -4.56
N GLU H 187 -18.64 9.31 -5.50
CA GLU H 187 -19.67 8.29 -5.40
C GLU H 187 -19.04 6.90 -5.46
N TRP H 188 -18.14 6.68 -6.41
CA TRP H 188 -17.46 5.39 -6.50
C TRP H 188 -16.60 5.16 -5.25
N GLY H 189 -16.15 6.24 -4.61
CA GLY H 189 -15.45 6.10 -3.36
C GLY H 189 -16.34 5.64 -2.22
N HIS H 190 -17.58 6.11 -2.18
CA HIS H 190 -18.41 5.78 -1.01
C HIS H 190 -19.17 4.47 -1.19
N THR H 191 -19.49 4.12 -2.43
CA THR H 191 -20.31 2.95 -2.64
C THR H 191 -19.51 1.65 -2.70
N PHE H 192 -18.25 1.72 -3.13
CA PHE H 192 -17.44 0.52 -3.32
C PHE H 192 -16.18 0.51 -2.48
N TRP H 193 -15.40 1.61 -2.47
CA TRP H 193 -14.07 1.59 -1.89
C TRP H 193 -14.12 1.67 -0.37
N PHE H 194 -14.65 2.76 0.17
CA PHE H 194 -14.63 3.02 1.60
C PHE H 194 -16.03 2.80 2.17
N MET H 195 -16.12 1.93 3.18
CA MET H 195 -17.39 1.61 3.83
C MET H 195 -17.73 2.55 4.97
N GLU H 196 -16.84 3.48 5.31
CA GLU H 196 -17.03 4.35 6.46
C GLU H 196 -17.12 5.81 6.01
N GLU H 197 -17.88 6.60 6.78
CA GLU H 197 -18.04 8.02 6.50
C GLU H 197 -16.86 8.80 7.09
N LEU H 198 -15.71 8.63 6.44
CA LEU H 198 -14.48 9.30 6.85
C LEU H 198 -14.19 10.42 5.86
N PHE H 199 -14.10 11.65 6.35
CA PHE H 199 -13.91 12.81 5.50
C PHE H 199 -12.47 12.97 5.03
N VAL H 200 -11.51 12.27 5.64
CA VAL H 200 -10.12 12.36 5.24
C VAL H 200 -9.71 11.18 4.36
N ALA H 201 -10.67 10.43 3.85
CA ALA H 201 -10.37 9.28 3.01
C ALA H 201 -9.74 9.73 1.69
N PRO H 202 -8.89 8.89 1.09
CA PRO H 202 -8.27 9.27 -0.19
C PRO H 202 -9.26 9.47 -1.32
N LEU H 203 -10.48 8.93 -1.21
CA LEU H 203 -11.46 9.10 -2.28
C LEU H 203 -11.84 10.55 -2.50
N HIS H 204 -11.45 11.41 -1.55
CA HIS H 204 -11.75 12.86 -1.63
C HIS H 204 -10.51 13.64 -2.07
N TYR H 205 -9.42 12.95 -2.39
CA TYR H 205 -8.15 13.68 -2.69
C TYR H 205 -8.30 14.34 -4.06
N GLY H 206 -9.18 13.80 -4.89
CA GLY H 206 -9.44 14.46 -6.16
C GLY H 206 -9.88 15.89 -5.98
N PHE H 207 -10.96 16.09 -5.21
CA PHE H 207 -11.39 17.42 -4.79
C PHE H 207 -10.17 18.26 -4.41
N VAL H 208 -9.43 17.76 -3.41
CA VAL H 208 -8.28 18.47 -2.88
C VAL H 208 -7.37 18.93 -4.01
N ILE H 209 -7.01 18.01 -4.90
CA ILE H 209 -6.04 18.33 -5.95
C ILE H 209 -6.56 19.48 -6.80
N PHE H 210 -7.83 19.41 -7.21
CA PHE H 210 -8.36 20.46 -8.05
C PHE H 210 -8.55 21.75 -7.28
N GLY H 211 -8.78 21.65 -5.97
CA GLY H 211 -8.78 22.84 -5.14
C GLY H 211 -7.45 23.57 -5.21
N TRP H 212 -6.35 22.81 -5.29
CA TRP H 212 -5.04 23.42 -5.44
C TRP H 212 -4.98 24.31 -6.66
N LEU H 213 -5.70 23.95 -7.73
CA LEU H 213 -5.64 24.74 -8.95
C LEU H 213 -6.24 26.13 -8.75
N ALA H 214 -7.09 26.31 -7.74
CA ALA H 214 -7.58 27.64 -7.44
C ALA H 214 -6.46 28.60 -7.08
N LEU H 215 -5.33 28.08 -6.61
CA LEU H 215 -4.17 28.92 -6.31
C LEU H 215 -3.70 29.68 -7.54
N ALA H 216 -4.00 29.18 -8.74
CA ALA H 216 -3.66 29.91 -9.96
C ALA H 216 -4.16 31.36 -9.92
N VAL H 217 -5.15 31.64 -9.08
CA VAL H 217 -5.68 33.00 -8.96
C VAL H 217 -4.54 34.01 -8.77
N MET H 218 -3.53 33.65 -7.96
CA MET H 218 -2.44 34.58 -7.72
C MET H 218 -1.83 35.04 -9.04
N GLY H 219 -1.46 34.09 -9.90
CA GLY H 219 -0.93 34.47 -11.19
C GLY H 219 -1.90 35.34 -11.96
N THR H 220 -3.17 34.93 -11.99
CA THR H 220 -4.19 35.73 -12.65
C THR H 220 -4.21 37.14 -12.08
N LEU H 221 -4.17 37.25 -10.75
CA LEU H 221 -4.18 38.56 -10.13
C LEU H 221 -3.07 39.43 -10.67
N THR H 222 -1.85 38.87 -10.77
CA THR H 222 -0.73 39.64 -11.29
C THR H 222 -1.06 40.20 -12.66
N GLN H 223 -1.56 39.33 -13.56
CA GLN H 223 -1.93 39.79 -14.89
C GLN H 223 -2.96 40.91 -14.79
N THR H 224 -3.98 40.71 -13.94
CA THR H 224 -5.00 41.74 -13.77
C THR H 224 -4.35 43.07 -13.40
N PHE H 225 -3.42 43.05 -12.46
CA PHE H 225 -2.78 44.29 -12.04
C PHE H 225 -2.06 44.95 -13.20
N TYR H 226 -1.37 44.15 -14.02
CA TYR H 226 -0.71 44.71 -15.18
C TYR H 226 -1.74 45.28 -16.16
N SER H 227 -2.87 44.58 -16.32
CA SER H 227 -3.95 45.13 -17.15
C SER H 227 -4.46 46.44 -16.58
N PHE H 228 -4.36 46.62 -15.27
CA PHE H 228 -4.75 47.88 -14.66
C PHE H 228 -3.68 48.96 -14.84
N ALA H 229 -2.42 48.57 -15.00
CA ALA H 229 -1.32 49.52 -14.94
C ALA H 229 -0.77 49.91 -16.30
N GLN H 230 -0.92 49.05 -17.31
CA GLN H 230 -0.34 49.33 -18.61
C GLN H 230 -1.01 50.49 -19.34
N GLY H 231 -2.18 50.93 -18.89
CA GLY H 231 -2.92 51.99 -19.54
C GLY H 231 -2.53 53.40 -19.14
N GLY H 232 -1.49 53.56 -18.33
CA GLY H 232 -1.07 54.86 -17.86
C GLY H 232 -1.33 55.12 -16.39
N LEU H 233 -2.12 54.27 -15.73
CA LEU H 233 -2.35 54.42 -14.30
C LEU H 233 -1.06 54.22 -13.52
N GLY H 234 -0.25 53.25 -13.91
CA GLY H 234 0.99 52.99 -13.19
C GLY H 234 1.96 54.15 -13.25
N GLN H 235 2.08 54.78 -14.43
CA GLN H 235 3.00 55.92 -14.56
C GLN H 235 2.58 57.08 -13.67
N SER H 236 1.28 57.38 -13.62
CA SER H 236 0.80 58.46 -12.76
C SER H 236 0.95 58.09 -11.29
N LEU H 237 0.72 56.83 -10.94
CA LEU H 237 0.81 56.41 -9.55
C LEU H 237 2.25 56.40 -9.05
N CYS H 238 3.21 56.06 -9.92
CA CYS H 238 4.61 56.02 -9.52
C CYS H 238 5.16 57.40 -9.22
N GLU H 239 4.54 58.46 -9.74
CA GLU H 239 5.01 59.82 -9.50
C GLU H 239 4.78 60.22 -8.04
N GLU I 1 56.93 34.00 4.10
CA GLU I 1 56.83 32.92 3.12
C GLU I 1 56.43 31.61 3.78
N ALA I 2 55.26 31.60 4.39
CA ALA I 2 54.75 30.39 5.05
C ALA I 2 54.44 29.32 4.01
N PRO I 3 54.54 28.05 4.38
CA PRO I 3 54.18 26.98 3.44
C PRO I 3 52.71 27.06 3.03
N LEU I 4 52.44 26.64 1.80
CA LEU I 4 51.09 26.75 1.27
C LEU I 4 50.10 25.91 2.07
N LEU I 5 50.50 24.70 2.45
CA LEU I 5 49.67 23.83 3.27
C LEU I 5 50.23 23.80 4.69
N ASP I 6 49.38 24.13 5.67
CA ASP I 6 49.77 24.10 7.08
C ASP I 6 49.55 22.68 7.58
N LYS I 7 50.64 21.92 7.71
CA LYS I 7 50.54 20.53 8.16
C LYS I 7 50.04 20.43 9.59
N LYS I 8 50.37 21.42 10.43
CA LYS I 8 49.91 21.39 11.81
C LYS I 8 48.39 21.45 11.90
N TRP I 9 47.76 22.30 11.09
CA TRP I 9 46.31 22.42 11.13
C TRP I 9 45.64 21.14 10.65
N LEU I 10 46.15 20.52 9.59
CA LEU I 10 45.58 19.26 9.12
C LEU I 10 45.75 18.15 10.14
N THR I 11 46.93 18.08 10.76
CA THR I 11 47.16 17.08 11.80
C THR I 11 46.22 17.28 12.98
N PHE I 12 46.02 18.54 13.39
CA PHE I 12 45.07 18.83 14.45
C PHE I 12 43.65 18.44 14.06
N ALA I 13 43.27 18.75 12.81
CA ALA I 13 41.91 18.46 12.36
C ALA I 13 41.62 16.97 12.41
N LEU I 14 42.60 16.15 12.01
CA LEU I 14 42.40 14.70 12.11
C LEU I 14 42.45 14.23 13.56
N ALA I 15 43.43 14.72 14.33
CA ALA I 15 43.73 14.14 15.63
C ALA I 15 42.67 14.49 16.67
N ILE I 16 42.12 15.70 16.61
CA ILE I 16 41.12 16.08 17.61
C ILE I 16 39.89 15.20 17.49
N TYR I 17 39.41 14.98 16.26
CA TYR I 17 38.27 14.08 16.06
C TYR I 17 38.62 12.67 16.48
N THR I 18 39.80 12.19 16.07
CA THR I 18 40.18 10.82 16.40
C THR I 18 40.20 10.61 17.91
N VAL I 19 40.89 11.48 18.65
CA VAL I 19 41.03 11.33 20.10
C VAL I 19 39.69 11.49 20.80
N PHE I 20 38.91 12.51 20.41
CA PHE I 20 37.63 12.73 21.07
C PHE I 20 36.70 11.54 20.87
N TYR I 21 36.64 11.00 19.66
CA TYR I 21 35.73 9.89 19.41
C TYR I 21 36.25 8.59 20.01
N LEU I 22 37.58 8.41 20.11
CA LEU I 22 38.10 7.26 20.84
C LEU I 22 37.73 7.33 22.32
N TRP I 23 37.83 8.52 22.92
CA TRP I 23 37.42 8.67 24.31
C TRP I 23 35.92 8.44 24.47
N VAL I 24 35.13 8.90 23.49
CA VAL I 24 33.69 8.67 23.53
C VAL I 24 33.39 7.17 23.47
N ARG I 25 34.10 6.44 22.61
CA ARG I 25 33.91 4.99 22.52
C ARG I 25 34.30 4.31 23.83
N TRP I 26 35.39 4.77 24.45
CA TRP I 26 35.79 4.21 25.74
C TRP I 26 34.72 4.45 26.80
N TYR I 27 34.16 5.67 26.81
CA TYR I 27 33.09 5.98 27.76
C TYR I 27 31.87 5.11 27.51
N GLU I 28 31.51 4.91 26.24
CA GLU I 28 30.38 4.05 25.90
C GLU I 28 30.61 2.62 26.37
N GLY I 29 31.83 2.11 26.18
CA GLY I 29 32.15 0.78 26.65
C GLY I 29 32.10 0.65 28.16
N VAL I 30 32.64 1.65 28.88
CA VAL I 30 32.72 1.56 30.33
C VAL I 30 31.35 1.72 30.97
N TYR I 31 30.58 2.72 30.56
CA TYR I 31 29.33 3.06 31.23
C TYR I 31 28.09 2.67 30.46
N GLY I 32 28.24 2.08 29.27
CA GLY I 32 27.06 1.63 28.54
C GLY I 32 26.42 0.38 29.10
N TRP I 33 27.13 -0.36 29.95
CA TRP I 33 26.62 -1.59 30.53
C TRP I 33 26.11 -1.39 31.94
N SER I 34 26.89 -0.73 32.80
CA SER I 34 26.52 -0.57 34.20
C SER I 34 25.35 0.38 34.38
N ALA I 35 25.28 1.44 33.58
CA ALA I 35 24.28 2.48 33.77
C ALA I 35 23.33 2.68 32.61
N GLY I 36 23.70 2.27 31.38
CA GLY I 36 22.89 2.59 30.23
C GLY I 36 21.73 1.66 29.96
N LEU I 37 21.68 0.50 30.64
CA LEU I 37 20.65 -0.48 30.33
C LEU I 37 19.28 -0.04 30.84
N ASP I 38 19.21 0.47 32.07
CA ASP I 38 17.95 0.89 32.67
C ASP I 38 17.88 2.41 32.65
N SER I 39 16.77 2.94 32.13
CA SER I 39 16.63 4.38 31.94
C SER I 39 15.97 5.09 33.12
N PHE I 40 15.26 4.36 33.98
CA PHE I 40 14.60 4.94 35.15
C PHE I 40 15.41 4.77 36.43
N ALA I 41 16.72 4.84 36.34
CA ALA I 41 17.62 4.61 37.46
C ALA I 41 18.55 5.81 37.67
N PRO I 42 19.03 6.04 38.90
CA PRO I 42 19.86 7.23 39.13
C PRO I 42 21.20 7.22 38.43
N GLU I 43 21.87 6.07 38.36
CA GLU I 43 23.17 6.04 37.69
C GLU I 43 23.01 6.38 36.21
N PHE I 44 21.93 5.90 35.59
CA PHE I 44 21.64 6.30 34.21
C PHE I 44 21.51 7.81 34.09
N GLU I 45 20.79 8.43 35.03
CA GLU I 45 20.69 9.88 35.05
C GLU I 45 22.06 10.52 35.07
N THR I 46 22.82 10.29 36.14
CA THR I 46 24.07 11.01 36.35
C THR I 46 25.14 10.66 35.32
N TYR I 47 24.98 9.56 34.57
CA TYR I 47 26.01 9.18 33.62
C TYR I 47 25.61 9.40 32.16
N TRP I 48 24.33 9.63 31.87
CA TRP I 48 23.98 9.86 30.49
C TRP I 48 23.15 11.12 30.26
N MET I 49 22.24 11.45 31.18
CA MET I 49 21.46 12.67 31.00
C MET I 49 22.33 13.90 31.21
N ASN I 50 23.25 13.84 32.17
CA ASN I 50 24.23 14.90 32.34
C ASN I 50 25.11 15.03 31.09
N PHE I 51 25.51 13.89 30.52
CA PHE I 51 26.27 13.90 29.27
C PHE I 51 25.48 14.59 28.17
N LEU I 52 24.20 14.28 28.05
CA LEU I 52 23.36 14.88 27.01
C LEU I 52 23.25 16.39 27.21
N TYR I 53 22.96 16.83 28.43
CA TYR I 53 22.84 18.26 28.70
C TYR I 53 24.14 18.99 28.41
N THR I 54 25.26 18.44 28.90
CA THR I 54 26.55 19.08 28.70
C THR I 54 26.91 19.14 27.22
N GLU I 55 26.67 18.05 26.48
CA GLU I 55 27.00 18.05 25.07
C GLU I 55 26.13 19.03 24.29
N ILE I 56 24.85 19.15 24.65
CA ILE I 56 23.98 20.10 23.96
C ILE I 56 24.45 21.53 24.22
N VAL I 57 24.73 21.85 25.48
CA VAL I 57 25.18 23.21 25.81
C VAL I 57 26.49 23.53 25.13
N LEU I 58 27.44 22.59 25.17
CA LEU I 58 28.74 22.82 24.55
C LEU I 58 28.62 22.93 23.04
N GLU I 59 27.76 22.13 22.42
CA GLU I 59 27.56 22.22 20.98
C GLU I 59 27.00 23.58 20.59
N ILE I 60 26.00 24.06 21.35
CA ILE I 60 25.42 25.37 21.05
C ILE I 60 26.47 26.45 21.18
N VAL I 61 27.23 26.43 22.28
CA VAL I 61 28.23 27.47 22.52
C VAL I 61 29.30 27.43 21.44
N THR I 62 29.80 26.23 21.11
CA THR I 62 30.86 26.10 20.12
C THR I 62 30.39 26.55 18.74
N ALA I 63 29.19 26.12 18.33
CA ALA I 63 28.66 26.52 17.04
C ALA I 63 28.51 28.03 16.96
N SER I 64 27.91 28.63 17.99
CA SER I 64 27.72 30.08 17.99
C SER I 64 29.06 30.80 17.89
N ILE I 65 30.02 30.42 18.74
CA ILE I 65 31.30 31.13 18.78
C ILE I 65 32.05 30.97 17.46
N LEU I 66 32.11 29.74 16.94
CA LEU I 66 32.87 29.49 15.72
C LEU I 66 32.25 30.20 14.52
N TRP I 67 30.93 30.08 14.35
CA TRP I 67 30.28 30.72 13.22
C TRP I 67 30.36 32.24 13.31
N GLY I 68 30.17 32.79 14.51
CA GLY I 68 30.27 34.23 14.67
C GLY I 68 31.67 34.75 14.44
N TYR I 69 32.69 34.01 14.88
CA TYR I 69 34.06 34.43 14.65
C TYR I 69 34.41 34.36 13.16
N LEU I 70 33.96 33.31 12.47
CA LEU I 70 34.23 33.20 11.04
C LEU I 70 33.52 34.31 10.26
N TRP I 71 32.27 34.63 10.64
CA TRP I 71 31.54 35.68 9.94
C TRP I 71 32.03 37.08 10.29
N LYS I 72 32.59 37.27 11.48
CA LYS I 72 33.05 38.59 11.89
C LYS I 72 34.36 38.96 11.22
N THR I 73 35.27 37.98 11.06
CA THR I 73 36.59 38.22 10.48
C THR I 73 36.62 38.00 8.97
N ARG I 74 35.50 38.18 8.28
CA ARG I 74 35.48 37.99 6.83
C ARG I 74 36.33 39.05 6.15
N ASP I 75 36.88 38.68 4.99
CA ASP I 75 37.70 39.60 4.20
C ASP I 75 36.76 40.60 3.51
N ARG I 76 36.77 41.85 4.02
CA ARG I 76 35.91 42.88 3.45
C ARG I 76 36.30 43.21 2.01
N ASN I 77 37.60 43.27 1.73
CA ASN I 77 38.11 43.61 0.42
C ASN I 77 38.89 42.40 -0.11
N LEU I 78 38.23 41.63 -0.98
CA LEU I 78 38.85 40.45 -1.58
C LEU I 78 39.52 40.75 -2.92
N ALA I 79 39.41 41.98 -3.42
CA ALA I 79 40.01 42.30 -4.71
C ALA I 79 41.53 42.39 -4.63
N ALA I 80 42.07 42.65 -3.43
CA ALA I 80 43.52 42.77 -3.24
C ALA I 80 44.16 41.45 -2.85
N LEU I 81 43.42 40.35 -2.86
CA LEU I 81 43.97 39.05 -2.48
C LEU I 81 44.96 38.58 -3.54
N THR I 82 46.21 38.40 -3.12
CA THR I 82 47.24 37.94 -4.03
C THR I 82 47.01 36.48 -4.41
N PRO I 83 47.49 36.05 -5.58
CA PRO I 83 47.29 34.64 -5.97
C PRO I 83 47.90 33.64 -4.99
N ARG I 84 49.06 33.96 -4.41
CA ARG I 84 49.68 33.06 -3.44
C ARG I 84 48.84 32.96 -2.18
N GLU I 85 48.34 34.10 -1.67
CA GLU I 85 47.47 34.06 -0.51
C GLU I 85 46.15 33.39 -0.82
N GLU I 86 45.64 33.55 -2.04
CA GLU I 86 44.44 32.84 -2.44
C GLU I 86 44.66 31.33 -2.46
N LEU I 87 45.83 30.89 -2.93
CA LEU I 87 46.16 29.47 -2.92
C LEU I 87 46.27 28.96 -1.49
N ARG I 88 46.87 29.75 -0.60
CA ARG I 88 46.95 29.36 0.81
C ARG I 88 45.56 29.23 1.43
N ARG I 89 44.67 30.17 1.12
CA ARG I 89 43.30 30.10 1.61
C ARG I 89 42.57 28.89 1.03
N ASN I 90 42.87 28.55 -0.23
CA ASN I 90 42.28 27.35 -0.83
C ASN I 90 42.75 26.10 -0.10
N PHE I 91 44.03 26.05 0.26
CA PHE I 91 44.52 24.91 1.04
C PHE I 91 43.87 24.84 2.41
N THR I 92 43.67 25.99 3.05
CA THR I 92 42.98 26.00 4.35
C THR I 92 41.53 25.51 4.21
N HIS I 93 40.85 25.94 3.15
CA HIS I 93 39.49 25.45 2.91
C HIS I 93 39.49 23.95 2.62
N LEU I 94 40.52 23.45 1.95
CA LEU I 94 40.63 22.01 1.73
C LEU I 94 40.84 21.26 3.05
N VAL I 95 41.61 21.86 3.97
CA VAL I 95 41.75 21.28 5.31
C VAL I 95 40.40 21.25 6.02
N TRP I 96 39.62 22.33 5.87
CA TRP I 96 38.27 22.35 6.43
C TRP I 96 37.40 21.25 5.85
N LEU I 97 37.51 21.02 4.53
CA LEU I 97 36.76 19.95 3.89
C LEU I 97 37.22 18.58 4.38
N VAL I 98 38.52 18.42 4.63
CA VAL I 98 39.02 17.17 5.19
C VAL I 98 38.42 16.92 6.56
N ALA I 99 38.38 17.96 7.39
CA ALA I 99 37.77 17.82 8.72
C ALA I 99 36.29 17.48 8.62
N TYR I 100 35.59 18.12 7.68
CA TYR I 100 34.17 17.82 7.49
C TYR I 100 33.96 16.38 7.05
N ALA I 101 34.80 15.88 6.14
CA ALA I 101 34.68 14.50 5.70
C ALA I 101 34.96 13.52 6.85
N TRP I 102 35.96 13.82 7.66
CA TRP I 102 36.25 12.96 8.81
C TRP I 102 35.09 12.94 9.80
N ALA I 103 34.51 14.11 10.07
CA ALA I 103 33.35 14.17 10.96
C ALA I 103 32.15 13.44 10.38
N ILE I 104 31.97 13.55 9.06
CA ILE I 104 30.87 12.86 8.39
C ILE I 104 31.03 11.35 8.51
N TYR I 105 32.26 10.85 8.32
CA TYR I 105 32.51 9.43 8.50
C TYR I 105 32.23 9.00 9.94
N TRP I 106 32.68 9.79 10.91
CA TRP I 106 32.48 9.42 12.31
C TRP I 106 31.00 9.40 12.67
N GLY I 107 30.23 10.36 12.16
CA GLY I 107 28.83 10.44 12.49
C GLY I 107 27.91 9.49 11.73
N ALA I 108 27.90 9.62 10.40
CA ALA I 108 26.91 8.90 9.60
C ALA I 108 27.24 7.42 9.46
N SER I 109 28.50 7.04 9.56
CA SER I 109 28.91 5.66 9.31
C SER I 109 29.15 4.88 10.60
N TYR I 110 30.02 5.37 11.48
CA TYR I 110 30.43 4.61 12.65
C TYR I 110 29.30 4.51 13.67
N PHE I 111 28.86 5.66 14.19
CA PHE I 111 27.92 5.65 15.30
C PHE I 111 26.51 5.24 14.86
N THR I 112 26.16 5.42 13.59
CA THR I 112 24.85 4.97 13.12
C THR I 112 24.76 3.44 13.17
N GLU I 113 25.78 2.75 12.67
CA GLU I 113 25.76 1.30 12.75
C GLU I 113 26.01 0.81 14.17
N GLN I 114 26.73 1.57 14.99
CA GLN I 114 26.81 1.25 16.41
C GLN I 114 25.43 1.33 17.06
N ASP I 115 24.63 2.33 16.67
CA ASP I 115 23.27 2.45 17.15
C ASP I 115 22.43 1.27 16.69
N GLY I 116 22.61 0.85 15.44
CA GLY I 116 21.93 -0.35 14.97
C GLY I 116 22.26 -1.57 15.81
N THR I 117 23.56 -1.75 16.10
CA THR I 117 23.98 -2.85 16.98
C THR I 117 23.28 -2.77 18.32
N TRP I 118 23.35 -1.59 18.96
CA TRP I 118 22.74 -1.42 20.28
C TRP I 118 21.26 -1.77 20.25
N HIS I 119 20.54 -1.35 19.22
CA HIS I 119 19.12 -1.64 19.16
C HIS I 119 18.84 -3.11 18.87
N GLN I 120 19.75 -3.80 18.18
CA GLN I 120 19.55 -5.23 17.97
C GLN I 120 19.95 -6.08 19.17
N THR I 121 20.69 -5.57 20.13
CA THR I 121 21.06 -6.40 21.28
C THR I 121 20.22 -6.16 22.54
N ILE I 122 19.50 -5.05 22.66
CA ILE I 122 18.71 -4.78 23.86
C ILE I 122 17.29 -4.38 23.46
N VAL I 123 16.43 -4.26 24.46
CA VAL I 123 15.07 -3.78 24.28
C VAL I 123 15.05 -2.27 24.44
N ARG I 124 14.52 -1.56 23.44
CA ARG I 124 14.46 -0.12 23.49
C ARG I 124 13.52 0.33 24.60
N ASP I 125 13.94 1.32 25.39
CA ASP I 125 13.16 1.82 26.51
C ASP I 125 12.85 3.30 26.39
N THR I 126 13.77 4.11 25.89
CA THR I 126 13.56 5.55 25.80
C THR I 126 14.14 6.06 24.49
N ASP I 127 13.81 7.31 24.17
CA ASP I 127 14.43 7.97 23.02
C ASP I 127 15.85 8.41 23.33
N PHE I 128 16.16 8.62 24.61
CA PHE I 128 17.51 9.03 25.03
C PHE I 128 18.31 7.83 25.54
N THR I 129 18.55 6.87 24.63
CA THR I 129 19.48 5.81 24.92
C THR I 129 20.91 6.34 24.83
N PRO I 130 21.86 5.71 25.52
CA PRO I 130 23.27 6.15 25.37
C PRO I 130 23.72 6.16 23.92
N SER I 131 23.30 5.17 23.15
CA SER I 131 23.58 5.16 21.72
C SER I 131 22.95 6.35 21.02
N HIS I 132 21.69 6.64 21.34
CA HIS I 132 21.03 7.81 20.76
C HIS I 132 21.71 9.11 21.21
N ILE I 133 22.13 9.17 22.47
CA ILE I 133 22.80 10.37 22.97
C ILE I 133 24.09 10.61 22.21
N ILE I 134 24.88 9.56 22.00
CA ILE I 134 26.15 9.71 21.30
C ILE I 134 25.94 10.01 19.82
N GLU I 135 25.00 9.30 19.18
CA GLU I 135 24.86 9.40 17.73
C GLU I 135 24.10 10.66 17.31
N PHE I 136 22.84 10.77 17.73
CA PHE I 136 21.99 11.84 17.23
C PHE I 136 22.41 13.19 17.77
N TYR I 137 22.81 13.26 19.04
CA TYR I 137 22.98 14.54 19.71
C TYR I 137 24.44 14.94 19.91
N LEU I 138 25.40 14.10 19.54
CA LEU I 138 26.80 14.47 19.65
C LEU I 138 27.49 14.49 18.28
N SER I 139 27.48 13.39 17.53
CA SER I 139 28.23 13.33 16.28
C SER I 139 27.55 14.15 15.19
N TYR I 140 26.23 14.05 15.07
CA TYR I 140 25.52 14.81 14.05
C TYR I 140 25.68 16.31 14.23
N PRO I 141 25.47 16.89 15.42
CA PRO I 141 25.76 18.32 15.58
C PRO I 141 27.21 18.67 15.31
N ILE I 142 28.14 17.78 15.62
CA ILE I 142 29.55 18.08 15.40
C ILE I 142 29.83 18.20 13.91
N TYR I 143 29.33 17.25 13.10
CA TYR I 143 29.60 17.38 11.67
C TYR I 143 28.80 18.51 11.05
N ILE I 144 27.63 18.84 11.62
CA ILE I 144 26.88 20.00 11.15
C ILE I 144 27.68 21.28 11.39
N ILE I 145 28.28 21.41 12.58
CA ILE I 145 29.11 22.56 12.89
C ILE I 145 30.30 22.63 11.94
N THR I 146 30.95 21.49 11.70
CA THR I 146 32.11 21.48 10.81
C THR I 146 31.72 21.89 9.39
N GLY I 147 30.59 21.38 8.90
CA GLY I 147 30.14 21.75 7.56
C GLY I 147 29.77 23.21 7.44
N PHE I 148 29.05 23.74 8.45
CA PHE I 148 28.71 25.16 8.43
C PHE I 148 29.96 26.02 8.47
N ALA I 149 30.95 25.64 9.28
CA ALA I 149 32.19 26.40 9.36
C ALA I 149 32.94 26.37 8.03
N ALA I 150 32.99 25.20 7.38
CA ALA I 150 33.66 25.10 6.09
C ALA I 150 32.97 25.96 5.05
N PHE I 151 31.63 25.93 5.01
CA PHE I 151 30.89 26.75 4.07
C PHE I 151 31.13 28.23 4.31
N ILE I 152 31.11 28.65 5.58
CA ILE I 152 31.32 30.06 5.91
C ILE I 152 32.74 30.49 5.54
N TYR I 153 33.73 29.65 5.82
CA TYR I 153 35.11 29.99 5.44
C TYR I 153 35.24 30.12 3.93
N ALA I 154 34.65 29.19 3.18
CA ALA I 154 34.73 29.28 1.73
C ALA I 154 34.06 30.54 1.21
N LYS I 155 32.91 30.90 1.78
CA LYS I 155 32.20 32.09 1.32
C LYS I 155 32.93 33.37 1.70
N THR I 156 33.58 33.40 2.86
CA THR I 156 34.15 34.63 3.39
C THR I 156 35.63 34.82 3.08
N ARG I 157 36.31 33.81 2.54
CA ARG I 157 37.73 33.93 2.26
C ARG I 157 38.11 33.65 0.82
N LEU I 158 37.34 32.82 0.10
CA LEU I 158 37.67 32.47 -1.27
C LEU I 158 36.85 33.31 -2.24
N PRO I 159 37.49 34.09 -3.12
CA PRO I 159 36.72 34.88 -4.08
C PRO I 159 35.83 34.04 -4.99
N PHE I 160 36.22 32.79 -5.24
CA PHE I 160 35.40 31.91 -6.08
C PHE I 160 34.03 31.67 -5.45
N PHE I 161 34.00 31.45 -4.14
CA PHE I 161 32.76 31.19 -3.44
C PHE I 161 32.11 32.43 -2.85
N ALA I 162 32.77 33.59 -2.95
CA ALA I 162 32.25 34.83 -2.38
C ALA I 162 31.29 35.57 -3.30
N LYS I 163 31.20 35.16 -4.57
CA LYS I 163 30.31 35.84 -5.51
C LYS I 163 28.86 35.41 -5.36
N GLY I 164 28.58 34.40 -4.56
CA GLY I 164 27.20 33.96 -4.36
C GLY I 164 27.17 32.75 -3.47
N ILE I 165 25.97 32.21 -3.30
CA ILE I 165 25.76 31.00 -2.51
C ILE I 165 25.88 29.81 -3.45
N SER I 166 26.86 28.95 -3.20
CA SER I 166 27.08 27.78 -4.05
C SER I 166 25.98 26.75 -3.79
N LEU I 167 25.20 26.44 -4.83
CA LEU I 167 24.14 25.44 -4.68
C LEU I 167 24.66 24.06 -4.29
N PRO I 168 25.69 23.50 -4.95
CA PRO I 168 26.19 22.19 -4.48
C PRO I 168 26.72 22.24 -3.06
N TYR I 169 27.42 23.31 -2.69
CA TYR I 169 27.90 23.44 -1.32
C TYR I 169 26.73 23.54 -0.34
N LEU I 170 25.70 24.30 -0.70
CA LEU I 170 24.54 24.43 0.16
C LEU I 170 23.83 23.08 0.35
N VAL I 171 23.71 22.30 -0.72
CA VAL I 171 23.06 20.99 -0.61
C VAL I 171 23.91 20.05 0.23
N LEU I 172 25.22 20.04 -0.01
CA LEU I 172 26.12 19.15 0.74
C LEU I 172 26.16 19.53 2.22
N VAL I 173 25.97 20.80 2.54
CA VAL I 173 26.11 21.24 3.92
C VAL I 173 24.80 21.21 4.69
N VAL I 174 23.69 21.61 4.06
CA VAL I 174 22.40 21.64 4.75
C VAL I 174 21.67 20.31 4.68
N GLY I 175 21.92 19.52 3.63
CA GLY I 175 21.25 18.25 3.45
C GLY I 175 21.45 17.29 4.61
N PRO I 176 22.70 16.97 4.92
CA PRO I 176 22.96 16.15 6.12
C PRO I 176 22.44 16.77 7.40
N PHE I 177 22.41 18.10 7.49
CA PHE I 177 21.84 18.76 8.66
C PHE I 177 20.39 18.34 8.89
N MET I 178 19.63 18.16 7.80
CA MET I 178 18.24 17.73 7.90
C MET I 178 18.11 16.35 8.49
N ILE I 179 19.20 15.58 8.57
CA ILE I 179 19.18 14.30 9.27
C ILE I 179 18.83 14.50 10.74
N LEU I 180 19.19 15.64 11.32
CA LEU I 180 18.98 15.86 12.74
C LEU I 180 17.49 16.08 13.07
N PRO I 181 16.75 16.96 12.38
CA PRO I 181 15.30 17.02 12.62
C PRO I 181 14.59 15.71 12.30
N ASN I 182 15.02 15.00 11.27
CA ASN I 182 14.39 13.75 10.85
C ASN I 182 14.40 12.70 11.96
N VAL I 183 15.30 12.83 12.94
CA VAL I 183 15.30 11.95 14.10
C VAL I 183 13.91 11.88 14.73
N GLY I 184 13.19 13.00 14.75
CA GLY I 184 11.83 12.98 15.26
C GLY I 184 10.97 11.94 14.57
N LEU I 185 10.98 11.94 13.23
CA LEU I 185 10.31 10.89 12.47
C LEU I 185 10.75 9.52 12.94
N ASN I 186 12.06 9.32 13.08
CA ASN I 186 12.57 8.05 13.59
C ASN I 186 11.88 7.68 14.89
N GLU I 187 11.81 8.62 15.84
CA GLU I 187 11.11 8.34 17.08
C GLU I 187 9.64 8.01 16.82
N TRP I 188 8.99 8.85 16.00
CA TRP I 188 7.60 8.58 15.65
C TRP I 188 7.49 7.26 14.88
N GLY I 189 8.56 6.89 14.18
CA GLY I 189 8.56 5.59 13.50
C GLY I 189 8.62 4.44 14.48
N HIS I 190 9.37 4.59 15.57
CA HIS I 190 9.55 3.40 16.46
C HIS I 190 8.45 3.30 17.51
N THR I 191 7.90 4.44 17.92
CA THR I 191 6.93 4.40 19.00
C THR I 191 5.52 4.10 18.53
N PHE I 192 5.17 4.47 17.30
CA PHE I 192 3.81 4.33 16.80
C PHE I 192 3.71 3.44 15.57
N TRP I 193 4.56 3.65 14.57
CA TRP I 193 4.35 3.01 13.27
C TRP I 193 4.83 1.56 13.29
N PHE I 194 6.11 1.33 13.53
CA PHE I 194 6.70 0.00 13.46
C PHE I 194 6.97 -0.53 14.85
N MET I 195 6.43 -1.70 15.15
CA MET I 195 6.59 -2.34 16.45
C MET I 195 7.84 -3.20 16.55
N GLU I 196 8.58 -3.37 15.46
CA GLU I 196 9.74 -4.25 15.41
C GLU I 196 11.01 -3.46 15.15
N GLU I 197 12.12 -3.97 15.69
CA GLU I 197 13.43 -3.34 15.51
C GLU I 197 14.02 -3.80 14.18
N LEU I 198 13.45 -3.27 13.10
CA LEU I 198 13.87 -3.57 11.74
C LEU I 198 14.61 -2.35 11.19
N PHE I 199 15.87 -2.55 10.81
CA PHE I 199 16.70 -1.45 10.34
C PHE I 199 16.39 -1.02 8.91
N VAL I 200 15.66 -1.85 8.15
CA VAL I 200 15.32 -1.51 6.78
C VAL I 200 13.89 -0.98 6.66
N ALA I 201 13.28 -0.60 7.79
CA ALA I 201 11.93 -0.09 7.78
C ALA I 201 11.86 1.27 7.07
N PRO I 202 10.72 1.60 6.46
CA PRO I 202 10.62 2.89 5.76
C PRO I 202 10.78 4.09 6.68
N LEU I 203 10.58 3.93 7.99
CA LEU I 203 10.70 5.06 8.90
C LEU I 203 12.10 5.64 8.93
N HIS I 204 13.05 4.90 8.33
CA HIS I 204 14.47 5.36 8.27
C HIS I 204 14.80 5.90 6.88
N TYR I 205 13.81 5.98 6.00
CA TYR I 205 14.11 6.39 4.59
C TYR I 205 14.43 7.87 4.58
N GLY I 206 13.92 8.60 5.56
CA GLY I 206 14.29 10.01 5.67
C GLY I 206 15.79 10.19 5.74
N PHE I 207 16.43 9.56 6.75
CA PHE I 207 17.88 9.50 6.82
C PHE I 207 18.47 9.27 5.44
N VAL I 208 18.08 8.14 4.84
CA VAL I 208 18.60 7.73 3.54
C VAL I 208 18.54 8.88 2.56
N ILE I 209 17.37 9.50 2.44
CA ILE I 209 17.19 10.54 1.42
C ILE I 209 18.17 11.67 1.66
N PHE I 210 18.30 12.11 2.90
CA PHE I 210 19.20 13.23 3.17
C PHE I 210 20.65 12.80 3.03
N GLY I 211 20.93 11.52 3.28
CA GLY I 211 22.27 11.01 2.98
C GLY I 211 22.61 11.18 1.52
N TRP I 212 21.62 11.00 0.64
CA TRP I 212 21.85 11.22 -0.79
C TRP I 212 22.36 12.62 -1.06
N LEU I 213 21.92 13.61 -0.27
CA LEU I 213 22.36 14.97 -0.51
C LEU I 213 23.85 15.15 -0.28
N ALA I 214 24.48 14.27 0.51
CA ALA I 214 25.92 14.33 0.67
C ALA I 214 26.64 14.14 -0.66
N LEU I 215 26.00 13.49 -1.63
CA LEU I 215 26.59 13.35 -2.96
C LEU I 215 26.89 14.70 -3.59
N ALA I 216 26.19 15.77 -3.18
CA ALA I 216 26.50 17.10 -3.68
C ALA I 216 27.97 17.44 -3.55
N VAL I 217 28.70 16.74 -2.66
CA VAL I 217 30.12 16.99 -2.48
C VAL I 217 30.84 16.98 -3.83
N MET I 218 30.47 16.06 -4.72
CA MET I 218 31.15 16.00 -6.01
C MET I 218 31.11 17.34 -6.71
N GLY I 219 29.91 17.92 -6.84
CA GLY I 219 29.82 19.24 -7.44
C GLY I 219 30.68 20.25 -6.70
N THR I 220 30.59 20.25 -5.37
CA THR I 220 31.42 21.14 -4.57
C THR I 220 32.88 20.94 -4.91
N LEU I 221 33.31 19.67 -4.98
CA LEU I 221 34.70 19.38 -5.29
C LEU I 221 35.12 20.06 -6.58
N THR I 222 34.28 19.96 -7.62
CA THR I 222 34.61 20.59 -8.88
C THR I 222 34.87 22.07 -8.69
N GLN I 223 33.95 22.76 -8.00
CA GLN I 223 34.14 24.17 -7.73
C GLN I 223 35.46 24.40 -7.01
N THR I 224 35.73 23.60 -5.98
CA THR I 224 36.97 23.73 -5.24
C THR I 224 38.17 23.66 -6.19
N PHE I 225 38.15 22.68 -7.10
CA PHE I 225 39.27 22.54 -8.02
C PHE I 225 39.44 23.78 -8.87
N TYR I 226 38.32 24.34 -9.35
CA TYR I 226 38.40 25.58 -10.12
C TYR I 226 38.93 26.71 -9.25
N SER I 227 38.51 26.76 -7.99
CA SER I 227 39.07 27.76 -7.07
C SER I 227 40.57 27.55 -6.90
N PHE I 228 41.04 26.32 -7.05
CA PHE I 228 42.47 26.05 -6.98
C PHE I 228 43.18 26.44 -8.27
N ALA I 229 42.47 26.42 -9.40
CA ALA I 229 43.13 26.53 -10.70
C ALA I 229 43.02 27.92 -11.32
N GLN I 230 42.01 28.70 -10.96
CA GLN I 230 41.80 30.00 -11.59
C GLN I 230 42.87 31.02 -11.21
N GLY I 231 43.66 30.75 -10.19
CA GLY I 231 44.68 31.67 -9.73
C GLY I 231 46.01 31.61 -10.45
N GLY I 232 46.11 30.81 -11.50
CA GLY I 232 47.35 30.64 -12.24
C GLY I 232 48.03 29.30 -12.04
N LEU I 233 47.58 28.50 -11.08
CA LEU I 233 48.13 27.16 -10.89
C LEU I 233 47.84 26.28 -12.10
N GLY I 234 46.62 26.38 -12.65
CA GLY I 234 46.26 25.56 -13.79
C GLY I 234 47.10 25.84 -15.02
N GLN I 235 47.39 27.12 -15.28
CA GLN I 235 48.20 27.48 -16.45
C GLN I 235 49.62 26.92 -16.33
N SER I 236 50.22 27.01 -15.14
CA SER I 236 51.55 26.47 -14.95
C SER I 236 51.54 24.95 -15.01
N LEU I 237 50.49 24.32 -14.48
CA LEU I 237 50.42 22.86 -14.48
C LEU I 237 50.20 22.30 -15.87
N CYS I 238 49.44 23.00 -16.71
CA CYS I 238 49.17 22.53 -18.06
C CYS I 238 50.40 22.54 -18.94
N GLU I 239 51.41 23.34 -18.59
CA GLU I 239 52.64 23.41 -19.38
C GLU I 239 53.44 22.10 -19.26
C2 A1A0P J . -1.95 -26.83 -37.77
O3 A1A0P J . -2.44 -25.95 -38.81
C4 A1A0P J . -1.66 -24.95 -39.24
C1 A1A0P J . -2.37 -26.30 -36.41
O5 A1A0P J . -0.54 -24.73 -38.82
O6 A1A0P J . -3.40 -25.28 -36.62
C7 A1A0P J . -2.34 -24.13 -40.29
C8 A1A0P J . -2.96 -27.37 -35.56
O9 A1A0P J . -1.90 -28.27 -35.15
O10 A1A0P J . -3.46 -29.77 -34.03
C11 A1A0P J . -4.24 -30.25 -32.90
C12 A1A0P J . -5.19 -29.18 -32.44
N13 A1A0P J . -5.57 -28.28 -33.57
P14 A1A0P J . -2.05 -29.09 -33.79
O15 A1A0P J . -0.99 -30.13 -33.72
O16 A1A0P J . -2.16 -28.12 -32.68
C17 A1A0P J . -3.06 -23.98 -36.63
O18 A1A0P J . -1.95 -23.58 -36.42
C19 A1A0P J . -4.24 -23.12 -36.97
C20 A1A0P J . -4.49 -21.99 -35.97
C21 A1A0P J . -3.48 -20.86 -36.01
C22 A1A0P J . -3.26 -20.24 -37.38
C23 A1A0P J . -2.69 -18.84 -37.32
C24 A1A0P J . -3.65 -17.75 -37.73
C25 A1A0P J . -3.31 -17.15 -39.07
C26 A1A0P J . -2.21 -16.11 -38.99
C27 A1A0P J . -2.68 -14.72 -39.30
C28 A1A0P J . -1.61 -13.68 -39.13
C29 A1A0P J . -2.14 -12.26 -39.01
C30 A1A0P J . -1.97 -11.48 -40.29
C31 A1A0P J . -2.76 -10.20 -40.32
C32 A1A0P J . -3.14 -9.78 -41.72
C33 A1A0P J . -4.37 -8.91 -41.76
C34 A1A0P J . -2.23 -22.63 -40.05
C35 A1A0P J . -3.48 -21.89 -40.49
C36 A1A0P J . -3.25 -20.41 -40.71
C37 A1A0P J . -3.12 -20.01 -42.16
C38 A1A0P J . -3.29 -18.53 -42.41
C39 A1A0P J . -1.98 -17.76 -42.32
C40 A1A0P J . -2.18 -16.29 -42.40
C41 A1A0P J . -1.34 -15.41 -42.89
C42 A1A0P J . -1.54 -13.93 -42.96
C43 A1A0P J . -0.27 -13.16 -42.72
C44 A1A0P J . -0.28 -11.77 -43.34
C45 A1A0P J . 0.51 -11.70 -44.64
C46 A1A0P J . -0.18 -12.40 -45.79
C47 A1A0P J . 0.31 -13.80 -46.05
C48 A1A0P J . 1.60 -13.82 -46.80
H2A A1A0P J . -2.37 -27.70 -37.90
H2B A1A0P J . -0.98 -26.93 -37.82
H1 A1A0P J . -1.57 -25.95 -35.98
H7A A1A0P J . -2.00 -24.36 -41.18
H7B A1A0P J . -3.29 -24.38 -40.26
H8B A1A0P J . -3.39 -26.96 -34.79
H8A A1A0P J . -3.63 -27.88 -36.05
H11B A1A0P J . -4.69 -31.08 -33.14
H11A A1A0P J . -3.59 -30.44 -32.20
H12A A1A0P J . -4.79 -28.61 -31.74
H12B A1A0P J . -6.00 -29.58 -32.09
H13A A1A0P J . -5.07 -27.56 -33.47
H13C A1A0P J . -5.34 -28.58 -34.36
H19B A1A0P J . -4.11 -22.77 -37.87
H19A A1A0P J . -5.02 -23.71 -36.97
H20B A1A0P J . -4.50 -22.38 -35.07
H20A A1A0P J . -5.39 -21.63 -36.16
H21B A1A0P J . -3.78 -20.14 -35.41
H21A A1A0P J . -2.63 -21.17 -35.65
H22A A1A0P J . -2.64 -20.81 -37.87
H22B A1A0P J . -4.10 -20.26 -37.86
H23A A1A0P J . -2.38 -18.67 -36.41
H23B A1A0P J . -1.90 -18.79 -37.89
H24A A1A0P J . -4.56 -18.13 -37.76
H24B A1A0P J . -3.63 -17.05 -37.04
H25A A1A0P J . -3.04 -17.86 -39.67
H25B A1A0P J . -4.11 -16.73 -39.46
H26B A1A0P J . -1.79 -16.16 -38.11
H26A A1A0P J . -1.51 -16.35 -39.64
H27B A1A0P J . -3.00 -14.68 -40.21
H27A A1A0P J . -3.45 -14.49 -38.73
H28A A1A0P J . -1.08 -13.90 -38.33
H28B A1A0P J . -1.00 -13.74 -39.89
H29B A1A0P J . -3.08 -12.29 -38.75
H29A A1A0P J . -1.66 -11.83 -38.28
H30B A1A0P J . -1.02 -11.32 -40.46
H30A A1A0P J . -2.30 -12.03 -41.02
H31B A1A0P J . -3.56 -10.33 -39.79
H31A A1A0P J . -2.24 -9.50 -39.89
H32B A1A0P J . -2.38 -9.30 -42.11
H32A A1A0P J . -3.30 -10.58 -42.28
H33A A1A0P J . -4.64 -8.72 -42.68
H33B A1A0P J . -5.13 -9.32 -41.29
H33C A1A0P J . -4.19 -8.05 -41.32
H34A A1A0P J . -1.44 -22.25 -40.47
H34B A1A0P J . -2.14 -22.49 -39.09
H35A A1A0P J . -3.80 -22.28 -41.33
H35B A1A0P J . -4.18 -22.01 -39.83
H36A A1A0P J . -3.98 -19.89 -40.30
H36B A1A0P J . -2.44 -20.14 -40.23
H37A A1A0P J . -2.24 -20.29 -42.50
H37B A1A0P J . -3.79 -20.51 -42.66
H38A A1A0P J . -3.68 -18.37 -43.29
H38B A1A0P J . -3.89 -18.15 -41.74
H39B A1A0P J . -1.58 -17.94 -41.45
H39A A1A0P J . -1.36 -18.08 -42.99
H40 A1A0P J . -3.03 -15.95 -42.04
H41 A1A0P J . -0.48 -15.73 -43.25
H42B A1A0P J . -1.96 -13.66 -43.80
H42A A1A0P J . -2.18 -13.72 -42.25
H43A A1A0P J . -0.15 -13.07 -41.75
H43B A1A0P J . 0.49 -13.69 -43.06
H44B A1A0P J . -1.19 -11.48 -43.51
H44A A1A0P J . 0.12 -11.15 -42.71
H45A A1A0P J . 0.64 -10.75 -44.87
H45B A1A0P J . 1.40 -12.09 -44.51
H46A A1A0P J . -1.15 -12.42 -45.64
H46B A1A0P J . -0.05 -11.86 -46.61
H47B A1A0P J . 0.43 -14.26 -45.21
H47A A1A0P J . -0.37 -14.31 -46.55
H48A A1A0P J . 2.27 -13.25 -46.36
H48C A1A0P J . 1.95 -14.73 -46.87
H48B A1A0P J . 1.48 -13.49 -47.71
C2 A1A0P K . 29.86 2.79 -30.53
O3 A1A0P K . 31.02 2.62 -29.66
C4 A1A0P K . 30.91 2.71 -28.32
C1 A1A0P K . 30.34 2.73 -31.96
O5 A1A0P K . 31.85 2.61 -27.59
O6 A1A0P K . 29.24 2.14 -32.73
C7 A1A0P K . 29.51 2.94 -27.81
C8 A1A0P K . 30.82 4.08 -32.44
O9 A1A0P K . 30.05 4.58 -33.54
O10 A1A0P K . 28.74 6.15 -34.89
C11 A1A0P K . 28.93 5.25 -36.02
C12 A1A0P K . 28.17 3.97 -35.81
N13 A1A0P K . 29.09 2.81 -35.73
P14 A1A0P K . 29.77 6.14 -33.66
O15 A1A0P K . 29.08 6.62 -32.45
O16 A1A0P K . 31.02 6.80 -34.10
C17 A1A0P K . 28.00 2.64 -32.64
O18 A1A0P K . 27.74 3.74 -32.23
C19 A1A0P K . 27.00 1.67 -33.17
C20 A1A0P K . 26.87 0.45 -32.26
C21 A1A0P K . 25.51 0.33 -31.57
C22 A1A0P K . 25.44 1.05 -30.23
C23 A1A0P K . 24.52 0.37 -29.25
C24 A1A0P K . 24.73 0.77 -27.80
C25 A1A0P K . 24.07 -0.16 -26.79
C26 A1A0P K . 22.59 -0.33 -27.00
C27 A1A0P K . 22.21 -1.67 -27.58
C28 A1A0P K . 22.01 -2.74 -26.53
C29 A1A0P K . 23.29 -3.33 -25.98
C30 A1A0P K . 24.13 -4.04 -27.02
C31 A1A0P K . 23.42 -5.22 -27.64
C32 A1A0P K . 24.29 -6.44 -27.81
C33 A1A0P K . 24.16 -7.41 -26.68
C34 A1A0P K . 28.58 1.73 -27.86
C35 A1A0P K . 29.30 0.40 -27.89
C36 A1A0P K . 28.37 -0.76 -27.61
C37 A1A0P K . 27.62 -1.23 -28.82
C38 A1A0P K . 28.08 -2.56 -29.35
C39 A1A0P K . 27.06 -3.66 -29.14
C40 A1A0P K . 25.88 -3.44 -30.00
C41 A1A0P K . 25.03 -4.37 -30.38
C42 A1A0P K . 23.80 -4.17 -31.20
C43 A1A0P K . 23.38 -2.72 -31.27
C44 A1A0P K . 21.92 -2.48 -31.09
C45 A1A0P K . 21.65 -1.02 -30.91
C46 A1A0P K . 20.22 -0.68 -30.59
C47 A1A0P K . 20.08 0.49 -29.64
C48 A1A0P K . 21.01 1.64 -29.94
H2A A1A0P K . 29.22 2.05 -30.41
H2B A1A0P K . 29.46 3.66 -30.36
H1 A1A0P K . 31.10 2.10 -31.95
H7A A1A0P K . 29.59 3.21 -26.87
H7B A1A0P K . 29.11 3.71 -28.26
H8B A1A0P K . 30.80 4.72 -31.70
H8A A1A0P K . 31.75 4.03 -32.73
H11B A1A0P K . 28.69 5.71 -36.85
H11A A1A0P K . 29.89 5.05 -36.07
H12A A1A0P K . 27.56 3.78 -36.56
H12B A1A0P K . 27.65 4.00 -34.98
H13A A1A0P K . 29.50 2.90 -34.96
H13C A1A0P K . 28.69 2.04 -35.66
H19B A1A0P K . 26.14 2.13 -33.25
H19A A1A0P K . 27.29 1.39 -34.06
H20B A1A0P K . 27.56 0.50 -31.56
H20A A1A0P K . 27.03 -0.35 -32.79
H21B A1A0P K . 24.82 0.68 -32.16
H21A A1A0P K . 25.32 -0.62 -31.42
H22A A1A0P K . 25.12 1.97 -30.39
H22B A1A0P K . 26.34 1.12 -29.87
H23A A1A0P K . 23.60 0.59 -29.49
H23B A1A0P K . 24.59 -0.60 -29.32
H24A A1A0P K . 25.70 0.81 -27.63
H24B A1A0P K . 24.38 1.69 -27.69
H25A A1A0P K . 24.51 -1.03 -26.87
H25B A1A0P K . 24.24 0.18 -25.89
H26B A1A0P K . 22.13 -0.19 -26.15
H26A A1A0P K . 22.26 0.38 -27.60
H27B A1A0P K . 21.38 -1.56 -28.08
H27A A1A0P K . 22.88 -1.95 -28.25
H28A A1A0P K . 21.50 -2.36 -25.79
H28B A1A0P K . 21.45 -3.44 -26.91
H29B A1A0P K . 23.83 -2.63 -25.56
H29A A1A0P K . 23.05 -3.95 -25.27
H30B A1A0P K . 24.42 -3.42 -27.71
H30A A1A0P K . 24.94 -4.40 -26.60
H31B A1A0P K . 22.67 -5.46 -27.05
H31A A1A0P K . 23.02 -4.96 -28.49
H32B A1A0P K . 24.04 -6.89 -28.65
H32A A1A0P K . 25.23 -6.17 -27.89
H33A A1A0P K . 24.85 -8.09 -26.70
H33B A1A0P K . 24.21 -6.95 -25.81
H33C A1A0P K . 23.29 -7.85 -26.72
H34A A1A0P K . 27.95 1.79 -28.62
H34B A1A0P K . 28.02 1.74 -27.05
H35A A1A0P K . 29.69 0.25 -28.77
H35B A1A0P K . 30.02 0.39 -27.24
H36A A1A0P K . 28.88 -1.51 -27.22
H36B A1A0P K . 27.72 -0.48 -26.93
H37A A1A0P K . 26.66 -1.29 -28.62
H37B A1A0P K . 27.71 -0.54 -29.51
H38A A1A0P K . 28.27 -2.48 -30.30
H38B A1A0P K . 28.91 -2.83 -28.91
H39B A1A0P K . 27.45 -4.52 -29.37
H39A A1A0P K . 26.81 -3.70 -28.19
H40 A1A0P K . 25.79 -2.52 -30.33
H41 A1A0P K . 25.21 -5.29 -30.12
H42B A1A0P K . 23.89 -4.56 -32.09
H42A A1A0P K . 23.08 -4.67 -30.74
H43A A1A0P K . 23.82 -2.25 -30.53
H43B A1A0P K . 23.71 -2.33 -32.10
H44B A1A0P K . 21.40 -2.81 -31.85
H44A A1A0P K . 21.62 -2.94 -30.29
H45A A1A0P K . 22.21 -0.74 -30.17
H45B A1A0P K . 21.97 -0.54 -31.70
H46A A1A0P K . 19.72 -0.49 -31.42
H46B A1A0P K . 19.80 -1.47 -30.19
H47B A1A0P K . 19.16 0.82 -29.69
H47A A1A0P K . 20.20 0.18 -28.72
H48A A1A0P K . 21.57 1.84 -29.16
H48C A1A0P K . 21.60 1.40 -30.69
H48B A1A0P K . 20.52 2.43 -30.21
C2 A1A0P L . 20.08 -3.87 -49.16
O3 A1A0P L . 19.31 -5.07 -48.96
C4 A1A0P L . 18.51 -5.14 -47.90
C1 A1A0P L . 21.00 -3.68 -47.98
O5 A1A0P L . 18.39 -4.29 -47.08
O6 A1A0P L . 21.53 -4.99 -47.62
C7 A1A0P L . 17.77 -6.43 -47.87
C8 A1A0P L . 22.20 -2.77 -48.22
O9 A1A0P L . 22.55 -2.56 -49.60
O10 A1A0P L . 21.79 -0.31 -50.24
C11 A1A0P L . 20.57 -0.98 -50.66
C12 A1A0P L . 19.65 -0.03 -51.36
N13 A1A0P L . 20.27 0.51 -52.59
P14 A1A0P L . 23.14 -1.15 -50.07
O15 A1A0P L . 23.95 -0.55 -48.98
O16 A1A0P L . 23.72 -1.32 -51.41
C17 A1A0P L . 21.33 -5.48 -46.37
O18 A1A0P L . 20.73 -4.90 -45.52
C19 A1A0P L . 21.93 -6.84 -46.22
C20 A1A0P L . 20.90 -7.96 -46.30
C21 A1A0P L . 20.30 -8.29 -44.95
C22 A1A0P L . 19.78 -9.71 -44.85
C23 A1A0P L . 18.28 -9.77 -44.67
C24 A1A0P L . 17.74 -11.18 -44.67
C25 A1A0P L . 18.10 -11.95 -43.43
C26 A1A0P L . 17.49 -13.31 -43.40
C27 A1A0P L . 17.84 -14.09 -42.16
C28 A1A0P L . 16.83 -15.14 -41.80
C29 A1A0P L . 17.15 -16.52 -42.34
C30 A1A0P L . 18.21 -17.22 -41.53
C31 A1A0P L . 17.89 -18.64 -41.10
C32 A1A0P L . 17.35 -18.69 -39.68
C33 A1A0P L . 18.44 -18.75 -38.60
C34 A1A0P L . 17.30 -6.75 -46.47
C35 A1A0P L . 16.01 -6.06 -46.13
C36 A1A0P L . 14.97 -7.00 -45.58
C37 A1A0P L . 15.42 -7.68 -44.32
C38 A1A0P L . 14.78 -9.02 -44.09
C39 A1A0P L . 15.05 -9.54 -42.70
C40 A1A0P L . 14.82 -11.00 -42.54
C41 A1A0P L . 15.17 -11.70 -41.50
C42 A1A0P L . 15.89 -11.16 -40.30
C43 A1A0P L . 16.34 -12.24 -39.35
C44 A1A0P L . 15.36 -12.51 -38.22
C45 A1A0P L . 14.32 -13.54 -38.57
C46 A1A0P L . 14.63 -14.92 -38.05
C47 A1A0P L . 14.45 -16.01 -39.08
C48 A1A0P L . 13.01 -16.38 -39.33
H2A A1A0P L . 20.59 -3.99 -49.99
H2B A1A0P L . 19.46 -3.12 -49.23
H1 A1A0P L . 20.50 -3.25 -47.27
H7A A1A0P L . 17.01 -6.34 -48.46
H7B A1A0P L . 18.37 -7.12 -48.18
H8B A1A0P L . 22.97 -3.13 -47.73
H8A A1A0P L . 22.03 -1.88 -47.85
H11B A1A0P L . 20.75 -1.78 -51.19
H11A A1A0P L . 20.12 -1.25 -49.83
H12A A1A0P L . 19.42 0.73 -50.81
H12B A1A0P L . 18.83 -0.48 -51.64
H13A A1A0P L . 19.67 1.04 -52.96
H13C A1A0P L . 20.95 1.06 -52.44
H19B A1A0P L . 22.61 -6.96 -46.91
H19A A1A0P L . 22.36 -6.86 -45.34
H20B A1A0P L . 21.34 -8.76 -46.67
H20A A1A0P L . 20.20 -7.68 -46.92
H21B A1A0P L . 20.97 -8.14 -44.25
H21A A1A0P L . 19.57 -7.67 -44.78
H22A A1A0P L . 20.02 -10.20 -45.65
H22B A1A0P L . 20.23 -10.15 -44.09
H23A A1A0P L . 18.03 -9.34 -43.84
H23B A1A0P L . 17.84 -9.28 -45.39
H24A A1A0P L . 16.76 -11.15 -44.75
H24B A1A0P L . 18.08 -11.64 -45.46
H25A A1A0P L . 19.08 -12.02 -43.36
H25B A1A0P L . 17.80 -11.45 -42.65
H26B A1A0P L . 16.52 -13.24 -43.49
H26A A1A0P L . 17.79 -13.82 -44.18
H27B A1A0P L . 18.71 -14.53 -42.31
H27A A1A0P L . 17.98 -13.48 -41.41
H28A A1A0P L . 16.76 -15.19 -40.82
H28B A1A0P L . 15.97 -14.84 -42.12
H29B A1A0P L . 16.34 -17.06 -42.36
H29A A1A0P L . 17.44 -16.41 -43.27
H30B A1A0P L . 18.20 -16.76 -40.69
H30A A1A0P L . 19.12 -17.11 -41.90
H31B A1A0P L . 17.22 -19.00 -41.72
H31A A1A0P L . 18.68 -19.19 -41.17
H32B A1A0P L . 16.81 -17.88 -39.53
H32A A1A0P L . 16.75 -19.46 -39.56
H33A A1A0P L . 18.18 -18.23 -37.81
H33B A1A0P L . 19.29 -18.37 -38.94
H33C A1A0P L . 18.60 -19.67 -38.33
H34A A1A0P L . 17.98 -6.59 -45.79
H34B A1A0P L . 17.11 -7.70 -46.45
H35A A1A0P L . 15.64 -5.63 -46.94
H35B A1A0P L . 16.17 -5.34 -45.48
H36A A1A0P L . 14.13 -6.53 -45.42
H36B A1A0P L . 14.79 -7.68 -46.25
H37A A1A0P L . 15.22 -7.11 -43.55
H37B A1A0P L . 16.39 -7.80 -44.31
H38A A1A0P L . 13.81 -8.96 -44.24
H38B A1A0P L . 15.13 -9.68 -44.72
H39B A1A0P L . 16.01 -9.39 -42.53
H39A A1A0P L . 14.56 -9.00 -42.05
H40 A1A0P L . 14.37 -11.45 -43.27
H41 A1A0P L . 14.98 -12.66 -41.47
H42B A1A0P L . 16.66 -10.62 -40.57
H42A A1A0P L . 15.27 -10.58 -39.84
H43A A1A0P L . 16.42 -13.07 -39.86
H43B A1A0P L . 17.22 -12.02 -38.99
H44B A1A0P L . 15.84 -12.80 -37.42
H44A A1A0P L . 14.91 -11.66 -38.00
H45A A1A0P L . 13.45 -13.24 -38.21
H45B A1A0P L . 14.21 -13.57 -39.54
H46A A1A0P L . 14.07 -15.13 -37.27
H46B A1A0P L . 15.55 -14.94 -37.73
H47B A1A0P L . 14.85 -15.71 -39.93
H47A A1A0P L . 14.96 -16.81 -38.82
H48A A1A0P L . 12.93 -17.20 -39.84
H48C A1A0P L . 12.54 -16.48 -38.47
H48B A1A0P L . 12.56 -15.65 -39.81
C2 A1A0P M . 20.70 -11.19 -51.20
O3 A1A0P M . 21.06 -11.45 -52.58
C4 A1A0P M . 21.10 -12.71 -53.04
C1 A1A0P M . 21.92 -11.12 -50.35
O5 A1A0P M . 20.89 -13.68 -52.36
O6 A1A0P M . 22.58 -12.43 -50.47
C7 A1A0P M . 21.41 -12.73 -54.51
C8 A1A0P M . 22.90 -10.08 -50.83
O9 A1A0P M . 22.74 -8.88 -50.04
O10 A1A0P M . 22.67 -7.22 -51.86
C11 A1A0P M . 21.23 -7.41 -51.94
C12 A1A0P M . 20.69 -6.71 -53.14
N13 A1A0P M . 20.57 -7.64 -54.30
P14 A1A0P M . 23.46 -7.53 -50.51
O15 A1A0P M . 24.88 -7.81 -50.82
O16 A1A0P M . 23.12 -6.48 -49.52
C17 A1A0P M . 23.41 -12.92 -49.52
O18 A1A0P M . 24.17 -13.83 -49.71
C19 A1A0P M . 23.33 -12.21 -48.19
C20 A1A0P M . 24.27 -11.03 -48.06
C21 A1A0P M . 25.21 -11.16 -46.89
C22 A1A0P M . 24.54 -10.92 -45.56
C23 A1A0P M . 24.12 -12.19 -44.87
C24 A1A0P M . 23.39 -11.95 -43.58
C25 A1A0P M . 23.83 -12.86 -42.46
C26 A1A0P M . 23.35 -14.28 -42.62
C27 A1A0P M . 23.46 -15.10 -41.34
C28 A1A0P M . 22.14 -15.28 -40.63
C29 A1A0P M . 21.53 -14.00 -40.12
C30 A1A0P M . 20.57 -14.22 -38.98
C31 A1A0P M . 19.50 -15.24 -39.31
C32 A1A0P M . 18.26 -15.10 -38.46
C33 A1A0P M . 18.55 -15.33 -37.00
C34 A1A0P M . 20.17 -12.54 -55.37
C35 A1A0P M . 19.09 -11.72 -54.68
C36 A1A0P M . 17.87 -11.39 -55.48
C37 A1A0P M . 16.68 -11.07 -54.59
C38 A1A0P M . 17.03 -10.35 -53.29
C39 A1A0P M . 15.83 -9.82 -52.55
C40 A1A0P M . 14.72 -10.82 -52.41
C41 A1A0P M . 14.77 -11.92 -51.71
C42 A1A0P M . 15.93 -12.43 -50.93
C43 A1A0P M . 16.79 -13.40 -51.72
C44 A1A0P M . 16.06 -14.68 -52.09
C45 A1A0P M . 15.40 -14.63 -53.45
C46 A1A0P M . 13.92 -14.96 -53.44
C47 A1A0P M . 13.57 -16.34 -52.89
C48 A1A0P M . 14.38 -17.45 -53.51
H2A A1A0P M . 20.09 -11.87 -50.87
H2B A1A0P M . 20.26 -10.31 -51.18
H1 A1A0P M . 21.59 -10.90 -49.46
H7A A1A0P M . 22.08 -12.05 -54.70
H7B A1A0P M . 21.81 -13.60 -54.69
H8B A1A0P M . 23.81 -10.41 -50.76
H8A A1A0P M . 22.76 -9.84 -51.76
H11B A1A0P M . 21.00 -8.36 -51.95
H11A A1A0P M . 20.86 -7.02 -51.13
H12A A1A0P M . 21.27 -5.98 -53.43
H12B A1A0P M . 19.79 -6.35 -52.96
H13A A1A0P M . 21.29 -8.16 -54.24
H13C A1A0P M . 19.91 -8.21 -54.24
H19B A1A0P M . 22.40 -11.99 -47.93
H19A A1A0P M . 23.64 -12.89 -47.56
H20B A1A0P M . 23.73 -10.21 -47.96
H20A A1A0P M . 24.78 -10.95 -48.89
H21B A1A0P M . 25.59 -12.06 -46.89
H21A A1A0P M . 25.95 -10.52 -47.00
H22A A1A0P M . 25.14 -10.43 -44.98
H22B A1A0P M . 23.75 -10.36 -45.72
H23A A1A0P M . 23.54 -12.72 -45.45
H23B A1A0P M . 24.91 -12.75 -44.69
H24A A1A0P M . 23.53 -11.01 -43.30
H24B A1A0P M . 22.43 -12.07 -43.73
H25A A1A0P M . 24.82 -12.86 -42.40
H25B A1A0P M . 23.51 -12.51 -41.60
H26B A1A0P M . 22.42 -14.26 -42.93
H26A A1A0P M . 23.86 -14.72 -43.32
H27B A1A0P M . 23.82 -15.97 -41.56
H27A A1A0P M . 24.10 -14.67 -40.74
H28A A1A0P M . 21.49 -15.71 -41.26
H28B A1A0P M . 22.26 -15.91 -39.90
H29B A1A0P M . 22.26 -13.39 -39.83
H29A A1A0P M . 21.08 -13.56 -40.86
H30B A1A0P M . 21.07 -14.49 -38.18
H30A A1A0P M . 20.11 -13.38 -38.77
H31B A1A0P M . 19.26 -15.13 -40.25
H31A A1A0P M . 19.87 -16.13 -39.21
H32B A1A0P M . 17.92 -14.19 -38.58
H32A A1A0P M . 17.58 -15.72 -38.76
H33A A1A0P M . 17.76 -15.65 -36.53
H33B A1A0P M . 19.27 -15.99 -36.89
H33C A1A0P M . 18.84 -14.50 -36.58
H34A A1A0P M . 19.80 -13.40 -55.68
H34B A1A0P M . 20.44 -12.05 -56.18
H35A A1A0P M . 19.48 -10.86 -54.39
H35B A1A0P M . 18.79 -12.21 -53.90
H36A A1A0P M . 18.06 -10.63 -56.08
H36B A1A0P M . 17.66 -12.15 -56.06
H37A A1A0P M . 16.03 -10.54 -55.09
H37B A1A0P M . 16.26 -11.92 -54.40
H38A A1A0P M . 17.63 -9.61 -53.49
H38B A1A0P M . 17.52 -10.93 -52.67
H39B A1A0P M . 16.11 -9.56 -51.65
H39A A1A0P M . 15.52 -9.00 -52.99
H40 A1A0P M . 13.90 -10.61 -52.90
H41 A1A0P M . 13.98 -12.50 -51.68
H42B A1A0P M . 16.48 -11.71 -50.56
H42A A1A0P M . 15.57 -12.93 -50.16
H43A A1A0P M . 17.06 -12.97 -52.55
H43B A1A0P M . 17.59 -13.60 -51.21
H44B A1A0P M . 16.66 -15.45 -52.04
H44A A1A0P M . 15.36 -14.81 -51.42
H45A A1A0P M . 15.51 -13.73 -53.81
H45B A1A0P M . 15.88 -15.23 -54.06
H46A A1A0P M . 13.44 -14.30 -52.92
H46B A1A0P M . 13.58 -14.90 -54.35
H47B A1A0P M . 13.71 -16.34 -51.93
H47A A1A0P M . 12.62 -16.51 -53.02
H48A A1A0P M . 13.92 -18.32 -53.41
H48C A1A0P M . 14.51 -17.27 -54.47
H48B A1A0P M . 15.26 -17.50 -53.10
C2 A1A0P N . 33.42 -3.56 -30.62
O3 A1A0P N . 32.92 -3.91 -31.95
C4 A1A0P N . 31.61 -3.86 -32.17
C1 A1A0P N . 33.52 -2.05 -30.62
O5 A1A0P N . 30.78 -3.61 -31.33
O6 A1A0P N . 33.42 -1.50 -29.26
C7 A1A0P N . 31.29 -4.16 -33.60
C8 A1A0P N . 34.77 -1.55 -31.31
O9 A1A0P N . 34.93 -0.13 -31.07
O10 A1A0P N . 32.78 0.45 -32.10
C11 A1A0P N . 32.21 -0.22 -33.24
C12 A1A0P N . 30.78 -0.60 -32.97
N13 A1A0P N . 30.44 -0.48 -31.53
P14 A1A0P N . 34.30 0.92 -32.10
O15 A1A0P N . 34.38 2.29 -31.51
O16 A1A0P N . 34.89 0.68 -33.43
C17 A1A0P N . 34.30 -1.85 -28.31
O18 A1A0P N . 35.27 -2.54 -28.50
C19 A1A0P N . 33.90 -1.27 -26.99
C20 A1A0P N . 32.40 -1.01 -26.89
C21 A1A0P N . 31.54 -2.23 -27.16
C22 A1A0P N . 30.88 -2.78 -25.93
C23 A1A0P N . 31.75 -3.76 -25.19
C24 A1A0P N . 32.47 -3.15 -24.01
C25 A1A0P N . 33.48 -4.06 -23.35
C26 A1A0P N . 32.97 -5.46 -23.04
C27 A1A0P N . 31.78 -5.48 -22.10
C28 A1A0P N . 31.38 -6.86 -21.63
C29 A1A0P N . 32.44 -7.54 -20.79
C30 A1A0P N . 33.03 -8.77 -21.44
C31 A1A0P N . 32.22 -10.03 -21.20
C32 A1A0P N . 32.55 -10.72 -19.89
C33 A1A0P N . 31.64 -11.90 -19.62
C34 A1A0P N . 29.87 -4.60 -33.86
C35 A1A0P N . 28.91 -3.43 -34.03
C36 A1A0P N . 27.51 -3.84 -34.37
C37 A1A0P N . 26.73 -4.28 -33.16
C38 A1A0P N . 26.64 -5.78 -32.99
C39 A1A0P N . 27.46 -6.34 -31.83
C40 A1A0P N . 26.73 -7.45 -31.13
C41 A1A0P N . 26.72 -8.71 -31.47
C42 A1A0P N . 25.97 -9.80 -30.79
C43 A1A0P N . 26.85 -10.69 -29.93
C44 A1A0P N . 26.08 -11.38 -28.81
C45 A1A0P N . 26.24 -12.88 -28.79
C46 A1A0P N . 27.39 -13.37 -27.93
C47 A1A0P N . 27.22 -14.80 -27.44
C48 A1A0P N . 27.92 -15.09 -26.16
H2A A1A0P N . 32.83 -3.87 -29.92
H2B A1A0P N . 34.31 -3.96 -30.53
H1 A1A0P N . 32.72 -1.75 -31.09
H7A A1A0P N . 31.50 -3.37 -34.14
H7B A1A0P N . 31.91 -4.87 -33.90
H8B A1A0P N . 35.56 -2.04 -31.00
H8A A1A0P N . 34.69 -1.69 -32.28
H11B A1A0P N . 32.33 0.32 -34.04
H11A A1A0P N . 32.73 -1.05 -33.36
H12A A1A0P N . 30.60 -1.52 -33.23
H12B A1A0P N . 30.16 -0.04 -33.49
H13A A1A0P N . 30.45 -1.30 -31.20
H13C A1A0P N . 31.07 -0.07 -31.04
H19B A1A0P N . 34.16 -1.89 -26.28
H19A A1A0P N . 34.37 -0.43 -26.87
H20B A1A0P N . 32.14 -0.28 -27.48
H20A A1A0P N . 32.21 -0.71 -25.98
H21B A1A0P N . 30.87 -2.02 -27.83
H21A A1A0P N . 32.07 -2.96 -27.54
H22A A1A0P N . 30.65 -2.04 -25.34
H22B A1A0P N . 30.04 -3.20 -26.21
H23A A1A0P N . 31.19 -4.50 -24.87
H23B A1A0P N . 32.41 -4.15 -25.79
H24A A1A0P N . 32.92 -2.33 -24.31
H24B A1A0P N . 31.80 -2.87 -23.35
H25A A1A0P N . 34.28 -4.14 -23.93
H25B A1A0P N . 33.77 -3.65 -22.52
H26B A1A0P N . 32.77 -5.94 -23.86
H26A A1A0P N . 33.71 -5.95 -22.62
H27B A1A0P N . 32.00 -4.94 -21.31
H27A A1A0P N . 31.01 -5.04 -22.52
H28A A1A0P N . 30.56 -6.80 -21.11
H28B A1A0P N . 31.19 -7.41 -22.41
H29B A1A0P N . 33.15 -6.90 -20.60
H29A A1A0P N . 32.06 -7.78 -19.93
H30B A1A0P N . 33.12 -8.61 -22.40
H30A A1A0P N . 33.92 -8.93 -21.08
H31B A1A0P N . 31.28 -9.80 -21.21
H31A A1A0P N . 32.37 -10.65 -21.94
H32B A1A0P N . 33.47 -11.03 -19.94
H32A A1A0P N . 32.48 -10.09 -19.16
H33A A1A0P N . 31.50 -12.02 -18.66
H33B A1A0P N . 30.77 -11.78 -20.04
H33C A1A0P N . 32.04 -12.72 -19.97
H34A A1A0P N . 29.55 -5.20 -33.17
H34B A1A0P N . 29.85 -5.10 -34.69
H35A A1A0P N . 28.88 -2.92 -33.20
H35B A1A0P N . 29.26 -2.82 -34.71
H36A A1A0P N . 27.04 -3.10 -34.82
H36B A1A0P N . 27.54 -4.57 -35.01
H37A A1A0P N . 27.13 -3.88 -32.36
H37B A1A0P N . 25.83 -3.90 -33.23
H38A A1A0P N . 25.71 -6.03 -32.86
H38B A1A0P N . 26.97 -6.22 -33.80
H39B A1A0P N . 28.28 -6.72 -32.19
H39A A1A0P N . 27.72 -5.62 -31.23
H40 A1A0P N . 26.23 -7.18 -30.34
H41 A1A0P N . 27.24 -9.00 -32.26
H42B A1A0P N . 25.24 -9.43 -30.25
H42A A1A0P N . 25.54 -10.35 -31.49
H43A A1A0P N . 27.23 -11.38 -30.52
H43B A1A0P N . 27.58 -10.15 -29.58
H44B A1A0P N . 26.36 -11.02 -27.94
H44A A1A0P N . 25.13 -11.17 -28.92
H45A A1A0P N . 25.41 -13.27 -28.45
H45B A1A0P N . 26.35 -13.21 -29.71
H46A A1A0P N . 28.24 -13.30 -28.41
H46B A1A0P N . 27.46 -12.78 -27.15
H47B A1A0P N . 26.26 -14.98 -27.32
H47A A1A0P N . 27.51 -15.43 -28.14
H48A A1A0P N . 27.93 -16.04 -25.97
H48C A1A0P N . 28.85 -14.76 -26.21
H48B A1A0P N . 27.49 -14.62 -25.42
C2 A1A0P O . 12.50 -32.81 -35.24
O3 A1A0P O . 11.31 -32.08 -35.63
C4 A1A0P O . 11.23 -30.74 -35.68
C1 A1A0P O . 12.34 -33.23 -33.80
O5 A1A0P O . 10.21 -30.16 -35.91
O6 A1A0P O . 12.40 -32.03 -32.97
C7 A1A0P O . 12.53 -30.01 -35.41
C8 A1A0P O . 11.03 -33.92 -33.53
O9 A1A0P O . 10.63 -34.72 -34.66
O10 A1A0P O . 11.40 -36.82 -33.49
C11 A1A0P O . 12.84 -36.69 -33.64
C12 A1A0P O . 13.44 -36.22 -32.36
N13 A1A0P O . 14.04 -37.35 -31.61
P14 A1A0P O . 10.40 -36.30 -34.62
O15 A1A0P O . 9.01 -36.58 -34.19
O16 A1A0P O . 10.87 -36.84 -35.91
C17 A1A0P O . 12.76 -32.15 -31.69
O18 A1A0P O . 13.05 -33.19 -31.16
C19 A1A0P O . 12.76 -30.81 -31.01
C20 A1A0P O . 14.15 -30.21 -30.88
C21 A1A0P O . 14.54 -29.41 -32.10
C22 A1A0P O . 13.76 -28.12 -32.24
C23 A1A0P O . 14.62 -26.90 -32.46
C24 A1A0P O . 14.19 -26.05 -33.62
C25 A1A0P O . 14.21 -24.58 -33.34
C26 A1A0P O . 13.52 -23.78 -34.42
C27 A1A0P O . 14.32 -22.58 -34.86
C28 A1A0P O . 14.38 -21.48 -33.82
C29 A1A0P O . 15.73 -20.82 -33.74
C30 A1A0P O . 16.07 -20.06 -34.99
C31 A1A0P O . 16.65 -18.70 -34.71
C32 A1A0P O . 15.60 -17.67 -34.44
C33 A1A0P O . 16.13 -16.30 -34.57
C34 A1A0P O . 12.51 -28.55 -35.80
C35 A1A0P O . 13.84 -28.07 -36.29
C36 A1A0P O . 13.77 -26.73 -36.99
C37 A1A0P O . 13.39 -26.86 -38.45
C38 A1A0P O . 13.16 -25.54 -39.13
C39 A1A0P O . 11.78 -24.97 -38.88
C40 A1A0P O . 11.18 -24.34 -40.07
C41 A1A0P O . 10.36 -23.33 -40.08
C42 A1A0P O . 9.79 -22.67 -41.29
C43 A1A0P O . 10.38 -21.29 -41.47
C44 A1A0P O . 11.77 -21.26 -42.07
C45 A1A0P O . 12.72 -20.32 -41.33
C46 A1A0P O . 13.91 -21.01 -40.69
C47 A1A0P O . 13.54 -22.09 -39.69
C48 A1A0P O . 14.39 -22.16 -38.46
H2A A1A0P O . 12.56 -33.61 -35.79
H2B A1A0P O . 13.34 -32.33 -35.35
H1 A1A0P O . 13.10 -33.82 -33.62
H7A A1A0P O . 12.79 -30.08 -34.47
H7B A1A0P O . 13.24 -30.41 -35.96
H8B A1A0P O . 11.15 -34.47 -32.72
H8A A1A0P O . 10.33 -33.26 -33.34
H11B A1A0P O . 13.22 -37.53 -33.97
H11A A1A0P O . 12.98 -36.02 -34.33
H12A A1A0P O . 12.77 -35.82 -31.77
H12B A1A0P O . 14.14 -35.56 -32.52
H13A A1A0P O . 14.62 -37.72 -32.15
H13C A1A0P O . 14.53 -37.10 -30.91
H19B A1A0P O . 12.19 -30.22 -31.53
H19A A1A0P O . 12.37 -30.93 -30.12
H20B A1A0P O . 14.80 -30.94 -30.74
H20A A1A0P O . 14.16 -29.65 -30.09
H21B A1A0P O . 15.50 -29.20 -32.05
H21A A1A0P O . 14.42 -29.96 -32.90
H22A A1A0P O . 13.13 -28.21 -32.97
H22B A1A0P O . 13.25 -28.02 -31.42
H23A A1A0P O . 14.58 -26.33 -31.66
H23B A1A0P O . 15.56 -27.14 -32.58
H24A A1A0P O . 14.79 -26.23 -34.38
H24B A1A0P O . 13.28 -26.32 -33.90
H25A A1A0P O . 13.78 -24.41 -32.48
H25B A1A0P O . 15.14 -24.29 -33.26
H26B A1A0P O . 13.34 -24.37 -35.18
H26A A1A0P O . 12.65 -23.47 -34.10
H27B A1A0P O . 15.24 -22.87 -35.06
H27A A1A0P O . 13.95 -22.22 -35.70
H28A A1A0P O . 13.71 -20.80 -34.04
H28B A1A0P O . 14.13 -21.84 -32.95
H29B A1A0P O . 15.74 -20.20 -32.98
H29A A1A0P O . 16.39 -21.51 -33.56
H30B A1A0P O . 16.67 -20.58 -35.56
H30A A1A0P O . 15.25 -19.91 -35.49
H31B A1A0P O . 17.25 -18.76 -33.94
H31A A1A0P O . 17.21 -18.41 -35.47
H32B A1A0P O . 14.88 -17.80 -35.09
H32A A1A0P O . 15.21 -17.80 -33.55
H33A A1A0P O . 17.11 -16.30 -34.52
H33B A1A0P O . 15.86 -15.87 -35.40
H33C A1A0P O . 15.81 -15.73 -33.83
H34A A1A0P O . 12.18 -27.97 -35.08
H34B A1A0P O . 11.90 -28.44 -36.56
H35A A1A0P O . 14.20 -28.72 -36.93
H35B A1A0P O . 14.47 -28.03 -35.54
H36A A1A0P O . 13.12 -26.16 -36.54
H36B A1A0P O . 14.64 -26.29 -36.91
H37A A1A0P O . 14.07 -27.37 -38.93
H37B A1A0P O . 12.56 -27.39 -38.49
H38A A1A0P O . 13.84 -24.90 -38.81
H38B A1A0P O . 13.26 -25.63 -40.10
H39B A1A0P O . 11.20 -25.71 -38.63
H39A A1A0P O . 11.80 -24.36 -38.11
H40 A1A0P O . 11.43 -24.73 -40.94
H41 A1A0P O . 10.08 -22.94 -39.23
H42B A1A0P O . 9.91 -23.22 -42.10
H42A A1A0P O . 8.83 -22.58 -41.15
H43A A1A0P O . 9.76 -20.75 -42.01
H43B A1A0P O . 10.41 -20.90 -40.58
H44B A1A0P O . 12.16 -22.15 -42.11
H44A A1A0P O . 11.68 -20.94 -42.99
H45A A1A0P O . 13.06 -19.66 -41.97
H45B A1A0P O . 12.23 -19.82 -40.65
H46A A1A0P O . 14.48 -21.40 -41.38
H46B A1A0P O . 14.45 -20.34 -40.24
H47B A1A0P O . 12.61 -21.94 -39.42
H47A A1A0P O . 13.55 -22.96 -40.15
H48A A1A0P O . 14.18 -21.42 -37.85
H48C A1A0P O . 14.24 -23.00 -37.98
H48B A1A0P O . 15.34 -22.12 -38.69
C2 A1A0P P . 37.29 -6.28 -27.39
O3 A1A0P P . 36.70 -6.79 -28.61
C4 A1A0P P . 35.91 -7.86 -28.54
C1 A1A0P P . 36.35 -5.27 -26.82
O5 A1A0P P . 35.66 -8.46 -27.54
O6 A1A0P P . 36.39 -5.36 -25.36
C7 A1A0P P . 35.35 -8.19 -29.90
C8 A1A0P P . 36.74 -3.87 -27.18
O9 A1A0P P . 36.21 -3.56 -28.48
O10 A1A0P P . 36.38 -4.56 -30.66
C11 A1A0P P . 36.79 -4.80 -32.03
C12 A1A0P P . 37.35 -6.18 -32.18
N13 A1A0P P . 38.19 -6.54 -31.03
P14 A1A0P P . 37.12 -3.45 -29.79
O15 A1A0P P . 36.93 -2.12 -30.42
O16 A1A0P P . 38.50 -3.93 -29.54
C17 A1A0P P . 35.58 -6.21 -24.74
O18 A1A0P P . 34.79 -6.94 -25.30
C19 A1A0P P . 35.79 -6.17 -23.26
C20 A1A0P P . 37.23 -6.44 -22.85
C21 A1A0P P . 37.84 -7.65 -23.53
C22 A1A0P P . 37.05 -8.92 -23.30
C23 A1A0P P . 37.90 -10.10 -22.90
C24 A1A0P P . 37.16 -11.11 -22.06
C25 A1A0P P . 36.85 -10.62 -20.66
C26 A1A0P P . 35.38 -10.32 -20.43
C27 A1A0P P . 34.47 -11.53 -20.52
C28 A1A0P P . 34.83 -12.64 -19.56
C29 A1A0P P . 35.62 -13.77 -20.19
C30 A1A0P P . 36.05 -14.82 -19.21
C31 A1A0P P . 34.96 -15.80 -18.88
C32 A1A0P P . 35.21 -16.58 -17.63
C33 A1A0P P . 34.88 -18.02 -17.80
C34 A1A0P P . 34.27 -7.22 -30.39
C35 A1A0P P . 33.75 -6.24 -29.36
C36 A1A0P P . 32.47 -5.57 -29.75
C37 A1A0P P . 31.48 -5.42 -28.62
C38 A1A0P P . 30.65 -6.66 -28.38
C39 A1A0P P . 31.27 -7.62 -27.37
C40 A1A0P P . 30.29 -8.59 -26.81
C41 A1A0P P . 29.34 -8.32 -25.94
C42 A1A0P P . 28.37 -9.30 -25.38
C43 A1A0P P . 27.02 -8.66 -25.06
C44 A1A0P P . 25.88 -9.65 -24.98
C45 A1A0P P . 25.94 -10.54 -23.76
C46 A1A0P P . 26.21 -12.00 -24.08
C47 A1A0P P . 24.96 -12.76 -24.45
C48 A1A0P P . 24.57 -13.79 -23.41
H2A A1A0P P . 37.46 -6.99 -26.74
H2B A1A0P P . 38.14 -5.85 -27.64
H1 A1A0P P . 35.45 -5.45 -27.17
H7A A1A0P P . 36.08 -8.25 -30.54
H7B A1A0P P . 34.95 -9.09 -29.82
H8B A1A0P P . 36.36 -3.26 -26.51
H8A A1A0P P . 37.70 -3.76 -27.17
H11B A1A0P P . 36.05 -4.60 -32.64
H11A A1A0P P . 37.50 -4.15 -32.22
H12A A1A0P P . 37.91 -6.27 -32.98
H12B A1A0P P . 36.61 -6.84 -32.24
H13A A1A0P P . 37.71 -6.34 -30.31
H13C A1A0P P . 38.33 -7.40 -30.93
H19B A1A0P P . 35.51 -5.29 -22.95
H19A A1A0P P . 35.21 -6.85 -22.87
H20B A1A0P P . 37.25 -6.58 -21.88
H20A A1A0P P . 37.76 -5.65 -23.05
H21B A1A0P P . 37.94 -7.50 -24.49
H21A A1A0P P . 38.74 -7.78 -23.17
H22A A1A0P P . 36.41 -8.74 -22.59
H22B A1A0P P . 36.54 -9.12 -24.12
H23A A1A0P P . 38.24 -10.55 -23.71
H23B A1A0P P . 38.69 -9.79 -22.40
H24A A1A0P P . 36.33 -11.33 -22.52
H24B A1A0P P . 37.69 -11.93 -22.02
H25A A1A0P P . 37.17 -11.26 -20.01
H25B A1A0P P . 37.35 -9.79 -20.51
H26B A1A0P P . 35.28 -9.89 -19.56
H26A A1A0P P . 35.07 -9.67 -21.10
H27B A1A0P P . 33.55 -11.24 -20.33
H27A A1A0P P . 34.45 -11.88 -21.43
H28A A1A0P P . 35.35 -12.28 -18.81
H28B A1A0P P . 34.01 -13.01 -19.17
H29B A1A0P P . 36.41 -13.41 -20.66
H29A A1A0P P . 35.05 -14.16 -20.88
H30B A1A0P P . 36.84 -15.29 -19.54
H30A A1A0P P . 36.30 -14.39 -18.36
H31B A1A0P P . 34.12 -15.32 -18.80
H31A A1A0P P . 34.84 -16.42 -19.62
H32B A1A0P P . 36.16 -16.48 -17.40
H32A A1A0P P . 34.69 -16.21 -16.88
H33A A1A0P P . 34.95 -18.51 -16.96
H33B A1A0P P . 35.48 -18.44 -18.46
H33C A1A0P P . 33.97 -18.11 -18.14
H34A A1A0P P . 33.52 -7.70 -30.79
H34B A1A0P P . 34.67 -6.69 -31.11
H35A A1A0P P . 33.59 -6.68 -28.50
H35B A1A0P P . 34.43 -5.54 -29.19
H36A A1A0P P . 32.66 -4.69 -30.14
H36B A1A0P P . 32.06 -6.10 -30.47
H37A A1A0P P . 31.96 -5.19 -27.80
H37B A1A0P P . 30.89 -4.67 -28.82
H38A A1A0P P . 29.76 -6.41 -28.07
H38B A1A0P P . 30.55 -7.15 -29.22
H39B A1A0P P . 31.97 -8.13 -27.82
H39A A1A0P P . 31.71 -7.11 -26.67
H40 A1A0P P . 30.38 -9.51 -27.13
H41 A1A0P P . 29.23 -7.41 -25.63
H42B A1A0P P . 28.24 -10.08 -25.96
H42A A1A0P P . 28.74 -9.65 -24.55
H43A A1A0P P . 27.11 -8.20 -24.20
H43B A1A0P P . 26.85 -7.97 -25.74
H44B A1A0P P . 25.03 -9.20 -25.01
H44A A1A0P P . 25.94 -10.23 -25.77
H45A A1A0P P . 26.66 -10.21 -23.18
H45B A1A0P P . 25.10 -10.46 -23.26
H46A A1A0P P . 26.86 -12.06 -24.80
H46B A1A0P P . 26.61 -12.42 -23.30
H47B A1A0P P . 24.22 -12.14 -24.57
H47A A1A0P P . 25.07 -13.20 -25.32
H48A A1A0P P . 23.74 -14.25 -23.66
H48C A1A0P P . 25.28 -14.45 -23.31
H48B A1A0P P . 24.45 -13.34 -22.54
CU CU Q . 3.33 -13.23 -15.70
C2 A1A0P R . 18.36 -24.84 -13.79
O3 A1A0P R . 17.99 -24.61 -15.17
C4 A1A0P R . 18.89 -24.86 -16.11
C1 A1A0P R . 17.15 -24.61 -12.94
O5 A1A0P R . 20.02 -25.25 -15.89
O6 A1A0P R . 16.38 -23.48 -13.47
C7 A1A0P R . 18.34 -24.58 -17.48
C8 A1A0P R . 16.21 -25.81 -12.96
O9 A1A0P R . 16.43 -26.69 -11.83
O10 A1A0P R . 16.13 -28.72 -12.93
C11 A1A0P R . 15.30 -29.41 -13.93
C12 A1A0P R . 14.75 -28.46 -14.97
N13 A1A0P R . 13.78 -29.13 -15.89
P14 A1A0P R . 15.57 -28.03 -11.59
O15 A1A0P R . 16.01 -28.88 -10.44
O16 A1A0P R . 14.16 -28.03 -12.06
C17 A1A0P R . 16.87 -22.24 -13.34
O18 A1A0P R . 17.90 -21.98 -12.80
C19 A1A0P R . 15.93 -21.23 -13.93
C20 A1A0P R . 16.58 -20.39 -15.02
C21 A1A0P R . 17.15 -19.10 -14.48
C22 A1A0P R . 16.22 -17.92 -14.63
C23 A1A0P R . 16.46 -17.11 -15.89
C24 A1A0P R . 15.49 -17.37 -17.00
C25 A1A0P R . 15.71 -16.48 -18.19
C26 A1A0P R . 14.86 -15.24 -18.20
C27 A1A0P R . 15.13 -14.34 -19.39
C28 A1A0P R . 15.99 -13.13 -19.06
C29 A1A0P R . 17.46 -13.44 -18.89
C30 A1A0P R . 18.20 -13.58 -20.20
C31 A1A0P R . 19.01 -12.36 -20.59
C32 A1A0P R . 18.66 -11.80 -21.94
C33 A1A0P R . 19.83 -11.15 -22.67
C34 A1A0P R . 19.28 -23.80 -18.38
C35 A1A0P R . 18.63 -22.55 -18.93
C36 A1A0P R . 17.87 -22.75 -20.21
C37 A1A0P R . 18.26 -21.75 -21.26
C38 A1A0P R . 19.53 -22.11 -21.98
C39 A1A0P R . 20.62 -21.07 -21.80
C40 A1A0P R . 21.58 -21.47 -20.74
C41 A1A0P R . 22.40 -20.66 -20.09
C42 A1A0P R . 22.51 -19.19 -20.24
C43 A1A0P R . 22.99 -18.71 -21.61
C44 A1A0P R . 23.99 -19.63 -22.30
C45 A1A0P R . 25.08 -18.88 -23.05
C46 A1A0P R . 24.58 -18.13 -24.26
C47 A1A0P R . 24.75 -16.62 -24.15
C48 A1A0P R . 23.51 -15.96 -23.61
H2A A1A0P R . 19.09 -24.22 -13.54
H2B A1A0P R . 18.65 -25.77 -13.69
H1 A1A0P R . 17.44 -24.44 -12.02
H7A A1A0P R . 18.09 -25.43 -17.90
H7B A1A0P R . 17.52 -24.07 -17.34
H8B A1A0P R . 15.29 -25.49 -12.95
H8A A1A0P R . 16.35 -26.32 -13.78
H11B A1A0P R . 15.85 -30.11 -14.36
H11A A1A0P R . 14.58 -29.91 -13.49
H12A A1A0P R . 15.47 -28.12 -15.54
H12B A1A0P R . 14.30 -27.70 -14.56
H13A A1A0P R . 13.20 -29.54 -15.35
H13C A1A0P R . 13.27 -28.58 -16.35
H19B A1A0P R . 15.15 -21.71 -14.29
H19A A1A0P R . 15.64 -20.64 -13.21
H20B A1A0P R . 15.90 -20.17 -15.70
H20A A1A0P R . 17.27 -20.93 -15.45
H21B A1A0P R . 17.35 -19.22 -13.54
H21A A1A0P R . 17.99 -18.91 -14.93
H22A A1A0P R . 15.30 -18.24 -14.65
H22B A1A0P R . 16.32 -17.36 -13.85
H23A A1A0P R . 16.43 -16.16 -15.67
H23B A1A0P R . 17.37 -17.29 -16.24
H24A A1A0P R . 15.57 -18.30 -17.28
H24B A1A0P R . 14.58 -17.24 -16.65
H25A A1A0P R . 16.65 -16.19 -18.20
H25B A1A0P R . 15.57 -16.97 -19.02
H26B A1A0P R . 14.99 -14.75 -17.36
H26A A1A0P R . 13.91 -15.49 -18.21
H27B A1A0P R . 15.60 -14.88 -20.06
H27A A1A0P R . 14.29 -14.05 -19.81
H28A A1A0P R . 15.91 -12.48 -19.79
H28B A1A0P R . 15.65 -12.71 -18.25
H29B A1A0P R . 17.89 -12.74 -18.35
H29A A1A0P R . 17.55 -14.26 -18.37
H30B A1A0P R . 18.76 -14.38 -20.19
H30A A1A0P R . 17.54 -13.72 -20.91
H31B A1A0P R . 19.95 -12.61 -20.58
H31A A1A0P R . 18.89 -11.66 -19.92
H32B A1A0P R . 18.31 -12.54 -22.49
H32A A1A0P R . 17.94 -11.15 -21.85
H33A A1A0P R . 20.63 -11.18 -22.12
H33B A1A0P R . 20.01 -11.60 -23.52
H33C A1A0P R . 19.63 -10.22 -22.87
H34A A1A0P R . 19.64 -24.35 -19.11
H34B A1A0P R . 20.05 -23.51 -17.84
H35A A1A0P R . 18.05 -22.18 -18.25
H35B A1A0P R . 19.34 -21.90 -19.09
H36A A1A0P R . 18.02 -23.66 -20.55
H36B A1A0P R . 16.92 -22.68 -20.02
H37A A1A0P R . 17.54 -21.61 -21.91
H37B A1A0P R . 18.37 -20.88 -20.80
H38A A1A0P R . 19.85 -22.96 -21.64
H38B A1A0P R . 19.37 -22.22 -22.93
H39B A1A0P R . 21.12 -20.99 -22.64
H39A A1A0P R . 20.22 -20.19 -21.63
H40 A1A0P R . 21.58 -22.41 -20.50
H41 A1A0P R . 23.00 -21.05 -19.42
H42B A1A0P R . 21.67 -18.74 -20.02
H42A A1A0P R . 23.16 -18.87 -19.58
H43A A1A0P R . 22.20 -18.62 -22.19
H43B A1A0P R . 23.39 -17.83 -21.51
H44B A1A0P R . 24.44 -20.22 -21.67
H44A A1A0P R . 23.51 -20.18 -22.95
H45A A1A0P R . 25.75 -19.53 -23.33
H45B A1A0P R . 25.50 -18.26 -22.43
H46A A1A0P R . 25.05 -18.44 -25.07
H46B A1A0P R . 23.64 -18.34 -24.41
H47B A1A0P R . 25.49 -16.44 -23.55
H47A A1A0P R . 24.99 -16.23 -25.01
H48A A1A0P R . 23.38 -15.08 -24.01
H48C A1A0P R . 23.59 -15.85 -22.63
H48B A1A0P R . 22.73 -16.52 -23.76
C2 A1A0P S . 16.53 20.06 -13.85
O3 A1A0P S . 17.80 19.37 -13.76
C4 A1A0P S . 17.95 18.07 -14.05
C1 A1A0P S . 16.67 21.45 -13.28
O5 A1A0P S . 19.04 17.59 -14.21
O6 A1A0P S . 16.14 21.31 -11.94
C7 A1A0P S . 16.69 17.28 -14.28
C8 A1A0P S . 18.07 21.98 -13.09
O9 A1A0P S . 18.01 23.17 -12.28
O10 A1A0P S . 16.78 24.56 -13.88
C11 A1A0P S . 16.90 24.95 -15.28
C12 A1A0P S . 17.24 23.75 -16.12
N13 A1A0P S . 18.69 23.47 -16.09
P14 A1A0P S . 18.03 24.64 -12.89
O15 A1A0P S . 19.31 24.84 -13.61
O16 A1A0P S . 17.65 25.58 -11.80
C17 A1A0P S . 15.27 22.21 -11.47
O18 A1A0P S . 14.94 23.21 -12.04
C19 A1A0P S . 14.80 21.78 -10.11
C20 A1A0P S . 14.40 20.30 -10.06
C21 A1A0P S . 15.57 19.32 -10.02
C22 A1A0P S . 15.33 18.08 -9.19
C23 A1A0P S . 16.25 16.93 -9.56
C24 A1A0P S . 16.83 16.22 -8.36
C25 A1A0P S . 17.31 14.81 -8.66
C26 A1A0P S . 16.74 13.78 -7.70
C27 A1A0P S . 17.55 13.62 -6.47
C28 A1A0P S . 16.79 12.76 -5.57
C29 A1A0P S . 17.38 11.37 -5.36
C30 A1A0P S . 17.05 10.40 -6.47
C31 A1A0P S . 15.62 9.91 -6.43
C32 A1A0P S . 15.39 8.65 -7.25
C33 A1A0P S . 15.40 7.40 -6.41
C34 A1A0P S . 16.39 16.40 -13.09
C35 A1A0P S . 17.47 15.35 -12.87
C36 A1A0P S . 17.04 13.96 -13.22
C37 A1A0P S . 16.62 13.24 -11.99
C38 A1A0P S . 15.32 12.53 -12.14
C39 A1A0P S . 15.39 11.34 -13.09
C40 A1A0P S . 16.68 11.02 -13.77
C41 A1A0P S . 17.49 10.07 -13.44
C42 A1A0P S . 17.22 9.11 -12.37
C43 A1A0P S . 16.62 9.77 -11.12
C44 A1A0P S . 15.56 9.02 -10.53
C45 A1A0P S . 16.02 7.77 -9.80
C46 A1A0P S . 15.62 6.50 -10.49
C47 A1A0P S . 14.30 5.96 -9.96
C48 A1A0P S . 14.47 5.26 -8.64
H2A A1A0P S . 16.26 20.11 -14.78
H2B A1A0P S . 15.87 19.59 -13.30
H1 A1A0P S . 16.13 22.04 -13.84
H7A A1A0P S . 15.90 17.78 -14.55
H7B A1A0P S . 16.90 16.69 -15.03
H8B A1A0P S . 18.63 21.33 -12.61
H8A A1A0P S . 18.51 22.18 -13.93
H11B A1A0P S . 16.08 25.40 -15.56
H11A A1A0P S . 17.61 25.61 -15.33
H12A A1A0P S . 17.00 23.89 -17.06
H12B A1A0P S . 16.77 22.96 -15.80
H13A A1A0P S . 18.99 23.83 -15.35
H13C A1A0P S . 18.89 22.61 -16.00
H19B A1A0P S . 15.51 21.95 -9.47
H19A A1A0P S . 14.01 22.33 -9.89
H20B A1A0P S . 13.85 20.10 -10.85
H20A A1A0P S . 13.84 20.17 -9.27
H21B A1A0P S . 15.78 19.02 -10.93
H21A A1A0P S . 16.36 19.79 -9.69
H22A A1A0P S . 15.46 18.30 -8.25
H22B A1A0P S . 14.39 17.83 -9.31
H23A A1A0P S . 15.75 16.28 -10.09
H23B A1A0P S . 16.98 17.25 -10.12
H24A A1A0P S . 16.16 16.19 -7.65
H24B A1A0P S . 17.58 16.75 -8.02
H25A A1A0P S . 17.06 14.57 -9.57
H25B A1A0P S . 18.28 14.77 -8.60
H26B A1A0P S . 15.82 14.06 -7.51
H26A A1A0P S . 16.68 12.91 -8.15
H27B A1A0P S . 17.70 14.50 -6.05
H27A A1A0P S . 18.43 13.24 -6.68
H28A A1A0P S . 16.56 13.20 -4.74
H28B A1A0P S . 16.00 12.70 -6.15
H29B A1A0P S . 18.35 11.44 -5.26
H29A A1A0P S . 17.04 11.03 -4.51
H30B A1A0P S . 17.24 10.81 -7.34
H30A A1A0P S . 17.62 9.62 -6.40
H31B A1A0P S . 15.39 9.73 -5.50
H31A A1A0P S . 15.02 10.61 -6.74
H32B A1A0P S . 14.52 8.73 -7.70
H32A A1A0P S . 16.08 8.57 -7.94
H33A A1A0P S . 14.66 7.38 -5.80
H33B A1A0P S . 15.37 6.59 -6.96
H33C A1A0P S . 16.23 7.37 -5.88
H34A A1A0P S . 15.52 15.97 -13.16
H34B A1A0P S . 16.36 16.97 -12.30
H35A A1A0P S . 18.26 15.51 -13.41
H35B A1A0P S . 17.76 15.39 -11.94
H36A A1A0P S . 16.32 13.99 -13.88
H36B A1A0P S . 17.79 13.51 -13.65
H37A A1A0P S . 17.32 12.62 -11.69
H37B A1A0P S . 16.53 13.89 -11.28
H38A A1A0P S . 14.99 12.25 -11.27
H38B A1A0P S . 14.66 13.17 -12.51
H39B A1A0P S . 14.93 10.56 -12.73
H39A A1A0P S . 14.78 11.58 -13.80
H40 A1A0P S . 16.90 11.57 -14.54
H41 A1A0P S . 18.33 9.96 -13.92
H42B A1A0P S . 16.64 8.39 -12.67
H42A A1A0P S . 18.07 8.70 -12.13
H43A A1A0P S . 17.35 9.61 -10.48
H43B A1A0P S . 16.59 10.73 -11.03
H44B A1A0P S . 15.03 9.57 -9.92
H44A A1A0P S . 14.95 8.74 -11.25
H45A A1A0P S . 17.01 7.79 -9.73
H45B A1A0P S . 15.67 7.80 -8.89
H46A A1A0P S . 15.55 6.64 -11.45
H46B A1A0P S . 16.31 5.82 -10.34
H47B A1A0P S . 13.69 6.71 -9.85
H47A A1A0P S . 13.90 5.37 -10.62
H48A A1A0P S . 14.87 4.38 -8.76
H48C A1A0P S . 15.04 5.80 -8.04
H48B A1A0P S . 13.60 5.17 -8.21
C2 A1A0P T . 19.94 30.47 -5.42
O3 A1A0P T . 20.40 29.26 -6.06
C4 A1A0P T . 19.90 28.10 -5.64
C1 A1A0P T . 18.61 30.80 -6.05
O5 A1A0P T . 19.12 27.98 -4.74
O6 A1A0P T . 17.57 30.52 -5.07
C7 A1A0P T . 20.46 26.96 -6.44
C8 A1A0P T . 18.54 32.24 -6.48
O9 A1A0P T . 19.43 32.40 -7.60
O10 A1A0P T . 18.38 32.37 -9.89
C11 A1A0P T . 18.01 31.02 -9.53
C12 A1A0P T . 19.21 30.12 -9.56
N13 A1A0P T . 19.01 29.00 -10.52
P14 A1A0P T . 19.09 33.36 -8.84
O15 A1A0P T . 18.12 34.39 -8.42
O16 A1A0P T . 20.37 33.77 -9.43
C17 A1A0P T . 16.36 30.14 -5.50
O18 A1A0P T . 16.03 30.14 -6.66
C19 A1A0P T . 15.46 29.76 -4.36
C20 A1A0P T . 16.17 29.04 -3.23
C21 A1A0P T . 16.93 27.79 -3.65
C22 A1A0P T . 16.36 26.51 -3.07
C23 A1A0P T . 16.77 26.26 -1.63
C24 A1A0P T . 18.12 25.58 -1.49
C25 A1A0P T . 18.12 24.14 -1.94
C26 A1A0P T . 19.09 23.27 -1.17
C27 A1A0P T . 18.42 22.15 -0.43
C28 A1A0P T . 17.59 22.60 0.75
C29 A1A0P T . 17.56 21.61 1.89
C30 A1A0P T . 16.69 20.40 1.60
C31 A1A0P T . 17.42 19.10 1.79
C32 A1A0P T . 17.61 18.71 3.24
C33 A1A0P T . 17.57 17.22 3.48
C34 A1A0P T . 19.38 26.00 -6.93
C35 A1A0P T . 18.58 26.55 -8.11
C36 A1A0P T . 17.49 27.54 -7.78
C37 A1A0P T . 16.54 27.17 -6.63
C38 A1A0P T . 15.32 26.37 -7.05
C39 A1A0P T . 15.61 25.05 -7.78
C40 A1A0P T . 16.56 24.18 -7.03
C41 A1A0P T . 16.48 23.82 -5.78
C42 A1A0P T . 17.46 22.97 -5.06
C43 A1A0P T . 17.37 21.51 -5.45
C44 A1A0P T . 16.30 20.75 -4.69
C45 A1A0P T . 16.81 20.12 -3.42
C46 A1A0P T . 17.63 18.87 -3.65
C47 A1A0P T . 17.63 17.92 -2.47
C48 A1A0P T . 18.98 17.34 -2.19
H2A A1A0P T . 19.81 30.35 -4.46
H2B A1A0P T . 20.58 31.18 -5.60
H1 A1A0P T . 18.52 30.22 -6.83
H7A A1A0P T . 20.97 27.31 -7.20
H7B A1A0P T . 21.09 26.48 -5.86
H8B A1A0P T . 17.61 32.46 -6.73
H8A A1A0P T . 18.81 32.84 -5.76
H11B A1A0P T . 17.50 30.97 -8.70
H11A A1A0P T . 17.40 30.73 -10.25
H12A A1A0P T . 19.37 29.69 -8.69
H12B A1A0P T . 20.01 30.60 -9.82
H13A A1A0P T . 18.98 29.38 -11.31
H13C A1A0P T . 19.70 28.45 -10.58
H19B A1A0P T . 15.02 30.57 -4.03
H19A A1A0P T . 14.78 29.16 -4.73
H20B A1A0P T . 15.50 28.77 -2.57
H20A A1A0P T . 16.78 29.67 -2.78
H21B A1A0P T . 16.93 27.70 -4.62
H21A A1A0P T . 17.86 27.88 -3.38
H22A A1A0P T . 15.39 26.56 -3.11
H22B A1A0P T . 16.64 25.77 -3.64
H23A A1A0P T . 16.80 27.11 -1.15
H23B A1A0P T . 16.10 25.71 -1.18
H24A A1A0P T . 18.78 26.09 -2.00
H24B A1A0P T . 18.38 25.63 -0.54
H25A A1A0P T . 17.22 23.77 -1.87
H25B A1A0P T . 18.36 24.11 -2.89
H26B A1A0P T . 19.77 22.92 -1.78
H26A A1A0P T . 19.57 23.82 -0.51
H27B A1A0P T . 17.83 21.67 -1.06
H27A A1A0P T . 19.08 21.48 -0.13
H28A A1A0P T . 17.94 23.46 1.07
H28B A1A0P T . 16.68 22.78 0.44
H29B A1A0P T . 18.47 21.32 2.09
H29A A1A0P T . 17.23 22.08 2.68
H30B A1A0P T . 15.89 20.42 2.17
H30A A1A0P T . 16.38 20.44 0.68
H31B A1A0P T . 16.91 18.39 1.34
H31A A1A0P T . 18.29 19.14 1.35
H32B A1A0P T . 18.49 19.05 3.53
H32A A1A0P T . 16.93 19.14 3.79
H33A A1A0P T . 18.21 16.76 2.89
H33B A1A0P T . 17.78 16.98 4.40
H33C A1A0P T . 16.68 16.88 3.27
H34A A1A0P T . 18.81 25.68 -6.22
H34B A1A0P T . 19.85 25.19 -7.26
H35A A1A0P T . 19.22 27.01 -8.71
H35B A1A0P T . 18.22 25.81 -8.63
H36A A1A0P T . 17.88 28.41 -7.58
H36B A1A0P T . 16.95 27.68 -8.58
H37A A1A0P T . 17.00 26.70 -5.91
H37B A1A0P T . 16.25 28.01 -6.25
H38A A1A0P T . 14.75 26.18 -6.27
H38B A1A0P T . 14.78 26.91 -7.67
H39B A1A0P T . 14.77 24.56 -7.86
H39A A1A0P T . 15.91 25.24 -8.68
H40 A1A0P T . 17.32 23.86 -7.56
H41 A1A0P T . 15.71 24.12 -5.25
H42B A1A0P T . 18.37 23.31 -5.17
H42A A1A0P T . 17.25 23.04 -4.10
H43A A1A0P T . 17.17 21.47 -6.41
H43B A1A0P T . 18.25 21.09 -5.32
H44B A1A0P T . 15.56 21.34 -4.48
H44A A1A0P T . 15.96 20.04 -5.27
H45A A1A0P T . 17.36 20.78 -2.96
H45B A1A0P T . 16.06 19.91 -2.84
H46A A1A0P T . 17.31 18.40 -4.45
H46B A1A0P T . 18.55 19.13 -3.83
H47B A1A0P T . 17.32 18.41 -1.69
H47A A1A0P T . 16.98 17.21 -2.61
H48A A1A0P T . 19.61 18.04 -1.90
H48C A1A0P T . 18.92 16.66 -1.49
H48B A1A0P T . 19.34 16.91 -2.98
C2 A1A0P U . -0.40 -2.80 3.93
O3 A1A0P U . 0.54 -3.47 3.05
C4 A1A0P U . 1.37 -2.81 2.22
C1 A1A0P U . 0.63 -2.27 4.92
O5 A1A0P U . 2.45 -3.23 1.92
O6 A1A0P U . 0.79 -0.80 4.85
C7 A1A0P U . 0.82 -1.50 1.71
C8 A1A0P U . 0.53 -2.68 6.36
O9 A1A0P U . 1.82 -2.29 6.89
O10 A1A0P U . 3.41 -1.96 4.86
C11 A1A0P U . 4.46 -1.72 3.75
C12 A1A0P U . 5.10 -0.39 4.02
N13 A1A0P U . 6.47 0.18 3.35
P14 A1A0P U . 3.30 -2.69 6.41
O15 A1A0P U . 3.94 -2.00 7.57
O16 A1A0P U . 3.22 -4.16 6.34
C17 A1A0P U . -0.25 0.02 5.06
O18 A1A0P U . -1.35 -0.36 5.36
C19 A1A0P U . 0.15 1.46 4.89
C20 A1A0P U . 1.52 1.67 4.26
C21 A1A0P U . 1.88 3.14 4.13
C22 A1A0P U . 3.36 3.40 4.26
C23 A1A0P U . 4.12 3.23 2.97
C24 A1A0P U . 4.72 4.52 2.45
C25 A1A0P U . 5.43 4.36 1.13
C26 A1A0P U . 6.94 4.28 1.26
C27 A1A0P U . 7.43 2.89 1.62
C28 A1A0P U . 8.94 2.73 1.51
C29 A1A0P U . 9.40 1.46 0.82
C30 A1A0P U . 10.45 1.68 -0.24
C31 A1A0P U . 10.23 0.85 -1.48
C32 A1A0P U . 11.48 0.41 -2.15
C33 A1A0P U . 11.90 1.26 -3.25
C34 A1A0P U . 1.75 -0.77 0.77
C35 A1A0P U . 1.98 -1.49 -0.56
C36 A1A0P U . 3.15 -0.95 -1.37
C37 A1A0P U . 4.34 -0.49 -0.56
C38 A1A0P U . 4.32 0.99 -0.17
C39 A1A0P U . 4.02 1.96 -1.32
C40 A1A0P U . 4.58 1.56 -2.63
C41 A1A0P U . 5.80 1.18 -2.92
C42 A1A0P U . 6.96 1.26 -2.00
C43 A1A0P U . 7.29 2.70 -1.69
C44 A1A0P U . 7.56 3.57 -2.89
C45 A1A0P U . 8.59 4.64 -2.61
C46 A1A0P U . 10.00 4.21 -2.94
C47 A1A0P U . 10.44 4.61 -4.32
C48 A1A0P U . 11.87 4.24 -4.64
H2A A1A0P U . -0.92 -2.10 3.49
H2B A1A0P U . -0.98 -3.45 4.37
H1 A1A0P U . 1.37 -2.81 4.64
H7A A1A0P U . -0.04 -1.66 1.28
H7B A1A0P U . 0.66 -0.89 2.45
H8B A1A0P U . -0.21 -2.22 6.82
H8A A1A0P U . 0.41 -3.64 6.46
H11B A1A0P U . 5.01 -2.46 3.45
H11A A1A0P U . 3.91 -1.53 2.97
H12A A1A0P U . 5.24 -0.30 4.97
H12B A1A0P U . 4.42 0.29 3.80
H13A A1A0P U . 6.74 -0.31 2.65
H13C A1A0P U . 6.22 0.86 2.87
H19B A1A0P U . -0.54 1.91 4.33
H19A A1A0P U . 0.14 1.88 5.77
H20B A1A0P U . 1.54 1.26 3.37
H20A A1A0P U . 2.20 1.25 4.82
H21B A1A0P U . 1.60 3.48 3.25
H21A A1A0P U . 1.38 3.66 4.80
H22A A1A0P U . 3.50 4.31 4.59
H22B A1A0P U . 3.71 2.79 4.94
H23A A1A0P U . 4.85 2.60 3.10
H23B A1A0P U . 3.56 2.84 2.27
H24A A1A0P U . 4.02 5.19 2.37
H24B A1A0P U . 5.36 4.83 3.13
H25A A1A0P U . 5.12 3.54 0.71
H25B A1A0P U . 5.19 5.10 0.53
H26B A1A0P U . 7.35 4.58 0.43
H26A A1A0P U . 7.25 4.90 1.95
H27B A1A0P U . 7.18 2.72 2.55
H27A A1A0P U . 6.97 2.22 1.08
H28A A1A0P U . 9.31 3.49 1.03
H28B A1A0P U . 9.30 2.75 2.41
H29B A1A0P U . 9.74 0.81 1.48
H29A A1A0P U . 8.61 1.04 0.42
H30B A1A0P U . 10.50 2.63 -0.48
H30A A1A0P U . 11.33 1.43 0.11
H31B A1A0P U . 9.68 0.08 -1.25
H31A A1A0P U . 9.71 1.37 -2.13
H32B A1A0P U . 12.20 0.42 -1.50
H32A A1A0P U . 11.38 -0.51 -2.47
H33A A1A0P U . 12.49 1.97 -2.94
H33B A1A0P U . 12.36 0.74 -3.93
H33C A1A0P U . 11.13 1.68 -3.67
H34A A1A0P U . 2.56 -0.55 1.26
H34B A1A0P U . 1.32 0.08 0.55
H35A A1A0P U . 2.16 -2.43 -0.42
H35B A1A0P U . 1.17 -1.44 -1.09
H36A A1A0P U . 3.45 -1.63 -2.00
H36B A1A0P U . 2.77 -0.25 -1.95
H37A A1A0P U . 4.42 -1.02 0.26
H37B A1A0P U . 5.15 -0.72 -1.07
H38A A1A0P U . 3.67 1.16 0.53
H38B A1A0P U . 5.19 1.25 0.20
H39B A1A0P U . 3.05 1.98 -1.43
H39A A1A0P U . 4.28 2.87 -1.07
H40 A1A0P U . 3.93 1.61 -3.35
H41 A1A0P U . 5.99 0.82 -3.80
H42B A1A0P U . 6.85 0.75 -1.17
H42A A1A0P U . 7.71 0.84 -2.45
H43A A1A0P U . 6.55 3.08 -1.20
H43B A1A0P U . 8.08 2.74 -1.11
H44B A1A0P U . 7.86 3.04 -3.65
H44A A1A0P U . 6.72 4.00 -3.14
H45A A1A0P U . 8.37 5.43 -3.13
H45B A1A0P U . 8.53 4.88 -1.66
H46A A1A0P U . 10.64 4.52 -2.28
H46B A1A0P U . 10.01 3.24 -2.90
H47B A1A0P U . 9.86 4.16 -4.97
H47A A1A0P U . 10.30 5.56 -4.46
H48A A1A0P U . 12.39 4.13 -3.82
H48C A1A0P U . 11.90 3.40 -5.14
H48B A1A0P U . 12.30 4.92 -5.19
C2 A1A0P V . 9.75 -3.55 5.53
O3 A1A0P V . 10.62 -2.76 4.66
C4 A1A0P V . 11.45 -1.89 5.23
C1 A1A0P V . 9.13 -4.59 4.65
O5 A1A0P V . 11.50 -1.68 6.42
O6 A1A0P V . 10.14 -4.97 3.66
C7 A1A0P V . 12.30 -1.23 4.20
C8 A1A0P V . 8.73 -5.79 5.45
O9 A1A0P V . 7.77 -5.41 6.45
O10 A1A0P V . 6.39 -3.43 6.10
C11 A1A0P V . 6.20 -2.63 4.91
C12 A1A0P V . 7.08 -1.42 4.95
N13 A1A0P V . 7.80 -1.24 3.67
P14 A1A0P V . 6.27 -5.02 6.08
O15 A1A0P V . 5.93 -5.54 4.72
O16 A1A0P V . 5.42 -5.41 7.22
C17 A1A0P V . 9.86 -5.13 2.35
O18 A1A0P V . 10.68 -5.01 1.48
C19 A1A0P V . 8.42 -5.46 2.07
C20 A1A0P V . 7.56 -4.23 1.80
C21 A1A0P V . 7.21 -4.05 0.34
C22 A1A0P V . 8.34 -3.47 -0.48
C23 A1A0P V . 9.05 -4.50 -1.31
C24 A1A0P V . 10.42 -4.06 -1.77
C25 A1A0P V . 10.38 -3.35 -3.11
C26 A1A0P V . 10.26 -4.29 -4.27
C27 A1A0P V . 10.70 -3.70 -5.59
C28 A1A0P V . 9.78 -2.60 -6.08
C29 A1A0P V . 10.27 -1.21 -5.79
C30 A1A0P V . 11.01 -0.59 -6.95
C31 A1A0P V . 12.42 -1.12 -7.12
C32 A1A0P V . 13.20 -0.41 -8.19
C33 A1A0P V . 12.93 -0.98 -9.56
C34 A1A0P V . 13.46 -2.11 3.77
C35 A1A0P V . 13.00 -3.29 2.94
C36 A1A0P V . 14.01 -3.74 1.91
C37 A1A0P V . 13.72 -3.21 0.53
C38 A1A0P V . 14.15 -1.77 0.35
C39 A1A0P V . 13.02 -0.78 0.59
C40 A1A0P V . 13.50 0.45 1.27
C41 A1A0P V . 14.39 1.30 0.81
C42 A1A0P V . 15.10 1.23 -0.50
C43 A1A0P V . 15.46 2.60 -1.04
C44 A1A0P V . 14.31 3.28 -1.74
C45 A1A0P V . 13.28 3.85 -0.80
C46 A1A0P V . 12.66 5.13 -1.29
C47 A1A0P V . 13.49 6.34 -0.97
C48 A1A0P V . 13.14 7.50 -1.84
H2A A1A0P V . 10.28 -3.99 6.22
H2B A1A0P V . 9.07 -2.96 5.91
H1 A1A0P V . 8.36 -4.14 4.26
H7A A1A0P V . 11.76 -0.99 3.43
H7B A1A0P V . 12.65 -0.40 4.60
H8B A1A0P V . 8.37 -6.48 4.86
H8A A1A0P V . 9.51 -6.17 5.89
H11B A1A0P V . 6.35 -3.16 4.10
H11A A1A0P V . 5.26 -2.36 4.91
H12A A1A0P V . 7.77 -1.48 5.65
H12B A1A0P V . 6.55 -0.61 5.10
H13A A1A0P V . 8.40 -1.88 3.64
H13C A1A0P V . 7.31 -1.39 2.95
H19B A1A0P V . 8.42 -6.01 1.26
H19A A1A0P V . 8.02 -6.00 2.78
H20B A1A0P V . 6.73 -4.31 2.32
H20A A1A0P V . 8.05 -3.45 2.12
H21B A1A0P V . 6.97 -4.92 -0.05
H21A A1A0P V . 6.43 -3.47 0.27
H22A A1A0P V . 8.00 -2.77 -1.05
H22B A1A0P V . 8.98 -3.05 0.15
H23A A1A0P V . 9.15 -5.33 -0.80
H23B A1A0P V . 8.51 -4.72 -2.10
H24A A1A0P V . 10.80 -3.46 -1.09
H24B A1A0P V . 11.00 -4.85 -1.83
H25A A1A0P V . 9.64 -2.71 -3.12
H25B A1A0P V . 11.21 -2.82 -3.22
H26B A1A0P V . 10.77 -5.11 -4.08
H26A A1A0P V . 9.32 -4.57 -4.36
H27B A1A0P V . 11.59 -3.31 -5.46
H27A A1A0P V . 10.79 -4.39 -6.26
H28A A1A0P V . 9.65 -2.70 -7.04
H28B A1A0P V . 8.90 -2.74 -5.66
H29B A1A0P V . 9.53 -0.63 -5.52
H29A A1A0P V . 10.88 -1.26 -5.01
H30B A1A0P V . 10.50 -0.71 -7.77
H30A A1A0P V . 11.10 0.37 -6.80
H31B A1A0P V . 12.87 -1.05 -6.26
H31A A1A0P V . 12.38 -2.07 -7.33
H32B A1A0P V . 12.94 0.53 -8.17
H32A A1A0P V . 14.16 -0.47 -8.00
H33A A1A0P V . 12.67 -0.28 -10.19
H33B A1A0P V . 13.72 -1.44 -9.91
H33C A1A0P V . 12.20 -1.63 -9.51
H34A A1A0P V . 13.98 -2.42 4.54
H34B A1A0P V . 14.06 -1.58 3.22
H35A A1A0P V . 12.80 -4.05 3.53
H35B A1A0P V . 12.17 -3.06 2.49
H36A A1A0P V . 14.90 -3.47 2.19
H36B A1A0P V . 14.01 -4.72 1.89
H37A A1A0P V . 14.17 -3.77 -0.14
H37B A1A0P V . 12.77 -3.29 0.38
H38A A1A0P V . 14.88 -1.56 0.96
H38B A1A0P V . 14.47 -1.63 -0.56
H39B A1A0P V . 12.65 -0.51 -0.28
H39A A1A0P V . 12.29 -1.21 1.08
H40 A1A0P V . 13.12 0.62 2.16
H41 A1A0P V . 14.62 2.08 1.36
H42B A1A0P V . 15.88 0.65 -0.45
H42A A1A0P V . 14.48 0.82 -1.14
H43A A1A0P V . 15.73 3.15 -0.27
H43B A1A0P V . 16.23 2.52 -1.63
H44B A1A0P V . 14.63 3.99 -2.32
H44A A1A0P V . 13.87 2.62 -2.31
H45A A1A0P V . 12.57 3.18 -0.66
H45B A1A0P V . 13.70 4.01 0.08
H46A A1A0P V . 12.52 5.08 -2.26
H46B A1A0P V . 11.77 5.24 -0.87
H47B A1A0P V . 13.35 6.59 -0.04
H47A A1A0P V . 14.44 6.13 -1.06
H48A A1A0P V . 13.36 7.32 -2.77
H48C A1A0P V . 12.18 7.69 -1.78
H48B A1A0P V . 13.61 8.31 -1.55
C2 A1A0P W . 5.99 -8.80 0.42
O3 A1A0P W . 6.04 -9.46 -0.84
C4 A1A0P W . 6.57 -8.63 -1.81
C1 A1A0P W . 7.29 -9.29 0.84
O5 A1A0P W . 7.00 -7.54 -1.59
O6 A1A0P W . 8.22 -8.25 1.13
C7 A1A0P W . 6.61 -9.19 -3.21
C8 A1A0P W . 6.97 -9.89 2.20
O9 A1A0P W . 7.02 -11.31 2.07
O10 A1A0P W . 5.82 -13.19 2.33
C11 A1A0P W . 5.75 -14.53 1.72
C12 A1A0P W . 4.52 -14.72 0.85
N13 A1A0P W . 4.85 -15.22 -0.54
P14 A1A0P W . 5.83 -12.00 1.31
O15 A1A0P W . 4.50 -11.36 1.45
O16 A1A0P W . 6.30 -12.43 -0.02
C17 A1A0P W . 9.34 -8.67 1.67
O18 A1A0P W . 9.68 -9.83 1.74
C19 A1A0P W . 10.23 -7.51 2.01
C20 A1A0P W . 10.35 -6.47 0.90
C21 A1A0P W . 10.84 -7.03 -0.43
C22 A1A0P W . 11.23 -5.95 -1.42
C23 A1A0P W . 12.02 -6.44 -2.62
C24 A1A0P W . 11.74 -5.67 -3.90
C25 A1A0P W . 12.98 -5.38 -4.75
C26 A1A0P W . 13.76 -4.17 -4.25
C27 A1A0P W . 13.24 -2.86 -4.78
C28 A1A0P W . 13.82 -1.65 -4.07
C29 A1A0P W . 14.60 -0.74 -4.99
C30 A1A0P W . 15.41 0.31 -4.24
C31 A1A0P W . 15.32 1.70 -4.85
C32 A1A0P W . 16.48 2.61 -4.49
C33 A1A0P W . 16.59 2.84 -3.01
C34 A1A0P W . 7.64 -8.47 -4.14
C35 A1A0P W . 7.39 -6.96 -4.52
C36 A1A0P W . 8.08 -6.50 -5.85
C37 A1A0P W . 8.41 -4.96 -6.02
C38 A1A0P W . 8.12 -4.42 -7.37
C39 A1A0P W . 9.35 -3.85 -8.06
C40 A1A0P W . 9.08 -3.77 -9.50
C41 A1A0P W . 8.05 -3.20 -10.02
C42 A1A0P W . 7.72 -3.22 -11.43
C43 A1A0P W . 8.69 -2.34 -12.34
C44 A1A0P W . 9.04 -2.80 -13.80
C45 A1A0P W . 10.47 -3.29 -13.94
C46 A1A0P W . 11.49 -2.18 -14.08
C47 A1A0P W . 11.45 -1.41 -15.39
C48 A1A0P W . 11.70 -2.27 -16.60
H2A A1A0P W . 5.95 -7.82 0.43
H2B A1A0P W . 5.22 -9.15 0.90
H1 A1A0P W . 7.64 -9.96 0.22
H7A A1A0P W . 6.81 -10.15 -3.17
H7B A1A0P W . 5.72 -9.08 -3.58
H8B A1A0P W . 6.08 -9.63 2.50
H8A A1A0P W . 7.52 -9.64 2.98
H11B A1A0P W . 6.58 -14.74 1.25
H11A A1A0P W . 5.68 -15.15 2.48
H12A A1A0P W . 3.99 -13.90 0.73
H12B A1A0P W . 3.93 -15.38 1.25
H13A A1A0P W . 5.42 -14.63 -0.87
H13C A1A0P W . 5.31 -15.97 -0.54
H19B A1A0P W . 9.90 -7.10 2.83
H19A A1A0P W . 11.12 -7.89 2.19
H20B A1A0P W . 11.00 -5.81 1.19
H20A A1A0P W . 9.49 -6.03 0.78
H21B A1A0P W . 11.61 -7.62 -0.28
H21A A1A0P W . 10.13 -7.58 -0.83
H22A A1A0P W . 10.42 -5.51 -1.74
H22B A1A0P W . 11.75 -5.28 -0.94
H23A A1A0P W . 12.97 -6.39 -2.43
H23B A1A0P W . 11.83 -7.40 -2.78
H24A A1A0P W . 11.08 -6.16 -4.44
H24B A1A0P W . 11.33 -4.82 -3.65
H25A A1A0P W . 13.56 -6.17 -4.76
H25B A1A0P W . 12.70 -5.22 -5.67
H26B A1A0P W . 13.75 -4.19 -3.28
H26A A1A0P W . 14.69 -4.27 -4.52
H27B A1A0P W . 13.45 -2.80 -5.73
H27A A1A0P W . 12.26 -2.84 -4.73
H28A A1A0P W . 13.10 -1.15 -3.65
H28B A1A0P W . 14.40 -1.97 -3.36
H29B A1A0P W . 15.20 -1.27 -5.56
H29A A1A0P W . 13.97 -0.30 -5.59
H30B A1A0P W . 16.35 0.03 -4.16
H30A A1A0P W . 15.06 0.37 -3.33
H31B A1A0P W . 15.28 1.59 -5.83
H31A A1A0P W . 14.49 2.11 -4.58
H32B A1A0P W . 17.30 2.19 -4.81
H32A A1A0P W . 16.39 3.47 -4.95
H33A A1A0P W . 17.09 2.13 -2.58
H33B A1A0P W . 17.01 3.70 -2.81
H33C A1A0P W . 15.69 2.86 -2.62
H34A A1A0P W . 7.77 -8.99 -4.96
H34B A1A0P W . 8.50 -8.51 -3.67
H35A A1A0P W . 6.43 -6.81 -4.60
H35B A1A0P W . 7.71 -6.39 -3.80
H36A A1A0P W . 8.91 -7.00 -5.97
H36B A1A0P W . 7.50 -6.77 -6.59
H37A A1A0P W . 7.92 -4.45 -5.34
H37B A1A0P W . 9.36 -4.85 -5.81
H38A A1A0P W . 7.73 -5.11 -7.93
H38B A1A0P W . 7.47 -3.69 -7.30
H39B A1A0P W . 9.53 -2.95 -7.73
H39A A1A0P W . 10.14 -4.41 -7.85
H40 A1A0P W . 9.73 -4.17 -10.11
H41 A1A0P W . 7.43 -2.70 -9.45
H42B A1A0P W . 6.79 -2.96 -11.58
H42A A1A0P W . 7.80 -4.15 -11.72
H43A A1A0P W . 8.28 -1.47 -12.40
H43B A1A0P W . 9.53 -2.23 -11.85
H44B A1A0P W . 8.44 -3.51 -14.10
H44A A1A0P W . 8.92 -2.04 -14.40
H45A A1A0P W . 10.68 -3.81 -13.14
H45B A1A0P W . 10.52 -3.91 -14.71
H46A A1A0P W . 11.39 -1.55 -13.33
H46B A1A0P W . 12.38 -2.58 -13.99
H47B A1A0P W . 10.56 -0.99 -15.47
H47A A1A0P W . 12.09 -0.68 -15.36
H48A A1A0P W . 12.04 -1.74 -17.34
H48C A1A0P W . 12.35 -2.97 -16.38
H48B A1A0P W . 10.87 -2.72 -16.87
C2 A1A0P X . 23.06 -24.33 -14.37
O3 A1A0P X . 22.08 -23.26 -14.40
C4 A1A0P X . 22.50 -21.99 -14.37
C1 A1A0P X . 23.34 -24.92 -12.99
O5 A1A0P X . 23.65 -21.65 -14.25
O6 A1A0P X . 24.64 -24.45 -12.54
C7 A1A0P X . 21.34 -21.03 -14.46
C8 A1A0P X . 22.31 -24.57 -11.92
O9 A1A0P X . 21.89 -25.80 -11.30
O10 A1A0P X . 21.44 -26.24 -8.94
C11 A1A0P X . 22.52 -25.42 -8.43
C12 A1A0P X . 23.81 -26.19 -8.41
N13 A1A0P X . 24.88 -25.42 -9.08
P14 A1A0P X . 20.66 -25.85 -10.27
O15 A1A0P X . 19.76 -26.96 -10.66
O16 A1A0P X . 20.10 -24.50 -10.10
C17 A1A0P X . 25.75 -24.96 -13.12
O18 A1A0P X . 25.74 -25.75 -14.03
C19 A1A0P X . 27.00 -24.43 -12.46
C20 A1A0P X . 27.52 -25.37 -11.39
C21 A1A0P X . 28.38 -24.67 -10.34
C22 A1A0P X . 29.87 -24.69 -10.67
C23 A1A0P X . 30.36 -23.38 -11.25
C24 A1A0P X . 30.95 -23.51 -12.63
C25 A1A0P X . 30.62 -22.35 -13.55
C26 A1A0P X . 29.31 -22.54 -14.30
C27 A1A0P X . 29.22 -21.75 -15.59
C28 A1A0P X . 29.10 -20.27 -15.34
C29 A1A0P X . 29.75 -19.40 -16.41
C30 A1A0P X . 29.12 -18.02 -16.56
C31 A1A0P X . 30.13 -16.92 -16.82
C32 A1A0P X . 29.62 -15.79 -17.69
C33 A1A0P X . 30.46 -14.53 -17.64
C34 A1A0P X . 20.31 -21.39 -15.54
C35 A1A0P X . 20.58 -20.66 -16.85
C36 A1A0P X . 19.42 -19.78 -17.31
C37 A1A0P X . 19.57 -19.10 -18.67
C38 A1A0P X . 18.36 -18.26 -19.04
C39 A1A0P X . 18.54 -17.37 -20.28
C40 A1A0P X . 17.78 -17.84 -21.47
C41 A1A0P X . 17.53 -17.18 -22.60
C42 A1A0P X . 17.94 -15.78 -22.97
C43 A1A0P X . 18.17 -15.62 -24.49
C44 A1A0P X . 17.94 -14.22 -25.06
C45 A1A0P X . 18.41 -14.04 -26.50
C46 A1A0P X . 18.35 -12.61 -27.04
C47 A1A0P X . 18.99 -12.40 -28.41
C48 A1A0P X . 18.90 -10.97 -29.01
H2A A1A0P X . 22.68 -25.05 -14.92
H2B A1A0P X . 23.89 -24.03 -14.78
H1 A1A0P X . 23.35 -25.89 -13.09
H7A A1A0P X . 20.89 -20.94 -13.60
H7B A1A0P X . 21.72 -20.16 -14.67
H8B A1A0P X . 21.53 -24.10 -12.25
H8A A1A0P X . 22.72 -24.01 -11.22
H11B A1A0P X . 22.28 -25.02 -7.56
H11A A1A0P X . 22.63 -24.71 -9.07
H12A A1A0P X . 23.73 -27.04 -8.90
H12B A1A0P X . 24.10 -26.37 -7.50
H13A A1A0P X . 24.72 -25.48 -9.95
H13C A1A0P X . 24.84 -24.55 -8.94
H19B A1A0P X . 26.80 -23.54 -12.09
H19A A1A0P X . 27.67 -24.35 -13.16
H20B A1A0P X . 26.76 -25.80 -10.95
H20A A1A0P X . 28.05 -26.07 -11.84
H21B A1A0P X . 28.08 -23.75 -10.25
H21A A1A0P X . 28.23 -25.12 -9.49
H22A A1A0P X . 30.05 -25.41 -11.30
H22B A1A0P X . 30.36 -24.90 -9.85
H23A A1A0P X . 29.60 -22.76 -11.32
H23B A1A0P X . 31.01 -22.95 -10.66
H24A A1A0P X . 31.93 -23.59 -12.55
H24B A1A0P X . 30.63 -24.34 -13.03
H25A A1A0P X . 30.57 -21.53 -13.03
H25B A1A0P X . 31.34 -22.24 -14.21
H26B A1A0P X . 29.18 -23.50 -14.46
H26A A1A0P X . 28.58 -22.26 -13.71
H27B A1A0P X . 30.03 -21.91 -16.10
H27A A1A0P X . 28.47 -22.07 -16.13
H28A A1A0P X . 28.16 -20.01 -15.22
H28B A1A0P X . 29.54 -20.11 -14.50
H29B A1A0P X . 29.73 -19.86 -17.27
H29A A1A0P X . 30.69 -19.30 -16.17
H30B A1A0P X . 28.45 -18.03 -17.27
H30A A1A0P X . 28.64 -17.81 -15.73
H31B A1A0P X . 30.41 -16.55 -15.96
H31A A1A0P X . 30.93 -17.30 -17.21
H32B A1A0P X . 28.71 -15.58 -17.40
H32A A1A0P X . 29.56 -16.09 -18.62
H33A A1A0P X . 30.77 -14.31 -16.73
H33B A1A0P X . 31.26 -14.60 -18.21
H33C A1A0P X . 29.94 -13.78 -17.97
H34A A1A0P X . 19.42 -21.14 -15.25
H34B A1A0P X . 20.28 -22.34 -15.72
H35A A1A0P X . 21.38 -20.09 -16.76
H35B A1A0P X . 20.78 -21.30 -17.55
H36A A1A0P X . 18.61 -20.32 -17.33
H36B A1A0P X . 19.28 -19.08 -16.63
H37A A1A0P X . 20.37 -18.54 -18.68
H37B A1A0P X . 19.72 -19.81 -19.33
H38A A1A0P X . 17.59 -18.85 -19.18
H38B A1A0P X . 18.14 -17.68 -18.29
H39B A1A0P X . 18.18 -16.49 -20.06
H39A A1A0P X . 19.49 -17.25 -20.46
H40 A1A0P X . 17.43 -18.76 -21.40
H41 A1A0P X . 17.01 -17.63 -23.29
H42B A1A0P X . 17.30 -15.11 -22.65
H42A A1A0P X . 18.78 -15.58 -22.51
H43A A1A0P X . 19.10 -15.88 -24.67
H43B A1A0P X . 17.60 -16.26 -24.96
H44B A1A0P X . 16.99 -13.99 -25.01
H44A A1A0P X . 18.42 -13.58 -24.50
H45A A1A0P X . 19.33 -14.36 -26.56
H45B A1A0P X . 17.87 -14.63 -27.08
H46A A1A0P X . 17.42 -12.30 -27.07
H46B A1A0P X . 18.80 -12.02 -26.40
H47B A1A0P X . 19.94 -12.65 -28.34
H47A A1A0P X . 18.60 -13.05 -29.05
H48A A1A0P X . 18.01 -10.82 -29.40
H48C A1A0P X . 19.06 -10.31 -28.31
H48B A1A0P X . 19.58 -10.84 -29.70
C2 A1A0P Y . 21.83 -22.16 -8.81
O3 A1A0P Y . 21.44 -20.87 -9.34
C4 A1A0P Y . 21.61 -20.60 -10.64
C1 A1A0P Y . 23.04 -21.99 -7.92
O5 A1A0P Y . 22.09 -21.36 -11.43
O6 A1A0P Y . 23.97 -21.08 -8.58
C7 A1A0P Y . 21.13 -19.23 -10.96
C8 A1A0P Y . 22.66 -21.45 -6.56
O9 A1A0P Y . 21.95 -22.50 -5.87
O10 A1A0P Y . 22.95 -23.68 -3.98
C11 A1A0P Y . 24.34 -23.40 -4.31
C12 A1A0P Y . 24.77 -24.20 -5.50
N13 A1A0P Y . 25.72 -23.43 -6.34
P14 A1A0P Y . 21.81 -22.61 -4.29
O15 A1A0P Y . 22.16 -21.33 -3.64
O16 A1A0P Y . 20.50 -23.24 -3.99
C17 A1A0P Y . 24.71 -21.58 -9.58
O18 A1A0P Y . 24.67 -22.73 -9.94
C19 A1A0P Y . 25.61 -20.55 -10.17
C20 A1A0P Y . 25.47 -20.50 -11.68
C21 A1A0P Y . 26.53 -19.65 -12.40
C22 A1A0P Y . 27.58 -19.01 -11.51
C23 A1A0P Y . 28.57 -18.21 -12.28
C24 A1A0P Y . 28.24 -16.75 -12.35
C25 A1A0P Y . 28.90 -16.05 -13.50
C26 A1A0P Y . 27.94 -15.44 -14.47
C27 A1A0P Y . 27.32 -14.16 -13.97
C28 A1A0P Y . 28.11 -12.93 -14.35
C29 A1A0P Y . 27.82 -12.46 -15.76
C30 A1A0P Y . 28.41 -11.09 -16.05
C31 A1A0P Y . 28.94 -10.96 -17.45
C32 A1A0P Y . 29.85 -9.77 -17.62
C33 A1A0P Y . 29.65 -9.09 -18.94
C34 A1A0P Y . 22.23 -18.32 -11.46
C35 A1A0P Y . 23.10 -17.75 -10.36
C36 A1A0P Y . 24.45 -17.30 -10.85
C37 A1A0P Y . 24.52 -15.86 -11.26
C38 A1A0P Y . 23.90 -15.57 -12.61
C39 A1A0P Y . 24.66 -16.19 -13.76
C40 A1A0P Y . 23.93 -17.29 -14.43
C41 A1A0P Y . 23.63 -17.37 -15.71
C42 A1A0P Y . 23.93 -16.37 -16.77
C43 A1A0P Y . 25.41 -16.29 -17.10
C44 A1A0P Y . 25.93 -14.88 -17.22
C45 A1A0P Y . 26.15 -14.42 -18.63
C46 A1A0P Y . 24.90 -14.30 -19.47
C47 A1A0P Y . 24.00 -13.16 -19.06
C48 A1A0P Y . 22.76 -13.61 -18.35
H2A A1A0P Y . 21.09 -22.49 -8.27
H2B A1A0P Y . 22.02 -22.81 -9.51
H1 A1A0P Y . 23.43 -22.87 -7.79
H7A A1A0P Y . 20.39 -19.27 -11.60
H7B A1A0P Y . 20.77 -18.85 -10.13
H8B A1A0P Y . 23.47 -21.19 -6.08
H8A A1A0P Y . 22.08 -20.66 -6.63
H11B A1A0P Y . 24.49 -22.44 -4.42
H11A A1A0P Y . 24.85 -23.68 -3.53
H12A A1A0P Y . 24.01 -24.41 -6.07
H12B A1A0P Y . 25.22 -25.03 -5.23
H13A A1A0P Y . 25.32 -22.65 -6.48
H13C A1A0P Y . 26.46 -23.20 -5.94
H19B A1A0P Y . 25.40 -19.69 -9.76
H19A A1A0P Y . 26.51 -20.83 -9.92
H20B A1A0P Y . 25.53 -21.41 -12.03
H20A A1A0P Y . 24.60 -20.14 -11.88
H21B A1A0P Y . 27.00 -20.21 -13.05
H21A A1A0P Y . 26.08 -18.96 -12.90
H22A A1A0P Y . 27.13 -18.40 -10.87
H22B A1A0P Y . 28.03 -19.70 -11.00
H23A A1A0P Y . 29.46 -18.30 -11.87
H23B A1A0P Y . 28.64 -18.55 -13.19
H24A A1A0P Y . 27.27 -16.66 -12.41
H24B A1A0P Y . 28.51 -16.33 -11.51
H25A A1A0P Y . 29.49 -15.36 -13.16
H25B A1A0P Y . 29.46 -16.70 -13.98
H26B A1A0P Y . 28.40 -15.29 -15.32
H26A A1A0P Y . 27.24 -16.09 -14.68
H27B A1A0P Y . 26.44 -14.07 -14.39
H27A A1A0P Y . 27.17 -14.19 -13.01
H28A A1A0P Y . 27.92 -12.21 -13.73
H28B A1A0P Y . 29.06 -13.15 -14.27
H29B A1A0P Y . 28.17 -13.10 -16.40
H29A A1A0P Y . 26.85 -12.45 -15.87
H30B A1A0P Y . 27.72 -10.40 -15.87
H30A A1A0P Y . 29.15 -10.92 -15.44
H31B A1A0P Y . 28.19 -10.88 -18.06
H31A A1A0P Y . 29.42 -11.77 -17.69
H32B A1A0P Y . 29.66 -9.13 -16.90
H32A A1A0P Y . 30.79 -10.04 -17.53
H33A A1A0P Y . 28.75 -8.70 -18.99
H33B A1A0P Y . 29.75 -9.71 -19.68
H33C A1A0P Y . 30.31 -8.38 -19.05
H34A A1A0P Y . 21.88 -17.60 -12.03
H34B A1A0P Y . 22.82 -18.86 -12.04
H35A A1A0P Y . 22.64 -16.99 -9.96
H35B A1A0P Y . 23.21 -18.43 -9.67
H36A A1A0P Y . 25.13 -17.49 -10.18
H36B A1A0P Y . 24.67 -17.85 -11.62
H37A A1A0P Y . 24.10 -15.29 -10.58
H37B A1A0P Y . 25.46 -15.61 -11.29
H38A A1A0P Y . 22.98 -15.87 -12.64
H38B A1A0P Y . 23.90 -14.60 -12.77
H39B A1A0P Y . 24.85 -15.50 -14.42
H39A A1A0P Y . 25.52 -16.51 -13.43
H40 A1A0P Y . 23.67 -18.04 -13.85
H41 A1A0P Y . 23.14 -18.17 -16.02
H42B A1A0P Y . 23.41 -16.51 -17.58
H42A A1A0P Y . 23.65 -15.50 -16.42
H43A A1A0P Y . 25.89 -16.75 -16.38
H43B A1A0P Y . 25.58 -16.79 -17.93
H44B A1A0P Y . 25.34 -14.24 -16.75
H44A A1A0P Y . 26.79 -14.84 -16.78
H45A A1A0P Y . 26.58 -13.54 -18.59
H45B A1A0P Y . 26.79 -15.03 -19.07
H46A A1A0P Y . 25.13 -14.21 -20.41
H46B A1A0P Y . 24.39 -15.14 -19.40
H47B A1A0P Y . 24.51 -12.57 -18.46
H47A A1A0P Y . 23.77 -12.61 -19.84
H48A A1A0P Y . 22.49 -14.50 -18.65
H48C A1A0P Y . 22.93 -13.65 -17.38
H48B A1A0P Y . 22.03 -12.98 -18.50
C2 A1A0P Z . 53.28 6.24 -4.93
O3 A1A0P Z . 52.13 5.50 -4.46
C4 A1A0P Z . 51.05 5.43 -5.24
C1 A1A0P Z . 52.99 7.66 -4.53
O5 A1A0P Z . 51.00 5.84 -6.36
O6 A1A0P Z . 54.13 8.17 -3.75
C7 A1A0P Z . 49.97 4.71 -4.53
C8 A1A0P Z . 52.80 8.51 -5.75
O9 A1A0P Z . 54.07 8.88 -6.33
O10 A1A0P Z . 54.33 10.80 -4.93
C11 A1A0P Z . 53.23 11.54 -4.36
C12 A1A0P Z . 53.03 11.07 -2.96
N13 A1A0P Z . 54.27 11.14 -2.18
P14 A1A0P Z . 54.45 10.43 -6.47
O15 A1A0P Z . 55.87 10.54 -6.88
O16 A1A0P Z . 53.41 11.10 -7.26
C17 A1A0P Z . 54.26 7.99 -2.42
O18 A1A0P Z . 55.19 8.40 -1.78
C19 A1A0P Z . 53.13 7.22 -1.77
C20 A1A0P Z . 51.86 8.00 -1.47
C21 A1A0P Z . 50.62 7.09 -1.55
C22 A1A0P Z . 50.28 6.30 -0.28
C23 A1A0P Z . 48.79 6.10 0.01
C24 A1A0P Z . 48.40 4.70 0.47
C25 A1A0P Z . 47.10 4.60 1.30
C26 A1A0P Z . 46.01 3.73 0.68
C27 A1A0P Z . 46.01 2.25 1.06
C28 A1A0P Z . 45.15 1.94 2.25
C29 A1A0P Z . 44.67 0.51 2.30
C30 A1A0P Z . 43.68 0.29 3.42
C31 A1A0P Z . 42.25 0.52 2.98
C32 A1A0P Z . 41.24 0.68 4.09
C33 A1A0P Z . 41.49 1.88 4.95
C34 A1A0P Z . 48.58 5.22 -4.85
C35 A1A0P Z . 47.76 5.54 -3.62
C36 A1A0P Z . 47.24 4.34 -2.91
C37 A1A0P Z . 46.03 3.72 -3.57
C38 A1A0P Z . 44.87 3.47 -2.63
C39 A1A0P Z . 44.22 4.75 -2.11
C40 A1A0P Z . 42.83 4.59 -1.58
C41 A1A0P Z . 42.28 3.50 -1.09
C42 A1A0P Z . 40.87 3.36 -0.57
C43 A1A0P Z . 40.70 3.79 0.88
C44 A1A0P Z . 41.91 4.03 1.74
C45 A1A0P Z . 41.49 4.75 3.00
C46 A1A0P Z . 42.58 5.38 3.85
C47 A1A0P Z . 44.02 4.96 3.71
C48 A1A0P Z . 44.41 3.97 4.75
H2A A1A0P Z . 54.07 5.93 -4.45
H2B A1A0P Z . 53.41 6.15 -5.90
H1 A1A0P Z . 52.15 7.68 -4.06
H7A A1A0P Z . 50.02 3.75 -4.71
H7B A1A0P Z . 50.13 4.83 -3.57
H8B A1A0P Z . 52.28 8.02 -6.42
H8A A1A0P Z . 52.29 9.32 -5.54
H11B A1A0P Z . 53.38 12.50 -4.44
H11A A1A0P Z . 52.43 11.32 -4.88
H12A A1A0P Z . 52.71 10.15 -2.94
H12B A1A0P Z . 52.36 11.60 -2.50
H13A A1A0P Z . 54.90 10.78 -2.69
H13C A1A0P Z . 54.57 11.97 -2.04
H19B A1A0P Z . 52.95 6.38 -2.23
H19A A1A0P Z . 53.49 6.96 -0.89
H20B A1A0P Z . 51.74 8.70 -2.16
H20A A1A0P Z . 51.92 8.42 -0.59
H21B A1A0P Z . 49.82 7.62 -1.77
H21A A1A0P Z . 50.73 6.46 -2.30
H22A A1A0P Z . 50.71 5.42 -0.33
H22B A1A0P Z . 50.70 6.77 0.47
H23A A1A0P Z . 48.27 6.33 -0.79
H23B A1A0P Z . 48.49 6.73 0.70
H24A A1A0P Z . 49.14 4.34 1.00
H24B A1A0P Z . 48.32 4.13 -0.32
H25A A1A0P Z . 46.75 5.49 1.45
H25B A1A0P Z . 47.32 4.22 2.19
H26B A1A0P Z . 45.14 4.13 0.87
H26A A1A0P Z . 46.12 3.78 -0.29
H27B A1A0P Z . 46.94 1.98 1.27
H27A A1A0P Z . 45.73 1.70 0.30
H28A A1A0P Z . 44.38 2.53 2.25
H28B A1A0P Z . 45.66 2.15 3.06
H29B A1A0P Z . 44.26 0.26 1.45
H29A A1A0P Z . 45.45 -0.06 2.42
H30B A1A0P Z . 43.77 -0.62 3.78
H30A A1A0P Z . 43.88 0.90 4.14
H31B A1A0P Z . 42.01 -0.22 2.40
H31A A1A0P Z . 42.23 1.31 2.41
H32B A1A0P Z . 41.27 -0.13 4.64
H32A A1A0P Z . 40.35 0.75 3.70
H33A A1A0P Z . 41.86 1.63 5.83
H33B A1A0P Z . 42.13 2.49 4.53
H33C A1A0P Z . 40.67 2.39 5.11
H34A A1A0P Z . 48.09 4.60 -5.43
H34B A1A0P Z . 48.65 6.05 -5.36
H35A A1A0P Z . 48.33 6.05 -2.99
H35B A1A0P Z . 47.02 6.13 -3.86
H36A A1A0P Z . 47.94 3.67 -2.81
H36B A1A0P Z . 46.99 4.61 -2.00
H37A A1A0P Z . 45.72 4.29 -4.30
H37B A1A0P Z . 46.31 2.88 -3.98
H38A A1A0P Z . 44.19 2.94 -3.10
H38B A1A0P Z . 45.17 2.93 -1.86
H39B A1A0P Z . 44.76 5.11 -1.38
H39A A1A0P Z . 44.25 5.43 -2.82
H40 A1A0P Z . 42.27 5.40 -1.61
H41 A1A0P Z . 42.82 2.69 -1.04
H42B A1A0P Z . 40.24 3.84 -1.14
H42A A1A0P Z . 40.64 2.41 -0.64
H43A A1A0P Z . 40.17 3.11 1.32
H43B A1A0P Z . 40.20 4.63 0.85
H44B A1A0P Z . 42.37 3.21 1.97
H44A A1A0P Z . 42.55 4.59 1.27
H45A A1A0P Z . 40.89 5.47 2.73
H45B A1A0P Z . 40.95 4.14 3.55
H46A A1A0P Z . 42.33 5.24 4.79
H46B A1A0P Z . 42.54 6.34 3.72
H47B A1A0P Z . 44.21 4.60 2.83
H47A A1A0P Z . 44.60 5.74 3.80
H48A A1A0P Z . 44.01 4.20 5.61
H48C A1A0P Z . 45.39 3.94 4.84
H48B A1A0P Z . 44.12 3.07 4.50
C2 A1A0P AA . 50.50 15.19 0.87
O3 A1A0P AA . 51.63 14.95 0.01
C4 A1A0P AA . 52.12 13.71 -0.22
C1 A1A0P AA . 50.79 15.37 2.39
O5 A1A0P AA . 53.06 13.52 -0.95
O6 A1A0P AA . 49.65 14.68 2.99
C7 A1A0P AA . 51.42 12.61 0.53
C8 A1A0P AA . 52.09 14.85 2.97
O9 A1A0P AA . 53.24 15.00 2.10
O10 A1A0P AA . 52.60 17.29 1.35
C11 A1A0P AA . 52.57 18.72 1.60
C12 A1A0P AA . 53.63 19.40 0.78
N13 A1A0P AA . 54.82 19.72 1.61
P14 A1A0P AA . 53.88 16.39 1.68
O15 A1A0P AA . 54.65 16.20 0.42
O16 A1A0P AA . 54.57 16.93 2.86
C17 A1A0P AA . 48.46 15.27 2.95
O18 A1A0P AA . 48.28 16.41 2.60
C19 A1A0P AA . 47.37 14.36 3.38
C20 A1A0P AA . 46.77 13.66 2.17
C21 A1A0P AA . 45.39 13.06 2.35
C22 A1A0P AA . 44.91 12.88 3.78
C23 A1A0P AA . 45.67 11.86 4.57
C24 A1A0P AA . 45.61 12.06 6.05
C25 A1A0P AA . 44.79 11.01 6.74
C26 A1A0P AA . 45.59 10.15 7.70
C27 A1A0P AA . 46.51 9.17 7.00
C28 A1A0P AA . 45.83 8.08 6.21
C29 A1A0P AA . 44.99 7.12 7.02
C30 A1A0P AA . 43.57 7.04 6.53
C31 A1A0P AA . 42.67 8.16 6.96
C32 A1A0P AA . 42.42 8.33 8.43
C33 A1A0P AA . 42.12 9.73 8.87
C34 A1A0P AA . 52.09 11.24 0.44
C35 A1A0P AA . 51.98 10.49 1.75
C36 A1A0P AA . 50.56 10.21 2.20
C37 A1A0P AA . 49.86 9.20 1.33
C38 A1A0P AA . 48.91 9.79 0.31
C39 A1A0P AA . 47.50 10.04 0.83
C40 A1A0P AA . 47.45 10.16 2.31
C41 A1A0P AA . 47.08 9.23 3.17
C42 A1A0P AA . 46.55 7.89 2.83
C43 A1A0P AA . 45.13 8.02 2.33
C44 A1A0P AA . 44.85 7.24 1.06
C45 A1A0P AA . 43.74 7.81 0.22
C46 A1A0P AA . 42.38 7.62 0.84
C47 A1A0P AA . 42.08 8.59 1.96
C48 A1A0P AA . 40.67 8.60 2.28
H2A A1A0P AA . 50.14 16.05 0.57
H2B A1A0P AA . 49.80 14.52 0.73
H1 A1A0P AA . 50.72 16.33 2.60
H7A A1A0P AA . 51.34 12.81 1.48
H7B A1A0P AA . 50.51 12.53 0.20
H8B A1A0P AA . 52.26 15.32 3.81
H8A A1A0P AA . 52.00 13.90 3.18
H11B A1A0P AA . 51.67 19.07 1.43
H11A A1A0P AA . 52.76 18.84 2.55
H12A A1A0P AA . 53.31 20.26 0.43
H12B A1A0P AA . 53.92 18.84 0.04
H13A A1A0P AA . 54.53 20.25 2.25
H13C A1A0P AA . 55.14 19.03 2.06
H19B A1A0P AA . 47.73 13.71 4.03
H19A A1A0P AA . 46.68 14.91 3.81
H20B A1A0P AA . 47.39 12.97 1.88
H20A A1A0P AA . 46.73 14.33 1.46
H21B A1A0P AA . 45.35 12.18 1.92
H21A A1A0P AA . 44.74 13.63 1.89
H22A A1A0P AA . 44.91 13.74 4.25
H22B A1A0P AA . 43.97 12.62 3.72
H23A A1A0P AA . 45.31 10.97 4.36
H23B A1A0P AA . 46.61 11.83 4.30
H24A A1A0P AA . 46.50 12.06 6.42
H24B A1A0P AA . 45.22 12.95 6.21
H25A A1A0P AA . 44.36 10.45 6.08
H25B A1A0P AA . 44.06 11.44 7.24
H26B A1A0P AA . 46.09 10.74 8.30
H26A A1A0P AA . 44.97 9.65 8.27
H27B A1A0P AA . 47.09 9.67 6.40
H27A A1A0P AA . 47.12 8.76 7.67
H28A A1A0P AA . 45.27 8.49 5.51
H28B A1A0P AA . 46.52 7.58 5.73
H29B A1A0P AA . 45.39 6.23 7.00
H29A A1A0P AA . 45.02 7.41 7.96
H30B A1A0P AA . 43.61 7.05 5.56
H30A A1A0P AA . 43.17 6.19 6.80
H31B A1A0P AA . 43.09 8.97 6.62
H31A A1A0P AA . 41.82 8.07 6.50
H32B A1A0P AA . 41.66 7.77 8.68
H32A A1A0P AA . 43.20 8.00 8.93
H33A A1A0P AA . 41.23 10.01 8.57
H33B A1A0P AA . 42.13 9.82 9.84
H33C A1A0P AA . 42.77 10.36 8.51
H34A A1A0P AA . 53.03 11.29 0.19
H34B A1A0P AA . 51.64 10.73 -0.26
H35A A1A0P AA . 52.45 9.63 1.64
H35B A1A0P AA . 52.45 10.98 2.44
H36A A1A0P AA . 50.57 9.88 3.12
H36B A1A0P AA . 50.06 11.04 2.21
H37A A1A0P AA . 50.57 8.76 0.83
H37B A1A0P AA . 49.46 8.50 1.87
H38A A1A0P AA . 49.28 10.64 -0.01
H38B A1A0P AA . 48.83 9.20 -0.45
H39B A1A0P AA . 46.93 9.30 0.54
H39A A1A0P AA . 47.13 10.85 0.41
H40 A1A0P AA . 47.75 11.02 2.68
H41 A1A0P AA . 47.15 9.43 4.12
H42B A1A0P AA . 46.61 7.26 3.57
H42A A1A0P AA . 47.10 7.53 2.11
H43A A1A0P AA . 44.55 7.70 3.04
H43B A1A0P AA . 44.93 8.96 2.19
H44B A1A0P AA . 45.66 7.18 0.50
H44A A1A0P AA . 44.60 6.33 1.31
H45A A1A0P AA . 43.90 8.76 0.08
H45B A1A0P AA . 43.76 7.37 -0.65
H46A A1A0P AA . 41.68 7.69 0.16
H46B A1A0P AA . 42.33 6.72 1.21
H47B A1A0P AA . 42.55 8.32 2.77
H47A A1A0P AA . 42.40 9.48 1.74
H48A A1A0P AA . 40.45 9.32 2.88
H48C A1A0P AA . 40.16 8.70 1.45
H48B A1A0P AA . 40.43 7.74 2.69
C2 A1A0P BA . 19.97 15.30 -19.13
O3 A1A0P BA . 18.57 15.61 -19.10
C4 A1A0P BA . 17.72 14.79 -19.73
C1 A1A0P BA . 20.61 16.06 -18.00
O5 A1A0P BA . 18.06 13.82 -20.36
O6 A1A0P BA . 19.60 16.21 -16.95
C7 A1A0P BA . 16.31 15.24 -19.56
C8 A1A0P BA . 21.76 15.29 -17.41
O9 A1A0P BA . 22.66 14.87 -18.46
O10 A1A0P BA . 23.04 15.95 -20.61
C11 A1A0P BA . 23.31 17.07 -21.47
C12 A1A0P BA . 24.79 17.22 -21.72
N13 A1A0P BA . 25.04 17.95 -22.98
P14 A1A0P BA . 23.69 15.87 -19.14
O15 A1A0P BA . 23.64 17.20 -18.50
O16 A1A0P BA . 24.99 15.16 -19.26
C17 A1A0P BA . 19.10 17.42 -16.70
O18 A1A0P BA . 19.48 18.44 -17.24
C19 A1A0P BA . 18.03 17.36 -15.66
C20 A1A0P BA . 16.82 18.18 -16.04
C21 A1A0P BA . 16.19 17.72 -17.34
C22 A1A0P BA . 14.86 18.37 -17.63
C23 A1A0P BA . 13.66 17.46 -17.33
C24 A1A0P BA . 13.51 16.98 -15.87
C25 A1A0P BA . 12.25 16.13 -15.56
C26 A1A0P BA . 12.28 15.55 -14.20
C27 A1A0P BA . 11.53 14.27 -14.14
C28 A1A0P BA . 10.78 14.04 -12.79
C29 A1A0P BA . 11.02 12.69 -12.07
C30 A1A0P BA . 10.28 12.48 -10.71
C31 A1A0P BA . 10.58 11.06 -10.02
C32 A1A0P BA . 10.80 9.72 -10.87
C33 A1A0P BA . 11.05 8.21 -10.14
C34 A1A0P BA . 15.87 15.30 -18.10
C35 A1A0P BA . 16.29 14.11 -17.26
C36 A1A0P BA . 15.79 12.77 -17.76
C37 A1A0P BA . 16.66 11.60 -17.38
C38 A1A0P BA . 16.86 11.43 -15.88
C39 A1A0P BA . 15.59 11.42 -15.06
C40 A1A0P BA . 14.47 10.61 -15.64
C41 A1A0P BA . 14.48 9.34 -15.97
C42 A1A0P BA . 15.64 8.41 -15.83
C43 A1A0P BA . 15.20 6.97 -15.61
C44 A1A0P BA . 14.53 6.78 -14.27
C45 A1A0P BA . 13.02 6.63 -14.37
C46 A1A0P BA . 12.57 5.18 -14.29
C47 A1A0P BA . 13.05 4.34 -15.45
C48 A1A0P BA . 12.20 3.12 -15.65
H2A A1A0P BA . 20.12 14.35 -18.98
H2B A1A0P BA . 20.34 15.58 -20.00
H1 A1A0P BA . 20.94 16.90 -18.37
H7A A1A0P BA . 16.19 16.12 -19.98
H7B A1A0P BA . 15.74 14.61 -20.05
H8B A1A0P BA . 22.22 15.84 -16.74
H8A A1A0P BA . 21.43 14.49 -16.95
H11B A1A0P BA . 22.79 17.00 -22.30
H11A A1A0P BA . 22.99 17.86 -21.00
H12A A1A0P BA . 25.22 16.34 -21.82
H12B A1A0P BA . 25.22 17.71 -20.99
H13A A1A0P BA . 24.65 17.49 -23.62
H13C A1A0P BA . 24.65 18.74 -23.04
H19B A1A0P BA . 17.77 16.42 -15.56
H19A A1A0P BA . 18.40 17.69 -14.82
H20B A1A0P BA . 17.07 19.12 -16.13
H20A A1A0P BA . 16.16 18.11 -15.32
H21B A1A0P BA . 16.80 17.89 -18.09
H21A A1A0P BA . 16.07 16.75 -17.28
H22A A1A0P BA . 14.79 19.18 -17.08
H22B A1A0P BA . 14.86 18.65 -18.56
H23A A1A0P BA . 12.84 17.94 -17.56
H23B A1A0P BA . 13.68 16.67 -17.90
H24A A1A0P BA . 14.30 16.46 -15.63
H24B A1A0P BA . 13.51 17.79 -15.30
H25A A1A0P BA . 11.45 16.67 -15.67
H25B A1A0P BA . 12.21 15.40 -16.21
H26B A1A0P BA . 13.21 15.43 -13.91
H26A A1A0P BA . 11.88 16.18 -13.56
H27B A1A0P BA . 10.87 14.28 -14.87
H27A A1A0P BA . 12.13 13.52 -14.33
H28A A1A0P BA . 11.01 14.76 -12.18
H28B A1A0P BA . 9.81 14.13 -12.95
H29B A1A0P BA . 10.80 11.95 -12.67
H29A A1A0P BA . 11.99 12.62 -11.93
H30B A1A0P BA . 10.50 13.20 -10.10
H30A A1A0P BA . 9.32 12.53 -10.87
H31B A1A0P BA . 11.37 11.19 -9.46
H31A A1A0P BA . 9.85 10.89 -9.39
H32B A1A0P BA . 10.02 9.62 -11.45
H32A A1A0P BA . 11.56 9.86 -11.47
H33A A1A0P BA . 10.43 8.08 -9.39
H33B A1A0P BA . 10.93 7.47 -10.76
H33C A1A0P BA . 11.96 8.15 -9.78
H34A A1A0P BA . 14.91 15.44 -18.02
H34B A1A0P BA . 16.29 16.10 -17.70
H35A A1A0P BA . 17.27 14.06 -17.17
H35B A1A0P BA . 15.96 14.24 -16.34
H36A A1A0P BA . 14.87 12.63 -17.47
H36B A1A0P BA . 15.74 12.79 -18.75
H37A A1A0P BA . 16.31 10.77 -17.76
H37B A1A0P BA . 17.53 11.75 -17.80
H38A A1A0P BA . 17.36 10.62 -15.71
H38B A1A0P BA . 17.41 12.18 -15.54
H39B A1A0P BA . 15.79 11.01 -14.18
H39A A1A0P BA . 15.30 12.34 -14.86
H40 A1A0P BA . 13.64 11.11 -15.81
H41 A1A0P BA . 13.67 8.93 -16.32
H42B A1A0P BA . 16.25 8.47 -16.60
H42A A1A0P BA . 16.16 8.68 -15.05
H43A A1A0P BA . 14.56 6.75 -16.31
H43B A1A0P BA . 15.97 6.38 -15.70
H44B A1A0P BA . 14.89 6.00 -13.81
H44A A1A0P BA . 14.72 7.56 -13.71
H45A A1A0P BA . 12.62 7.12 -13.63
H45B A1A0P BA . 12.72 7.02 -15.20
H46A A1A0P BA . 12.87 4.78 -13.45
H46B A1A0P BA . 11.59 5.16 -14.28
H47B A1A0P BA . 13.03 4.89 -16.26
H47A A1A0P BA . 13.98 4.09 -15.31
H48A A1A0P BA . 12.14 2.60 -14.83
H48C A1A0P BA . 11.30 3.38 -15.93
H48B A1A0P BA . 12.57 2.57 -16.36
C2 A1A0P CA . -20.74 18.48 -50.69
O3 A1A0P CA . -20.37 17.08 -50.63
C4 A1A0P CA . -19.62 16.66 -49.61
C1 A1A0P CA . -21.96 18.63 -49.83
O5 A1A0P CA . -19.16 17.37 -48.76
O6 A1A0P CA . -21.53 19.08 -48.50
C7 A1A0P CA . -19.42 15.18 -49.67
C8 A1A0P CA . -22.90 19.67 -50.37
O9 A1A0P CA . -24.19 19.47 -49.76
O10 A1A0P CA . -25.36 21.11 -48.37
C11 A1A0P CA . -26.00 20.31 -47.34
C12 A1A0P CA . -27.49 20.37 -47.49
N13 A1A0P CA . -27.89 20.32 -48.92
P14 A1A0P CA . -25.33 20.59 -49.88
O15 A1A0P CA . -24.86 21.67 -50.78
O16 A1A0P CA . -26.61 19.92 -50.16
C17 A1A0P CA . -21.91 18.47 -47.35
O18 A1A0P CA . -21.78 18.97 -46.27
C19 A1A0P CA . -22.49 17.09 -47.54
C20 A1A0P CA . -22.54 16.30 -46.26
C21 A1A0P CA . -22.83 14.83 -46.48
C22 A1A0P CA . -22.07 13.93 -45.53
C23 A1A0P CA . -22.54 12.50 -45.55
C24 A1A0P CA . -21.82 11.61 -44.55
C25 A1A0P CA . -22.73 10.83 -43.64
C26 A1A0P CA . -22.25 9.42 -43.38
C27 A1A0P CA . -22.99 8.69 -42.28
C28 A1A0P CA . -22.91 7.19 -42.40
C29 A1A0P CA . -23.83 6.42 -41.49
C30 A1A0P CA . -23.28 5.07 -41.06
C31 A1A0P CA . -24.05 3.88 -41.61
C32 A1A0P CA . -25.41 3.67 -40.98
C33 A1A0P CA . -25.83 2.19 -40.91
C34 A1A0P CA . -19.73 14.51 -48.33
C35 A1A0P CA . -20.26 13.10 -48.48
C36 A1A0P CA . -19.62 12.12 -47.54
C37 A1A0P CA . -20.13 10.71 -47.65
C38 A1A0P CA . -19.40 9.74 -46.75
C39 A1A0P CA . -20.26 8.58 -46.30
C40 A1A0P CA . -19.73 7.96 -45.05
C41 A1A0P CA . -20.08 6.79 -44.54
C42 A1A0P CA . -21.11 5.87 -45.09
C43 A1A0P CA . -21.54 4.82 -44.08
C44 A1A0P CA . -20.99 3.45 -44.34
C45 A1A0P CA . -21.46 2.45 -43.31
C46 A1A0P CA . -20.69 1.16 -43.32
C47 A1A0P CA . -21.41 0.05 -42.60
C48 A1A0P CA . -20.48 -0.87 -41.88
H2A A1A0P CA . -20.02 19.06 -50.36
H2B A1A0P CA . -20.96 18.70 -51.62
H1 A1A0P CA . -22.41 17.77 -49.89
H7A A1A0P CA . -19.97 14.79 -50.37
H7B A1A0P CA . -18.48 15.01 -49.90
H8B A1A0P CA . -22.56 20.56 -50.15
H8A A1A0P CA . -23.00 19.59 -51.33
H11B A1A0P CA . -25.64 19.40 -47.34
H11A A1A0P CA . -25.74 20.73 -46.49
H12A A1A0P CA . -27.87 21.20 -47.13
H12B A1A0P CA . -27.92 19.61 -47.04
H13A A1A0P CA . -27.14 20.35 -49.38
H13C A1A0P CA . -28.24 19.55 -49.17
H19B A1A0P CA . -23.39 17.18 -47.92
H19A A1A0P CA . -21.93 16.58 -48.16
H20B A1A0P CA . -21.67 16.36 -45.81
H20A A1A0P CA . -23.21 16.69 -45.66
H21B A1A0P CA . -23.79 14.66 -46.36
H21A A1A0P CA . -22.61 14.60 -47.39
H22A A1A0P CA . -21.13 13.96 -45.76
H22B A1A0P CA . -22.15 14.30 -44.62
H23A A1A0P CA . -23.50 12.47 -45.35
H23B A1A0P CA . -22.44 12.12 -46.44
H24A A1A0P CA . -21.24 10.98 -45.03
H24B A1A0P CA . -21.22 12.19 -44.02
H25A A1A0P CA . -22.83 11.30 -42.79
H25B A1A0P CA . -23.62 10.78 -44.04
H26B A1A0P CA . -22.32 8.91 -44.22
H26A A1A0P CA . -21.30 9.44 -43.16
H27B A1A0P CA . -22.61 8.96 -41.42
H27A A1A0P CA . -23.93 8.98 -42.27
H28A A1A0P CA . -23.11 6.95 -43.33
H28B A1A0P CA . -21.98 6.93 -42.24
H29B A1A0P CA . -24.05 6.96 -40.70
H29A A1A0P CA . -24.67 6.29 -41.97
H30B A1A0P CA . -22.34 5.01 -41.31
H30A A1A0P CA . -23.33 5.01 -40.08
H31B A1A0P CA . -24.15 4.01 -42.58
H31A A1A0P CA . -23.51 3.07 -41.48
H32B A1A0P CA . -25.39 4.02 -40.07
H32A A1A0P CA . -26.09 4.16 -41.47
H33A A1A0P CA . -25.46 1.75 -40.12
H33B A1A0P CA . -25.52 1.70 -41.70
H33C A1A0P CA . -26.80 2.12 -40.87
H34A A1A0P CA . -18.96 14.51 -47.73
H34B A1A0P CA . -20.41 15.04 -47.89
H35A A1A0P CA . -21.22 13.10 -48.31
H35B A1A0P CA . -20.13 12.80 -49.40
H36A A1A0P CA . -18.64 12.12 -47.67
H36B A1A0P CA . -19.76 12.43 -46.62
H37A A1A0P CA . -21.09 10.69 -47.45
H37B A1A0P CA . -20.04 10.45 -48.59
H38A A1A0P CA . -18.61 9.40 -47.20
H38B A1A0P CA . -19.12 10.22 -45.95
H39B A1A0P CA . -21.16 8.92 -46.08
H39A A1A0P CA . -20.37 7.94 -47.02
H40 A1A0P CA . -19.04 8.48 -44.58
H41 A1A0P CA . -19.65 6.50 -43.72
H42B A1A0P CA . -21.89 6.36 -45.42
H42A A1A0P CA . -20.71 5.41 -45.86
H43A A1A0P CA . -21.21 5.12 -43.21
H43B A1A0P CA . -22.51 4.79 -44.04
H44B A1A0P CA . -21.24 3.13 -45.23
H44A A1A0P CA . -20.01 3.48 -44.30
H45A A1A0P CA . -21.36 2.87 -42.43
H45B A1A0P CA . -22.41 2.28 -43.44
H46A A1A0P CA . -20.50 0.88 -44.24
H46B A1A0P CA . -19.83 1.30 -42.89
H47B A1A0P CA . -22.03 0.46 -41.95
H47A A1A0P CA . -21.97 -0.44 -43.22
H48A A1A0P CA . -20.00 -0.40 -41.18
H48C A1A0P CA . -19.84 -1.26 -42.51
H48B A1A0P CA . -20.97 -1.62 -41.48
CU CU DA . -1.78 -34.83 -14.28
CU CU EA . -4.62 -34.25 6.97
C2 A1A0P FA . 10.41 14.58 28.68
O3 A1A0P FA . 11.82 14.63 28.37
C4 A1A0P FA . 12.54 15.65 28.85
C1 A1A0P FA . 9.86 13.29 28.16
O5 A1A0P FA . 12.08 16.55 29.50
O6 A1A0P FA . 10.50 12.97 26.88
C7 A1A0P FA . 13.98 15.53 28.45
C8 A1A0P FA . 10.17 12.13 29.08
O9 A1A0P FA . 9.07 11.85 29.99
O10 A1A0P FA . 10.32 11.34 31.89
C11 A1A0P FA . 11.53 10.64 32.36
C12 A1A0P FA . 12.61 10.61 31.30
N13 A1A0P FA . 13.77 9.75 31.71
P14 A1A0P FA . 9.12 10.65 31.07
O15 A1A0P FA . 7.95 10.59 31.99
O16 A1A0P FA . 9.91 9.45 30.73
C17 A1A0P FA . 10.18 13.70 25.79
O18 A1A0P FA . 9.40 14.61 25.80
C19 A1A0P FA . 10.93 13.21 24.59
C20 A1A0P FA . 11.78 14.29 23.94
C21 A1A0P FA . 11.05 15.01 22.83
C22 A1A0P FA . 11.35 14.46 21.45
C23 A1A0P FA . 12.47 15.19 20.73
C24 A1A0P FA . 13.79 14.47 20.75
C25 A1A0P FA . 14.84 15.19 19.94
C26 A1A0P FA . 14.98 14.69 18.53
C27 A1A0P FA . 16.02 15.46 17.73
C28 A1A0P FA . 15.43 16.48 16.78
C29 A1A0P FA . 14.93 17.74 17.44
C30 A1A0P FA . 16.04 18.72 17.77
C31 A1A0P FA . 16.16 19.87 16.79
C32 A1A0P FA . 17.53 20.00 16.17
C33 A1A0P FA . 17.91 21.44 15.83
C34 A1A0P FA . 14.58 16.82 27.93
C35 A1A0P FA . 15.20 16.65 26.57
C36 A1A0P FA . 16.63 16.19 26.56
C37 A1A0P FA . 17.51 17.06 25.69
C38 A1A0P FA . 17.93 18.34 26.37
C39 A1A0P FA . 17.44 19.57 25.63
C40 A1A0P FA . 16.20 20.11 26.25
C41 A1A0P FA . 15.33 20.91 25.67
C42 A1A0P FA . 15.37 21.42 24.27
C43 A1A0P FA . 16.56 22.33 23.94
C44 A1A0P FA . 17.04 23.21 25.07
C45 A1A0P FA . 17.47 24.59 24.62
C46 A1A0P FA . 18.73 24.60 23.77
C47 A1A0P FA . 18.49 25.08 22.36
C48 A1A0P FA . 18.22 23.96 21.41
H2A A1A0P FA . 9.96 15.35 28.26
H2B A1A0P FA . 10.30 14.62 29.65
H1 A1A0P FA . 8.90 13.39 28.06
H7A A1A0P FA . 14.51 15.19 29.21
H7B A1A0P FA . 14.01 14.84 27.74
H8B A1A0P FA . 10.37 11.34 28.54
H8A A1A0P FA . 10.96 12.33 29.61
H11B A1A0P FA . 11.86 11.09 33.17
H11A A1A0P FA . 11.30 9.73 32.64
H12A A1A0P FA . 12.98 11.50 31.14
H12B A1A0P FA . 12.29 10.26 30.45
H13A A1A0P FA . 13.42 8.98 31.96
H13C A1A0P FA . 14.31 9.52 31.05
H19B A1A0P FA . 11.49 12.45 24.85
H19A A1A0P FA . 10.26 12.91 23.94
H20B A1A0P FA . 12.58 13.87 23.55
H20A A1A0P FA . 12.06 14.92 24.64
H21B A1A0P FA . 10.09 14.93 22.99
H21A A1A0P FA . 11.27 15.96 22.86
H22A A1A0P FA . 11.60 13.51 21.54
H22B A1A0P FA . 10.53 14.49 20.92
H23A A1A0P FA . 12.21 15.34 19.81
H23B A1A0P FA . 12.60 16.08 21.13
H24A A1A0P FA . 14.09 14.39 21.68
H24B A1A0P FA . 13.66 13.57 20.39
H25A A1A0P FA . 14.61 16.14 19.90
H25B A1A0P FA . 15.70 15.14 20.39
H26B A1A0P FA . 14.11 14.74 18.09
H26A A1A0P FA . 15.23 13.74 18.54
H27B A1A0P FA . 16.59 15.93 18.38
H27A A1A0P FA . 16.61 14.83 17.26
H28A A1A0P FA . 16.12 16.73 16.13
H28B A1A0P FA . 14.71 16.06 16.28
H29B A1A0P FA . 14.27 18.18 16.87
H29A A1A0P FA . 14.45 17.50 18.26
H30B A1A0P FA . 15.93 19.06 18.69
H30A A1A0P FA . 16.90 18.24 17.74
H31B A1A0P FA . 15.93 20.70 17.26
H31A A1A0P FA . 15.48 19.76 16.09
H32B A1A0P FA . 18.18 19.63 16.79
H32A A1A0P FA . 17.56 19.46 15.35
H33A A1A0P FA . 17.19 22.05 16.06
H33B A1A0P FA . 18.72 21.71 16.32
H33C A1A0P FA . 18.10 21.52 14.88
H34A A1A0P FA . 15.24 17.20 28.55
H34B A1A0P FA . 13.87 17.48 27.83
H35A A1A0P FA . 14.66 16.02 26.05
H35B A1A0P FA . 15.16 17.50 26.11
H36A A1A0P FA . 16.98 16.20 27.48
H36B A1A0P FA . 16.67 15.26 26.26
H37A A1A0P FA . 18.30 16.57 25.38
H37B A1A0P FA . 16.98 17.26 24.89
H38A A1A0P FA . 17.56 18.35 27.28
H38B A1A0P FA . 18.90 18.39 26.44
H39B A1A0P FA . 18.12 20.26 25.68
H39A A1A0P FA . 17.32 19.37 24.68
H40 A1A0P FA . 16.02 19.83 27.17
H41 A1A0P FA . 14.57 21.23 26.20
H42B A1A0P FA . 15.33 20.68 23.63
H42A A1A0P FA . 14.56 21.94 24.12
H43A A1A0P FA . 17.30 21.75 23.65
H43B A1A0P FA . 16.31 22.88 23.17
H44B A1A0P FA . 16.36 23.33 25.76
H44A A1A0P FA . 17.81 22.77 25.49
H45A A1A0P FA . 17.61 25.13 25.42
H45B A1A0P FA . 16.73 24.99 24.12
H46A A1A0P FA . 19.41 25.16 24.19
H46B A1A0P FA . 19.09 23.70 23.75
H47B A1A0P FA . 17.72 25.70 22.36
H47A A1A0P FA . 19.24 25.62 22.05
H48A A1A0P FA . 18.60 24.15 20.52
H48C A1A0P FA . 17.25 23.82 21.32
H48B A1A0P FA . 18.59 23.13 21.75
C2 A1A0P GA . 8.39 23.75 -15.26
O3 A1A0P GA . 8.03 24.75 -14.28
C4 A1A0P GA . 8.36 24.65 -12.97
C1 A1A0P GA . 7.72 24.08 -16.58
O5 A1A0P GA . 8.28 25.60 -12.24
O6 A1A0P GA . 6.56 23.22 -16.58
C7 A1A0P GA . 8.93 23.33 -12.53
C8 A1A0P GA . 7.18 25.48 -16.74
O9 A1A0P GA . 6.34 25.51 -17.91
O10 A1A0P GA . 8.11 25.08 -19.56
C11 A1A0P GA . 9.41 25.62 -19.90
C12 A1A0P GA . 10.21 25.85 -18.65
N13 A1A0P GA . 9.86 27.15 -18.01
P14 A1A0P GA . 6.85 26.03 -19.34
O15 A1A0P GA . 7.23 27.46 -19.21
O16 A1A0P GA . 5.83 25.64 -20.34
C17 A1A0P GA . 6.25 22.52 -17.67
O18 A1A0P GA . 6.84 22.57 -18.72
C19 A1A0P GA . 5.08 21.62 -17.38
C20 A1A0P GA . 5.21 20.88 -16.04
C21 A1A0P GA . 4.95 21.74 -14.80
C22 A1A0P GA . 4.26 21.01 -13.66
C23 A1A0P GA . 4.46 21.68 -12.32
C24 A1A0P GA . 3.21 21.77 -11.49
C25 A1A0P GA . 3.47 21.94 -10.01
C26 A1A0P GA . 2.74 20.93 -9.15
C27 A1A0P GA . 1.35 21.35 -8.80
C28 A1A0P GA . 0.71 20.22 -8.16
C29 A1A0P GA . 0.44 20.38 -6.68
C30 A1A0P GA . 1.65 20.10 -5.82
C31 A1A0P GA . 1.98 18.63 -5.69
C32 A1A0P GA . 2.89 18.31 -4.53
C33 A1A0P GA . 2.15 17.82 -3.31
C34 A1A0P GA . 7.89 22.55 -11.74
C35 A1A0P GA . 7.48 23.25 -10.47
C36 A1A0P GA . 8.00 22.60 -9.24
C37 A1A0P GA . 6.95 21.73 -8.63
C38 A1A0P GA . 7.45 20.37 -8.28
C39 A1A0P GA . 8.40 20.38 -7.10
C40 A1A0P GA . 8.79 21.68 -6.47
C41 A1A0P GA . 8.33 22.13 -5.35
C42 A1A0P GA . 7.40 21.39 -4.49
C43 A1A0P GA . 6.30 20.69 -5.28
C44 A1A0P GA . 6.02 19.36 -4.82
C45 A1A0P GA . 5.27 19.32 -3.50
C46 A1A0P GA . 6.10 18.79 -2.37
C47 A1A0P GA . 5.93 17.31 -2.18
C48 A1A0P GA . 4.65 16.97 -1.48
H2A A1A0P GA . 9.35 23.73 -15.38
H2B A1A0P GA . 8.04 22.89 -14.97
H1 A1A0P GA . 8.37 23.85 -17.28
H7A A1A0P GA . 9.36 22.78 -13.21
H7B A1A0P GA . 9.63 23.56 -11.90
H8B A1A0P GA . 6.62 25.73 -15.98
H8A A1A0P GA . 7.89 26.14 -16.82
H11B A1A0P GA . 9.86 25.03 -20.53
H11A A1A0P GA . 9.27 26.47 -20.36
H12A A1A0P GA . 11.18 25.90 -18.85
H12B A1A0P GA . 10.05 25.15 -18.00
H13A A1A0P GA . 9.05 27.35 -18.30
H13C A1A0P GA . 9.77 27.11 -17.14
H19B A1A0P GA . 4.27 22.18 -17.37
H19A A1A0P GA . 5.02 20.97 -18.10
H20B A1A0P GA . 6.12 20.52 -15.98
H20A A1A0P GA . 4.59 20.14 -16.05
H21B A1A0P GA . 5.79 22.09 -14.45
H21A A1A0P GA . 4.41 22.51 -15.07
H22A A1A0P GA . 3.31 20.95 -13.86
H22B A1A0P GA . 4.61 20.09 -13.65
H23A A1A0P GA . 5.14 21.19 -11.81
H23B A1A0P GA . 4.82 22.58 -12.45
H24A A1A0P GA . 2.68 20.96 -11.63
H24B A1A0P GA . 2.68 22.51 -11.83
H25A A1A0P GA . 4.43 21.88 -9.83
H25B A1A0P GA . 3.18 22.84 -9.73
H26B A1A0P GA . 2.75 20.09 -9.65
H26A A1A0P GA . 3.23 20.77 -8.33
H27B A1A0P GA . 0.87 21.60 -9.62
H27A A1A0P GA . 1.35 22.13 -8.22
H28A A1A0P GA . -0.08 19.90 -8.65
H28B A1A0P GA . 1.45 19.60 -8.31
H29B A1A0P GA . 0.11 21.28 -6.51
H29A A1A0P GA . -0.28 19.77 -6.44
H30B A1A0P GA . 2.43 20.59 -6.15
H30A A1A0P GA . 1.48 20.43 -4.91
H31B A1A0P GA . 1.14 18.14 -5.58
H31A A1A0P GA . 2.38 18.31 -6.52
H32B A1A0P GA . 3.53 17.63 -4.81
H32A A1A0P GA . 3.41 19.11 -4.29
H33A A1A0P GA . 1.73 16.96 -3.48
H33B A1A0P GA . 2.74 17.73 -2.54
H33C A1A0P GA . 1.45 18.46 -3.07
H34A A1A0P GA . 8.19 21.64 -11.55
H34B A1A0P GA . 7.11 22.47 -12.32
H35A A1A0P GA . 7.81 24.17 -10.42
H35B A1A0P GA . 6.50 23.31 -10.44
H36A A1A0P GA . 8.80 22.09 -9.44
H36B A1A0P GA . 8.26 23.31 -8.60
H37A A1A0P GA . 6.53 22.17 -7.87
H37B A1A0P GA . 6.23 21.64 -9.30
H38A A1A0P GA . 6.70 19.78 -8.09
H38B A1A0P GA . 7.92 20.00 -9.05
H39B A1A0P GA . 8.22 19.67 -6.46
H39A A1A0P GA . 9.24 20.04 -7.48
H40 A1A0P GA . 9.46 22.20 -6.94
H41 A1A0P GA . 8.60 23.01 -5.03
H42B A1A0P GA . 7.87 20.73 -3.94
H42A A1A0P GA . 6.99 22.03 -3.88
H43A A1A0P GA . 5.51 21.17 -4.95
H43B A1A0P GA . 6.16 20.86 -6.22
H44B A1A0P GA . 5.51 18.85 -5.50
H44A A1A0P GA . 6.87 18.90 -4.70
H45A A1A0P GA . 4.97 20.22 -3.28
H45B A1A0P GA . 4.47 18.77 -3.62
H46A A1A0P GA . 7.04 19.00 -2.51
H46B A1A0P GA . 5.84 19.24 -1.55
H47B A1A0P GA . 5.93 16.88 -3.06
H47A A1A0P GA . 6.70 16.93 -1.70
H48A A1A0P GA . 4.73 17.17 -0.52
H48C A1A0P GA . 3.91 17.48 -1.85
H48B A1A0P GA . 4.44 16.02 -1.59
C2 A1A0P HA . -1.18 27.41 -24.54
O3 A1A0P HA . -0.60 27.71 -23.25
C4 A1A0P HA . -0.83 26.86 -22.24
C1 A1A0P HA . -0.27 26.40 -25.19
O5 A1A0P HA . -1.51 25.88 -22.32
O6 A1A0P HA . -0.96 25.11 -25.18
C7 A1A0P HA . -0.11 27.30 -21.01
C8 A1A0P HA . 0.09 26.79 -26.61
O9 A1A0P HA . 0.95 27.95 -26.53
O10 A1A0P HA . 3.42 27.51 -26.75
C11 A1A0P HA . 3.24 26.74 -25.52
C12 A1A0P HA . 3.02 27.65 -24.35
N13 A1A0P HA . 4.07 27.44 -23.33
P14 A1A0P HA . 2.18 28.14 -27.53
O15 A1A0P HA . 1.95 27.38 -28.77
O16 A1A0P HA . 2.43 29.61 -27.61
C17 A1A0P HA . -0.23 23.99 -25.11
O18 A1A0P HA . 0.97 23.97 -25.17
C19 A1A0P HA . -1.10 22.78 -24.97
C20 A1A0P HA . -2.33 23.00 -24.10
C21 A1A0P HA . -2.03 23.51 -22.70
C22 A1A0P HA . -2.39 22.53 -21.61
C23 A1A0P HA . -3.86 22.50 -21.26
C24 A1A0P HA . -4.29 23.57 -20.28
C25 A1A0P HA . -3.77 23.34 -18.88
C26 A1A0P HA . -4.69 23.84 -17.79
C27 A1A0P HA . -5.20 22.76 -16.88
C28 A1A0P HA . -6.16 21.81 -17.53
C29 A1A0P HA . -7.20 21.26 -16.59
C30 A1A0P HA . -6.66 20.22 -15.63
C31 A1A0P HA . -6.94 20.54 -14.17
C32 A1A0P HA . -8.36 20.28 -13.77
C33 A1A0P HA . -8.50 19.83 -12.33
C34 A1A0P HA . 0.68 26.19 -20.34
C35 A1A0P HA . 1.98 25.86 -21.06
C36 A1A0P HA . 1.86 24.97 -22.30
C37 A1A0P HA . 0.98 23.72 -22.18
C38 A1A0P HA . 1.74 22.48 -21.71
C39 A1A0P HA . 2.44 22.61 -20.36
C40 A1A0P HA . 1.55 23.12 -19.28
C41 A1A0P HA . 0.37 22.65 -18.96
C42 A1A0P HA . -0.53 23.18 -17.90
C43 A1A0P HA . -0.03 22.85 -16.50
C44 A1A0P HA . -0.48 21.47 -16.04
C45 A1A0P HA . -1.80 21.49 -15.29
C46 A1A0P HA . -1.70 22.01 -13.88
C47 A1A0P HA . -2.79 21.50 -12.97
C48 A1A0P HA . -3.35 22.56 -12.08
H2A A1A0P HA . -2.08 27.04 -24.45
H2B A1A0P HA . -1.20 28.23 -25.07
H1 A1A0P HA . 0.54 26.37 -24.64
H7A A1A0P HA . 0.48 28.05 -21.22
H7B A1A0P HA . -0.80 27.64 -20.38
H8B A1A0P HA . 0.54 26.04 -27.04
H8A A1A0P HA . -0.71 27.02 -27.12
H11B A1A0P HA . 2.56 26.05 -25.62
H11A A1A0P HA . 4.09 26.27 -25.39
H12A A1A0P HA . 2.17 27.49 -23.91
H12B A1A0P HA . 3.07 28.59 -24.63
H13A A1A0P HA . 4.83 27.70 -23.69
H13C A1A0P HA . 3.99 27.96 -22.61
H19B A1A0P HA . -1.36 22.49 -25.86
H19A A1A0P HA . -0.55 22.08 -24.55
H20B A1A0P HA . -2.80 22.14 -24.01
H20A A1A0P HA . -2.94 23.61 -24.56
H21B A1A0P HA . -1.07 23.72 -22.61
H21A A1A0P HA . -2.51 24.34 -22.55
H22A A1A0P HA . -2.12 21.64 -21.90
H22B A1A0P HA . -1.85 22.75 -20.82
H23A A1A0P HA . -4.38 22.62 -22.09
H23B A1A0P HA . -4.12 21.63 -20.90
H24A A1A0P HA . -3.98 24.44 -20.60
H24B A1A0P HA . -5.26 23.58 -20.26
H25A A1A0P HA . -3.61 22.38 -18.75
H25B A1A0P HA . -2.89 23.78 -18.78
H26B A1A0P HA . -4.24 24.55 -17.29
H26A A1A0P HA . -5.47 24.27 -18.21
H27B A1A0P HA . -4.42 22.24 -16.56
H27A A1A0P HA . -5.60 23.15 -16.07
H28A A1A0P HA . -6.61 22.27 -18.28
H28B A1A0P HA . -5.66 21.07 -17.93
H29B A1A0P HA . -7.61 21.99 -16.07
H29A A1A0P HA . -7.92 20.88 -17.13
H30B A1A0P HA . -7.02 19.34 -15.84
H30A A1A0P HA . -5.69 20.18 -15.73
H31B A1A0P HA . -6.34 20.00 -13.61
H31A A1A0P HA . -6.71 21.48 -14.00
H32B A1A0P HA . -8.88 21.11 -13.88
H32A A1A0P HA . -8.77 19.60 -14.35
H33A A1A0P HA . -8.06 20.45 -11.73
H33B A1A0P HA . -9.43 19.74 -12.06
H33C A1A0P HA . -8.07 18.95 -12.23
H34A A1A0P HA . 0.13 25.39 -20.18
H34B A1A0P HA . 0.93 26.51 -19.45
H35A A1A0P HA . 2.38 26.70 -21.35
H35B A1A0P HA . 2.60 25.46 -20.43
H36A A1A0P HA . 1.52 25.52 -23.04
H36B A1A0P HA . 2.76 24.71 -22.57
H37A A1A0P HA . 0.20 23.87 -21.62
H37B A1A0P HA . 0.63 23.55 -23.07
H38A A1A0P HA . 1.12 21.72 -21.66
H38B A1A0P HA . 2.43 22.26 -22.37
H39B A1A0P HA . 2.75 21.73 -20.09
H39A A1A0P HA . 3.23 23.17 -20.46
H40 A1A0P HA . 1.88 23.88 -18.77
H41 A1A0P HA . 0.02 21.87 -19.45
H42B A1A0P HA . -0.65 24.15 -17.99
H42A A1A0P HA . -1.40 22.78 -18.02
H43A A1A0P HA . 0.95 22.87 -16.51
H43B A1A0P HA . -0.35 23.53 -15.87
H44B A1A0P HA . -0.54 20.85 -16.79
H44A A1A0P HA . 0.20 21.12 -15.42
H45A A1A0P HA . -2.42 22.05 -15.80
H45B A1A0P HA . -2.18 20.59 -15.29
H46A A1A0P HA . -0.82 21.80 -13.50
H46B A1A0P HA . -1.76 22.99 -13.91
H47B A1A0P HA . -3.50 21.13 -13.52
H47A A1A0P HA . -2.45 20.74 -12.44
H48A A1A0P HA . -3.82 23.24 -12.60
H48C A1A0P HA . -3.97 22.16 -11.44
H48B A1A0P HA . -2.64 22.99 -11.56
C2 A1A0P IA . -3.57 -2.02 2.58
O3 A1A0P IA . -2.90 -1.08 3.47
C4 A1A0P IA . -2.32 0.07 3.04
C1 A1A0P IA . -4.78 -1.16 2.33
O5 A1A0P IA . -2.27 1.05 3.73
O6 A1A0P IA . -4.85 -0.63 0.95
C7 A1A0P IA . -1.78 -0.01 1.65
C8 A1A0P IA . -6.14 -1.71 2.68
O9 A1A0P IA . -7.00 -0.53 2.63
O10 A1A0P IA . -5.41 1.54 2.72
C11 A1A0P IA . -4.60 2.86 2.75
C12 A1A0P IA . -5.08 3.71 1.62
N13 A1A0P IA . -4.79 5.31 1.41
P14 A1A0P IA . -6.86 0.89 3.40
O15 A1A0P IA . -8.16 1.37 2.88
O16 A1A0P IA . -6.68 0.47 4.81
C17 A1A0P IA . -4.85 -1.47 -0.12
O18 A1A0P IA . -4.86 -2.67 -0.02
C19 A1A0P IA . -4.86 -0.70 -1.41
C20 A1A0P IA . -4.59 0.79 -1.27
C21 A1A0P IA . -4.63 1.52 -2.60
C22 A1A0P IA . -5.12 2.94 -2.49
C23 A1A0P IA . -4.04 3.93 -2.12
C24 A1A0P IA . -3.76 4.93 -3.22
C25 A1A0P IA . -2.63 5.88 -2.88
C26 A1A0P IA . -3.11 7.25 -2.43
C27 A1A0P IA . -3.49 7.29 -0.96
C28 A1A0P IA . -3.74 8.69 -0.44
C29 A1A0P IA . -3.11 8.96 0.92
C30 A1A0P IA . -2.33 10.27 0.97
C31 A1A0P IA . -1.03 10.17 1.72
C32 A1A0P IA . -0.65 11.41 2.46
C33 A1A0P IA . 0.26 12.27 1.75
C34 A1A0P IA . -1.12 1.26 1.17
C35 A1A0P IA . 0.15 1.64 1.94
C36 A1A0P IA . 0.64 3.05 1.71
C37 A1A0P IA . -0.46 4.09 1.55
C38 A1A0P IA . -0.92 4.34 0.11
C39 A1A0P IA . 0.21 4.56 -0.90
C40 A1A0P IA . 1.38 5.32 -0.36
C41 A1A0P IA . 1.39 6.43 0.30
C42 A1A0P IA . 0.22 7.33 0.52
C43 A1A0P IA . -0.24 7.92 -0.80
C44 A1A0P IA . 0.81 8.67 -1.57
C45 A1A0P IA . 0.23 9.82 -2.35
C46 A1A0P IA . 0.25 11.12 -1.58
C47 A1A0P IA . 1.46 11.97 -1.85
C48 A1A0P IA . 1.44 13.30 -1.14
H2A A1A0P IA . -3.04 -2.23 1.78
H2B A1A0P IA . -3.81 -2.83 3.07
H1 A1A0P IA . -4.68 -0.52 3.03
H7A A1A0P IA . -1.14 -0.75 1.59
H7B A1A0P IA . -2.48 -0.19 1.01
H8B A1A0P IA . -6.44 -2.40 2.06
H8A A1A0P IA . -6.16 -2.07 3.59
H11B A1A0P IA . -4.40 3.27 3.61
H11A A1A0P IA . -3.72 2.57 2.44
H12A A1A0P IA . -6.06 3.64 1.57
H12B A1A0P IA . -4.75 3.30 0.80
H13A A1A0P IA . -4.16 5.61 1.96
H13C A1A0P IA . -4.30 5.35 0.69
H19B A1A0P IA . -4.19 -1.10 -2.00
H19A A1A0P IA . -5.74 -0.83 -1.81
H20B A1A0P IA . -3.71 0.93 -0.86
H20A A1A0P IA . -5.28 1.19 -0.70
H21B A1A0P IA . -3.73 1.54 -2.99
H21A A1A0P IA . -5.19 1.02 -3.22
H22A A1A0P IA . -5.52 3.21 -3.34
H22B A1A0P IA . -5.83 2.96 -1.82
H23A A1A0P IA . -4.30 4.43 -1.32
H23B A1A0P IA . -3.20 3.47 -1.88
H24A A1A0P IA . -3.55 4.46 -4.05
H24B A1A0P IA . -4.58 5.44 -3.37
H25A A1A0P IA . -2.10 5.49 -2.17
H25B A1A0P IA . -2.04 5.97 -3.66
H26B A1A0P IA . -2.41 7.90 -2.62
H26A A1A0P IA . -3.89 7.52 -2.97
H27B A1A0P IA . -4.33 6.78 -0.87
H27A A1A0P IA . -2.82 6.81 -0.43
H28A A1A0P IA . -3.40 9.34 -1.08
H28B A1A0P IA . -4.71 8.81 -0.38
H29B A1A0P IA . -3.78 8.98 1.63
H29A A1A0P IA . -2.50 8.23 1.13
H30B A1A0P IA . -2.17 10.61 0.06
H30A A1A0P IA . -2.88 10.95 1.42
H31B A1A0P IA . -1.09 9.42 2.32
H31A A1A0P IA . -0.32 9.97 1.09
H32B A1A0P IA . -1.46 11.92 2.63
H32A A1A0P IA . -0.27 11.15 3.32
H33A A1A0P IA . -0.22 12.92 1.21
H33B A1A0P IA . 0.84 12.74 2.37
H33C A1A0P IA . 0.83 11.74 1.15
H34A A1A0P IA . -1.80 1.97 1.16
H34B A1A0P IA . -0.85 1.13 0.25
H35A A1A0P IA . 0.03 1.54 2.89
H35B A1A0P IA . 0.87 1.01 1.69
H36A A1A0P IA . 1.21 3.33 2.44
H36B A1A0P IA . 1.24 3.02 0.94
H37A A1A0P IA . -1.25 3.84 2.08
H37B A1A0P IA . -0.15 4.92 1.97
H38A A1A0P IA . -1.46 3.59 -0.21
H38B A1A0P IA . -1.50 5.13 0.07
H39B A1A0P IA . 0.55 3.69 -1.15
H39A A1A0P IA . -0.14 4.97 -1.72
H40 A1A0P IA . 2.23 4.90 -0.57
H41 A1A0P IA . 2.22 6.74 0.71
H42B A1A0P IA . -0.53 6.89 0.98
H42A A1A0P IA . 0.50 8.04 1.12
H43A A1A0P IA . -0.57 7.18 -1.35
H43B A1A0P IA . -0.98 8.52 -0.64
H44B A1A0P IA . 1.51 9.00 -0.98
H44A A1A0P IA . 1.23 8.04 -2.20
H45A A1A0P IA . 0.74 9.93 -3.17
H45B A1A0P IA . -0.69 9.60 -2.60
H46A A1A0P IA . -0.57 11.64 -1.73
H46B A1A0P IA . 0.26 10.89 -0.64
H47B A1A0P IA . 2.25 11.47 -1.57
H47A A1A0P IA . 1.57 12.10 -2.81
H48A A1A0P IA . 0.53 13.56 -0.91
H48C A1A0P IA . 1.97 13.25 -0.31
H48B A1A0P IA . 1.85 14.00 -1.69
C2 A1A0P JA . -7.47 6.95 5.83
O3 A1A0P JA . -6.89 8.17 5.29
C4 A1A0P JA . -7.69 9.02 4.65
C1 A1A0P JA . -6.42 6.33 6.68
O5 A1A0P JA . -8.86 8.84 4.46
O6 A1A0P JA . -5.69 7.43 7.32
C7 A1A0P JA . -6.92 10.23 4.22
C8 A1A0P JA . -7.03 5.47 7.75
O9 A1A0P JA . -7.81 4.42 7.13
O10 A1A0P JA . -7.25 3.68 4.88
C11 A1A0P JA . -6.08 3.99 4.06
C12 A1A0P JA . -6.41 5.10 3.10
N13 A1A0P JA . -5.34 6.12 3.12
P14 A1A0P JA . -7.10 3.19 6.39
O15 A1A0P JA . -5.68 3.08 6.81
O16 A1A0P JA . -7.98 2.02 6.56
C17 A1A0P JA . -4.33 7.44 7.40
O18 A1A0P JA . -3.68 8.45 7.49
C19 A1A0P JA . -3.70 6.08 7.36
C20 A1A0P JA . -3.30 5.63 5.96
C21 A1A0P JA . -1.81 5.70 5.71
C22 A1A0P JA . -1.32 7.11 5.44
C23 A1A0P JA . -0.62 7.73 6.62
C24 A1A0P JA . -0.52 9.23 6.51
C25 A1A0P JA . 0.74 9.70 5.83
C26 A1A0P JA . 1.95 9.63 6.73
C27 A1A0P JA . 3.09 10.50 6.26
C28 A1A0P JA . 3.72 10.03 4.98
C29 A1A0P JA . 3.24 10.76 3.74
C30 A1A0P JA . 4.16 11.89 3.33
C31 A1A0P JA . 4.02 13.12 4.21
C32 A1A0P JA . 4.84 14.29 3.72
C33 A1A0P JA . 6.26 14.24 4.20
C34 A1A0P JA . -6.73 11.20 5.36
C35 A1A0P JA . -5.75 10.69 6.40
C36 A1A0P JA . -4.96 11.78 7.10
C37 A1A0P JA . -3.59 11.98 6.51
C38 A1A0P JA . -3.59 12.77 5.23
C39 A1A0P JA . -3.61 11.89 3.98
C40 A1A0P JA . -4.47 12.48 2.91
C41 A1A0P JA . -4.27 13.63 2.30
C42 A1A0P JA . -3.16 14.60 2.56
C43 A1A0P JA . -2.81 15.39 1.32
C44 A1A0P JA . -1.89 14.65 0.38
C45 A1A0P JA . -2.60 13.60 -0.43
C46 A1A0P JA . -2.04 13.44 -1.82
C47 A1A0P JA . -2.61 14.44 -2.79
C48 A1A0P JA . -1.75 14.60 -4.00
H2A A1A0P JA . -8.25 7.17 6.39
H2B A1A0P JA . -7.73 6.37 5.08
H1 A1A0P JA . -5.88 5.81 6.06
H7A A1A0P JA . -6.06 9.96 3.86
H7B A1A0P JA . -7.44 10.66 3.50
H8B A1A0P JA . -6.33 5.10 8.33
H8A A1A0P JA . -7.63 6.00 8.31
H11B A1A0P JA . -5.31 4.20 4.61
H11A A1A0P JA . -5.88 3.17 3.56
H12A A1A0P JA . -7.23 5.56 3.34
H12B A1A0P JA . -6.48 4.76 2.18
H13A A1A0P JA . -5.41 6.54 3.88
H13C A1A0P JA . -4.52 5.80 3.15
H19B A1A0P JA . -2.88 6.14 7.90
H19A A1A0P JA . -4.27 5.41 7.78
H20B A1A0P JA . -3.60 4.71 5.83
H20A A1A0P JA . -3.77 6.20 5.33
H21B A1A0P JA . -1.33 5.36 6.50
H21A A1A0P JA . -1.59 5.13 4.96
H22A A1A0P JA . -0.72 7.10 4.67
H22B A1A0P JA . -2.10 7.65 5.19
H23A A1A0P JA . -1.10 7.50 7.43
H23B A1A0P JA . 0.28 7.36 6.70
H24A A1A0P JA . -1.30 9.57 6.02
H24B A1A0P JA . -0.57 9.60 7.42
H25A A1A0P JA . 0.89 9.16 5.04
H25B A1A0P JA . 0.62 10.63 5.53
H26B A1A0P JA . 1.69 9.86 7.64
H26A A1A0P JA . 2.27 8.71 6.76
H27B A1A0P JA . 2.73 11.40 6.11
H27A A1A0P JA . 3.76 10.60 6.96
H28A A1A0P JA . 4.70 10.12 5.03
H28B A1A0P JA . 3.54 9.07 4.88
H29B A1A0P JA . 3.12 10.14 3.00
H29A A1A0P JA . 2.35 11.12 3.94
H30B A1A0P JA . 5.09 11.58 3.33
H30A A1A0P JA . 3.94 12.16 2.42
H31B A1A0P JA . 3.08 13.36 4.24
H31A A1A0P JA . 4.30 12.90 5.12
H32B A1A0P JA . 4.83 14.28 2.74
H32A A1A0P JA . 4.42 15.13 4.00
H33A A1A0P JA . 6.89 14.31 3.46
H33B A1A0P JA . 6.45 14.95 4.84
H33C A1A0P JA . 6.43 13.39 4.65
H34A A1A0P JA . -7.58 11.44 5.79
H34B A1A0P JA . -6.37 12.04 5.01
H35A A1A0P JA . -6.23 10.17 7.08
H35B A1A0P JA . -5.13 10.08 5.97
H36A A1A0P JA . -5.46 12.62 7.04
H36B A1A0P JA . -4.89 11.56 8.04
H37A A1A0P JA . -3.01 12.42 7.16
H37B A1A0P JA . -3.21 11.10 6.36
H38A A1A0P JA . -4.38 13.36 5.20
H38B A1A0P JA . -2.80 13.33 5.17
H39B A1A0P JA . -2.71 11.83 3.63
H39A A1A0P JA . -3.90 10.99 4.22
H40 A1A0P JA . -5.24 11.94 2.64
H41 A1A0P JA . -4.90 13.90 1.60
H42B A1A0P JA . -3.37 15.18 3.32
H42A A1A0P JA . -2.38 14.08 2.81
H43A A1A0P JA . -3.64 15.59 0.85
H43B A1A0P JA . -2.40 16.24 1.60
H44B A1A0P JA . -1.45 15.27 -0.23
H44A A1A0P JA . -1.20 14.22 0.91
H45A A1A0P JA . -2.52 12.74 0.05
H45B A1A0P JA . -3.55 13.81 -0.48
H46A A1A0P JA . -1.06 13.53 -1.81
H46B A1A0P JA . -2.23 12.53 -2.15
H47B A1A0P JA . -3.50 14.14 -3.07
H47A A1A0P JA . -2.74 15.30 -2.35
H48A A1A0P JA . -0.88 14.99 -3.76
H48C A1A0P JA . -1.60 13.73 -4.42
H48B A1A0P JA . -2.19 15.17 -4.66
C2 A1A0P KA . -1.34 3.39 10.01
O3 A1A0P KA . -0.09 3.59 10.66
C4 A1A0P KA . 0.68 4.51 10.00
C1 A1A0P KA . -2.03 4.39 10.80
O5 A1A0P KA . 0.30 5.14 9.05
O6 A1A0P KA . -2.58 5.45 10.02
C7 A1A0P KA . 2.06 4.76 10.55
C8 A1A0P KA . -3.24 3.61 11.29
O9 A1A0P KA . -3.05 3.35 12.69
O10 A1A0P KA . -2.91 1.71 14.20
C11 A1A0P KA . -2.22 1.45 15.49
C12 A1A0P KA . -1.07 0.48 15.36
N13 A1A0P KA . 0.22 1.00 15.95
P14 A1A0P KA . -1.98 2.24 13.07
O15 A1A0P KA . -1.84 1.11 12.11
O16 A1A0P KA . -0.78 2.91 13.61
C17 A1A0P KA . -3.34 6.26 10.71
O18 A1A0P KA . -3.44 6.29 11.91
C19 A1A0P KA . -3.96 7.30 9.81
C20 A1A0P KA . -2.97 7.94 8.83
C21 A1A0P KA . -1.76 8.58 9.50
C22 A1A0P KA . -0.95 9.45 8.56
C23 A1A0P KA . 0.05 10.36 9.24
C24 A1A0P KA . 1.32 10.60 8.42
C25 A1A0P KA . 1.83 12.03 8.45
C26 A1A0P KA . 1.09 12.94 7.48
C27 A1A0P KA . 1.66 12.89 6.08
C28 A1A0P KA . 0.77 13.57 5.06
C29 A1A0P KA . 1.41 14.75 4.36
C30 A1A0P KA . 0.44 15.57 3.54
C31 A1A0P KA . 0.98 15.98 2.19
C32 A1A0P KA . 0.30 17.20 1.58
C33 A1A0P KA . -1.16 16.99 1.38
C34 A1A0P KA . 2.68 6.12 10.12
C35 A1A0P KA . 3.02 6.35 8.60
C36 A1A0P KA . 4.12 7.43 8.32
C37 A1A0P KA . 4.12 8.16 6.92
C38 A1A0P KA . 5.47 8.35 6.33
C39 A1A0P KA . 5.82 9.81 6.09
C40 A1A0P KA . 7.28 9.92 5.94
C41 A1A0P KA . 7.99 9.22 5.14
C42 A1A0P KA . 9.43 9.24 5.08
C43 A1A0P KA . 10.03 10.59 4.49
C44 A1A0P KA . 11.40 11.18 5.02
C45 A1A0P KA . 11.23 12.43 5.85
C46 A1A0P KA . 11.05 13.69 5.03
C47 A1A0P KA . 12.29 14.15 4.28
C48 A1A0P KA . 13.45 14.47 5.18
H2A A1A0P KA . -1.39 3.59 9.05
H2B A1A0P KA . -1.59 2.46 10.15
H1 A1A0P KA . -1.47 4.70 11.54
H7A A1A0P KA . 2.03 4.70 11.53
H7B A1A0P KA . 2.62 4.04 10.23
H8B A1A0P KA . -3.33 2.76 10.83
H8A A1A0P KA . -4.13 4.00 11.19
H11B A1A0P KA . -1.95 2.30 15.91
H11A A1A0P KA . -2.90 1.06 16.07
H12A A1A0P KA . -0.87 0.21 14.45
H12B A1A0P KA . -1.28 -0.34 15.87
H13A A1A0P KA . 0.37 1.75 15.52
H13C A1A0P KA . 0.16 1.25 16.79
H19B A1A0P KA . -4.69 6.88 9.32
H19A A1A0P KA . -4.31 8.00 10.39
H20B A1A0P KA . -3.44 8.63 8.34
H20A A1A0P KA . -2.67 7.27 8.20
H21B A1A0P KA . -2.06 9.13 10.26
H21A A1A0P KA . -1.18 7.88 9.87
H22A A1A0P KA . -0.47 8.87 7.92
H22B A1A0P KA . -1.58 9.99 8.03
H23A A1A0P KA . -0.36 11.23 9.42
H23B A1A0P KA . 0.30 9.99 10.11
H24A A1A0P KA . 2.03 10.00 8.74
H24B A1A0P KA . 1.12 10.35 7.50
H25A A1A0P KA . 1.74 12.38 9.36
H25B A1A0P KA . 2.78 12.04 8.24
H26B A1A0P KA . 0.15 12.69 7.48
H26A A1A0P KA . 1.13 13.86 7.80
H27B A1A0P KA . 2.52 13.35 6.08
H27A A1A0P KA . 1.84 11.97 5.82
H28A A1A0P KA . 0.50 12.91 4.38
H28B A1A0P KA . -0.04 13.87 5.51
H29B A1A0P KA . 1.85 15.32 5.03
H29A A1A0P KA . 2.13 14.40 3.79
H30B A1A0P KA . 0.17 16.36 4.05
H30A A1A0P KA . -0.37 15.05 3.39
H31B A1A0P KA . 1.94 16.15 2.28
H31A A1A0P KA . 0.89 15.23 1.57
H32B A1A0P KA . 0.44 17.95 2.19
H32A A1A0P KA . 0.72 17.43 0.73
H33A A1A0P KA . -1.67 17.19 2.19
H33B A1A0P KA . -1.51 17.55 0.66
H33C A1A0P KA . -1.34 16.06 1.14
H34A A1A0P KA . 3.47 6.32 10.66
H34B A1A0P KA . 2.02 6.82 10.36
H35A A1A0P KA . 3.32 5.50 8.21
H35B A1A0P KA . 2.22 6.61 8.12
H36A A1A0P KA . 4.07 8.12 9.02
H36B A1A0P KA . 4.99 7.00 8.45
H37A A1A0P KA . 3.56 7.65 6.30
H37B A1A0P KA . 3.69 9.03 7.04
H38A A1A0P KA . 6.15 7.95 6.90
H38B A1A0P KA . 5.52 7.89 5.46
H39B A1A0P KA . 5.40 10.11 5.26
H39A A1A0P KA . 5.47 10.37 6.82
H40 A1A0P KA . 7.73 10.58 6.50
H41 A1A0P KA . 7.55 8.61 4.50
H42B A1A0P KA . 9.79 8.47 4.61
H42A A1A0P KA . 9.75 9.17 6.01
H43A A1A0P KA . 10.14 10.44 3.53
H43B A1A0P KA . 9.35 11.29 4.58
H44B A1A0P KA . 11.87 10.51 5.55
H44A A1A0P KA . 11.97 11.38 4.25
H45A A1A0P KA . 10.43 12.30 6.41
H45B A1A0P KA . 11.99 12.52 6.46
H46A A1A0P KA . 10.32 13.57 4.39
H46B A1A0P KA . 10.78 14.41 5.64
H47B A1A0P KA . 12.56 13.45 3.65
H47A A1A0P KA . 12.07 14.93 3.73
H48A A1A0P KA . 14.06 15.10 4.75
H48C A1A0P KA . 13.12 14.86 6.02
H48B A1A0P KA . 13.94 13.66 5.41
C2 A1A0P LA . 9.84 19.26 29.36
O3 A1A0P LA . 10.03 18.61 28.08
C4 A1A0P LA . 9.83 19.30 26.95
C1 A1A0P LA . 8.47 19.04 29.99
O5 A1A0P LA . 9.43 20.43 26.91
O6 A1A0P LA . 7.69 20.28 29.86
C7 A1A0P LA . 10.15 18.47 25.74
C8 A1A0P LA . 7.64 17.91 29.40
O9 A1A0P LA . 7.21 17.06 30.48
O10 A1A0P LA . 5.05 15.96 30.79
C11 A1A0P LA . 4.26 17.04 30.26
C12 A1A0P LA . 3.98 18.06 31.32
N13 A1A0P LA . 4.33 19.42 30.84
P14 A1A0P LA . 6.52 15.65 30.22
O15 A1A0P LA . 7.17 14.63 31.07
O16 A1A0P LA . 6.41 15.41 28.76
C17 A1A0P LA . 8.02 21.34 30.63
O18 A1A0P LA . 8.95 21.36 31.40
C19 A1A0P LA . 7.06 22.47 30.43
C20 A1A0P LA . 5.95 22.48 31.46
C21 A1A0P LA . 4.69 23.20 31.01
C22 A1A0P LA . 4.65 24.67 31.38
C23 A1A0P LA . 5.02 25.59 30.24
C24 A1A0P LA . 6.23 26.46 30.52
C25 A1A0P LA . 7.13 26.64 29.32
C26 A1A0P LA . 8.17 25.55 29.18
C27 A1A0P LA . 9.40 25.97 28.39
C28 A1A0P LA . 9.12 26.16 26.93
C29 A1A0P LA . 9.95 27.23 26.26
C30 A1A0P LA . 10.17 27.01 24.77
C31 A1A0P LA . 10.11 28.30 23.95
C32 A1A0P LA . 11.03 28.30 22.74
C33 A1A0P LA . 10.70 29.39 21.72
C34 A1A0P LA . 11.45 17.68 25.83
C35 A1A0P LA . 12.63 18.43 25.19
C36 A1A0P LA . 13.29 17.67 24.06
C37 A1A0P LA . 14.53 18.30 23.45
C38 A1A0P LA . 15.14 17.45 22.34
C39 A1A0P LA . 16.25 18.13 21.53
C40 A1A0P LA . 17.61 17.60 21.80
C41 A1A0P LA . 18.73 17.80 21.10
C42 A1A0P LA . 18.91 18.62 19.85
C43 A1A0P LA . 20.32 19.24 19.75
C44 A1A0P LA . 20.85 19.50 18.35
C45 A1A0P LA . 22.13 20.34 18.30
C46 A1A0P LA . 22.58 20.76 16.89
C47 A1A0P LA . 23.75 21.75 16.87
C48 A1A0P LA . 24.27 22.15 15.46
H2A A1A0P LA . 10.50 18.87 29.97
H2B A1A0P LA . 10.03 20.22 29.28
H1 A1A0P LA . 8.61 18.85 30.94
H7A A1A0P LA . 9.41 17.87 25.53
H7B A1A0P LA . 10.21 19.10 24.99
H8B A1A0P LA . 8.13 17.36 28.75
H8A A1A0P LA . 6.85 18.25 28.96
H11B A1A0P LA . 3.46 16.72 29.80
H11A A1A0P LA . 4.81 17.48 29.59
H12A A1A0P LA . 4.52 17.90 32.13
H12B A1A0P LA . 3.04 18.07 31.55
H13A A1A0P LA . 5.22 19.47 30.87
H13C A1A0P LA . 4.15 19.56 29.99
H19B A1A0P LA . 6.69 22.41 29.52
H19A A1A0P LA . 7.56 23.29 30.52
H20B A1A0P LA . 5.73 21.55 31.68
H20A A1A0P LA . 6.29 22.91 32.27
H21B A1A0P LA . 4.61 23.12 30.03
H21A A1A0P LA . 3.91 22.74 31.39
H22A A1A0P LA . 5.26 24.83 32.13
H22B A1A0P LA . 3.74 24.88 31.70
H23A A1A0P LA . 5.23 25.05 29.45
H23B A1A0P LA . 4.27 26.16 29.98
H24A A1A0P LA . 5.93 27.33 30.84
H24B A1A0P LA . 6.74 26.04 31.24
H25A A1A0P LA . 6.59 26.67 28.52
H25B A1A0P LA . 7.60 27.50 29.39
H26B A1A0P LA . 8.42 25.24 30.06
H26A A1A0P LA . 7.77 24.78 28.73
H27B A1A0P LA . 9.73 26.82 28.75
H27A A1A0P LA . 10.13 25.32 28.51
H28A A1A0P LA . 9.21 25.31 26.44
H28B A1A0P LA . 8.18 26.40 26.89
H29B A1A0P LA . 10.82 27.31 26.71
H29A A1A0P LA . 9.48 28.08 26.40
H30B A1A0P LA . 11.02 26.55 24.61
H30A A1A0P LA . 9.47 26.42 24.44
H31B A1A0P LA . 9.19 28.43 23.66
H31A A1A0P LA . 10.34 29.05 24.53
H32B A1A0P LA . 10.96 27.43 22.30
H32A A1A0P LA . 11.96 28.40 23.02
H33A A1A0P LA . 9.74 29.51 21.57
H33B A1A0P LA . 11.07 30.25 21.99
H33C A1A0P LA . 11.10 29.16 20.86
H34A A1A0P LA . 11.37 16.83 25.37
H34B A1A0P LA . 11.69 17.46 26.75
H35A A1A0P LA . 12.32 19.29 24.85
H35B A1A0P LA . 13.29 18.63 25.88
H36A A1A0P LA . 13.54 16.78 24.39
H36B A1A0P LA . 12.63 17.54 23.36
H37A A1A0P LA . 14.32 19.19 23.11
H37B A1A0P LA . 15.18 18.42 24.17
H38A A1A0P LA . 15.48 16.62 22.72
H38B A1A0P LA . 14.43 17.21 21.71
H39B A1A0P LA . 16.07 17.97 20.58
H39A A1A0P LA . 16.19 19.11 21.65
H40 A1A0P LA . 17.68 17.04 22.59
H41 A1A0P LA . 19.54 17.37 21.41
H42B A1A0P LA . 18.72 18.10 19.04
H42A A1A0P LA . 18.25 19.35 19.86
H43A A1A0P LA . 20.30 20.10 20.23
H43B A1A0P LA . 20.94 18.66 20.24
H44B A1A0P LA . 21.01 18.65 17.88
H44A A1A0P LA . 20.16 19.97 17.84
H45A A1A0P LA . 21.98 21.15 18.83
H45B A1A0P LA . 22.85 19.84 18.73
H46A A1A0P LA . 22.82 19.97 16.37
H46B A1A0P LA . 21.81 21.17 16.44
H47B A1A0P LA . 23.49 22.56 17.33
H47A A1A0P LA . 24.50 21.38 17.39
H48A A1A0P LA . 24.85 21.45 15.09
H48C A1A0P LA . 23.51 22.29 14.85
H48B A1A0P LA . 24.76 22.99 15.51
C2 A1A0P MA . 4.60 17.28 26.93
O3 A1A0P MA . 5.14 17.35 25.58
C4 A1A0P MA . 6.35 17.89 25.37
C1 A1A0P MA . 3.45 18.24 27.06
O5 A1A0P MA . 7.05 18.35 26.23
O6 A1A0P MA . 3.82 19.50 26.41
C7 A1A0P MA . 6.69 17.85 23.91
C8 A1A0P MA . 2.19 17.68 26.43
O9 A1A0P MA . 1.75 16.58 27.28
O10 A1A0P MA . -0.26 16.80 28.65
C11 A1A0P MA . -0.28 18.24 28.73
C12 A1A0P MA . 0.82 18.73 29.61
N13 A1A0P MA . 1.37 20.02 29.11
P14 A1A0P MA . 0.25 16.05 27.33
O15 A1A0P MA . -0.53 16.54 26.18
O16 A1A0P MA . 0.30 14.60 27.62
C17 A1A0P MA . 4.64 20.32 27.09
O18 A1A0P MA . 5.07 20.08 28.19
C19 A1A0P MA . 4.95 21.55 26.32
C20 A1A0P MA . 6.44 21.81 26.24
C21 A1A0P MA . 6.83 23.18 25.68
C22 A1A0P MA . 5.69 24.09 25.31
C23 A1A0P MA . 6.15 25.41 24.79
C24 A1A0P MA . 6.22 25.47 23.29
C25 A1A0P MA . 7.15 26.54 22.79
C26 A1A0P MA . 8.28 26.03 21.96
C27 A1A0P MA . 7.87 25.63 20.56
C28 A1A0P MA . 7.99 26.76 19.58
C29 A1A0P MA . 9.38 26.95 19.05
C30 A1A0P MA . 9.45 27.89 17.87
C31 A1A0P MA . 10.67 28.77 17.88
C32 A1A0P MA . 10.56 29.96 16.96
C33 A1A0P MA . 11.84 30.26 16.26
C34 A1A0P MA . 6.87 19.24 23.32
C35 A1A0P MA . 5.57 19.91 22.98
C36 A1A0P MA . 5.69 21.41 22.88
C37 A1A0P MA . 6.00 21.92 21.50
C38 A1A0P MA . 7.44 21.75 21.08
C39 A1A0P MA . 8.41 22.58 21.87
C40 A1A0P MA . 9.29 21.80 22.76
C41 A1A0P MA . 10.61 21.80 22.77
C42 A1A0P MA . 11.51 22.59 21.88
C43 A1A0P MA . 11.47 24.08 22.17
C44 A1A0P MA . 11.39 24.93 20.93
C45 A1A0P MA . 12.68 25.60 20.55
C46 A1A0P MA . 13.79 24.66 20.13
C47 A1A0P MA . 13.53 24.00 18.80
C48 A1A0P MA . 13.16 22.55 18.93
H2A A1A0P MA . 4.29 16.37 27.07
H2B A1A0P MA . 5.28 17.47 27.61
H1 A1A0P MA . 3.28 18.37 28.01
H7A A1A0P MA . 7.49 17.32 23.78
H7B A1A0P MA . 5.95 17.41 23.46
H8B A1A0P MA . 1.51 18.39 26.38
H8A A1A0P MA . 2.36 17.34 25.53
H11B A1A0P MA . -0.26 18.63 27.83
H11A A1A0P MA . -1.15 18.47 29.12
H12A A1A0P MA . 1.57 18.12 29.64
H12B A1A0P MA . 0.49 18.89 30.52
H13A A1A0P MA . 1.55 19.88 28.25
H13C A1A0P MA . 0.79 20.68 29.08
H19B A1A0P MA . 4.56 21.45 25.43
H19A A1A0P MA . 4.50 22.27 26.80
H20B A1A0P MA . 6.82 21.72 27.13
H20A A1A0P MA . 6.83 21.11 25.67
H21B A1A0P MA . 7.39 23.64 26.34
H21A A1A0P MA . 7.39 23.04 24.89
H22A A1A0P MA . 5.14 23.66 24.61
H22B A1A0P MA . 5.12 24.23 26.09
H23A A1A0P MA . 5.56 26.12 25.10
H23B A1A0P MA . 7.04 25.62 25.15
H24A A1A0P MA . 6.51 24.60 22.96
H24B A1A0P MA . 5.31 25.62 22.95
H25A A1A0P MA . 6.63 27.19 22.26
H25B A1A0P MA . 7.51 27.03 23.56
H26B A1A0P MA . 8.99 26.70 21.93
H26A A1A0P MA . 8.69 25.25 22.42
H27B A1A0P MA . 8.48 24.92 20.26
H27A A1A0P MA . 6.98 25.24 20.55
H28A A1A0P MA . 7.38 26.61 18.82
H28B A1A0P MA . 7.69 27.58 20.02
H29B A1A0P MA . 9.97 27.28 19.76
H29A A1A0P MA . 9.72 26.08 18.80
H30B A1A0P MA . 9.40 27.39 17.04
H30A A1A0P MA . 8.67 28.49 17.89
H31B A1A0P MA . 11.45 28.22 17.63
H31A A1A0P MA . 10.84 29.08 18.79
H32B A1A0P MA . 9.87 29.76 16.30
H32A A1A0P MA . 10.27 30.75 17.46
H33A A1A0P MA . 12.09 29.52 15.66
H33B A1A0P MA . 12.57 30.38 16.89
H33C A1A0P MA . 11.75 31.07 15.73
H34A A1A0P MA . 7.47 19.21 22.54
H34B A1A0P MA . 7.32 19.79 23.98
H35A A1A0P MA . 5.24 19.57 22.13
H35B A1A0P MA . 4.91 19.69 23.66
H36A A1A0P MA . 4.89 21.85 23.23
H36B A1A0P MA . 6.42 21.67 23.47
H37A A1A0P MA . 5.41 21.50 20.85
H37B A1A0P MA . 5.78 22.88 21.49
H38A A1A0P MA . 7.70 20.81 21.14
H38B A1A0P MA . 7.54 22.02 20.14
H39B A1A0P MA . 8.97 23.10 21.25
H39A A1A0P MA . 7.91 23.24 22.39
H40 A1A0P MA . 8.83 21.24 23.42
H41 A1A0P MA . 11.07 21.23 23.41
H42B A1A0P MA . 12.43 22.26 21.89
H42A A1A0P MA . 11.18 22.47 20.96
H43A A1A0P MA . 10.68 24.25 22.73
H43B A1A0P MA . 12.26 24.32 22.70
H44B A1A0P MA . 11.04 24.43 20.17
H44A A1A0P MA . 10.75 25.65 21.10
H45A A1A0P MA . 12.49 26.21 19.80
H45B A1A0P MA . 12.99 26.15 21.30
H46A A1A0P MA . 14.64 25.13 20.10
H46B A1A0P MA . 13.88 23.96 20.81
H47B A1A0P MA . 12.80 24.48 18.35
H47A A1A0P MA . 14.31 24.11 18.22
H48A A1A0P MA . 13.57 22.15 19.72
H48C A1A0P MA . 12.19 22.46 18.99
H48B A1A0P MA . 13.44 22.05 18.14
C2 A1A0P NA . -8.20 52.75 7.21
O3 A1A0P NA . -8.34 51.38 7.64
C4 A1A0P NA . -7.32 50.53 7.45
C1 A1A0P NA . -8.59 52.73 5.77
O5 A1A0P NA . -6.24 50.85 7.03
O6 A1A0P NA . -9.64 53.73 5.55
C7 A1A0P NA . -7.71 49.17 7.87
C8 A1A0P NA . -7.40 53.05 4.90
O9 A1A0P NA . -7.18 54.47 4.85
O10 A1A0P NA . -8.71 54.83 3.05
C11 A1A0P NA . -9.03 53.85 2.07
C12 A1A0P NA . -10.32 53.20 2.46
N13 A1A0P NA . -11.37 54.20 2.70
P14 A1A0P NA . -7.21 55.23 3.46
O15 A1A0P NA . -7.16 56.69 3.71
O16 A1A0P NA . -6.24 54.62 2.54
C17 A1A0P NA . -10.96 53.47 5.75
O18 A1A0P NA . -11.82 54.30 5.58
C19 A1A0P NA . -11.28 52.07 6.21
C20 A1A0P NA . -11.30 50.99 5.13
C21 A1A0P NA . -10.89 49.63 5.71
C22 A1A0P NA . -12.01 48.82 6.39
C23 A1A0P NA . -11.92 47.29 6.21
C24 A1A0P NA . -12.19 46.47 7.47
C25 A1A0P NA . -12.69 45.03 7.25
C26 A1A0P NA . -11.77 43.95 7.81
C27 A1A0P NA . -12.06 43.50 9.25
C28 A1A0P NA . -13.00 42.33 9.33
C29 A1A0P NA . -12.85 41.52 10.59
C30 A1A0P NA . -13.68 40.26 10.56
C31 A1A0P NA . -12.94 39.09 9.97
C32 A1A0P NA . -13.78 37.90 9.57
C33 A1A0P NA . -14.74 38.22 8.46
C34 A1A0P NA . -7.10 48.07 7.03
C35 A1A0P NA . -8.12 47.09 6.51
C36 A1A0P NA . -8.63 46.11 7.55
C37 A1A0P NA . -7.65 45.00 7.85
C38 A1A0P NA . -8.28 43.62 7.79
C39 A1A0P NA . -8.70 43.19 6.39
C40 A1A0P NA . -8.86 41.71 6.20
C41 A1A0P NA . -9.15 40.82 7.11
C42 A1A0P NA . -9.32 39.33 6.90
C43 A1A0P NA . -10.71 38.93 6.43
C44 A1A0P NA . -11.85 39.91 6.49
C45 A1A0P NA . -13.01 39.38 5.70
C46 A1A0P NA . -14.13 40.35 5.35
C47 A1A0P NA . -14.31 41.64 6.11
C48 A1A0P NA . -15.35 41.51 7.16
H2A A1A0P NA . -8.83 53.30 7.71
H2B A1A0P NA . -7.29 53.07 7.33
H1 A1A0P NA . -8.85 51.82 5.53
H7A A1A0P NA . -7.50 49.04 8.81
H7B A1A0P NA . -8.69 49.12 7.79
H8B A1A0P NA . -6.61 52.61 5.25
H8A A1A0P NA . -7.54 52.71 3.98
H11B A1A0P NA . -9.05 54.24 1.17
H11A A1A0P NA . -8.33 53.16 2.08
H12A A1A0P NA . -10.20 52.68 3.28
H12B A1A0P NA . -10.64 52.59 1.77
H13A A1A0P NA . -11.01 54.83 3.20
H13C A1A0P NA . -11.62 54.65 1.97
H19B A1A0P NA . -10.75 51.80 6.98
H19A A1A0P NA . -12.21 52.14 6.54
H20B A1A0P NA . -10.66 51.21 4.43
H20A A1A0P NA . -12.20 50.95 4.73
H21B A1A0P NA . -10.52 49.07 5.00
H21A A1A0P NA . -10.16 49.77 6.36
H22A A1A0P NA . -12.01 49.02 7.35
H22B A1A0P NA . -12.86 49.14 6.03
H23A A1A0P NA . -11.03 47.05 5.86
H23B A1A0P NA . -12.55 46.99 5.52
H24A A1A0P NA . -12.86 46.96 8.00
H24B A1A0P NA . -11.37 46.45 8.00
H25A A1A0P NA . -12.80 44.88 6.28
H25B A1A0P NA . -13.57 44.93 7.65
H26B A1A0P NA . -11.77 43.18 7.20
H26A A1A0P NA . -10.86 44.30 7.79
H27B A1A0P NA . -12.46 44.25 9.73
H27A A1A0P NA . -11.22 43.28 9.71
H28A A1A0P NA . -12.84 41.75 8.57
H28B A1A0P NA . -13.92 42.66 9.26
H29B A1A0P NA . -11.91 41.28 10.72
H29A A1A0P NA . -13.11 42.08 11.34
H30B A1A0P NA . -14.00 40.04 11.46
H30A A1A0P NA . -14.47 40.42 10.00
H31B A1A0P NA . -12.28 38.81 10.64
H31A A1A0P NA . -12.41 39.39 9.21
H32B A1A0P NA . -14.27 37.59 10.35
H32A A1A0P NA . -13.20 37.17 9.28
H33A A1A0P NA . -15.67 38.29 8.79
H33B A1A0P NA . -14.52 39.06 8.04
H33C A1A0P NA . -14.73 37.53 7.76
H34A A1A0P NA . -6.40 47.59 7.52
H34B A1A0P NA . -6.67 48.47 6.25
H35A A1A0P NA . -8.90 47.58 6.16
H35B A1A0P NA . -7.74 46.58 5.76
H36A A1A0P NA . -8.84 46.60 8.37
H36B A1A0P NA . -9.45 45.74 7.21
H37A A1A0P NA . -6.90 45.02 7.22
H37B A1A0P NA . -7.27 45.16 8.74
H38A A1A0P NA . -7.63 42.98 8.14
H38B A1A0P NA . -9.06 43.59 8.38
H39B A1A0P NA . -9.56 43.60 6.18
H39A A1A0P NA . -8.06 43.57 5.74
H40 A1A0P NA . -8.77 41.39 5.28
H41 A1A0P NA . -9.29 41.12 8.04
H42B A1A0P NA . -8.64 38.99 6.27
H42A A1A0P NA . -9.15 38.89 7.76
H43A A1A0P NA . -10.97 38.15 6.96
H43B A1A0P NA . -10.62 38.66 5.50
H44B A1A0P NA . -12.14 40.09 7.41
H44A A1A0P NA . -11.57 40.77 6.12
H45A A1A0P NA . -12.66 39.06 4.85
H45B A1A0P NA . -13.38 38.60 6.15
H46A A1A0P NA . -14.98 39.85 5.41
H46B A1A0P NA . -14.04 40.58 4.40
H47B A1A0P NA . -13.47 41.95 6.50
H47A A1A0P NA . -14.57 42.35 5.49
H48A A1A0P NA . -16.11 40.98 6.84
H48C A1A0P NA . -15.67 42.40 7.43
H48B A1A0P NA . -14.99 41.08 7.96
C2 A1A0P OA . -13.67 50.89 -2.17
O3 A1A0P OA . -13.08 52.10 -1.65
C4 A1A0P OA . -12.91 52.32 -0.33
C1 A1A0P OA . -15.22 50.83 -2.29
O5 A1A0P OA . -12.41 53.33 0.08
O6 A1A0P OA . -15.50 49.46 -1.90
C7 A1A0P OA . -13.41 51.22 0.55
C8 A1A0P OA . -16.06 51.79 -1.45
O9 A1A0P OA . -15.49 53.12 -1.31
O10 A1A0P OA . -14.75 53.25 -3.69
C11 A1A0P OA . -15.06 53.52 -5.08
C12 A1A0P OA . -14.56 54.88 -5.48
N13 A1A0P OA . -15.66 55.86 -5.49
P14 A1A0P OA . -15.31 54.16 -2.51
O15 A1A0P OA . -14.27 55.15 -2.13
O16 A1A0P OA . -16.66 54.65 -2.86
C17 A1A0P OA . -15.20 48.48 -2.77
O18 A1A0P OA . -14.88 48.68 -3.92
C19 A1A0P OA . -15.31 47.13 -2.16
C20 A1A0P OA . -13.95 46.70 -1.62
C21 A1A0P OA . -13.77 45.21 -1.39
C22 A1A0P OA . -15.03 44.37 -1.35
C23 A1A0P OA . -15.92 44.65 -0.16
C24 A1A0P OA . -17.35 44.28 -0.39
C25 A1A0P OA . -17.77 43.09 0.42
C26 A1A0P OA . -18.84 43.39 1.45
C27 A1A0P OA . -18.33 44.20 2.63
C28 A1A0P OA . -17.33 43.49 3.52
C29 A1A0P OA . -17.88 42.27 4.24
C30 A1A0P OA . -17.05 41.03 3.97
C31 A1A0P OA . -17.32 40.35 2.66
C32 A1A0P OA . -18.70 39.80 2.43
C33 A1A0P OA . -19.13 39.75 0.99
C34 A1A0P OA . -13.40 51.53 2.04
C35 A1A0P OA . -14.60 50.93 2.75
C36 A1A0P OA . -14.69 49.42 2.67
C37 A1A0P OA . -13.62 48.74 3.46
C38 A1A0P OA . -12.44 48.23 2.65
C39 A1A0P OA . -12.63 46.83 2.06
C40 A1A0P OA . -14.06 46.46 1.94
C41 A1A0P OA . -14.74 45.68 2.73
C42 A1A0P OA . -14.22 44.94 3.91
C43 A1A0P OA . -13.40 43.77 3.43
C44 A1A0P OA . -12.06 43.62 4.13
C45 A1A0P OA . -11.02 42.91 3.30
C46 A1A0P OA . -11.29 41.44 3.13
C47 A1A0P OA . -12.36 41.12 2.12
C48 A1A0P OA . -12.33 39.72 1.76
H2A A1A0P OA . -13.33 50.83 -3.09
H2B A1A0P OA . -13.32 50.10 -1.70
H1 A1A0P OA . -15.45 50.95 -3.23
H7A A1A0P OA . -14.32 50.96 0.33
H7B A1A0P OA . -12.86 50.42 0.41
H8B A1A0P OA . -16.94 51.86 -1.87
H8A A1A0P OA . -16.18 51.43 -0.56
H11B A1A0P OA . -14.71 52.80 -5.64
H11A A1A0P OA . -16.04 53.49 -5.16
H12A A1A0P OA . -14.19 54.86 -6.39
H12B A1A0P OA . -13.87 55.19 -4.86
H13A A1A0P OA . -16.24 55.56 -6.09
H13C A1A0P OA . -16.14 55.88 -4.75
H19B A1A0P OA . -15.98 47.17 -1.45
H19A A1A0P OA . -15.60 46.52 -2.87
H20B A1A0P OA . -13.78 47.19 -0.80
H20A A1A0P OA . -13.29 47.00 -2.28
H21B A1A0P OA . -13.29 45.07 -0.54
H21A A1A0P OA . -13.21 44.86 -2.10
H22A A1A0P OA . -15.54 44.47 -2.18
H22B A1A0P OA . -14.75 43.44 -1.32
H23A A1A0P OA . -15.58 44.14 0.61
H23B A1A0P OA . -15.89 45.59 0.09
H24A A1A0P OA . -17.92 45.03 -0.16
H24B A1A0P OA . -17.47 44.09 -1.34
H25A A1A0P OA . -17.00 42.71 0.86
H25B A1A0P OA . -18.11 42.38 -0.17
H26B A1A0P OA . -19.58 43.86 1.00
H26A A1A0P OA . -19.22 42.55 1.78
H27B A1A0P OA . -17.90 45.01 2.30
H27A A1A0P OA . -19.09 44.51 3.17
H28A A1A0P OA . -16.56 43.22 3.00
H28B A1A0P OA . -17.01 44.12 4.19
H29B A1A0P OA . -17.90 42.43 5.21
H29A A1A0P OA . -18.81 42.14 3.96
H30B A1A0P OA . -16.13 41.31 3.98
H30A A1A0P OA . -17.17 40.38 4.69
H31B A1A0P OA . -17.14 41.02 1.97
H31A A1A0P OA . -16.67 39.65 2.54
H32B A1A0P OA . -18.73 38.89 2.78
H32A A1A0P OA . -19.36 40.33 2.93
H33A A1A0P OA . -18.64 39.06 0.49
H33B A1A0P OA . -20.08 39.55 0.90
H33C A1A0P OA . -18.97 40.60 0.54
H34A A1A0P OA . -13.38 52.49 2.23
H34B A1A0P OA . -12.58 51.16 2.43
H35A A1A0P OA . -14.56 51.18 3.69
H35B A1A0P OA . -15.41 51.33 2.37
H36A A1A0P OA . -15.58 49.12 2.98
H36B A1A0P OA . -14.63 49.14 1.73
H37A A1A0P OA . -13.28 49.42 4.07
H37B A1A0P OA . -14.01 48.05 4.04
H38A A1A0P OA . -12.27 48.86 1.93
H38B A1A0P OA . -11.65 48.20 3.23
H39B A1A0P OA . -12.17 46.19 2.64
H39A A1A0P OA . -12.18 46.78 1.20
H40 A1A0P OA . -14.53 46.86 1.17
H41 A1A0P OA . -15.70 45.56 2.56
H42B A1A0P OA . -14.92 44.65 4.52
H42A A1A0P OA . -13.63 45.54 4.40
H43A A1A0P OA . -13.94 42.96 3.60
H43B A1A0P OA . -13.27 43.82 2.47
H44B A1A0P OA . -11.71 44.49 4.39
H44A A1A0P OA . -12.19 43.10 4.95
H45A A1A0P OA . -10.98 43.33 2.42
H45B A1A0P OA . -10.15 43.04 3.73
H46A A1A0P OA . -10.47 40.96 2.90
H46B A1A0P OA . -11.58 41.08 4.00
H47B A1A0P OA . -13.23 41.30 2.49
H47A A1A0P OA . -12.26 41.70 1.33
H48A A1A0P OA . -12.91 39.54 1.00
H48C A1A0P OA . -11.42 39.46 1.54
H48B A1A0P OA . -12.62 39.19 2.52
C2 A1A0P PA . 12.96 27.12 -9.78
O3 A1A0P PA . 13.25 25.86 -10.43
C4 A1A0P PA . 14.12 25.03 -9.83
C1 A1A0P PA . 11.67 27.63 -10.35
O5 A1A0P PA . 14.69 25.27 -8.81
O6 A1A0P PA . 10.89 26.46 -10.75
C7 A1A0P PA . 14.25 23.77 -10.62
C8 A1A0P PA . 10.87 28.37 -9.32
O9 A1A0P PA . 11.70 29.37 -8.69
O10 A1A0P PA . 13.63 30.52 -9.63
C11 A1A0P PA . 14.35 31.25 -10.65
C12 A1A0P PA . 14.23 32.73 -10.42
N13 A1A0P PA . 15.35 33.46 -11.07
P14 A1A0P PA . 12.06 30.75 -9.40
O15 A1A0P PA . 11.37 30.87 -10.71
O16 A1A0P PA . 11.90 31.83 -8.39
C17 A1A0P PA . 10.69 26.22 -12.05
O18 A1A0P PA . 11.06 26.95 -12.94
C19 A1A0P PA . 9.95 24.94 -12.26
C20 A1A0P PA . 10.56 24.10 -13.36
C21 A1A0P PA . 11.99 23.72 -13.06
C22 A1A0P PA . 12.55 22.70 -14.03
C23 A1A0P PA . 12.59 21.26 -13.45
C24 A1A0P PA . 11.24 20.66 -13.02
C25 A1A0P PA . 11.28 19.20 -12.51
C26 A1A0P PA . 9.99 18.75 -11.95
C27 A1A0P PA . 10.18 17.72 -10.90
C28 A1A0P PA . 9.07 16.63 -10.86
C29 A1A0P PA . 8.38 16.36 -9.50
C30 A1A0P PA . 7.25 15.28 -9.49
C31 A1A0P PA . 6.60 15.04 -8.05
C32 A1A0P PA . 7.44 15.15 -6.68
C33 A1A0P PA . 6.75 14.83 -5.16
C34 A1A0P PA . 12.93 23.02 -10.80
C35 A1A0P PA . 12.08 22.91 -9.54
C36 A1A0P PA . 12.78 22.24 -8.37
C37 A1A0P PA . 12.25 22.68 -7.02
C38 A1A0P PA . 10.77 22.48 -6.82
C39 A1A0P PA . 10.27 21.06 -7.12
C40 A1A0P PA . 11.15 19.97 -6.62
C41 A1A0P PA . 11.52 19.75 -5.37
C42 A1A0P PA . 11.18 20.58 -4.19
C43 A1A0P PA . 11.14 19.76 -2.91
C44 A1A0P PA . 10.01 18.75 -2.89
C45 A1A0P PA . 10.47 17.33 -3.11
C46 A1A0P PA . 10.59 16.54 -1.84
C47 A1A0P PA . 11.65 17.07 -0.89
C48 A1A0P PA . 12.11 16.02 0.08
H2A A1A0P PA . 12.84 26.98 -8.82
H2B A1A0P PA . 13.70 27.74 -9.95
H1 A1A0P PA . 11.90 28.23 -11.08
H7A A1A0P PA . 14.64 23.97 -11.50
H7B A1A0P PA . 14.89 23.20 -10.15
H8B A1A0P PA . 10.08 28.79 -9.76
H8A A1A0P PA . 10.55 27.76 -8.63
H11B A1A0P PA . 15.28 30.95 -10.71
H11A A1A0P PA . 13.92 31.02 -11.50
H12A A1A0P PA . 14.27 32.95 -9.47
H12B A1A0P PA . 13.40 33.08 -10.80
H13A A1A0P PA . 16.09 33.12 -10.71
H13C A1A0P PA . 15.45 33.29 -11.92
H19B A1A0P PA . 9.96 24.45 -11.42
H19A A1A0P PA . 9.02 25.17 -12.50
H20B A1A0P PA . 10.52 24.59 -14.21
H20A A1A0P PA . 10.02 23.28 -13.46
H21B A1A0P PA . 12.56 24.51 -13.07
H21A A1A0P PA . 12.01 23.35 -12.16
H22A A1A0P PA . 11.98 22.69 -14.83
H22B A1A0P PA . 13.44 22.99 -14.29
H23A A1A0P PA . 12.99 20.67 -14.11
H23B A1A0P PA . 13.18 21.24 -12.67
H24A A1A0P PA . 10.85 21.22 -12.32
H24B A1A0P PA . 10.64 20.72 -13.80
H25A A1A0P PA . 11.56 18.60 -13.23
H25B A1A0P PA . 11.97 19.13 -11.82
H26B A1A0P PA . 9.49 19.52 -11.61
H26A A1A0P PA . 9.43 18.37 -12.66
H27B A1A0P PA . 11.05 17.28 -11.06
H27A A1A0P PA . 10.26 18.15 -10.02
H28A A1A0P PA . 8.37 16.88 -11.51
H28B A1A0P PA . 9.44 15.79 -11.19
H29B A1A0P PA . 9.07 16.11 -8.84
H29A A1A0P PA . 8.02 17.21 -9.19
H30B A1A0P PA . 6.56 15.51 -10.14
H30A A1A0P PA . 7.63 14.43 -9.77
H31B A1A0P PA . 5.86 15.68 -7.98
H31A A1A0P PA . 6.17 14.17 -8.06
H32B A1A0P PA . 8.19 14.53 -6.78
H32A A1A0P PA . 7.82 16.04 -6.63
H33A A1A0P PA . 6.17 14.04 -5.20
H33B A1A0P PA . 7.43 14.70 -4.48
H33C A1A0P PA . 6.19 15.59 -4.89
H34A A1A0P PA . 13.08 22.12 -11.17
H34B A1A0P PA . 12.40 23.51 -11.47
H35A A1A0P PA . 11.78 23.81 -9.26
H35B A1A0P PA . 11.27 22.41 -9.75
H36A A1A0P PA . 12.71 21.27 -8.46
H36B A1A0P PA . 13.73 22.44 -8.40
H37A A1A0P PA . 12.75 22.26 -6.30
H37B A1A0P PA . 12.45 23.64 -6.95
H38A A1A0P PA . 10.52 22.71 -5.90
H38B A1A0P PA . 10.27 23.08 -7.40
H39B A1A0P PA . 9.40 20.95 -6.68
H39A A1A0P PA . 10.10 20.97 -8.08
H40 A1A0P PA . 11.48 19.35 -7.30
H41 A1A0P PA . 12.09 18.97 -5.18
H42B A1A0P PA . 11.78 21.34 -4.09
H42A A1A0P PA . 10.28 20.94 -4.33
H43A A1A0P PA . 11.99 19.29 -2.85
H43B A1A0P PA . 11.09 20.36 -2.14
H44B A1A0P PA . 9.53 18.80 -2.04
H44A A1A0P PA . 9.39 18.99 -3.60
H45A A1A0P PA . 9.83 16.89 -3.70
H45B A1A0P PA . 11.34 17.35 -3.58
H46A A1A0P PA . 9.73 16.51 -1.37
H46B A1A0P PA . 10.82 15.61 -2.06
H47B A1A0P PA . 12.41 17.37 -1.42
H47A A1A0P PA . 11.32 17.85 -0.42
H48A A1A0P PA . 11.36 15.64 0.56
H48C A1A0P PA . 12.58 15.31 -0.40
H48B A1A0P PA . 12.75 16.40 0.71
C2 A1A0P QA . -31.10 6.31 -11.69
O3 A1A0P QA . -31.14 7.72 -11.37
C4 A1A0P QA . -31.82 8.52 -12.19
C1 A1A0P QA . -30.39 5.60 -10.57
O5 A1A0P QA . -32.40 8.14 -13.18
O6 A1A0P QA . -29.28 6.44 -10.09
C7 A1A0P QA . -31.78 9.94 -11.71
C8 A1A0P QA . -31.30 5.38 -9.37
O9 A1A0P QA . -31.90 4.07 -9.38
O10 A1A0P QA . -34.00 4.65 -8.58
C11 A1A0P QA . -34.71 5.51 -7.61
C12 A1A0P QA . -33.94 6.77 -7.30
N13 A1A0P QA . -34.56 7.55 -6.18
P14 A1A0P QA . -32.89 3.55 -8.21
O15 A1A0P QA . -33.50 2.22 -8.44
O16 A1A0P QA . -32.67 4.08 -6.84
C17 A1A0P QA . -28.20 6.58 -10.87
O18 A1A0P QA . -28.06 6.07 -11.95
C19 A1A0P QA . -27.17 7.45 -10.20
C20 A1A0P QA . -26.81 8.67 -11.03
C21 A1A0P QA . -25.60 8.43 -11.90
C22 A1A0P QA . -24.30 8.92 -11.29
C23 A1A0P QA . -23.92 10.31 -11.72
C24 A1A0P QA . -24.20 11.39 -10.70
C25 A1A0P QA . -23.70 12.74 -11.13
C26 A1A0P QA . -22.34 13.09 -10.60
C27 A1A0P QA . -21.86 14.45 -11.08
C28 A1A0P QA . -20.85 14.38 -12.21
C29 A1A0P QA . -21.45 14.06 -13.55
C30 A1A0P QA . -22.08 15.26 -14.24
C31 A1A0P QA . -21.23 15.88 -15.32
C32 A1A0P QA . -20.95 17.34 -15.10
C33 A1A0P QA . -20.80 18.14 -16.39
C34 A1A0P QA . -31.48 10.95 -12.80
C35 A1A0P QA . -30.30 11.82 -12.48
C36 A1A0P QA . -30.62 13.05 -11.69
C37 A1A0P QA . -30.02 14.30 -12.29
C38 A1A0P QA . -30.84 14.83 -13.44
C39 A1A0P QA . -30.09 14.86 -14.76
C40 A1A0P QA . -30.42 13.67 -15.60
C41 A1A0P QA . -29.70 13.19 -16.57
C42 A1A0P QA . -28.38 13.70 -17.06
C43 A1A0P QA . -28.39 15.12 -17.63
C44 A1A0P QA . -29.66 15.51 -18.37
C45 A1A0P QA . -29.39 16.35 -19.60
C46 A1A0P QA . -28.87 17.74 -19.30
C47 A1A0P QA . -27.47 17.97 -19.82
C48 A1A0P QA . -26.42 17.69 -18.79
H2A A1A0P QA . -30.63 6.17 -12.54
H2B A1A0P QA . -32.01 5.97 -11.74
H1 A1A0P QA . -30.07 4.75 -10.90
H7A A1A0P QA . -32.61 10.17 -11.25
H7B A1A0P QA . -31.06 9.99 -11.05
H8B A1A0P QA . -30.78 5.51 -8.55
H8A A1A0P QA . -32.01 6.06 -9.37
H11B A1A0P QA . -35.59 5.72 -7.96
H11A A1A0P QA . -34.88 5.00 -6.79
H12A A1A0P QA . -33.92 7.37 -8.07
H12B A1A0P QA . -33.02 6.58 -7.05
H13A A1A0P QA . -34.68 6.98 -5.52
H13C A1A0P QA . -34.03 8.16 -5.82
H19B A1A0P QA . -27.52 7.73 -9.33
H19A A1A0P QA . -26.37 6.91 -10.07
H20B A1A0P QA . -26.61 9.42 -10.43
H20A A1A0P QA . -27.58 8.93 -11.58
H21B A1A0P QA . -25.52 7.47 -12.07
H21A A1A0P QA . -25.74 8.87 -12.77
H22A A1A0P QA . -24.39 8.90 -10.31
H22B A1A0P QA . -23.60 8.28 -11.52
H23A A1A0P QA . -22.96 10.35 -11.92
H23B A1A0P QA . -24.38 10.55 -12.54
H24A A1A0P QA . -25.17 11.43 -10.54
H24B A1A0P QA . -23.77 11.13 -9.85
H25A A1A0P QA . -23.67 12.77 -12.10
H25B A1A0P QA . -24.35 13.43 -10.87
H26B A1A0P QA . -21.71 12.40 -10.85
H26A A1A0P QA . -22.37 13.10 -9.62
H27B A1A0P QA . -22.65 14.94 -11.39
H27A A1A0P QA . -21.50 14.97 -10.33
H28A A1A0P QA . -20.40 15.24 -12.28
H28B A1A0P QA . -20.17 13.72 -11.98
H29B A1A0P QA . -20.76 13.68 -14.14
H29A A1A0P QA . -22.11 13.35 -13.44
H30B A1A0P QA . -22.97 15.02 -14.58
H30A A1A0P QA . -22.24 15.95 -13.56
H31B A1A0P QA . -21.68 15.75 -16.17
H31A A1A0P QA . -20.37 15.40 -15.37
H32B A1A0P QA . -21.69 17.73 -14.58
H32A A1A0P QA . -20.14 17.45 -14.56
H33A A1A0P QA . -20.88 17.56 -17.17
H33B A1A0P QA . -21.48 18.84 -16.45
H33C A1A0P QA . -19.91 18.57 -16.42
H34A A1A0P QA . -32.26 11.51 -13.01
H34B A1A0P QA . -31.27 10.46 -13.62
H35A A1A0P QA . -29.64 11.28 -12.00
H35B A1A0P QA . -29.89 12.09 -13.32
H36A A1A0P QA . -31.58 13.16 -11.61
H36B A1A0P QA . -30.28 12.95 -10.77
H37A A1A0P QA . -29.89 15.00 -11.62
H37B A1A0P QA . -29.13 14.06 -12.62
H38A A1A0P QA . -31.65 14.28 -13.55
H38B A1A0P QA . -31.15 15.75 -13.25
H39B A1A0P QA . -30.34 15.66 -15.26
H39A A1A0P QA . -29.13 14.93 -14.58
H40 A1A0P QA . -31.25 13.21 -15.36
H41 A1A0P QA . -30.05 12.42 -17.08
H42B A1A0P QA . -27.70 13.64 -16.34
H42A A1A0P QA . -28.08 13.09 -17.76
H43A A1A0P QA . -28.26 15.74 -16.89
H43B A1A0P QA . -27.62 15.21 -18.22
H44B A1A0P QA . -30.16 14.72 -18.65
H44A A1A0P QA . -30.22 16.03 -17.76
H45A A1A0P QA . -30.23 16.43 -20.10
H45B A1A0P QA . -28.76 15.87 -20.18
H46A A1A0P QA . -29.47 18.41 -19.67
H46B A1A0P QA . -28.88 17.87 -18.32
H47B A1A0P QA . -27.33 17.41 -20.60
H47A A1A0P QA . -27.38 18.90 -20.15
H48A A1A0P QA . -25.66 18.30 -18.87
H48C A1A0P QA . -26.11 16.76 -18.89
H48B A1A0P QA . -26.79 17.75 -17.89
C2 A1A0P RA . 11.49 17.34 -20.84
O3 A1A0P RA . 10.56 17.02 -21.91
C4 A1A0P RA . 9.22 16.97 -21.74
C1 A1A0P RA . 12.90 17.12 -21.32
O5 A1A0P RA . 8.47 16.95 -22.67
O6 A1A0P RA . 13.23 15.82 -20.77
C7 A1A0P RA . 8.74 17.07 -20.31
C8 A1A0P RA . 13.11 16.99 -22.80
O9 A1A0P RA . 14.45 16.49 -23.04
O10 A1A0P RA . 15.64 18.45 -22.18
C11 A1A0P RA . 15.64 19.88 -22.37
C12 A1A0P RA . 14.22 20.40 -22.41
N13 A1A0P RA . 13.62 20.22 -23.75
P14 A1A0P RA . 15.68 17.44 -23.41
O15 A1A0P RA . 15.39 18.11 -24.70
O16 A1A0P RA . 16.91 16.64 -23.28
C17 A1A0P RA . 14.40 15.62 -20.16
O18 A1A0P RA . 15.27 16.44 -20.08
C19 A1A0P RA . 14.44 14.22 -19.59
C20 A1A0P RA . 13.16 13.85 -18.85
C21 A1A0P RA . 11.98 13.51 -19.75
C22 A1A0P RA . 11.08 12.42 -19.23
C23 A1A0P RA . 9.69 12.44 -19.83
C24 A1A0P RA . 9.17 11.07 -20.23
C25 A1A0P RA . 7.66 10.99 -20.34
C26 A1A0P RA . 7.06 9.86 -19.54
C27 A1A0P RA . 7.03 8.57 -20.31
C28 A1A0P RA . 6.62 7.54 -19.36
C29 A1A0P RA . 5.24 6.97 -19.60
C30 A1A0P RA . 4.13 7.83 -19.03
C31 A1A0P RA . 4.01 7.75 -17.53
C32 A1A0P RA . 2.68 8.25 -16.99
C33 A1A0P RA . 1.70 7.13 -16.71
C34 A1A0P RA . 8.27 15.73 -19.81
C35 A1A0P RA . 7.09 15.20 -20.61
C36 A1A0P RA . 5.80 15.23 -19.85
C37 A1A0P RA . 5.52 13.88 -19.28
C38 A1A0P RA . 5.13 13.94 -17.84
C39 A1A0P RA . 3.76 14.55 -17.62
C40 A1A0P RA . 2.98 15.07 -18.78
C41 A1A0P RA . 1.98 14.47 -19.34
C42 A1A0P RA . 1.41 13.22 -18.85
C43 A1A0P RA . 2.48 12.20 -18.45
C44 A1A0P RA . 2.17 11.50 -17.22
C45 A1A0P RA . 1.07 10.47 -17.39
C46 A1A0P RA . -0.20 10.85 -16.68
C47 A1A0P RA . -0.26 10.28 -15.27
C48 A1A0P RA . -0.62 8.83 -15.27
H2A A1A0P RA . 11.38 18.27 -20.58
H2B A1A0P RA . 11.34 16.73 -20.09
H1 A1A0P RA . 13.44 17.83 -20.93
H7A A1A0P RA . 9.32 17.51 -19.67
H7B A1A0P RA . 7.93 17.65 -20.37
H8B A1A0P RA . 12.49 16.33 -23.19
H8A A1A0P RA . 12.98 17.83 -23.27
H11B A1A0P RA . 16.18 20.32 -21.68
H11A A1A0P RA . 16.07 20.07 -23.23
H12A A1A0P RA . 14.18 21.35 -22.21
H12B A1A0P RA . 13.66 19.92 -21.77
H13A A1A0P RA . 14.08 19.57 -24.14
H13C A1A0P RA . 12.79 19.91 -23.74
H19B A1A0P RA . 14.59 13.61 -20.34
H19A A1A0P RA . 15.19 14.20 -18.97
H20B A1A0P RA . 12.91 14.59 -18.27
H20A A1A0P RA . 13.36 13.08 -18.28
H21B A1A0P RA . 11.41 14.30 -19.88
H21A A1A0P RA . 12.31 13.25 -20.63
H22A A1A0P RA . 11.48 11.55 -19.40
H22B A1A0P RA . 11.03 12.52 -18.25
H23A A1A0P RA . 9.06 12.83 -19.18
H23B A1A0P RA . 9.67 13.02 -20.61
H24A A1A0P RA . 9.48 10.42 -19.57
H24B A1A0P RA . 9.58 10.84 -21.09
H25A A1A0P RA . 7.26 11.85 -20.04
H25B A1A0P RA . 7.41 10.88 -21.28
H26B A1A0P RA . 7.59 9.78 -18.73
H26A A1A0P RA . 6.15 10.08 -19.27
H27B A1A0P RA . 7.91 8.38 -20.66
H27A A1A0P RA . 6.41 8.63 -21.06
H28A A1A0P RA . 7.30 6.84 -19.25
H28B A1A0P RA . 6.62 8.13 -18.58
H29B A1A0P RA . 5.09 6.83 -20.55
H29A A1A0P RA . 5.21 6.07 -19.19
H30B A1A0P RA . 4.24 8.76 -19.31
H30A A1A0P RA . 3.27 7.53 -19.39
H31B A1A0P RA . 4.13 6.81 -17.26
H31A A1A0P RA . 4.74 8.25 -17.11
H32B A1A0P RA . 2.85 8.75 -16.17
H32A A1A0P RA . 2.29 8.86 -17.64
H33A A1A0P RA . 2.02 6.57 -15.98
H33B A1A0P RA . 0.82 7.47 -16.48
H33C A1A0P RA . 1.62 6.56 -17.50
H34A A1A0P RA . 8.06 15.73 -18.86
H34B A1A0P RA . 9.01 15.10 -19.93
H35A A1A0P RA . 6.91 15.72 -21.41
H35B A1A0P RA . 7.28 14.28 -20.91
H36A A1A0P RA . 5.84 15.91 -19.15
H36B A1A0P RA . 5.08 15.50 -20.47
H37A A1A0P RA . 4.85 13.40 -19.81
H37B A1A0P RA . 6.34 13.36 -19.36
H38A A1A0P RA . 5.15 13.04 -17.45
H38B A1A0P RA . 5.79 14.48 -17.35
H39B A1A0P RA . 3.22 14.04 -16.98
H39A A1A0P RA . 3.95 15.34 -17.08
H40 A1A0P RA . 3.25 15.94 -19.12
H41 A1A0P RA . 1.56 14.87 -20.13
H42B A1A0P RA . 0.79 13.36 -18.11
H42A A1A0P RA . 0.88 12.84 -19.58
H43A A1A0P RA . 2.31 11.50 -19.11
H43B A1A0P RA . 3.41 12.36 -18.64
H44B A1A0P RA . 2.97 11.07 -16.86
H44A A1A0P RA . 1.87 12.16 -16.57
H45A A1A0P RA . 0.87 10.35 -18.33
H45B A1A0P RA . 1.41 9.61 -17.06
H46A A1A0P RA . -0.30 11.82 -16.64
H46B A1A0P RA . -0.96 10.50 -17.18
H47B A1A0P RA . 0.62 10.40 -14.86
H47A A1A0P RA . -0.89 10.80 -14.73
H48A A1A0P RA . -1.57 8.71 -15.45
H48C A1A0P RA . -0.11 8.34 -15.95
H48B A1A0P RA . -0.41 8.43 -14.41
C2 A1A0P SA . 22.55 11.51 -26.72
O3 A1A0P SA . 21.14 11.81 -26.88
C4 A1A0P SA . 20.27 11.15 -26.11
C1 A1A0P SA . 23.03 12.28 -25.51
O5 A1A0P SA . 20.57 10.29 -25.33
O6 A1A0P SA . 23.25 11.31 -24.44
C7 A1A0P SA . 18.87 11.62 -26.37
C8 A1A0P SA . 24.29 13.04 -25.79
O9 A1A0P SA . 23.95 14.13 -26.69
O10 A1A0P SA . 23.60 16.38 -25.66
C11 A1A0P SA . 22.50 15.73 -24.97
C12 A1A0P SA . 21.36 15.47 -25.90
N13 A1A0P SA . 20.13 16.14 -25.44
P14 A1A0P SA . 24.61 15.57 -26.58
O15 A1A0P SA . 25.92 15.47 -25.90
O16 A1A0P SA . 24.56 16.17 -27.93
C17 A1A0P SA . 23.07 11.71 -23.17
O18 A1A0P SA . 22.85 12.85 -22.85
C19 A1A0P SA . 23.21 10.56 -22.21
C20 A1A0P SA . 22.65 9.24 -22.74
C21 A1A0P SA . 21.19 9.31 -23.16
C22 A1A0P SA . 20.27 8.47 -22.30
C23 A1A0P SA . 20.29 7.00 -22.65
C24 A1A0P SA . 19.37 6.62 -23.79
C25 A1A0P SA . 17.90 6.70 -23.45
C26 A1A0P SA . 17.05 5.69 -24.17
C27 A1A0P SA . 16.33 4.74 -23.25
C28 A1A0P SA . 17.24 3.76 -22.57
C29 A1A0P SA . 16.61 2.42 -22.30
C30 A1A0P SA . 15.61 2.45 -21.17
C31 A1A0P SA . 14.26 1.91 -21.55
C32 A1A0P SA . 14.20 0.40 -21.66
C33 A1A0P SA . 12.88 -0.18 -21.26
C34 A1A0P SA . 18.11 11.92 -25.09
C35 A1A0P SA . 18.52 13.24 -24.45
C36 A1A0P SA . 19.80 13.22 -23.62
C37 A1A0P SA . 19.95 12.07 -22.62
C38 A1A0P SA . 19.39 12.35 -21.23
C39 A1A0P SA . 17.91 12.72 -21.19
C40 A1A0P SA . 17.04 11.74 -21.90
C41 A1A0P SA . 17.04 10.44 -21.75
C42 A1A0P SA . 16.19 9.47 -22.50
C43 A1A0P SA . 14.73 9.51 -22.05
C44 A1A0P SA . 14.46 8.65 -20.83
C45 A1A0P SA . 14.07 7.23 -21.19
C46 A1A0P SA . 12.64 7.12 -21.67
C47 A1A0P SA . 12.05 5.75 -21.45
C48 A1A0P SA . 11.24 5.25 -22.62
H2A A1A0P SA . 22.70 10.55 -26.58
H2B A1A0P SA . 23.02 11.82 -27.52
H1 A1A0P SA . 22.30 12.89 -25.28
H7A A1A0P SA . 18.90 12.41 -26.94
H7B A1A0P SA . 18.42 10.91 -26.87
H8B A1A0P SA . 24.65 13.39 -24.94
H8A A1A0P SA . 24.96 12.47 -26.20
H11B A1A0P SA . 22.79 14.95 -24.46
H11A A1A0P SA . 22.19 16.38 -24.30
H12A A1A0P SA . 21.14 14.52 -25.96
H12B A1A0P SA . 21.56 15.80 -26.81
H13A A1A0P SA . 20.29 17.01 -25.51
H13C A1A0P SA . 19.43 16.03 -25.97
H19B A1A0P SA . 24.15 10.46 -21.99
H19A A1A0P SA . 22.71 10.81 -21.40
H20B A1A0P SA . 22.72 8.58 -22.02
H20A A1A0P SA . 23.21 8.93 -23.48
H21B A1A0P SA . 20.86 10.24 -23.13
H21A A1A0P SA . 21.11 9.02 -24.10
H22A A1A0P SA . 20.53 8.58 -21.37
H22B A1A0P SA . 19.36 8.83 -22.39
H23A A1A0P SA . 21.20 6.74 -22.90
H23B A1A0P SA . 20.04 6.46 -21.87
H24A A1A0P SA . 19.56 7.20 -24.56
H24B A1A0P SA . 19.58 5.70 -24.06
H25A A1A0P SA . 17.78 6.59 -22.48
H25B A1A0P SA . 17.58 7.61 -23.66
H26B A1A0P SA . 16.41 6.17 -24.75
H26A A1A0P SA . 17.62 5.17 -24.78
H27B A1A0P SA . 15.87 5.26 -22.57
H27A A1A0P SA . 15.63 4.26 -23.74
H28A A1A0P SA . 18.05 3.64 -23.12
H28B A1A0P SA . 17.55 4.15 -21.72
H29B A1A0P SA . 16.18 2.09 -23.11
H29A A1A0P SA . 17.32 1.78 -22.10
H30B A1A0P SA . 15.96 1.95 -20.40
H30A A1A0P SA . 15.48 3.37 -20.87
H31B A1A0P SA . 13.60 2.20 -20.88
H31A A1A0P SA . 13.97 2.30 -22.40
H32B A1A0P SA . 14.40 0.15 -22.58
H32A A1A0P SA . 14.91 0.00 -21.10
H33A A1A0P SA . 12.15 0.23 -21.75
H33B A1A0P SA . 12.84 -1.15 -21.41
H33C A1A0P SA . 12.71 -0.03 -20.30
H34A A1A0P SA . 18.13 11.18 -24.46
H34B A1A0P SA . 17.17 12.02 -25.34
H35A A1A0P SA . 18.65 13.90 -25.16
H35B A1A0P SA . 17.78 13.58 -23.91
H36A A1A0P SA . 20.56 13.22 -24.22
H36B A1A0P SA . 19.86 14.06 -23.13
H37A A1A0P SA . 19.58 11.23 -22.96
H37B A1A0P SA . 20.91 11.92 -22.54
H38A A1A0P SA . 19.53 11.58 -20.65
H38B A1A0P SA . 19.87 13.12 -20.84
H39B A1A0P SA . 17.62 12.73 -20.26
H39A A1A0P SA . 17.78 13.63 -21.53
H40 A1A0P SA . 16.43 12.12 -22.56
H41 A1A0P SA . 17.63 10.04 -21.08
H42B A1A0P SA . 16.25 9.62 -23.46
H42A A1A0P SA . 16.53 8.58 -22.32
H43A A1A0P SA . 14.51 10.45 -21.84
H43B A1A0P SA . 14.17 9.23 -22.80
H44B A1A0P SA . 15.25 8.63 -20.25
H44A A1A0P SA . 13.73 9.05 -20.33
H45A A1A0P SA . 14.67 6.91 -21.89
H45B A1A0P SA . 14.20 6.66 -20.40
H46A A1A0P SA . 12.07 7.79 -21.24
H46B A1A0P SA . 12.62 7.30 -22.64
H47B A1A0P SA . 12.77 5.11 -21.28
H47A A1A0P SA . 11.49 5.74 -20.64
H48A A1A0P SA . 11.83 5.11 -23.40
H48C A1A0P SA . 10.80 4.41 -22.40
H48B A1A0P SA . 10.56 5.90 -22.86
C2 A1A0P TA . -1.55 -4.49 1.05
O3 A1A0P TA . -2.62 -3.85 0.30
C4 A1A0P TA . -2.41 -2.92 -0.66
C1 A1A0P TA . -1.05 -5.37 -0.09
O5 A1A0P TA . -3.14 -2.80 -1.60
O6 A1A0P TA . 0.27 -4.95 -0.60
C7 A1A0P TA . -1.17 -2.09 -0.44
C8 A1A0P TA . -1.06 -6.86 0.10
O9 A1A0P TA . -0.86 -7.36 -1.25
O10 A1A0P TA . -1.43 -5.39 -2.85
C11 A1A0P TA . -1.73 -4.32 -3.93
C12 A1A0P TA . -0.57 -4.28 -4.87
N13 A1A0P TA . -0.54 -3.57 -6.34
P14 A1A0P TA . -1.72 -7.07 -2.59
O15 A1A0P TA . -0.93 -8.06 -3.38
O16 A1A0P TA . -3.09 -7.35 -2.14
C17 A1A0P TA . 1.35 -4.90 0.21
O18 A1A0P TA . 1.32 -5.22 1.37
C19 A1A0P TA . 2.56 -4.41 -0.53
C20 A1A0P TA . 2.28 -3.83 -1.90
C21 A1A0P TA . 3.54 -3.36 -2.61
C22 A1A0P TA . 3.47 -3.51 -4.11
C23 A1A0P TA . 2.80 -2.34 -4.80
C24 A1A0P TA . 3.74 -1.57 -5.70
C25 A1A0P TA . 3.10 -0.36 -6.34
C26 A1A0P TA . 2.69 -0.59 -7.79
C27 A1A0P TA . 1.36 -1.30 -7.93
C28 A1A0P TA . 0.82 -1.31 -9.34
C29 A1A0P TA . -0.65 -0.99 -9.48
C30 A1A0P TA . -0.95 0.04 -10.54
C31 A1A0P TA . -1.98 1.06 -10.13
C32 A1A0P TA . -2.87 1.53 -11.23
C33 A1A0P TA . -2.44 2.78 -11.83
C34 A1A0P TA . -0.95 -1.05 -1.51
C35 A1A0P TA . -2.00 0.05 -1.56
C36 A1A0P TA . -1.98 0.91 -2.80
C37 A1A0P TA . -1.62 0.16 -4.09
C38 A1A0P TA . -0.13 0.14 -4.44
C39 A1A0P TA . 0.56 1.50 -4.37
C40 A1A0P TA . -0.27 2.65 -4.80
C41 A1A0P TA . -0.98 2.77 -5.90
C42 A1A0P TA . -0.96 1.84 -7.05
C43 A1A0P TA . 0.39 1.87 -7.72
C44 A1A0P TA . 0.85 3.23 -8.18
C45 A1A0P TA . 1.68 3.15 -9.45
C46 A1A0P TA . 0.86 3.29 -10.71
C47 A1A0P TA . 0.78 4.71 -11.22
C48 A1A0P TA . 0.02 4.84 -12.52
H2A A1A0P TA . -0.88 -3.86 1.38
H2B A1A0P TA . -1.92 -5.03 1.77
H1 A1A0P TA . -1.80 -5.27 -0.67
H7A A1A0P TA . -1.23 -1.65 0.43
H7B A1A0P TA . -0.37 -2.65 -0.44
H8B A1A0P TA . -0.34 -7.15 0.70
H8A A1A0P TA . -1.91 -7.18 0.45
H11B A1A0P TA . -2.63 -4.24 -4.28
H11A A1A0P TA . -1.63 -3.49 -3.43
H12A A1A0P TA . -0.29 -5.21 -5.05
H12B A1A0P TA . 0.17 -3.87 -4.39
H13A A1A0P TA . -1.22 -3.04 -6.49
H13C A1A0P TA . 0.05 -2.93 -6.26
H19B A1A0P TA . 3.00 -3.73 0.03
H19A A1A0P TA . 3.17 -5.16 -0.63
H20B A1A0P TA . 1.66 -3.07 -1.82
H20A A1A0P TA . 1.86 -4.52 -2.46
H21B A1A0P TA . 3.70 -2.42 -2.41
H21A A1A0P TA . 4.30 -3.86 -2.26
H22A A1A0P TA . 4.37 -3.61 -4.47
H22B A1A0P TA . 2.98 -4.33 -4.31
H23A A1A0P TA . 2.06 -2.66 -5.36
H23B A1A0P TA . 2.40 -1.73 -4.15
H24A A1A0P TA . 4.52 -1.28 -5.17
H24B A1A0P TA . 4.06 -2.18 -6.39
H25A A1A0P TA . 2.29 -0.13 -5.83
H25B A1A0P TA . 3.70 0.41 -6.28
H26B A1A0P TA . 2.66 0.27 -8.25
H26A A1A0P TA . 3.37 -1.12 -8.24
H27B A1A0P TA . 1.49 -2.23 -7.64
H27A A1A0P TA . 0.70 -0.91 -7.30
H28A A1A0P TA . 1.34 -0.69 -9.89
H28B A1A0P TA . 0.99 -2.21 -9.71
H29B A1A0P TA . -1.18 -1.79 -9.64
H29A A1A0P TA . -0.96 -0.65 -8.61
H30B A1A0P TA . -0.14 0.51 -10.82
H30A A1A0P TA . -1.30 -0.41 -11.34
H31B A1A0P TA . -2.52 0.68 -9.41
H31A A1A0P TA . -1.54 1.84 -9.75
H32B A1A0P TA . -2.86 0.87 -11.93
H32A A1A0P TA . -3.79 1.62 -10.90
H33A A1A0P TA . -1.84 2.61 -12.58
H33B A1A0P TA . -3.21 3.28 -12.15
H33C A1A0P TA . -1.97 3.33 -11.18
H34A A1A0P TA . -0.81 -1.51 -2.36
H34B A1A0P TA . -0.10 -0.60 -1.30
H35A A1A0P TA . -2.89 -0.32 -1.50
H35B A1A0P TA . -1.90 0.63 -0.78
H36A A1A0P TA . -2.84 1.33 -2.93
H36B A1A0P TA . -1.37 1.64 -2.61
H37A A1A0P TA . -1.93 -0.77 -4.04
H37B A1A0P TA . -2.15 0.56 -4.82
H38A A1A0P TA . 0.35 -0.47 -3.85
H38B A1A0P TA . 0.00 -0.19 -5.34
H39B A1A0P TA . 0.79 1.67 -3.43
H39A A1A0P TA . 1.42 1.47 -4.85
H40 A1A0P TA . -0.25 3.40 -4.19
H41 A1A0P TA . -1.59 3.53 -5.99
H42B A1A0P TA . -1.21 0.92 -6.82
H42A A1A0P TA . -1.64 2.13 -7.67
H43A A1A0P TA . 1.05 1.52 -7.10
H43B A1A0P TA . 0.38 1.28 -8.50
H44B A1A0P TA . 0.09 3.82 -8.34
H44A A1A0P TA . 1.39 3.62 -7.47
H45A A1A0P TA . 2.35 3.86 -9.42
H45B A1A0P TA . 2.15 2.30 -9.45
H46A A1A0P TA . 1.16 2.69 -11.41
H46B A1A0P TA . -0.05 3.02 -10.48
H47B A1A0P TA . 0.34 5.26 -10.55
H47A A1A0P TA . 1.68 5.08 -11.31
H48A A1A0P TA . 0.00 3.99 -13.00
H48C A1A0P TA . -0.90 5.12 -12.34
H48B A1A0P TA . 0.42 5.52 -13.10
C2 A1A0P UA . -4.26 -6.77 -8.64
O3 A1A0P UA . -3.95 -5.80 -9.65
C4 A1A0P UA . -3.19 -6.19 -10.68
C1 A1A0P UA . -5.30 -6.13 -7.77
O5 A1A0P UA . -2.71 -7.29 -10.78
O6 A1A0P UA . -6.16 -5.34 -8.65
C7 A1A0P UA . -3.02 -5.07 -11.66
C8 A1A0P UA . -6.16 -7.18 -7.09
O9 A1A0P UA . -5.31 -8.01 -6.26
O10 A1A0P UA . -3.22 -7.12 -5.40
C11 A1A0P UA . -2.72 -5.76 -5.40
C12 A1A0P UA . -1.77 -5.55 -6.55
N13 A1A0P UA . -2.10 -4.31 -7.28
P14 A1A0P UA . -4.69 -7.47 -4.90
O15 A1A0P UA . -5.42 -6.26 -4.43
O16 A1A0P UA . -4.58 -8.62 -3.98
C17 A1A0P UA . -6.56 -4.08 -8.33
O18 A1A0P UA . -6.86 -3.26 -9.14
C19 A1A0P UA . -6.59 -3.80 -6.85
C20 A1A0P UA . -5.31 -3.21 -6.31
C21 A1A0P UA . -5.42 -1.73 -6.01
C22 A1A0P UA . -5.35 -0.86 -7.25
C23 A1A0P UA . -6.70 -0.34 -7.68
C24 A1A0P UA . -6.71 0.14 -9.11
C25 A1A0P UA . -6.37 1.61 -9.24
C26 A1A0P UA . -7.52 2.51 -8.88
C27 A1A0P UA . -7.39 3.90 -9.45
C28 A1A0P UA . -6.27 4.70 -8.82
C29 A1A0P UA . -5.00 4.73 -9.64
C30 A1A0P UA . -4.88 5.95 -10.50
C31 A1A0P UA . -5.77 5.92 -11.73
C32 A1A0P UA . -5.54 7.08 -12.66
C33 A1A0P UA . -6.36 8.28 -12.26
C34 A1A0P UA . -4.23 -4.93 -12.56
C35 A1A0P UA . -5.44 -4.38 -11.83
C36 A1A0P UA . -6.36 -3.55 -12.68
C37 A1A0P UA . -6.13 -2.07 -12.53
C38 A1A0P UA . -4.92 -1.56 -13.30
C39 A1A0P UA . -3.67 -1.50 -12.44
C40 A1A0P UA . -2.46 -1.89 -13.22
C41 A1A0P UA . -1.98 -1.29 -14.27
C42 A1A0P UA . -2.54 -0.08 -14.94
C43 A1A0P UA . -1.48 0.76 -15.62
C44 A1A0P UA . -0.74 1.67 -14.67
C45 A1A0P UA . 0.27 0.95 -13.81
C46 A1A0P UA . 1.49 1.77 -13.52
C47 A1A0P UA . 2.53 1.72 -14.63
C48 A1A0P UA . 3.48 2.86 -14.57
H2A A1A0P UA . -4.64 -7.57 -9.04
H2B A1A0P UA . -3.45 -6.97 -8.11
H1 A1A0P UA . -4.81 -5.61 -7.13
H7A A1A0P UA . -2.86 -4.22 -11.18
H7B A1A0P UA . -2.23 -5.27 -12.19
H8B A1A0P UA . -6.86 -6.75 -6.57
H8A A1A0P UA . -6.58 -7.76 -7.76
H11B A1A0P UA . -3.45 -5.11 -5.41
H11A A1A0P UA . -2.24 -5.64 -4.56
H12A A1A0P UA . -1.83 -6.28 -7.20
H12B A1A0P UA . -0.85 -5.48 -6.24
H13A A1A0P UA . -2.85 -4.46 -7.71
H13C A1A0P UA . -2.30 -3.62 -6.76
H19B A1A0P UA . -7.32 -3.16 -6.71
H19A A1A0P UA . -6.83 -4.61 -6.35
H20B A1A0P UA . -5.06 -3.68 -5.49
H20A A1A0P UA . -4.61 -3.35 -6.97
H21B A1A0P UA . -6.28 -1.56 -5.57
H21A A1A0P UA . -4.71 -1.48 -5.39
H22A A1A0P UA . -4.76 -0.11 -7.08
H22B A1A0P UA . -4.95 -1.40 -7.96
H23A A1A0P UA . -7.36 -1.05 -7.58
H23B A1A0P UA . -6.97 0.39 -7.10
H24A A1A0P UA . -6.07 -0.39 -9.63
H24B A1A0P UA . -7.60 -0.03 -9.48
H25A A1A0P UA . -5.60 1.81 -8.68
H25B A1A0P UA . -6.11 1.80 -10.16
H26B A1A0P UA . -8.36 2.10 -9.18
H26A A1A0P UA . -7.58 2.58 -7.91
H27B A1A0P UA . -7.21 3.82 -10.40
H27A A1A0P UA . -8.23 4.38 -9.36
H28A A1A0P UA . -6.57 5.61 -8.66
H28B A1A0P UA . -6.07 4.31 -7.94
H29B A1A0P UA . -4.22 4.64 -9.06
H29A A1A0P UA . -5.01 3.93 -10.21
H30B A1A0P UA . -5.08 6.75 -9.98
H30A A1A0P UA . -3.96 6.04 -10.81
H31B A1A0P UA . -5.59 5.08 -12.21
H31A A1A0P UA . -6.70 5.90 -11.46
H32B A1A0P UA . -4.59 7.32 -12.64
H32A A1A0P UA . -5.77 6.83 -13.57
H33A A1A0P UA . -5.79 9.09 -12.17
H33B A1A0P UA . -7.06 8.48 -12.91
H33C A1A0P UA . -6.78 8.13 -11.39
H34A A1A0P UA . -4.46 -5.78 -13.00
H34B A1A0P UA . -4.00 -4.30 -13.27
H35A A1A0P UA . -5.95 -5.13 -11.45
H35B A1A0P UA . -5.13 -3.84 -11.07
H36A A1A0P UA . -6.24 -3.81 -13.62
H36B A1A0P UA . -7.28 -3.76 -12.45
H37A A1A0P UA . -6.93 -1.57 -12.83
H37B A1A0P UA . -6.02 -1.89 -11.58
H38A A1A0P UA . -4.76 -2.16 -14.06
H38B A1A0P UA . -5.09 -0.66 -13.64
H39B A1A0P UA . -3.54 -0.57 -12.15
H39A A1A0P UA . -3.78 -2.04 -11.63
H40 A1A0P UA . -1.98 -2.68 -12.88
H41 A1A0P UA . -1.17 -1.65 -14.70
H42B A1A0P UA . -3.26 -0.30 -15.56
H42A A1A0P UA . -2.95 0.48 -14.24
H43A A1A0P UA . -0.83 0.14 -16.02
H43B A1A0P UA . -1.88 1.27 -16.34
H44B A1A0P UA . -0.29 2.39 -15.16
H44A A1A0P UA . -1.39 2.08 -14.07
H45A A1A0P UA . -0.15 0.69 -12.97
H45B A1A0P UA . 0.54 0.12 -14.26
H46A A1A0P UA . 1.25 2.71 -13.36
H46B A1A0P UA . 1.92 1.45 -12.70
H47B A1A0P UA . 3.02 0.87 -14.55
H47A A1A0P UA . 2.07 1.69 -15.49
H48A A1A0P UA . 3.03 3.71 -14.73
H48C A1A0P UA . 3.90 2.89 -13.68
H48B A1A0P UA . 4.20 2.74 -15.22
C2 A1A0P VA . -9.57 -2.89 -3.67
O3 A1A0P VA . -10.52 -1.84 -3.56
C4 A1A0P VA . -10.11 -0.72 -4.26
C1 A1A0P VA . -10.24 -3.49 -4.81
O5 A1A0P VA . -9.13 -0.70 -4.96
O6 A1A0P VA . -9.41 -3.56 -5.98
C7 A1A0P VA . -10.99 0.50 -4.17
C8 A1A0P VA . -10.38 -4.94 -4.36
O9 A1A0P VA . -11.77 -5.15 -4.07
O10 A1A0P VA . -13.18 -5.79 -2.45
C11 A1A0P VA . -14.58 -5.52 -2.05
C12 A1A0P VA . -14.68 -4.66 -0.81
N13 A1A0P VA . -15.57 -3.45 -1.00
P14 A1A0P VA . -12.32 -4.52 -2.74
O15 A1A0P VA . -11.37 -4.43 -1.61
O16 A1A0P VA . -13.17 -3.36 -3.09
C17 A1A0P VA . -9.94 -4.25 -6.96
O18 A1A0P VA . -11.08 -4.62 -7.01
C19 A1A0P VA . -8.98 -4.36 -8.11
C20 A1A0P VA . -8.31 -3.03 -8.47
C21 A1A0P VA . -9.27 -1.90 -8.80
C22 A1A0P VA . -8.60 -0.71 -9.44
C23 A1A0P VA . -9.56 0.30 -10.07
C24 A1A0P VA . -9.07 1.75 -9.98
C25 A1A0P VA . -9.31 2.56 -11.25
C26 A1A0P VA . -8.24 2.33 -12.30
C27 A1A0P VA . -7.01 3.19 -12.11
C28 A1A0P VA . -5.84 2.76 -12.98
C29 A1A0P VA . -5.38 3.82 -13.96
C30 A1A0P VA . -4.41 3.31 -15.00
C31 A1A0P VA . -3.25 4.25 -15.25
C32 A1A0P VA . -2.57 4.05 -16.59
C33 A1A0P VA . -2.00 2.67 -16.76
C34 A1A0P VA . -10.79 1.52 -5.32
C35 A1A0P VA . -9.42 2.27 -5.45
C36 A1A0P VA . -9.46 3.63 -6.22
C37 A1A0P VA . -8.14 4.14 -6.91
C38 A1A0P VA . -7.90 5.60 -6.76
C39 A1A0P VA . -7.83 6.34 -8.09
C40 A1A0P VA . -8.05 7.78 -7.84
C41 A1A0P VA . -7.39 8.47 -6.97
C42 A1A0P VA . -7.67 9.84 -6.64
C43 A1A0P VA . -7.33 10.88 -7.79
C44 A1A0P VA . -8.20 12.17 -8.02
C45 A1A0P VA . -9.04 12.11 -9.27
C46 A1A0P VA . -8.26 12.45 -10.54
C47 A1A0P VA . -7.86 13.91 -10.67
C48 A1A0P VA . -9.02 14.86 -10.71
H2A A1A0P VA . -8.64 -2.66 -3.87
H2B A1A0P VA . -9.59 -3.39 -2.83
H1 A1A0P VA . -11.10 -3.07 -4.98
H7A A1A0P VA . -11.93 0.22 -4.12
H7B A1A0P VA . -10.77 0.94 -3.31
H8B A1A0P VA . -9.86 -5.11 -3.57
H8A A1A0P VA . -10.09 -5.65 -4.96
H11B A1A0P VA . -15.10 -5.17 -2.80
H11A A1A0P VA . -14.96 -6.40 -1.84
H12A A1A0P VA . -13.82 -4.31 -0.50
H12B A1A0P VA . -15.07 -5.17 -0.07
H13A A1A0P VA . -15.23 -3.02 -1.69
H13C A1A0P VA . -16.39 -3.65 -1.26
H19B A1A0P VA . -8.31 -5.02 -7.88
H19A A1A0P VA . -9.49 -4.66 -8.88
H20B A1A0P VA . -7.75 -3.19 -9.27
H20A A1A0P VA . -7.71 -2.76 -7.74
H21B A1A0P VA . -9.97 -2.23 -9.41
H21A A1A0P VA . -9.72 -1.62 -7.98
H22A A1A0P VA . -8.07 -0.24 -8.76
H22B A1A0P VA . -7.97 -1.03 -10.12
H23A A1A0P VA . -9.67 0.07 -11.01
H23B A1A0P VA . -10.43 0.23 -9.65
H24A A1A0P VA . -9.51 2.18 -9.23
H24B A1A0P VA . -8.11 1.72 -9.79
H25A A1A0P VA . -10.18 2.34 -11.62
H25B A1A0P VA . -9.32 3.51 -11.01
H26B A1A0P VA . -8.00 1.38 -12.30
H26A A1A0P VA . -8.61 2.51 -13.19
H27B A1A0P VA . -7.23 4.11 -12.33
H27A A1A0P VA . -6.75 3.19 -11.17
H28A A1A0P VA . -5.09 2.51 -12.42
H28B A1A0P VA . -6.10 1.96 -13.48
H29B A1A0P VA . -6.17 4.21 -14.41
H29A A1A0P VA . -4.98 4.55 -13.44
H30B A1A0P VA . -4.87 3.12 -15.84
H30A A1A0P VA . -4.04 2.46 -14.68
H31B A1A0P VA . -3.57 5.16 -15.18
H31A A1A0P VA . -2.58 4.13 -14.54
H32B A1A0P VA . -3.23 4.21 -17.29
H32A A1A0P VA . -1.85 4.71 -16.71
H33A A1A0P VA . -2.69 2.05 -17.08
H33B A1A0P VA . -1.26 2.65 -17.39
H33C A1A0P VA . -1.68 2.34 -15.90
H34A A1A0P VA . -11.51 2.18 -5.32
H34B A1A0P VA . -10.91 1.01 -6.15
H35A A1A0P VA . -9.06 2.44 -4.55
H35B A1A0P VA . -8.77 1.69 -5.90
H36A A1A0P VA . -10.16 3.58 -6.90
H36B A1A0P VA . -9.76 4.31 -5.59
H37A A1A0P VA . -7.38 3.64 -6.57
H37B A1A0P VA . -8.22 3.92 -7.87
H38A A1A0P VA . -8.60 5.99 -6.21
H38B A1A0P VA . -7.04 5.74 -6.31
H39B A1A0P VA . -6.94 6.23 -8.48
H39A A1A0P VA . -8.48 5.96 -8.72
H40 A1A0P VA . -8.74 8.22 -8.37
H41 A1A0P VA . -6.64 8.06 -6.49
H42B A1A0P VA . -7.26 10.11 -5.80
H42A A1A0P VA . -8.64 9.89 -6.49
H43A A1A0P VA . -6.41 11.17 -7.61
H43B A1A0P VA . -7.29 10.38 -8.63
H44B A1A0P VA . -8.79 12.32 -7.25
H44A A1A0P VA . -7.60 12.95 -8.07
H45A A1A0P VA . -9.38 11.20 -9.35
H45B A1A0P VA . -9.81 12.70 -9.18
H46A A1A0P VA . -7.47 11.89 -10.59
H46B A1A0P VA . -8.82 12.22 -11.30
H47B A1A0P VA . -7.27 14.14 -9.92
H47A A1A0P VA . -7.31 14.02 -11.47
H48A A1A0P VA . -8.79 15.69 -11.16
H48C A1A0P VA . -9.78 14.44 -11.16
H48B A1A0P VA . -9.31 15.06 -9.79
C2 A1A0P WA . -31.88 6.73 -16.36
O3 A1A0P WA . -30.65 7.07 -15.68
C4 A1A0P WA . -29.55 7.33 -16.39
C1 A1A0P WA . -32.15 5.24 -16.50
O5 A1A0P WA . -29.48 7.24 -17.58
O6 A1A0P WA . -31.91 4.85 -17.89
C7 A1A0P WA . -28.40 7.72 -15.50
C8 A1A0P WA . -31.33 4.34 -15.60
O9 A1A0P WA . -32.23 3.46 -14.89
O10 A1A0P WA . -31.94 1.09 -14.35
C11 A1A0P WA . -31.31 0.73 -15.61
C12 A1A0P WA . -32.33 0.47 -16.67
N13 A1A0P WA . -32.02 1.25 -17.90
P14 A1A0P WA . -31.72 2.53 -13.70
O15 A1A0P WA . -32.65 2.69 -12.55
O16 A1A0P WA . -30.28 2.73 -13.48
C17 A1A0P WA . -32.80 5.22 -18.83
O18 A1A0P WA . -33.76 5.91 -18.63
C19 A1A0P WA . -32.43 4.65 -20.17
C20 A1A0P WA . -33.18 3.35 -20.46
C21 A1A0P WA . -32.47 2.46 -21.47
C22 A1A0P WA . -32.92 2.69 -22.91
C23 A1A0P WA . -31.94 3.54 -23.69
C24 A1A0P WA . -32.56 4.81 -24.23
C25 A1A0P WA . -31.62 6.00 -24.18
C26 A1A0P WA . -31.67 6.75 -22.86
C27 A1A0P WA . -31.21 8.20 -22.96
C28 A1A0P WA . -29.74 8.33 -23.20
C29 A1A0P WA . -29.34 9.54 -24.04
C30 A1A0P WA . -27.94 10.04 -23.76
C31 A1A0P WA . -27.21 10.51 -25.01
C32 A1A0P WA . -26.24 11.66 -24.79
C33 A1A0P WA . -25.25 11.87 -25.91
C34 A1A0P WA . -28.76 8.73 -14.42
C35 A1A0P WA . -28.46 10.17 -14.84
C36 A1A0P WA . -27.47 10.88 -13.93
C37 A1A0P WA . -27.21 12.36 -14.23
C38 A1A0P WA . -26.23 12.99 -13.25
C39 A1A0P WA . -25.74 14.38 -13.63
C40 A1A0P WA . -26.30 15.48 -12.78
C41 A1A0P WA . -25.90 16.74 -12.69
C42 A1A0P WA . -24.77 17.42 -13.43
C43 A1A0P WA . -25.06 18.91 -13.69
C44 A1A0P WA . -23.82 19.82 -13.80
C45 A1A0P WA . -24.13 21.24 -14.29
C46 A1A0P WA . -22.89 22.10 -14.57
C47 A1A0P WA . -23.21 23.45 -15.24
C48 A1A0P WA . -21.99 24.38 -15.50
H2A A1A0P WA . -32.61 7.11 -15.82
H2B A1A0P WA . -31.90 7.16 -17.24
H1 A1A0P WA . -33.10 5.11 -16.28
H7A A1A0P WA . -27.99 6.93 -15.10
H7B A1A0P WA . -27.72 8.10 -16.08
H8B A1A0P WA . -30.78 4.82 -14.95
H8A A1A0P WA . -30.72 3.78 -16.13
H11B A1A0P WA . -30.65 0.02 -15.49
H11A A1A0P WA . -30.81 1.54 -15.89
H12A A1A0P WA . -33.22 0.74 -16.38
H12B A1A0P WA . -32.33 -0.48 -16.92
H13A A1A0P WA . -32.26 2.08 -17.72
H13C A1A0P WA . -31.15 1.32 -18.07
H19B A1A0P WA . -31.46 4.50 -20.19
H19A A1A0P WA . -32.69 5.30 -20.84
H20B A1A0P WA . -33.28 2.86 -19.61
H20A A1A0P WA . -34.07 3.59 -20.79
H21B A1A0P WA . -31.51 2.60 -21.39
H21A A1A0P WA . -32.64 1.53 -21.21
H22A A1A0P WA . -33.80 3.11 -22.90
H22B A1A0P WA . -33.02 1.81 -23.34
H23A A1A0P WA . -31.20 3.80 -23.11
H23B A1A0P WA . -31.55 3.03 -24.43
H24A A1A0P WA . -32.84 4.67 -25.16
H24B A1A0P WA . -33.36 5.02 -23.71
H25A A1A0P WA . -30.70 5.69 -24.35
H25B A1A0P WA . -31.84 6.62 -24.91
H26B A1A0P WA . -32.57 6.69 -22.50
H26A A1A0P WA . -31.08 6.29 -22.23
H27B A1A0P WA . -31.69 8.61 -23.70
H27A A1A0P WA . -31.48 8.68 -22.16
H28A A1A0P WA . -29.25 8.33 -22.36
H28B A1A0P WA . -29.48 7.52 -23.68
H29B A1A0P WA . -29.99 10.26 -23.91
H29A A1A0P WA . -29.41 9.27 -24.98
H30B A1A0P WA . -27.96 10.78 -23.10
H30A A1A0P WA . -27.42 9.32 -23.36
H31B A1A0P WA . -26.71 9.75 -25.38
H31A A1A0P WA . -27.86 10.76 -25.69
H32B A1A0P WA . -25.75 11.48 -23.96
H32A A1A0P WA . -26.75 12.49 -24.65
H33A A1A0P WA . -24.88 11.02 -26.27
H33B A1A0P WA . -25.64 12.36 -26.66
H33C A1A0P WA . -24.49 12.39 -25.59
H34A A1A0P WA . -28.24 8.57 -13.60
H34B A1A0P WA . -29.70 8.68 -14.14
H35A A1A0P WA . -28.09 10.18 -15.75
H35B A1A0P WA . -29.29 10.68 -14.88
H36A A1A0P WA . -27.80 10.82 -13.01
H36B A1A0P WA . -26.62 10.41 -13.97
H37A A1A0P WA . -26.88 12.45 -15.14
H37B A1A0P WA . -28.07 12.82 -14.19
H38A A1A0P WA . -26.64 13.02 -12.36
H38B A1A0P WA . -25.44 12.41 -13.19
H39B A1A0P WA . -24.77 14.41 -13.51
H39A A1A0P WA . -25.90 14.54 -14.59
H40 A1A0P WA . -27.06 15.21 -12.22
H41 A1A0P WA . -26.38 17.33 -12.07
H42B A1A0P WA . -23.91 17.31 -12.97
H42A A1A0P WA . -24.68 16.98 -14.30
H43A A1A0P WA . -25.56 18.98 -14.53
H43B A1A0P WA . -25.64 19.24 -12.97
H44B A1A0P WA . -23.37 19.89 -12.93
H44A A1A0P WA . -23.20 19.41 -14.42
H45A A1A0P WA . -24.65 21.16 -15.11
H45B A1A0P WA . -24.70 21.69 -13.63
H46A A1A0P WA . -22.41 22.26 -13.75
H46B A1A0P WA . -22.30 21.60 -15.16
H47B A1A0P WA . -23.64 23.28 -16.10
H47A A1A0P WA . -23.87 23.93 -14.70
H48A A1A0P WA . -21.73 24.85 -14.68
H48C A1A0P WA . -21.23 23.85 -15.81
H48B A1A0P WA . -22.19 25.03 -16.18
C2 A1A0P XA . -28.18 1.94 -15.73
O3 A1A0P XA . -27.00 2.79 -15.66
C4 A1A0P XA . -27.11 4.10 -15.88
C1 A1A0P XA . -28.07 1.05 -16.95
O5 A1A0P XA . -28.13 4.66 -16.16
O6 A1A0P XA . -27.60 1.86 -18.07
C7 A1A0P XA . -25.78 4.77 -15.76
C8 A1A0P XA . -27.14 -0.11 -16.72
O9 A1A0P XA . -27.79 -1.00 -15.77
O10 A1A0P XA . -28.66 -3.17 -16.48
C11 A1A0P XA . -28.81 -2.86 -17.89
C12 A1A0P XA . -29.95 -1.92 -18.10
N13 A1A0P XA . -29.67 -0.97 -19.20
P14 A1A0P XA . -27.46 -2.55 -15.63
O15 A1A0P XA . -26.18 -2.88 -16.28
O16 A1A0P XA . -27.67 -2.92 -14.22
C17 A1A0P XA . -28.51 2.66 -18.66
O18 A1A0P XA . -29.66 2.74 -18.34
C19 A1A0P XA . -27.89 3.44 -19.78
C20 A1A0P XA . -28.19 4.92 -19.66
C21 A1A0P XA . -27.83 5.76 -20.88
C22 A1A0P XA . -27.24 5.00 -22.05
C23 A1A0P XA . -26.92 5.89 -23.22
C24 A1A0P XA . -25.49 6.32 -23.24
C25 A1A0P XA . -25.28 7.57 -24.04
C26 A1A0P XA . -24.72 8.72 -23.26
C27 A1A0P XA . -23.24 8.58 -22.98
C28 A1A0P XA . -22.37 9.20 -24.04
C29 A1A0P XA . -22.20 10.69 -23.87
C30 A1A0P XA . -21.14 11.27 -24.76
C31 A1A0P XA . -21.48 12.62 -25.31
C32 A1A0P XA . -20.62 13.03 -26.48
C33 A1A0P XA . -20.26 14.48 -26.44
C34 A1A0P XA . -25.32 5.42 -17.05
C35 A1A0P XA . -24.71 4.45 -18.03
C36 A1A0P XA . -24.74 4.95 -19.44
C37 A1A0P XA . -23.50 5.69 -19.86
C38 A1A0P XA . -23.42 7.11 -19.32
C39 A1A0P XA . -24.47 8.03 -19.90
C40 A1A0P XA . -25.50 8.45 -18.92
C41 A1A0P XA . -25.81 9.68 -18.60
C42 A1A0P XA . -25.21 10.94 -19.13
C43 A1A0P XA . -25.57 11.19 -20.58
C44 A1A0P XA . -24.39 11.62 -21.42
C45 A1A0P XA . -24.36 13.09 -21.75
C46 A1A0P XA . -24.17 14.00 -20.56
C47 A1A0P XA . -22.78 13.93 -19.97
C48 A1A0P XA . -22.73 13.20 -18.66
H2A A1A0P XA . -28.18 1.39 -14.93
H2B A1A0P XA . -29.00 2.46 -15.75
H1 A1A0P XA . -28.96 0.69 -17.12
H7A A1A0P XA . -25.80 5.43 -15.02
H7B A1A0P XA . -25.13 4.07 -15.50
H8B A1A0P XA . -26.97 -0.56 -17.57
H8A A1A0P XA . -26.28 0.18 -16.35
H11B A1A0P XA . -27.97 -2.53 -18.27
H11A A1A0P XA . -29.00 -3.71 -18.33
H12A A1A0P XA . -30.13 -1.37 -17.31
H12B A1A0P XA . -30.77 -2.41 -18.33
H13A A1A0P XA . -28.88 -0.62 -19.01
H13C A1A0P XA . -29.54 -1.35 -19.99
H19B A1A0P XA . -26.94 3.27 -19.78
H19A A1A0P XA . -28.30 3.08 -20.59
H20B A1A0P XA . -29.14 5.04 -19.48
H20A A1A0P XA . -27.69 5.26 -18.89
H21B A1A0P XA . -28.62 6.24 -21.20
H21A A1A0P XA . -27.18 6.45 -20.61
H22A A1A0P XA . -26.41 4.56 -21.77
H22B A1A0P XA . -27.87 4.32 -22.33
H23A A1A0P XA . -27.12 5.41 -24.05
H23B A1A0P XA . -27.49 6.69 -23.19
H24A A1A0P XA . -25.19 6.46 -22.33
H24B A1A0P XA . -24.95 5.59 -23.60
H25A A1A0P XA . -24.68 7.39 -24.80
H25B A1A0P XA . -26.14 7.85 -24.43
H26B A1A0P XA . -24.89 9.55 -23.74
H26A A1A0P XA . -25.20 8.80 -22.42
H27B A1A0P XA . -23.05 9.05 -22.13
H27A A1A0P XA . -23.00 7.64 -22.82
H28A A1A0P XA . -21.49 8.77 -24.03
H28B A1A0P XA . -22.77 9.02 -24.91
H29B A1A0P XA . -23.05 11.14 -24.04
H29A A1A0P XA . -21.99 10.86 -22.93
H30B A1A0P XA . -20.28 11.31 -24.27
H30A A1A0P XA . -21.00 10.67 -25.52
H31B A1A0P XA . -21.39 13.29 -24.59
H31A A1A0P XA . -22.43 12.63 -25.57
H32B A1A0P XA . -19.81 12.50 -26.44
H32A A1A0P XA . -21.08 12.84 -27.31
H33A A1A0P XA . -19.69 14.68 -25.67
H33B A1A0P XA . -21.07 15.04 -26.38
H33C A1A0P XA . -19.77 14.73 -27.25
H34A A1A0P XA . -24.70 6.16 -16.88
H34B A1A0P XA . -26.10 5.81 -17.47
H35A A1A0P XA . -23.80 4.25 -17.77
H35B A1A0P XA . -25.21 3.60 -17.98
H36A A1A0P XA . -24.91 4.21 -20.06
H36B A1A0P XA . -25.50 5.55 -19.52
H37A A1A0P XA . -22.70 5.20 -19.59
H37B A1A0P XA . -23.50 5.72 -20.84
H38A A1A0P XA . -23.49 7.11 -18.34
H38B A1A0P XA . -22.54 7.49 -19.56
H39B A1A0P XA . -24.02 8.81 -20.25
H39A A1A0P XA . -24.89 7.59 -20.66
H40 A1A0P XA . -25.99 7.72 -18.50
H41 A1A0P XA . -26.52 9.82 -17.93
H42B A1A0P XA . -25.42 11.72 -18.58
H42A A1A0P XA . -24.24 10.82 -19.08
H43A A1A0P XA . -25.93 10.36 -20.95
H43B A1A0P XA . -26.28 11.87 -20.63
H44B A1A0P XA . -23.54 11.36 -21.02
H44A A1A0P XA . -24.45 11.16 -22.28
H45A A1A0P XA . -23.63 13.24 -22.38
H45B A1A0P XA . -25.19 13.32 -22.21
H46A A1A0P XA . -24.37 14.92 -20.80
H46B A1A0P XA . -24.82 13.75 -19.86
H47B A1A0P XA . -22.20 13.46 -20.61
H47A A1A0P XA . -22.41 14.83 -19.87
H48A A1A0P XA . -23.58 13.29 -18.19
H48C A1A0P XA . -22.56 12.25 -18.82
H48B A1A0P XA . -22.01 13.53 -18.11
C2 A1A0P YA . -7.99 3.33 -53.17
O3 A1A0P YA . -8.30 2.76 -51.88
C4 A1A0P YA . -8.31 3.55 -50.81
C1 A1A0P YA . -6.49 3.31 -53.23
O5 A1A0P YA . -8.18 4.75 -50.85
O6 A1A0P YA . -6.10 2.62 -54.47
C7 A1A0P YA . -8.54 2.75 -49.58
C8 A1A0P YA . -5.95 4.70 -53.26
O9 A1A0P YA . -6.05 5.28 -54.57
O10 A1A0P YA . -3.95 4.37 -55.29
C11 A1A0P YA . -2.86 4.06 -54.42
C12 A1A0P YA . -2.91 2.60 -54.10
N13 A1A0P YA . -2.94 1.79 -55.35
P14 A1A0P YA . -4.72 5.76 -55.31
O15 A1A0P YA . -5.06 6.11 -56.71
O16 A1A0P YA . -4.03 6.76 -54.47
C17 A1A0P YA . -5.96 1.26 -54.55
O18 A1A0P YA . -5.64 0.70 -55.57
C19 A1A0P YA . -6.25 0.51 -53.28
C20 A1A0P YA . -5.14 0.49 -52.24
C21 A1A0P YA . -5.73 0.41 -50.81
C22 A1A0P YA . -6.07 -1.01 -50.30
C23 A1A0P YA . -5.83 -1.25 -48.80
C24 A1A0P YA . -6.95 -2.01 -48.08
C25 A1A0P YA . -6.53 -2.77 -46.81
C26 A1A0P YA . -7.23 -2.31 -45.54
C27 A1A0P YA . -8.54 -3.05 -45.19
C28 A1A0P YA . -8.32 -4.23 -44.28
C29 A1A0P YA . -9.53 -4.59 -43.47
C30 A1A0P YA . -9.24 -5.67 -42.46
C31 A1A0P YA . -8.78 -5.11 -41.13
C32 A1A0P YA . -8.12 -6.09 -40.18
C33 A1A0P YA . -6.83 -6.65 -40.73
C34 A1A0P YA . -7.81 3.27 -48.36
C35 A1A0P YA . -7.01 2.20 -47.66
C36 A1A0P YA . -7.84 1.24 -46.85
C37 A1A0P YA . -8.31 1.81 -45.53
C38 A1A0P YA . -8.03 0.89 -44.35
C39 A1A0P YA . -6.54 0.74 -44.03
C40 A1A0P YA . -6.23 0.26 -42.64
C41 A1A0P YA . -7.00 -0.45 -41.85
C42 A1A0P YA . -6.67 -0.91 -40.46
C43 A1A0P YA . -5.87 -2.20 -40.40
C44 A1A0P YA . -5.71 -3.04 -41.64
C45 A1A0P YA . -4.63 -4.07 -41.42
C46 A1A0P YA . -4.08 -4.80 -42.62
C47 A1A0P YA . -4.85 -4.84 -43.93
C48 A1A0P YA . -5.62 -6.11 -44.08
H2A A1A0P YA . -8.35 2.74 -53.87
H2B A1A0P YA . -8.34 4.23 -53.27
H1 A1A0P YA . -6.15 2.89 -52.42
H7A A1A0P YA . -9.51 2.70 -49.41
H7B A1A0P YA . -8.23 1.84 -49.78
H8B A1A0P YA . -6.46 5.26 -52.63
H8A A1A0P YA . -5.01 4.72 -52.95
H11B A1A0P YA . -2.02 4.36 -54.80
H11A A1A0P YA . -3.01 4.55 -53.58
H12A A1A0P YA . -3.69 2.38 -53.58
H12B A1A0P YA . -2.13 2.32 -53.60
H13A A1A0P YA . -3.55 2.17 -55.86
H13C A1A0P YA . -2.20 1.85 -55.83
H19B A1A0P YA . -7.12 0.76 -52.89
H19A A1A0P YA . -6.36 -0.42 -53.57
H20B A1A0P YA . -4.63 1.32 -52.28
H20A A1A0P YA . -4.54 -0.26 -52.41
H21B A1A0P YA . -5.09 0.79 -50.18
H21A A1A0P YA . -6.53 0.96 -50.77
H22A A1A0P YA . -7.01 -1.19 -50.50
H22B A1A0P YA . -5.53 -1.63 -50.83
H23A A1A0P YA . -5.70 -0.39 -48.35
H23B A1A0P YA . -5.00 -1.74 -48.67
H24A A1A0P YA . -7.33 -2.65 -48.73
H24B A1A0P YA . -7.65 -1.37 -47.87
H25A A1A0P YA . -5.56 -2.68 -46.69
H25B A1A0P YA . -6.70 -3.72 -46.94
H26B A1A0P YA . -6.60 -2.35 -44.79
H26A A1A0P YA . -7.44 -1.37 -45.65
H27B A1A0P YA . -8.95 -3.35 -46.02
H27A A1A0P YA . -9.17 -2.42 -44.77
H28A A1A0P YA . -7.58 -4.03 -43.67
H28B A1A0P YA . -8.05 -4.99 -44.82
H29B A1A0P YA . -9.87 -3.80 -43.00
H29A A1A0P YA . -10.23 -4.88 -44.08
H30B A1A0P YA . -10.02 -6.24 -42.33
H30A A1A0P YA . -8.52 -6.24 -42.81
H31B A1A0P YA . -9.57 -4.72 -40.71
H31A A1A0P YA . -8.17 -4.37 -41.29
H32B A1A0P YA . -8.75 -6.82 -40.02
H32A A1A0P YA . -7.94 -5.65 -39.34
H33A A1A0P YA . -6.94 -7.58 -41.03
H33B A1A0P YA . -6.52 -6.13 -41.49
H33C A1A0P YA . -6.13 -6.63 -40.06
H34A A1A0P YA . -8.43 3.69 -47.73
H34B A1A0P YA . -7.18 3.96 -48.64
H35A A1A0P YA . -6.52 1.67 -48.33
H35B A1A0P YA . -6.35 2.61 -47.08
H36A A1A0P YA . -8.62 0.94 -47.38
H36B A1A0P YA . -7.30 0.45 -46.69
H37A A1A0P YA . -7.88 2.67 -45.36
H37B A1A0P YA . -9.26 1.98 -45.60
H38A A1A0P YA . -8.48 1.26 -43.56
H38B A1A0P YA . -8.42 0.00 -44.51
H39B A1A0P YA . -6.15 0.08 -44.65
H39A A1A0P YA . -6.09 1.58 -44.23
H40 A1A0P YA . -5.34 0.51 -42.30
H41 A1A0P YA . -7.88 -0.72 -42.18
H42B A1A0P YA . -6.21 -0.20 -39.95
H42A A1A0P YA . -7.52 -1.07 -40.00
H43A A1A0P YA . -6.28 -2.76 -39.73
H43B A1A0P YA . -4.97 -1.94 -40.12
H44B A1A0P YA . -6.54 -3.49 -41.88
H44A A1A0P YA . -5.46 -2.49 -42.39
H45A A1A0P YA . -3.88 -3.60 -41.01
H45B A1A0P YA . -4.94 -4.71 -40.75
H46A A1A0P YA . -3.91 -5.74 -42.36
H46B A1A0P YA . -3.20 -4.42 -42.83
H47B A1A0P YA . -5.45 -4.07 -44.02
H47A A1A0P YA . -4.24 -4.77 -44.68
H48A A1A0P YA . -5.09 -6.87 -43.75
H48C A1A0P YA . -5.84 -6.26 -45.01
H48B A1A0P YA . -6.45 -6.07 -43.57
C2 A1A0P ZA . 2.52 0.02 -52.68
O3 A1A0P ZA . 1.81 0.75 -53.72
C4 A1A0P ZA . 0.47 0.64 -53.89
C1 A1A0P ZA . 3.00 -1.41 -53.01
O5 A1A0P ZA . -0.11 1.25 -54.74
O6 A1A0P ZA . 2.76 -2.10 -51.75
C7 A1A0P ZA . -0.21 -0.32 -52.94
C8 A1A0P ZA . 2.34 -2.17 -54.15
O9 A1A0P ZA . 1.98 -1.36 -55.30
O10 A1A0P ZA . 4.11 -0.05 -55.23
C11 A1A0P ZA . 5.51 0.07 -55.56
C12 A1A0P ZA . 5.71 0.96 -56.74
N13 A1A0P ZA . 5.92 0.17 -57.97
P14 A1A0P ZA . 3.04 -0.64 -56.26
O15 A1A0P ZA . 2.38 0.48 -56.95
O16 A1A0P ZA . 3.68 -1.71 -57.06
C17 A1A0P ZA . 3.59 -1.85 -50.74
O18 A1A0P ZA . 4.62 -1.23 -50.83
C19 A1A0P ZA . 3.10 -2.44 -49.45
C20 A1A0P ZA . 2.28 -1.39 -48.70
C21 A1A0P ZA . 2.09 -1.64 -47.21
C22 A1A0P ZA . 2.40 -3.04 -46.71
C23 A1A0P ZA . 1.44 -4.09 -47.21
C24 A1A0P ZA . 2.02 -5.48 -47.20
C25 A1A0P ZA . 1.41 -6.36 -46.15
C26 A1A0P ZA . 0.64 -7.54 -46.73
C27 A1A0P ZA . -0.68 -7.15 -47.39
C28 A1A0P ZA . -1.73 -6.60 -46.45
C29 A1A0P ZA . -2.23 -7.58 -45.41
C30 A1A0P ZA . -2.09 -7.04 -44.01
C31 A1A0P ZA . -0.71 -7.14 -43.42
C32 A1A0P ZA . -0.14 -8.51 -43.23
C33 A1A0P ZA . 1.37 -8.57 -43.27
C34 A1A0P ZA . -1.67 -0.59 -53.26
C35 A1A0P ZA . -2.03 -2.04 -52.98
C36 A1A0P ZA . -1.85 -2.48 -51.54
C37 A1A0P ZA . -2.85 -1.82 -50.61
C38 A1A0P ZA . -2.31 -0.65 -49.83
C39 A1A0P ZA . -1.61 -1.01 -48.52
C40 A1A0P ZA . -1.13 -2.42 -48.51
C41 A1A0P ZA . -1.70 -3.44 -47.93
C42 A1A0P ZA . -2.92 -3.42 -47.08
C43 A1A0P ZA . -2.58 -2.82 -45.74
C44 A1A0P ZA . -3.57 -1.77 -45.28
C45 A1A0P ZA . -2.98 -0.76 -44.32
C46 A1A0P ZA . -2.67 -1.33 -42.97
C47 A1A0P ZA . -1.42 -2.16 -42.92
C48 A1A0P ZA . -1.00 -2.39 -41.55
H2A A1A0P ZA . 3.33 0.54 -52.54
H2B A1A0P ZA . 2.02 0.05 -51.84
H1 A1A0P ZA . 3.95 -1.38 -53.18
H7A A1A0P ZA . 0.23 -1.18 -52.93
H7B A1A0P ZA . -0.16 0.05 -52.04
H8B A1A0P ZA . 2.94 -2.88 -54.44
H8A A1A0P ZA . 1.52 -2.60 -53.83
H11B A1A0P ZA . 6.02 0.37 -54.77
H11A A1A0P ZA . 5.82 -0.84 -55.78
H12A A1A0P ZA . 6.49 1.53 -56.64
H12B A1A0P ZA . 4.93 1.54 -56.88
H13A A1A0P ZA . 6.66 -0.30 -57.83
H13C A1A0P ZA . 5.32 -0.46 -58.12
H19B A1A0P ZA . 2.57 -3.23 -49.66
H19A A1A0P ZA . 3.90 -2.68 -48.94
H20B A1A0P ZA . 1.41 -1.31 -49.13
H20A A1A0P ZA . 2.75 -0.53 -48.82
H21B A1A0P ZA . 1.17 -1.43 -46.96
H21A A1A0P ZA . 2.67 -1.02 -46.72
H22A A1A0P ZA . 3.31 -3.29 -46.93
H22B A1A0P ZA . 2.36 -3.00 -45.74
H23A A1A0P ZA . 0.65 -4.09 -46.64
H23B A1A0P ZA . 1.13 -3.90 -48.11
H24A A1A0P ZA . 1.90 -5.88 -48.08
H24B A1A0P ZA . 2.99 -5.40 -47.05
H25A A1A0P ZA . 0.81 -5.82 -45.60
H25B A1A0P ZA . 2.11 -6.69 -45.56
H26B A1A0P ZA . 1.23 -8.00 -47.36
H26A A1A0P ZA . 0.46 -8.18 -46.02
H27B A1A0P ZA . -0.49 -6.47 -48.07
H27A A1A0P ZA . -1.04 -7.92 -47.88
H28A A1A0P ZA . -1.38 -5.80 -46.00
H28B A1A0P ZA . -2.49 -6.30 -46.99
H29B A1A0P ZA . -3.17 -7.81 -45.58
H29A A1A0P ZA . -1.73 -8.42 -45.51
H30B A1A0P ZA . -2.33 -6.10 -44.05
H30A A1A0P ZA . -2.73 -7.49 -43.41
H31B A1A0P ZA . -0.14 -6.64 -44.01
H31A A1A0P ZA . -0.71 -6.67 -42.56
H32B A1A0P ZA . -0.42 -8.85 -42.35
H32A A1A0P ZA . -0.49 -9.11 -43.90
H33A A1A0P ZA . 1.76 -8.16 -42.48
H33B A1A0P ZA . 1.69 -9.50 -43.32
H33C A1A0P ZA . 1.71 -8.11 -44.05
H34A A1A0P ZA . -1.91 -0.39 -54.18
H34B A1A0P ZA . -2.23 -0.01 -52.70
H35A A1A0P ZA . -2.98 -2.18 -53.21
H35B A1A0P ZA . -1.51 -2.61 -53.56
H36A A1A0P ZA . -1.93 -3.44 -51.47
H36B A1A0P ZA . -0.94 -2.25 -51.25
H37A A1A0P ZA . -3.55 -1.49 -51.18
H37B A1A0P ZA . -3.27 -2.50 -50.05
H38A A1A0P ZA . -1.69 -0.16 -50.39
H38B A1A0P ZA . -3.05 -0.05 -49.60
H39B A1A0P ZA . -2.25 -0.88 -47.79
H39A A1A0P ZA . -0.88 -0.39 -48.35
H40 A1A0P ZA . -0.30 -2.58 -49.01
H41 A1A0P ZA . -1.30 -4.33 -48.05
H42B A1A0P ZA . -3.33 -4.29 -46.99
H42A A1A0P ZA . -3.57 -2.84 -47.53
H43A A1A0P ZA . -2.57 -3.56 -45.10
H43B A1A0P ZA . -1.68 -2.45 -45.76
H44B A1A0P ZA . -3.95 -1.29 -46.03
H44A A1A0P ZA . -4.31 -2.22 -44.81
H45A A1A0P ZA . -2.15 -0.41 -44.71
H45B A1A0P ZA . -3.61 -0.01 -44.23
H46A A1A0P ZA . -2.61 -0.62 -42.29
H46B A1A0P ZA . -3.42 -1.90 -42.70
H47B A1A0P ZA . -1.58 -3.03 -43.32
H47A A1A0P ZA . -0.71 -1.74 -43.45
H48A A1A0P ZA . -0.11 -2.79 -41.52
H48C A1A0P ZA . -0.99 -1.54 -41.08
H48B A1A0P ZA . -1.64 -2.98 -41.12
C2 A1A0P AB . 4.89 21.11 -22.99
O3 A1A0P AB . 5.52 21.24 -21.70
C4 A1A0P AB . 4.79 21.70 -20.68
C1 A1A0P AB . 5.72 20.17 -23.80
O5 A1A0P AB . 3.64 22.05 -20.78
O6 A1A0P AB . 6.36 19.25 -22.86
C7 A1A0P AB . 5.59 21.72 -19.41
C8 A1A0P AB . 4.88 19.34 -24.73
O9 A1A0P AB . 4.01 20.20 -25.49
O10 A1A0P AB . 4.40 22.54 -26.12
C11 A1A0P AB . 5.18 23.63 -26.65
C12 A1A0P AB . 4.90 23.83 -28.10
N13 A1A0P AB . 5.22 25.21 -28.53
P14 A1A0P AB . 4.54 21.07 -26.73
O15 A1A0P AB . 5.96 20.76 -27.01
O16 A1A0P AB . 3.55 20.93 -27.82
C17 A1A0P AB . 7.70 19.31 -22.68
O18 A1A0P AB . 8.43 20.06 -23.29
C19 A1A0P AB . 8.14 18.36 -21.63
C20 A1A0P AB . 9.11 18.99 -20.65
C21 A1A0P AB . 8.50 20.18 -19.92
C22 A1A0P AB . 9.36 20.68 -18.80
C23 A1A0P AB . 8.87 20.25 -17.39
C24 A1A0P AB . 8.81 18.71 -17.15
C25 A1A0P AB . 8.39 18.28 -15.73
C26 A1A0P AB . 8.18 16.81 -15.61
C27 A1A0P AB . 7.16 16.50 -14.57
C28 A1A0P AB . 7.46 15.18 -13.79
C29 A1A0P AB . 6.32 14.14 -13.71
C30 A1A0P AB . 6.63 12.81 -12.95
C31 A1A0P AB . 5.40 11.78 -12.89
C32 A1A0P AB . 3.87 12.27 -12.79
C33 A1A0P AB . 2.58 11.17 -12.66
C34 A1A0P AB . 6.12 20.34 -19.02
C35 A1A0P AB . 5.10 19.21 -19.14
C36 A1A0P AB . 3.85 19.42 -18.32
C37 A1A0P AB . 2.63 18.70 -18.89
C38 A1A0P AB . 2.80 17.20 -19.05
C39 A1A0P AB . 3.30 16.47 -17.81
C40 A1A0P AB . 2.66 16.90 -16.53
C41 A1A0P AB . 1.37 16.91 -16.24
C42 A1A0P AB . 0.25 16.49 -17.13
C43 A1A0P AB . -0.92 15.95 -16.35
C44 A1A0P AB . -0.61 14.64 -15.66
C45 A1A0P AB . -0.43 14.79 -14.16
C46 A1A0P AB . -1.66 14.38 -13.38
C47 A1A0P AB . -2.85 15.28 -13.63
C48 A1A0P AB . -3.84 15.23 -12.51
H2A A1A0P AB . 3.99 20.73 -22.89
H2B A1A0P AB . 4.86 22.00 -23.41
H1 A1A0P AB . 6.35 20.71 -24.32
H7A A1A0P AB . 6.34 22.34 -19.52
H7B A1A0P AB . 5.02 22.07 -18.71
H8B A1A0P AB . 5.46 18.81 -25.32
H8A A1A0P AB . 4.32 18.72 -24.23
H11B A1A0P AB . 5.03 24.44 -26.12
H11A A1A0P AB . 6.12 23.38 -26.52
H12A A1A0P AB . 3.96 23.68 -28.32
H12B A1A0P AB . 5.45 23.22 -28.66
H13A A1A0P AB . 4.72 25.74 -28.02
H13C A1A0P AB . 6.05 25.47 -28.34
H19B A1A0P AB . 7.34 18.05 -21.15
H19A A1A0P AB . 8.57 17.60 -22.07
H20B A1A0P AB . 9.92 19.29 -21.13
H20A A1A0P AB . 9.38 18.32 -19.99
H21B A1A0P AB . 8.33 20.91 -20.54
H21A A1A0P AB . 7.64 19.89 -19.57
H22A A1A0P AB . 10.27 20.35 -18.92
H22B A1A0P AB . 9.39 21.66 -18.85
H23A A1A0P AB . 9.46 20.63 -16.72
H23B A1A0P AB . 7.98 20.60 -17.22
H24A A1A0P AB . 8.19 18.32 -17.79
H24B A1A0P AB . 9.71 18.36 -17.35
H25A A1A0P AB . 9.06 18.57 -15.07
H25B A1A0P AB . 7.56 18.74 -15.50
H26B A1A0P AB . 7.91 16.46 -16.49
H26A A1A0P AB . 9.02 16.38 -15.38
H27B A1A0P AB . 7.14 17.23 -13.93
H27A A1A0P AB . 6.27 16.46 -14.97
H28A A1A0P AB . 8.23 14.74 -14.20
H28B A1A0P AB . 7.72 15.41 -12.88
H29B A1A0P AB . 5.53 14.55 -13.30
H29A A1A0P AB . 6.05 13.93 -14.63
H30B A1A0P AB . 7.41 12.37 -13.35
H30A A1A0P AB . 6.86 13.02 -12.03
H31B A1A0P AB . 5.47 11.23 -13.70
H31A A1A0P AB . 5.57 11.17 -12.15
H32B A1A0P AB . 3.83 12.85 -12.00
H32A A1A0P AB . 3.68 12.84 -13.55
H33A A1A0P AB . 2.79 10.45 -12.04
H33B A1A0P AB . 1.76 11.62 -12.37
H33C A1A0P AB . 2.40 10.77 -13.53
H34A A1A0P AB . 6.50 20.35 -18.12
H34B A1A0P AB . 6.86 20.13 -19.63
H35A A1A0P AB . 4.86 19.07 -20.08
H35B A1A0P AB . 5.54 18.38 -18.85
H36A A1A0P AB . 4.00 19.14 -17.40
H36B A1A0P AB . 3.63 20.37 -18.27
H37A A1A0P AB . 1.84 18.90 -18.35
H37B A1A0P AB . 2.47 19.10 -19.76
H38A A1A0P AB . 1.96 16.81 -19.35
H38B A1A0P AB . 3.46 17.03 -19.76
H39B A1A0P AB . 3.08 15.52 -17.91
H39A A1A0P AB . 4.27 16.52 -17.76
H40 A1A0P AB . 3.28 17.23 -15.84
H41 A1A0P AB . 1.10 17.20 -15.35
H42B A1A0P AB . -0.01 17.22 -17.73
H42A A1A0P AB . 0.60 15.78 -17.70
H43A A1A0P AB . -1.16 16.62 -15.67
H43B A1A0P AB . -1.69 15.86 -16.95
H44B A1A0P AB . -1.33 13.99 -15.82
H44A A1A0P AB . 0.21 14.28 -16.04
H45A A1A0P AB . 0.32 14.22 -13.89
H45B A1A0P AB . -0.19 15.70 -13.96
H46A A1A0P AB . -1.90 13.46 -13.57
H46B A1A0P AB . -1.44 14.42 -12.42
H47B A1A0P AB . -2.53 16.20 -13.73
H47A A1A0P AB . -3.27 15.04 -14.48
H48A A1A0P AB . -4.11 14.30 -12.33
H48C A1A0P AB . -3.46 15.60 -11.69
H48B A1A0P AB . -4.63 15.75 -12.73
C2 A1A0P BB . 53.08 -2.70 -22.76
O3 A1A0P BB . 53.01 -2.72 -21.31
C4 A1A0P BB . 51.87 -2.36 -20.72
C1 A1A0P BB . 52.53 -4.02 -23.21
O5 A1A0P BB . 50.91 -1.95 -21.30
O6 A1A0P BB . 51.11 -3.82 -23.54
C7 A1A0P BB . 51.95 -2.52 -19.23
C8 A1A0P BB . 53.21 -4.52 -24.45
O9 A1A0P BB . 52.93 -5.93 -24.57
O10 A1A0P BB . 51.78 -6.96 -26.47
C11 A1A0P BB . 50.97 -8.00 -25.86
C12 A1A0P BB . 51.46 -9.36 -26.28
N13 A1A0P BB . 52.94 -9.40 -26.33
P14 A1A0P BB . 53.26 -6.68 -25.94
O15 A1A0P BB . 53.96 -5.77 -26.87
O16 A1A0P BB . 53.87 -7.99 -25.62
C17 A1A0P BB . 50.12 -4.60 -23.05
O18 A1A0P BB . 49.01 -4.62 -23.52
C19 A1A0P BB . 50.51 -5.44 -21.86
C20 A1A0P BB . 49.31 -5.99 -21.11
C21 A1A0P BB . 49.68 -6.58 -19.76
C22 A1A0P BB . 48.63 -6.30 -18.71
C23 A1A0P BB . 48.84 -7.09 -17.44
C24 A1A0P BB . 47.75 -6.87 -16.41
C25 A1A0P BB . 47.12 -8.14 -15.88
C26 A1A0P BB . 46.84 -8.09 -14.40
C27 A1A0P BB . 45.98 -9.23 -13.90
C28 A1A0P BB . 46.17 -9.48 -12.42
C29 A1A0P BB . 45.54 -10.76 -11.91
C30 A1A0P BB . 45.06 -10.67 -10.47
C31 A1A0P BB . 45.84 -11.56 -9.50
C32 A1A0P BB . 45.55 -13.04 -9.63
C33 A1A0P BB . 45.67 -13.81 -8.32
C34 A1A0P BB . 50.77 -3.29 -18.67
C35 A1A0P BB . 51.12 -4.10 -17.44
C36 A1A0P BB . 50.10 -3.96 -16.34
C37 A1A0P BB . 50.43 -4.76 -15.10
C38 A1A0P BB . 49.43 -4.53 -13.99
C39 A1A0P BB . 49.24 -5.73 -13.07
C40 A1A0P BB . 47.95 -5.67 -12.34
C41 A1A0P BB . 47.60 -6.41 -11.31
C42 A1A0P BB . 48.43 -7.47 -10.67
C43 A1A0P BB . 47.61 -8.37 -9.77
C44 A1A0P BB . 47.80 -8.13 -8.29
C45 A1A0P BB . 46.96 -9.05 -7.46
C46 A1A0P BB . 46.86 -8.66 -6.01
C47 A1A0P BB . 46.39 -9.78 -5.12
C48 A1A0P BB . 45.52 -9.30 -4.00
H2A A1A0P BB . 52.57 -1.96 -23.14
H2B A1A0P BB . 54.02 -2.63 -23.02
H1 A1A0P BB . 52.74 -4.63 -22.48
H7A A1A0P BB . 52.80 -2.96 -19.00
H7B A1A0P BB . 51.98 -1.62 -18.84
H8B A1A0P BB . 52.88 -4.03 -25.22
H8A A1A0P BB . 54.17 -4.40 -24.39
H11B A1A0P BB . 50.94 -7.89 -24.89
H11A A1A0P BB . 50.06 -7.86 -26.20
H12A A1A0P BB . 51.15 -9.59 -27.19
H12B A1A0P BB . 51.16 -10.05 -25.66
H13A A1A0P BB . 53.21 -8.57 -26.17
H13C A1A0P BB . 53.31 -9.86 -25.67
H19B A1A0P BB . 51.09 -6.18 -22.17
H19A A1A0P BB . 51.01 -4.89 -21.24
H20B A1A0P BB . 48.68 -5.27 -20.96
H20A A1A0P BB . 48.89 -6.67 -21.66
H21B A1A0P BB . 49.81 -7.54 -19.84
H21A A1A0P BB . 50.53 -6.20 -19.48
H22A A1A0P BB . 48.64 -5.35 -18.50
H22B A1A0P BB . 47.77 -6.51 -19.09
H23A A1A0P BB . 48.87 -8.04 -17.66
H23B A1A0P BB . 49.71 -6.87 -17.04
H24A A1A0P BB . 48.12 -6.36 -15.66
H24B A1A0P BB . 47.07 -6.30 -16.82
H25A A1A0P BB . 46.29 -8.32 -16.37
H25B A1A0P BB . 47.73 -8.89 -16.06
H26B A1A0P BB . 47.70 -8.07 -13.92
H26A A1A0P BB . 46.40 -7.25 -14.18
H27B A1A0P BB . 45.05 -9.01 -14.06
H27A A1A0P BB . 46.17 -10.04 -14.41
H28A A1A0P BB . 47.13 -9.51 -12.23
H28B A1A0P BB . 45.80 -8.72 -11.93
H29B A1A0P BB . 44.80 -11.02 -12.49
H29A A1A0P BB . 46.21 -11.47 -11.99
H30B A1A0P BB . 45.09 -9.74 -10.16
H30A A1A0P BB . 44.13 -10.97 -10.42
H31B A1A0P BB . 46.79 -11.39 -9.64
H31A A1A0P BB . 45.64 -11.27 -8.58
H32B A1A0P BB . 44.65 -13.14 -9.98
H32A A1A0P BB . 46.17 -13.43 -10.28
H33A A1A0P BB . 44.84 -13.75 -7.79
H33B A1A0P BB . 46.40 -13.46 -7.76
H33C A1A0P BB . 45.86 -14.75 -8.48
H34A A1A0P BB . 50.01 -2.71 -18.48
H34B A1A0P BB . 50.48 -3.91 -19.36
H35A A1A0P BB . 51.19 -5.05 -17.68
H35B A1A0P BB . 52.01 -3.83 -17.11
H36A A1A0P BB . 50.01 -3.01 -16.10
H36B A1A0P BB . 49.23 -4.23 -16.68
H37A A1A0P BB . 50.45 -5.71 -15.31
H37B A1A0P BB . 51.32 -4.50 -14.81
H38A A1A0P BB . 49.70 -3.75 -13.45
H38B A1A0P BB . 48.56 -4.34 -14.38
H39B A1A0P BB . 49.23 -6.53 -13.62
H39A A1A0P BB . 50.02 -5.81 -12.47
H40 A1A0P BB . 47.30 -5.02 -12.68
H41 A1A0P BB . 46.72 -6.28 -10.92
H42B A1A0P BB . 48.91 -8.00 -11.33
H42A A1A0P BB . 49.10 -7.02 -10.12
H43A A1A0P BB . 46.66 -8.21 -9.97
H43B A1A0P BB . 47.79 -9.30 -9.98
H44B A1A0P BB . 48.73 -8.23 -8.05
H44A A1A0P BB . 47.53 -7.21 -8.09
H45A A1A0P BB . 46.06 -9.09 -7.84
H45B A1A0P BB . 47.32 -9.96 -7.53
H46A A1A0P BB . 47.73 -8.33 -5.69
H46B A1A0P BB . 46.24 -7.91 -5.94
H47B A1A0P BB . 45.88 -10.41 -5.67
H47A A1A0P BB . 47.16 -10.27 -4.78
H48A A1A0P BB . 44.71 -8.89 -4.34
H48C A1A0P BB . 46.02 -8.64 -3.47
H48B A1A0P BB . 45.29 -10.04 -3.41
CU CU CB . 16.21 -6.65 33.38
CU CU DB . -3.79 -14.27 31.99
C2 A1A0P EB . 9.67 54.72 15.86
O3 A1A0P EB . 8.28 54.30 15.87
C4 A1A0P EB . 7.97 53.17 15.23
C1 A1A0P EB . 10.31 53.99 17.02
O5 A1A0P EB . 8.73 52.50 14.60
O6 A1A0P EB . 10.97 52.80 16.48
C7 A1A0P EB . 6.51 52.85 15.39
C8 A1A0P EB . 11.38 54.81 17.68
O9 A1A0P EB . 11.64 54.25 18.98
O10 A1A0P EB . 13.82 53.37 19.70
C11 A1A0P EB . 13.48 52.21 20.50
C12 A1A0P EB . 13.84 52.46 21.94
N13 A1A0P EB . 13.53 53.84 22.35
P14 A1A0P EB . 12.94 54.70 19.80
O15 A1A0P EB . 13.62 55.81 19.09
O16 A1A0P EB . 12.55 54.88 21.22
C17 A1A0P EB . 10.76 51.55 16.98
O18 A1A0P EB . 11.47 50.61 16.74
C19 A1A0P EB . 9.57 51.44 17.89
C20 A1A0P EB . 9.14 49.99 18.12
C21 A1A0P EB . 7.79 49.86 18.78
C22 A1A0P EB . 7.00 48.69 18.24
C23 A1A0P EB . 5.75 48.39 19.05
C24 A1A0P EB . 5.00 47.17 18.57
C25 A1A0P EB . 4.71 46.15 19.64
C26 A1A0P EB . 3.34 45.53 19.51
C27 A1A0P EB . 3.11 44.34 20.40
C28 A1A0P EB . 1.65 44.09 20.69
C29 A1A0P EB . 1.37 43.06 21.76
C30 A1A0P EB . 0.08 42.28 21.56
C31 A1A0P EB . -1.00 42.57 22.59
C32 A1A0P EB . -0.72 41.98 23.97
C33 A1A0P EB . -1.98 41.58 24.73
C34 A1A0P EB . 6.29 51.42 15.85
C35 A1A0P EB . 5.06 51.25 16.71
C36 A1A0P EB . 4.21 50.06 16.32
C37 A1A0P EB . 2.98 49.87 17.17
C38 A1A0P EB . 2.12 48.72 16.70
C39 A1A0P EB . 1.35 48.04 17.81
C40 A1A0P EB . 0.94 46.66 17.43
C41 A1A0P EB . 0.08 45.90 18.05
C42 A1A0P EB . -0.69 46.27 19.28
C43 A1A0P EB . -1.32 45.05 19.94
C44 A1A0P EB . -2.81 44.94 19.75
C45 A1A0P EB . -3.37 43.72 20.44
C46 A1A0P EB . -4.78 43.39 20.02
C47 A1A0P EB . -5.47 42.45 20.98
C48 A1A0P EB . -6.37 41.49 20.30
H2A A1A0P EB . 10.13 54.51 15.03
H2B A1A0P EB . 9.69 55.69 16.04
H1 A1A0P EB . 9.59 53.87 17.66
H7A A1A0P EB . 6.10 53.48 16.03
H7B A1A0P EB . 6.07 52.99 14.53
H8B A1A0P EB . 12.19 54.81 17.12
H8A A1A0P EB . 11.09 55.75 17.80
H11B A1A0P EB . 12.53 51.98 20.38
H11A A1A0P EB . 14.01 51.48 20.15
H12A A1A0P EB . 14.80 52.32 22.10
H12B A1A0P EB . 13.34 51.86 22.53
H13A A1A0P EB . 13.27 54.26 21.62
H13C A1A0P EB . 12.83 53.92 22.88
H19B A1A0P EB . 9.77 51.87 18.74
H19A A1A0P EB . 8.80 51.88 17.47
H20B A1A0P EB . 9.11 49.53 17.26
H20A A1A0P EB . 9.83 49.56 18.69
H21B A1A0P EB . 7.89 49.77 19.74
H21A A1A0P EB . 7.29 50.69 18.61
H22A A1A0P EB . 6.74 48.88 17.32
H22B A1A0P EB . 7.59 47.92 18.23
H23A A1A0P EB . 6.01 48.24 19.99
H23B A1A0P EB . 5.15 49.16 19.06
H24A A1A0P EB . 4.15 47.46 18.16
H24B A1A0P EB . 5.53 46.76 17.84
H25A A1A0P EB . 5.39 45.44 19.61
H25B A1A0P EB . 4.78 46.58 20.51
H26B A1A0P EB . 2.67 46.22 19.71
H26A A1A0P EB . 3.19 45.27 18.58
H27B A1A0P EB . 3.48 43.54 19.96
H27A A1A0P EB . 3.61 44.44 21.24
H28A A1A0P EB . 1.24 44.94 20.94
H28B A1A0P EB . 1.22 43.81 19.85
H29B A1A0P EB . 2.12 42.45 21.84
H29A A1A0P EB . 1.33 43.54 22.62
H30B A1A0P EB . -0.27 42.45 20.66
H30A A1A0P EB . 0.27 41.32 21.60
H31B A1A0P EB . -1.09 43.54 22.66
H31A A1A0P EB . -1.85 42.22 22.27
H32B A1A0P EB . -0.16 41.19 23.85
H32A A1A0P EB . -0.21 42.62 24.51
H33A A1A0P EB . -2.28 40.69 24.47
H33B A1A0P EB . -2.71 42.21 24.56
H33C A1A0P EB . -1.80 41.57 25.69
H34A A1A0P EB . 6.25 50.80 15.10
H34B A1A0P EB . 7.05 51.16 16.38
H35A A1A0P EB . 5.32 51.14 17.65
H35B A1A0P EB . 4.52 52.07 16.67
H36A A1A0P EB . 3.95 50.14 15.38
H36B A1A0P EB . 4.77 49.26 16.38
H37A A1A0P EB . 3.24 49.72 18.10
H37B A1A0P EB . 2.47 50.70 17.14
H38A A1A0P EB . 1.51 49.02 16.00
H38B A1A0P EB . 2.71 48.04 16.30
H39B A1A0P EB . 1.93 47.96 18.58
H39A A1A0P EB . 0.59 48.59 18.06
H40 A1A0P EB . 1.39 46.29 16.64
H41 A1A0P EB . -0.11 45.01 17.71
H42B A1A0P EB . -0.13 46.75 19.92
H42A A1A0P EB . -1.41 46.88 19.01
H43A A1A0P EB . -0.91 44.26 19.55
H43B A1A0P EB . -1.11 45.06 20.89
H44B A1A0P EB . -3.27 45.73 20.08
H44A A1A0P EB . -2.99 44.86 18.80
H45A A1A0P EB . -2.79 42.97 20.24
H45B A1A0P EB . -3.35 43.87 21.40
H46A A1A0P EB . -5.31 44.20 19.91
H46B A1A0P EB . -4.74 42.95 19.14
H47B A1A0P EB . -4.77 41.96 21.48
H47A A1A0P EB . -5.96 42.97 21.65
H48A A1A0P EB . -5.87 40.89 19.70
H48C A1A0P EB . -7.04 41.97 19.78
H48B A1A0P EB . -6.86 40.95 20.96
CU CU FB . -35.84 5.49 10.31
CU CU GB . -29.34 -14.80 12.78
C2 A1A0P HB . -34.11 30.18 8.63
O3 A1A0P HB . -33.43 31.44 8.89
C4 A1A0P HB . -32.78 32.05 7.90
C1 A1A0P HB . -33.17 29.03 8.89
O5 A1A0P HB . -32.73 31.63 6.76
O6 A1A0P HB . -32.02 29.52 9.66
C7 A1A0P HB . -32.10 33.30 8.37
C8 A1A0P HB . -33.83 27.96 9.72
O9 A1A0P HB . -34.82 27.29 8.93
O10 A1A0P HB . -35.58 25.93 10.79
C11 A1A0P HB . -35.56 24.78 11.66
C12 A1A0P HB . -34.22 24.64 12.31
N13 A1A0P HB . -33.57 25.96 12.47
P14 A1A0P HB . -35.21 25.78 9.25
O15 A1A0P HB . -36.43 25.42 8.49
O16 A1A0P HB . -34.00 24.95 9.13
C17 A1A0P HB . -30.89 29.83 9.00
O18 A1A0P HB . -30.72 29.67 7.83
C19 A1A0P HB . -29.88 30.44 9.94
C20 A1A0P HB . -28.51 29.75 9.90
C21 A1A0P HB . -27.70 30.02 8.64
C22 A1A0P HB . -27.51 31.47 8.29
C23 A1A0P HB . -26.33 31.73 7.39
C24 A1A0P HB . -25.17 32.43 8.07
C25 A1A0P HB . -25.01 33.86 7.60
C26 A1A0P HB . -24.29 33.99 6.28
C27 A1A0P HB . -22.94 34.64 6.39
C28 A1A0P HB . -22.17 34.66 5.10
C29 A1A0P HB . -20.70 34.93 5.26
C30 A1A0P HB . -20.32 36.35 4.92
C31 A1A0P HB . -18.94 36.73 5.37
C32 A1A0P HB . -18.81 38.21 5.65
C33 A1A0P HB . -17.70 38.53 6.63
C34 A1A0P HB . -30.67 33.43 7.90
C35 A1A0P HB . -29.78 34.11 8.91
C36 A1A0P HB . -28.50 34.66 8.34
C37 A1A0P HB . -28.53 36.15 8.12
C38 A1A0P HB . -27.15 36.76 7.92
C39 A1A0P HB . -26.71 36.80 6.47
C40 A1A0P HB . -25.31 37.24 6.31
C41 A1A0P HB . -24.81 37.87 5.28
C42 A1A0P HB . -23.39 38.31 5.12
C43 A1A0P HB . -22.91 38.20 3.68
C44 A1A0P HB . -21.76 39.14 3.36
C45 A1A0P HB . -22.20 40.38 2.59
C46 A1A0P HB . -22.98 41.36 3.44
C47 A1A0P HB . -24.47 41.25 3.31
C48 A1A0P HB . -24.98 41.89 2.05
H2A A1A0P HB . -34.86 30.12 9.26
H2B A1A0P HB . -34.45 30.15 7.72
H1 A1A0P HB . -32.92 28.64 8.04
H7A A1A0P HB . -32.63 34.08 8.09
H7B A1A0P HB . -32.11 33.26 9.35
H8B A1A0P HB . -33.14 27.33 10.04
H8A A1A0P HB . -34.27 28.36 10.51
H11B A1A0P HB . -36.30 24.82 12.30
H11A A1A0P HB . -35.72 23.99 11.07
H12A A1A0P HB . -33.61 24.07 11.78
H12B A1A0P HB . -34.31 24.24 13.20
H13A A1A0P HB . -32.98 26.02 11.81
H13C A1A0P HB . -34.11 26.64 12.32
H19B A1A0P HB . -29.80 31.38 9.74
H19A A1A0P HB . -30.25 30.34 10.84
H20B A1A0P HB . -28.65 28.79 10.00
H20A A1A0P HB . -28.02 30.07 10.69
H21B A1A0P HB . -26.81 29.62 8.77
H21A A1A0P HB . -28.10 29.54 7.89
H22A A1A0P HB . -28.32 31.78 7.83
H22B A1A0P HB . -27.45 31.99 9.12
H23A A1A0P HB . -26.00 30.87 7.04
H23B A1A0P HB . -26.60 32.26 6.62
H24A A1A0P HB . -25.31 32.43 9.03
H24B A1A0P HB . -24.35 31.94 7.89
H25A A1A0P HB . -25.90 34.26 7.51
H25B A1A0P HB . -24.54 34.39 8.27
H26B A1A0P HB . -24.20 33.10 5.88
H26A A1A0P HB . -24.83 34.51 5.65
H27B A1A0P HB . -23.06 35.57 6.71
H27A A1A0P HB . -22.41 34.20 7.09
H28A A1A0P HB . -22.31 33.81 4.63
H28B A1A0P HB . -22.56 35.36 4.53
H29B A1A0P HB . -20.43 34.73 6.18
H29A A1A0P HB . -20.22 34.31 4.69
H30B A1A0P HB . -20.43 36.50 3.96
H30A A1A0P HB . -20.93 36.95 5.38
H31B A1A0P HB . -18.73 36.23 6.18
H31A A1A0P HB . -18.29 36.46 4.70
H32B A1A0P HB . -18.64 38.67 4.80
H32A A1A0P HB . -19.65 38.56 5.99
H33A A1A0P HB . -17.69 39.48 6.85
H33B A1A0P HB . -17.79 38.02 7.46
H33C A1A0P HB . -16.83 38.30 6.24
H34A A1A0P HB . -30.60 33.88 7.04
H34B A1A0P HB . -30.32 32.52 7.76
H35A A1A0P HB . -30.27 34.84 9.33
H35B A1A0P HB . -29.57 33.47 9.63
H36A A1A0P HB . -27.75 34.43 8.91
H36B A1A0P HB . -28.33 34.21 7.49
H37A A1A0P HB . -29.09 36.36 7.35
H37B A1A0P HB . -28.95 36.55 8.89
H38A A1A0P HB . -27.13 37.67 8.29
H38B A1A0P HB . -26.49 36.24 8.41
H39B A1A0P HB . -26.77 35.88 6.12
H39A A1A0P HB . -27.34 37.34 5.95
H40 A1A0P HB . -24.70 37.02 7.05
H41 A1A0P HB . -25.39 38.10 4.53
H42B A1A0P HB . -23.25 39.22 5.47
H42A A1A0P HB . -22.85 37.71 5.68
H43A A1A0P HB . -22.61 37.28 3.54
H43B A1A0P HB . -23.66 38.36 3.09
H44B A1A0P HB . -21.32 39.42 4.18
H44A A1A0P HB . -21.11 38.66 2.83
H45A A1A0P HB . -21.39 40.82 2.23
H45B A1A0P HB . -22.73 40.10 1.82
H46A A1A0P HB . -22.73 41.25 4.38
H46B A1A0P HB . -22.71 42.27 3.19
H47B A1A0P HB . -24.72 40.30 3.30
H47A A1A0P HB . -24.91 41.63 4.09
H48A A1A0P HB . -24.50 41.55 1.27
H48C A1A0P HB . -25.95 41.71 1.94
H48B A1A0P HB . -24.87 42.87 2.10
C2 A1A0P IB . -12.05 28.58 -29.48
O3 A1A0P IB . -12.26 27.64 -30.56
C4 A1A0P IB . -11.82 26.37 -30.48
C1 A1A0P IB . -12.58 29.92 -29.93
O5 A1A0P IB . -11.96 25.58 -31.38
O6 A1A0P IB . -13.07 30.59 -28.72
C7 A1A0P IB . -11.14 26.01 -29.19
C8 A1A0P IB . -11.54 30.69 -30.72
O9 A1A0P IB . -11.16 31.93 -30.08
O10 A1A0P IB . -9.72 33.68 -29.19
C11 A1A0P IB . -10.89 34.55 -29.15
C12 A1A0P IB . -11.85 34.08 -28.10
N13 A1A0P IB . -13.14 33.66 -28.72
P14 A1A0P IB . -9.66 32.43 -30.20
O15 A1A0P IB . -8.74 31.41 -29.64
O16 A1A0P IB . -9.45 32.94 -31.56
C17 A1A0P IB . -12.27 30.70 -27.63
O18 A1A0P IB . -11.08 30.57 -27.64
C19 A1A0P IB . -13.08 31.02 -26.41
C20 A1A0P IB . -13.96 29.85 -26.00
C21 A1A0P IB . -13.58 29.23 -24.67
C22 A1A0P IB . -12.55 28.12 -24.77
C23 A1A0P IB . -12.73 27.05 -23.72
C24 A1A0P IB . -12.04 25.74 -24.03
C25 A1A0P IB . -12.51 24.58 -23.17
C26 A1A0P IB . -12.37 24.81 -21.69
C27 A1A0P IB . -13.69 25.07 -20.99
C28 A1A0P IB . -14.38 23.81 -20.54
C29 A1A0P IB . -15.10 23.06 -21.65
C30 A1A0P IB . -16.24 23.84 -22.27
C31 A1A0P IB . -17.33 24.20 -21.29
C32 A1A0P IB . -18.71 24.02 -21.85
C33 A1A0P IB . -19.31 22.69 -21.48
C34 A1A0P IB . -12.08 25.82 -28.00
C35 A1A0P IB . -13.50 25.47 -28.36
C36 A1A0P IB . -14.30 24.97 -27.19
C37 A1A0P IB . -14.86 26.08 -26.33
C38 A1A0P IB . -16.36 26.24 -26.46
C39 A1A0P IB . -17.09 25.82 -25.20
C40 A1A0P IB . -16.82 26.78 -24.11
C41 A1A0P IB . -17.58 26.97 -23.05
C42 A1A0P IB . -17.32 27.87 -21.90
C43 A1A0P IB . -15.88 28.32 -21.85
C44 A1A0P IB . -15.25 28.29 -20.49
C45 A1A0P IB . -13.78 28.48 -20.59
C46 A1A0P IB . -13.04 28.34 -19.29
C47 A1A0P IB . -11.66 27.71 -19.44
C48 A1A0P IB . -10.88 28.22 -20.62
H2A A1A0P IB . -12.55 28.32 -28.69
H2B A1A0P IB . -11.09 28.65 -29.31
H1 A1A0P IB . -13.34 29.72 -30.50
H7A A1A0P IB . -10.68 25.16 -29.34
H7B A1A0P IB . -10.44 26.65 -28.99
H8B A1A0P IB . -10.75 30.12 -30.84
H8A A1A0P IB . -11.88 30.91 -31.60
H11B A1A0P IB . -10.61 35.47 -29.03
H11A A1A0P IB . -11.31 34.49 -30.02
H12A A1A0P IB . -12.06 34.79 -27.46
H12B A1A0P IB . -11.50 33.31 -27.62
H13A A1A0P IB . -12.96 32.92 -29.14
H13C A1A0P IB . -13.76 33.43 -28.13
H19B A1A0P IB . -12.46 31.26 -25.69
H19A A1A0P IB . -13.64 31.80 -26.63
H20B A1A0P IB . -13.91 29.15 -26.69
H20A A1A0P IB . -14.89 30.17 -25.97
H21B A1A0P IB . -13.24 29.93 -24.07
H21A A1A0P IB . -14.39 28.87 -24.26
H22A A1A0P IB . -11.66 28.51 -24.69
H22B A1A0P IB . -12.62 27.73 -25.67
H23A A1A0P IB . -12.36 27.40 -22.88
H23B A1A0P IB . -13.68 26.88 -23.56
H24A A1A0P IB . -12.20 25.53 -24.98
H24B A1A0P IB . -11.08 25.87 -23.91
H25A A1A0P IB . -13.45 24.41 -23.39
H25B A1A0P IB . -12.02 23.77 -23.41
H26B A1A0P IB . -11.92 24.05 -21.28
H26A A1A0P IB . -11.78 25.58 -21.54
H27B A1A0P IB . -13.52 25.62 -20.20
H27A A1A0P IB . -14.27 25.61 -21.57
H28A A1A0P IB . -13.71 23.21 -20.15
H28B A1A0P IB . -15.00 24.03 -19.83
H29B A1A0P IB . -14.47 22.79 -22.34
H29A A1A0P IB . -15.45 22.24 -21.26
H30B A1A0P IB . -15.89 24.65 -22.71
H30A A1A0P IB . -16.65 23.30 -22.97
H31B A1A0P IB . -17.23 23.62 -20.51
H31A A1A0P IB . -17.20 25.11 -20.97
H32B A1A0P IB . -19.28 24.74 -21.49
H32A A1A0P IB . -18.70 24.12 -22.82
H33A A1A0P IB . -20.13 22.51 -21.98
H33B A1A0P IB . -18.67 21.97 -21.66
H33C A1A0P IB . -19.52 22.67 -20.52
H34A A1A0P IB . -12.06 26.59 -27.40
H34B A1A0P IB . -11.74 25.07 -27.47
H35A A1A0P IB . -13.96 26.27 -28.71
H35B A1A0P IB . -13.51 24.80 -29.07
H36A A1A0P IB . -15.02 24.39 -27.49
H36B A1A0P IB . -13.71 24.41 -26.64
H37A A1A0P IB . -14.64 25.91 -25.39
H37B A1A0P IB . -14.41 26.90 -26.60
H38A A1A0P IB . -16.57 27.17 -26.65
H38B A1A0P IB . -16.70 25.69 -27.19
H39B A1A0P IB . -18.06 25.82 -25.37
H39A A1A0P IB . -16.84 24.91 -24.95
H40 A1A0P IB . -16.02 27.32 -24.24
H41 A1A0P IB . -18.43 26.49 -23.01
H42B A1A0P IB . -17.92 28.64 -21.89
H42A A1A0P IB . -17.49 27.36 -21.09
H43A A1A0P IB . -15.36 27.69 -22.39
H43B A1A0P IB . -15.79 29.20 -22.26
H44B A1A0P IB . -15.64 28.97 -19.90
H44A A1A0P IB . -15.42 27.42 -20.10
H45A A1A0P IB . -13.46 27.80 -21.20
H45B A1A0P IB . -13.59 29.35 -21.01
H46A A1A0P IB . -12.94 29.21 -18.85
H46B A1A0P IB . -13.58 27.78 -18.70
H47B A1A0P IB . -11.15 27.88 -18.62
H47A A1A0P IB . -11.75 26.74 -19.49
H48A A1A0P IB . -10.62 27.49 -21.22
H48C A1A0P IB . -11.44 28.85 -21.13
H48B A1A0P IB . -10.08 28.71 -20.33
C2 A1A0P JB . -20.62 45.56 -18.28
O3 A1A0P JB . -21.52 45.11 -17.24
C4 A1A0P JB . -21.12 44.12 -16.44
C1 A1A0P JB . -20.36 44.41 -19.22
O5 A1A0P JB . -20.08 43.53 -16.54
O6 A1A0P JB . -21.63 43.71 -19.42
C7 A1A0P JB . -22.15 43.81 -15.42
C8 A1A0P JB . -19.86 44.79 -20.61
O9 A1A0P JB . -20.09 46.17 -20.99
O10 A1A0P JB . -17.95 47.37 -20.78
C11 A1A0P JB . -18.40 47.69 -19.44
C12 A1A0P JB . -17.46 48.65 -18.79
N13 A1A0P JB . -17.41 49.93 -19.51
P14 A1A0P JB . -19.01 46.92 -21.90
O15 A1A0P JB . -18.38 45.97 -22.84
O16 A1A0P JB . -19.65 48.15 -22.42
C17 A1A0P JB . -21.73 42.40 -19.11
O18 A1A0P JB . -20.83 41.73 -18.67
C19 A1A0P JB . -23.12 41.89 -19.36
C20 A1A0P JB . -23.95 41.75 -18.09
C21 A1A0P JB . -23.78 40.39 -17.43
C22 A1A0P JB . -24.95 39.98 -16.57
C23 A1A0P JB . -24.62 39.88 -15.11
C24 A1A0P JB . -25.81 39.56 -14.24
C25 A1A0P JB . -26.31 38.15 -14.41
C26 A1A0P JB . -27.44 37.82 -13.49
C27 A1A0P JB . -27.94 36.42 -13.65
C28 A1A0P JB . -28.59 35.87 -12.42
C29 A1A0P JB . -30.10 36.04 -12.38
C30 A1A0P JB . -30.81 35.03 -13.25
C31 A1A0P JB . -31.95 34.29 -12.59
C32 A1A0P JB . -31.52 32.93 -12.06
C33 A1A0P JB . -31.57 31.81 -13.11
C34 A1A0P JB . -21.99 42.41 -14.88
C35 A1A0P JB . -20.94 42.31 -13.80
C36 A1A0P JB . -21.45 41.61 -12.58
C37 A1A0P JB . -21.89 40.20 -12.86
C38 A1A0P JB . -22.94 39.69 -11.90
C39 A1A0P JB . -23.14 38.21 -12.05
C40 A1A0P JB . -24.42 37.70 -11.47
C41 A1A0P JB . -24.89 36.50 -11.65
C42 A1A0P JB . -24.27 35.44 -12.48
C43 A1A0P JB . -25.15 34.23 -12.65
C44 A1A0P JB . -24.88 33.13 -11.64
C45 A1A0P JB . -25.69 33.27 -10.38
C46 A1A0P JB . -26.93 32.42 -10.35
C47 A1A0P JB . -28.17 33.16 -9.91
C48 A1A0P JB . -28.23 33.39 -8.42
H2A A1A0P JB . -21.06 46.30 -18.73
H2B A1A0P JB . -19.79 45.84 -17.85
H1 A1A0P JB . -19.66 43.85 -18.85
H7A A1A0P JB . -22.04 44.45 -14.69
H7B A1A0P JB . -23.03 43.92 -15.84
H8B A1A0P JB . -20.25 44.19 -21.27
H8A A1A0P JB . -18.88 44.67 -20.66
H11B A1A0P JB . -19.33 47.99 -19.43
H11A A1A0P JB . -18.34 46.84 -18.95
H12A A1A0P JB . -16.54 48.31 -18.75
H12B A1A0P JB . -17.76 48.85 -17.87
H13A A1A0P JB . -16.85 50.45 -19.05
H13C A1A0P JB . -17.02 49.88 -20.31
H19B A1A0P JB . -23.56 42.49 -19.99
H19A A1A0P JB . -23.03 41.01 -19.78
H20B A1A0P JB . -24.89 41.88 -18.31
H20A A1A0P JB . -23.67 42.46 -17.47
H21B A1A0P JB . -23.62 39.71 -18.12
H21A A1A0P JB . -22.98 40.42 -16.88
H22A A1A0P JB . -25.67 40.62 -16.69
H22B A1A0P JB . -25.28 39.11 -16.91
H23A A1A0P JB . -23.94 39.19 -14.97
H23B A1A0P JB . -24.23 40.71 -14.80
H24A A1A0P JB . -25.57 39.70 -13.31
H24B A1A0P JB . -26.51 40.20 -14.46
H25A A1A0P JB . -26.59 38.02 -15.35
H25B A1A0P JB . -25.57 37.53 -14.25
H26B A1A0P JB . -27.15 37.99 -12.56
H26A A1A0P JB . -28.18 38.45 -13.65
H27B A1A0P JB . -28.59 36.41 -14.39
H27A A1A0P JB . -27.21 35.84 -13.94
H28A A1A0P JB . -28.38 34.92 -12.34
H28B A1A0P JB . -28.19 36.30 -11.65
H29B A1A0P JB . -30.43 35.97 -11.47
H29A A1A0P JB . -30.30 36.95 -12.69
H30B A1A0P JB . -30.16 34.33 -13.35
H30A A1A0P JB . -31.02 35.37 -14.15
H31B A1A0P JB . -32.30 34.84 -11.86
H31A A1A0P JB . -32.69 34.18 -13.23
H32B A1A0P JB . -30.60 33.01 -11.74
H32A A1A0P JB . -32.07 32.66 -11.29
H33A A1A0P JB . -30.82 31.18 -12.99
H33B A1A0P JB . -31.50 32.18 -14.02
H33C A1A0P JB . -32.41 31.31 -13.05
H34A A1A0P JB . -21.83 41.75 -15.59
H34B A1A0P JB . -22.83 42.17 -14.47
H35A A1A0P JB . -20.66 43.22 -13.55
H35B A1A0P JB . -20.16 41.85 -14.14
H36A A1A0P JB . -20.77 41.62 -11.88
H36B A1A0P JB . -22.22 42.12 -12.23
H37A A1A0P JB . -21.12 39.61 -12.80
H37B A1A0P JB . -22.22 40.11 -13.77
H38A A1A0P JB . -22.69 39.90 -10.97
H38B A1A0P JB . -23.79 40.13 -12.08
H39B A1A0P JB . -23.18 38.02 -13.01
H39A A1A0P JB . -22.36 37.73 -11.71
H40 A1A0P JB . -24.92 38.34 -10.91
H41 A1A0P JB . -25.75 36.26 -11.22
H42B A1A0P JB . -24.00 35.78 -13.36
H42A A1A0P JB . -23.45 35.16 -12.03
H43A A1A0P JB . -26.08 34.52 -12.53
H43B A1A0P JB . -25.06 33.89 -13.56
H44B A1A0P JB . -25.07 32.25 -12.04
H44A A1A0P JB . -23.93 33.15 -11.41
H45A A1A0P JB . -25.11 33.03 -9.63
H45B A1A0P JB . -25.93 34.21 -10.26
H46A A1A0P JB . -26.80 31.64 -9.76
H46B A1A0P JB . -27.08 32.06 -11.25
H47B A1A0P JB . -28.20 34.03 -10.36
H47A A1A0P JB . -28.98 32.69 -10.21
H48A A1A0P JB . -29.12 33.69 -8.14
H48C A1A0P JB . -28.01 32.56 -7.95
H48B A1A0P JB . -27.57 34.06 -8.16
C2 A1A0P KB . -28.15 45.73 -17.08
O3 A1A0P KB . -28.81 46.97 -17.36
C4 A1A0P KB . -30.12 47.11 -17.09
C1 A1A0P KB . -28.16 44.85 -18.29
O5 A1A0P KB . -30.82 46.23 -16.66
O6 A1A0P KB . -29.57 44.60 -18.60
C7 A1A0P KB . -30.59 48.50 -17.38
C8 A1A0P KB . -27.53 45.50 -19.49
O9 A1A0P KB . -26.17 45.05 -19.63
O10 A1A0P KB . -25.05 47.21 -19.95
C11 A1A0P KB . -24.91 47.32 -18.51
C12 A1A0P KB . -24.42 48.69 -18.15
N13 A1A0P KB . -25.56 49.59 -17.81
P14 A1A0P KB . -25.19 45.78 -20.65
O15 A1A0P KB . -25.87 45.93 -21.96
O16 A1A0P KB . -23.88 45.10 -20.59
C17 A1A0P KB . -29.99 43.52 -19.30
O18 A1A0P KB . -31.08 43.44 -19.81
C19 A1A0P KB . -28.98 42.41 -19.39
C20 A1A0P KB . -28.06 42.52 -20.60
C21 A1A0P KB . -28.11 41.31 -21.48
C22 A1A0P KB . -27.40 40.11 -20.89
C23 A1A0P KB . -28.32 39.16 -20.19
C24 A1A0P KB . -27.60 37.99 -19.55
C25 A1A0P KB . -28.28 36.67 -19.76
C26 A1A0P KB . -29.54 36.51 -18.94
C27 A1A0P KB . -30.01 35.07 -18.85
C28 A1A0P KB . -29.70 34.42 -17.52
C29 A1A0P KB . -28.22 34.26 -17.27
C30 A1A0P KB . -27.92 33.16 -16.27
C31 A1A0P KB . -28.70 33.29 -15.00
C32 A1A0P KB . -28.06 32.57 -13.83
C33 A1A0P KB . -28.00 31.09 -14.06
C34 A1A0P KB . -30.33 49.46 -16.22
C35 A1A0P KB . -29.13 49.05 -15.38
C36 A1A0P KB . -28.73 49.98 -14.27
C37 A1A0P KB . -27.92 49.26 -13.20
C38 A1A0P KB . -27.01 48.15 -13.72
C39 A1A0P KB . -26.03 47.64 -12.68
C40 A1A0P KB . -26.68 47.31 -11.37
C41 A1A0P KB . -27.55 46.36 -11.15
C42 A1A0P KB . -28.11 45.42 -12.15
C43 A1A0P KB . -29.42 45.91 -12.74
C44 A1A0P KB . -30.53 45.99 -11.73
C45 A1A0P KB . -30.68 47.36 -11.09
C46 A1A0P KB . -30.63 47.35 -9.58
C47 A1A0P KB . -31.71 46.51 -8.90
C48 A1A0P KB . -33.10 46.80 -9.40
H2A A1A0P KB . -28.56 45.26 -16.33
H2B A1A0P KB . -27.22 45.95 -16.86
H1 A1A0P KB . -27.65 44.05 -18.02
H7A A1A0P KB . -30.15 48.83 -18.18
H7B A1A0P KB . -31.54 48.46 -17.55
H8B A1A0P KB . -28.05 45.31 -20.29
H8A A1A0P KB . -27.50 46.48 -19.40
H11B A1A0P KB . -25.75 47.11 -18.06
H11A A1A0P KB . -24.25 46.66 -18.26
H12A A1A0P KB . -23.94 49.11 -18.89
H12B A1A0P KB . -23.84 48.66 -17.37
H13A A1A0P KB . -26.19 49.37 -18.37
H13C A1A0P KB . -25.92 49.44 -17.02
H19B A1A0P KB . -28.49 42.27 -18.56
H19A A1A0P KB . -29.53 41.62 -19.54
H20B A1A0P KB . -27.14 42.64 -20.28
H20A A1A0P KB . -28.32 43.31 -21.11
H21B A1A0P KB . -29.04 41.06 -21.64
H21A A1A0P KB . -27.72 41.53 -22.35
H22A A1A0P KB . -26.94 39.63 -21.61
H22B A1A0P KB . -26.72 40.44 -20.28
H23A A1A0P KB . -28.82 39.62 -19.50
H23B A1A0P KB . -28.99 38.80 -20.82
H24A A1A0P KB . -26.69 37.95 -19.90
H24B A1A0P KB . -27.53 38.18 -18.58
H25A A1A0P KB . -28.50 36.56 -20.71
H25B A1A0P KB . -27.67 35.95 -19.53
H26B A1A0P KB . -29.38 36.87 -18.04
H26A A1A0P KB . -30.25 37.06 -19.33
H27B A1A0P KB . -30.98 35.05 -18.99
H27A A1A0P KB . -29.62 34.56 -19.58
H28A A1A0P KB . -30.10 34.94 -16.81
H28B A1A0P KB . -30.13 33.54 -17.50
H29B A1A0P KB . -27.75 34.09 -18.11
H29A A1A0P KB . -27.89 35.11 -16.93
H30B A1A0P KB . -28.09 32.29 -16.70
H30A A1A0P KB . -26.97 33.19 -16.05
H31B A1A0P KB . -28.79 34.24 -14.78
H31A A1A0P KB . -29.61 32.95 -15.13
H32B A1A0P KB . -27.16 32.92 -13.72
H32A A1A0P KB . -28.57 32.75 -13.02
H33A A1A0P KB . -27.99 30.59 -13.21
H33B A1A0P KB . -28.75 30.77 -14.60
H33C A1A0P KB . -27.18 30.86 -14.55
H34A A1A0P KB . -31.12 49.58 -15.64
H34B A1A0P KB . -30.13 50.35 -16.60
H35A A1A0P KB . -28.35 48.96 -15.96
H35B A1A0P KB . -29.32 48.19 -14.95
H36A A1A0P KB . -28.21 50.72 -14.63
H36B A1A0P KB . -29.54 50.37 -13.87
H37A A1A0P KB . -27.39 49.91 -12.68
H37B A1A0P KB . -28.58 48.89 -12.58
H38A A1A0P KB . -26.50 48.49 -14.48
H38B A1A0P KB . -27.52 47.38 -14.05
H39B A1A0P KB . -25.63 46.81 -13.02
H39A A1A0P KB . -25.30 48.27 -12.58
H40 A1A0P KB . -26.41 47.88 -10.62
H41 A1A0P KB . -27.89 46.25 -10.24
H42B A1A0P KB . -27.47 45.21 -12.87
H42A A1A0P KB . -28.30 44.58 -11.68
H43A A1A0P KB . -29.29 46.80 -13.11
H43B A1A0P KB . -29.67 45.32 -13.49
H44B A1A0P KB . -31.40 45.73 -12.11
H44A A1A0P KB . -30.34 45.35 -11.01
H45A A1A0P KB . -29.95 47.92 -11.41
H45B A1A0P KB . -31.51 47.78 -11.41
H46A A1A0P KB . -29.76 47.04 -9.27
H46B A1A0P KB . -30.73 48.27 -9.26
H47B A1A0P KB . -31.51 45.57 -9.04
H47A A1A0P KB . -31.67 46.65 -7.94
H48A A1A0P KB . -33.78 46.51 -8.76
H48C A1A0P KB . -33.21 47.74 -9.58
H48B A1A0P KB . -33.25 46.32 -10.25
C2 A1A0P LB . -18.88 26.93 -31.38
O3 A1A0P LB . -19.42 28.16 -30.81
C4 A1A0P LB . -19.12 28.46 -29.54
C1 A1A0P LB . -17.49 27.29 -31.84
O5 A1A0P LB . -18.48 27.76 -28.81
O6 A1A0P LB . -16.60 26.12 -31.89
C7 A1A0P LB . -19.68 29.80 -29.16
C8 A1A0P LB . -17.48 28.01 -33.18
O9 A1A0P LB . -16.13 28.11 -33.67
O10 A1A0P LB . -15.33 29.37 -31.75
C11 A1A0P LB . -16.12 30.34 -31.00
C12 A1A0P LB . -16.05 30.07 -29.53
N13 A1A0P LB . -15.50 28.72 -29.25
P14 A1A0P LB . -15.25 29.40 -33.33
O15 A1A0P LB . -13.85 29.16 -33.74
O16 A1A0P LB . -15.95 30.60 -33.82
C17 A1A0P LB . -16.91 25.06 -32.66
O18 A1A0P LB . -17.83 25.01 -33.44
C19 A1A0P LB . -15.94 23.93 -32.42
C20 A1A0P LB . -15.32 23.99 -31.03
C21 A1A0P LB . -16.33 24.01 -29.90
C22 A1A0P LB . -16.38 22.73 -29.13
C23 A1A0P LB . -17.31 21.71 -29.74
C24 A1A0P LB . -16.62 20.68 -30.60
C25 A1A0P LB . -17.56 19.77 -31.36
C26 A1A0P LB . -18.68 19.15 -30.53
C27 A1A0P LB . -18.17 18.30 -29.37
C28 A1A0P LB . -19.25 17.53 -28.64
C29 A1A0P LB . -19.94 16.51 -29.51
C30 A1A0P LB . -21.40 16.80 -29.78
C31 A1A0P LB . -22.32 16.31 -28.69
C32 A1A0P LB . -22.72 14.85 -28.85
C33 A1A0P LB . -23.54 14.35 -27.69
C34 A1A0P LB . -19.81 30.02 -27.67
C35 A1A0P LB . -18.53 30.51 -27.02
C36 A1A0P LB . -18.67 30.82 -25.56
C37 A1A0P LB . -18.60 29.58 -24.70
C38 A1A0P LB . -19.95 29.06 -24.26
C39 A1A0P LB . -20.38 27.76 -24.91
C40 A1A0P LB . -21.07 26.86 -23.95
C41 A1A0P LB . -22.34 26.89 -23.63
C42 A1A0P LB . -23.01 26.00 -22.63
C43 A1A0P LB . -23.84 24.90 -23.27
C44 A1A0P LB . -24.02 23.69 -22.37
C45 A1A0P LB . -25.46 23.30 -22.16
C46 A1A0P LB . -25.99 22.28 -23.15
C47 A1A0P LB . -27.17 21.47 -22.64
C48 A1A0P LB . -27.29 20.12 -23.27
H2A A1A0P LB . -18.85 26.21 -30.73
H2B A1A0P LB . -19.44 26.70 -32.15
H1 A1A0P LB . -17.14 27.87 -31.15
H7A A1A0P LB . -19.11 30.50 -29.55
H7B A1A0P LB . -20.56 29.86 -29.59
H8B A1A0P LB . -18.06 27.55 -33.82
H8A A1A0P LB . -17.84 28.91 -33.07
H11B A1A0P LB . -15.83 31.25 -31.25
H11A A1A0P LB . -17.03 30.23 -31.30
H12A A1A0P LB . -16.94 30.11 -29.13
H12B A1A0P LB . -15.51 30.75 -29.07
H13A A1A0P LB . -16.20 28.20 -29.05
H13C A1A0P LB . -15.15 28.33 -29.95
H19B A1A0P LB . -16.41 23.08 -32.54
H19A A1A0P LB . -15.23 24.01 -33.09
H20B A1A0P LB . -14.72 24.76 -30.96
H20A A1A0P LB . -14.77 23.19 -30.93
H21B A1A0P LB . -16.13 24.75 -29.30
H21A A1A0P LB . -17.23 24.17 -30.24
H22A A1A0P LB . -15.48 22.34 -29.10
H22B A1A0P LB . -16.64 22.93 -28.21
H23A A1A0P LB . -17.80 21.26 -29.02
H23B A1A0P LB . -17.99 22.16 -30.29
H24A A1A0P LB . -16.05 21.14 -31.23
H24B A1A0P LB . -16.04 20.14 -30.02
H25A A1A0P LB . -17.95 20.27 -32.11
H25B A1A0P LB . -17.03 19.04 -31.75
H26B A1A0P LB . -19.28 19.84 -30.21
H26A A1A0P LB . -19.21 18.59 -31.12
H27B A1A0P LB . -17.51 17.66 -29.72
H27A A1A0P LB . -17.68 18.86 -28.73
H28A A1A0P LB . -18.87 17.09 -27.86
H28B A1A0P LB . -19.91 18.17 -28.32
H29B A1A0P LB . -19.45 16.43 -30.36
H29A A1A0P LB . -19.85 15.62 -29.09
H30B A1A0P LB . -21.51 17.76 -29.91
H30A A1A0P LB . -21.66 16.36 -30.60
H31B A1A0P LB . -21.88 16.43 -27.83
H31A A1A0P LB . -23.13 16.86 -28.68
H32B A1A0P LB . -23.25 14.76 -29.67
H32A A1A0P LB . -21.93 14.29 -28.95
H33A A1A0P LB . -23.38 13.40 -27.52
H33B A1A0P LB . -23.33 14.84 -26.87
H33C A1A0P LB . -24.50 14.47 -27.86
H34A A1A0P LB . -20.14 29.22 -27.21
H34B A1A0P LB . -20.48 30.71 -27.52
H35A A1A0P LB . -17.84 29.83 -27.12
H35B A1A0P LB . -18.21 31.30 -27.51
H36A A1A0P LB . -17.97 31.46 -25.29
H36B A1A0P LB . -19.53 31.28 -25.42
H37A A1A0P LB . -18.12 28.88 -25.20
H37B A1A0P LB . -18.04 29.80 -23.93
H38A A1A0P LB . -19.93 28.93 -23.29
H38B A1A0P LB . -20.64 29.73 -24.47
H39B A1A0P LB . -21.02 27.97 -25.62
H39A A1A0P LB . -19.62 27.34 -25.34
H40 A1A0P LB . -20.50 26.18 -23.53
H41 A1A0P LB . -22.92 27.55 -24.05
H42B A1A0P LB . -22.36 25.60 -22.02
H42A A1A0P LB . -23.60 26.57 -22.09
H43A A1A0P LB . -24.72 25.28 -23.47
H43B A1A0P LB . -23.42 24.64 -24.12
H44B A1A0P LB . -23.54 22.92 -22.73
H44A A1A0P LB . -23.63 23.90 -21.50
H45A A1A0P LB . -25.55 22.92 -21.25
H45B A1A0P LB . -26.03 24.10 -22.18
H46A A1A0P LB . -26.24 22.72 -23.99
H46B A1A0P LB . -25.27 21.66 -23.38
H47B A1A0P LB . -27.08 21.36 -21.67
H47A A1A0P LB . -28.00 21.97 -22.78
H48A A1A0P LB . -28.14 19.71 -23.04
H48C A1A0P LB . -27.21 20.20 -24.23
H48B A1A0P LB . -26.56 19.55 -22.96
C2 A1A0P MB . -42.52 25.47 -3.94
O3 A1A0P MB . -41.65 26.09 -2.95
C4 A1A0P MB . -40.38 26.47 -3.22
C1 A1A0P MB . -42.53 23.99 -3.70
O5 A1A0P MB . -39.66 26.90 -2.36
O6 A1A0P MB . -41.20 23.47 -4.03
C7 A1A0P MB . -39.95 26.32 -4.65
C8 A1A0P MB . -42.79 23.63 -2.26
O9 A1A0P MB . -43.72 24.56 -1.66
O10 A1A0P MB . -45.60 22.86 -1.90
C11 A1A0P MB . -45.86 22.97 -3.32
C12 A1A0P MB . -45.24 21.80 -4.03
N13 A1A0P MB . -46.25 20.77 -4.34
P14 A1A0P MB . -45.15 24.14 -1.05
O15 A1A0P MB . -44.97 23.74 0.36
O16 A1A0P MB . -46.09 25.23 -1.37
C17 A1A0P MB . -41.08 22.18 -4.38
O18 A1A0P MB . -42.00 21.40 -4.41
C19 A1A0P MB . -39.66 21.84 -4.69
C20 A1A0P MB . -39.40 21.79 -6.19
C21 A1A0P MB . -39.04 23.14 -6.77
C22 A1A0P MB . -37.68 23.64 -6.32
C23 A1A0P MB . -36.79 24.10 -7.44
C24 A1A0P MB . -36.17 25.46 -7.23
C25 A1A0P MB . -34.73 25.54 -7.61
C26 A1A0P MB . -34.09 26.82 -7.14
C27 A1A0P MB . -33.26 27.49 -8.20
C28 A1A0P MB . -31.98 26.74 -8.53
C29 A1A0P MB . -31.66 26.75 -10.00
C30 A1A0P MB . -31.33 28.12 -10.52
C31 A1A0P MB . -30.12 28.15 -11.41
C32 A1A0P MB . -28.84 28.20 -10.64
C33 A1A0P MB . -27.71 28.63 -11.49
C34 A1A0P MB . -38.66 27.05 -4.98
C35 A1A0P MB . -38.65 27.57 -6.39
C36 A1A0P MB . -37.56 28.58 -6.64
C37 A1A0P MB . -37.95 29.98 -6.23
C38 A1A0P MB . -36.82 30.96 -6.33
C39 A1A0P MB . -35.90 30.94 -5.14
C40 A1A0P MB . -35.46 32.29 -4.70
C41 A1A0P MB . -34.32 32.59 -4.14
C42 A1A0P MB . -33.87 33.95 -3.75
C43 A1A0P MB . -32.75 34.42 -4.66
C44 A1A0P MB . -33.20 34.93 -6.01
C45 A1A0P MB . -32.36 34.38 -7.17
C46 A1A0P MB . -33.13 33.54 -8.15
C47 A1A0P MB . -33.82 32.33 -7.54
C48 A1A0P MB . -33.77 31.07 -8.35
H2A A1A0P MB . -43.42 25.81 -3.79
H2B A1A0P MB . -42.30 25.65 -4.88
H1 A1A0P MB . -43.21 23.62 -4.29
H7A A1A0P MB . -39.84 25.37 -4.89
H7B A1A0P MB . -40.63 26.71 -5.23
H8B A1A0P MB . -43.14 22.72 -2.24
H8A A1A0P MB . -41.97 23.65 -1.74
H11B A1A0P MB . -46.81 23.06 -3.49
H11A A1A0P MB . -45.43 23.79 -3.62
H12A A1A0P MB . -44.56 21.36 -3.48
H12B A1A0P MB . -44.82 22.09 -4.88
H13A A1A0P MB . -46.87 21.17 -4.81
H13C A1A0P MB . -45.97 20.13 -4.88
H19B A1A0P MB . -39.10 22.53 -4.29
H19A A1A0P MB . -39.46 20.97 -4.30
H20B A1A0P MB . -40.19 21.44 -6.65
H20A A1A0P MB . -38.66 21.16 -6.34
H21B A1A0P MB . -39.05 23.09 -7.74
H21A A1A0P MB . -39.72 23.79 -6.51
H22A A1A0P MB . -37.80 24.36 -5.68
H22B A1A0P MB . -37.26 22.89 -5.85
H23A A1A0P MB . -36.04 23.46 -7.56
H23B A1A0P MB . -37.27 24.09 -8.30
H24A A1A0P MB . -36.67 26.11 -7.76
H24B A1A0P MB . -36.28 25.70 -6.29
H25A A1A0P MB . -34.26 24.77 -7.25
H25B A1A0P MB . -34.65 25.48 -8.58
H26B A1A0P MB . -34.78 27.42 -6.81
H26A A1A0P MB . -33.51 26.63 -6.37
H27B A1A0P MB . -33.79 27.55 -9.02
H27A A1A0P MB . -33.04 28.41 -7.93
H28A A1A0P MB . -31.24 27.16 -8.04
H28B A1A0P MB . -32.05 25.82 -8.22
H29B A1A0P MB . -30.90 26.16 -10.17
H29A A1A0P MB . -32.42 26.37 -10.47
H30B A1A0P MB . -32.11 28.52 -10.96
H30A A1A0P MB . -31.12 28.70 -9.75
H31B A1A0P MB . -30.13 27.35 -11.97
H31A A1A0P MB . -30.17 28.92 -12.01
H32B A1A0P MB . -28.95 28.85 -9.90
H32A A1A0P MB . -28.65 27.33 -10.24
H33A A1A0P MB . -27.94 28.52 -12.44
H33B A1A0P MB . -27.46 29.56 -11.33
H33C A1A0P MB . -26.92 28.07 -11.32
H34A A1A0P MB . -37.86 26.50 -4.81
H34B A1A0P MB . -38.60 27.85 -4.42
H35A A1A0P MB . -39.51 28.00 -6.58
H35B A1A0P MB . -38.58 26.81 -7.01
H36A A1A0P MB . -36.75 28.31 -6.16
H36B A1A0P MB . -37.32 28.56 -7.58
H37A A1A0P MB . -38.71 30.29 -6.76
H37B A1A0P MB . -38.26 29.93 -5.31
H38A A1A0P MB . -36.30 30.78 -7.14
H38B A1A0P MB . -37.17 31.88 -6.41
H39B A1A0P MB . -36.40 30.55 -4.39
H39A A1A0P MB . -35.14 30.35 -5.31
H40 A1A0P MB . -36.11 33.02 -4.85
H41 A1A0P MB . -33.68 31.87 -3.98
H42B A1A0P MB . -34.61 34.58 -3.74
H42A A1A0P MB . -33.52 33.89 -2.84
H43A A1A0P MB . -32.24 35.10 -4.19
H43B A1A0P MB . -32.18 33.65 -4.79
H44B A1A0P MB . -34.15 34.72 -6.17
H44A A1A0P MB . -33.11 35.90 -6.01
H45A A1A0P MB . -31.98 35.15 -7.65
H45B A1A0P MB . -31.61 33.88 -6.81
H46A A1A0P MB . -33.81 34.07 -8.62
H46B A1A0P MB . -32.52 33.23 -8.85
H47B A1A0P MB . -33.39 32.15 -6.68
H47A A1A0P MB . -34.74 32.56 -7.33
H48A A1A0P MB . -32.89 30.67 -8.33
H48C A1A0P MB . -34.41 30.41 -8.00
H48B A1A0P MB . -34.02 31.26 -9.28
C2 A1A0P NB . -21.55 22.93 -34.49
O3 A1A0P NB . -22.19 24.02 -33.79
C4 A1A0P NB . -22.99 23.73 -32.75
C1 A1A0P NB . -20.23 22.67 -33.82
O5 A1A0P NB . -23.25 22.63 -32.38
O6 A1A0P NB . -19.97 21.24 -33.86
C7 A1A0P NB . -23.50 25.00 -32.13
C8 A1A0P NB . -19.10 23.34 -34.55
O9 A1A0P NB . -19.00 24.71 -34.11
O10 A1A0P NB . -20.52 26.57 -34.01
C11 A1A0P NB . -21.19 27.81 -34.34
C12 A1A0P NB . -22.66 27.59 -34.54
N13 A1A0P NB . -22.91 26.33 -35.28
P14 A1A0P NB . -19.44 25.95 -35.01
O15 A1A0P NB . -18.31 26.89 -35.14
O16 A1A0P NB . -20.17 25.51 -36.22
C17 A1A0P NB . -20.42 20.47 -32.86
O18 A1A0P NB . -21.05 20.88 -31.92
C19 A1A0P NB . -20.06 19.03 -33.09
C20 A1A0P NB . -20.55 18.49 -34.42
C21 A1A0P NB . -22.01 18.82 -34.71
C22 A1A0P NB . -22.95 18.34 -33.64
C23 A1A0P NB . -24.16 17.62 -34.18
C24 A1A0P NB . -24.72 16.61 -33.21
C25 A1A0P NB . -23.84 15.38 -33.04
C26 A1A0P NB . -23.16 15.31 -31.69
C27 A1A0P NB . -24.10 15.15 -30.51
C28 A1A0P NB . -24.99 13.93 -30.60
C29 A1A0P NB . -26.39 14.23 -31.08
C30 A1A0P NB . -27.24 13.01 -31.25
C31 A1A0P NB . -27.82 12.50 -29.95
C32 A1A0P NB . -28.30 11.08 -30.01
C33 A1A0P NB . -29.61 10.92 -29.35
C34 A1A0P NB . -22.46 25.77 -31.32
C35 A1A0P NB . -21.16 25.04 -31.06
C36 A1A0P NB . -20.32 25.66 -29.97
C37 A1A0P NB . -19.67 24.65 -29.06
C38 A1A0P NB . -20.57 24.16 -27.95
C39 A1A0P NB . -21.36 22.92 -28.32
C40 A1A0P NB . -21.91 22.19 -27.14
C41 A1A0P NB . -21.22 21.47 -26.29
C42 A1A0P NB . -21.77 20.74 -25.11
C43 A1A0P NB . -20.77 20.67 -23.97
C44 A1A0P NB . -21.41 20.42 -22.62
C45 A1A0P NB . -21.96 19.01 -22.47
C46 A1A0P NB . -23.46 18.95 -22.37
C47 A1A0P NB . -23.98 19.19 -20.97
C48 A1A0P NB . -24.58 17.96 -20.34
H2A A1A0P NB . -22.10 22.12 -34.49
H2B A1A0P NB . -21.41 23.22 -35.42
H1 A1A0P NB . -20.28 23.02 -32.91
H7A A1A0P NB . -23.89 25.57 -32.82
H7B A1A0P NB . -24.23 24.72 -31.53
H8B A1A0P NB . -18.27 22.85 -34.33
H8A A1A0P NB . -19.23 23.29 -35.51
H11B A1A0P NB . -20.99 28.49 -33.67
H11A A1A0P NB . -20.80 28.11 -35.19
H12A A1A0P NB . -23.07 28.30 -35.07
H12B A1A0P NB . -23.12 27.52 -33.68
H13A A1A0P NB . -22.43 25.72 -34.86
H13C A1A0P NB . -23.74 26.02 -35.20
H19B A1A0P NB . -19.09 18.96 -33.03
H19A A1A0P NB . -20.46 18.51 -32.36
H20B A1A0P NB . -20.45 17.52 -34.40
H20A A1A0P NB . -19.99 18.86 -35.13
H21B A1A0P NB . -22.13 19.79 -34.84
H21A A1A0P NB . -22.25 18.40 -35.56
H22A A1A0P NB . -22.46 17.72 -33.06
H22B A1A0P NB . -23.22 19.11 -33.09
H23A A1A0P NB . -24.86 18.27 -34.39
H23B A1A0P NB . -23.95 17.17 -35.02
H24A A1A0P NB . -24.84 17.04 -32.35
H24B A1A0P NB . -25.61 16.33 -33.53
H25A A1A0P NB . -24.36 14.57 -33.20
H25B A1A0P NB . -23.14 15.41 -33.73
H26B A1A0P NB . -22.51 14.59 -31.70
H26A A1A0P NB . -22.64 16.13 -31.55
H27B A1A0P NB . -23.56 15.09 -29.69
H27A A1A0P NB . -24.66 15.96 -30.40
H28A A1A0P NB . -24.58 13.27 -31.18
H28B A1A0P NB . -25.05 13.52 -29.71
H29B A1A0P NB . -26.36 14.73 -31.93
H29A A1A0P NB . -26.80 14.83 -30.44
H30B A1A0P NB . -27.95 13.16 -31.89
H30A A1A0P NB . -26.68 12.28 -31.60
H31B A1A0P NB . -27.14 12.59 -29.25
H31A A1A0P NB . -28.56 13.08 -29.68
H32B A1A0P NB . -28.37 10.84 -30.96
H32A A1A0P NB . -27.64 10.49 -29.59
H33A A1A0P NB . -29.88 9.98 -29.29
H33B A1A0P NB . -30.31 11.42 -29.81
H33C A1A0P NB . -29.57 11.28 -28.43
H34A A1A0P NB . -22.84 26.09 -30.47
H34B A1A0P NB . -22.24 26.58 -31.82
H35A A1A0P NB . -21.33 24.11 -30.80
H35B A1A0P NB . -20.63 25.01 -31.88
H36A A1A0P NB . -19.64 26.23 -30.37
H36B A1A0P NB . -20.90 26.25 -29.44
H37A A1A0P NB . -19.37 23.88 -29.59
H37B A1A0P NB . -18.87 25.06 -28.68
H38A A1A0P NB . -20.05 23.97 -27.15
H38B A1A0P NB . -21.22 24.85 -27.73
H39B A1A0P NB . -22.13 23.19 -28.87
H39A A1A0P NB . -20.82 22.33 -28.89
H40 A1A0P NB . -22.88 22.27 -27.00
H41 A1A0P NB . -20.26 21.40 -26.41
H42B A1A0P NB . -22.61 21.12 -24.80
H42A A1A0P NB . -21.97 19.83 -25.39
H43A A1A0P NB . -20.15 19.94 -24.16
H43B A1A0P NB . -20.25 21.50 -23.96
H44B A1A0P NB . -20.78 20.60 -21.90
H44A A1A0P NB . -22.16 21.03 -22.53
H45A A1A0P NB . -21.67 18.48 -23.25
H45B A1A0P NB . -21.56 18.59 -21.68
H46A A1A0P NB . -23.86 19.60 -22.98
H46B A1A0P NB . -23.76 18.07 -22.66
H47B A1A0P NB . -23.24 19.50 -20.40
H47A A1A0P NB . -24.63 19.92 -20.97
H48A A1A0P NB . -24.88 18.13 -19.43
H48C A1A0P NB . -25.34 17.66 -20.88
H48B A1A0P NB . -23.93 17.23 -20.33
CU CU OB . -17.10 11.82 0.07
C2 A1A0P PB . 38.59 0.84 25.68
O3 A1A0P PB . 39.67 0.86 24.71
C4 A1A0P PB . 39.83 1.93 23.94
C1 A1A0P PB . 37.34 0.25 25.06
O5 A1A0P PB . 39.15 2.92 24.00
O6 A1A0P PB . 37.73 -0.43 23.81
C7 A1A0P PB . 40.97 1.74 22.98
C8 A1A0P PB . 36.71 -0.77 25.94
O9 A1A0P PB . 36.11 -0.10 27.07
O10 A1A0P PB . 35.48 -2.20 28.14
C11 A1A0P PB . 34.60 -3.32 28.39
C12 A1A0P PB . 34.31 -4.07 27.13
N13 A1A0P PB . 35.45 -3.93 26.17
P14 A1A0P PB . 34.87 -0.75 27.83
O15 A1A0P PB . 34.62 -0.05 29.10
O16 A1A0P PB . 33.78 -0.91 26.85
C17 A1A0P PB . 37.59 0.22 22.64
O18 A1A0P PB . 37.10 1.30 22.52
C19 A1A0P PB . 38.14 -0.60 21.51
C20 A1A0P PB . 37.18 -0.81 20.35
C21 A1A0P PB . 36.91 0.43 19.50
C22 A1A0P PB . 38.15 1.11 18.98
C23 A1A0P PB . 37.88 1.99 17.76
C24 A1A0P PB . 38.44 1.43 16.46
C25 A1A0P PB . 39.63 2.23 15.97
C26 A1A0P PB . 39.25 3.50 15.25
C27 A1A0P PB . 39.57 3.46 13.78
C28 A1A0P PB . 39.08 4.69 13.04
C29 A1A0P PB . 39.03 4.50 11.54
C30 A1A0P PB . 40.18 5.17 10.83
C31 A1A0P PB . 40.33 4.74 9.39
C32 A1A0P PB . 41.76 4.83 8.90
C33 A1A0P PB . 42.03 3.89 7.74
C34 A1A0P PB . 40.63 2.14 21.56
C35 A1A0P PB . 41.31 1.27 20.52
C36 A1A0P PB . 41.39 1.89 19.16
C37 A1A0P PB . 42.74 2.47 18.82
C38 A1A0P PB . 42.94 2.74 17.34
C39 A1A0P PB . 42.50 4.11 16.91
C40 A1A0P PB . 42.55 4.30 15.44
C41 A1A0P PB . 42.77 5.43 14.81
C42 A1A0P PB . 42.80 5.61 13.32
C43 A1A0P PB . 42.23 6.95 12.89
C44 A1A0P PB . 42.77 7.43 11.55
C45 A1A0P PB . 43.83 8.50 11.68
C46 A1A0P PB . 45.15 7.96 12.18
C47 A1A0P PB . 45.36 8.15 13.67
C48 A1A0P PB . 45.78 9.55 14.01
H2A A1A0P PB . 38.85 0.26 26.41
H2B A1A0P PB . 38.41 1.74 26.03
H1 A1A0P PB . 36.70 0.98 24.92
H7A A1A0P PB . 41.77 2.22 23.30
H7B A1A0P PB . 41.18 0.78 23.00
H8B A1A0P PB . 36.03 -1.27 25.43
H8A A1A0P PB . 37.37 -1.41 26.27
H11B A1A0P PB . 34.97 -3.89 29.09
H11A A1A0P PB . 33.77 -2.94 28.74
H12A A1A0P PB . 33.52 -3.72 26.67
H12B A1A0P PB . 34.18 -5.02 27.30
H13A A1A0P PB . 35.20 -3.31 25.58
H13C A1A0P PB . 36.17 -3.59 26.52
H19B A1A0P PB . 38.96 -0.18 21.21
H19A A1A0P PB . 38.37 -1.47 21.89
H20B A1A0P PB . 36.33 -1.12 20.73
H20A A1A0P PB . 37.54 -1.52 19.79
H21B A1A0P PB . 36.36 0.16 18.74
H21A A1A0P PB . 36.38 1.07 20.02
H22A A1A0P PB . 38.51 1.69 19.68
H22B A1A0P PB . 38.82 0.44 18.78
H23A A1A0P PB . 36.92 2.10 17.67
H23B A1A0P PB . 38.25 2.88 17.90
H24A A1A0P PB . 38.70 0.51 16.60
H24B A1A0P PB . 37.73 1.45 15.79
H25A A1A0P PB . 40.19 2.45 16.74
H25B A1A0P PB . 40.18 1.67 15.38
H26B A1A0P PB . 38.30 3.66 15.38
H26A A1A0P PB . 39.71 4.26 15.65
H27B A1A0P PB . 40.53 3.40 13.66
H27A A1A0P PB . 39.20 2.66 13.37
H28A A1A0P PB . 38.20 4.94 13.38
H28B A1A0P PB . 39.70 5.42 13.25
H29B A1A0P PB . 39.00 3.55 11.32
H29A A1A0P PB . 38.18 4.89 11.22
H30B A1A0P PB . 40.12 6.13 10.90
H30A A1A0P PB . 41.01 4.90 11.28
H31B A1A0P PB . 40.00 3.83 9.30
H31A A1A0P PB . 39.76 5.29 8.83
H32B A1A0P PB . 41.94 5.75 8.63
H32A A1A0P PB . 42.38 4.61 9.63
H33A A1A0P PB . 42.98 3.91 7.50
H33B A1A0P PB . 41.79 2.97 7.96
H33C A1A0P PB . 41.52 4.17 6.96
H34A A1A0P PB . 40.83 3.09 21.39
H34B A1A0P PB . 39.66 2.04 21.44
H35A A1A0P PB . 42.23 1.08 20.83
H35B A1A0P PB . 40.84 0.42 20.47
H36A A1A0P PB . 41.13 1.23 18.48
H36B A1A0P PB . 40.72 2.60 19.10
H37A A1A0P PB . 42.88 3.30 19.31
H37B A1A0P PB . 43.41 1.83 19.14
H38A A1A0P PB . 43.88 2.61 17.10
H38B A1A0P PB . 42.41 2.10 16.82
H39B A1A0P PB . 41.57 4.24 17.19
H39A A1A0P PB . 43.03 4.80 17.38
H40 A1A0P PB . 42.39 3.50 14.90
H41 A1A0P PB . 42.94 6.24 15.33
H42B A1A0P PB . 43.71 5.49 12.97
H42A A1A0P PB . 42.26 4.90 12.95
H43A A1A0P PB . 41.26 6.85 12.83
H43B A1A0P PB . 42.40 7.61 13.59
H44B A1A0P PB . 43.12 6.67 11.04
H44A A1A0P PB . 42.02 7.79 11.03
H45A A1A0P PB . 43.97 8.91 10.79
H45B A1A0P PB . 43.52 9.20 12.27
H46A A1A0P PB . 45.23 7.00 11.97
H46B A1A0P PB . 45.88 8.40 11.71
H47B A1A0P PB . 44.54 7.93 14.14
H47A A1A0P PB . 46.02 7.50 14.00
H48A A1A0P PB . 45.16 10.19 13.63
H48C A1A0P PB . 45.82 9.65 14.99
H48B A1A0P PB . 46.68 9.72 13.67
C2 A1A0P QB . 22.38 36.16 4.88
O3 A1A0P QB . 21.29 36.99 5.32
C4 A1A0P QB . 20.00 36.58 5.21
C1 A1A0P QB . 23.66 36.94 5.07
O5 A1A0P QB . 19.07 37.26 5.54
O6 A1A0P QB . 24.71 35.95 5.37
C7 A1A0P QB . 19.82 35.20 4.64
C8 A1A0P QB . 23.95 37.83 3.88
O9 A1A0P QB . 25.17 37.49 3.22
O10 A1A0P QB . 26.70 36.97 1.38
C11 A1A0P QB . 27.80 37.21 2.30
C12 A1A0P QB . 27.85 36.14 3.35
N13 A1A0P QB . 27.62 36.70 4.70
P14 A1A0P QB . 25.27 37.64 1.63
O15 A1A0P QB . 24.22 36.81 0.98
O16 A1A0P QB . 25.36 39.08 1.31
C17 A1A0P QB . 24.89 34.88 4.57
O18 A1A0P QB . 24.49 34.80 3.44
C19 A1A0P QB . 25.70 33.82 5.27
C20 A1A0P QB . 24.91 33.19 6.41
C21 A1A0P QB . 24.56 31.73 6.18
C22 A1A0P QB . 23.25 31.51 5.46
C23 A1A0P QB . 22.55 30.24 5.88
C24 A1A0P QB . 21.07 30.18 5.54
C25 A1A0P QB . 20.30 29.09 6.27
C26 A1A0P QB . 20.86 27.71 6.08
C27 A1A0P QB . 21.59 27.17 7.28
C28 A1A0P QB . 20.68 26.47 8.26
C29 A1A0P QB . 19.88 27.39 9.15
C30 A1A0P QB . 20.72 28.25 10.06
C31 A1A0P QB . 21.56 27.45 11.03
C32 A1A0P QB . 21.59 28.02 12.42
C33 A1A0P QB . 20.57 27.38 13.31
C34 A1A0P QB . 20.17 34.05 5.58
C35 A1A0P QB . 20.10 34.39 7.04
C36 A1A0P QB . 20.11 33.18 7.93
C37 A1A0P QB . 21.49 32.65 8.20
C38 A1A0P QB . 21.97 32.90 9.62
C39 A1A0P QB . 22.06 31.62 10.42
C40 A1A0P QB . 23.17 30.77 9.92
C41 A1A0P QB . 23.78 29.84 10.60
C42 A1A0P QB . 24.86 28.93 10.12
C43 A1A0P QB . 24.95 28.91 8.62
C44 A1A0P QB . 25.12 27.55 8.01
C45 A1A0P QB . 24.92 27.61 6.53
C46 A1A0P QB . 24.94 26.27 5.84
C47 A1A0P QB . 23.97 26.18 4.67
C48 A1A0P QB . 23.98 27.42 3.79
H2A A1A0P QB . 22.47 35.35 5.43
H2B A1A0P QB . 22.27 35.95 3.93
H1 A1A0P QB . 23.52 37.49 5.86
H7A A1A0P QB . 18.89 35.11 4.39
H7B A1A0P QB . 20.31 35.11 3.79
H8B A1A0P QB . 23.19 37.78 3.26
H8A A1A0P QB . 24.01 38.76 4.16
H11B A1A0P QB . 28.64 37.30 1.80
H11A A1A0P QB . 27.63 38.07 2.73
H12A A1A0P QB . 28.72 35.70 3.38
H12B A1A0P QB . 27.17 35.46 3.19
H13A A1A0P QB . 26.76 36.92 4.72
H13C A1A0P QB . 27.69 36.11 5.35
H19B A1A0P QB . 25.94 33.15 4.61
H19A A1A0P QB . 26.49 34.26 5.62
H20B A1A0P QB . 24.07 33.69 6.53
H20A A1A0P QB . 25.42 33.29 7.23
H21B A1A0P QB . 25.28 31.30 5.69
H21A A1A0P QB . 24.52 31.29 7.05
H22A A1A0P QB . 23.42 31.47 4.50
H22B A1A0P QB . 22.67 32.28 5.62
H23A A1A0P QB . 22.99 29.49 5.44
H23B A1A0P QB . 22.65 30.09 6.84
H24A A1A0P QB . 20.68 31.05 5.74
H24B A1A0P QB . 20.99 30.04 4.58
H25A A1A0P QB . 20.32 29.31 7.23
H25B A1A0P QB . 19.36 29.11 5.99
H26B A1A0P QB . 20.14 27.10 5.81
H26A A1A0P QB . 21.49 27.72 5.31
H27B A1A0P QB . 22.26 26.53 6.98
H27A A1A0P QB . 22.09 27.89 7.71
H28A A1A0P QB . 20.05 25.90 7.75
H28B A1A0P QB . 21.22 25.86 8.81
H29B A1A0P QB . 19.29 27.97 8.60
H29A A1A0P QB . 19.28 26.84 9.69
H30B A1A0P QB . 21.29 28.85 9.53
H30A A1A0P QB . 20.14 28.83 10.60
H31B A1A0P QB . 21.18 26.55 11.07
H31A A1A0P QB . 22.46 27.35 10.67
H32B A1A0P QB . 22.48 27.87 12.79
H32A A1A0P QB . 21.43 28.99 12.38
H33A A1A0P QB . 20.47 27.87 14.16
H33B A1A0P QB . 19.69 27.33 12.88
H33C A1A0P QB . 20.84 26.47 13.52
H34A A1A0P QB . 21.04 33.65 5.37
H34B A1A0P QB . 19.52 33.33 5.42
H35A A1A0P QB . 20.87 34.95 7.29
H35B A1A0P QB . 19.29 34.91 7.23
H36A A1A0P QB . 19.65 33.38 8.78
H36B A1A0P QB . 19.58 32.49 7.50
H37A A1A0P QB . 21.53 31.69 8.03
H37B A1A0P QB . 22.09 33.08 7.56
H38A A1A0P QB . 22.84 33.32 9.59
H38B A1A0P QB . 21.36 33.50 10.08
H39B A1A0P QB . 22.25 31.83 11.35
H39A A1A0P QB . 21.20 31.14 10.40
H40 A1A0P QB . 23.46 30.99 9.02
H41 A1A0P QB . 23.55 29.72 11.55
H42B A1A0P QB . 25.73 29.13 10.52
H42A A1A0P QB . 24.62 28.02 10.42
H43A A1A0P QB . 24.11 29.26 8.27
H43B A1A0P QB . 25.66 29.51 8.32
H44B A1A0P QB . 25.99 27.17 8.21
H44A A1A0P QB . 24.43 26.96 8.39
H45A A1A0P QB . 24.05 28.02 6.40
H45B A1A0P QB . 25.59 28.22 6.14
H46A A1A0P QB . 25.84 26.05 5.55
H46B A1A0P QB . 24.68 25.59 6.50
H47B A1A0P QB . 24.22 25.41 4.12
H47A A1A0P QB . 23.07 26.01 4.98
H48A A1A0P QB . 23.08 27.80 3.72
H48C A1A0P QB . 24.57 28.10 4.18
H48B A1A0P QB . 24.31 27.21 2.90
C2 A1A0P RB . 43.15 29.88 9.00
O3 A1A0P RB . 43.20 28.81 9.97
C4 A1A0P RB . 42.37 27.78 9.83
C1 A1A0P RB . 41.78 30.51 9.03
O5 A1A0P RB . 41.56 27.68 8.97
O6 A1A0P RB . 41.37 30.60 10.44
C7 A1A0P RB . 42.58 26.77 10.89
C8 A1A0P RB . 41.67 31.91 8.46
O9 A1A0P RB . 42.92 32.63 8.35
O10 A1A0P RB . 43.59 32.60 5.98
C11 A1A0P RB . 44.33 31.40 6.33
C12 A1A0P RB . 45.18 30.94 5.19
N13 A1A0P RB . 46.19 31.95 4.82
P14 A1A0P RB . 43.15 33.63 7.12
O15 A1A0P RB . 41.88 34.28 6.75
O16 A1A0P RB . 44.32 34.46 7.45
C17 A1A0P RB . 40.24 29.98 10.85
O18 A1A0P RB . 39.51 29.35 10.13
C19 A1A0P RB . 40.02 30.18 12.32
C20 A1A0P RB . 40.41 28.96 13.15
C21 A1A0P RB . 39.26 27.98 13.32
C22 A1A0P RB . 39.36 27.12 14.56
C23 A1A0P RB . 39.55 25.66 14.25
C24 A1A0P RB . 39.75 24.80 15.47
C25 A1A0P RB . 38.50 24.66 16.30
C26 A1A0P RB . 38.70 23.75 17.47
C27 A1A0P RB . 37.45 23.60 18.30
C28 A1A0P RB . 37.40 22.30 19.06
C29 A1A0P RB . 37.93 22.39 20.48
C30 A1A0P RB . 36.93 23.02 21.42
C31 A1A0P RB . 36.67 22.27 22.71
C32 A1A0P RB . 35.41 21.41 22.61
C33 A1A0P RB . 34.12 22.16 22.94
C34 A1A0P RB . 41.35 25.90 11.08
C35 A1A0P RB . 41.29 24.78 10.09
C36 A1A0P RB . 41.05 23.45 10.74
C37 A1A0P RB . 39.76 23.40 11.51
C38 A1A0P RB . 39.78 22.41 12.64
C39 A1A0P RB . 38.39 22.21 13.20
C40 A1A0P RB . 38.36 21.59 14.56
C41 A1A0P RB . 37.30 21.51 15.32
C42 A1A0P RB . 35.95 22.02 14.97
C43 A1A0P RB . 34.98 21.94 16.12
C44 A1A0P RB . 34.13 20.70 16.13
C45 A1A0P RB . 34.78 19.54 16.86
C46 A1A0P RB . 34.27 19.37 18.28
C47 A1A0P RB . 35.38 19.19 19.31
C48 A1A0P RB . 35.97 17.81 19.29
H2A A1A0P RB . 43.84 30.52 9.24
H2B A1A0P RB . 43.33 29.50 8.12
H1 A1A0P RB . 41.18 29.96 8.48
H7A A1A0P RB . 43.33 26.22 10.62
H7B A1A0P RB . 42.79 27.25 11.71
H8B A1A0P RB . 41.04 32.42 8.99
H8A A1A0P RB . 41.31 31.88 7.55
H11B A1A0P RB . 44.84 31.51 7.16
H11A A1A0P RB . 43.65 30.71 6.48
H12A A1A0P RB . 44.64 30.77 4.38
H12B A1A0P RB . 45.66 30.13 5.42
H13A A1A0P RB . 46.65 31.61 4.16
H13C A1A0P RB . 45.85 32.69 4.47
H19B A1A0P RB . 40.53 30.96 12.61
H19A A1A0P RB . 39.07 30.36 12.45
H20B A1A0P RB . 40.70 29.26 14.03
H20A A1A0P RB . 41.16 28.52 12.70
H21B A1A0P RB . 38.41 28.48 13.34
H21A A1A0P RB . 39.23 27.40 12.53
H22A A1A0P RB . 40.11 27.43 15.10
H22B A1A0P RB . 38.54 27.25 15.08
H23A A1A0P RB . 38.78 25.32 13.76
H23B A1A0P RB . 40.33 25.54 13.67
H24A A1A0P RB . 40.06 23.92 15.20
H24B A1A0P RB . 40.46 25.21 16.00
H25A A1A0P RB . 38.22 25.54 16.62
H25B A1A0P RB . 37.79 24.31 15.74
H26B A1A0P RB . 39.01 22.88 17.15
H26A A1A0P RB . 39.42 24.09 18.03
H27B A1A0P RB . 37.42 24.33 18.94
H27A A1A0P RB . 36.66 23.69 17.74
H28A A1A0P RB . 36.47 21.98 19.08
H28B A1A0P RB . 37.90 21.64 18.56
H29B A1A0P RB . 38.17 21.50 20.81
H29A A1A0P RB . 38.75 22.92 20.46
H30B A1A0P RB . 36.09 22.91 20.97
H30A A1A0P RB . 37.06 24.00 21.54
H31B A1A0P RB . 37.45 21.71 22.90
H31A A1A0P RB . 36.57 22.90 23.45
H32B A1A0P RB . 35.36 21.06 21.70
H32A A1A0P RB . 35.49 20.63 23.21
H33A A1A0P RB . 33.38 21.84 22.37
H33B A1A0P RB . 34.22 23.12 22.78
H33C A1A0P RB . 33.87 22.02 23.87
H34A A1A0P RB . 40.52 26.42 11.09
H34B A1A0P RB . 41.44 25.49 11.95
H35A A1A0P RB . 42.13 24.73 9.58
H35B A1A0P RB . 40.59 24.95 9.44
H36A A1A0P RB . 41.07 22.74 10.07
H36B A1A0P RB . 41.80 23.28 11.36
H37A A1A0P RB . 39.04 23.16 10.90
H37B A1A0P RB . 39.53 24.28 11.85
H38A A1A0P RB . 40.14 21.55 12.34
H38B A1A0P RB . 40.34 22.74 13.37
H39B A1A0P RB . 37.98 23.10 13.29
H39A A1A0P RB . 37.84 21.72 12.56
H40 A1A0P RB . 39.21 21.24 14.89
H41 A1A0P RB . 37.38 21.08 16.20
H42B A1A0P RB . 36.00 22.94 14.63
H42A A1A0P RB . 35.61 21.47 14.24
H43A A1A0P RB . 35.50 21.94 16.95
H43B A1A0P RB . 34.41 22.73 16.13
H44B A1A0P RB . 33.26 20.86 16.53
H44A A1A0P RB . 33.98 20.42 15.20
H45A A1A0P RB . 34.60 18.72 16.36
H45B A1A0P RB . 35.75 19.67 16.87
H46A A1A0P RB . 33.66 18.61 18.34
H46B A1A0P RB . 33.76 20.16 18.52
H47B A1A0P RB . 36.08 19.84 19.11
H47A A1A0P RB . 35.05 19.42 20.20
H48A A1A0P RB . 36.54 17.66 20.08
H48C A1A0P RB . 35.26 17.13 19.27
H48B A1A0P RB . 36.51 17.68 18.49
C2 A1A0P SB . 45.39 29.18 16.25
O3 A1A0P SB . 46.65 29.80 16.60
C4 A1A0P SB . 47.16 29.63 17.83
C1 A1A0P SB . 44.27 30.14 16.48
O5 A1A0P SB . 46.60 29.03 18.71
O6 A1A0P SB . 44.29 30.46 17.93
C7 A1A0P SB . 48.51 30.27 17.94
C8 A1A0P SB . 44.44 31.42 15.72
O9 A1A0P SB . 43.65 31.37 14.52
O10 A1A0P SB . 45.34 32.14 12.90
C11 A1A0P SB . 45.77 30.77 12.74
C12 A1A0P SB . 47.03 30.73 11.93
N13 A1A0P SB . 48.22 30.68 12.80
P14 A1A0P SB . 43.85 32.49 13.39
O15 A1A0P SB . 43.83 33.83 14.02
O16 A1A0P SB . 42.92 32.19 12.28
C17 A1A0P SB . 43.20 30.90 18.59
O18 A1A0P SB . 43.27 31.43 19.67
C19 A1A0P SB . 41.90 30.66 17.89
C20 A1A0P SB . 41.49 31.80 16.97
C21 A1A0P SB . 40.14 32.37 17.32
C22 A1A0P SB . 38.99 31.47 16.92
C23 A1A0P SB . 38.49 30.61 18.04
C24 A1A0P SB . 37.39 29.67 17.62
C25 A1A0P SB . 36.25 29.59 18.60
C26 A1A0P SB . 36.60 28.83 19.86
C27 A1A0P SB . 35.38 28.42 20.67
C28 A1A0P SB . 35.03 26.96 20.51
C29 A1A0P SB . 34.59 26.59 19.12
C30 A1A0P SB . 33.73 25.36 19.09
C31 A1A0P SB . 34.36 24.18 19.81
C32 A1A0P SB . 33.82 22.85 19.36
C33 A1A0P SB . 32.35 22.70 19.66
C34 A1A0P SB . 49.63 29.37 17.45
C35 A1A0P SB . 49.17 28.39 16.39
C36 A1A0P SB . 50.22 27.51 15.77
C37 A1A0P SB . 49.63 26.26 15.15
C38 A1A0P SB . 48.23 26.45 14.54
C39 A1A0P SB . 47.77 25.26 13.71
C40 A1A0P SB . 47.95 23.95 14.41
C41 A1A0P SB . 47.33 23.55 15.49
C42 A1A0P SB . 46.32 24.33 16.26
C43 A1A0P SB . 46.94 25.09 17.42
C44 A1A0P SB . 47.54 24.19 18.47
C45 A1A0P SB . 49.01 23.91 18.29
C46 A1A0P SB . 49.37 22.44 18.23
C47 A1A0P SB . 49.00 21.64 19.47
C48 A1A0P SB . 49.47 22.27 20.76
H2A A1A0P SB . 45.24 28.36 16.76
H2B A1A0P SB . 45.43 28.97 15.30
H1 A1A0P SB . 43.47 29.66 16.19
H7A A1A0P SB . 48.51 31.11 17.45
H7B A1A0P SB . 48.65 30.49 18.89
H8B A1A0P SB . 44.17 32.18 16.27
H8A A1A0P SB . 45.38 31.57 15.47
H11B A1A0P SB . 45.88 30.33 13.60
H11A A1A0P SB . 45.05 30.32 12.25
H12A A1A0P SB . 47.13 31.51 11.36
H12B A1A0P SB . 47.04 29.93 11.36
H13A A1A0P SB . 48.03 31.20 13.49
H13C A1A0P SB . 48.36 29.90 13.18
H19B A1A0P SB . 41.86 29.79 17.44
H19A A1A0P SB . 41.24 30.64 18.61
H20B A1A0P SB . 41.46 31.47 16.04
H20A A1A0P SB . 42.17 32.50 17.03
H21B A1A0P SB . 40.09 32.51 18.28
H21A A1A0P SB . 40.04 33.24 16.89
H22A A1A0P SB . 38.25 32.02 16.59
H22B A1A0P SB . 39.30 30.91 16.18
H23A A1A0P SB . 39.22 30.08 18.41
H23B A1A0P SB . 38.17 31.16 18.78
H24A A1A0P SB . 37.05 29.96 16.75
H24B A1A0P SB . 37.78 28.78 17.50
H25A A1A0P SB . 35.97 30.50 18.85
H25B A1A0P SB . 35.49 29.16 18.18
H26B A1A0P SB . 37.12 28.04 19.61
H26A A1A0P SB . 37.19 29.37 20.42
H27B A1A0P SB . 35.56 28.60 21.61
H27A A1A0P SB . 34.63 28.98 20.41
H28A A1A0P SB . 35.80 26.42 20.76
H28B A1A0P SB . 34.31 26.75 21.14
H29B A1A0P SB . 34.11 27.34 18.71
H29A A1A0P SB . 35.40 26.45 18.58
H30B A1A0P SB . 32.85 25.55 19.46
H30A A1A0P SB . 33.59 25.08 18.16
H31B A1A0P SB . 35.33 24.21 19.66
H31A A1A0P SB . 34.22 24.28 20.77
H32B A1A0P SB . 33.97 22.77 18.39
H32A A1A0P SB . 34.30 22.12 19.79
H33A A1A0P SB . 32.09 21.76 19.76
H33B A1A0P SB . 32.10 23.19 20.47
H33C A1A0P SB . 31.82 23.08 18.92
H34A A1A0P SB . 50.07 28.89 18.19
H34B A1A0P SB . 50.32 29.92 17.05
H35A A1A0P SB . 48.75 28.88 15.65
H35B A1A0P SB . 48.52 27.78 16.78
H36A A1A0P SB . 50.71 28.01 15.08
H36B A1A0P SB . 50.87 27.27 16.45
H37A A1A0P SB . 50.23 25.89 14.48
H37B A1A0P SB . 49.58 25.60 15.88
H38A A1A0P SB . 48.24 27.24 13.97
H38B A1A0P SB . 47.56 26.61 15.22
H39B A1A0P SB . 46.82 25.37 13.53
H39A A1A0P SB . 48.22 25.28 12.85
H40 A1A0P SB . 48.60 23.34 14.01
H41 A1A0P SB . 47.51 22.66 15.84
H42B A1A0P SB . 45.79 24.93 15.70
H42A A1A0P SB . 45.68 23.68 16.65
H43A A1A0P SB . 47.66 25.66 17.07
H43B A1A0P SB . 46.26 25.68 17.81
H44B A1A0P SB . 47.40 24.55 19.37
H44A A1A0P SB . 47.06 23.33 18.44
H45A A1A0P SB . 49.29 24.31 17.43
H45B A1A0P SB . 49.52 24.37 18.98
H46A A1A0P SB . 48.94 22.02 17.46
H46B A1A0P SB . 50.33 22.36 18.09
H47B A1A0P SB . 48.04 21.53 19.51
H47A A1A0P SB . 49.37 20.74 19.40
H48A A1A0P SB . 49.52 21.61 21.47
H48C A1A0P SB . 50.35 22.68 20.62
H48B A1A0P SB . 48.86 22.99 21.03
C2 A1A0P TB . 21.99 37.97 11.92
O3 A1A0P TB . 23.41 37.75 12.13
C4 A1A0P TB . 23.94 36.56 11.77
C1 A1A0P TB . 21.88 38.43 10.48
O5 A1A0P TB . 23.30 35.65 11.32
O6 A1A0P TB . 20.56 38.14 9.91
C7 A1A0P TB . 25.42 36.56 11.99
C8 A1A0P TB . 22.22 39.89 10.31
O9 A1A0P TB . 21.88 40.33 8.98
O10 A1A0P TB . 23.35 38.71 7.89
C11 A1A0P TB . 24.63 38.28 8.41
C12 A1A0P TB . 24.73 36.78 8.40
N13 A1A0P TB . 23.40 36.15 8.20
P14 A1A0P TB . 22.96 40.25 7.81
O15 A1A0P TB . 22.31 40.51 6.50
O16 A1A0P TB . 24.13 41.07 8.20
C17 A1A0P TB . 19.44 38.65 10.47
O18 A1A0P TB . 19.43 39.44 11.38
C19 A1A0P TB . 18.23 38.09 9.81
C20 A1A0P TB . 18.47 36.72 9.18
C21 A1A0P TB . 19.01 35.69 10.15
C22 A1A0P TB . 18.00 34.64 10.51
C23 A1A0P TB . 17.13 35.04 11.67
C24 A1A0P TB . 15.78 35.58 11.25
C25 A1A0P TB . 14.96 36.15 12.39
C26 A1A0P TB . 14.85 35.25 13.61
C27 A1A0P TB . 14.21 33.90 13.32
C28 A1A0P TB . 13.93 33.07 14.55
C29 A1A0P TB . 12.91 33.70 15.48
C30 A1A0P TB . 13.48 34.10 16.82
C31 A1A0P TB . 13.49 33.00 17.84
C32 A1A0P TB . 12.19 32.81 18.58
C33 A1A0P TB . 12.20 31.60 19.49
C34 A1A0P TB . 26.04 35.16 12.05
C35 A1A0P TB . 26.36 34.60 10.69
C36 A1A0P TB . 27.05 33.26 10.74
C37 A1A0P TB . 26.07 32.13 10.96
C38 A1A0P TB . 26.01 31.65 12.39
C39 A1A0P TB . 24.74 31.99 13.14
C40 A1A0P TB . 24.28 30.88 14.02
C41 A1A0P TB . 24.69 30.64 15.24
C42 A1A0P TB . 24.26 29.50 16.11
C43 A1A0P TB . 23.27 29.89 17.18
C44 A1A0P TB . 22.41 28.75 17.65
C45 A1A0P TB . 22.43 28.52 19.15
C46 A1A0P TB . 21.35 29.27 19.91
C47 A1A0P TB . 21.00 28.65 21.24
C48 A1A0P TB . 19.60 28.93 21.68
H2A A1A0P TB . 21.46 37.17 12.07
H2B A1A0P TB . 21.71 38.69 12.52
H1 A1A0P TB . 22.52 37.88 10.00
H7A A1A0P TB . 25.85 37.07 11.27
H7B A1A0P TB . 25.59 37.03 12.83
H8B A1A0P TB . 21.77 40.44 10.99
H8A A1A0P TB . 23.19 40.03 10.43
H11B A1A0P TB . 25.35 38.72 7.91
H11A A1A0P TB . 24.67 38.60 9.33
H12A A1A0P TB . 25.07 36.46 9.26
H12B A1A0P TB . 25.35 36.47 7.71
H13A A1A0P TB . 23.13 35.87 8.99
H13C A1A0P TB . 22.77 36.71 7.96
H19B A1A0P TB . 17.50 38.02 10.47
H19A A1A0P TB . 17.95 38.72 9.10
H20B A1A0P TB . 19.07 36.81 8.41
H20A A1A0P TB . 17.61 36.40 8.84
H21B A1A0P TB . 19.81 35.26 9.78
H21A A1A0P TB . 19.29 36.11 10.99
H22A A1A0P TB . 17.44 34.45 9.73
H22B A1A0P TB . 18.48 33.81 10.71
H23A A1A0P TB . 16.99 34.26 12.23
H23B A1A0P TB . 17.57 35.71 12.21
H24A A1A0P TB . 15.92 36.28 10.58
H24B A1A0P TB . 15.28 34.85 10.82
H25A A1A0P TB . 15.33 37.01 12.66
H25B A1A0P TB . 14.05 36.32 12.06
H26B A1A0P TB . 15.72 35.14 14.03
H26A A1A0P TB . 14.29 35.72 14.27
H27B A1A0P TB . 13.37 34.05 12.84
H27A A1A0P TB . 14.78 33.39 12.71
H28A A1A0P TB . 13.62 32.18 14.29
H28B A1A0P TB . 14.77 32.94 15.05
H29B A1A0P TB . 12.53 34.47 15.03
H29A A1A0P TB . 12.17 33.07 15.60
H30B A1A0P TB . 14.37 34.48 16.69
H30A A1A0P TB . 12.91 34.82 17.19
H31B A1A0P TB . 13.72 32.16 17.38
H31A A1A0P TB . 14.21 33.15 18.48
H32B A1A0P TB . 12.02 33.62 19.11
H32A A1A0P TB . 11.45 32.72 17.94
H33A A1A0P TB . 11.31 31.21 19.56
H33B A1A0P TB . 12.81 30.92 19.15
H33C A1A0P TB . 12.49 31.86 20.39
H34A A1A0P TB . 25.47 34.56 12.57
H34B A1A0P TB . 26.88 35.23 12.54
H35A A1A0P TB . 25.53 34.49 10.18
H35B A1A0P TB . 26.90 35.24 10.19
H36A A1A0P TB . 27.55 33.12 9.91
H36B A1A0P TB . 27.70 33.28 11.46
H37A A1A0P TB . 25.18 32.42 10.68
H37B A1A0P TB . 26.33 31.39 10.37
H38A A1A0P TB . 26.13 30.68 12.40
H38B A1A0P TB . 26.75 32.04 12.91
H39B A1A0P TB . 24.90 32.77 13.71
H39A A1A0P TB . 24.04 32.26 12.50
H40 A1A0P TB . 23.62 30.27 13.64
H41 A1A0P TB . 25.35 31.24 15.64
H42B A1A0P TB . 23.89 28.77 15.57
H42A A1A0P TB . 25.07 29.14 16.54
H43A A1A0P TB . 23.79 30.23 17.94
H43B A1A0P TB . 22.72 30.63 16.84
H44B A1A0P TB . 21.48 28.89 17.37
H44A A1A0P TB . 22.72 27.93 17.22
H45A A1A0P TB . 22.32 27.57 19.31
H45B A1A0P TB . 23.31 28.76 19.50
H46A A1A0P TB . 21.62 30.20 20.04
H46B A1A0P TB . 20.54 29.29 19.36
H47B A1A0P TB . 21.11 27.68 21.18
H47A A1A0P TB . 21.63 28.93 21.93
H48A A1A0P TB . 19.48 28.66 22.62
H48C A1A0P TB . 19.41 29.88 21.60
H48B A1A0P TB . 18.96 28.45 21.12
C2 A1A0P UB . 33.04 12.35 35.06
O3 A1A0P UB . 33.66 11.50 34.06
C4 A1A0P UB . 33.66 11.76 32.74
C1 A1A0P UB . 31.71 11.75 35.42
O5 A1A0P UB . 34.09 11.00 31.92
O6 A1A0P UB . 30.82 11.87 34.27
C7 A1A0P UB . 33.05 13.10 32.36
C8 A1A0P UB . 31.79 10.29 35.76
O9 A1A0P UB . 33.03 9.99 36.44
O10 A1A0P UB . 31.83 9.91 38.66
C11 A1A0P UB . 31.62 11.32 38.89
C12 A1A0P UB . 30.21 11.70 38.58
N13 A1A0P UB . 29.40 11.80 39.82
P14 A1A0P UB . 33.13 9.37 37.91
O15 A1A0P UB . 33.06 7.89 37.83
O16 A1A0P UB . 34.30 10.00 38.56
C17 A1A0P UB . 29.49 11.89 34.47
O18 A1A0P UB . 28.97 11.79 35.55
C19 A1A0P UB . 28.76 12.05 33.17
C20 A1A0P UB . 28.28 13.46 32.94
C21 A1A0P UB . 29.33 14.33 32.26
C22 A1A0P UB . 29.57 13.94 30.82
C23 A1A0P UB . 29.51 15.10 29.85
C24 A1A0P UB . 30.70 15.18 28.92
C25 A1A0P UB . 30.34 15.48 27.51
C26 A1A0P UB . 31.51 15.30 26.57
C27 A1A0P UB . 31.67 16.45 25.60
C28 A1A0P UB . 30.60 16.51 24.55
C29 A1A0P UB . 30.16 17.93 24.24
C30 A1A0P UB . 31.24 18.73 23.59
C31 A1A0P UB . 30.76 19.54 22.43
C32 A1A0P UB . 30.70 18.73 21.16
C33 A1A0P UB . 30.61 19.59 19.96
C34 A1A0P UB . 33.34 13.52 30.93
C35 A1A0P UB . 33.48 15.01 30.81
C36 A1A0P UB . 34.11 15.44 29.50
C37 A1A0P UB . 35.61 15.40 29.54
C38 A1A0P UB . 36.25 15.67 28.20
C39 A1A0P UB . 36.30 14.46 27.31
C40 A1A0P UB . 37.58 14.34 26.56
C41 A1A0P UB . 37.72 13.81 25.37
C42 A1A0P UB . 38.99 13.74 24.60
C43 A1A0P UB . 38.95 14.66 23.41
C44 A1A0P UB . 39.20 16.12 23.73
C45 A1A0P UB . 38.20 17.06 23.06
C46 A1A0P UB . 37.34 17.86 24.01
C47 A1A0P UB . 36.52 17.01 24.96
C48 A1A0P UB . 35.13 17.49 25.23
H2A A1A0P UB . 33.60 12.33 35.85
H2B A1A0P UB . 32.92 13.28 34.81
H1 A1A0P UB . 31.37 12.28 36.17
H7A A1A0P UB . 32.08 13.09 32.48
H7B A1A0P UB . 33.43 13.78 32.92
H8B A1A0P UB . 31.02 10.06 36.32
H8A A1A0P UB . 31.74 9.74 34.95
H11B A1A0P UB . 31.90 11.56 39.81
H11A A1A0P UB . 32.22 11.79 38.29
H12A A1A0P UB . 29.78 11.01 38.03
H12B A1A0P UB . 30.17 12.56 38.11
H13A A1A0P UB . 29.81 12.39 40.33
H13C A1A0P UB . 28.60 12.15 39.70
H19B A1A0P UB . 29.37 11.78 32.45
H19A A1A0P UB . 28.00 11.43 33.18
H20B A1A0P UB . 28.03 13.86 33.80
H20A A1A0P UB . 27.48 13.42 32.38
H21B A1A0P UB . 29.03 15.26 32.29
H21A A1A0P UB . 30.16 14.26 32.76
H22A A1A0P UB . 30.45 13.49 30.75
H22B A1A0P UB . 28.89 13.28 30.60
H23A A1A0P UB . 28.72 15.01 29.28
H23B A1A0P UB . 29.41 15.94 30.32
H24A A1A0P UB . 31.30 15.88 29.25
H24B A1A0P UB . 31.18 14.33 28.96
H25A A1A0P UB . 29.59 14.92 27.23
H25B A1A0P UB . 30.03 16.41 27.45
H26B A1A0P UB . 32.32 15.16 27.09
H26A A1A0P UB . 31.39 14.48 26.05
H27B A1A0P UB . 31.67 17.28 26.11
H27A A1A0P UB . 32.55 16.40 25.17
H28A A1A0P UB . 30.92 16.10 23.73
H28B A1A0P UB . 29.82 15.99 24.83
H29B A1A0P UB . 29.38 17.91 23.65
H29A A1A0P UB . 29.87 18.34 25.07
H30B A1A0P UB . 31.69 19.31 24.26
H30A A1A0P UB . 31.92 18.12 23.26
H31B A1A0P UB . 29.87 19.90 22.63
H31A A1A0P UB . 31.34 20.32 22.28
H32B A1A0P UB . 31.50 18.18 21.11
H32A A1A0P UB . 29.93 18.13 21.19
H33A A1A0P UB . 30.33 20.51 20.22
H33B A1A0P UB . 31.47 19.66 19.50
H33C A1A0P UB . 29.95 19.25 19.34
H34A A1A0P UB . 32.69 13.18 30.29
H34B A1A0P UB . 34.22 13.16 30.68
H35A A1A0P UB . 34.04 15.34 31.53
H35B A1A0P UB . 32.60 15.42 30.93
H36A A1A0P UB . 33.78 14.86 28.78
H36B A1A0P UB . 33.80 16.34 29.28
H37A A1A0P UB . 35.95 16.04 30.20
H37B A1A0P UB . 35.88 14.51 29.84
H38A A1A0P UB . 35.76 16.39 27.76
H38B A1A0P UB . 37.17 15.99 28.32
H39B A1A0P UB . 36.24 13.67 27.88
H39A A1A0P UB . 35.52 14.44 26.71
H40 A1A0P UB . 38.37 14.69 27.00
H41 A1A0P UB . 36.94 13.44 24.92
H42B A1A0P UB . 39.77 13.91 25.16
H42A A1A0P UB . 39.07 12.82 24.27
H43A A1A0P UB . 39.58 14.35 22.74
H43B A1A0P UB . 38.05 14.58 23.04
H44B A1A0P UB . 39.19 16.28 24.69
H44A A1A0P UB . 40.10 16.35 23.41
H45A A1A0P UB . 38.71 17.70 22.50
H45B A1A0P UB . 37.64 16.56 22.44
H46A A1A0P UB . 37.89 18.47 24.53
H46B A1A0P UB . 36.73 18.42 23.49
H47B A1A0P UB . 36.46 16.11 24.59
H47A A1A0P UB . 37.01 16.92 25.81
H48A A1A0P UB . 34.55 17.32 24.46
H48C A1A0P UB . 34.75 17.02 26.01
H48B A1A0P UB . 35.12 18.44 25.43
C2 A1A0P VB . 18.09 40.17 15.51
O3 A1A0P VB . 19.44 39.78 15.85
C4 A1A0P VB . 19.62 38.75 16.69
C1 A1A0P VB . 17.70 39.38 14.28
O5 A1A0P VB . 18.74 38.14 17.21
O6 A1A0P VB . 16.28 39.05 14.37
C7 A1A0P VB . 21.09 38.48 16.88
C8 A1A0P VB . 17.88 40.18 13.03
O9 A1A0P VB . 19.25 40.08 12.60
O10 A1A0P VB . 21.39 40.52 13.62
C11 A1A0P VB . 22.63 41.18 13.96
C12 A1A0P VB . 22.72 41.40 15.44
N13 A1A0P VB . 21.42 41.83 16.00
P14 A1A0P VB . 20.30 41.28 12.73
O15 A1A0P VB . 20.89 41.57 11.40
O16 A1A0P VB . 19.76 42.38 13.53
C17 A1A0P VB . 15.92 37.93 14.99
O18 A1A0P VB . 16.69 37.15 15.50
C19 A1A0P VB . 14.43 37.78 14.99
C20 A1A0P VB . 13.71 38.97 15.61
C21 A1A0P VB . 14.29 39.41 16.94
C22 A1A0P VB . 14.33 38.31 17.97
C23 A1A0P VB . 13.80 38.72 19.33
C24 A1A0P VB . 13.22 37.57 20.11
C25 A1A0P VB . 11.91 37.06 19.55
C26 A1A0P VB . 12.02 35.70 18.90
C27 A1A0P VB . 12.39 34.57 19.85
C28 A1A0P VB . 11.43 34.41 21.01
C29 A1A0P VB . 11.92 35.02 22.29
C30 A1A0P VB . 10.92 34.93 23.42
C31 A1A0P VB . 10.91 33.59 24.09
C32 A1A0P VB . 9.68 33.33 24.91
C33 A1A0P VB . 10.01 32.72 26.22
C34 A1A0P VB . 21.77 37.83 15.67
C35 A1A0P VB . 20.83 37.33 14.59
C36 A1A0P VB . 21.49 36.37 13.62
C37 A1A0P VB . 20.61 35.22 13.23
C38 A1A0P VB . 20.64 34.08 14.22
C39 A1A0P VB . 19.57 34.18 15.29
C40 A1A0P VB . 19.32 32.89 15.99
C41 A1A0P VB . 18.68 31.85 15.49
C42 A1A0P VB . 18.42 30.56 16.19
C43 A1A0P VB . 18.39 29.37 15.24
C44 A1A0P VB . 18.64 28.05 15.91
C45 A1A0P VB . 17.49 27.59 16.78
C46 A1A0P VB . 17.83 27.56 18.26
C47 A1A0P VB . 18.52 26.29 18.69
C48 A1A0P VB . 17.66 25.42 19.57
H2A A1A0P VB . 17.46 40.00 16.24
H2B A1A0P VB . 18.10 41.12 15.29
H1 A1A0P VB . 18.27 38.58 14.23
H7A A1A0P VB . 21.55 39.31 17.12
H7B A1A0P VB . 21.16 37.88 17.65
H8B A1A0P VB . 17.29 39.81 12.34
H8A A1A0P VB . 17.63 41.11 13.16
H11B A1A0P VB . 23.39 40.68 13.59
H11A A1A0P VB . 22.61 42.05 13.51
H12A A1A0P VB . 23.36 42.10 15.67
H12B A1A0P VB . 22.98 40.58 15.90
H13A A1A0P VB . 20.83 41.25 15.68
H13C A1A0P VB . 21.34 41.72 16.87
H19B A1A0P VB . 14.14 37.65 14.07
H19A A1A0P VB . 14.23 36.97 15.51
H20B A1A0P VB . 12.78 38.71 15.75
H20A A1A0P VB . 13.74 39.71 14.98
H21B A1A0P VB . 15.19 39.77 16.83
H21A A1A0P VB . 13.73 40.14 17.29
H22A A1A0P VB . 13.78 37.57 17.65
H22B A1A0P VB . 15.25 37.98 18.05
H23A A1A0P VB . 14.53 39.12 19.84
H23B A1A0P VB . 13.11 39.40 19.23
H24A A1A0P VB . 13.88 36.84 20.12
H24B A1A0P VB . 13.09 37.86 21.03
H25A A1A0P VB . 11.23 37.05 20.25
H25B A1A0P VB . 11.60 37.69 18.87
H26B A1A0P VB . 11.17 35.49 18.45
H26A A1A0P VB . 12.69 35.73 18.20
H27B A1A0P VB . 12.40 33.73 19.35
H27A A1A0P VB . 13.29 34.69 20.19
H28A A1A0P VB . 10.57 34.79 20.78
H28B A1A0P VB . 11.27 33.45 21.16
H29B A1A0P VB . 12.16 35.97 22.15
H29A A1A0P VB . 12.74 34.57 22.54
H30B A1A0P VB . 11.08 35.65 24.08
H30A A1A0P VB . 10.02 35.08 23.06
H31B A1A0P VB . 11.00 32.90 23.41
H31A A1A0P VB . 11.70 33.52 24.68
H32B A1A0P VB . 9.23 34.18 25.05
H32A A1A0P VB . 9.06 32.75 24.42
H33A A1A0P VB . 9.20 32.46 26.71
H33B A1A0P VB . 10.53 33.33 26.78
H33C A1A0P VB . 10.56 31.92 26.08
H34A A1A0P VB . 22.36 37.10 15.96
H34B A1A0P VB . 22.35 38.51 15.27
H35A A1A0P VB . 20.07 36.86 14.97
H35B A1A0P VB . 20.47 38.09 14.09
H36A A1A0P VB . 21.77 36.87 12.82
H36B A1A0P VB . 22.30 36.04 14.04
H37A A1A0P VB . 19.69 35.52 13.12
H37B A1A0P VB . 20.91 34.90 12.36
H38A A1A0P VB . 20.54 33.22 13.76
H38B A1A0P VB . 21.50 34.06 14.68
H39B A1A0P VB . 19.87 34.83 15.97
H39A A1A0P VB . 18.75 34.56 14.91
H40 A1A0P VB . 19.65 32.82 16.90
H41 A1A0P VB . 18.35 31.89 14.57
H42B A1A0P VB . 19.05 30.39 16.91
H42A A1A0P VB . 17.54 30.63 16.62
H43A A1A0P VB . 17.52 29.36 14.82
H43B A1A0P VB . 19.06 29.54 14.53
H44B A1A0P VB . 18.85 27.35 15.25
H44A A1A0P VB . 19.43 28.15 16.49
H45A A1A0P VB . 16.75 28.20 16.64
H45B A1A0P VB . 17.20 26.70 16.49
H46A A1A0P VB . 18.37 28.34 18.49
H46B A1A0P VB . 16.99 27.65 18.76
H47B A1A0P VB . 18.77 25.78 17.89
H47A A1A0P VB . 19.36 26.51 19.15
H48A A1A0P VB . 18.12 24.60 19.82
H48C A1A0P VB . 17.42 25.91 20.39
H48B A1A0P VB . 16.82 25.21 19.12
CU CU WB . 15.18 3.74 13.70
#